data_1Y0V
#
_entry.id   1Y0V
#
_cell.length_a   317.509
_cell.length_b   183.348
_cell.length_c   141.812
_cell.angle_alpha   90.00
_cell.angle_beta   90.05
_cell.angle_gamma   90.00
#
_symmetry.space_group_name_H-M   'C 1 2 1'
#
loop_
_entity.id
_entity.type
_entity.pdbx_description
1 polymer 'Calmodulin-sensitive adenylate cyclase'
2 polymer Calmodulin
3 non-polymer 'MAGNESIUM ION'
4 non-polymer 'PYROPHOSPHATE 2-'
5 non-polymer 'CALCIUM ION'
#
loop_
_entity_poly.entity_id
_entity_poly.type
_entity_poly.pdbx_seq_one_letter_code
_entity_poly.pdbx_strand_id
1 'polypeptide(L)'
;MHHHHHHAAAMNEHYTESDIKRNHKTEKNKTEKEKFKDSINNLVKTEFTNETLDKIQQTQDLLKKIPKDVLEIYSELGGE
IYFTDIDLVEHKELQDLSEEEKNSMNSRGEKVPFASRFVFEKKRETPKLIINIKDYAINSEQSKEVYYEIGKGISLDIIS
KDKSLDPEFLNLIKSLSDDSDSSDLLFSQKFKEKLELNNKSIDINFIKENLTEFQHAFSLAFSYYFAPDHRTVLELYAPD
MFEYMNKLEKGGFEKISESLKKEGVEKDRIDVLKGEKALKASGLVPEHADAFKKIARELNTYILFRPVNKLATNLIKSGV
ATKGLNVHGKSSDWGPVAGYIPFDQDLSKKHGQQLAVEKGNLENKKSITEHEGEIGKIPLKLDHLRIEELKENGIILKGK
KEIDNGKKYYLLESNNQVYEFRISDENNEVQYKTKEGKITVLGEKFNWRNIEVMAKNVEGVLKPLTADYDLFALAPSLTE
IKKQIPQKEWDKVVNTPNSLEKQKGVTNLLIKYGIERKPDSTKGTLSNWQKQMLDRLNEAVKYTGYTGGDVVNHGTEQDN
EEFPEKDNEIFIINPEGEFILTKNWEMTGRFIEKNITGKDYLYYFNRSYNKIAPGNKAYIEWTDPITKAKINTIPTSAEF
IKNLSSIRRSSNVGVYKDSGDKDEFAKKESVKKIAGYLSDYYNSANHIFSQEKKRKISIFRGIQAYNEIENVLKSKQIAP
EYKNYFQYLKERITNQVQLLLTHQKSNIEFKLLYKQLNFTENETDNFEVFQKIIDEK
;
A,B,C,D,E,F
2 'polypeptide(L)'
;AATEEQIAEFKEAFSLFDKDGDGTITTKELGTVMRSLGQNPTEAELQDMINEVDADGNGTIDFPEFLTMMARKMKDTDSE
EEIREAFRVFDKDGNGYISAAELRHVMTNLGEKLTDEEVDEMIREADIDGDGQVNYEEFVQMMTAK
;
H,I,J,K,L,M
#
# COMPACT_ATOMS: atom_id res chain seq x y z
N ASN A 41 -22.56 0.63 -30.10
CA ASN A 41 -21.16 0.79 -30.62
C ASN A 41 -20.22 1.56 -29.67
N ASN A 42 -20.25 1.23 -28.38
CA ASN A 42 -19.39 1.90 -27.40
C ASN A 42 -17.93 1.69 -27.80
N LEU A 43 -17.24 2.78 -28.15
CA LEU A 43 -15.86 2.71 -28.61
C LEU A 43 -14.78 2.56 -27.56
N VAL A 44 -15.01 3.08 -26.37
CA VAL A 44 -14.01 2.97 -25.33
C VAL A 44 -14.45 2.11 -24.16
N LYS A 45 -13.92 0.90 -24.12
CA LYS A 45 -14.26 0.01 -23.05
C LYS A 45 -13.19 0.11 -21.98
N THR A 46 -13.61 0.55 -20.79
CA THR A 46 -12.73 0.66 -19.63
C THR A 46 -12.83 -0.64 -18.86
N GLU A 47 -11.74 -1.41 -18.88
CA GLU A 47 -11.69 -2.70 -18.22
C GLU A 47 -11.89 -2.63 -16.72
N PHE A 48 -10.79 -2.34 -16.02
CA PHE A 48 -10.82 -2.28 -14.57
C PHE A 48 -11.00 -0.84 -14.08
N THR A 49 -12.01 -0.63 -13.23
CA THR A 49 -12.27 0.68 -12.61
C THR A 49 -11.60 0.66 -11.23
N ASN A 50 -10.72 -0.32 -11.07
CA ASN A 50 -9.94 -0.56 -9.85
C ASN A 50 -9.48 0.77 -9.28
N GLU A 51 -8.41 1.33 -9.85
CA GLU A 51 -7.88 2.60 -9.40
C GLU A 51 -9.01 3.60 -9.41
N THR A 52 -8.95 4.52 -8.46
CA THR A 52 -9.96 5.56 -8.33
C THR A 52 -9.81 6.44 -9.57
N LEU A 53 -9.81 7.75 -9.35
CA LEU A 53 -9.65 8.70 -10.44
C LEU A 53 -8.39 8.27 -11.15
N ASP A 54 -7.34 9.03 -10.91
CA ASP A 54 -6.00 8.82 -11.47
C ASP A 54 -5.92 7.84 -12.64
N LYS A 55 -6.42 6.62 -12.49
CA LYS A 55 -6.42 5.72 -13.64
C LYS A 55 -7.35 6.46 -14.59
N ILE A 56 -8.62 6.54 -14.20
CA ILE A 56 -9.62 7.23 -14.99
C ILE A 56 -9.09 8.60 -15.38
N GLN A 57 -8.95 9.49 -14.40
CA GLN A 57 -8.46 10.84 -14.64
C GLN A 57 -7.09 10.87 -15.30
N GLN A 58 -6.79 9.82 -16.06
CA GLN A 58 -5.54 9.70 -16.80
C GLN A 58 -5.89 9.14 -18.18
N THR A 59 -6.91 8.30 -18.23
CA THR A 59 -7.37 7.77 -19.50
C THR A 59 -8.12 8.92 -20.17
N GLN A 60 -9.07 9.52 -19.46
CA GLN A 60 -9.80 10.65 -20.02
C GLN A 60 -8.75 11.66 -20.50
N ASP A 61 -7.92 12.14 -19.58
CA ASP A 61 -6.88 13.09 -19.93
C ASP A 61 -6.17 12.72 -21.23
N LEU A 62 -6.30 11.46 -21.62
CA LEU A 62 -5.66 10.99 -22.84
C LEU A 62 -6.60 11.11 -24.03
N LEU A 63 -7.86 10.78 -23.81
CA LEU A 63 -8.86 10.81 -24.85
C LEU A 63 -9.35 12.19 -25.24
N LYS A 64 -9.33 13.14 -24.31
CA LYS A 64 -9.79 14.48 -24.62
C LYS A 64 -8.70 15.12 -25.47
N LYS A 65 -7.53 14.48 -25.48
CA LYS A 65 -6.37 14.95 -26.24
C LYS A 65 -6.52 14.56 -27.69
N ILE A 66 -6.88 13.29 -27.94
CA ILE A 66 -7.06 12.81 -29.30
C ILE A 66 -8.35 13.44 -29.86
N PRO A 67 -8.33 13.87 -31.13
CA PRO A 67 -9.47 14.50 -31.81
C PRO A 67 -10.77 13.71 -31.85
N LYS A 68 -11.82 14.31 -31.30
CA LYS A 68 -13.14 13.69 -31.23
C LYS A 68 -13.57 12.97 -32.50
N ASP A 69 -12.87 13.23 -33.60
CA ASP A 69 -13.23 12.58 -34.84
C ASP A 69 -12.21 11.58 -35.29
N VAL A 70 -11.01 11.62 -34.74
CA VAL A 70 -10.02 10.63 -35.14
C VAL A 70 -10.65 9.38 -34.60
N LEU A 71 -11.43 9.55 -33.54
CA LEU A 71 -12.13 8.43 -32.92
C LEU A 71 -13.22 7.96 -33.87
N GLU A 72 -14.09 8.88 -34.26
CA GLU A 72 -15.17 8.53 -35.17
C GLU A 72 -14.64 7.83 -36.43
N ILE A 73 -13.37 8.01 -36.76
CA ILE A 73 -12.76 7.34 -37.92
C ILE A 73 -12.49 5.94 -37.42
N TYR A 74 -12.25 5.86 -36.12
CA TYR A 74 -11.97 4.62 -35.46
C TYR A 74 -13.25 3.88 -35.14
N SER A 75 -14.14 4.52 -34.39
CA SER A 75 -15.40 3.87 -34.03
C SER A 75 -16.24 3.64 -35.27
N GLU A 76 -15.62 3.78 -36.44
CA GLU A 76 -16.32 3.58 -37.69
C GLU A 76 -15.72 2.36 -38.36
N LEU A 77 -14.40 2.25 -38.34
CA LEU A 77 -13.77 1.10 -38.93
C LEU A 77 -14.14 -0.12 -38.08
N GLY A 78 -15.08 0.05 -37.16
CA GLY A 78 -15.49 -1.04 -36.29
C GLY A 78 -14.58 -1.25 -35.08
N GLY A 79 -13.59 -0.37 -34.92
CA GLY A 79 -12.66 -0.47 -33.82
C GLY A 79 -13.25 -0.19 -32.46
N GLU A 80 -12.47 -0.50 -31.44
CA GLU A 80 -12.85 -0.32 -30.04
C GLU A 80 -11.51 -0.09 -29.34
N ILE A 81 -11.49 0.67 -28.26
CA ILE A 81 -10.23 0.89 -27.59
C ILE A 81 -10.30 0.29 -26.20
N TYR A 82 -9.29 -0.49 -25.84
CA TYR A 82 -9.31 -1.14 -24.54
C TYR A 82 -8.34 -0.58 -23.52
N PHE A 83 -8.91 -0.08 -22.43
CA PHE A 83 -8.12 0.45 -21.34
C PHE A 83 -8.31 -0.52 -20.20
N THR A 84 -7.25 -1.24 -19.86
CA THR A 84 -7.31 -2.24 -18.80
C THR A 84 -6.38 -1.90 -17.64
N ASP A 85 -6.37 -2.79 -16.65
CA ASP A 85 -5.55 -2.62 -15.48
C ASP A 85 -4.10 -2.95 -15.84
N ILE A 86 -3.52 -3.94 -15.18
CA ILE A 86 -2.12 -4.30 -15.41
C ILE A 86 -1.92 -5.55 -16.27
N ASP A 87 -2.86 -5.82 -17.17
CA ASP A 87 -2.76 -6.98 -18.02
C ASP A 87 -1.48 -6.96 -18.86
N LEU A 88 -0.90 -5.78 -18.98
CA LEU A 88 0.34 -5.60 -19.73
C LEU A 88 0.58 -6.62 -20.83
N VAL A 89 1.23 -7.72 -20.44
CA VAL A 89 1.61 -8.81 -21.34
C VAL A 89 0.44 -9.47 -22.05
N GLU A 90 0.68 -10.64 -22.63
CA GLU A 90 -0.33 -11.41 -23.35
C GLU A 90 -1.53 -11.69 -22.47
N HIS A 91 -1.55 -11.06 -21.30
CA HIS A 91 -2.62 -11.26 -20.33
C HIS A 91 -4.00 -10.71 -20.73
N LYS A 92 -4.06 -9.85 -21.73
CA LYS A 92 -5.36 -9.30 -22.12
C LYS A 92 -6.28 -10.31 -22.79
N GLU A 93 -7.56 -10.23 -22.43
CA GLU A 93 -8.57 -11.12 -22.96
C GLU A 93 -8.77 -10.92 -24.45
N LEU A 94 -7.73 -10.47 -25.13
CA LEU A 94 -7.80 -10.22 -26.57
C LEU A 94 -6.39 -10.14 -27.20
N GLN A 95 -5.36 -10.36 -26.39
CA GLN A 95 -3.97 -10.31 -26.86
C GLN A 95 -3.39 -11.66 -27.26
N ASP A 96 -4.22 -12.68 -27.27
CA ASP A 96 -3.78 -14.03 -27.61
C ASP A 96 -3.67 -14.28 -29.12
N LEU A 97 -2.71 -15.12 -29.50
CA LEU A 97 -2.45 -15.50 -30.89
C LEU A 97 -3.69 -15.35 -31.78
N SER A 98 -3.61 -14.45 -32.76
CA SER A 98 -4.69 -14.19 -33.72
C SER A 98 -4.07 -13.69 -35.04
N GLU A 99 -3.34 -12.59 -34.91
CA GLU A 99 -2.61 -11.91 -35.99
C GLU A 99 -1.66 -10.96 -35.25
N GLU A 100 -0.62 -11.54 -34.66
CA GLU A 100 0.34 -10.78 -33.85
C GLU A 100 1.56 -10.13 -34.51
N GLU A 101 2.71 -10.81 -34.47
CA GLU A 101 3.95 -10.27 -35.02
C GLU A 101 4.58 -11.19 -36.07
N LYS A 102 4.53 -10.76 -37.33
CA LYS A 102 5.11 -11.53 -38.43
C LYS A 102 6.43 -10.92 -38.91
N ASN A 103 6.41 -9.62 -39.20
CA ASN A 103 7.60 -8.90 -39.66
C ASN A 103 7.80 -7.63 -38.80
N SER A 104 8.93 -7.57 -38.09
CA SER A 104 9.24 -6.44 -37.21
C SER A 104 9.54 -5.11 -37.92
N MET A 105 8.95 -4.06 -37.37
CA MET A 105 9.06 -2.69 -37.87
C MET A 105 8.17 -1.83 -36.93
N ASN A 106 8.21 -2.20 -35.65
CA ASN A 106 7.41 -1.57 -34.59
C ASN A 106 7.66 -0.11 -34.20
N SER A 107 7.65 0.14 -32.89
CA SER A 107 7.83 1.47 -32.30
C SER A 107 8.54 2.46 -33.20
N ARG A 108 8.00 3.68 -33.30
CA ARG A 108 8.53 4.79 -34.12
C ARG A 108 9.67 4.42 -35.07
N GLY A 109 10.81 4.02 -34.50
CA GLY A 109 11.96 3.60 -35.30
C GLY A 109 12.13 2.09 -35.29
N GLU A 110 12.26 1.53 -34.08
CA GLU A 110 12.43 0.09 -33.89
C GLU A 110 12.71 -0.27 -32.42
N LYS A 111 12.44 -1.53 -32.08
CA LYS A 111 12.66 -2.08 -30.74
C LYS A 111 12.27 -3.55 -30.79
N VAL A 112 10.97 -3.81 -30.57
CA VAL A 112 10.35 -5.15 -30.60
C VAL A 112 10.13 -5.89 -29.26
N PRO A 113 10.73 -5.42 -28.15
CA PRO A 113 10.52 -6.12 -26.88
C PRO A 113 9.07 -6.06 -26.37
N PHE A 114 8.24 -6.98 -26.85
CA PHE A 114 6.84 -7.07 -26.47
C PHE A 114 6.59 -6.93 -24.97
N ALA A 115 7.19 -7.80 -24.19
CA ALA A 115 7.01 -7.80 -22.74
C ALA A 115 7.19 -6.43 -22.10
N SER A 116 7.77 -5.50 -22.84
CA SER A 116 7.98 -4.16 -22.31
C SER A 116 7.04 -3.13 -22.93
N ARG A 117 5.82 -3.54 -23.29
CA ARG A 117 4.86 -2.61 -23.89
C ARG A 117 3.54 -2.52 -23.15
N PHE A 118 2.84 -1.40 -23.41
CA PHE A 118 1.54 -1.09 -22.81
C PHE A 118 0.48 -0.76 -23.85
N VAL A 119 0.93 -0.29 -25.01
CA VAL A 119 0.03 0.07 -26.09
C VAL A 119 0.15 -0.88 -27.26
N PHE A 120 -0.98 -1.41 -27.74
CA PHE A 120 -0.95 -2.29 -28.90
C PHE A 120 -2.24 -2.30 -29.70
N GLU A 121 -2.06 -2.39 -31.01
CA GLU A 121 -3.14 -2.38 -31.98
C GLU A 121 -3.28 -3.77 -32.61
N LYS A 122 -4.43 -4.42 -32.37
CA LYS A 122 -4.66 -5.73 -32.96
C LYS A 122 -4.90 -5.47 -34.44
N LYS A 123 -3.80 -5.16 -35.12
CA LYS A 123 -3.74 -4.79 -36.52
C LYS A 123 -4.69 -5.36 -37.59
N ARG A 124 -5.25 -6.55 -37.42
CA ARG A 124 -5.89 -7.15 -38.62
C ARG A 124 -7.23 -6.91 -39.37
N GLU A 125 -8.37 -6.73 -38.67
CA GLU A 125 -9.66 -6.50 -39.33
C GLU A 125 -10.22 -5.25 -38.67
N THR A 126 -10.93 -5.47 -37.57
CA THR A 126 -11.50 -4.41 -36.74
C THR A 126 -10.42 -3.92 -35.75
N PRO A 127 -9.73 -2.82 -36.09
CA PRO A 127 -8.68 -2.26 -35.23
C PRO A 127 -9.04 -2.22 -33.76
N LYS A 128 -8.28 -3.01 -32.99
CA LYS A 128 -8.44 -3.11 -31.55
C LYS A 128 -7.28 -2.44 -30.83
N LEU A 129 -7.54 -1.30 -30.21
CA LEU A 129 -6.51 -0.60 -29.49
C LEU A 129 -6.61 -0.97 -28.02
N ILE A 130 -5.57 -1.59 -27.49
CA ILE A 130 -5.57 -1.97 -26.08
C ILE A 130 -4.41 -1.31 -25.33
N ILE A 131 -4.74 -0.67 -24.21
CA ILE A 131 -3.74 0.04 -23.40
C ILE A 131 -4.00 -0.08 -21.91
N ASN A 132 -3.00 0.27 -21.11
CA ASN A 132 -3.11 0.20 -19.66
C ASN A 132 -2.14 1.17 -18.99
N ILE A 133 -2.23 1.24 -17.66
CA ILE A 133 -1.37 2.11 -16.86
C ILE A 133 -1.16 1.53 -15.46
N LYS A 134 -0.04 1.87 -14.82
CA LYS A 134 0.23 1.36 -13.49
C LYS A 134 0.23 2.45 -12.41
N ASP A 135 1.34 3.17 -12.30
CA ASP A 135 1.54 4.22 -11.28
C ASP A 135 1.63 5.66 -11.80
N TYR A 136 1.50 6.72 -11.19
CA TYR A 136 0.71 7.93 -11.87
C TYR A 136 1.29 9.02 -12.93
N ALA A 137 2.08 8.72 -13.88
CA ALA A 137 2.77 9.76 -14.61
C ALA A 137 2.57 9.39 -16.08
N ILE A 138 2.90 10.33 -16.98
CA ILE A 138 2.78 10.11 -18.43
C ILE A 138 3.38 11.34 -19.10
N ASN A 139 3.32 12.46 -18.38
CA ASN A 139 3.84 13.75 -18.87
C ASN A 139 5.37 13.80 -18.88
N SER A 140 5.94 14.59 -17.96
CA SER A 140 7.41 14.78 -17.85
C SER A 140 8.12 14.50 -19.18
N GLU A 141 8.32 13.23 -19.49
CA GLU A 141 8.93 12.82 -20.74
C GLU A 141 7.85 12.09 -21.53
N GLN A 142 7.03 12.87 -22.22
CA GLN A 142 5.94 12.35 -23.03
C GLN A 142 6.44 11.42 -24.12
N SER A 143 7.73 11.10 -24.08
CA SER A 143 8.32 10.20 -25.05
C SER A 143 7.65 8.83 -24.90
N LYS A 144 6.65 8.78 -24.02
CA LYS A 144 5.88 7.55 -23.77
C LYS A 144 4.46 7.65 -24.33
N GLU A 145 3.82 8.79 -24.12
CA GLU A 145 2.47 8.99 -24.62
C GLU A 145 2.45 9.19 -26.13
N VAL A 146 3.64 9.30 -26.74
CA VAL A 146 3.73 9.52 -28.19
C VAL A 146 3.53 8.24 -28.98
N TYR A 147 3.52 7.09 -28.29
CA TYR A 147 3.31 5.81 -28.97
C TYR A 147 1.84 5.46 -28.94
N TYR A 148 1.16 5.90 -27.89
CA TYR A 148 -0.25 5.66 -27.81
C TYR A 148 -0.89 6.50 -28.89
N GLU A 149 -0.05 7.27 -29.58
CA GLU A 149 -0.49 8.13 -30.66
C GLU A 149 -0.26 7.44 -32.00
N ILE A 150 0.99 7.09 -32.28
CA ILE A 150 1.28 6.38 -33.50
C ILE A 150 0.61 5.02 -33.33
N GLY A 151 0.94 4.32 -32.24
CA GLY A 151 0.35 3.03 -31.96
C GLY A 151 -1.11 3.08 -32.34
N LYS A 152 -1.68 4.27 -32.24
CA LYS A 152 -3.06 4.49 -32.61
C LYS A 152 -2.97 4.72 -34.10
N GLY A 153 -2.31 5.80 -34.47
CA GLY A 153 -2.15 6.13 -35.87
C GLY A 153 -2.17 4.94 -36.81
N ILE A 154 -1.46 3.87 -36.45
CA ILE A 154 -1.42 2.68 -37.30
C ILE A 154 -2.81 2.07 -37.42
N SER A 155 -3.81 2.80 -36.95
CA SER A 155 -5.18 2.34 -37.04
C SER A 155 -5.68 2.97 -38.32
N LEU A 156 -5.98 4.26 -38.23
CA LEU A 156 -6.48 5.00 -39.36
C LEU A 156 -5.48 5.04 -40.51
N ASP A 157 -4.20 5.26 -40.20
CA ASP A 157 -3.17 5.36 -41.23
C ASP A 157 -3.42 4.56 -42.53
N ILE A 158 -3.07 3.28 -42.52
CA ILE A 158 -3.23 2.40 -43.68
C ILE A 158 -4.58 2.51 -44.41
N ILE A 159 -5.58 3.06 -43.73
CA ILE A 159 -6.91 3.21 -44.32
C ILE A 159 -7.26 4.68 -44.34
N SER A 160 -6.29 5.52 -44.01
CA SER A 160 -6.52 6.94 -44.01
C SER A 160 -6.37 7.43 -45.42
N LYS A 161 -6.30 8.76 -45.57
CA LYS A 161 -6.15 9.41 -46.86
C LYS A 161 -4.91 8.86 -47.57
N ASP A 162 -4.10 8.09 -46.85
CA ASP A 162 -2.89 7.55 -47.44
C ASP A 162 -3.07 6.24 -48.19
N LYS A 163 -4.30 5.71 -48.28
CA LYS A 163 -4.48 4.46 -49.01
C LYS A 163 -5.89 3.96 -49.36
N SER A 164 -6.85 4.10 -48.46
CA SER A 164 -8.24 3.60 -48.74
C SER A 164 -8.68 4.10 -50.14
N LEU A 165 -9.03 5.40 -50.26
CA LEU A 165 -9.27 6.01 -51.59
C LEU A 165 -7.85 5.75 -52.03
N ASP A 166 -7.23 6.20 -53.13
CA ASP A 166 -5.92 5.47 -52.94
C ASP A 166 -4.90 6.51 -52.43
N PRO A 167 -3.55 6.23 -52.58
CA PRO A 167 -2.65 7.30 -52.05
C PRO A 167 -2.90 8.70 -52.83
N GLU A 168 -4.18 9.09 -52.88
CA GLU A 168 -4.63 10.33 -53.53
C GLU A 168 -3.57 11.40 -53.65
N PHE A 169 -3.47 11.98 -54.84
CA PHE A 169 -2.50 13.03 -55.14
C PHE A 169 -2.30 14.01 -53.97
N LEU A 170 -3.30 14.13 -53.10
CA LEU A 170 -3.17 15.03 -51.95
C LEU A 170 -1.97 14.59 -51.12
N ASN A 171 -1.83 13.28 -50.96
CA ASN A 171 -0.71 12.73 -50.20
C ASN A 171 0.41 12.28 -51.14
N LEU A 172 0.04 11.98 -52.38
CA LEU A 172 1.00 11.55 -53.39
C LEU A 172 1.96 12.71 -53.65
N ILE A 173 1.47 13.93 -53.42
CA ILE A 173 2.22 15.19 -53.61
C ILE A 173 2.76 15.68 -52.26
N LYS A 174 2.23 15.13 -51.16
CA LYS A 174 2.65 15.49 -49.82
C LYS A 174 3.88 14.67 -49.45
N SER A 175 4.06 13.57 -50.17
CA SER A 175 5.18 12.69 -49.95
C SER A 175 6.35 13.20 -50.79
N LEU A 176 6.05 14.14 -51.69
CA LEU A 176 7.06 14.74 -52.56
C LEU A 176 7.74 15.89 -51.84
N SER A 177 7.20 16.28 -50.69
CA SER A 177 7.80 17.34 -49.88
C SER A 177 9.05 16.70 -49.29
N ASP A 178 9.62 15.79 -50.07
CA ASP A 178 10.83 15.07 -49.73
C ASP A 178 11.97 16.06 -49.99
N ASP A 179 11.98 16.62 -51.19
CA ASP A 179 13.02 17.56 -51.55
C ASP A 179 12.76 18.25 -52.88
N SER A 180 11.53 18.73 -53.10
CA SER A 180 11.19 19.42 -54.35
C SER A 180 10.38 20.72 -54.20
N ASP A 181 9.36 20.71 -53.33
CA ASP A 181 8.52 21.89 -53.13
C ASP A 181 9.25 23.10 -52.54
N SER A 182 9.42 23.11 -51.21
CA SER A 182 10.08 24.20 -50.51
C SER A 182 11.53 23.88 -50.09
N SER A 183 12.30 24.91 -49.75
CA SER A 183 13.70 24.75 -49.33
C SER A 183 13.87 23.94 -48.05
N ASP A 184 12.80 23.24 -47.66
CA ASP A 184 12.82 22.41 -46.47
C ASP A 184 12.93 20.92 -46.80
N LEU A 185 14.14 20.52 -47.17
CA LEU A 185 14.47 19.13 -47.51
C LEU A 185 14.81 18.47 -46.16
N LEU A 186 13.91 18.66 -45.20
CA LEU A 186 14.05 18.13 -43.86
C LEU A 186 12.95 17.13 -43.50
N PHE A 187 13.38 15.91 -43.21
CA PHE A 187 12.49 14.82 -42.83
C PHE A 187 13.30 13.73 -42.12
N SER A 188 14.29 14.18 -41.34
CA SER A 188 15.16 13.31 -40.56
C SER A 188 14.42 12.88 -39.29
N GLN A 189 13.11 12.61 -39.45
CA GLN A 189 12.24 12.19 -38.36
C GLN A 189 11.18 11.16 -38.80
N LYS A 190 11.25 10.76 -40.07
CA LYS A 190 10.31 9.77 -40.61
C LYS A 190 10.90 9.05 -41.82
N PHE A 191 11.93 9.65 -42.42
CA PHE A 191 12.58 9.07 -43.59
C PHE A 191 14.09 8.93 -43.42
N LYS A 192 14.51 8.01 -42.55
CA LYS A 192 15.94 7.80 -42.29
C LYS A 192 16.51 6.63 -43.09
N GLU A 193 15.91 5.47 -42.93
CA GLU A 193 16.38 4.27 -43.62
C GLU A 193 15.64 3.98 -44.92
N LYS A 194 14.31 3.95 -44.83
CA LYS A 194 13.45 3.66 -45.97
C LYS A 194 13.27 4.84 -46.93
N LEU A 195 13.94 5.97 -46.65
CA LEU A 195 13.86 7.14 -47.52
C LEU A 195 15.01 8.15 -47.38
N GLU A 196 16.22 7.62 -47.26
CA GLU A 196 17.40 8.46 -47.23
C GLU A 196 17.72 8.43 -48.72
N LEU A 197 16.70 7.96 -49.45
CA LEU A 197 16.71 7.83 -50.89
C LEU A 197 16.26 9.16 -51.48
N ASN A 198 17.10 10.17 -51.34
CA ASN A 198 16.83 11.52 -51.86
C ASN A 198 17.01 11.49 -53.38
N ASN A 199 17.94 10.65 -53.82
CA ASN A 199 18.26 10.48 -55.23
C ASN A 199 17.25 9.54 -55.90
N LYS A 200 15.96 9.87 -55.75
CA LYS A 200 14.87 9.09 -56.32
C LYS A 200 13.58 9.92 -56.23
N SER A 201 13.23 10.55 -57.35
CA SER A 201 12.02 11.38 -57.43
C SER A 201 10.81 10.52 -57.05
N ILE A 202 10.29 10.78 -55.86
CA ILE A 202 9.17 10.01 -55.31
C ILE A 202 7.75 10.40 -55.77
N ASP A 203 7.25 9.70 -56.79
CA ASP A 203 5.90 9.93 -57.29
C ASP A 203 5.26 8.55 -57.44
N ILE A 204 4.72 8.24 -58.61
CA ILE A 204 4.10 6.93 -58.85
C ILE A 204 5.18 5.97 -59.37
N ASN A 205 6.43 6.28 -59.04
CA ASN A 205 7.56 5.47 -59.49
C ASN A 205 8.17 4.54 -58.44
N PHE A 206 7.44 4.29 -57.35
CA PHE A 206 7.91 3.38 -56.29
C PHE A 206 7.15 3.50 -54.95
N ILE A 207 6.24 4.47 -54.84
CA ILE A 207 5.47 4.68 -53.59
C ILE A 207 4.57 3.50 -53.22
N LYS A 208 4.11 2.79 -54.24
CA LYS A 208 3.26 1.62 -54.04
C LYS A 208 4.05 0.60 -53.19
N GLU A 209 5.34 0.51 -53.49
CA GLU A 209 6.26 -0.40 -52.79
C GLU A 209 6.12 -0.40 -51.26
N ASN A 210 6.69 0.61 -50.61
CA ASN A 210 6.66 0.70 -49.15
C ASN A 210 5.53 1.53 -48.56
N LEU A 211 4.31 1.09 -48.80
CA LEU A 211 3.12 1.76 -48.30
C LEU A 211 3.26 1.91 -46.78
N THR A 212 3.70 0.84 -46.13
CA THR A 212 3.85 0.83 -44.68
C THR A 212 4.83 1.91 -44.22
N GLU A 213 5.83 2.20 -45.04
CA GLU A 213 6.82 3.21 -44.68
C GLU A 213 6.14 4.56 -44.57
N PHE A 214 5.31 4.87 -45.56
CA PHE A 214 4.60 6.15 -45.56
C PHE A 214 3.48 6.11 -44.54
N GLN A 215 3.46 5.04 -43.75
CA GLN A 215 2.48 4.89 -42.69
C GLN A 215 3.19 5.36 -41.43
N HIS A 216 4.39 4.83 -41.20
CA HIS A 216 5.20 5.22 -40.04
C HIS A 216 5.32 6.72 -40.15
N ALA A 217 4.96 7.21 -41.33
CA ALA A 217 5.00 8.63 -41.63
C ALA A 217 3.68 9.30 -41.27
N PHE A 218 2.57 8.63 -41.57
CA PHE A 218 1.28 9.22 -41.25
C PHE A 218 1.03 9.06 -39.76
N SER A 219 1.83 8.22 -39.13
CA SER A 219 1.69 7.95 -37.71
C SER A 219 2.50 8.91 -36.86
N LEU A 220 3.81 8.83 -36.99
CA LEU A 220 4.69 9.69 -36.22
C LEU A 220 4.47 11.16 -36.54
N ALA A 221 3.55 11.42 -37.47
CA ALA A 221 3.18 12.77 -37.87
C ALA A 221 1.92 13.07 -37.07
N PHE A 222 1.05 12.07 -37.01
CA PHE A 222 -0.18 12.19 -36.26
C PHE A 222 0.20 12.40 -34.80
N SER A 223 1.16 11.58 -34.34
CA SER A 223 1.68 11.59 -32.96
C SER A 223 2.28 12.89 -32.50
N TYR A 224 2.88 13.62 -33.42
CA TYR A 224 3.48 14.89 -33.09
C TYR A 224 2.43 15.99 -33.01
N TYR A 225 1.65 16.15 -34.08
CA TYR A 225 0.63 17.20 -34.10
C TYR A 225 -0.27 17.06 -32.88
N PHE A 226 -0.66 15.82 -32.57
CA PHE A 226 -1.53 15.58 -31.43
C PHE A 226 -0.83 15.26 -30.12
N ALA A 227 0.49 15.07 -30.18
CA ALA A 227 1.25 14.80 -28.97
C ALA A 227 0.93 15.93 -28.01
N PRO A 228 0.94 15.65 -26.70
CA PRO A 228 0.65 16.62 -25.65
C PRO A 228 1.76 17.64 -25.38
N ASP A 229 2.89 17.47 -26.04
CA ASP A 229 4.04 18.37 -25.88
C ASP A 229 4.64 18.90 -27.19
N HIS A 230 5.18 18.01 -28.01
CA HIS A 230 5.80 18.43 -29.26
C HIS A 230 4.85 18.57 -30.43
N ARG A 231 4.16 19.71 -30.49
CA ARG A 231 3.20 19.98 -31.58
C ARG A 231 3.81 20.79 -32.71
N THR A 232 4.78 21.63 -32.37
CA THR A 232 5.48 22.49 -33.33
C THR A 232 6.68 21.82 -33.98
N VAL A 233 7.12 20.69 -33.43
CA VAL A 233 8.26 19.96 -33.98
C VAL A 233 7.79 19.37 -35.31
N LEU A 234 6.48 19.40 -35.54
CA LEU A 234 5.86 18.95 -36.79
C LEU A 234 5.49 20.19 -37.59
N GLU A 235 5.73 21.36 -36.99
CA GLU A 235 5.43 22.65 -37.63
C GLU A 235 6.74 23.34 -38.04
N LEU A 236 7.86 22.80 -37.53
CA LEU A 236 9.21 23.31 -37.81
C LEU A 236 9.97 22.29 -38.68
N TYR A 237 10.23 21.12 -38.12
CA TYR A 237 10.96 20.05 -38.82
C TYR A 237 10.13 19.46 -39.96
N ALA A 238 8.92 19.97 -40.14
CA ALA A 238 8.03 19.52 -41.20
C ALA A 238 7.51 20.79 -41.87
N PRO A 239 7.42 20.80 -43.20
CA PRO A 239 6.93 21.99 -43.90
C PRO A 239 5.42 22.01 -44.12
N ASP A 240 4.91 20.88 -44.61
CA ASP A 240 3.48 20.74 -44.91
C ASP A 240 2.76 19.77 -43.98
N MET A 241 3.32 18.57 -43.77
CA MET A 241 2.65 17.59 -42.93
C MET A 241 1.94 18.19 -41.71
N PHE A 242 2.37 19.37 -41.28
CA PHE A 242 1.70 20.04 -40.17
C PHE A 242 0.40 20.54 -40.78
N GLU A 243 0.55 21.35 -41.82
CA GLU A 243 -0.58 21.91 -42.56
C GLU A 243 -1.51 20.78 -43.01
N TYR A 244 -0.98 19.57 -43.05
CA TYR A 244 -1.74 18.40 -43.47
C TYR A 244 -2.58 17.94 -42.30
N MET A 245 -1.90 17.44 -41.27
CA MET A 245 -2.58 16.97 -40.08
C MET A 245 -3.56 18.06 -39.64
N ASN A 246 -3.23 19.30 -39.99
CA ASN A 246 -4.05 20.45 -39.65
C ASN A 246 -5.31 20.41 -40.48
N LYS A 247 -5.16 20.39 -41.80
CA LYS A 247 -6.33 20.32 -42.66
C LYS A 247 -7.11 19.10 -42.15
N LEU A 248 -6.36 18.11 -41.68
CA LEU A 248 -6.96 16.90 -41.13
C LEU A 248 -7.92 17.29 -40.04
N GLU A 249 -7.42 17.94 -39.00
CA GLU A 249 -8.30 18.36 -37.93
C GLU A 249 -9.27 19.40 -38.50
N LYS A 250 -8.82 20.17 -39.49
CA LYS A 250 -9.66 21.19 -40.11
C LYS A 250 -10.97 20.54 -40.54
N GLY A 251 -10.83 19.36 -41.13
CA GLY A 251 -11.99 18.59 -41.61
C GLY A 251 -11.67 17.19 -42.14
N GLY A 252 -10.41 16.97 -42.51
CA GLY A 252 -9.99 15.68 -43.04
C GLY A 252 -10.58 14.45 -42.36
N PHE A 253 -10.63 14.51 -41.04
CA PHE A 253 -11.15 13.43 -40.23
C PHE A 253 -12.68 13.30 -40.30
N GLU A 254 -13.36 14.41 -40.58
CA GLU A 254 -14.82 14.38 -40.70
C GLU A 254 -15.16 13.87 -42.08
N LYS A 255 -14.16 13.89 -42.96
CA LYS A 255 -14.32 13.43 -44.34
C LYS A 255 -14.57 11.94 -44.38
N ILE A 256 -13.51 11.19 -44.10
CA ILE A 256 -13.55 9.75 -44.08
C ILE A 256 -14.52 9.28 -43.00
N SER A 257 -14.93 10.22 -42.15
CA SER A 257 -15.88 9.91 -41.10
C SER A 257 -17.26 9.94 -41.72
N GLU A 258 -17.30 10.22 -43.02
CA GLU A 258 -18.56 10.31 -43.76
C GLU A 258 -18.57 9.41 -44.99
N SER A 259 -17.40 9.06 -45.50
CA SER A 259 -17.34 8.17 -46.65
C SER A 259 -17.31 6.75 -46.09
N LEU A 260 -17.03 6.64 -44.81
CA LEU A 260 -17.01 5.36 -44.12
C LEU A 260 -18.39 5.19 -43.50
N LYS A 261 -18.99 6.33 -43.13
CA LYS A 261 -20.33 6.34 -42.55
C LYS A 261 -21.33 6.01 -43.66
N LYS A 262 -21.19 6.68 -44.80
CA LYS A 262 -22.08 6.44 -45.93
C LYS A 262 -21.88 5.00 -46.37
N GLU A 263 -20.64 4.60 -46.63
CA GLU A 263 -20.37 3.23 -47.03
C GLU A 263 -20.87 2.35 -45.89
N GLY A 264 -21.02 2.95 -44.72
CA GLY A 264 -21.51 2.22 -43.56
C GLY A 264 -22.82 1.54 -43.91
N VAL A 265 -23.75 2.30 -44.48
CA VAL A 265 -25.04 1.75 -44.86
C VAL A 265 -24.95 0.99 -46.18
N GLU A 266 -24.67 1.73 -47.26
CA GLU A 266 -24.57 1.14 -48.58
C GLU A 266 -23.81 -0.20 -48.62
N LYS A 267 -22.87 -0.38 -47.70
CA LYS A 267 -22.10 -1.62 -47.66
C LYS A 267 -23.02 -2.78 -47.31
N ASP A 268 -23.15 -3.05 -46.02
CA ASP A 268 -24.02 -4.12 -45.55
C ASP A 268 -25.45 -3.58 -45.65
N ARG A 269 -26.10 -3.86 -46.78
CA ARG A 269 -27.47 -3.46 -47.03
C ARG A 269 -28.16 -4.72 -47.53
N ILE A 270 -29.16 -4.56 -48.38
CA ILE A 270 -29.89 -5.70 -48.93
C ILE A 270 -29.81 -5.72 -50.45
N ASP A 271 -29.06 -6.69 -50.98
CA ASP A 271 -28.85 -6.85 -52.41
C ASP A 271 -30.16 -6.50 -53.13
N VAL A 272 -30.09 -5.77 -54.24
CA VAL A 272 -31.31 -5.38 -54.95
C VAL A 272 -31.19 -5.10 -56.44
N LEU A 273 -29.97 -5.05 -56.96
CA LEU A 273 -29.77 -4.74 -58.38
C LEU A 273 -30.72 -3.63 -58.87
N LYS A 274 -30.47 -2.39 -58.46
CA LYS A 274 -31.29 -1.25 -58.84
C LYS A 274 -31.02 -0.85 -60.30
N GLY A 275 -31.37 0.38 -60.67
CA GLY A 275 -31.15 0.85 -62.04
C GLY A 275 -31.78 -0.02 -63.13
N GLU A 276 -31.50 0.27 -64.41
CA GLU A 276 -32.09 -0.54 -65.47
C GLU A 276 -31.58 -1.99 -65.45
N LYS A 277 -30.83 -2.36 -64.41
CA LYS A 277 -30.33 -3.72 -64.34
C LYS A 277 -31.48 -4.68 -64.01
N ALA A 278 -32.42 -4.18 -63.22
CA ALA A 278 -33.59 -4.96 -62.80
C ALA A 278 -34.77 -4.67 -63.72
N LEU A 279 -34.96 -3.40 -64.04
CA LEU A 279 -36.01 -2.97 -64.93
C LEU A 279 -36.00 -3.87 -66.17
N LYS A 280 -34.98 -4.72 -66.26
CA LYS A 280 -34.82 -5.66 -67.37
C LYS A 280 -35.54 -6.98 -67.15
N ALA A 281 -35.60 -7.42 -65.89
CA ALA A 281 -36.30 -8.67 -65.58
C ALA A 281 -37.62 -8.30 -64.95
N SER A 282 -37.89 -7.00 -64.90
CA SER A 282 -39.14 -6.49 -64.35
C SER A 282 -40.24 -6.70 -65.36
N GLY A 283 -39.85 -6.91 -66.62
CA GLY A 283 -40.83 -7.13 -67.65
C GLY A 283 -41.60 -5.88 -67.99
N LEU A 284 -41.77 -5.01 -67.00
CA LEU A 284 -42.49 -3.78 -67.25
C LEU A 284 -41.94 -3.15 -68.52
N VAL A 285 -42.63 -2.14 -69.04
CA VAL A 285 -42.15 -1.47 -70.22
C VAL A 285 -41.43 -0.22 -69.79
N PRO A 286 -40.13 -0.12 -70.11
CA PRO A 286 -39.25 1.00 -69.78
C PRO A 286 -39.91 2.38 -69.91
N GLU A 287 -40.45 2.70 -71.10
CA GLU A 287 -41.10 4.00 -71.26
C GLU A 287 -42.21 4.19 -70.21
N HIS A 288 -42.77 3.07 -69.75
CA HIS A 288 -43.84 3.03 -68.75
C HIS A 288 -43.27 3.16 -67.35
N ALA A 289 -42.43 2.21 -66.96
CA ALA A 289 -41.85 2.27 -65.62
C ALA A 289 -41.34 3.66 -65.44
N ASP A 290 -40.54 4.11 -66.40
CA ASP A 290 -39.99 5.44 -66.34
C ASP A 290 -41.13 6.45 -66.18
N ALA A 291 -42.30 6.10 -66.74
CA ALA A 291 -43.48 6.96 -66.67
C ALA A 291 -44.05 6.93 -65.25
N PHE A 292 -44.03 5.74 -64.67
CA PHE A 292 -44.51 5.48 -63.31
C PHE A 292 -43.61 6.21 -62.30
N LYS A 293 -42.33 6.32 -62.66
CA LYS A 293 -41.32 6.96 -61.84
C LYS A 293 -41.73 8.38 -61.42
N LYS A 294 -42.66 8.96 -62.14
CA LYS A 294 -43.13 10.31 -61.85
C LYS A 294 -44.21 10.38 -60.78
N ILE A 295 -45.09 9.38 -60.72
CA ILE A 295 -46.19 9.38 -59.75
C ILE A 295 -45.71 9.09 -58.32
N ALA A 296 -44.90 8.04 -58.17
CA ALA A 296 -44.38 7.70 -56.86
C ALA A 296 -43.98 9.01 -56.22
N ARG A 297 -43.00 9.68 -56.82
CA ARG A 297 -42.50 10.95 -56.34
C ARG A 297 -43.60 11.94 -56.01
N GLU A 298 -44.56 12.10 -56.92
CA GLU A 298 -45.66 13.06 -56.71
C GLU A 298 -46.51 12.82 -55.47
N LEU A 299 -47.00 11.59 -55.34
CA LEU A 299 -47.87 11.17 -54.23
C LEU A 299 -47.07 10.57 -53.07
N ASN A 300 -45.82 10.23 -53.36
CA ASN A 300 -44.91 9.69 -52.37
C ASN A 300 -45.41 8.36 -51.86
N THR A 301 -45.27 7.32 -52.67
CA THR A 301 -45.74 6.01 -52.26
C THR A 301 -45.05 4.92 -53.07
N TYR A 302 -44.52 3.91 -52.40
CA TYR A 302 -43.87 2.82 -53.11
C TYR A 302 -44.90 2.22 -54.05
N ILE A 303 -44.42 1.45 -55.00
CA ILE A 303 -45.28 0.81 -55.99
C ILE A 303 -44.59 -0.50 -56.27
N LEU A 304 -45.22 -1.62 -55.97
CA LEU A 304 -44.53 -2.86 -56.22
C LEU A 304 -45.36 -3.66 -57.22
N PHE A 305 -44.69 -4.31 -58.17
CA PHE A 305 -45.40 -5.10 -59.19
C PHE A 305 -44.86 -6.51 -59.22
N ARG A 306 -45.68 -7.45 -59.65
CA ARG A 306 -45.21 -8.81 -59.77
C ARG A 306 -44.40 -8.90 -61.05
N PRO A 307 -44.17 -10.11 -61.59
CA PRO A 307 -43.37 -10.04 -62.82
C PRO A 307 -44.21 -10.10 -64.09
N VAL A 308 -43.97 -9.11 -64.95
CA VAL A 308 -44.65 -8.97 -66.24
C VAL A 308 -43.89 -9.82 -67.24
N ASN A 309 -44.47 -10.95 -67.64
CA ASN A 309 -43.79 -11.83 -68.58
C ASN A 309 -43.11 -11.10 -69.76
N LYS A 310 -41.85 -11.42 -70.02
CA LYS A 310 -41.08 -10.79 -71.09
C LYS A 310 -41.80 -10.90 -72.44
N LEU A 311 -42.26 -12.10 -72.77
CA LEU A 311 -42.97 -12.31 -74.02
C LEU A 311 -44.26 -11.52 -74.04
N ALA A 312 -44.30 -10.39 -73.35
CA ALA A 312 -45.47 -9.54 -73.32
C ALA A 312 -45.02 -8.11 -73.13
N THR A 313 -43.76 -7.95 -72.73
CA THR A 313 -43.17 -6.65 -72.48
C THR A 313 -43.43 -5.72 -73.65
N ASN A 314 -42.99 -6.18 -74.82
CA ASN A 314 -43.11 -5.44 -76.06
C ASN A 314 -44.53 -5.42 -76.65
N LEU A 315 -45.33 -6.46 -76.42
CA LEU A 315 -46.72 -6.51 -76.90
C LEU A 315 -47.42 -5.35 -76.25
N ILE A 316 -47.01 -5.09 -75.01
CA ILE A 316 -47.57 -4.00 -74.25
C ILE A 316 -47.15 -2.68 -74.91
N LYS A 317 -45.84 -2.51 -75.15
CA LYS A 317 -45.35 -1.28 -75.78
C LYS A 317 -46.01 -1.12 -77.15
N SER A 318 -46.24 -2.26 -77.80
CA SER A 318 -46.88 -2.31 -79.10
C SER A 318 -48.20 -1.54 -79.08
N GLY A 319 -49.13 -2.03 -78.28
CA GLY A 319 -50.42 -1.36 -78.19
C GLY A 319 -51.49 -2.36 -77.81
N VAL A 320 -51.05 -3.56 -77.44
CA VAL A 320 -51.93 -4.65 -77.04
C VAL A 320 -52.54 -4.44 -75.69
N ALA A 321 -53.85 -4.30 -75.64
CA ALA A 321 -54.52 -4.11 -74.38
C ALA A 321 -54.22 -5.30 -73.47
N THR A 322 -54.36 -5.07 -72.15
CA THR A 322 -54.08 -6.03 -71.08
C THR A 322 -55.24 -6.90 -70.60
N LYS A 323 -54.89 -8.06 -70.01
CA LYS A 323 -55.86 -9.02 -69.48
C LYS A 323 -56.44 -8.65 -68.13
N GLY A 324 -57.64 -8.10 -68.16
CA GLY A 324 -58.30 -7.71 -66.93
C GLY A 324 -58.67 -8.90 -66.08
N LEU A 325 -59.85 -8.79 -65.46
CA LEU A 325 -60.37 -9.82 -64.58
C LEU A 325 -61.27 -10.77 -65.34
N ASN A 326 -62.03 -10.20 -66.25
CA ASN A 326 -62.94 -10.99 -67.04
C ASN A 326 -62.32 -12.24 -67.68
N VAL A 327 -61.02 -12.24 -67.99
CA VAL A 327 -60.43 -13.44 -68.61
C VAL A 327 -59.53 -14.28 -67.73
N HIS A 328 -59.87 -15.57 -67.65
CA HIS A 328 -59.12 -16.56 -66.87
C HIS A 328 -58.43 -17.52 -67.86
N GLY A 329 -57.83 -16.95 -68.89
CA GLY A 329 -57.14 -17.74 -69.88
C GLY A 329 -55.68 -17.86 -69.53
N LYS A 330 -55.05 -18.88 -70.11
CA LYS A 330 -53.66 -19.13 -69.84
C LYS A 330 -52.77 -18.55 -70.92
N SER A 331 -51.73 -17.84 -70.50
CA SER A 331 -50.80 -17.25 -71.45
C SER A 331 -50.15 -18.39 -72.22
N SER A 332 -49.11 -18.08 -72.98
CA SER A 332 -48.42 -19.12 -73.72
C SER A 332 -46.99 -18.65 -73.90
N ASP A 333 -46.08 -19.59 -74.14
CA ASP A 333 -44.67 -19.26 -74.30
C ASP A 333 -43.93 -20.02 -75.41
N TRP A 334 -44.51 -19.98 -76.62
CA TRP A 334 -43.92 -20.63 -77.80
C TRP A 334 -44.84 -20.47 -79.02
N GLY A 335 -44.24 -20.19 -80.17
CA GLY A 335 -45.02 -20.02 -81.39
C GLY A 335 -45.47 -18.57 -81.56
N PRO A 336 -46.18 -18.25 -82.66
CA PRO A 336 -46.64 -16.88 -82.89
C PRO A 336 -47.48 -16.40 -81.71
N VAL A 337 -48.40 -17.27 -81.31
CA VAL A 337 -49.31 -17.01 -80.21
C VAL A 337 -48.63 -16.46 -78.95
N ALA A 338 -47.39 -16.86 -78.70
CA ALA A 338 -46.65 -16.43 -77.52
C ALA A 338 -47.04 -15.05 -76.99
N GLY A 339 -47.30 -14.97 -75.69
CA GLY A 339 -47.67 -13.70 -75.10
C GLY A 339 -49.12 -13.32 -75.30
N TYR A 340 -49.83 -14.13 -76.07
CA TYR A 340 -51.25 -13.89 -76.33
C TYR A 340 -52.01 -14.99 -75.60
N ILE A 341 -53.31 -14.78 -75.37
CA ILE A 341 -54.12 -15.78 -74.67
C ILE A 341 -54.93 -16.54 -75.69
N PRO A 342 -54.28 -17.45 -76.43
CA PRO A 342 -54.98 -18.23 -77.45
C PRO A 342 -56.37 -18.66 -77.02
N PHE A 343 -57.33 -18.59 -77.94
CA PHE A 343 -58.66 -19.05 -77.56
C PHE A 343 -58.48 -20.55 -77.50
N ASP A 344 -57.43 -21.04 -78.13
CA ASP A 344 -57.13 -22.46 -78.10
C ASP A 344 -56.19 -22.60 -76.91
N GLN A 345 -56.58 -23.42 -75.93
CA GLN A 345 -55.76 -23.60 -74.73
C GLN A 345 -54.61 -24.57 -74.90
N ASP A 346 -54.72 -25.49 -75.86
CA ASP A 346 -53.63 -26.42 -76.12
C ASP A 346 -52.59 -25.70 -76.98
N LEU A 347 -52.56 -24.38 -76.83
CA LEU A 347 -51.66 -23.49 -77.56
C LEU A 347 -51.07 -22.48 -76.57
N SER A 348 -51.20 -22.82 -75.29
CA SER A 348 -50.70 -22.01 -74.18
C SER A 348 -49.94 -22.99 -73.30
N LYS A 349 -49.03 -22.48 -72.48
CA LYS A 349 -48.18 -23.31 -71.62
C LYS A 349 -48.69 -24.73 -71.48
N LYS A 350 -49.86 -24.88 -70.85
CA LYS A 350 -50.48 -26.18 -70.63
C LYS A 350 -50.71 -26.98 -71.93
N HIS A 351 -49.62 -27.38 -72.58
CA HIS A 351 -49.73 -28.15 -73.82
C HIS A 351 -49.68 -29.64 -73.43
N GLY A 352 -50.85 -30.27 -73.38
CA GLY A 352 -50.92 -31.67 -73.02
C GLY A 352 -51.94 -31.98 -71.93
N GLN A 353 -51.96 -31.15 -70.88
CA GLN A 353 -52.88 -31.35 -69.77
C GLN A 353 -54.31 -31.46 -70.26
N GLN A 354 -54.66 -32.66 -70.73
CA GLN A 354 -55.99 -32.96 -71.26
C GLN A 354 -57.14 -32.46 -70.41
N LEU A 355 -56.84 -31.91 -69.23
CA LEU A 355 -57.90 -31.40 -68.38
C LEU A 355 -57.84 -29.90 -68.16
N ALA A 356 -56.71 -29.37 -67.72
CA ALA A 356 -56.58 -27.93 -67.52
C ALA A 356 -56.73 -27.21 -68.87
N VAL A 357 -56.38 -27.94 -69.92
CA VAL A 357 -56.48 -27.44 -71.28
C VAL A 357 -57.92 -27.64 -71.69
N GLU A 358 -58.52 -28.72 -71.20
CA GLU A 358 -59.91 -28.99 -71.49
C GLU A 358 -60.70 -27.92 -70.74
N LYS A 359 -60.76 -28.05 -69.43
CA LYS A 359 -61.48 -27.10 -68.59
C LYS A 359 -60.85 -25.72 -68.76
N GLY A 360 -59.84 -25.64 -69.62
CA GLY A 360 -59.18 -24.37 -69.89
C GLY A 360 -59.94 -23.58 -70.93
N ASN A 361 -60.25 -24.22 -72.05
CA ASN A 361 -61.00 -23.57 -73.10
C ASN A 361 -62.30 -23.15 -72.45
N LEU A 362 -62.95 -24.13 -71.82
CA LEU A 362 -64.23 -23.94 -71.12
C LEU A 362 -64.32 -22.60 -70.39
N GLU A 363 -63.17 -22.07 -69.99
CA GLU A 363 -63.10 -20.81 -69.28
C GLU A 363 -63.24 -19.59 -70.20
N ASN A 364 -62.63 -19.65 -71.37
CA ASN A 364 -62.73 -18.55 -72.31
C ASN A 364 -64.14 -18.48 -72.82
N LYS A 365 -64.63 -19.63 -73.28
CA LYS A 365 -66.00 -19.70 -73.80
C LYS A 365 -66.96 -18.89 -72.93
N LYS A 366 -66.90 -19.10 -71.62
CA LYS A 366 -67.75 -18.35 -70.68
C LYS A 366 -67.21 -16.92 -70.55
N SER A 367 -65.90 -16.77 -70.55
CA SER A 367 -65.27 -15.46 -70.44
C SER A 367 -65.97 -14.58 -71.48
N ILE A 368 -66.49 -15.23 -72.52
CA ILE A 368 -67.20 -14.54 -73.60
C ILE A 368 -68.70 -14.61 -73.42
N THR A 369 -69.23 -15.82 -73.24
CA THR A 369 -70.66 -15.98 -73.08
C THR A 369 -71.18 -15.09 -71.96
N GLU A 370 -70.36 -14.87 -70.93
CA GLU A 370 -70.77 -14.03 -69.81
C GLU A 370 -70.59 -12.55 -70.13
N HIS A 371 -69.34 -12.18 -70.49
CA HIS A 371 -69.02 -10.80 -70.83
C HIS A 371 -68.82 -10.63 -72.32
N GLU A 372 -69.90 -10.63 -73.09
CA GLU A 372 -69.79 -10.44 -74.54
C GLU A 372 -69.87 -8.95 -74.87
N GLY A 373 -69.37 -8.57 -76.04
CA GLY A 373 -69.40 -7.17 -76.38
C GLY A 373 -68.15 -6.51 -75.83
N GLU A 374 -67.56 -7.15 -74.83
CA GLU A 374 -66.34 -6.65 -74.19
C GLU A 374 -65.23 -7.70 -74.33
N ILE A 375 -65.58 -8.97 -74.16
CA ILE A 375 -64.62 -10.08 -74.28
C ILE A 375 -64.94 -10.99 -75.46
N GLY A 376 -63.94 -11.26 -76.29
CA GLY A 376 -64.14 -12.12 -77.45
C GLY A 376 -62.84 -12.56 -78.07
N LYS A 377 -62.92 -13.07 -79.30
CA LYS A 377 -61.74 -13.55 -80.02
C LYS A 377 -61.51 -12.93 -81.40
N ILE A 378 -60.29 -12.47 -81.64
CA ILE A 378 -59.92 -11.88 -82.92
C ILE A 378 -58.65 -12.57 -83.41
N PRO A 379 -58.52 -12.79 -84.73
CA PRO A 379 -57.35 -13.45 -85.32
C PRO A 379 -56.00 -12.83 -85.14
N LEU A 380 -55.06 -13.71 -84.83
CA LEU A 380 -53.68 -13.38 -84.58
C LEU A 380 -52.97 -12.65 -85.71
N LYS A 381 -52.53 -11.43 -85.45
CA LYS A 381 -51.84 -10.64 -86.46
C LYS A 381 -50.50 -10.13 -85.94
N LEU A 382 -49.43 -10.89 -86.16
CA LEU A 382 -48.10 -10.48 -85.69
C LEU A 382 -47.51 -9.40 -86.59
N ASP A 383 -47.44 -8.17 -86.10
CA ASP A 383 -46.89 -7.10 -86.93
C ASP A 383 -45.42 -7.30 -87.27
N HIS A 384 -44.75 -6.22 -87.68
CA HIS A 384 -43.35 -6.26 -88.08
C HIS A 384 -42.36 -6.67 -86.99
N LEU A 385 -42.12 -5.76 -86.05
CA LEU A 385 -41.19 -6.01 -84.96
C LEU A 385 -41.40 -7.38 -84.37
N ARG A 386 -42.55 -7.55 -83.71
CA ARG A 386 -42.92 -8.80 -83.07
C ARG A 386 -42.20 -10.02 -83.64
N ILE A 387 -42.03 -10.07 -84.96
CA ILE A 387 -41.33 -11.18 -85.60
C ILE A 387 -39.83 -11.12 -85.30
N GLU A 388 -39.15 -10.08 -85.78
CA GLU A 388 -37.71 -9.98 -85.54
C GLU A 388 -37.40 -10.25 -84.06
N GLU A 389 -38.42 -10.15 -83.21
CA GLU A 389 -38.23 -10.39 -81.78
C GLU A 389 -38.40 -11.85 -81.39
N LEU A 390 -39.44 -12.50 -81.89
CA LEU A 390 -39.66 -13.91 -81.57
C LEU A 390 -38.60 -14.67 -82.36
N LYS A 391 -37.66 -13.92 -82.92
CA LYS A 391 -36.58 -14.45 -83.74
C LYS A 391 -35.34 -14.73 -82.90
N GLU A 392 -34.66 -13.67 -82.48
CA GLU A 392 -33.44 -13.82 -81.68
C GLU A 392 -33.75 -14.23 -80.24
N ASN A 393 -35.03 -14.41 -79.93
CA ASN A 393 -35.46 -14.83 -78.60
C ASN A 393 -35.52 -16.35 -78.69
N GLY A 394 -35.72 -16.84 -79.91
CA GLY A 394 -35.76 -18.28 -80.16
C GLY A 394 -37.11 -18.97 -80.24
N ILE A 395 -38.19 -18.21 -80.25
CA ILE A 395 -39.52 -18.83 -80.31
C ILE A 395 -39.96 -19.26 -81.72
N ILE A 396 -39.44 -18.57 -82.75
CA ILE A 396 -39.78 -18.87 -84.14
C ILE A 396 -38.63 -18.76 -85.14
N LEU A 397 -38.73 -19.57 -86.20
CA LEU A 397 -37.75 -19.61 -87.29
C LEU A 397 -38.49 -19.32 -88.62
N LYS A 398 -38.25 -18.13 -89.17
CA LYS A 398 -38.87 -17.70 -90.42
C LYS A 398 -38.01 -18.10 -91.63
N GLY A 399 -38.50 -19.05 -92.44
CA GLY A 399 -37.74 -19.52 -93.61
C GLY A 399 -38.52 -19.75 -94.90
N LYS A 400 -38.55 -21.01 -95.35
CA LYS A 400 -39.25 -21.39 -96.59
C LYS A 400 -40.56 -20.63 -96.82
N LYS A 401 -41.03 -20.62 -98.08
CA LYS A 401 -42.27 -19.94 -98.46
C LYS A 401 -43.21 -20.90 -99.20
N GLU A 402 -44.41 -20.43 -99.52
CA GLU A 402 -45.36 -21.28 -100.24
C GLU A 402 -46.63 -20.59 -100.71
N ILE A 403 -47.36 -21.26 -101.60
CA ILE A 403 -48.61 -20.75 -102.19
C ILE A 403 -49.83 -21.63 -101.94
N ASP A 404 -50.98 -20.98 -101.70
CA ASP A 404 -52.25 -21.66 -101.47
C ASP A 404 -53.41 -20.77 -101.92
N ASN A 405 -54.31 -21.35 -102.71
CA ASN A 405 -55.48 -20.64 -103.23
C ASN A 405 -55.17 -19.30 -103.90
N GLY A 406 -53.95 -18.78 -103.74
CA GLY A 406 -53.61 -17.53 -104.39
C GLY A 406 -52.77 -16.52 -103.62
N LYS A 407 -52.62 -16.73 -102.31
CA LYS A 407 -51.85 -15.79 -101.50
C LYS A 407 -50.48 -16.34 -101.08
N LYS A 408 -49.65 -15.46 -100.52
CA LYS A 408 -48.30 -15.83 -100.08
C LYS A 408 -48.26 -16.21 -98.60
N TYR A 409 -47.55 -17.31 -98.31
CA TYR A 409 -47.35 -17.79 -96.94
C TYR A 409 -45.85 -18.09 -96.72
N TYR A 410 -45.20 -17.31 -95.85
CA TYR A 410 -43.77 -17.55 -95.51
C TYR A 410 -44.00 -18.58 -94.49
N LEU A 411 -43.18 -19.58 -94.21
CA LEU A 411 -43.97 -20.35 -93.28
C LEU A 411 -43.41 -20.17 -91.84
N LEU A 412 -44.14 -20.43 -90.75
CA LEU A 412 -43.48 -20.23 -89.45
C LEU A 412 -43.11 -21.57 -88.86
N GLU A 413 -41.89 -21.66 -88.34
CA GLU A 413 -41.41 -22.91 -87.76
C GLU A 413 -41.30 -22.84 -86.23
N SER A 414 -41.48 -24.00 -85.60
CA SER A 414 -41.41 -24.16 -84.15
C SER A 414 -41.46 -25.65 -83.83
N ASN A 415 -40.44 -26.13 -83.13
CA ASN A 415 -40.35 -27.55 -82.81
C ASN A 415 -41.54 -28.15 -82.09
N ASN A 416 -42.65 -27.42 -81.98
CA ASN A 416 -43.83 -28.00 -81.36
C ASN A 416 -44.06 -29.18 -82.30
N GLN A 417 -44.36 -30.35 -81.76
CA GLN A 417 -44.54 -31.53 -82.60
C GLN A 417 -45.94 -32.06 -82.88
N VAL A 418 -46.94 -31.19 -83.00
CA VAL A 418 -48.30 -31.64 -83.32
C VAL A 418 -48.99 -30.48 -84.01
N TYR A 419 -48.30 -29.35 -84.03
CA TYR A 419 -48.85 -28.16 -84.65
C TYR A 419 -47.86 -27.54 -85.61
N GLU A 420 -48.40 -27.05 -86.73
CA GLU A 420 -47.62 -26.39 -87.75
C GLU A 420 -48.26 -25.02 -87.88
N PHE A 421 -47.46 -23.98 -88.12
CA PHE A 421 -48.00 -22.64 -88.22
C PHE A 421 -47.53 -21.93 -89.47
N ARG A 422 -48.33 -20.99 -89.95
CA ARG A 422 -47.99 -20.22 -91.14
C ARG A 422 -48.66 -18.84 -91.08
N ILE A 423 -47.98 -17.82 -91.59
CA ILE A 423 -48.52 -16.45 -91.59
C ILE A 423 -48.65 -15.84 -92.98
N SER A 424 -49.80 -15.21 -93.22
CA SER A 424 -50.11 -14.56 -94.49
C SER A 424 -49.23 -13.36 -94.78
N ASP A 425 -49.45 -12.74 -95.94
CA ASP A 425 -48.70 -11.59 -96.36
C ASP A 425 -49.61 -10.36 -96.51
N GLU A 426 -50.70 -10.54 -97.25
CA GLU A 426 -51.67 -9.47 -97.46
C GLU A 426 -51.87 -8.79 -96.11
N ASN A 427 -52.39 -9.58 -95.17
CA ASN A 427 -52.63 -9.18 -93.81
C ASN A 427 -51.97 -10.28 -92.98
N ASN A 428 -50.81 -9.96 -92.43
CA ASN A 428 -49.99 -10.89 -91.64
C ASN A 428 -50.67 -11.76 -90.60
N GLU A 429 -51.89 -12.22 -90.89
CA GLU A 429 -52.61 -13.08 -89.96
C GLU A 429 -51.76 -14.32 -89.74
N VAL A 430 -52.25 -15.28 -88.98
CA VAL A 430 -51.49 -16.49 -88.74
C VAL A 430 -52.43 -17.66 -88.71
N GLN A 431 -51.93 -18.84 -89.03
CA GLN A 431 -52.77 -20.02 -89.07
C GLN A 431 -51.96 -21.26 -88.70
N TYR A 432 -52.69 -22.32 -88.32
CA TYR A 432 -52.08 -23.59 -87.93
C TYR A 432 -53.02 -24.76 -88.22
N LYS A 433 -52.52 -25.97 -88.06
CA LYS A 433 -53.31 -27.16 -88.28
C LYS A 433 -52.62 -28.34 -87.63
N THR A 434 -53.33 -29.45 -87.50
CA THR A 434 -52.76 -30.64 -86.90
C THR A 434 -51.82 -31.28 -87.91
N LYS A 435 -50.52 -31.31 -87.61
CA LYS A 435 -49.53 -31.92 -88.49
C LYS A 435 -50.11 -33.17 -89.14
N GLU A 436 -49.78 -33.42 -90.41
CA GLU A 436 -50.31 -34.57 -91.13
C GLU A 436 -50.18 -35.96 -90.49
N GLY A 437 -49.42 -36.05 -89.39
CA GLY A 437 -49.25 -37.32 -88.72
C GLY A 437 -49.44 -37.26 -87.22
N LYS A 438 -50.56 -36.69 -86.76
CA LYS A 438 -50.84 -36.58 -85.33
C LYS A 438 -52.28 -36.09 -85.03
N ILE A 439 -52.61 -35.99 -83.73
CA ILE A 439 -53.93 -35.52 -83.29
C ILE A 439 -53.83 -34.48 -82.16
N THR A 440 -54.98 -33.97 -81.74
CA THR A 440 -55.04 -32.98 -80.67
C THR A 440 -55.29 -33.71 -79.34
N VAL A 441 -54.44 -33.40 -78.36
CA VAL A 441 -54.52 -34.01 -77.03
C VAL A 441 -55.95 -34.26 -76.57
N LEU A 442 -56.85 -33.32 -76.86
CA LEU A 442 -58.25 -33.49 -76.47
C LEU A 442 -58.83 -34.58 -77.34
N GLY A 443 -58.69 -34.42 -78.65
CA GLY A 443 -59.20 -35.40 -79.57
C GLY A 443 -59.65 -34.79 -80.88
N GLU A 444 -58.95 -33.73 -81.31
CA GLU A 444 -59.26 -33.01 -82.55
C GLU A 444 -58.15 -33.15 -83.60
N LYS A 445 -58.50 -32.95 -84.87
CA LYS A 445 -57.54 -32.99 -85.98
C LYS A 445 -58.02 -32.09 -87.10
N PHE A 446 -57.59 -30.83 -87.07
CA PHE A 446 -58.01 -29.85 -88.06
C PHE A 446 -56.92 -29.30 -88.98
N ASN A 447 -57.36 -28.78 -90.13
CA ASN A 447 -56.45 -28.24 -91.12
C ASN A 447 -56.58 -26.71 -91.19
N TRP A 448 -55.42 -26.07 -91.29
CA TRP A 448 -55.24 -24.61 -91.38
C TRP A 448 -56.44 -23.72 -91.05
N ARG A 449 -56.39 -23.09 -89.89
CA ARG A 449 -57.42 -22.18 -89.45
C ARG A 449 -56.74 -20.95 -88.91
N ASN A 450 -57.42 -19.81 -88.99
CA ASN A 450 -56.87 -18.56 -88.49
C ASN A 450 -56.82 -18.67 -86.96
N ILE A 451 -55.66 -18.34 -86.37
CA ILE A 451 -55.46 -18.41 -84.92
C ILE A 451 -56.10 -17.25 -84.19
N GLU A 452 -57.11 -17.55 -83.37
CA GLU A 452 -57.81 -16.53 -82.59
C GLU A 452 -57.25 -16.41 -81.18
N VAL A 453 -57.21 -15.18 -80.69
CA VAL A 453 -56.72 -14.91 -79.36
C VAL A 453 -57.89 -14.24 -78.64
N MET A 454 -57.76 -14.04 -77.33
CA MET A 454 -58.80 -13.39 -76.56
C MET A 454 -58.50 -11.91 -76.65
N ALA A 455 -59.55 -11.10 -76.71
CA ALA A 455 -59.38 -9.67 -76.81
C ALA A 455 -60.55 -9.00 -76.15
N LYS A 456 -60.30 -7.93 -75.40
CA LYS A 456 -61.38 -7.26 -74.75
C LYS A 456 -61.82 -6.10 -75.61
N ASN A 457 -62.75 -5.31 -75.09
CA ASN A 457 -63.26 -4.13 -75.79
C ASN A 457 -62.40 -2.92 -75.40
N VAL A 458 -62.14 -2.04 -76.37
CA VAL A 458 -61.32 -0.87 -76.12
C VAL A 458 -61.75 0.25 -77.05
N GLU A 459 -62.78 1.00 -76.66
CA GLU A 459 -63.28 2.08 -77.52
C GLU A 459 -63.89 1.44 -78.76
N GLY A 460 -64.83 0.53 -78.56
CA GLY A 460 -65.48 -0.15 -79.67
C GLY A 460 -64.56 -0.94 -80.59
N VAL A 461 -63.54 -1.57 -80.03
CA VAL A 461 -62.65 -2.34 -80.88
C VAL A 461 -62.06 -3.52 -80.08
N LEU A 462 -62.19 -4.74 -80.61
CA LEU A 462 -61.67 -5.93 -79.94
C LEU A 462 -60.18 -6.09 -80.12
N LYS A 463 -59.38 -5.50 -79.21
CA LYS A 463 -57.91 -5.58 -79.23
C LYS A 463 -57.42 -6.85 -78.49
N PRO A 464 -56.42 -7.57 -79.05
CA PRO A 464 -55.86 -8.80 -78.46
C PRO A 464 -55.36 -8.58 -77.04
N LEU A 465 -55.51 -9.62 -76.21
CA LEU A 465 -55.12 -9.51 -74.81
C LEU A 465 -53.80 -10.13 -74.39
N THR A 466 -53.11 -9.42 -73.49
CA THR A 466 -51.85 -9.90 -72.97
C THR A 466 -51.71 -9.52 -71.50
N ALA A 467 -50.60 -9.97 -70.92
CA ALA A 467 -50.27 -9.71 -69.53
C ALA A 467 -50.54 -8.28 -69.10
N ASP A 468 -51.01 -8.10 -67.87
CA ASP A 468 -51.30 -6.77 -67.33
C ASP A 468 -50.28 -6.47 -66.25
N TYR A 469 -50.42 -5.31 -65.62
CA TYR A 469 -49.54 -4.98 -64.51
C TYR A 469 -50.36 -5.24 -63.25
N ASP A 470 -50.00 -6.29 -62.52
CA ASP A 470 -50.69 -6.63 -61.29
C ASP A 470 -49.79 -6.07 -60.21
N LEU A 471 -50.21 -4.94 -59.65
CA LEU A 471 -49.44 -4.32 -58.59
C LEU A 471 -49.36 -5.31 -57.45
N PHE A 472 -48.21 -5.40 -56.79
CA PHE A 472 -48.07 -6.33 -55.65
C PHE A 472 -48.50 -5.61 -54.39
N ALA A 473 -48.49 -4.28 -54.43
CA ALA A 473 -48.91 -3.52 -53.28
C ALA A 473 -48.58 -2.06 -53.52
N LEU A 474 -49.40 -1.18 -52.97
CA LEU A 474 -49.16 0.26 -53.08
C LEU A 474 -48.84 0.72 -51.66
N ALA A 475 -47.73 1.41 -51.48
CA ALA A 475 -47.39 1.87 -50.15
C ALA A 475 -47.42 3.36 -50.04
N PRO A 476 -48.59 3.94 -49.79
CA PRO A 476 -48.61 5.39 -49.68
C PRO A 476 -47.88 5.80 -48.39
N SER A 477 -47.46 7.06 -48.31
CA SER A 477 -46.77 7.56 -47.13
C SER A 477 -47.83 7.93 -46.13
N LEU A 478 -47.67 7.44 -44.90
CA LEU A 478 -48.64 7.71 -43.88
C LEU A 478 -49.11 9.14 -44.01
N THR A 479 -48.16 10.03 -44.29
CA THR A 479 -48.46 11.45 -44.41
C THR A 479 -49.44 11.79 -45.53
N GLU A 480 -49.49 10.91 -46.52
CA GLU A 480 -50.36 11.11 -47.66
C GLU A 480 -51.80 10.86 -47.32
N ILE A 481 -52.04 9.75 -46.62
CA ILE A 481 -53.39 9.37 -46.21
C ILE A 481 -54.04 10.51 -45.41
N LYS A 482 -53.21 11.28 -44.72
CA LYS A 482 -53.71 12.41 -43.96
C LYS A 482 -54.48 13.30 -44.94
N LYS A 483 -53.86 13.52 -46.09
CA LYS A 483 -54.42 14.34 -47.16
C LYS A 483 -55.72 13.73 -47.68
N GLN A 484 -55.85 12.41 -47.54
CA GLN A 484 -57.04 11.71 -47.98
C GLN A 484 -58.25 12.11 -47.14
N ILE A 485 -58.07 12.16 -45.82
CA ILE A 485 -59.16 12.52 -44.92
C ILE A 485 -59.64 13.93 -45.16
N PRO A 486 -60.95 14.18 -45.02
CA PRO A 486 -61.55 15.51 -45.22
C PRO A 486 -61.57 16.27 -43.90
N GLN A 487 -60.81 17.38 -43.88
CA GLN A 487 -60.67 18.24 -42.70
C GLN A 487 -61.84 18.24 -41.74
N LYS A 488 -63.06 18.35 -42.26
CA LYS A 488 -64.25 18.37 -41.42
C LYS A 488 -64.25 17.22 -40.41
N GLU A 489 -64.27 15.98 -40.91
CA GLU A 489 -64.30 14.82 -40.05
C GLU A 489 -63.07 14.70 -39.16
N TRP A 490 -61.88 15.04 -39.65
CA TRP A 490 -60.69 14.93 -38.83
C TRP A 490 -60.71 15.93 -37.68
N ASP A 491 -61.10 17.17 -37.99
CA ASP A 491 -61.17 18.21 -36.96
C ASP A 491 -62.18 17.82 -35.88
N LYS A 492 -63.33 17.28 -36.30
CA LYS A 492 -64.35 16.88 -35.35
C LYS A 492 -63.86 15.75 -34.42
N VAL A 493 -62.70 15.19 -34.72
CA VAL A 493 -62.17 14.12 -33.89
C VAL A 493 -61.05 14.56 -32.96
N VAL A 494 -60.29 15.57 -33.36
CA VAL A 494 -59.21 16.06 -32.51
C VAL A 494 -59.78 17.02 -31.44
N ASN A 495 -60.90 17.64 -31.75
CA ASN A 495 -61.56 18.55 -30.81
C ASN A 495 -62.35 17.69 -29.85
N THR A 496 -61.67 16.77 -29.19
CA THR A 496 -62.32 15.87 -28.24
C THR A 496 -61.64 15.93 -26.88
N PRO A 497 -62.36 15.57 -25.82
CA PRO A 497 -61.84 15.57 -24.44
C PRO A 497 -61.06 14.30 -24.19
N ASN A 498 -61.80 13.25 -23.88
CA ASN A 498 -61.21 11.95 -23.59
C ASN A 498 -60.02 11.71 -24.53
N SER A 499 -58.83 11.66 -23.94
CA SER A 499 -57.61 11.46 -24.71
C SER A 499 -57.61 10.06 -25.33
N LEU A 500 -58.06 9.07 -24.57
CA LEU A 500 -58.08 7.72 -25.10
C LEU A 500 -59.00 7.60 -26.30
N GLU A 501 -60.12 8.32 -26.29
CA GLU A 501 -61.05 8.28 -27.40
C GLU A 501 -60.43 9.05 -28.57
N LYS A 502 -59.58 10.04 -28.25
CA LYS A 502 -58.93 10.82 -29.31
C LYS A 502 -58.05 9.91 -30.14
N GLN A 503 -57.80 8.70 -29.64
CA GLN A 503 -56.99 7.74 -30.38
C GLN A 503 -57.98 6.90 -31.17
N LYS A 504 -58.90 6.27 -30.47
CA LYS A 504 -59.89 5.46 -31.13
C LYS A 504 -60.49 6.32 -32.25
N GLY A 505 -60.73 7.59 -31.94
CA GLY A 505 -61.30 8.47 -32.94
C GLY A 505 -60.36 8.60 -34.14
N VAL A 506 -59.06 8.57 -33.88
CA VAL A 506 -58.06 8.70 -34.94
C VAL A 506 -57.84 7.42 -35.74
N THR A 507 -57.50 6.33 -35.05
CA THR A 507 -57.26 5.06 -35.74
C THR A 507 -58.44 4.69 -36.65
N ASN A 508 -59.66 4.83 -36.15
CA ASN A 508 -60.83 4.52 -36.99
C ASN A 508 -60.72 5.37 -38.26
N LEU A 509 -60.16 6.57 -38.15
CA LEU A 509 -60.01 7.43 -39.30
C LEU A 509 -58.96 6.86 -40.21
N LEU A 510 -57.84 6.50 -39.61
CA LEU A 510 -56.72 5.91 -40.33
C LEU A 510 -57.14 4.62 -41.01
N ILE A 511 -58.23 4.04 -40.51
CA ILE A 511 -58.76 2.79 -41.06
C ILE A 511 -59.75 3.14 -42.17
N LYS A 512 -60.70 3.97 -41.80
CA LYS A 512 -61.75 4.47 -42.67
C LYS A 512 -61.21 4.88 -44.03
N TYR A 513 -60.34 5.89 -44.01
CA TYR A 513 -59.75 6.48 -45.20
C TYR A 513 -58.47 5.87 -45.73
N GLY A 514 -57.85 4.97 -45.00
CA GLY A 514 -56.59 4.47 -45.53
C GLY A 514 -56.29 2.99 -45.50
N ILE A 515 -57.09 2.21 -44.79
CA ILE A 515 -56.86 0.77 -44.72
C ILE A 515 -58.04 -0.03 -45.31
N GLU A 516 -59.22 0.55 -45.28
CA GLU A 516 -60.38 -0.15 -45.76
C GLU A 516 -60.38 -0.47 -47.23
N ARG A 517 -60.67 -1.73 -47.48
CA ARG A 517 -60.76 -2.29 -48.81
C ARG A 517 -62.15 -2.90 -49.14
N LYS A 518 -62.97 -2.12 -49.85
CA LYS A 518 -64.31 -2.53 -50.29
C LYS A 518 -64.14 -3.31 -51.58
N PRO A 519 -65.15 -4.10 -51.96
CA PRO A 519 -64.93 -4.82 -53.21
C PRO A 519 -65.50 -3.91 -54.30
N ASP A 520 -65.16 -4.21 -55.55
CA ASP A 520 -65.67 -3.41 -56.64
C ASP A 520 -66.13 -4.27 -57.78
N SER A 521 -67.09 -3.73 -58.53
CA SER A 521 -67.64 -4.40 -59.68
C SER A 521 -66.53 -4.74 -60.69
N THR A 522 -65.87 -3.69 -61.14
CA THR A 522 -64.83 -3.82 -62.14
C THR A 522 -63.36 -4.03 -61.72
N LYS A 523 -62.80 -3.08 -60.99
CA LYS A 523 -61.40 -3.15 -60.61
C LYS A 523 -60.98 -4.12 -59.51
N GLY A 524 -61.67 -5.24 -59.39
CA GLY A 524 -61.36 -6.22 -58.35
C GLY A 524 -61.69 -5.71 -56.95
N THR A 525 -60.97 -6.20 -55.94
CA THR A 525 -61.21 -5.73 -54.57
C THR A 525 -60.08 -4.77 -54.19
N LEU A 526 -60.41 -3.53 -53.85
CA LEU A 526 -59.35 -2.59 -53.48
C LEU A 526 -59.75 -1.41 -52.65
N SER A 527 -58.74 -0.67 -52.22
CA SER A 527 -58.95 0.50 -51.39
C SER A 527 -59.63 1.54 -52.20
N ASN A 528 -59.83 2.71 -51.58
CA ASN A 528 -60.46 3.83 -52.25
C ASN A 528 -59.41 4.71 -52.88
N TRP A 529 -58.35 5.03 -52.13
CA TRP A 529 -57.28 5.84 -52.69
C TRP A 529 -56.61 4.89 -53.68
N GLN A 530 -56.52 3.62 -53.31
CA GLN A 530 -55.91 2.63 -54.18
C GLN A 530 -56.45 2.76 -55.59
N LYS A 531 -57.74 3.04 -55.70
CA LYS A 531 -58.35 3.21 -57.00
C LYS A 531 -57.74 4.43 -57.67
N GLN A 532 -57.99 5.61 -57.12
CA GLN A 532 -57.47 6.82 -57.70
C GLN A 532 -56.05 6.57 -58.15
N MET A 533 -55.20 6.15 -57.23
CA MET A 533 -53.82 5.84 -57.54
C MET A 533 -53.78 4.99 -58.80
N LEU A 534 -54.70 4.05 -58.87
CA LEU A 534 -54.77 3.12 -59.99
C LEU A 534 -55.22 3.75 -61.29
N ASP A 535 -55.88 4.89 -61.22
CA ASP A 535 -56.30 5.55 -62.44
C ASP A 535 -55.12 6.39 -62.89
N ARG A 536 -54.45 7.03 -61.93
CA ARG A 536 -53.30 7.88 -62.18
C ARG A 536 -52.06 7.11 -62.64
N LEU A 537 -52.14 5.78 -62.61
CA LEU A 537 -51.03 4.97 -63.08
C LEU A 537 -51.27 4.77 -64.57
N ASN A 538 -52.54 4.65 -64.97
CA ASN A 538 -52.90 4.48 -66.39
C ASN A 538 -52.85 5.82 -67.12
N GLU A 539 -53.62 6.79 -66.64
CA GLU A 539 -53.62 8.13 -67.25
C GLU A 539 -52.19 8.63 -67.30
N ALA A 540 -51.31 7.93 -66.62
CA ALA A 540 -49.92 8.27 -66.63
C ALA A 540 -49.35 7.57 -67.85
N VAL A 541 -49.56 6.26 -67.98
CA VAL A 541 -49.00 5.55 -69.12
C VAL A 541 -49.78 5.69 -70.40
N LYS A 542 -50.73 6.62 -70.45
CA LYS A 542 -51.49 6.80 -71.68
C LYS A 542 -51.24 8.18 -72.26
N TYR A 543 -50.76 9.10 -71.40
CA TYR A 543 -50.42 10.47 -71.80
C TYR A 543 -48.95 10.40 -72.23
N THR A 544 -48.52 9.18 -72.59
CA THR A 544 -47.17 8.94 -73.05
C THR A 544 -47.28 8.39 -74.46
N GLY A 545 -47.81 7.18 -74.59
CA GLY A 545 -47.96 6.57 -75.91
C GLY A 545 -48.67 5.23 -76.00
N TYR A 546 -49.50 4.90 -75.02
CA TYR A 546 -50.24 3.63 -75.03
C TYR A 546 -51.62 3.82 -75.66
N THR A 547 -52.09 2.80 -76.38
CA THR A 547 -53.38 2.86 -77.05
C THR A 547 -54.19 1.57 -76.85
N GLY A 548 -54.13 1.03 -75.64
CA GLY A 548 -54.85 -0.19 -75.31
C GLY A 548 -55.67 -0.04 -74.05
N GLY A 549 -56.13 1.19 -73.82
CA GLY A 549 -56.94 1.48 -72.64
C GLY A 549 -56.11 1.76 -71.40
N ASP A 550 -56.23 0.87 -70.42
CA ASP A 550 -55.50 0.97 -69.15
C ASP A 550 -54.61 -0.28 -69.08
N VAL A 551 -53.56 -0.24 -68.26
CA VAL A 551 -52.67 -1.40 -68.17
C VAL A 551 -52.63 -2.02 -66.76
N VAL A 552 -53.22 -1.32 -65.80
CA VAL A 552 -53.32 -1.81 -64.43
C VAL A 552 -54.81 -1.96 -64.28
N ASN A 553 -55.29 -3.20 -64.24
CA ASN A 553 -56.71 -3.47 -64.17
C ASN A 553 -57.33 -3.67 -62.82
N HIS A 554 -56.80 -4.62 -62.06
CA HIS A 554 -57.34 -4.93 -60.74
C HIS A 554 -56.58 -4.36 -59.54
N GLY A 555 -56.86 -4.88 -58.37
CA GLY A 555 -56.24 -4.41 -57.16
C GLY A 555 -54.92 -5.05 -56.82
N THR A 556 -54.35 -4.59 -55.70
CA THR A 556 -53.06 -5.05 -55.17
C THR A 556 -53.05 -6.47 -54.62
N GLU A 557 -52.52 -7.40 -55.42
CA GLU A 557 -52.41 -8.82 -55.04
C GLU A 557 -52.41 -9.16 -53.53
N GLN A 558 -52.21 -8.15 -52.68
CA GLN A 558 -52.24 -8.30 -51.22
C GLN A 558 -53.68 -8.40 -50.78
N ASP A 559 -54.58 -8.56 -51.75
CA ASP A 559 -56.01 -8.72 -51.51
C ASP A 559 -56.51 -9.95 -52.21
N ASN A 560 -55.59 -10.63 -52.89
CA ASN A 560 -55.86 -11.88 -53.62
C ASN A 560 -55.89 -12.99 -52.54
N GLU A 561 -56.78 -12.79 -51.58
CA GLU A 561 -57.00 -13.70 -50.48
C GLU A 561 -57.40 -15.01 -51.13
N GLU A 562 -58.26 -14.89 -52.13
CA GLU A 562 -58.72 -16.06 -52.86
C GLU A 562 -57.60 -16.98 -53.29
N PHE A 563 -56.92 -16.63 -54.38
CA PHE A 563 -55.82 -17.44 -54.93
C PHE A 563 -54.46 -16.76 -54.81
N PRO A 564 -54.04 -16.43 -53.58
CA PRO A 564 -52.77 -15.78 -53.36
C PRO A 564 -51.60 -16.57 -53.90
N GLU A 565 -50.60 -15.86 -54.41
CA GLU A 565 -49.42 -16.49 -54.96
C GLU A 565 -48.14 -15.81 -54.50
N LYS A 566 -47.05 -16.60 -54.46
CA LYS A 566 -45.72 -16.17 -54.03
C LYS A 566 -44.69 -16.03 -55.16
N ASP A 567 -44.16 -14.83 -55.34
CA ASP A 567 -43.18 -14.61 -56.39
C ASP A 567 -41.86 -14.16 -55.82
N ASN A 568 -40.82 -14.95 -56.07
CA ASN A 568 -39.48 -14.66 -55.56
C ASN A 568 -39.11 -13.21 -55.83
N GLU A 569 -39.09 -12.84 -57.11
CA GLU A 569 -38.74 -11.49 -57.53
C GLU A 569 -39.89 -10.48 -57.44
N ILE A 570 -39.56 -9.25 -57.08
CA ILE A 570 -40.55 -8.20 -56.95
C ILE A 570 -39.96 -6.86 -57.40
N PHE A 571 -40.58 -6.23 -58.39
CA PHE A 571 -40.12 -4.93 -58.87
C PHE A 571 -40.70 -3.83 -57.97
N ILE A 572 -39.85 -2.89 -57.56
CA ILE A 572 -40.30 -1.81 -56.69
C ILE A 572 -39.82 -0.45 -57.08
N ILE A 573 -40.74 0.40 -57.47
CA ILE A 573 -40.41 1.74 -57.87
C ILE A 573 -40.47 2.63 -56.64
N ASN A 574 -39.34 2.77 -55.97
CA ASN A 574 -39.25 3.60 -54.77
C ASN A 574 -40.02 4.92 -54.86
N PRO A 575 -40.19 5.62 -53.73
CA PRO A 575 -40.91 6.90 -53.71
C PRO A 575 -40.12 8.01 -54.40
N GLU A 576 -39.01 7.64 -55.02
CA GLU A 576 -38.15 8.61 -55.69
C GLU A 576 -37.43 8.08 -56.92
N GLY A 577 -38.12 7.24 -57.69
CA GLY A 577 -37.54 6.69 -58.91
C GLY A 577 -36.76 5.39 -58.81
N GLU A 578 -35.81 5.35 -57.90
CA GLU A 578 -34.98 4.16 -57.73
C GLU A 578 -35.66 2.84 -58.06
N PHE A 579 -35.30 2.23 -59.18
CA PHE A 579 -35.87 0.93 -59.56
C PHE A 579 -35.22 -0.16 -58.71
N ILE A 580 -36.00 -1.17 -58.31
CA ILE A 580 -35.47 -2.25 -57.47
C ILE A 580 -36.23 -3.54 -57.68
N LEU A 581 -35.52 -4.66 -57.57
CA LEU A 581 -36.14 -5.96 -57.74
C LEU A 581 -35.60 -6.92 -56.70
N THR A 582 -36.39 -7.26 -55.71
CA THR A 582 -35.93 -8.19 -54.70
C THR A 582 -35.56 -9.53 -55.36
N LYS A 583 -35.20 -10.52 -54.57
CA LYS A 583 -34.82 -11.84 -55.11
C LYS A 583 -35.45 -12.99 -54.34
N ASN A 584 -35.71 -12.75 -53.07
CA ASN A 584 -36.29 -13.76 -52.20
C ASN A 584 -37.62 -13.29 -51.71
N TRP A 585 -38.47 -14.25 -51.37
CA TRP A 585 -39.79 -13.94 -50.84
C TRP A 585 -39.53 -13.28 -49.49
N GLU A 586 -38.26 -13.32 -49.09
CA GLU A 586 -37.81 -12.75 -47.84
C GLU A 586 -37.25 -11.37 -48.12
N MET A 587 -36.20 -11.33 -48.94
CA MET A 587 -35.56 -10.08 -49.30
C MET A 587 -36.67 -9.09 -49.48
N THR A 588 -37.73 -9.54 -50.15
CA THR A 588 -38.89 -8.71 -50.40
C THR A 588 -39.44 -8.34 -49.03
N GLY A 589 -39.83 -9.37 -48.29
CA GLY A 589 -40.37 -9.18 -46.96
C GLY A 589 -39.45 -8.43 -46.02
N ARG A 590 -38.14 -8.51 -46.28
CA ARG A 590 -37.14 -7.84 -45.46
C ARG A 590 -37.04 -6.40 -45.91
N PHE A 591 -37.00 -6.21 -47.23
CA PHE A 591 -36.91 -4.88 -47.82
C PHE A 591 -38.08 -4.03 -47.34
N ILE A 592 -39.24 -4.66 -47.26
CA ILE A 592 -40.45 -3.93 -46.87
C ILE A 592 -40.42 -3.59 -45.39
N GLU A 593 -39.79 -4.44 -44.59
CA GLU A 593 -39.71 -4.20 -43.16
C GLU A 593 -38.78 -3.02 -42.90
N LYS A 594 -37.68 -3.00 -43.64
CA LYS A 594 -36.68 -1.94 -43.50
C LYS A 594 -37.18 -0.54 -43.87
N ASN A 595 -37.23 -0.29 -45.17
CA ASN A 595 -37.64 1.01 -45.69
C ASN A 595 -39.08 1.19 -46.16
N ILE A 596 -40.01 0.46 -45.55
CA ILE A 596 -41.45 0.60 -45.83
C ILE A 596 -42.16 0.60 -44.48
N THR A 597 -42.41 -0.59 -43.94
CA THR A 597 -43.07 -0.70 -42.66
C THR A 597 -42.44 0.25 -41.65
N GLY A 598 -41.28 -0.15 -41.12
CA GLY A 598 -40.61 0.67 -40.13
C GLY A 598 -40.05 1.96 -40.67
N LYS A 599 -40.74 2.59 -41.61
CA LYS A 599 -40.27 3.85 -42.17
C LYS A 599 -41.35 4.91 -42.50
N ASP A 600 -42.53 4.77 -41.90
CA ASP A 600 -43.63 5.73 -42.07
C ASP A 600 -44.57 5.60 -43.25
N TYR A 601 -44.44 4.52 -44.00
CA TYR A 601 -45.33 4.28 -45.13
C TYR A 601 -46.38 3.26 -44.67
N LEU A 602 -47.61 3.43 -45.10
CA LEU A 602 -48.66 2.54 -44.66
C LEU A 602 -48.81 1.33 -45.52
N TYR A 603 -48.49 0.18 -44.99
CA TYR A 603 -48.59 -1.05 -45.75
C TYR A 603 -49.34 -2.12 -44.96
N TYR A 604 -50.15 -2.91 -45.66
CA TYR A 604 -50.91 -3.99 -45.04
C TYR A 604 -50.64 -5.26 -45.85
N PHE A 605 -50.46 -6.39 -45.17
CA PHE A 605 -50.16 -7.63 -45.89
C PHE A 605 -51.32 -8.61 -46.01
N ASN A 606 -51.29 -9.38 -47.11
CA ASN A 606 -52.37 -10.32 -47.44
C ASN A 606 -53.01 -11.10 -46.35
N ARG A 607 -54.29 -10.83 -46.18
CA ARG A 607 -55.06 -11.48 -45.17
C ARG A 607 -54.80 -12.97 -45.17
N SER A 608 -54.87 -13.58 -46.33
CA SER A 608 -54.67 -15.01 -46.39
C SER A 608 -53.26 -15.49 -46.10
N TYR A 609 -52.35 -14.59 -45.76
CA TYR A 609 -50.98 -15.03 -45.45
C TYR A 609 -50.96 -15.72 -44.08
N ASN A 610 -50.22 -16.82 -43.96
CA ASN A 610 -50.13 -17.58 -42.69
C ASN A 610 -51.31 -18.54 -42.47
N LYS A 611 -52.42 -18.26 -43.15
CA LYS A 611 -53.56 -19.13 -43.08
C LYS A 611 -53.54 -19.96 -44.36
N ILE A 612 -54.51 -20.84 -44.57
CA ILE A 612 -54.53 -21.63 -45.80
C ILE A 612 -55.46 -20.96 -46.79
N ALA A 613 -54.92 -20.63 -47.96
CA ALA A 613 -55.71 -19.96 -48.98
C ALA A 613 -56.68 -20.96 -49.62
N PRO A 614 -57.99 -20.74 -49.48
CA PRO A 614 -59.00 -21.64 -50.05
C PRO A 614 -58.79 -21.88 -51.53
N GLY A 615 -59.05 -20.85 -52.33
CA GLY A 615 -58.89 -20.94 -53.77
C GLY A 615 -57.85 -21.93 -54.25
N ASN A 616 -56.62 -21.79 -53.77
CA ASN A 616 -55.54 -22.68 -54.21
C ASN A 616 -54.91 -23.52 -53.11
N LYS A 617 -55.52 -23.48 -51.92
CA LYS A 617 -55.01 -24.23 -50.76
C LYS A 617 -53.50 -24.09 -50.67
N ALA A 618 -53.06 -22.84 -50.57
CA ALA A 618 -51.65 -22.51 -50.51
C ALA A 618 -51.26 -21.82 -49.22
N TYR A 619 -50.14 -22.29 -48.66
CA TYR A 619 -49.60 -21.76 -47.42
C TYR A 619 -48.46 -20.77 -47.74
N ILE A 620 -48.76 -19.48 -47.56
CA ILE A 620 -47.77 -18.43 -47.82
C ILE A 620 -47.38 -17.72 -46.54
N GLU A 621 -46.13 -17.95 -46.12
CA GLU A 621 -45.50 -17.40 -44.88
C GLU A 621 -45.07 -15.92 -44.91
N TRP A 622 -45.44 -15.17 -43.86
CA TRP A 622 -45.11 -13.74 -43.80
C TRP A 622 -45.03 -13.17 -42.40
N THR A 623 -43.81 -13.00 -41.89
CA THR A 623 -43.58 -12.47 -40.55
C THR A 623 -44.68 -11.54 -40.03
N ASP A 624 -45.39 -11.96 -39.00
CA ASP A 624 -46.45 -11.15 -38.44
C ASP A 624 -46.07 -10.85 -37.01
N PRO A 625 -45.87 -9.59 -36.69
CA PRO A 625 -45.50 -9.24 -35.33
C PRO A 625 -46.46 -9.77 -34.29
N ILE A 626 -47.74 -9.48 -34.43
CA ILE A 626 -48.68 -9.95 -33.43
C ILE A 626 -48.47 -11.42 -33.09
N THR A 627 -48.22 -12.22 -34.09
CA THR A 627 -47.97 -13.64 -33.91
C THR A 627 -46.58 -13.90 -33.28
N LYS A 628 -45.65 -12.99 -33.52
CA LYS A 628 -44.27 -13.06 -33.00
C LYS A 628 -44.29 -13.00 -31.46
N ALA A 629 -45.23 -12.22 -30.93
CA ALA A 629 -45.35 -12.07 -29.49
C ALA A 629 -46.65 -12.66 -28.97
N LYS A 630 -46.91 -13.89 -29.37
CA LYS A 630 -48.09 -14.58 -28.89
C LYS A 630 -47.54 -15.41 -27.72
N ILE A 631 -46.45 -16.10 -28.00
CA ILE A 631 -45.77 -16.92 -27.03
C ILE A 631 -45.89 -16.39 -25.62
N ASN A 632 -45.87 -15.07 -25.46
CA ASN A 632 -45.94 -14.45 -24.14
C ASN A 632 -47.23 -13.74 -23.85
N THR A 633 -48.36 -14.21 -24.34
CA THR A 633 -49.57 -13.45 -24.02
C THR A 633 -50.69 -14.31 -23.48
N ILE A 634 -51.25 -13.93 -22.35
CA ILE A 634 -52.36 -14.71 -21.84
C ILE A 634 -53.47 -14.59 -22.92
N PRO A 635 -53.99 -15.72 -23.41
CA PRO A 635 -55.03 -15.70 -24.42
C PRO A 635 -56.33 -15.15 -23.88
N THR A 636 -57.21 -14.74 -24.78
CA THR A 636 -58.53 -14.17 -24.44
C THR A 636 -59.58 -15.23 -24.06
N SER A 637 -60.71 -14.76 -23.55
CA SER A 637 -61.81 -15.65 -23.22
C SER A 637 -62.14 -16.34 -24.51
N ALA A 638 -62.51 -15.52 -25.50
CA ALA A 638 -62.90 -15.96 -26.82
C ALA A 638 -61.84 -16.70 -27.62
N GLU A 639 -60.58 -16.30 -27.49
CA GLU A 639 -59.50 -16.95 -28.22
C GLU A 639 -59.33 -18.37 -27.69
N PHE A 640 -59.84 -18.59 -26.48
CA PHE A 640 -59.78 -19.88 -25.82
C PHE A 640 -60.98 -20.65 -26.27
N ILE A 641 -62.17 -20.21 -25.86
CA ILE A 641 -63.39 -20.86 -26.30
C ILE A 641 -63.23 -21.19 -27.77
N LYS A 642 -62.68 -20.24 -28.52
CA LYS A 642 -62.44 -20.43 -29.96
C LYS A 642 -61.66 -21.72 -30.20
N ASN A 643 -60.40 -21.75 -29.78
CA ASN A 643 -59.54 -22.94 -29.94
C ASN A 643 -60.22 -24.28 -29.61
N LEU A 644 -61.07 -24.33 -28.59
CA LEU A 644 -61.75 -25.58 -28.27
C LEU A 644 -62.61 -25.85 -29.49
N SER A 645 -63.55 -24.93 -29.71
CA SER A 645 -64.45 -25.00 -30.85
C SER A 645 -63.75 -25.64 -32.05
N SER A 646 -62.49 -25.26 -32.28
CA SER A 646 -61.73 -25.80 -33.40
C SER A 646 -61.41 -27.28 -33.29
N ILE A 647 -60.90 -27.72 -32.14
CA ILE A 647 -60.56 -29.15 -31.99
C ILE A 647 -61.82 -30.00 -31.82
N ARG A 648 -62.90 -29.38 -31.42
CA ARG A 648 -64.13 -30.13 -31.33
C ARG A 648 -64.38 -30.59 -32.73
N ARG A 649 -64.47 -29.64 -33.63
CA ARG A 649 -64.80 -30.06 -34.95
C ARG A 649 -63.84 -31.07 -35.52
N SER A 650 -62.72 -31.40 -34.88
CA SER A 650 -61.86 -32.35 -35.61
C SER A 650 -61.92 -33.74 -34.98
N SER A 651 -61.09 -34.02 -33.98
CA SER A 651 -61.37 -35.25 -33.27
C SER A 651 -62.78 -34.79 -32.83
N ASN A 652 -63.82 -35.52 -33.23
CA ASN A 652 -65.18 -35.15 -32.87
C ASN A 652 -65.50 -35.39 -31.38
N VAL A 653 -64.61 -34.92 -30.51
CA VAL A 653 -64.77 -35.05 -29.06
C VAL A 653 -64.41 -33.70 -28.41
N GLY A 654 -65.40 -33.09 -27.75
CA GLY A 654 -65.19 -31.81 -27.08
C GLY A 654 -64.49 -31.96 -25.75
N VAL A 655 -64.13 -30.84 -25.13
CA VAL A 655 -63.45 -30.89 -23.85
C VAL A 655 -64.38 -31.61 -22.91
N TYR A 656 -65.67 -31.40 -23.10
CA TYR A 656 -66.65 -32.04 -22.24
C TYR A 656 -67.77 -32.64 -23.08
N LYS A 657 -68.18 -33.85 -22.76
CA LYS A 657 -69.25 -34.48 -23.52
C LYS A 657 -70.58 -34.23 -22.83
N ASP A 658 -71.66 -34.44 -23.58
CA ASP A 658 -73.02 -34.27 -23.11
C ASP A 658 -73.47 -35.56 -22.43
N SER A 659 -73.27 -35.65 -21.11
CA SER A 659 -73.64 -36.85 -20.36
C SER A 659 -74.03 -36.54 -18.93
N GLY A 660 -74.02 -37.57 -18.10
CA GLY A 660 -74.37 -37.39 -16.70
C GLY A 660 -73.19 -37.52 -15.77
N ASP A 661 -72.08 -38.06 -16.26
CA ASP A 661 -70.91 -38.23 -15.41
C ASP A 661 -70.63 -36.93 -14.64
N LYS A 662 -70.94 -36.90 -13.35
CA LYS A 662 -70.66 -35.68 -12.60
C LYS A 662 -69.17 -35.45 -12.65
N ASP A 663 -68.49 -36.28 -13.42
CA ASP A 663 -67.05 -36.18 -13.62
C ASP A 663 -66.86 -35.26 -14.83
N GLU A 664 -67.69 -35.46 -15.84
CA GLU A 664 -67.65 -34.70 -17.08
C GLU A 664 -68.05 -33.27 -16.75
N PHE A 665 -69.29 -33.09 -16.30
CA PHE A 665 -69.76 -31.76 -15.95
C PHE A 665 -68.70 -31.09 -15.09
N ALA A 666 -67.99 -31.86 -14.29
CA ALA A 666 -66.93 -31.29 -13.46
C ALA A 666 -65.99 -30.51 -14.40
N LYS A 667 -65.54 -31.20 -15.44
CA LYS A 667 -64.68 -30.60 -16.45
C LYS A 667 -65.40 -29.45 -17.12
N LYS A 668 -66.61 -29.65 -17.61
CA LYS A 668 -67.29 -28.54 -18.24
C LYS A 668 -67.23 -27.31 -17.32
N GLU A 669 -67.85 -27.39 -16.15
CA GLU A 669 -67.85 -26.25 -15.22
C GLU A 669 -66.46 -25.66 -15.13
N SER A 670 -65.46 -26.53 -15.12
CA SER A 670 -64.08 -26.11 -15.01
C SER A 670 -63.56 -25.16 -16.09
N VAL A 671 -63.92 -25.39 -17.35
CA VAL A 671 -63.46 -24.49 -18.40
C VAL A 671 -64.18 -23.19 -18.16
N LYS A 672 -65.47 -23.29 -17.89
CA LYS A 672 -66.27 -22.10 -17.62
C LYS A 672 -65.53 -21.18 -16.64
N LYS A 673 -64.59 -21.77 -15.92
CA LYS A 673 -63.82 -20.99 -14.98
C LYS A 673 -62.58 -20.43 -15.70
N ILE A 674 -61.87 -21.26 -16.46
CA ILE A 674 -60.71 -20.74 -17.17
C ILE A 674 -61.21 -19.68 -18.15
N ALA A 675 -62.45 -19.83 -18.58
CA ALA A 675 -63.07 -18.90 -19.51
C ALA A 675 -63.54 -17.63 -18.80
N GLY A 676 -63.17 -17.53 -17.54
CA GLY A 676 -63.51 -16.37 -16.74
C GLY A 676 -62.18 -15.76 -16.40
N TYR A 677 -61.36 -16.51 -15.67
CA TYR A 677 -60.04 -16.06 -15.28
C TYR A 677 -59.39 -15.37 -16.45
N LEU A 678 -59.47 -15.94 -17.64
CA LEU A 678 -58.88 -15.28 -18.77
C LEU A 678 -59.67 -14.01 -19.05
N SER A 679 -60.99 -14.11 -19.15
CA SER A 679 -61.76 -12.92 -19.39
C SER A 679 -61.47 -11.87 -18.35
N ASP A 680 -61.36 -12.33 -17.12
CA ASP A 680 -61.13 -11.44 -15.98
C ASP A 680 -59.78 -10.71 -16.06
N TYR A 681 -58.85 -11.30 -16.80
CA TYR A 681 -57.51 -10.72 -16.98
C TYR A 681 -57.62 -9.38 -17.67
N TYR A 682 -58.18 -9.44 -18.88
CA TYR A 682 -58.38 -8.27 -19.70
C TYR A 682 -59.60 -7.52 -19.28
N ASN A 683 -59.60 -6.96 -18.07
CA ASN A 683 -60.77 -6.21 -17.62
C ASN A 683 -60.54 -4.75 -17.90
N SER A 684 -61.44 -4.17 -18.68
CA SER A 684 -61.34 -2.77 -19.08
C SER A 684 -61.26 -1.77 -17.92
N ALA A 685 -61.79 -2.15 -16.75
CA ALA A 685 -61.77 -1.26 -15.60
C ALA A 685 -60.46 -1.37 -14.86
N ASN A 686 -59.49 -2.04 -15.47
CA ASN A 686 -58.18 -2.19 -14.84
C ASN A 686 -57.41 -0.88 -14.77
N HIS A 687 -57.90 0.15 -15.45
CA HIS A 687 -57.20 1.44 -15.46
C HIS A 687 -57.20 2.18 -14.13
N ILE A 688 -58.34 2.20 -13.44
CA ILE A 688 -58.46 2.89 -12.15
C ILE A 688 -57.50 2.32 -11.12
N PHE A 689 -56.41 1.73 -11.61
CA PHE A 689 -55.40 1.18 -10.75
C PHE A 689 -54.09 1.83 -11.16
N SER A 690 -52.96 1.35 -10.65
CA SER A 690 -51.67 1.94 -11.00
C SER A 690 -50.58 0.93 -11.36
N GLN A 691 -50.00 1.09 -12.54
CA GLN A 691 -48.95 0.21 -13.06
C GLN A 691 -48.50 -0.94 -12.17
N GLU A 692 -47.69 -0.67 -11.14
CA GLU A 692 -47.22 -1.74 -10.26
C GLU A 692 -48.37 -2.66 -9.90
N LYS A 693 -49.54 -2.06 -9.68
CA LYS A 693 -50.77 -2.78 -9.35
C LYS A 693 -51.17 -3.65 -10.52
N LYS A 694 -51.59 -2.98 -11.59
CA LYS A 694 -52.03 -3.66 -12.79
C LYS A 694 -51.24 -4.96 -12.95
N ARG A 695 -49.92 -4.86 -13.04
CA ARG A 695 -49.11 -6.06 -13.22
C ARG A 695 -49.52 -7.16 -12.24
N LYS A 696 -49.29 -6.89 -10.97
CA LYS A 696 -49.60 -7.84 -9.92
C LYS A 696 -51.01 -8.39 -10.08
N ILE A 697 -52.00 -7.59 -9.69
CA ILE A 697 -53.41 -7.97 -9.79
C ILE A 697 -53.72 -8.91 -10.96
N SER A 698 -52.94 -8.81 -12.02
CA SER A 698 -53.10 -9.65 -13.21
C SER A 698 -52.20 -10.87 -13.09
N ILE A 699 -50.97 -10.66 -12.67
CA ILE A 699 -50.05 -11.77 -12.49
C ILE A 699 -50.83 -12.84 -11.72
N PHE A 700 -51.84 -12.39 -10.97
CA PHE A 700 -52.65 -13.31 -10.20
C PHE A 700 -53.74 -13.88 -11.07
N ARG A 701 -54.59 -13.01 -11.61
CA ARG A 701 -55.67 -13.46 -12.49
C ARG A 701 -55.04 -14.51 -13.38
N GLY A 702 -53.82 -14.22 -13.80
CA GLY A 702 -53.07 -15.13 -14.66
C GLY A 702 -52.88 -16.45 -13.94
N ILE A 703 -52.18 -16.41 -12.81
CA ILE A 703 -51.93 -17.61 -11.99
C ILE A 703 -53.24 -18.35 -11.76
N GLN A 704 -54.21 -17.61 -11.23
CA GLN A 704 -55.53 -18.14 -11.00
C GLN A 704 -55.94 -19.07 -12.14
N ALA A 705 -55.60 -18.67 -13.36
CA ALA A 705 -55.96 -19.45 -14.50
C ALA A 705 -55.00 -20.60 -14.71
N TYR A 706 -53.70 -20.32 -14.67
CA TYR A 706 -52.71 -21.37 -14.88
C TYR A 706 -53.01 -22.53 -13.96
N ASN A 707 -53.67 -22.21 -12.87
CA ASN A 707 -54.04 -23.20 -11.89
C ASN A 707 -55.15 -24.08 -12.45
N GLU A 708 -56.37 -23.53 -12.51
CA GLU A 708 -57.53 -24.26 -13.01
C GLU A 708 -57.20 -25.05 -14.25
N ILE A 709 -56.14 -24.67 -14.94
CA ILE A 709 -55.74 -25.43 -16.11
C ILE A 709 -55.07 -26.68 -15.54
N GLU A 710 -53.94 -26.48 -14.87
CA GLU A 710 -53.18 -27.58 -14.25
C GLU A 710 -54.18 -28.50 -13.58
N ASN A 711 -55.30 -27.92 -13.16
CA ASN A 711 -56.36 -28.66 -12.49
C ASN A 711 -56.94 -29.74 -13.39
N VAL A 712 -57.51 -29.34 -14.53
CA VAL A 712 -58.11 -30.28 -15.48
C VAL A 712 -57.08 -31.19 -16.13
N LEU A 713 -55.89 -30.65 -16.40
CA LEU A 713 -54.82 -31.41 -17.03
C LEU A 713 -54.49 -32.65 -16.20
N LYS A 714 -55.07 -32.71 -15.00
CA LYS A 714 -54.88 -33.83 -14.08
C LYS A 714 -56.16 -34.68 -13.92
N SER A 715 -57.31 -34.07 -14.19
CA SER A 715 -58.59 -34.76 -14.05
C SER A 715 -58.74 -36.02 -14.93
N LYS A 716 -59.99 -36.29 -15.30
CA LYS A 716 -60.33 -37.48 -16.10
C LYS A 716 -59.63 -37.56 -17.44
N GLN A 717 -60.28 -38.29 -18.36
CA GLN A 717 -59.74 -38.50 -19.69
C GLN A 717 -60.17 -37.51 -20.76
N ILE A 718 -59.44 -36.40 -20.83
CA ILE A 718 -59.67 -35.38 -21.85
C ILE A 718 -58.73 -35.81 -22.95
N ALA A 719 -59.27 -36.14 -24.11
CA ALA A 719 -58.46 -36.61 -25.23
C ALA A 719 -57.11 -35.91 -25.35
N PRO A 720 -56.04 -36.68 -25.61
CA PRO A 720 -54.66 -36.17 -25.75
C PRO A 720 -54.50 -35.03 -26.78
N GLU A 721 -55.59 -34.67 -27.43
CA GLU A 721 -55.59 -33.59 -28.40
C GLU A 721 -55.72 -32.30 -27.58
N TYR A 722 -56.63 -32.33 -26.59
CA TYR A 722 -56.84 -31.18 -25.71
C TYR A 722 -55.77 -31.15 -24.65
N LYS A 723 -55.22 -32.31 -24.34
CA LYS A 723 -54.15 -32.37 -23.36
C LYS A 723 -53.15 -31.28 -23.74
N ASN A 724 -52.59 -31.43 -24.95
CA ASN A 724 -51.57 -30.52 -25.53
C ASN A 724 -51.98 -29.06 -25.55
N TYR A 725 -53.12 -28.75 -26.13
CA TYR A 725 -53.58 -27.35 -26.18
C TYR A 725 -53.33 -26.73 -24.82
N PHE A 726 -53.92 -27.35 -23.80
CA PHE A 726 -53.76 -26.88 -22.43
C PHE A 726 -52.28 -26.86 -22.11
N GLN A 727 -51.57 -27.90 -22.52
CA GLN A 727 -50.14 -27.95 -22.26
C GLN A 727 -49.53 -26.65 -22.79
N TYR A 728 -50.03 -26.20 -23.94
CA TYR A 728 -49.55 -25.00 -24.60
C TYR A 728 -50.02 -23.76 -23.87
N LEU A 729 -51.31 -23.71 -23.55
CA LEU A 729 -51.86 -22.57 -22.83
C LEU A 729 -51.09 -22.30 -21.55
N LYS A 730 -50.47 -23.33 -21.00
CA LYS A 730 -49.70 -23.12 -19.79
C LYS A 730 -48.52 -22.20 -20.11
N GLU A 731 -47.59 -22.72 -20.91
CA GLU A 731 -46.42 -21.96 -21.30
C GLU A 731 -46.78 -20.49 -21.51
N ARG A 732 -47.90 -20.25 -22.21
CA ARG A 732 -48.33 -18.87 -22.41
C ARG A 732 -48.35 -18.25 -21.02
N ILE A 733 -49.45 -18.46 -20.30
CA ILE A 733 -49.65 -17.94 -18.94
C ILE A 733 -48.31 -17.75 -18.29
N THR A 734 -47.52 -18.81 -18.28
CA THR A 734 -46.20 -18.75 -17.70
C THR A 734 -45.43 -17.58 -18.29
N ASN A 735 -44.94 -17.74 -19.51
CA ASN A 735 -44.19 -16.68 -20.15
C ASN A 735 -44.82 -15.35 -19.84
N GLN A 736 -46.14 -15.29 -19.98
CA GLN A 736 -46.89 -14.07 -19.74
C GLN A 736 -46.70 -13.52 -18.35
N VAL A 737 -46.55 -14.40 -17.36
CA VAL A 737 -46.35 -13.94 -15.99
C VAL A 737 -44.88 -13.65 -15.75
N GLN A 738 -44.01 -14.49 -16.26
CA GLN A 738 -42.59 -14.24 -16.06
C GLN A 738 -42.33 -12.81 -16.48
N LEU A 739 -43.09 -12.35 -17.46
CA LEU A 739 -42.97 -10.98 -17.99
C LEU A 739 -43.45 -9.93 -17.01
N LEU A 740 -44.75 -9.88 -16.77
CA LEU A 740 -45.28 -8.91 -15.83
C LEU A 740 -44.36 -8.79 -14.62
N LEU A 741 -43.69 -9.89 -14.28
CA LEU A 741 -42.78 -9.93 -13.16
C LEU A 741 -41.47 -9.25 -13.49
N THR A 742 -40.77 -9.70 -14.53
CA THR A 742 -39.50 -9.06 -14.88
C THR A 742 -39.74 -7.68 -15.36
N HIS A 743 -40.83 -7.14 -14.89
CA HIS A 743 -40.98 -5.81 -15.16
C HIS A 743 -40.82 -5.15 -13.81
N GLN A 744 -41.16 -5.77 -12.69
CA GLN A 744 -41.04 -4.91 -11.52
C GLN A 744 -39.92 -5.21 -10.48
N LYS A 745 -40.13 -6.25 -9.68
CA LYS A 745 -39.15 -6.76 -8.69
C LYS A 745 -38.83 -8.19 -9.17
N SER A 746 -37.85 -8.28 -10.06
CA SER A 746 -37.50 -9.56 -10.68
C SER A 746 -36.36 -10.37 -10.08
N ASN A 747 -36.71 -11.61 -9.71
CA ASN A 747 -35.77 -12.58 -9.14
C ASN A 747 -36.61 -13.83 -8.97
N ILE A 748 -37.88 -13.63 -8.58
CA ILE A 748 -38.80 -14.73 -8.36
C ILE A 748 -39.20 -15.34 -9.69
N GLU A 749 -39.03 -16.65 -9.80
CA GLU A 749 -39.38 -17.38 -11.00
C GLU A 749 -40.78 -17.92 -10.83
N PHE A 750 -41.57 -17.92 -11.90
CA PHE A 750 -42.92 -18.42 -11.85
C PHE A 750 -42.96 -19.72 -11.06
N LYS A 751 -42.47 -20.79 -11.68
CA LYS A 751 -42.42 -22.13 -11.07
C LYS A 751 -42.38 -22.10 -9.54
N LEU A 752 -41.36 -21.43 -9.01
CA LEU A 752 -41.21 -21.29 -7.57
C LEU A 752 -42.41 -20.58 -6.97
N LEU A 753 -42.58 -19.30 -7.32
CA LEU A 753 -43.69 -18.50 -6.82
C LEU A 753 -44.93 -19.38 -6.77
N TYR A 754 -45.07 -20.25 -7.75
CA TYR A 754 -46.24 -21.11 -7.77
C TYR A 754 -46.29 -21.92 -6.49
N LYS A 755 -45.49 -22.97 -6.43
CA LYS A 755 -45.43 -23.83 -5.24
C LYS A 755 -46.06 -23.16 -4.01
N GLN A 756 -45.50 -22.00 -3.67
CA GLN A 756 -45.90 -21.19 -2.53
C GLN A 756 -47.37 -20.78 -2.37
N LEU A 757 -48.26 -21.26 -3.24
CA LEU A 757 -49.66 -20.88 -3.12
C LEU A 757 -50.59 -21.96 -2.55
N ASN A 758 -51.51 -21.51 -1.71
CA ASN A 758 -52.49 -22.38 -1.07
C ASN A 758 -53.80 -22.34 -1.87
N PHE A 759 -53.87 -23.12 -2.94
CA PHE A 759 -55.08 -23.14 -3.78
C PHE A 759 -56.07 -24.22 -3.31
N THR A 760 -56.03 -24.49 -2.01
CA THR A 760 -56.90 -25.47 -1.38
C THR A 760 -58.35 -24.98 -1.32
N GLU A 761 -58.87 -24.70 -0.12
CA GLU A 761 -60.26 -24.24 -0.01
C GLU A 761 -60.47 -22.72 -0.03
N ASN A 762 -59.65 -21.97 0.69
CA ASN A 762 -59.80 -20.51 0.71
C ASN A 762 -58.84 -19.84 -0.27
N GLU A 763 -59.31 -18.74 -0.87
CA GLU A 763 -58.55 -17.96 -1.85
C GLU A 763 -58.31 -16.53 -1.35
N THR A 764 -58.84 -16.24 -0.16
CA THR A 764 -58.75 -14.91 0.47
C THR A 764 -57.35 -14.39 0.83
N ASP A 765 -56.72 -14.96 1.85
CA ASP A 765 -55.40 -14.50 2.25
C ASP A 765 -54.34 -14.83 1.19
N ASN A 766 -54.64 -15.82 0.35
CA ASN A 766 -53.76 -16.23 -0.72
C ASN A 766 -53.08 -15.01 -1.32
N PHE A 767 -53.88 -14.16 -1.95
CA PHE A 767 -53.37 -12.95 -2.58
C PHE A 767 -52.57 -12.12 -1.59
N GLU A 768 -53.13 -11.92 -0.39
CA GLU A 768 -52.45 -11.14 0.62
C GLU A 768 -51.00 -11.66 0.70
N VAL A 769 -50.86 -12.99 0.66
CA VAL A 769 -49.55 -13.62 0.72
C VAL A 769 -48.75 -13.13 -0.47
N PHE A 770 -49.24 -13.49 -1.65
CA PHE A 770 -48.64 -13.12 -2.92
C PHE A 770 -47.93 -11.78 -2.83
N GLN A 771 -48.61 -10.79 -2.25
CA GLN A 771 -48.01 -9.46 -2.10
C GLN A 771 -46.58 -9.61 -1.62
N LYS A 772 -46.43 -9.82 -0.32
CA LYS A 772 -45.13 -9.97 0.30
C LYS A 772 -44.22 -10.90 -0.48
N ILE A 773 -44.81 -11.90 -1.12
CA ILE A 773 -44.03 -12.87 -1.89
C ILE A 773 -43.17 -12.14 -2.93
N ILE A 774 -43.50 -10.88 -3.19
CA ILE A 774 -42.76 -10.08 -4.17
C ILE A 774 -42.09 -8.80 -3.62
N ASP A 775 -41.75 -8.81 -2.34
CA ASP A 775 -41.12 -7.64 -1.72
C ASP A 775 -39.72 -7.93 -1.16
N ASN B 41 -20.53 -82.50 -17.13
CA ASN B 41 -19.17 -82.37 -17.77
C ASN B 41 -18.03 -82.73 -16.82
N ASN B 42 -17.77 -84.02 -16.61
CA ASN B 42 -16.66 -84.41 -15.72
C ASN B 42 -15.36 -84.13 -16.50
N LEU B 43 -14.53 -83.21 -16.00
CA LEU B 43 -13.32 -82.83 -16.71
C LEU B 43 -12.14 -83.75 -16.64
N VAL B 44 -12.00 -84.49 -15.54
CA VAL B 44 -10.88 -85.39 -15.41
C VAL B 44 -11.27 -86.85 -15.38
N LYS B 45 -11.06 -87.52 -16.49
CA LYS B 45 -11.39 -88.91 -16.56
C LYS B 45 -10.15 -89.73 -16.26
N THR B 46 -10.22 -90.51 -15.19
CA THR B 46 -9.13 -91.39 -14.77
C THR B 46 -9.39 -92.76 -15.41
N GLU B 47 -8.54 -93.11 -16.36
CA GLU B 47 -8.69 -94.36 -17.08
C GLU B 47 -8.56 -95.59 -16.20
N PHE B 48 -7.32 -95.97 -15.96
CA PHE B 48 -7.05 -97.17 -15.16
C PHE B 48 -6.79 -96.81 -13.69
N THR B 49 -7.53 -97.45 -12.79
CA THR B 49 -7.35 -97.26 -11.33
C THR B 49 -6.45 -98.42 -10.86
N ASN B 50 -5.82 -99.06 -11.84
CA ASN B 50 -4.90 -100.18 -11.66
C ASN B 50 -4.04 -99.93 -10.43
N GLU B 51 -2.99 -99.11 -10.60
CA GLU B 51 -2.11 -98.79 -9.51
C GLU B 51 -2.93 -98.29 -8.36
N THR B 52 -2.48 -98.58 -7.15
CA THR B 52 -3.16 -98.15 -5.95
C THR B 52 -3.04 -96.63 -5.90
N LEU B 53 -2.68 -96.11 -4.74
CA LEU B 53 -2.50 -94.68 -4.58
C LEU B 53 -1.55 -94.27 -5.68
N ASP B 54 -0.31 -94.03 -5.26
CA ASP B 54 0.79 -93.63 -6.12
C ASP B 54 0.42 -93.17 -7.53
N LYS B 55 -0.33 -93.98 -8.28
CA LYS B 55 -0.76 -93.49 -9.58
C LYS B 55 -1.65 -92.32 -9.19
N ILE B 56 -2.77 -92.65 -8.53
CA ILE B 56 -3.71 -91.64 -8.08
C ILE B 56 -2.95 -90.55 -7.33
N GLN B 57 -2.41 -90.89 -6.16
CA GLN B 57 -1.67 -89.94 -5.34
C GLN B 57 -0.48 -89.32 -6.07
N GLN B 58 -0.58 -89.25 -7.40
CA GLN B 58 0.43 -88.65 -8.25
C GLN B 58 -0.30 -87.80 -9.29
N THR B 59 -1.49 -88.25 -9.68
CA THR B 59 -2.29 -87.48 -10.61
C THR B 59 -2.84 -86.32 -9.79
N GLN B 60 -3.49 -86.63 -8.66
CA GLN B 60 -4.00 -85.57 -7.81
C GLN B 60 -2.86 -84.59 -7.57
N ASP B 61 -1.78 -85.06 -6.96
CA ASP B 61 -0.62 -84.23 -6.69
C ASP B 61 -0.29 -83.31 -7.87
N LEU B 62 -0.79 -83.67 -9.05
CA LEU B 62 -0.53 -82.90 -10.25
C LEU B 62 -1.61 -81.85 -10.46
N LEU B 63 -2.85 -82.26 -10.23
CA LEU B 63 -4.01 -81.39 -10.42
C LEU B 63 -4.21 -80.33 -9.36
N LYS B 64 -3.78 -80.61 -8.13
CA LYS B 64 -3.96 -79.63 -7.07
C LYS B 64 -2.92 -78.53 -7.32
N LYS B 65 -1.96 -78.84 -8.19
CA LYS B 65 -0.90 -77.91 -8.54
C LYS B 65 -1.41 -76.91 -9.55
N ILE B 66 -2.09 -77.40 -10.58
CA ILE B 66 -2.64 -76.51 -11.61
C ILE B 66 -3.82 -75.74 -11.00
N PRO B 67 -3.94 -74.44 -11.31
CA PRO B 67 -5.01 -73.56 -10.80
C PRO B 67 -6.45 -74.00 -11.05
N LYS B 68 -7.19 -74.17 -9.96
CA LYS B 68 -8.60 -74.61 -10.03
C LYS B 68 -9.41 -73.95 -11.13
N ASP B 69 -8.90 -72.85 -11.67
CA ASP B 69 -9.63 -72.17 -12.72
C ASP B 69 -8.98 -72.31 -14.07
N VAL B 70 -7.71 -72.70 -14.12
CA VAL B 70 -7.10 -72.88 -15.43
C VAL B 70 -7.90 -74.04 -15.98
N LEU B 71 -8.40 -74.86 -15.06
CA LEU B 71 -9.22 -76.01 -15.43
C LEU B 71 -10.56 -75.50 -15.95
N GLU B 72 -11.24 -74.70 -15.14
CA GLU B 72 -12.52 -74.16 -15.56
C GLU B 72 -12.43 -73.46 -16.91
N ILE B 73 -11.23 -73.04 -17.33
CA ILE B 73 -11.04 -72.41 -18.64
C ILE B 73 -11.03 -73.57 -19.61
N TYR B 74 -10.56 -74.69 -19.09
CA TYR B 74 -10.47 -75.91 -19.84
C TYR B 74 -11.82 -76.62 -19.89
N SER B 75 -12.36 -76.95 -18.72
CA SER B 75 -13.64 -77.64 -18.67
C SER B 75 -14.73 -76.74 -19.23
N GLU B 76 -14.33 -75.67 -19.89
CA GLU B 76 -15.28 -74.74 -20.48
C GLU B 76 -15.13 -74.82 -21.98
N LEU B 77 -13.90 -74.85 -22.46
CA LEU B 77 -13.69 -74.97 -23.89
C LEU B 77 -14.15 -76.36 -24.32
N GLY B 78 -14.84 -77.06 -23.43
CA GLY B 78 -15.33 -78.39 -23.75
C GLY B 78 -14.29 -79.48 -23.58
N GLY B 79 -13.11 -79.10 -23.08
CA GLY B 79 -12.03 -80.05 -22.89
C GLY B 79 -12.26 -81.07 -21.80
N GLU B 80 -11.40 -82.08 -21.78
CA GLU B 80 -11.46 -83.16 -20.81
C GLU B 80 -10.00 -83.58 -20.67
N ILE B 81 -9.59 -84.08 -19.52
CA ILE B 81 -8.19 -84.49 -19.39
C ILE B 81 -8.14 -85.98 -19.16
N TYR B 82 -7.31 -86.68 -19.92
CA TYR B 82 -7.25 -88.12 -19.77
C TYR B 82 -6.00 -88.64 -19.08
N PHE B 83 -6.21 -89.32 -17.96
CA PHE B 83 -5.12 -89.92 -17.21
C PHE B 83 -5.31 -91.41 -17.36
N THR B 84 -4.41 -92.05 -18.11
CA THR B 84 -4.51 -93.48 -18.34
C THR B 84 -3.32 -94.25 -17.77
N ASP B 85 -3.35 -95.57 -17.98
CA ASP B 85 -2.29 -96.43 -17.50
C ASP B 85 -1.06 -96.26 -18.39
N ILE B 86 -0.62 -97.33 -19.04
CA ILE B 86 0.59 -97.29 -19.87
C ILE B 86 0.31 -97.23 -21.38
N ASP B 87 -0.82 -96.65 -21.76
CA ASP B 87 -1.18 -96.55 -23.17
C ASP B 87 -0.10 -95.81 -23.96
N LEU B 88 0.72 -95.04 -23.24
CA LEU B 88 1.78 -94.27 -23.85
C LEU B 88 1.56 -93.89 -25.32
N VAL B 89 1.98 -94.79 -26.21
CA VAL B 89 1.92 -94.61 -27.65
C VAL B 89 0.50 -94.42 -28.18
N GLU B 90 0.35 -94.55 -29.50
CA GLU B 90 -0.93 -94.39 -30.17
C GLU B 90 -1.99 -95.33 -29.59
N HIS B 91 -1.63 -95.97 -28.48
CA HIS B 91 -2.51 -96.92 -27.83
C HIS B 91 -3.77 -96.35 -27.18
N LYS B 92 -3.81 -95.04 -26.96
CA LYS B 92 -4.99 -94.45 -26.32
C LYS B 92 -6.23 -94.47 -27.19
N GLU B 93 -7.37 -94.76 -26.56
CA GLU B 93 -8.64 -94.83 -27.23
C GLU B 93 -9.07 -93.48 -27.76
N LEU B 94 -8.10 -92.63 -28.06
CA LEU B 94 -8.37 -91.28 -28.57
C LEU B 94 -7.13 -90.67 -29.26
N GLN B 95 -6.05 -91.43 -29.33
CA GLN B 95 -4.82 -90.96 -29.95
C GLN B 95 -4.65 -91.34 -31.42
N ASP B 96 -5.70 -91.91 -32.00
CA ASP B 96 -5.67 -92.33 -33.40
C ASP B 96 -5.90 -91.20 -34.39
N LEU B 97 -5.28 -91.31 -35.56
CA LEU B 97 -5.38 -90.33 -36.64
C LEU B 97 -6.70 -89.54 -36.60
N SER B 98 -6.58 -88.23 -36.40
CA SER B 98 -7.73 -87.33 -36.34
C SER B 98 -7.27 -85.93 -36.80
N GLU B 99 -6.29 -85.40 -36.07
CA GLU B 99 -5.65 -84.10 -36.29
C GLU B 99 -4.37 -84.18 -35.45
N GLU B 100 -3.40 -84.97 -35.93
CA GLU B 100 -2.15 -85.21 -35.20
C GLU B 100 -0.96 -84.26 -35.38
N GLU B 101 -0.02 -84.63 -36.25
CA GLU B 101 1.19 -83.84 -36.49
C GLU B 101 1.37 -83.43 -37.94
N LYS B 102 1.18 -82.14 -38.22
CA LYS B 102 1.32 -81.61 -39.57
C LYS B 102 2.64 -80.83 -39.73
N ASN B 103 2.89 -79.88 -38.83
CA ASN B 103 4.10 -79.08 -38.85
C ASN B 103 4.77 -79.11 -37.45
N SER B 104 5.99 -79.64 -37.38
CA SER B 104 6.72 -79.75 -36.12
C SER B 104 7.19 -78.43 -35.50
N MET B 105 6.98 -78.33 -34.19
CA MET B 105 7.34 -77.18 -33.37
C MET B 105 6.87 -77.52 -31.95
N ASN B 106 7.06 -78.80 -31.59
CA ASN B 106 6.65 -79.39 -30.31
C ASN B 106 7.31 -78.91 -29.01
N SER B 107 7.61 -79.88 -28.13
CA SER B 107 8.22 -79.65 -26.82
C SER B 107 8.97 -78.33 -26.70
N ARG B 108 8.73 -77.61 -25.59
CA ARG B 108 9.34 -76.31 -25.28
C ARG B 108 10.16 -75.67 -26.41
N GLY B 109 11.26 -76.33 -26.79
CA GLY B 109 12.10 -75.84 -27.89
C GLY B 109 11.90 -76.67 -29.15
N GLU B 110 12.12 -77.98 -29.03
CA GLU B 110 11.96 -78.91 -30.15
C GLU B 110 12.43 -80.32 -29.78
N LYS B 111 11.93 -81.31 -30.53
CA LYS B 111 12.25 -82.73 -30.35
C LYS B 111 11.52 -83.49 -31.46
N VAL B 112 10.27 -83.86 -31.17
CA VAL B 112 9.35 -84.58 -32.07
C VAL B 112 9.21 -86.11 -31.93
N PRO B 113 10.11 -86.77 -31.16
CA PRO B 113 9.98 -88.23 -31.02
C PRO B 113 8.72 -88.67 -30.26
N PHE B 114 7.62 -88.79 -31.01
CA PHE B 114 6.34 -89.20 -30.45
C PHE B 114 6.41 -90.39 -29.49
N ALA B 115 6.93 -91.50 -29.99
CA ALA B 115 7.04 -92.73 -29.21
C ALA B 115 7.66 -92.52 -27.83
N SER B 116 8.29 -91.37 -27.63
CA SER B 116 8.92 -91.09 -26.34
C SER B 116 8.15 -90.04 -25.53
N ARG B 117 6.82 -90.00 -25.67
CA ARG B 117 6.02 -89.02 -24.95
C ARG B 117 4.93 -89.63 -24.09
N PHE B 118 4.48 -88.84 -23.11
CA PHE B 118 3.43 -89.21 -22.15
C PHE B 118 2.30 -88.19 -22.10
N VAL B 119 2.62 -86.95 -22.44
CA VAL B 119 1.64 -85.87 -22.42
C VAL B 119 1.31 -85.40 -23.82
N PHE B 120 0.01 -85.32 -24.15
CA PHE B 120 -0.39 -84.82 -25.45
C PHE B 120 -1.78 -84.20 -25.46
N GLU B 121 -1.88 -83.13 -26.25
CA GLU B 121 -3.09 -82.36 -26.41
C GLU B 121 -3.68 -82.57 -27.80
N LYS B 122 -4.88 -83.16 -27.86
CA LYS B 122 -5.53 -83.38 -29.14
C LYS B 122 -5.98 -82.00 -29.62
N LYS B 123 -4.98 -81.23 -30.04
CA LYS B 123 -5.11 -79.84 -30.47
C LYS B 123 -6.35 -79.29 -31.20
N ARG B 124 -7.17 -80.10 -31.87
CA ARG B 124 -8.12 -79.41 -32.77
C ARG B 124 -9.47 -78.72 -32.57
N GLU B 125 -10.38 -79.25 -31.72
CA GLU B 125 -11.66 -78.59 -31.48
C GLU B 125 -11.78 -78.50 -29.96
N THR B 126 -12.31 -79.56 -29.37
CA THR B 126 -12.42 -79.71 -27.91
C THR B 126 -11.10 -80.24 -27.33
N PRO B 127 -10.24 -79.34 -26.85
CA PRO B 127 -8.95 -79.72 -26.28
C PRO B 127 -8.99 -80.96 -25.40
N LYS B 128 -8.31 -82.01 -25.86
CA LYS B 128 -8.23 -83.27 -25.17
C LYS B 128 -6.83 -83.48 -24.62
N LEU B 129 -6.69 -83.39 -23.29
CA LEU B 129 -5.40 -83.58 -22.68
C LEU B 129 -5.31 -85.02 -22.21
N ILE B 130 -4.35 -85.77 -22.75
CA ILE B 130 -4.18 -87.16 -22.35
C ILE B 130 -2.77 -87.40 -21.79
N ILE B 131 -2.71 -88.00 -20.61
CA ILE B 131 -1.44 -88.27 -19.93
C ILE B 131 -1.43 -89.60 -19.19
N ASN B 132 -0.24 -90.05 -18.81
CA ASN B 132 -0.09 -91.30 -18.10
C ASN B 132 1.19 -91.33 -17.28
N ILE B 133 1.37 -92.40 -16.51
CA ILE B 133 2.56 -92.57 -15.68
C ILE B 133 2.88 -94.06 -15.49
N LYS B 134 4.15 -94.38 -15.23
CA LYS B 134 4.55 -95.76 -15.06
C LYS B 134 5.03 -96.08 -13.64
N ASP B 135 6.28 -95.74 -13.34
CA ASP B 135 6.86 -96.01 -12.05
C ASP B 135 7.34 -94.80 -11.20
N TYR B 136 6.49 -94.33 -10.29
CA TYR B 136 6.78 -93.35 -9.17
C TYR B 136 7.49 -92.04 -9.03
N ALA B 137 8.14 -91.47 -10.03
CA ALA B 137 8.81 -90.22 -9.71
C ALA B 137 8.24 -89.17 -10.65
N ILE B 138 8.60 -87.90 -10.45
CA ILE B 138 8.16 -86.79 -11.31
C ILE B 138 8.91 -85.55 -10.84
N ASN B 139 9.26 -85.54 -9.55
CA ASN B 139 9.97 -84.43 -8.94
C ASN B 139 11.44 -84.34 -9.37
N SER B 140 12.36 -84.67 -8.45
CA SER B 140 13.81 -84.61 -8.68
C SER B 140 14.16 -83.62 -9.80
N GLU B 141 13.99 -84.06 -11.04
CA GLU B 141 14.24 -83.21 -12.20
C GLU B 141 12.88 -82.97 -12.85
N GLN B 142 12.15 -81.99 -12.32
CA GLN B 142 10.82 -81.63 -12.81
C GLN B 142 10.87 -81.20 -14.26
N SER B 143 12.02 -81.36 -14.90
CA SER B 143 12.19 -81.02 -16.31
C SER B 143 11.24 -81.89 -17.12
N LYS B 144 10.45 -82.70 -16.41
CA LYS B 144 9.48 -83.61 -17.04
C LYS B 144 8.03 -83.12 -16.80
N GLU B 145 7.75 -82.70 -15.58
CA GLU B 145 6.41 -82.22 -15.26
C GLU B 145 6.16 -80.84 -15.85
N VAL B 146 7.19 -80.23 -16.44
CA VAL B 146 7.05 -78.90 -17.03
C VAL B 146 6.40 -78.93 -18.40
N TYR B 147 6.25 -80.12 -18.97
CA TYR B 147 5.60 -80.24 -20.28
C TYR B 147 4.12 -80.51 -20.09
N TYR B 148 3.79 -81.17 -19.00
CA TYR B 148 2.40 -81.43 -18.72
C TYR B 148 1.80 -80.07 -18.40
N GLU B 149 2.65 -79.05 -18.39
CA GLU B 149 2.23 -77.68 -18.10
C GLU B 149 2.02 -76.93 -19.41
N ILE B 150 3.08 -76.86 -20.21
CA ILE B 150 2.94 -76.19 -21.49
C ILE B 150 2.01 -77.10 -22.29
N GLY B 151 2.36 -78.38 -22.39
CA GLY B 151 1.55 -79.34 -23.12
C GLY B 151 0.08 -79.04 -22.83
N LYS B 152 -0.14 -78.49 -21.64
CA LYS B 152 -1.48 -78.11 -21.24
C LYS B 152 -1.62 -76.73 -21.82
N GLY B 153 -0.80 -75.81 -21.35
CA GLY B 153 -0.83 -74.45 -21.84
C GLY B 153 -1.31 -74.30 -23.27
N ILE B 154 -0.83 -75.16 -24.17
CA ILE B 154 -1.26 -75.08 -25.56
C ILE B 154 -2.74 -75.36 -25.69
N SER B 155 -3.42 -75.40 -24.56
CA SER B 155 -4.85 -75.60 -24.55
C SER B 155 -5.42 -74.20 -24.54
N LEU B 156 -5.38 -73.59 -23.36
CA LEU B 156 -5.90 -72.26 -23.18
C LEU B 156 -5.15 -71.24 -24.04
N ASP B 157 -3.83 -71.35 -24.11
CA ASP B 157 -3.02 -70.39 -24.87
C ASP B 157 -3.70 -69.74 -26.08
N ILE B 158 -3.67 -70.42 -27.22
CA ILE B 158 -4.26 -69.93 -28.47
C ILE B 158 -5.66 -69.30 -28.33
N ILE B 159 -6.35 -69.62 -27.24
CA ILE B 159 -7.69 -69.08 -27.02
C ILE B 159 -7.67 -68.26 -25.73
N SER B 160 -6.48 -68.06 -25.19
CA SER B 160 -6.34 -67.30 -23.97
C SER B 160 -6.35 -65.83 -24.33
N LYS B 161 -5.99 -65.01 -23.35
CA LYS B 161 -5.94 -63.56 -23.54
C LYS B 161 -5.02 -63.23 -24.72
N ASP B 162 -4.31 -64.23 -25.22
CA ASP B 162 -3.41 -63.98 -26.34
C ASP B 162 -4.06 -64.07 -27.71
N LYS B 163 -5.35 -64.32 -27.81
CA LYS B 163 -5.96 -64.38 -29.15
C LYS B 163 -7.49 -64.41 -29.28
N SER B 164 -8.20 -65.14 -28.41
CA SER B 164 -9.69 -65.19 -28.53
C SER B 164 -10.28 -63.74 -28.66
N LEU B 165 -10.31 -62.96 -27.58
CA LEU B 165 -10.70 -61.49 -27.69
C LEU B 165 -9.48 -61.17 -28.58
N ASP B 166 -9.10 -60.00 -29.08
CA ASP B 166 -7.87 -60.33 -29.84
C ASP B 166 -6.59 -60.19 -29.06
N PRO B 167 -5.43 -60.19 -29.76
CA PRO B 167 -4.17 -60.04 -29.04
C PRO B 167 -4.17 -58.77 -28.16
N GLU B 168 -5.32 -58.55 -27.51
CA GLU B 168 -5.54 -57.41 -26.64
C GLU B 168 -4.29 -56.70 -26.17
N PHE B 169 -4.30 -55.38 -26.33
CA PHE B 169 -3.18 -54.53 -25.94
C PHE B 169 -2.52 -54.98 -24.64
N LEU B 170 -3.27 -55.67 -23.78
CA LEU B 170 -2.71 -56.15 -22.51
C LEU B 170 -1.52 -57.05 -22.83
N ASN B 171 -1.67 -57.89 -23.83
CA ASN B 171 -0.60 -58.79 -24.23
C ASN B 171 0.17 -58.22 -25.42
N LEU B 172 -0.48 -57.34 -26.17
CA LEU B 172 0.13 -56.69 -27.33
C LEU B 172 1.27 -55.82 -26.82
N ILE B 173 1.13 -55.36 -25.56
CA ILE B 173 2.13 -54.50 -24.89
C ILE B 173 3.02 -55.35 -23.96
N LYS B 174 2.59 -56.59 -23.70
CA LYS B 174 3.34 -57.51 -22.85
C LYS B 174 4.38 -58.23 -23.70
N SER B 175 4.14 -58.21 -25.01
CA SER B 175 5.04 -58.84 -25.96
C SER B 175 6.12 -57.82 -26.34
N LEU B 176 5.89 -56.56 -25.94
CA LEU B 176 6.82 -55.48 -26.21
C LEU B 176 7.89 -55.44 -25.13
N SER B 177 7.70 -56.23 -24.06
CA SER B 177 8.68 -56.31 -22.99
C SER B 177 9.83 -57.10 -23.58
N ASP B 178 9.99 -56.93 -24.89
CA ASP B 178 11.03 -57.57 -25.67
C ASP B 178 12.31 -56.78 -25.36
N ASP B 179 12.23 -55.47 -25.52
CA ASP B 179 13.38 -54.62 -25.26
C ASP B 179 13.04 -53.13 -25.31
N SER B 180 11.95 -52.73 -24.64
CA SER B 180 11.56 -51.31 -24.62
C SER B 180 11.13 -50.77 -23.24
N ASP B 181 10.32 -51.53 -22.50
CA ASP B 181 9.84 -51.09 -21.19
C ASP B 181 10.95 -50.91 -20.13
N SER B 182 11.36 -52.01 -19.51
CA SER B 182 12.40 -51.99 -18.48
C SER B 182 13.77 -52.47 -18.98
N SER B 183 14.82 -52.19 -18.20
CA SER B 183 16.19 -52.57 -18.56
C SER B 183 16.40 -54.08 -18.62
N ASP B 184 15.30 -54.82 -18.65
CA ASP B 184 15.34 -56.27 -18.72
C ASP B 184 15.02 -56.79 -20.12
N LEU B 185 16.00 -56.66 -21.01
CA LEU B 185 15.91 -57.13 -22.39
C LEU B 185 16.33 -58.60 -22.34
N LEU B 186 15.70 -59.33 -21.43
CA LEU B 186 15.97 -60.74 -21.22
C LEU B 186 14.74 -61.61 -21.51
N PHE B 187 14.90 -62.51 -22.47
CA PHE B 187 13.86 -63.45 -22.89
C PHE B 187 14.51 -64.61 -23.65
N SER B 188 15.70 -64.99 -23.19
CA SER B 188 16.48 -66.09 -23.77
C SER B 188 15.90 -67.41 -23.25
N GLN B 189 14.57 -67.46 -23.14
CA GLN B 189 13.85 -68.63 -22.66
C GLN B 189 12.51 -68.84 -23.38
N LYS B 190 12.23 -68.00 -24.38
CA LYS B 190 11.00 -68.10 -25.15
C LYS B 190 11.16 -67.47 -26.53
N PHE B 191 12.16 -66.61 -26.66
CA PHE B 191 12.42 -65.92 -27.92
C PHE B 191 13.85 -66.08 -28.42
N LYS B 192 14.20 -67.30 -28.84
CA LYS B 192 15.54 -67.60 -29.33
C LYS B 192 15.65 -67.53 -30.85
N GLU B 193 14.82 -68.32 -31.52
CA GLU B 193 14.85 -68.37 -32.97
C GLU B 193 13.83 -67.46 -33.64
N LYS B 194 12.58 -67.60 -33.20
CA LYS B 194 11.48 -66.82 -33.76
C LYS B 194 11.40 -65.38 -33.23
N LEU B 195 12.37 -64.99 -32.40
CA LEU B 195 12.41 -63.62 -31.86
C LEU B 195 13.77 -63.16 -31.34
N GLU B 196 14.82 -63.50 -32.07
CA GLU B 196 16.16 -63.05 -31.75
C GLU B 196 16.16 -61.79 -32.61
N LEU B 197 14.94 -61.47 -33.06
CA LEU B 197 14.64 -60.32 -33.90
C LEU B 197 14.42 -59.12 -32.99
N ASN B 198 15.50 -58.67 -32.36
CA ASN B 198 15.47 -57.52 -31.45
C ASN B 198 15.33 -56.25 -32.31
N ASN B 199 15.93 -56.30 -33.49
CA ASN B 199 15.92 -55.20 -34.44
C ASN B 199 14.61 -55.18 -35.22
N LYS B 200 13.50 -55.16 -34.48
CA LYS B 200 12.17 -55.13 -35.07
C LYS B 200 11.16 -54.80 -33.95
N SER B 201 10.75 -53.53 -33.90
CA SER B 201 9.78 -53.05 -32.91
C SER B 201 8.50 -53.87 -33.03
N ILE B 202 8.29 -54.75 -32.06
CA ILE B 202 7.16 -55.66 -32.06
C ILE B 202 5.82 -55.12 -31.54
N ASP B 203 4.98 -54.65 -32.47
CA ASP B 203 3.65 -54.13 -32.12
C ASP B 203 2.68 -54.78 -33.11
N ILE B 204 1.86 -53.98 -33.79
CA ILE B 204 0.90 -54.52 -34.77
C ILE B 204 1.60 -54.56 -36.13
N ASN B 205 2.93 -54.62 -36.11
CA ASN B 205 3.72 -54.66 -37.34
C ASN B 205 4.28 -56.03 -37.74
N PHE B 206 3.72 -57.10 -37.17
CA PHE B 206 4.16 -58.47 -37.50
C PHE B 206 3.72 -59.55 -36.50
N ILE B 207 3.11 -59.15 -35.39
CA ILE B 207 2.68 -60.10 -34.34
C ILE B 207 1.61 -61.08 -34.83
N LYS B 208 0.79 -60.63 -35.78
CA LYS B 208 -0.26 -61.46 -36.35
C LYS B 208 0.41 -62.69 -36.97
N GLU B 209 1.56 -62.46 -37.60
CA GLU B 209 2.34 -63.50 -38.27
C GLU B 209 2.51 -64.78 -37.44
N ASN B 210 3.42 -64.76 -36.47
CA ASN B 210 3.69 -65.95 -35.66
C ASN B 210 2.93 -66.03 -34.34
N LEU B 211 1.61 -66.10 -34.44
CA LEU B 211 0.74 -66.21 -33.27
C LEU B 211 1.18 -67.39 -32.43
N THR B 212 1.48 -68.50 -33.10
CA THR B 212 1.90 -69.72 -32.42
C THR B 212 3.18 -69.50 -31.63
N GLU B 213 4.05 -68.61 -32.12
CA GLU B 213 5.30 -68.35 -31.42
C GLU B 213 5.01 -67.73 -30.07
N PHE B 214 4.10 -66.75 -30.05
CA PHE B 214 3.74 -66.08 -28.82
C PHE B 214 2.86 -67.00 -27.99
N GLN B 215 2.73 -68.24 -28.44
CA GLN B 215 1.96 -69.24 -27.72
C GLN B 215 3.00 -70.03 -26.92
N HIS B 216 4.05 -70.47 -27.60
CA HIS B 216 5.14 -71.21 -26.95
C HIS B 216 5.60 -70.30 -25.84
N ALA B 217 5.16 -69.05 -25.93
CA ALA B 217 5.48 -68.04 -24.95
C ALA B 217 4.45 -68.02 -23.82
N PHE B 218 3.18 -68.16 -24.17
CA PHE B 218 2.16 -68.15 -23.13
C PHE B 218 2.15 -69.50 -22.43
N SER B 219 2.84 -70.45 -23.04
CA SER B 219 2.90 -71.80 -22.50
C SER B 219 4.08 -71.97 -21.54
N LEU B 220 5.28 -71.87 -22.07
CA LEU B 220 6.47 -72.01 -21.26
C LEU B 220 6.56 -70.95 -20.17
N ALA B 221 5.57 -70.07 -20.15
CA ALA B 221 5.47 -69.01 -19.15
C ALA B 221 4.50 -69.56 -18.12
N PHE B 222 3.44 -70.17 -18.62
CA PHE B 222 2.44 -70.78 -17.76
C PHE B 222 3.14 -71.88 -16.97
N SER B 223 3.94 -72.68 -17.69
CA SER B 223 4.69 -73.82 -17.15
C SER B 223 5.68 -73.48 -16.05
N TYR B 224 6.23 -72.29 -16.12
CA TYR B 224 7.19 -71.86 -15.12
C TYR B 224 6.47 -71.36 -13.88
N TYR B 225 5.56 -70.41 -14.04
CA TYR B 225 4.85 -69.86 -12.90
C TYR B 225 4.18 -70.98 -12.11
N PHE B 226 3.58 -71.94 -12.82
CA PHE B 226 2.91 -73.05 -12.17
C PHE B 226 3.75 -74.29 -11.97
N ALA B 227 4.94 -74.31 -12.57
CA ALA B 227 5.84 -75.45 -12.42
C ALA B 227 6.00 -75.65 -10.92
N PRO B 228 6.18 -76.91 -10.48
CA PRO B 228 6.35 -77.27 -9.07
C PRO B 228 7.69 -76.91 -8.46
N ASP B 229 8.61 -76.42 -9.29
CA ASP B 229 9.95 -76.04 -8.83
C ASP B 229 10.41 -74.63 -9.25
N HIS B 230 10.55 -74.40 -10.55
CA HIS B 230 11.01 -73.10 -11.04
C HIS B 230 9.89 -72.07 -11.22
N ARG B 231 9.51 -71.42 -10.12
CA ARG B 231 8.45 -70.40 -10.16
C ARG B 231 9.02 -68.99 -10.28
N THR B 232 10.21 -68.79 -9.72
CA THR B 232 10.89 -67.50 -9.73
C THR B 232 11.75 -67.28 -10.98
N VAL B 233 12.00 -68.34 -11.73
CA VAL B 233 12.79 -68.24 -12.96
C VAL B 233 11.94 -67.44 -13.96
N LEU B 234 10.66 -67.28 -13.64
CA LEU B 234 9.73 -66.50 -14.46
C LEU B 234 9.53 -65.17 -13.74
N GLU B 235 10.15 -65.02 -12.57
CA GLU B 235 10.06 -63.81 -11.77
C GLU B 235 11.40 -63.05 -11.83
N LEU B 236 12.42 -63.72 -12.34
CA LEU B 236 13.77 -63.17 -12.49
C LEU B 236 14.09 -62.97 -13.99
N TYR B 237 14.16 -64.07 -14.73
CA TYR B 237 14.46 -64.04 -16.16
C TYR B 237 13.30 -63.41 -16.96
N ALA B 238 12.25 -63.03 -16.27
CA ALA B 238 11.09 -62.40 -16.90
C ALA B 238 10.77 -61.18 -16.05
N PRO B 239 10.44 -60.06 -16.70
CA PRO B 239 10.12 -58.84 -15.94
C PRO B 239 8.65 -58.69 -15.58
N ASP B 240 7.80 -58.90 -16.57
CA ASP B 240 6.36 -58.77 -16.41
C ASP B 240 5.61 -60.10 -16.49
N MET B 241 5.88 -60.91 -17.51
CA MET B 241 5.17 -62.17 -17.67
C MET B 241 4.87 -62.89 -16.35
N PHE B 242 5.66 -62.60 -15.31
CA PHE B 242 5.40 -63.19 -14.00
C PHE B 242 4.16 -62.45 -13.51
N GLU B 243 4.30 -61.13 -13.44
CA GLU B 243 3.22 -60.25 -13.02
C GLU B 243 1.97 -60.49 -13.86
N TYR B 244 2.18 -61.11 -15.03
CA TYR B 244 1.09 -61.41 -15.94
C TYR B 244 0.40 -62.67 -15.46
N MET B 245 1.12 -63.78 -15.55
CA MET B 245 0.59 -65.07 -15.12
C MET B 245 0.01 -64.86 -13.72
N ASN B 246 0.56 -63.89 -12.99
CA ASN B 246 0.12 -63.58 -11.65
C ASN B 246 -1.25 -62.94 -11.70
N LYS B 247 -1.36 -61.84 -12.44
CA LYS B 247 -2.65 -61.19 -12.57
C LYS B 247 -3.58 -62.30 -13.04
N LEU B 248 -3.03 -63.22 -13.85
CA LEU B 248 -3.79 -64.35 -14.37
C LEU B 248 -4.40 -65.09 -13.19
N GLU B 249 -3.56 -65.58 -12.29
CA GLU B 249 -4.10 -66.28 -11.14
C GLU B 249 -4.87 -65.27 -10.29
N LYS B 250 -4.44 -64.01 -10.31
CA LYS B 250 -5.12 -62.96 -9.55
C LYS B 250 -6.60 -62.99 -9.89
N GLY B 251 -6.88 -63.14 -11.19
CA GLY B 251 -8.25 -63.19 -11.68
C GLY B 251 -8.38 -63.48 -13.18
N GLY B 252 -7.31 -63.25 -13.94
CA GLY B 252 -7.32 -63.49 -15.38
C GLY B 252 -8.07 -64.75 -15.84
N PHE B 253 -7.84 -65.83 -15.10
CA PHE B 253 -8.45 -67.11 -15.40
C PHE B 253 -9.95 -67.17 -15.07
N GLU B 254 -10.38 -66.36 -14.12
CA GLU B 254 -11.78 -66.32 -13.75
C GLU B 254 -12.51 -65.44 -14.76
N LYS B 255 -11.72 -64.67 -15.49
CA LYS B 255 -12.24 -63.75 -16.51
C LYS B 255 -12.85 -64.53 -17.66
N ILE B 256 -11.97 -65.14 -18.44
CA ILE B 256 -12.36 -65.94 -19.60
C ILE B 256 -13.19 -67.14 -19.11
N SER B 257 -13.19 -67.35 -17.80
CA SER B 257 -13.97 -68.42 -17.23
C SER B 257 -15.39 -67.94 -17.09
N GLU B 258 -15.61 -66.70 -17.50
CA GLU B 258 -16.93 -66.07 -17.43
C GLU B 258 -17.40 -65.52 -18.77
N SER B 259 -16.46 -65.25 -19.67
CA SER B 259 -16.84 -64.74 -20.99
C SER B 259 -17.06 -65.99 -21.86
N LEU B 260 -16.56 -67.12 -21.37
CA LEU B 260 -16.71 -68.39 -22.06
C LEU B 260 -17.96 -69.03 -21.46
N LYS B 261 -18.18 -68.77 -20.18
CA LYS B 261 -19.35 -69.28 -19.46
C LYS B 261 -20.60 -68.55 -19.96
N LYS B 262 -20.51 -67.23 -20.06
CA LYS B 262 -21.63 -66.44 -20.56
C LYS B 262 -21.88 -66.85 -22.00
N GLU B 263 -20.84 -66.80 -22.82
CA GLU B 263 -21.00 -67.20 -24.22
C GLU B 263 -21.47 -68.65 -24.19
N GLY B 264 -21.23 -69.32 -23.07
CA GLY B 264 -21.66 -70.69 -22.94
C GLY B 264 -23.15 -70.81 -23.25
N VAL B 265 -23.95 -69.94 -22.64
CA VAL B 265 -25.39 -69.96 -22.87
C VAL B 265 -25.74 -69.26 -24.17
N GLU B 266 -25.50 -67.96 -24.21
CA GLU B 266 -25.79 -67.15 -25.39
C GLU B 266 -25.41 -67.81 -26.72
N LYS B 267 -24.38 -68.66 -26.70
CA LYS B 267 -23.94 -69.35 -27.91
C LYS B 267 -25.03 -70.29 -28.39
N ASP B 268 -24.97 -71.54 -27.92
CA ASP B 268 -25.97 -72.53 -28.26
C ASP B 268 -27.22 -72.19 -27.46
N ARG B 269 -28.11 -71.43 -28.09
CA ARG B 269 -29.38 -71.03 -27.50
C ARG B 269 -30.44 -71.31 -28.56
N ILE B 270 -31.51 -70.53 -28.56
CA ILE B 270 -32.58 -70.72 -29.52
C ILE B 270 -32.79 -69.45 -30.34
N ASP B 271 -32.42 -69.51 -31.62
CA ASP B 271 -32.54 -68.38 -32.54
C ASP B 271 -33.83 -67.64 -32.22
N VAL B 272 -33.79 -66.31 -32.21
CA VAL B 272 -34.99 -65.54 -31.88
C VAL B 272 -35.11 -64.12 -32.45
N LEU B 273 -34.03 -63.61 -33.05
CA LEU B 273 -34.03 -62.25 -33.58
C LEU B 273 -34.76 -61.27 -32.66
N LYS B 274 -34.15 -60.95 -31.52
CA LYS B 274 -34.72 -60.03 -30.55
C LYS B 274 -34.65 -58.57 -31.04
N GLY B 275 -34.75 -57.60 -30.13
CA GLY B 275 -34.69 -56.20 -30.53
C GLY B 275 -35.71 -55.77 -31.58
N GLU B 276 -35.61 -54.54 -32.08
CA GLU B 276 -36.56 -54.09 -33.09
C GLU B 276 -36.43 -54.87 -34.41
N LYS B 277 -35.62 -55.92 -34.41
CA LYS B 277 -35.46 -56.72 -35.62
C LYS B 277 -36.72 -57.54 -35.87
N ALA B 278 -37.35 -57.97 -34.77
CA ALA B 278 -38.56 -58.77 -34.83
C ALA B 278 -39.79 -57.88 -34.71
N LEU B 279 -39.72 -56.93 -33.79
CA LEU B 279 -40.79 -55.97 -33.58
C LEU B 279 -41.24 -55.43 -34.93
N LYS B 280 -40.48 -55.78 -35.97
CA LYS B 280 -40.77 -55.35 -37.34
C LYS B 280 -41.74 -56.28 -38.06
N ALA B 281 -41.67 -57.57 -37.77
CA ALA B 281 -42.57 -58.53 -38.39
C ALA B 281 -43.63 -58.90 -37.37
N SER B 282 -43.56 -58.24 -36.21
CA SER B 282 -44.51 -58.47 -35.15
C SER B 282 -45.81 -57.77 -35.49
N GLY B 283 -45.72 -56.82 -36.41
CA GLY B 283 -46.91 -56.09 -36.82
C GLY B 283 -47.40 -55.16 -35.75
N LEU B 284 -47.17 -55.51 -34.49
CA LEU B 284 -47.60 -54.67 -33.42
C LEU B 284 -47.15 -53.24 -33.71
N VAL B 285 -47.67 -52.28 -32.96
CA VAL B 285 -47.27 -50.91 -33.17
C VAL B 285 -46.20 -50.56 -32.15
N PRO B 286 -45.00 -50.21 -32.65
CA PRO B 286 -43.83 -49.85 -31.84
C PRO B 286 -44.16 -49.01 -30.60
N GLU B 287 -44.82 -47.87 -30.77
CA GLU B 287 -45.15 -47.05 -29.61
C GLU B 287 -45.95 -47.85 -28.59
N HIS B 288 -46.67 -48.88 -29.08
CA HIS B 288 -47.50 -49.76 -28.27
C HIS B 288 -46.67 -50.85 -27.63
N ALA B 289 -46.03 -51.67 -28.45
CA ALA B 289 -45.21 -52.75 -27.91
C ALA B 289 -44.35 -52.13 -26.84
N ASP B 290 -43.66 -51.05 -27.22
CA ASP B 290 -42.79 -50.36 -26.28
C ASP B 290 -43.61 -49.99 -25.04
N ALA B 291 -44.90 -49.75 -25.25
CA ALA B 291 -45.80 -49.38 -24.15
C ALA B 291 -46.08 -50.59 -23.28
N PHE B 292 -46.25 -51.73 -23.95
CA PHE B 292 -46.51 -53.02 -23.32
C PHE B 292 -45.29 -53.45 -22.51
N LYS B 293 -44.11 -53.04 -23.00
CA LYS B 293 -42.83 -53.35 -22.38
C LYS B 293 -42.81 -52.96 -20.90
N LYS B 294 -43.69 -52.06 -20.51
CA LYS B 294 -43.76 -51.59 -19.13
C LYS B 294 -44.56 -52.49 -18.19
N ILE B 295 -45.63 -53.10 -18.71
CA ILE B 295 -46.48 -53.95 -17.87
C ILE B 295 -45.83 -55.28 -17.53
N ALA B 296 -45.29 -55.97 -18.55
CA ALA B 296 -44.62 -57.24 -18.31
C ALA B 296 -43.80 -57.06 -17.04
N ARG B 297 -42.83 -56.16 -17.12
CA ARG B 297 -41.94 -55.86 -16.01
C ARG B 297 -42.69 -55.62 -14.70
N GLU B 298 -43.74 -54.81 -14.74
CA GLU B 298 -44.51 -54.49 -13.52
C GLU B 298 -45.14 -55.69 -12.83
N LEU B 299 -45.87 -56.49 -13.60
CA LEU B 299 -46.59 -57.67 -13.12
C LEU B 299 -45.75 -58.95 -13.25
N ASN B 300 -44.71 -58.85 -14.06
CA ASN B 300 -43.80 -59.95 -14.28
C ASN B 300 -44.50 -61.11 -14.93
N THR B 301 -44.77 -60.99 -16.22
CA THR B 301 -45.43 -62.06 -16.92
C THR B 301 -45.21 -61.93 -18.42
N TYR B 302 -44.82 -63.03 -19.05
CA TYR B 302 -44.62 -63.01 -20.48
C TYR B 302 -45.91 -62.57 -21.13
N ILE B 303 -45.83 -62.20 -22.39
CA ILE B 303 -46.99 -61.74 -23.14
C ILE B 303 -46.71 -62.19 -24.55
N LEU B 304 -47.52 -63.06 -25.10
CA LEU B 304 -47.21 -63.49 -26.44
C LEU B 304 -48.38 -63.12 -27.34
N PHE B 305 -48.09 -62.64 -28.54
CA PHE B 305 -49.15 -62.24 -29.49
C PHE B 305 -48.97 -62.96 -30.80
N ARG B 306 -50.06 -63.14 -31.53
CA ARG B 306 -49.97 -63.77 -32.83
C ARG B 306 -49.46 -62.71 -33.80
N PRO B 307 -49.64 -62.89 -35.11
CA PRO B 307 -49.11 -61.80 -35.93
C PRO B 307 -50.15 -60.80 -36.36
N VAL B 308 -49.85 -59.53 -36.07
CA VAL B 308 -50.71 -58.39 -36.40
C VAL B 308 -50.39 -57.98 -37.83
N ASN B 309 -51.29 -58.28 -38.77
CA ASN B 309 -51.04 -57.94 -40.17
C ASN B 309 -50.43 -56.54 -40.37
N LYS B 310 -49.36 -56.46 -41.16
CA LYS B 310 -48.69 -55.19 -41.44
C LYS B 310 -49.65 -54.14 -41.98
N LEU B 311 -50.45 -54.53 -42.97
CA LEU B 311 -51.41 -53.61 -43.57
C LEU B 311 -52.45 -53.20 -42.55
N ALA B 312 -52.07 -53.17 -41.27
CA ALA B 312 -52.98 -52.78 -40.21
C ALA B 312 -52.17 -52.14 -39.11
N THR B 313 -50.86 -52.36 -39.15
CA THR B 313 -49.93 -51.83 -38.16
C THR B 313 -50.18 -50.37 -37.94
N ASN B 314 -50.09 -49.63 -39.03
CA ASN B 314 -50.26 -48.18 -39.03
C ASN B 314 -51.71 -47.71 -38.87
N LEU B 315 -52.69 -48.50 -39.34
CA LEU B 315 -54.11 -48.16 -39.20
C LEU B 315 -54.39 -48.12 -37.73
N ILE B 316 -53.69 -48.99 -37.01
CA ILE B 316 -53.81 -49.06 -35.57
C ILE B 316 -53.21 -47.78 -34.99
N LYS B 317 -51.97 -47.45 -35.36
CA LYS B 317 -51.34 -46.23 -34.84
C LYS B 317 -52.18 -45.02 -35.22
N SER B 318 -52.80 -45.10 -36.39
CA SER B 318 -53.67 -44.04 -36.89
C SER B 318 -54.74 -43.70 -35.85
N GLY B 319 -55.60 -44.66 -35.55
CA GLY B 319 -56.63 -44.42 -34.58
C GLY B 319 -57.82 -45.30 -34.86
N VAL B 320 -57.61 -46.25 -35.76
CA VAL B 320 -58.65 -47.19 -36.17
C VAL B 320 -58.92 -48.23 -35.13
N ALA B 321 -60.13 -48.25 -34.60
CA ALA B 321 -60.47 -49.22 -33.60
C ALA B 321 -60.29 -50.62 -34.19
N THR B 322 -60.12 -51.60 -33.28
CA THR B 322 -59.89 -53.01 -33.60
C THR B 322 -61.11 -53.93 -33.71
N LYS B 323 -60.94 -55.04 -34.45
CA LYS B 323 -62.01 -56.03 -34.66
C LYS B 323 -62.21 -56.98 -33.49
N GLY B 324 -63.22 -56.69 -32.69
CA GLY B 324 -63.51 -57.53 -31.55
C GLY B 324 -64.00 -58.91 -31.96
N LEU B 325 -64.98 -59.40 -31.21
CA LEU B 325 -65.54 -60.72 -31.42
C LEU B 325 -66.77 -60.62 -32.29
N ASN B 326 -67.53 -59.57 -32.07
CA ASN B 326 -68.76 -59.36 -32.82
C ASN B 326 -68.60 -59.49 -34.34
N VAL B 327 -67.42 -59.19 -34.91
CA VAL B 327 -67.27 -59.30 -36.37
C VAL B 327 -66.45 -60.46 -36.87
N HIS B 328 -67.06 -61.24 -37.77
CA HIS B 328 -66.44 -62.41 -38.40
C HIS B 328 -66.21 -62.08 -39.89
N GLY B 329 -65.69 -60.88 -40.13
CA GLY B 329 -65.42 -60.45 -41.47
C GLY B 329 -64.00 -60.76 -41.85
N LYS B 330 -63.76 -60.82 -43.14
CA LYS B 330 -62.43 -61.14 -43.66
C LYS B 330 -61.65 -59.89 -44.00
N SER B 331 -60.41 -59.82 -43.53
CA SER B 331 -59.57 -58.68 -43.82
C SER B 331 -59.37 -58.62 -45.34
N SER B 332 -58.46 -57.80 -45.79
CA SER B 332 -58.19 -57.72 -47.21
C SER B 332 -56.75 -57.26 -47.37
N ASP B 333 -56.16 -57.55 -48.52
CA ASP B 333 -54.77 -57.19 -48.78
C ASP B 333 -54.46 -56.64 -50.17
N TRP B 334 -55.23 -55.63 -50.59
CA TRP B 334 -55.06 -54.97 -51.89
C TRP B 334 -56.13 -53.89 -52.09
N GLY B 335 -55.71 -52.74 -52.64
CA GLY B 335 -56.64 -51.66 -52.87
C GLY B 335 -56.74 -50.74 -51.67
N PRO B 336 -57.56 -49.67 -51.75
CA PRO B 336 -57.70 -48.75 -50.62
C PRO B 336 -58.17 -49.49 -49.38
N VAL B 337 -59.18 -50.33 -49.59
CA VAL B 337 -59.76 -51.15 -48.55
C VAL B 337 -58.74 -51.88 -47.67
N ALA B 338 -57.61 -52.28 -48.25
CA ALA B 338 -56.57 -53.02 -47.53
C ALA B 338 -56.52 -52.73 -46.03
N GLY B 339 -56.50 -53.78 -45.22
CA GLY B 339 -56.42 -53.60 -43.78
C GLY B 339 -57.75 -53.26 -43.14
N TYR B 340 -58.78 -53.08 -43.96
CA TYR B 340 -60.11 -52.77 -43.47
C TYR B 340 -60.97 -54.01 -43.75
N ILE B 341 -62.10 -54.13 -43.06
CA ILE B 341 -62.98 -55.28 -43.27
C ILE B 341 -64.14 -54.86 -44.14
N PRO B 342 -63.88 -54.71 -45.44
CA PRO B 342 -64.93 -54.30 -46.38
C PRO B 342 -66.27 -54.92 -46.09
N PHE B 343 -67.35 -54.15 -46.20
CA PHE B 343 -68.65 -54.75 -45.97
C PHE B 343 -68.84 -55.61 -47.19
N ASP B 344 -68.06 -55.32 -48.23
CA ASP B 344 -68.12 -56.10 -49.45
C ASP B 344 -67.03 -57.16 -49.24
N GLN B 345 -67.42 -58.44 -49.29
CA GLN B 345 -66.46 -59.51 -49.09
C GLN B 345 -65.63 -59.86 -50.30
N ASP B 346 -66.14 -59.56 -51.49
CA ASP B 346 -65.38 -59.81 -52.71
C ASP B 346 -64.38 -58.65 -52.89
N LEU B 347 -64.00 -58.06 -51.75
CA LEU B 347 -63.06 -56.95 -51.69
C LEU B 347 -62.07 -57.22 -50.55
N SER B 348 -62.03 -58.49 -50.14
CA SER B 348 -61.15 -58.97 -49.08
C SER B 348 -60.50 -60.20 -49.66
N LYS B 349 -59.34 -60.59 -49.10
CA LYS B 349 -58.57 -61.75 -49.59
C LYS B 349 -59.39 -62.64 -50.51
N LYS B 350 -60.41 -63.29 -49.96
CA LYS B 350 -61.27 -64.19 -50.71
C LYS B 350 -61.93 -63.55 -51.94
N HIS B 351 -61.13 -63.18 -52.93
CA HIS B 351 -61.65 -62.57 -54.14
C HIS B 351 -61.89 -63.69 -55.15
N GLY B 352 -63.15 -64.12 -55.27
CA GLY B 352 -63.48 -65.18 -56.20
C GLY B 352 -64.31 -66.29 -55.58
N GLN B 353 -63.94 -66.72 -54.37
CA GLN B 353 -64.66 -67.78 -53.69
C GLN B 353 -66.13 -67.47 -53.58
N GLN B 354 -66.85 -67.74 -54.68
CA GLN B 354 -68.28 -67.50 -54.80
C GLN B 354 -69.10 -67.99 -53.59
N LEU B 355 -68.45 -68.66 -52.65
CA LEU B 355 -69.17 -69.13 -51.49
C LEU B 355 -68.71 -68.50 -50.18
N ALA B 356 -67.42 -68.56 -49.89
CA ALA B 356 -66.92 -67.93 -48.65
C ALA B 356 -67.14 -66.42 -48.72
N VAL B 357 -67.19 -65.92 -49.94
CA VAL B 357 -67.41 -64.51 -50.20
C VAL B 357 -68.92 -64.32 -50.12
N GLU B 358 -69.65 -65.34 -50.56
CA GLU B 358 -71.10 -65.28 -50.51
C GLU B 358 -71.43 -65.34 -49.02
N LYS B 359 -71.28 -66.53 -48.44
CA LYS B 359 -71.58 -66.73 -47.02
C LYS B 359 -70.68 -65.83 -46.18
N GLY B 360 -69.86 -65.03 -46.87
CA GLY B 360 -68.97 -64.11 -46.19
C GLY B 360 -69.69 -62.82 -45.84
N ASN B 361 -70.36 -62.23 -46.84
CA ASN B 361 -71.12 -61.02 -46.63
C ASN B 361 -72.13 -61.38 -45.56
N LEU B 362 -72.86 -62.46 -45.81
CA LEU B 362 -73.90 -62.98 -44.92
C LEU B 362 -73.52 -62.87 -43.45
N GLU B 363 -72.22 -62.89 -43.17
CA GLU B 363 -71.72 -62.80 -41.81
C GLU B 363 -71.73 -61.38 -41.26
N ASN B 364 -71.38 -60.40 -42.09
CA ASN B 364 -71.39 -59.01 -41.65
C ASN B 364 -72.82 -58.61 -41.42
N LYS B 365 -73.66 -58.84 -42.42
CA LYS B 365 -75.07 -58.49 -42.32
C LYS B 365 -75.62 -58.81 -40.93
N LYS B 366 -75.36 -60.03 -40.46
CA LYS B 366 -75.81 -60.43 -39.12
C LYS B 366 -74.93 -59.74 -38.07
N SER B 367 -73.63 -59.64 -38.36
CA SER B 367 -72.71 -59.00 -37.43
C SER B 367 -73.37 -57.67 -37.03
N ILE B 368 -74.21 -57.16 -37.93
CA ILE B 368 -74.91 -55.91 -37.70
C ILE B 368 -76.33 -56.13 -37.21
N THR B 369 -77.09 -56.96 -37.92
CA THR B 369 -78.45 -57.22 -37.53
C THR B 369 -78.52 -57.70 -36.09
N GLU B 370 -77.50 -58.42 -35.64
CA GLU B 370 -77.47 -58.92 -34.26
C GLU B 370 -76.99 -57.84 -33.30
N HIS B 371 -75.80 -57.31 -33.57
CA HIS B 371 -75.21 -56.26 -32.73
C HIS B 371 -75.26 -54.90 -33.41
N GLU B 372 -76.45 -54.28 -33.46
CA GLU B 372 -76.57 -52.97 -34.07
C GLU B 372 -76.35 -51.89 -33.02
N GLY B 373 -76.00 -50.69 -33.47
CA GLY B 373 -75.75 -49.63 -32.50
C GLY B 373 -74.31 -49.70 -32.07
N GLU B 374 -73.69 -50.87 -32.26
CA GLU B 374 -72.29 -51.11 -31.91
C GLU B 374 -71.51 -51.53 -33.17
N ILE B 375 -72.13 -52.37 -34.00
CA ILE B 375 -71.50 -52.84 -35.25
C ILE B 375 -72.27 -52.34 -36.49
N GLY B 376 -71.53 -51.76 -37.42
CA GLY B 376 -72.16 -51.27 -38.64
C GLY B 376 -71.14 -50.93 -39.70
N LYS B 377 -71.57 -50.18 -40.72
CA LYS B 377 -70.70 -49.81 -41.83
C LYS B 377 -70.61 -48.30 -42.11
N ILE B 378 -69.37 -47.81 -42.24
CA ILE B 378 -69.13 -46.41 -42.52
C ILE B 378 -68.18 -46.33 -43.72
N PRO B 379 -68.36 -45.34 -44.61
CA PRO B 379 -67.53 -45.17 -45.81
C PRO B 379 -66.06 -44.93 -45.63
N LEU B 380 -65.31 -45.64 -46.47
CA LEU B 380 -63.87 -45.63 -46.49
C LEU B 380 -63.24 -44.27 -46.70
N LYS B 381 -62.47 -43.81 -45.72
CA LYS B 381 -61.81 -42.52 -45.81
C LYS B 381 -60.31 -42.65 -45.55
N LEU B 382 -59.52 -42.84 -46.60
CA LEU B 382 -58.07 -42.96 -46.44
C LEU B 382 -57.42 -41.61 -46.21
N ASP B 383 -56.96 -41.34 -44.98
CA ASP B 383 -56.34 -40.06 -44.71
C ASP B 383 -55.05 -39.83 -45.50
N HIS B 384 -54.23 -38.89 -45.05
CA HIS B 384 -52.98 -38.53 -45.71
C HIS B 384 -51.92 -39.64 -45.79
N LEU B 385 -51.31 -39.94 -44.66
CA LEU B 385 -50.27 -40.96 -44.60
C LEU B 385 -50.70 -42.20 -45.33
N ARG B 386 -51.69 -42.88 -44.77
CA ARG B 386 -52.24 -44.10 -45.35
C ARG B 386 -51.95 -44.27 -46.84
N ILE B 387 -52.05 -43.18 -47.60
CA ILE B 387 -51.78 -43.22 -49.04
C ILE B 387 -50.29 -43.39 -49.30
N GLU B 388 -49.48 -42.42 -48.92
CA GLU B 388 -48.04 -42.52 -49.16
C GLU B 388 -47.52 -43.88 -48.71
N GLU B 389 -48.31 -44.58 -47.88
CA GLU B 389 -47.92 -45.90 -47.41
C GLU B 389 -48.35 -47.03 -48.34
N LEU B 390 -49.60 -47.00 -48.80
CA LEU B 390 -50.08 -48.04 -49.70
C LEU B 390 -49.43 -47.75 -51.04
N LYS B 391 -48.46 -46.84 -51.01
CA LYS B 391 -47.71 -46.41 -52.19
C LYS B 391 -46.43 -47.22 -52.37
N GLU B 392 -45.44 -46.98 -51.51
CA GLU B 392 -44.17 -47.70 -51.59
C GLU B 392 -44.28 -49.15 -51.10
N ASN B 393 -45.50 -49.53 -50.70
CA ASN B 393 -45.75 -50.89 -50.23
C ASN B 393 -46.20 -51.64 -51.47
N GLY B 394 -46.74 -50.90 -52.43
CA GLY B 394 -47.17 -51.47 -53.70
C GLY B 394 -48.64 -51.81 -53.89
N ILE B 395 -49.50 -51.43 -52.94
CA ILE B 395 -50.91 -51.75 -53.06
C ILE B 395 -51.69 -50.81 -53.98
N ILE B 396 -51.23 -49.56 -54.11
CA ILE B 396 -51.90 -48.57 -54.97
C ILE B 396 -50.96 -47.63 -55.74
N LEU B 397 -51.46 -47.17 -56.88
CA LEU B 397 -50.75 -46.25 -57.77
C LEU B 397 -51.63 -45.00 -57.99
N LYS B 398 -51.22 -43.89 -57.39
CA LYS B 398 -51.95 -42.62 -57.49
C LYS B 398 -51.46 -41.80 -58.70
N GLY B 399 -52.31 -41.64 -59.71
CA GLY B 399 -51.92 -40.89 -60.91
C GLY B 399 -52.96 -39.97 -61.51
N LYS B 400 -53.38 -40.25 -62.75
CA LYS B 400 -54.37 -39.45 -63.47
C LYS B 400 -55.48 -38.88 -62.58
N LYS B 401 -56.17 -37.84 -63.06
CA LYS B 401 -57.26 -37.19 -62.33
C LYS B 401 -58.52 -37.11 -63.18
N GLU B 402 -59.61 -36.62 -62.60
CA GLU B 402 -60.85 -36.50 -63.35
C GLU B 402 -61.99 -35.77 -62.64
N ILE B 403 -63.01 -35.40 -63.41
CA ILE B 403 -64.19 -34.68 -62.92
C ILE B 403 -65.52 -35.40 -63.13
N ASP B 404 -66.41 -35.29 -62.13
CA ASP B 404 -67.74 -35.88 -62.18
C ASP B 404 -68.71 -35.07 -61.33
N ASN B 405 -69.85 -34.74 -61.92
CA ASN B 405 -70.89 -33.95 -61.26
C ASN B 405 -70.40 -32.65 -60.62
N GLY B 406 -69.09 -32.48 -60.49
CA GLY B 406 -68.58 -31.24 -59.92
C GLY B 406 -67.39 -31.32 -58.97
N LYS B 407 -67.05 -32.52 -58.53
CA LYS B 407 -65.93 -32.66 -57.59
C LYS B 407 -64.68 -33.28 -58.23
N LYS B 408 -63.58 -33.25 -57.50
CA LYS B 408 -62.31 -33.79 -57.98
C LYS B 408 -62.08 -35.23 -57.55
N TYR B 409 -61.62 -36.05 -58.50
CA TYR B 409 -61.31 -37.45 -58.25
C TYR B 409 -59.94 -37.78 -58.85
N TYR B 410 -58.94 -38.03 -57.99
CA TYR B 410 -57.62 -38.43 -58.46
C TYR B 410 -57.97 -39.86 -58.71
N LEU B 411 -57.26 -40.66 -59.45
CA LEU B 411 -58.00 -41.88 -59.52
C LEU B 411 -57.18 -42.95 -58.78
N LEU B 412 -57.73 -44.04 -58.23
CA LEU B 412 -56.77 -44.95 -57.62
C LEU B 412 -56.63 -46.16 -58.50
N GLU B 413 -55.38 -46.60 -58.70
CA GLU B 413 -55.12 -47.75 -59.55
C GLU B 413 -54.72 -49.00 -58.75
N SER B 414 -55.05 -50.16 -59.31
CA SER B 414 -54.74 -51.46 -58.72
C SER B 414 -55.08 -52.53 -59.74
N ASN B 415 -54.10 -53.36 -60.09
CA ASN B 415 -54.30 -54.40 -61.09
C ASN B 415 -55.44 -55.37 -60.84
N ASN B 416 -56.29 -55.09 -59.86
CA ASN B 416 -57.43 -55.97 -59.66
C ASN B 416 -58.13 -55.82 -61.02
N GLN B 417 -58.59 -56.92 -61.59
CA GLN B 417 -59.22 -56.85 -62.90
C GLN B 417 -60.73 -56.95 -63.04
N VAL B 418 -61.49 -56.40 -62.09
CA VAL B 418 -62.94 -56.42 -62.21
C VAL B 418 -63.46 -55.24 -61.41
N TYR B 419 -62.53 -54.58 -60.72
CA TYR B 419 -62.87 -53.44 -59.91
C TYR B 419 -61.97 -52.25 -60.20
N GLU B 420 -62.57 -51.07 -60.21
CA GLU B 420 -61.87 -49.83 -60.45
C GLU B 420 -62.18 -49.00 -59.20
N PHE B 421 -61.21 -48.22 -58.74
CA PHE B 421 -61.41 -47.43 -57.54
C PHE B 421 -61.02 -45.97 -57.75
N ARG B 422 -61.65 -45.08 -56.98
CA ARG B 422 -61.37 -43.66 -57.07
C ARG B 422 -61.67 -42.97 -55.73
N ILE B 423 -60.86 -41.97 -55.37
CA ILE B 423 -61.05 -41.26 -54.11
C ILE B 423 -61.28 -39.77 -54.28
N SER B 424 -62.27 -39.26 -53.55
CA SER B 424 -62.65 -37.84 -53.58
C SER B 424 -61.58 -36.92 -53.02
N ASP B 425 -61.86 -35.62 -53.05
CA ASP B 425 -60.95 -34.61 -52.55
C ASP B 425 -61.54 -33.87 -51.37
N GLU B 426 -62.75 -33.37 -51.55
CA GLU B 426 -63.46 -32.64 -50.50
C GLU B 426 -63.23 -33.40 -49.20
N ASN B 427 -63.73 -34.64 -49.21
CA ASN B 427 -63.61 -35.58 -48.11
C ASN B 427 -63.10 -36.86 -48.79
N ASN B 428 -61.81 -37.12 -48.61
CA ASN B 428 -61.10 -38.24 -49.21
C ASN B 428 -61.78 -39.62 -49.17
N GLU B 429 -63.10 -39.65 -49.30
CA GLU B 429 -63.81 -40.93 -49.30
C GLU B 429 -63.25 -41.76 -50.46
N VAL B 430 -63.81 -42.93 -50.69
CA VAL B 430 -63.33 -43.76 -51.77
C VAL B 430 -64.51 -44.45 -52.42
N GLN B 431 -64.37 -44.79 -53.69
CA GLN B 431 -65.47 -45.43 -54.40
C GLN B 431 -64.93 -46.40 -55.46
N TYR B 432 -65.81 -47.31 -55.89
CA TYR B 432 -65.47 -48.29 -56.91
C TYR B 432 -66.70 -48.71 -57.71
N LYS B 433 -66.48 -49.49 -58.74
CA LYS B 433 -67.57 -49.98 -59.58
C LYS B 433 -67.08 -51.15 -60.41
N THR B 434 -68.01 -51.88 -61.03
CA THR B 434 -67.62 -53.00 -61.84
C THR B 434 -67.08 -52.47 -63.16
N LYS B 435 -65.80 -52.71 -63.43
CA LYS B 435 -65.17 -52.26 -64.67
C LYS B 435 -66.16 -52.41 -65.83
N GLU B 436 -66.14 -51.48 -66.78
CA GLU B 436 -67.07 -51.50 -67.91
C GLU B 436 -67.16 -52.79 -68.74
N GLY B 437 -66.25 -53.73 -68.49
CA GLY B 437 -66.27 -54.99 -69.24
C GLY B 437 -66.14 -56.22 -68.36
N LYS B 438 -66.97 -56.33 -67.33
CA LYS B 438 -66.95 -57.48 -66.41
C LYS B 438 -68.13 -57.51 -65.43
N ILE B 439 -68.18 -58.56 -64.60
CA ILE B 439 -69.24 -58.72 -63.58
C ILE B 439 -68.68 -59.10 -62.21
N THR B 440 -69.57 -59.20 -61.22
CA THR B 440 -69.19 -59.57 -59.86
C THR B 440 -69.33 -61.09 -59.70
N VAL B 441 -68.26 -61.73 -59.23
CA VAL B 441 -68.24 -63.17 -59.02
C VAL B 441 -69.58 -63.74 -58.54
N LEU B 442 -70.25 -63.02 -57.65
CA LEU B 442 -71.54 -63.47 -57.16
C LEU B 442 -72.54 -63.35 -58.30
N GLY B 443 -72.61 -62.16 -58.88
CA GLY B 443 -73.52 -61.93 -59.98
C GLY B 443 -74.04 -60.51 -60.02
N GLU B 444 -73.20 -59.55 -59.60
CA GLU B 444 -73.56 -58.13 -59.55
C GLU B 444 -72.73 -57.29 -60.54
N LYS B 445 -73.26 -56.13 -60.91
CA LYS B 445 -72.56 -55.20 -61.81
C LYS B 445 -73.02 -53.78 -61.50
N PHE B 446 -72.29 -53.11 -60.59
CA PHE B 446 -72.65 -51.75 -60.18
C PHE B 446 -71.66 -50.65 -60.55
N ASN B 447 -72.18 -49.42 -60.58
CA ASN B 447 -71.37 -48.27 -60.92
C ASN B 447 -71.13 -47.39 -59.69
N TRP B 448 -69.88 -46.92 -59.57
CA TRP B 448 -69.38 -46.05 -58.50
C TRP B 448 -70.24 -45.88 -57.25
N ARG B 449 -69.81 -46.52 -56.16
CA ARG B 449 -70.51 -46.42 -54.90
C ARG B 449 -69.45 -46.19 -53.84
N ASN B 450 -69.84 -45.53 -52.76
CA ASN B 450 -68.91 -45.25 -51.67
C ASN B 450 -68.59 -46.60 -51.00
N ILE B 451 -67.30 -46.87 -50.79
CA ILE B 451 -66.85 -48.14 -50.17
C ILE B 451 -67.04 -48.14 -48.67
N GLU B 452 -67.92 -49.03 -48.18
CA GLU B 452 -68.18 -49.15 -46.75
C GLU B 452 -67.35 -50.25 -46.11
N VAL B 453 -66.93 -49.99 -44.89
CA VAL B 453 -66.14 -50.94 -44.14
C VAL B 453 -66.95 -51.23 -42.88
N MET B 454 -66.53 -52.21 -42.10
CA MET B 454 -67.22 -52.52 -40.86
C MET B 454 -66.59 -51.65 -39.80
N ALA B 455 -67.41 -51.19 -38.87
CA ALA B 455 -66.91 -50.33 -37.82
C ALA B 455 -67.73 -50.57 -36.57
N LYS B 456 -67.09 -50.60 -35.41
CA LYS B 456 -67.84 -50.81 -34.20
C LYS B 456 -68.14 -49.48 -33.58
N ASN B 457 -68.73 -49.52 -32.38
CA ASN B 457 -69.06 -48.32 -31.64
C ASN B 457 -67.88 -47.95 -30.73
N VAL B 458 -67.60 -46.66 -30.60
CA VAL B 458 -66.49 -46.21 -29.76
C VAL B 458 -66.80 -44.83 -29.20
N GLU B 459 -67.53 -44.77 -28.10
CA GLU B 459 -67.91 -43.49 -27.50
C GLU B 459 -68.88 -42.80 -28.47
N GLY B 460 -69.95 -43.51 -28.81
CA GLY B 460 -70.95 -42.96 -29.72
C GLY B 460 -70.44 -42.59 -31.11
N VAL B 461 -69.52 -43.37 -31.64
CA VAL B 461 -69.02 -43.05 -32.97
C VAL B 461 -68.59 -44.33 -33.69
N LEU B 462 -69.11 -44.55 -34.91
CA LEU B 462 -68.78 -45.75 -35.69
C LEU B 462 -67.43 -45.64 -36.37
N LYS B 463 -66.36 -46.06 -35.68
CA LYS B 463 -64.98 -46.04 -36.20
C LYS B 463 -64.68 -47.34 -36.98
N PRO B 464 -64.01 -47.23 -38.16
CA PRO B 464 -63.66 -48.36 -39.03
C PRO B 464 -62.87 -49.43 -38.29
N LEU B 465 -63.10 -50.69 -38.65
CA LEU B 465 -62.44 -51.79 -37.97
C LEU B 465 -61.25 -52.45 -38.67
N THR B 466 -60.26 -52.78 -37.85
CA THR B 466 -59.07 -53.45 -38.35
C THR B 466 -58.56 -54.47 -37.35
N ALA B 467 -57.51 -55.18 -37.76
CA ALA B 467 -56.87 -56.20 -36.95
C ALA B 467 -56.70 -55.80 -35.50
N ASP B 468 -56.87 -56.75 -34.59
CA ASP B 468 -56.72 -56.49 -33.15
C ASP B 468 -55.47 -57.19 -32.68
N TYR B 469 -55.20 -57.11 -31.37
CA TYR B 469 -54.06 -57.83 -30.82
C TYR B 469 -54.67 -59.05 -30.14
N ASP B 470 -54.44 -60.22 -30.72
CA ASP B 470 -54.94 -61.46 -30.16
C ASP B 470 -53.76 -62.04 -29.42
N LEU B 471 -53.77 -61.92 -28.11
CA LEU B 471 -52.69 -62.45 -27.30
C LEU B 471 -52.63 -63.94 -27.56
N PHE B 472 -51.43 -64.50 -27.65
CA PHE B 472 -51.30 -65.95 -27.85
C PHE B 472 -51.29 -66.64 -26.51
N ALA B 473 -50.97 -65.90 -25.46
CA ALA B 473 -50.97 -66.46 -24.13
C ALA B 473 -50.36 -65.48 -23.18
N LEU B 474 -50.82 -65.47 -21.94
CA LEU B 474 -50.26 -64.60 -20.92
C LEU B 474 -49.56 -65.51 -19.92
N ALA B 475 -48.31 -65.26 -19.62
CA ALA B 475 -47.62 -66.13 -18.69
C ALA B 475 -47.26 -65.41 -17.41
N PRO B 476 -48.19 -65.35 -16.45
CA PRO B 476 -47.83 -64.65 -15.23
C PRO B 476 -46.80 -65.48 -14.47
N SER B 477 -46.08 -64.86 -13.54
CA SER B 477 -45.07 -65.56 -12.75
C SER B 477 -45.80 -66.24 -11.62
N LEU B 478 -45.52 -67.52 -11.45
CA LEU B 478 -46.19 -68.27 -10.41
C LEU B 478 -46.31 -67.40 -9.18
N THR B 479 -45.26 -66.66 -8.89
CA THR B 479 -45.21 -65.79 -7.72
C THR B 479 -46.28 -64.70 -7.71
N GLU B 480 -46.73 -64.34 -8.91
CA GLU B 480 -47.73 -63.30 -9.06
C GLU B 480 -49.10 -63.77 -8.65
N ILE B 481 -49.47 -64.95 -9.11
CA ILE B 481 -50.75 -65.55 -8.79
C ILE B 481 -50.94 -65.63 -7.27
N LYS B 482 -49.84 -65.78 -6.55
CA LYS B 482 -49.89 -65.82 -5.10
C LYS B 482 -50.60 -64.53 -4.65
N LYS B 483 -50.17 -63.41 -5.25
CA LYS B 483 -50.72 -62.09 -4.96
C LYS B 483 -52.20 -62.03 -5.32
N GLN B 484 -52.61 -62.87 -6.27
CA GLN B 484 -54.00 -62.92 -6.69
C GLN B 484 -54.90 -63.44 -5.57
N ILE B 485 -54.46 -64.51 -4.92
CA ILE B 485 -55.24 -65.12 -3.83
C ILE B 485 -55.39 -64.15 -2.66
N PRO B 486 -56.55 -64.18 -2.00
CA PRO B 486 -56.84 -63.32 -0.85
C PRO B 486 -56.42 -64.00 0.45
N GLN B 487 -55.44 -63.40 1.12
CA GLN B 487 -54.87 -63.92 2.36
C GLN B 487 -55.79 -64.77 3.21
N LYS B 488 -57.02 -64.30 3.40
CA LYS B 488 -57.99 -65.04 4.21
C LYS B 488 -58.07 -66.51 3.81
N GLU B 489 -58.49 -66.75 2.57
CA GLU B 489 -58.63 -68.11 2.07
C GLU B 489 -57.32 -68.89 2.04
N TRP B 490 -56.21 -68.25 1.71
CA TRP B 490 -54.94 -68.96 1.66
C TRP B 490 -54.52 -69.38 3.06
N ASP B 491 -54.63 -68.48 4.03
CA ASP B 491 -54.25 -68.77 5.41
C ASP B 491 -55.09 -69.93 5.95
N LYS B 492 -56.39 -69.90 5.66
CA LYS B 492 -57.29 -70.95 6.12
C LYS B 492 -56.92 -72.32 5.55
N VAL B 493 -56.00 -72.34 4.59
CA VAL B 493 -55.61 -73.60 3.98
C VAL B 493 -54.25 -74.11 4.46
N VAL B 494 -53.36 -73.20 4.84
CA VAL B 494 -52.06 -73.63 5.34
C VAL B 494 -52.15 -74.02 6.82
N ASN B 495 -53.14 -73.45 7.51
CA ASN B 495 -53.37 -73.77 8.92
C ASN B 495 -54.15 -75.07 8.97
N THR B 496 -53.60 -76.11 8.35
CA THR B 496 -54.25 -77.41 8.31
C THR B 496 -53.32 -78.49 8.84
N PRO B 497 -53.90 -79.61 9.30
CA PRO B 497 -53.14 -80.74 9.84
C PRO B 497 -52.66 -81.62 8.71
N ASN B 498 -53.56 -82.48 8.24
CA ASN B 498 -53.26 -83.40 7.16
C ASN B 498 -52.36 -82.71 6.13
N SER B 499 -51.13 -83.20 6.03
CA SER B 499 -50.17 -82.62 5.10
C SER B 499 -50.62 -82.86 3.66
N LEU B 500 -51.15 -84.04 3.38
CA LEU B 500 -51.60 -84.33 2.04
C LEU B 500 -52.73 -83.41 1.61
N GLU B 501 -53.62 -83.07 2.54
CA GLU B 501 -54.72 -82.17 2.22
C GLU B 501 -54.17 -80.76 2.06
N LYS B 502 -53.06 -80.47 2.75
CA LYS B 502 -52.46 -79.14 2.65
C LYS B 502 -51.99 -78.91 1.23
N GLN B 503 -51.95 -79.98 0.44
CA GLN B 503 -51.56 -79.86 -0.96
C GLN B 503 -52.84 -79.66 -1.74
N LYS B 504 -53.75 -80.63 -1.61
CA LYS B 504 -55.02 -80.53 -2.30
C LYS B 504 -55.59 -79.15 -1.98
N GLY B 505 -55.47 -78.73 -0.73
CA GLY B 505 -55.98 -77.43 -0.37
C GLY B 505 -55.29 -76.33 -1.16
N VAL B 506 -54.00 -76.52 -1.44
CA VAL B 506 -53.21 -75.53 -2.19
C VAL B 506 -53.46 -75.54 -3.68
N THR B 507 -53.27 -76.69 -4.33
CA THR B 507 -53.48 -76.79 -5.76
C THR B 507 -54.87 -76.28 -6.16
N ASN B 508 -55.91 -76.65 -5.42
CA ASN B 508 -57.25 -76.15 -5.74
C ASN B 508 -57.18 -74.62 -5.73
N LEU B 509 -56.35 -74.06 -4.87
CA LEU B 509 -56.20 -72.61 -4.80
C LEU B 509 -55.51 -72.13 -6.06
N LEU B 510 -54.42 -72.79 -6.39
CA LEU B 510 -53.64 -72.47 -7.57
C LEU B 510 -54.49 -72.61 -8.82
N ILE B 511 -55.57 -73.37 -8.71
CA ILE B 511 -56.48 -73.60 -9.83
C ILE B 511 -57.54 -72.52 -9.81
N LYS B 512 -58.18 -72.41 -8.65
CA LYS B 512 -59.23 -71.44 -8.37
C LYS B 512 -58.88 -70.06 -8.90
N TYR B 513 -57.81 -69.49 -8.34
CA TYR B 513 -57.32 -68.15 -8.65
C TYR B 513 -56.35 -68.00 -9.80
N GLY B 514 -55.82 -69.08 -10.36
CA GLY B 514 -54.86 -68.88 -11.42
C GLY B 514 -54.94 -69.69 -12.67
N ILE B 515 -55.75 -70.74 -12.69
CA ILE B 515 -55.87 -71.58 -13.89
C ILE B 515 -57.28 -71.54 -14.48
N GLU B 516 -58.26 -71.28 -13.62
CA GLU B 516 -59.62 -71.29 -14.08
C GLU B 516 -59.98 -70.23 -15.08
N ARG B 517 -60.62 -70.72 -16.14
CA ARG B 517 -61.09 -69.91 -17.24
C ARG B 517 -62.63 -70.00 -17.47
N LYS B 518 -63.36 -69.01 -16.94
CA LYS B 518 -64.82 -68.91 -17.08
C LYS B 518 -65.09 -68.24 -18.42
N PRO B 519 -66.31 -68.36 -18.95
CA PRO B 519 -66.52 -67.71 -20.23
C PRO B 519 -67.03 -66.32 -19.88
N ASP B 520 -67.01 -65.42 -20.85
CA ASP B 520 -67.51 -64.07 -20.61
C ASP B 520 -68.39 -63.60 -21.74
N SER B 521 -69.30 -62.70 -21.39
CA SER B 521 -70.22 -62.12 -22.34
C SER B 521 -69.44 -61.42 -23.47
N THR B 522 -68.63 -60.45 -23.05
CA THR B 522 -67.88 -59.64 -23.99
C THR B 522 -66.45 -60.07 -24.39
N LYS B 523 -65.54 -60.17 -23.43
CA LYS B 523 -64.16 -60.48 -23.72
C LYS B 523 -63.77 -61.90 -24.07
N GLY B 524 -64.69 -62.64 -24.70
CA GLY B 524 -64.42 -64.03 -25.05
C GLY B 524 -64.36 -64.94 -23.82
N THR B 525 -63.61 -66.03 -23.93
CA THR B 525 -63.45 -66.94 -22.79
C THR B 525 -62.09 -66.70 -22.17
N LEU B 526 -62.03 -66.33 -20.89
CA LEU B 526 -60.72 -66.11 -20.29
C LEU B 526 -60.66 -66.18 -18.79
N SER B 527 -59.44 -66.11 -18.29
CA SER B 527 -59.18 -66.18 -16.86
C SER B 527 -59.74 -64.95 -16.22
N ASN B 528 -59.54 -64.85 -14.90
CA ASN B 528 -59.98 -63.68 -14.14
C ASN B 528 -58.89 -62.64 -14.07
N TRP B 529 -57.67 -63.07 -13.76
CA TRP B 529 -56.56 -62.14 -13.74
C TRP B 529 -56.33 -61.79 -15.21
N GLN B 530 -56.47 -62.79 -16.07
CA GLN B 530 -56.30 -62.58 -17.50
C GLN B 530 -57.05 -61.33 -17.94
N LYS B 531 -58.23 -61.14 -17.36
CA LYS B 531 -59.02 -59.97 -17.70
C LYS B 531 -58.27 -58.73 -17.25
N GLN B 532 -58.13 -58.56 -15.94
CA GLN B 532 -57.44 -57.39 -15.42
C GLN B 532 -56.24 -57.11 -16.29
N MET B 533 -55.36 -58.09 -16.41
CA MET B 533 -54.18 -57.94 -17.25
C MET B 533 -54.59 -57.36 -18.59
N LEU B 534 -55.71 -57.83 -19.09
CA LEU B 534 -56.21 -57.40 -20.39
C LEU B 534 -56.73 -55.98 -20.41
N ASP B 535 -57.07 -55.45 -19.25
CA ASP B 535 -57.55 -54.08 -19.22
C ASP B 535 -56.29 -53.20 -19.13
N ARG B 536 -55.33 -53.66 -18.34
CA ARG B 536 -54.07 -52.95 -18.13
C ARG B 536 -53.17 -52.94 -19.37
N LEU B 537 -53.57 -53.69 -20.39
CA LEU B 537 -52.81 -53.68 -21.62
C LEU B 537 -53.36 -52.56 -22.48
N ASN B 538 -54.66 -52.32 -22.38
CA ASN B 538 -55.32 -51.23 -23.12
C ASN B 538 -55.08 -49.88 -22.44
N GLU B 539 -55.50 -49.79 -21.17
CA GLU B 539 -55.29 -48.55 -20.40
C GLU B 539 -53.82 -48.19 -20.47
N ALA B 540 -53.02 -49.13 -20.96
CA ALA B 540 -51.62 -48.88 -21.10
C ALA B 540 -51.47 -48.22 -22.46
N VAL B 541 -52.01 -48.84 -23.52
CA VAL B 541 -51.88 -48.24 -24.85
C VAL B 541 -52.82 -47.12 -25.15
N LYS B 542 -53.52 -46.60 -24.14
CA LYS B 542 -54.43 -45.48 -24.38
C LYS B 542 -53.97 -44.23 -23.64
N TYR B 543 -53.12 -44.45 -22.60
CA TYR B 543 -52.55 -43.35 -21.82
C TYR B 543 -51.24 -43.00 -22.53
N THR B 544 -51.20 -43.35 -23.82
CA THR B 544 -50.06 -43.06 -24.68
C THR B 544 -50.57 -42.17 -25.80
N GLY B 545 -51.39 -42.73 -26.68
CA GLY B 545 -51.92 -41.95 -27.80
C GLY B 545 -52.94 -42.62 -28.71
N TYR B 546 -53.63 -43.65 -28.22
CA TYR B 546 -54.65 -44.35 -29.01
C TYR B 546 -56.03 -43.75 -28.75
N THR B 547 -56.86 -43.72 -29.79
CA THR B 547 -58.21 -43.16 -29.69
C THR B 547 -59.24 -44.05 -30.38
N GLY B 548 -59.10 -45.37 -30.21
CA GLY B 548 -60.01 -46.32 -30.81
C GLY B 548 -60.50 -47.32 -29.80
N GLY B 549 -60.62 -46.87 -28.55
CA GLY B 549 -61.08 -47.72 -27.48
C GLY B 549 -59.99 -48.59 -26.87
N ASP B 550 -60.14 -49.91 -27.06
CA ASP B 550 -59.17 -50.89 -26.55
C ASP B 550 -58.62 -51.60 -27.79
N VAL B 551 -57.46 -52.24 -27.66
CA VAL B 551 -56.87 -52.92 -28.82
C VAL B 551 -56.72 -54.43 -28.62
N VAL B 552 -56.93 -54.88 -27.39
CA VAL B 552 -56.88 -56.29 -27.07
C VAL B 552 -58.31 -56.54 -26.65
N ASN B 553 -59.05 -57.26 -27.48
CA ASN B 553 -60.46 -57.50 -27.22
C ASN B 553 -60.84 -58.78 -26.51
N HIS B 554 -60.42 -59.91 -27.05
CA HIS B 554 -60.77 -61.21 -26.47
C HIS B 554 -59.67 -61.87 -25.64
N GLY B 555 -59.84 -63.16 -25.37
CA GLY B 555 -58.89 -63.89 -24.56
C GLY B 555 -57.73 -64.49 -25.32
N THR B 556 -56.87 -65.16 -24.56
CA THR B 556 -55.65 -65.82 -25.05
C THR B 556 -55.89 -67.05 -25.92
N GLU B 557 -55.76 -66.88 -27.24
CA GLU B 557 -55.93 -67.95 -28.22
C GLU B 557 -55.72 -69.41 -27.72
N GLN B 558 -55.14 -69.57 -26.53
CA GLN B 558 -54.92 -70.88 -25.92
C GLN B 558 -56.22 -71.34 -25.33
N ASP B 559 -57.30 -70.63 -25.68
CA ASP B 559 -58.64 -70.98 -25.24
C ASP B 559 -59.57 -71.06 -26.44
N ASN B 560 -58.99 -70.83 -27.61
CA ASN B 560 -59.68 -70.91 -28.91
C ASN B 560 -59.78 -72.41 -29.24
N GLU B 561 -60.39 -73.14 -28.31
CA GLU B 561 -60.60 -74.57 -28.43
C GLU B 561 -61.41 -74.74 -29.69
N GLU B 562 -62.40 -73.86 -29.84
CA GLU B 562 -63.26 -73.90 -31.00
C GLU B 562 -62.50 -74.00 -32.31
N PHE B 563 -61.97 -72.88 -32.79
CA PHE B 563 -61.24 -72.82 -34.06
C PHE B 563 -59.76 -72.51 -33.86
N PRO B 564 -59.05 -73.35 -33.10
CA PRO B 564 -57.63 -73.14 -32.85
C PRO B 564 -56.81 -73.08 -34.12
N GLU B 565 -55.79 -72.25 -34.11
CA GLU B 565 -54.94 -72.08 -35.27
C GLU B 565 -53.45 -72.06 -34.88
N LYS B 566 -52.62 -72.48 -35.84
CA LYS B 566 -51.15 -72.58 -35.68
C LYS B 566 -50.36 -71.53 -36.46
N ASP B 567 -49.59 -70.70 -35.75
CA ASP B 567 -48.80 -69.67 -36.41
C ASP B 567 -47.33 -69.87 -36.16
N ASN B 568 -46.59 -70.07 -37.24
CA ASN B 568 -45.16 -70.28 -37.16
C ASN B 568 -44.51 -69.25 -36.24
N GLU B 569 -44.63 -67.99 -36.61
CA GLU B 569 -44.05 -66.90 -35.84
C GLU B 569 -44.88 -66.47 -34.62
N ILE B 570 -44.19 -66.08 -33.55
CA ILE B 570 -44.86 -65.66 -32.34
C ILE B 570 -44.06 -64.54 -31.67
N PHE B 571 -44.69 -63.39 -31.47
CA PHE B 571 -44.03 -62.26 -30.81
C PHE B 571 -44.14 -62.42 -29.29
N ILE B 572 -43.02 -62.25 -28.59
CA ILE B 572 -43.02 -62.40 -27.14
C ILE B 572 -42.30 -61.32 -26.38
N ILE B 573 -43.04 -60.57 -25.61
CA ILE B 573 -42.48 -59.50 -24.84
C ILE B 573 -42.09 -60.04 -23.48
N ASN B 574 -40.86 -60.51 -23.36
CA ASN B 574 -40.34 -61.07 -22.13
C ASN B 574 -40.76 -60.30 -20.87
N PRO B 575 -40.54 -60.88 -19.68
CA PRO B 575 -40.91 -60.21 -18.43
C PRO B 575 -40.03 -59.01 -18.12
N GLU B 576 -39.17 -58.65 -19.08
CA GLU B 576 -38.24 -57.55 -18.90
C GLU B 576 -37.93 -56.77 -20.18
N GLY B 577 -38.93 -56.60 -21.04
CA GLY B 577 -38.75 -55.85 -22.26
C GLY B 577 -38.32 -56.62 -23.50
N GLU B 578 -37.24 -57.37 -23.37
CA GLU B 578 -36.70 -58.14 -24.49
C GLU B 578 -37.74 -58.60 -25.51
N PHE B 579 -37.75 -57.97 -26.69
CA PHE B 579 -38.68 -58.38 -27.74
C PHE B 579 -38.17 -59.67 -28.39
N ILE B 580 -39.07 -60.57 -28.76
CA ILE B 580 -38.68 -61.84 -29.37
C ILE B 580 -39.76 -62.40 -30.28
N LEU B 581 -39.33 -63.07 -31.34
CA LEU B 581 -40.26 -63.65 -32.29
C LEU B 581 -39.78 -65.02 -32.70
N THR B 582 -40.44 -66.06 -32.22
CA THR B 582 -40.03 -67.40 -32.60
C THR B 582 -40.12 -67.56 -34.12
N LYS B 583 -39.88 -68.77 -34.64
CA LYS B 583 -39.94 -69.00 -36.08
C LYS B 583 -40.67 -70.29 -36.43
N ASN B 584 -40.62 -71.24 -35.51
CA ASN B 584 -41.26 -72.52 -35.71
C ASN B 584 -42.31 -72.72 -34.67
N TRP B 585 -43.29 -73.56 -35.00
CA TRP B 585 -44.36 -73.87 -34.07
C TRP B 585 -43.70 -74.65 -32.94
N GLU B 586 -42.43 -74.95 -33.16
CA GLU B 586 -41.62 -75.69 -32.21
C GLU B 586 -40.81 -74.69 -31.44
N MET B 587 -39.96 -73.95 -32.14
CA MET B 587 -39.11 -72.96 -31.50
C MET B 587 -39.96 -72.29 -30.45
N THR B 588 -41.20 -72.01 -30.83
CA THR B 588 -42.16 -71.40 -29.93
C THR B 588 -42.33 -72.35 -28.76
N GLY B 589 -42.81 -73.54 -29.10
CA GLY B 589 -43.03 -74.56 -28.10
C GLY B 589 -41.77 -74.94 -27.31
N ARG B 590 -40.60 -74.71 -27.91
CA ARG B 590 -39.34 -75.02 -27.26
C ARG B 590 -38.98 -73.85 -26.35
N PHE B 591 -39.15 -72.64 -26.88
CA PHE B 591 -38.85 -71.42 -26.14
C PHE B 591 -39.66 -71.39 -24.86
N ILE B 592 -40.92 -71.82 -24.95
CA ILE B 592 -41.80 -71.81 -23.80
C ILE B 592 -41.41 -72.86 -22.79
N GLU B 593 -40.88 -73.98 -23.27
CA GLU B 593 -40.46 -75.06 -22.37
C GLU B 593 -39.24 -74.61 -21.59
N LYS B 594 -38.32 -73.94 -22.27
CA LYS B 594 -37.09 -73.46 -21.65
C LYS B 594 -37.29 -72.40 -20.57
N ASN B 595 -37.53 -71.17 -21.00
CA ASN B 595 -37.70 -70.04 -20.10
C ASN B 595 -39.13 -69.59 -19.76
N ILE B 596 -40.08 -70.53 -19.75
CA ILE B 596 -41.45 -70.26 -19.33
C ILE B 596 -41.87 -71.42 -18.43
N THR B 597 -42.29 -72.53 -19.05
CA THR B 597 -42.70 -73.68 -18.28
C THR B 597 -41.68 -73.99 -17.19
N GLY B 598 -40.58 -74.62 -17.60
CA GLY B 598 -39.56 -74.99 -16.65
C GLY B 598 -38.80 -73.82 -16.05
N LYS B 599 -39.50 -72.70 -15.81
CA LYS B 599 -38.84 -71.54 -15.22
C LYS B 599 -39.67 -70.72 -14.20
N ASP B 600 -40.72 -71.33 -13.65
CA ASP B 600 -41.58 -70.72 -12.63
C ASP B 600 -42.73 -69.82 -13.04
N TYR B 601 -43.01 -69.77 -14.33
CA TYR B 601 -44.12 -68.98 -14.80
C TYR B 601 -45.27 -69.95 -15.08
N LEU B 602 -46.49 -69.53 -14.78
CA LEU B 602 -47.62 -70.41 -14.96
C LEU B 602 -48.23 -70.35 -16.31
N TYR B 603 -48.08 -71.42 -17.08
CA TYR B 603 -48.64 -71.45 -18.42
C TYR B 603 -49.45 -72.72 -18.65
N TYR B 604 -50.55 -72.56 -19.39
CA TYR B 604 -51.42 -73.68 -19.72
C TYR B 604 -51.63 -73.69 -21.23
N PHE B 605 -51.60 -74.86 -21.86
CA PHE B 605 -51.76 -74.92 -23.31
C PHE B 605 -53.12 -75.39 -23.81
N ASN B 606 -53.50 -74.89 -24.99
CA ASN B 606 -54.80 -75.14 -25.58
C ASN B 606 -55.40 -76.50 -25.46
N ARG B 607 -56.50 -76.54 -24.75
CA ARG B 607 -57.21 -77.78 -24.53
C ARG B 607 -57.32 -78.58 -25.81
N SER B 608 -57.76 -77.92 -26.87
CA SER B 608 -57.94 -78.65 -28.11
C SER B 608 -56.65 -79.10 -28.79
N TYR B 609 -55.50 -78.88 -28.16
CA TYR B 609 -54.24 -79.32 -28.78
C TYR B 609 -54.13 -80.84 -28.65
N ASN B 610 -53.69 -81.49 -29.72
CA ASN B 610 -53.54 -82.96 -29.70
C ASN B 610 -54.85 -83.70 -29.89
N LYS B 611 -55.96 -82.97 -29.83
CA LYS B 611 -57.25 -83.59 -30.07
C LYS B 611 -57.67 -82.99 -31.41
N ILE B 612 -58.85 -83.32 -31.92
CA ILE B 612 -59.29 -82.72 -33.19
C ILE B 612 -60.20 -81.55 -32.88
N ALA B 613 -59.83 -80.37 -33.35
CA ALA B 613 -60.62 -79.17 -33.11
C ALA B 613 -61.90 -79.21 -33.93
N PRO B 614 -63.07 -79.25 -33.27
CA PRO B 614 -64.35 -79.29 -33.98
C PRO B 614 -64.49 -78.16 -34.99
N GLY B 615 -64.64 -76.94 -34.49
CA GLY B 615 -64.79 -75.78 -35.34
C GLY B 615 -64.13 -75.88 -36.70
N ASN B 616 -62.84 -76.17 -36.73
CA ASN B 616 -62.11 -76.26 -37.99
C ASN B 616 -61.51 -77.62 -38.30
N LYS B 617 -61.84 -78.61 -37.48
CA LYS B 617 -61.33 -79.97 -37.66
C LYS B 617 -59.84 -79.92 -37.96
N ALA B 618 -59.10 -79.31 -37.04
CA ALA B 618 -57.66 -79.15 -37.18
C ALA B 618 -56.87 -79.85 -36.08
N TYR B 619 -55.82 -80.53 -36.52
CA TYR B 619 -54.94 -81.27 -35.63
C TYR B 619 -53.69 -80.43 -35.34
N ILE B 620 -53.61 -79.89 -34.13
CA ILE B 620 -52.48 -79.08 -33.72
C ILE B 620 -51.68 -79.76 -32.62
N GLU B 621 -50.46 -80.20 -32.97
CA GLU B 621 -49.50 -80.91 -32.10
C GLU B 621 -48.74 -80.09 -31.05
N TRP B 622 -48.72 -80.57 -29.80
CA TRP B 622 -48.04 -79.84 -28.72
C TRP B 622 -47.55 -80.71 -27.57
N THR B 623 -46.26 -81.01 -27.56
CA THR B 623 -45.65 -81.84 -26.52
C THR B 623 -46.38 -81.80 -25.17
N ASP B 624 -46.96 -82.92 -24.77
CA ASP B 624 -47.67 -82.98 -23.50
C ASP B 624 -46.95 -84.01 -22.65
N PRO B 625 -46.40 -83.59 -21.54
CA PRO B 625 -45.70 -84.53 -20.67
C PRO B 625 -46.54 -85.73 -20.28
N ILE B 626 -47.71 -85.48 -19.71
CA ILE B 626 -48.53 -86.62 -19.31
C ILE B 626 -48.62 -87.70 -20.37
N THR B 627 -48.77 -87.27 -21.61
CA THR B 627 -48.85 -88.19 -22.74
C THR B 627 -47.47 -88.83 -23.05
N LYS B 628 -46.41 -88.09 -22.73
CA LYS B 628 -45.01 -88.52 -22.94
C LYS B 628 -44.72 -89.78 -22.12
N ALA B 629 -45.32 -89.85 -20.92
CA ALA B 629 -45.13 -90.97 -20.04
C ALA B 629 -46.41 -91.77 -19.84
N LYS B 630 -47.04 -92.11 -20.96
CA LYS B 630 -48.24 -92.92 -20.92
C LYS B 630 -47.70 -94.32 -21.16
N ILE B 631 -46.88 -94.44 -22.19
CA ILE B 631 -46.23 -95.67 -22.57
C ILE B 631 -45.96 -96.57 -21.38
N ASN B 632 -45.57 -95.99 -20.25
CA ASN B 632 -45.25 -96.77 -19.05
C ASN B 632 -46.25 -96.67 -17.93
N THR B 633 -47.53 -96.55 -18.21
CA THR B 633 -48.43 -96.45 -17.07
C THR B 633 -49.61 -97.40 -17.15
N ILE B 634 -49.83 -98.15 -16.09
CA ILE B 634 -50.97 -99.03 -16.12
C ILE B 634 -52.20 -98.09 -16.24
N PRO B 635 -53.08 -98.32 -17.24
CA PRO B 635 -54.25 -97.47 -17.41
C PRO B 635 -55.26 -97.68 -16.29
N THR B 636 -56.17 -96.73 -16.15
CA THR B 636 -57.22 -96.76 -15.12
C THR B 636 -58.40 -97.66 -15.46
N SER B 637 -59.27 -97.87 -14.46
CA SER B 637 -60.45 -98.68 -14.68
C SER B 637 -61.20 -97.98 -15.79
N ALA B 638 -61.52 -96.72 -15.52
CA ALA B 638 -62.26 -95.85 -16.42
C ALA B 638 -61.59 -95.54 -17.75
N GLU B 639 -60.27 -95.40 -17.75
CA GLU B 639 -59.54 -95.11 -18.97
C GLU B 639 -59.61 -96.32 -19.91
N PHE B 640 -59.92 -97.47 -19.30
CA PHE B 640 -60.05 -98.72 -20.02
C PHE B 640 -61.47 -98.78 -20.50
N ILE B 641 -62.41 -98.94 -19.58
CA ILE B 641 -63.81 -98.96 -19.96
C ILE B 641 -64.00 -97.89 -21.02
N LYS B 642 -63.41 -96.73 -20.80
CA LYS B 642 -63.50 -95.62 -21.75
C LYS B 642 -63.13 -96.09 -23.16
N ASN B 643 -61.85 -96.43 -23.35
CA ASN B 643 -61.36 -96.90 -24.64
C ASN B 643 -62.26 -97.92 -25.36
N LEU B 644 -62.88 -98.84 -24.61
CA LEU B 644 -63.77 -99.81 -25.26
C LEU B 644 -64.89 -98.95 -25.83
N SER B 645 -65.61 -98.29 -24.91
CA SER B 645 -66.69 -97.40 -25.26
C SER B 645 -66.41 -96.72 -26.61
N SER B 646 -65.16 -96.28 -26.81
CA SER B 646 -64.80 -95.61 -28.04
C SER B 646 -64.83 -96.50 -29.28
N ILE B 647 -64.22 -97.69 -29.22
CA ILE B 647 -64.20 -98.58 -30.39
C ILE B 647 -65.57 -99.21 -30.61
N ARG B 648 -66.38 -99.25 -29.56
CA ARG B 648 -67.72 -99.75 -29.74
C ARG B 648 -68.39 -98.83 -30.77
N ARG B 649 -68.45 -97.53 -30.48
CA ARG B 649 -69.14 -96.64 -31.39
C ARG B 649 -68.58 -96.66 -32.87
N SER B 650 -67.42 -97.25 -33.10
CA SER B 650 -66.70 -97.21 -34.43
C SER B 650 -67.01 -98.42 -35.26
N SER B 651 -66.26 -99.50 -35.03
CA SER B 651 -66.74 -100.73 -35.63
C SER B 651 -67.93 -100.85 -34.68
N ASN B 652 -69.13 -101.14 -35.19
CA ASN B 652 -70.25 -101.23 -34.26
C ASN B 652 -70.30 -102.60 -33.58
N VAL B 653 -69.16 -103.04 -33.05
CA VAL B 653 -69.07 -104.31 -32.35
C VAL B 653 -68.30 -104.13 -31.04
N GLY B 654 -68.98 -104.43 -29.93
CA GLY B 654 -68.35 -104.28 -28.62
C GLY B 654 -67.44 -105.45 -28.27
N VAL B 655 -66.72 -105.36 -27.15
CA VAL B 655 -65.85 -106.44 -26.76
C VAL B 655 -66.72 -107.65 -26.58
N TYR B 656 -67.94 -107.42 -26.10
CA TYR B 656 -68.85 -108.51 -25.89
C TYR B 656 -70.22 -108.17 -26.45
N LYS B 657 -70.85 -109.11 -27.14
CA LYS B 657 -72.16 -108.85 -27.70
C LYS B 657 -73.24 -109.32 -26.74
N ASP B 658 -74.46 -108.84 -26.95
CA ASP B 658 -75.63 -109.18 -26.15
C ASP B 658 -76.23 -110.47 -26.71
N SER B 659 -75.81 -111.62 -26.18
CA SER B 659 -76.31 -112.91 -26.66
C SER B 659 -76.33 -113.95 -25.56
N GLY B 660 -76.42 -115.21 -25.98
CA GLY B 660 -76.45 -116.31 -25.02
C GLY B 660 -75.17 -117.12 -25.00
N ASP B 661 -74.34 -116.96 -26.03
CA ASP B 661 -73.11 -117.73 -26.09
C ASP B 661 -72.39 -117.66 -24.75
N LYS B 662 -72.42 -118.73 -23.96
CA LYS B 662 -71.72 -118.70 -22.69
C LYS B 662 -70.26 -118.49 -22.99
N ASP B 663 -69.96 -118.26 -24.26
CA ASP B 663 -68.61 -118.01 -24.72
C ASP B 663 -68.42 -116.48 -24.66
N GLU B 664 -69.46 -115.77 -25.08
CA GLU B 664 -69.47 -114.31 -25.10
C GLU B 664 -69.44 -113.83 -23.66
N PHE B 665 -70.49 -114.14 -22.90
CA PHE B 665 -70.55 -113.75 -21.51
C PHE B 665 -69.22 -114.06 -20.87
N ALA B 666 -68.57 -115.14 -21.31
CA ALA B 666 -67.26 -115.49 -20.75
C ALA B 666 -66.36 -114.25 -20.88
N LYS B 667 -66.31 -113.73 -22.10
CA LYS B 667 -65.54 -112.55 -22.40
C LYS B 667 -66.06 -111.37 -21.59
N LYS B 668 -67.36 -111.11 -21.63
CA LYS B 668 -67.85 -110.00 -20.84
C LYS B 668 -67.32 -110.11 -19.40
N GLU B 669 -67.70 -111.15 -18.67
CA GLU B 669 -67.26 -111.32 -17.29
C GLU B 669 -65.78 -111.03 -17.20
N SER B 670 -65.04 -111.47 -18.20
CA SER B 670 -63.59 -111.30 -18.25
C SER B 670 -63.07 -109.86 -18.17
N VAL B 671 -63.71 -108.93 -18.90
CA VAL B 671 -63.26 -107.54 -18.84
C VAL B 671 -63.58 -107.07 -17.46
N LYS B 672 -64.78 -107.38 -16.99
CA LYS B 672 -65.20 -106.99 -15.66
C LYS B 672 -64.09 -107.31 -14.65
N LYS B 673 -63.19 -108.20 -15.06
CA LYS B 673 -62.10 -108.54 -14.18
C LYS B 673 -60.93 -107.60 -14.47
N ILE B 674 -60.60 -107.38 -15.74
CA ILE B 674 -59.50 -106.48 -16.04
C ILE B 674 -59.90 -105.10 -15.52
N ALA B 675 -61.21 -104.85 -15.49
CA ALA B 675 -61.74 -103.58 -15.02
C ALA B 675 -61.74 -103.51 -13.50
N GLY B 676 -61.13 -104.51 -12.89
CA GLY B 676 -61.03 -104.55 -11.45
C GLY B 676 -59.55 -104.46 -11.20
N TYR B 677 -58.81 -105.46 -11.68
CA TYR B 677 -57.37 -105.51 -11.53
C TYR B 677 -56.80 -104.13 -11.76
N LEU B 678 -57.25 -103.45 -12.80
CA LEU B 678 -56.75 -102.12 -13.03
C LEU B 678 -57.24 -101.21 -11.90
N SER B 679 -58.53 -101.23 -11.63
CA SER B 679 -59.02 -100.40 -10.56
C SER B 679 -58.29 -100.71 -9.27
N ASP B 680 -58.07 -101.99 -9.04
CA ASP B 680 -57.41 -102.46 -7.82
C ASP B 680 -55.97 -101.95 -7.69
N TYR B 681 -55.35 -101.63 -8.83
CA TYR B 681 -53.98 -101.13 -8.87
C TYR B 681 -53.89 -99.82 -8.11
N TYR B 682 -54.67 -98.85 -8.59
CA TYR B 682 -54.73 -97.53 -8.01
C TYR B 682 -55.64 -97.52 -6.81
N ASN B 683 -55.27 -98.23 -5.75
CA ASN B 683 -56.11 -98.23 -4.56
C ASN B 683 -55.59 -97.20 -3.59
N SER B 684 -56.45 -96.26 -3.25
CA SER B 684 -56.09 -95.17 -2.36
C SER B 684 -55.56 -95.60 -0.98
N ALA B 685 -55.93 -96.80 -0.53
CA ALA B 685 -55.47 -97.28 0.76
C ALA B 685 -54.13 -97.93 0.64
N ASN B 686 -53.47 -97.74 -0.49
CA ASN B 686 -52.15 -98.32 -0.69
C ASN B 686 -51.07 -97.64 0.15
N HIS B 687 -51.42 -96.53 0.79
CA HIS B 687 -50.44 -95.81 1.60
C HIS B 687 -50.01 -96.52 2.86
N ILE B 688 -50.97 -97.13 3.58
CA ILE B 688 -50.67 -97.83 4.82
C ILE B 688 -49.69 -98.97 4.59
N PHE B 689 -48.90 -98.85 3.54
CA PHE B 689 -47.90 -99.84 3.22
C PHE B 689 -46.58 -99.10 3.14
N SER B 690 -45.52 -99.76 2.66
CA SER B 690 -44.22 -99.11 2.57
C SER B 690 -43.49 -99.32 1.23
N GLN B 691 -43.14 -98.21 0.58
CA GLN B 691 -42.45 -98.24 -0.71
C GLN B 691 -42.12 -99.60 -1.32
N GLU B 692 -41.09 -100.29 -0.82
CA GLU B 692 -40.73 -101.58 -1.38
C GLU B 692 -41.99 -102.42 -1.58
N LYS B 693 -42.90 -102.33 -0.62
CA LYS B 693 -44.18 -103.03 -0.66
C LYS B 693 -45.01 -102.52 -1.84
N LYS B 694 -45.46 -101.28 -1.71
CA LYS B 694 -46.26 -100.65 -2.74
C LYS B 694 -45.86 -101.20 -4.10
N ARG B 695 -44.59 -101.03 -4.47
CA ARG B 695 -44.14 -101.51 -5.78
C ARG B 695 -44.61 -102.92 -6.05
N LYS B 696 -44.08 -103.86 -5.26
CA LYS B 696 -44.42 -105.26 -5.39
C LYS B 696 -45.92 -105.45 -5.48
N ILE B 697 -46.59 -105.38 -4.33
CA ILE B 697 -48.05 -105.56 -4.25
C ILE B 697 -48.80 -105.09 -5.51
N SER B 698 -48.22 -104.11 -6.23
CA SER B 698 -48.81 -103.57 -7.46
C SER B 698 -48.24 -104.31 -8.65
N ILE B 699 -46.93 -104.51 -8.64
CA ILE B 699 -46.28 -105.23 -9.72
C ILE B 699 -47.15 -106.48 -9.95
N PHE B 700 -47.84 -106.90 -8.91
CA PHE B 700 -48.70 -108.06 -8.99
C PHE B 700 -50.05 -107.69 -9.57
N ARG B 701 -50.76 -106.79 -8.89
CA ARG B 701 -52.05 -106.32 -9.35
C ARG B 701 -51.87 -106.12 -10.86
N GLY B 702 -50.71 -105.58 -11.21
CA GLY B 702 -50.38 -105.33 -12.60
C GLY B 702 -50.40 -106.64 -13.35
N ILE B 703 -49.51 -107.55 -12.97
CA ILE B 703 -49.39 -108.87 -13.59
C ILE B 703 -50.77 -109.50 -13.67
N GLN B 704 -51.41 -109.57 -12.51
CA GLN B 704 -52.76 -110.10 -12.42
C GLN B 704 -53.59 -109.66 -13.61
N ALA B 705 -53.41 -108.41 -14.00
CA ALA B 705 -54.16 -107.88 -15.11
C ALA B 705 -53.57 -108.30 -16.45
N TYR B 706 -52.26 -108.14 -16.59
CA TYR B 706 -51.59 -108.50 -17.85
C TYR B 706 -52.00 -109.90 -18.22
N ASN B 707 -52.35 -110.68 -17.21
CA ASN B 707 -52.75 -112.05 -17.40
C ASN B 707 -54.13 -112.09 -18.04
N GLU B 708 -55.16 -111.78 -17.26
CA GLU B 708 -56.53 -111.79 -17.73
C GLU B 708 -56.65 -111.16 -19.11
N ILE B 709 -55.68 -110.34 -19.48
CA ILE B 709 -55.70 -109.76 -20.81
C ILE B 709 -55.26 -110.89 -21.73
N GLU B 710 -54.00 -111.31 -21.58
CA GLU B 710 -53.44 -112.39 -22.38
C GLU B 710 -54.48 -113.49 -22.49
N ASN B 711 -55.33 -113.57 -21.45
CA ASN B 711 -56.40 -114.56 -21.37
C ASN B 711 -57.38 -114.41 -22.53
N VAL B 712 -58.04 -113.26 -22.61
CA VAL B 712 -59.02 -112.99 -23.66
C VAL B 712 -58.38 -112.91 -25.04
N LEU B 713 -57.18 -112.34 -25.10
CA LEU B 713 -56.46 -112.19 -26.37
C LEU B 713 -56.28 -113.55 -27.05
N LYS B 714 -56.63 -114.62 -26.31
CA LYS B 714 -56.55 -115.99 -26.81
C LYS B 714 -57.93 -116.61 -27.01
N SER B 715 -58.94 -116.09 -26.30
CA SER B 715 -60.30 -116.61 -26.41
C SER B 715 -60.91 -116.57 -27.81
N LYS B 716 -62.24 -116.44 -27.84
CA LYS B 716 -62.98 -116.42 -29.09
C LYS B 716 -62.61 -115.32 -30.05
N GLN B 717 -63.58 -114.96 -30.90
CA GLN B 717 -63.37 -113.94 -31.92
C GLN B 717 -63.75 -112.51 -31.53
N ILE B 718 -62.80 -111.84 -30.90
CA ILE B 718 -62.97 -110.44 -30.52
C ILE B 718 -62.37 -109.72 -31.71
N ALA B 719 -63.19 -108.94 -32.41
CA ALA B 719 -62.75 -108.22 -33.60
C ALA B 719 -61.32 -107.71 -33.51
N PRO B 720 -60.53 -107.88 -34.60
CA PRO B 720 -59.13 -107.44 -34.68
C PRO B 720 -58.89 -105.96 -34.34
N GLU B 721 -59.97 -105.24 -34.04
CA GLU B 721 -59.89 -103.84 -33.66
C GLU B 721 -59.55 -103.84 -32.17
N TYR B 722 -60.22 -104.71 -31.40
CA TYR B 722 -59.97 -104.83 -29.98
C TYR B 722 -58.74 -105.67 -29.74
N LYS B 723 -58.44 -106.55 -30.68
CA LYS B 723 -57.26 -107.37 -30.55
C LYS B 723 -56.12 -106.42 -30.19
N ASN B 724 -55.86 -105.47 -31.09
CA ASN B 724 -54.78 -104.48 -30.96
C ASN B 724 -54.80 -103.69 -29.67
N TYR B 725 -55.94 -103.06 -29.36
CA TYR B 725 -56.04 -102.27 -28.13
C TYR B 725 -55.39 -103.07 -27.02
N PHE B 726 -55.91 -104.29 -26.82
CA PHE B 726 -55.38 -105.18 -25.80
C PHE B 726 -53.91 -105.40 -26.06
N GLN B 727 -53.55 -105.58 -27.33
CA GLN B 727 -52.16 -105.78 -27.68
C GLN B 727 -51.36 -104.61 -27.09
N TYR B 728 -51.95 -103.42 -27.16
CA TYR B 728 -51.32 -102.20 -26.68
C TYR B 728 -51.33 -102.15 -25.15
N LEU B 729 -52.48 -102.44 -24.55
CA LEU B 729 -52.60 -102.44 -23.10
C LEU B 729 -51.55 -103.35 -22.48
N LYS B 730 -51.12 -104.36 -23.21
CA LYS B 730 -50.10 -105.23 -22.66
C LYS B 730 -48.81 -104.43 -22.45
N GLU B 731 -48.21 -104.00 -23.56
CA GLU B 731 -46.98 -103.24 -23.51
C GLU B 731 -47.02 -102.28 -22.34
N ARG B 732 -48.15 -101.60 -22.14
CA ARG B 732 -48.26 -100.69 -21.01
C ARG B 732 -47.86 -101.51 -19.79
N ILE B 733 -48.83 -102.28 -19.26
CA ILE B 733 -48.63 -103.14 -18.09
C ILE B 733 -47.19 -103.55 -18.01
N THR B 734 -46.70 -104.11 -19.10
CA THR B 734 -45.32 -104.52 -19.18
C THR B 734 -44.41 -103.37 -18.76
N ASN B 735 -44.22 -102.41 -19.66
CA ASN B 735 -43.37 -101.27 -19.37
C ASN B 735 -43.59 -100.84 -17.94
N GLN B 736 -44.86 -100.73 -17.57
CA GLN B 736 -45.22 -100.30 -16.23
C GLN B 736 -44.64 -101.16 -15.13
N VAL B 737 -44.53 -102.45 -15.39
CA VAL B 737 -43.97 -103.35 -14.38
C VAL B 737 -42.46 -103.34 -14.47
N GLN B 738 -41.92 -103.34 -15.68
CA GLN B 738 -40.48 -103.34 -15.82
C GLN B 738 -39.96 -102.22 -14.97
N LEU B 739 -40.76 -101.15 -14.86
CA LEU B 739 -40.40 -99.96 -14.06
C LEU B 739 -40.42 -100.23 -12.56
N LEU B 740 -41.61 -100.45 -12.00
CA LEU B 740 -41.70 -100.72 -10.58
C LEU B 740 -40.57 -101.65 -10.15
N LEU B 741 -40.13 -102.52 -11.07
CA LEU B 741 -39.05 -103.46 -10.81
C LEU B 741 -37.69 -102.78 -10.83
N THR B 742 -37.33 -102.11 -11.94
CA THR B 742 -36.04 -101.44 -11.99
C THR B 742 -36.05 -100.30 -11.04
N HIS B 743 -36.96 -100.42 -10.10
CA HIS B 743 -36.85 -99.47 -9.10
C HIS B 743 -36.31 -100.20 -7.86
N GLN B 744 -36.18 -101.54 -7.80
CA GLN B 744 -35.67 -102.06 -6.52
C GLN B 744 -34.55 -103.09 -6.60
N LYS B 745 -34.92 -104.33 -6.90
CA LYS B 745 -33.97 -105.42 -7.12
C LYS B 745 -34.12 -105.75 -8.60
N SER B 746 -33.37 -105.02 -9.43
CA SER B 746 -33.49 -105.19 -10.87
C SER B 746 -32.48 -106.08 -11.57
N ASN B 747 -33.02 -107.07 -12.28
CA ASN B 747 -32.27 -108.05 -13.06
C ASN B 747 -33.34 -108.91 -13.72
N ILE B 748 -34.41 -109.16 -12.98
CA ILE B 748 -35.51 -109.96 -13.47
C ILE B 748 -36.30 -109.18 -14.50
N GLU B 749 -36.48 -109.80 -15.67
CA GLU B 749 -37.22 -109.20 -16.76
C GLU B 749 -38.65 -109.68 -16.68
N PHE B 750 -39.59 -108.79 -16.99
CA PHE B 750 -41.00 -109.15 -16.94
C PHE B 750 -41.20 -110.52 -17.58
N LYS B 751 -41.11 -110.57 -18.91
CA LYS B 751 -41.28 -111.80 -19.69
C LYS B 751 -40.94 -113.07 -18.89
N LEU B 752 -39.71 -113.12 -18.40
CA LEU B 752 -39.25 -114.26 -17.61
C LEU B 752 -40.11 -114.41 -16.35
N LEU B 753 -40.03 -113.42 -15.46
CA LEU B 753 -40.80 -113.45 -14.22
C LEU B 753 -42.17 -114.01 -14.51
N TYR B 754 -42.71 -113.66 -15.68
CA TYR B 754 -44.03 -114.14 -16.01
C TYR B 754 -44.03 -115.65 -16.00
N LYS B 755 -43.51 -116.26 -17.07
CA LYS B 755 -43.46 -117.71 -17.17
C LYS B 755 -43.64 -118.40 -15.82
N GLN B 756 -42.76 -118.04 -14.88
CA GLN B 756 -42.73 -118.59 -13.53
C GLN B 756 -43.99 -118.54 -12.67
N LEU B 757 -45.13 -118.09 -13.23
CA LEU B 757 -46.35 -118.03 -12.42
C LEU B 757 -47.38 -119.12 -12.72
N ASN B 758 -47.99 -119.61 -11.65
CA ASN B 758 -49.02 -120.65 -11.71
C ASN B 758 -50.40 -119.99 -11.69
N PHE B 759 -50.86 -119.51 -12.85
CA PHE B 759 -52.17 -118.86 -12.91
C PHE B 759 -53.28 -119.87 -13.24
N THR B 760 -53.07 -121.10 -12.81
CA THR B 760 -54.03 -122.20 -13.02
C THR B 760 -55.26 -122.02 -12.13
N GLU B 761 -55.46 -122.89 -11.14
CA GLU B 761 -56.64 -122.78 -10.28
C GLU B 761 -56.48 -121.94 -9.01
N ASN B 762 -55.38 -122.11 -8.29
CA ASN B 762 -55.17 -121.35 -7.06
C ASN B 762 -54.28 -120.13 -7.31
N GLU B 763 -54.58 -119.06 -6.59
CA GLU B 763 -53.85 -117.78 -6.70
C GLU B 763 -53.18 -117.42 -5.37
N THR B 764 -53.38 -118.27 -4.36
CA THR B 764 -52.86 -118.07 -3.01
C THR B 764 -51.33 -118.07 -2.83
N ASP B 765 -50.68 -119.21 -2.97
CA ASP B 765 -49.23 -119.27 -2.80
C ASP B 765 -48.51 -118.51 -3.92
N ASN B 766 -49.20 -118.35 -5.05
CA ASN B 766 -48.66 -117.66 -6.20
C ASN B 766 -47.83 -116.47 -5.72
N PHE B 767 -48.51 -115.50 -5.12
CA PHE B 767 -47.85 -114.31 -4.62
C PHE B 767 -46.69 -114.66 -3.70
N GLU B 768 -46.95 -115.57 -2.76
CA GLU B 768 -45.92 -115.98 -1.84
C GLU B 768 -44.66 -116.29 -2.65
N VAL B 769 -44.85 -116.96 -3.78
CA VAL B 769 -43.74 -117.31 -4.66
C VAL B 769 -43.09 -116.02 -5.11
N PHE B 770 -43.87 -115.25 -5.85
CA PHE B 770 -43.45 -113.96 -6.39
C PHE B 770 -42.43 -113.29 -5.48
N GLN B 771 -42.72 -113.25 -4.18
CA GLN B 771 -41.81 -112.65 -3.22
C GLN B 771 -40.39 -113.09 -3.53
N LYS B 772 -40.05 -114.29 -3.09
CA LYS B 772 -38.73 -114.85 -3.29
C LYS B 772 -38.24 -114.68 -4.72
N ILE B 773 -39.17 -114.70 -5.68
CA ILE B 773 -38.80 -114.56 -7.07
C ILE B 773 -38.01 -113.27 -7.28
N ILE B 774 -38.06 -112.36 -6.29
CA ILE B 774 -37.36 -111.08 -6.38
C ILE B 774 -36.31 -110.84 -5.28
N ASP B 775 -35.75 -111.91 -4.73
CA ASP B 775 -34.74 -111.79 -3.67
C ASP B 775 -33.37 -112.36 -4.06
N ASN C 41 38.51 -21.24 6.52
CA ASN C 41 40.00 -21.10 6.57
C ASN C 41 40.58 -20.26 5.43
N ASN C 42 40.03 -19.08 5.16
CA ASN C 42 40.58 -18.22 4.10
C ASN C 42 41.90 -17.69 4.61
N LEU C 43 42.98 -18.04 3.91
CA LEU C 43 44.33 -17.66 4.31
C LEU C 43 44.74 -16.24 4.03
N VAL C 44 44.20 -15.64 2.98
CA VAL C 44 44.58 -14.28 2.65
C VAL C 44 43.46 -13.28 2.82
N LYS C 45 43.53 -12.53 3.90
CA LYS C 45 42.52 -11.54 4.14
C LYS C 45 43.00 -10.21 3.62
N THR C 46 42.27 -9.67 2.64
CA THR C 46 42.56 -8.36 2.05
C THR C 46 41.76 -7.33 2.82
N GLU C 47 42.47 -6.49 3.58
CA GLU C 47 41.84 -5.48 4.40
C GLU C 47 41.06 -4.45 3.60
N PHE C 48 41.79 -3.45 3.10
CA PHE C 48 41.17 -2.38 2.35
C PHE C 48 41.24 -2.64 0.84
N THR C 49 40.07 -2.58 0.18
CA THR C 49 39.98 -2.73 -1.29
C THR C 49 39.96 -1.31 -1.87
N ASN C 50 40.36 -0.35 -1.02
CA ASN C 50 40.44 1.07 -1.33
C ASN C 50 40.99 1.24 -2.75
N GLU C 51 42.31 1.15 -2.87
CA GLU C 51 42.95 1.28 -4.17
C GLU C 51 42.30 0.33 -5.13
N THR C 52 42.22 0.74 -6.37
CA THR C 52 41.63 -0.08 -7.42
C THR C 52 42.55 -1.28 -7.59
N LEU C 53 42.85 -1.61 -8.85
CA LEU C 53 43.73 -2.71 -9.14
C LEU C 53 44.98 -2.46 -8.34
N ASP C 54 46.02 -2.01 -9.05
CA ASP C 54 47.32 -1.68 -8.49
C ASP C 54 47.59 -2.17 -7.07
N LYS C 55 46.73 -1.85 -6.11
CA LYS C 55 46.95 -2.40 -4.77
C LYS C 55 46.78 -3.89 -5.03
N ILE C 56 45.55 -4.28 -5.38
CA ILE C 56 45.23 -5.66 -5.68
C ILE C 56 46.28 -6.21 -6.65
N GLN C 57 46.25 -5.71 -7.88
CA GLN C 57 47.18 -6.15 -8.93
C GLN C 57 48.65 -5.96 -8.53
N GLN C 58 48.90 -5.99 -7.23
CA GLN C 58 50.25 -5.87 -6.68
C GLN C 58 50.36 -6.91 -5.57
N THR C 59 49.25 -7.16 -4.88
CA THR C 59 49.24 -8.18 -3.84
C THR C 59 49.23 -9.51 -4.59
N GLN C 60 48.30 -9.67 -5.52
CA GLN C 60 48.25 -10.90 -6.29
C GLN C 60 49.65 -11.12 -6.87
N ASP C 61 50.12 -10.16 -7.67
CA ASP C 61 51.45 -10.25 -8.26
C ASP C 61 52.49 -10.75 -7.25
N LEU C 62 52.16 -10.64 -5.97
CA LEU C 62 53.08 -11.07 -4.93
C LEU C 62 52.83 -12.52 -4.55
N LEU C 63 51.56 -12.87 -4.44
CA LEU C 63 51.14 -14.21 -4.05
C LEU C 63 51.31 -15.28 -5.11
N LYS C 64 51.22 -14.90 -6.38
CA LYS C 64 51.37 -15.88 -7.44
C LYS C 64 52.86 -16.22 -7.52
N LYS C 65 53.67 -15.37 -6.88
CA LYS C 65 55.11 -15.55 -6.85
C LYS C 65 55.48 -16.60 -5.82
N ILE C 66 54.91 -16.49 -4.62
CA ILE C 66 55.18 -17.46 -3.56
C ILE C 66 54.51 -18.79 -3.93
N PRO C 67 55.20 -19.91 -3.70
CA PRO C 67 54.70 -21.26 -4.01
C PRO C 67 53.36 -21.67 -3.39
N LYS C 68 52.41 -22.01 -4.27
CA LYS C 68 51.07 -22.40 -3.85
C LYS C 68 51.02 -23.33 -2.63
N ASP C 69 52.16 -23.92 -2.30
CA ASP C 69 52.19 -24.81 -1.17
C ASP C 69 52.95 -24.26 0.01
N VAL C 70 53.76 -23.24 -0.20
CA VAL C 70 54.47 -22.66 0.92
C VAL C 70 53.32 -22.10 1.72
N LEU C 71 52.25 -21.74 1.00
CA LEU C 71 51.05 -21.21 1.62
C LEU C 71 50.38 -22.32 2.42
N GLU C 72 50.08 -23.43 1.73
CA GLU C 72 49.44 -24.55 2.39
C GLU C 72 50.21 -24.98 3.64
N ILE C 73 51.49 -24.64 3.74
CA ILE C 73 52.30 -24.98 4.93
C ILE C 73 51.89 -23.93 5.94
N TYR C 74 51.53 -22.77 5.42
CA TYR C 74 51.12 -21.64 6.20
C TYR C 74 49.66 -21.79 6.61
N SER C 75 48.78 -21.89 5.62
CA SER C 75 47.36 -22.03 5.92
C SER C 75 47.09 -23.33 6.66
N GLU C 76 48.16 -23.96 7.13
CA GLU C 76 48.04 -25.21 7.85
C GLU C 76 48.47 -24.98 9.28
N LEU C 77 49.55 -24.24 9.46
CA LEU C 77 49.98 -23.93 10.80
C LEU C 77 48.94 -22.99 11.42
N GLY C 78 47.80 -22.83 10.77
CA GLY C 78 46.76 -21.96 11.29
C GLY C 78 46.96 -20.49 10.96
N GLY C 79 48.00 -20.20 10.19
CA GLY C 79 48.31 -18.83 9.81
C GLY C 79 47.30 -18.19 8.87
N GLU C 80 47.44 -16.89 8.72
CA GLU C 80 46.58 -16.08 7.87
C GLU C 80 47.49 -14.94 7.43
N ILE C 81 47.29 -14.38 6.25
CA ILE C 81 48.15 -13.29 5.82
C ILE C 81 47.33 -12.02 5.69
N TYR C 82 47.79 -10.94 6.28
CA TYR C 82 47.02 -9.71 6.23
C TYR C 82 47.59 -8.64 5.32
N PHE C 83 46.79 -8.27 4.32
CA PHE C 83 47.16 -7.24 3.38
C PHE C 83 46.22 -6.08 3.69
N THR C 84 46.77 -5.00 4.24
CA THR C 84 45.97 -3.84 4.60
C THR C 84 46.37 -2.59 3.83
N ASP C 85 45.69 -1.50 4.13
CA ASP C 85 45.95 -0.23 3.48
C ASP C 85 47.24 0.36 4.05
N ILE C 86 47.16 1.55 4.64
CA ILE C 86 48.35 2.22 5.17
C ILE C 86 48.50 2.14 6.69
N ASP C 87 48.00 1.05 7.28
CA ASP C 87 48.09 0.88 8.72
C ASP C 87 49.54 0.91 9.18
N LEU C 88 50.45 0.67 8.25
CA LEU C 88 51.87 0.64 8.55
C LEU C 88 52.24 0.31 9.99
N VAL C 89 52.30 1.36 10.81
CA VAL C 89 52.67 1.27 12.21
C VAL C 89 51.77 0.37 13.04
N GLU C 90 51.87 0.49 14.37
CA GLU C 90 51.08 -0.30 15.31
C GLU C 90 49.60 -0.13 15.05
N HIS C 91 49.28 0.52 13.93
CA HIS C 91 47.89 0.79 13.58
C HIS C 91 47.05 -0.42 13.18
N LYS C 92 47.68 -1.56 12.90
CA LYS C 92 46.90 -2.74 12.51
C LYS C 92 46.09 -3.34 13.64
N GLU C 93 44.87 -3.76 13.31
CA GLU C 93 43.96 -4.35 14.28
C GLU C 93 44.47 -5.67 14.80
N LEU C 94 45.80 -5.84 14.80
CA LEU C 94 46.43 -7.07 15.26
C LEU C 94 47.91 -6.86 15.59
N GLN C 95 48.39 -5.62 15.47
CA GLN C 95 49.79 -5.30 15.75
C GLN C 95 50.05 -4.79 17.17
N ASP C 96 49.03 -4.84 18.01
CA ASP C 96 49.15 -4.38 19.38
C ASP C 96 49.80 -5.38 20.33
N LEU C 97 50.53 -4.86 21.31
CA LEU C 97 51.24 -5.65 22.33
C LEU C 97 50.59 -7.03 22.54
N SER C 98 51.35 -8.09 22.22
CA SER C 98 50.91 -9.48 22.36
C SER C 98 52.14 -10.36 22.60
N GLU C 99 53.05 -10.30 21.64
CA GLU C 99 54.33 -11.02 21.61
C GLU C 99 55.13 -10.31 20.51
N GLU C 100 55.58 -9.10 20.80
CA GLU C 100 56.29 -8.28 19.82
C GLU C 100 57.81 -8.40 19.65
N GLU C 101 58.56 -7.51 20.31
CA GLU C 101 60.03 -7.50 20.20
C GLU C 101 60.73 -7.64 21.55
N LYS C 102 61.34 -8.80 21.77
CA LYS C 102 62.06 -9.06 23.01
C LYS C 102 63.58 -8.99 22.80
N ASN C 103 64.08 -9.71 21.80
CA ASN C 103 65.52 -9.71 21.48
C ASN C 103 65.71 -9.42 19.98
N SER C 104 66.39 -8.32 19.66
CA SER C 104 66.62 -7.92 18.28
C SER C 104 67.59 -8.79 17.47
N MET C 105 67.17 -9.09 16.25
CA MET C 105 67.89 -9.92 15.29
C MET C 105 67.00 -9.98 14.03
N ASN C 106 66.37 -8.84 13.74
CA ASN C 106 65.42 -8.67 12.63
C ASN C 106 65.91 -8.79 11.19
N SER C 107 65.43 -7.87 10.34
CA SER C 107 65.74 -7.83 8.90
C SER C 107 67.04 -8.53 8.52
N ARG C 108 66.97 -9.35 7.46
CA ARG C 108 68.11 -10.12 6.91
C ARG C 108 69.37 -10.12 7.78
N GLY C 109 69.98 -8.95 7.94
CA GLY C 109 71.18 -8.82 8.77
C GLY C 109 70.86 -8.14 10.10
N GLU C 110 70.30 -6.94 10.02
CA GLU C 110 69.92 -6.17 11.21
C GLU C 110 69.42 -4.75 10.84
N LYS C 111 68.68 -4.16 11.76
CA LYS C 111 68.12 -2.80 11.61
C LYS C 111 67.35 -2.49 12.91
N VAL C 112 66.09 -2.90 12.94
CA VAL C 112 65.17 -2.73 14.08
C VAL C 112 64.18 -1.54 14.07
N PRO C 113 64.37 -0.55 13.18
CA PRO C 113 63.43 0.59 13.16
C PRO C 113 62.00 0.21 12.76
N PHE C 114 61.22 -0.23 13.74
CA PHE C 114 59.84 -0.63 13.53
C PHE C 114 59.02 0.33 12.68
N ALA C 115 58.95 1.58 13.11
CA ALA C 115 58.18 2.59 12.41
C ALA C 115 58.48 2.67 10.91
N SER C 116 59.58 2.05 10.48
CA SER C 116 59.93 2.06 9.08
C SER C 116 59.71 0.71 8.39
N ARG C 117 58.69 -0.05 8.84
CA ARG C 117 58.41 -1.35 8.25
C ARG C 117 56.99 -1.51 7.71
N PHE C 118 56.84 -2.47 6.81
CA PHE C 118 55.57 -2.80 6.16
C PHE C 118 55.21 -4.28 6.29
N VAL C 119 56.22 -5.11 6.46
CA VAL C 119 56.02 -6.54 6.59
C VAL C 119 56.33 -7.03 8.00
N PHE C 120 55.41 -7.77 8.60
CA PHE C 120 55.67 -8.32 9.93
C PHE C 120 54.89 -9.60 10.22
N GLU C 121 55.58 -10.48 10.92
CA GLU C 121 55.06 -11.78 11.32
C GLU C 121 54.79 -11.82 12.82
N LYS C 122 53.52 -11.98 13.19
CA LYS C 122 53.16 -12.07 14.60
C LYS C 122 53.67 -13.43 15.07
N LYS C 123 54.99 -13.51 15.19
CA LYS C 123 55.74 -14.70 15.56
C LYS C 123 55.21 -15.78 16.50
N ARG C 124 54.27 -15.52 17.39
CA ARG C 124 54.09 -16.53 18.45
C ARG C 124 53.34 -17.88 18.51
N GLU C 125 52.12 -18.00 17.93
CA GLU C 125 51.39 -19.26 17.96
C GLU C 125 50.99 -19.48 16.50
N THR C 126 49.84 -18.94 16.12
CA THR C 126 49.34 -18.99 14.75
C THR C 126 49.98 -17.86 13.92
N PRO C 127 51.05 -18.18 13.18
CA PRO C 127 51.75 -17.19 12.35
C PRO C 127 50.84 -16.25 11.59
N LYS C 128 50.92 -14.98 11.97
CA LYS C 128 50.14 -13.92 11.36
C LYS C 128 51.02 -13.02 10.51
N LEU C 129 50.88 -13.11 9.20
CA LEU C 129 51.67 -12.28 8.32
C LEU C 129 50.84 -11.07 7.94
N ILE C 130 51.33 -9.88 8.30
CA ILE C 130 50.61 -8.65 7.97
C ILE C 130 51.48 -7.73 7.11
N ILE C 131 50.94 -7.27 5.98
CA ILE C 131 51.65 -6.41 5.06
C ILE C 131 50.76 -5.34 4.42
N ASN C 132 51.38 -4.35 3.82
CA ASN C 132 50.65 -3.27 3.18
C ASN C 132 51.48 -2.60 2.09
N ILE C 133 50.87 -1.66 1.38
CA ILE C 133 51.53 -0.92 0.30
C ILE C 133 50.93 0.49 0.16
N LYS C 134 51.72 1.42 -0.37
CA LYS C 134 51.24 2.79 -0.55
C LYS C 134 51.13 3.20 -2.00
N ASP C 135 52.27 3.56 -2.59
CA ASP C 135 52.29 4.00 -3.96
C ASP C 135 53.13 3.24 -5.04
N TYR C 136 52.53 2.20 -5.65
CA TYR C 136 53.01 1.56 -6.94
C TYR C 136 54.23 0.85 -7.44
N ALA C 137 55.29 0.71 -6.67
CA ALA C 137 56.47 0.04 -7.21
C ALA C 137 56.78 -1.04 -6.20
N ILE C 138 57.73 -1.92 -6.54
CA ILE C 138 58.18 -3.01 -5.67
C ILE C 138 59.35 -3.67 -6.38
N ASN C 139 59.34 -3.58 -7.71
CA ASN C 139 60.37 -4.16 -8.56
C ASN C 139 61.70 -3.40 -8.50
N SER C 140 62.04 -2.70 -9.58
CA SER C 140 63.30 -1.94 -9.70
C SER C 140 64.39 -2.49 -8.76
N GLU C 141 64.30 -2.14 -7.49
CA GLU C 141 65.24 -2.63 -6.49
C GLU C 141 64.43 -3.53 -5.55
N GLN C 142 64.26 -4.78 -5.97
CA GLN C 142 63.50 -5.76 -5.21
C GLN C 142 64.11 -5.99 -3.84
N SER C 143 65.10 -5.19 -3.48
CA SER C 143 65.75 -5.28 -2.18
C SER C 143 64.69 -5.00 -1.11
N LYS C 144 63.45 -4.82 -1.55
CA LYS C 144 62.32 -4.55 -0.66
C LYS C 144 61.37 -5.76 -0.58
N GLU C 145 61.09 -6.35 -1.73
CA GLU C 145 60.20 -7.50 -1.76
C GLU C 145 60.89 -8.75 -1.21
N VAL C 146 62.19 -8.64 -0.93
CA VAL C 146 62.94 -9.80 -0.42
C VAL C 146 62.72 -10.03 1.07
N TYR C 147 62.07 -9.08 1.74
CA TYR C 147 61.80 -9.24 3.16
C TYR C 147 60.42 -9.82 3.35
N TYR C 148 59.53 -9.54 2.41
CA TYR C 148 58.21 -10.10 2.48
C TYR C 148 58.39 -11.59 2.22
N GLU C 149 59.63 -11.97 1.94
CA GLU C 149 59.97 -13.37 1.66
C GLU C 149 60.52 -14.01 2.92
N ILE C 150 61.60 -13.45 3.45
CA ILE C 150 62.15 -13.98 4.68
C ILE C 150 61.10 -13.68 5.74
N GLY C 151 60.71 -12.41 5.85
CA GLY C 151 59.70 -12.01 6.81
C GLY C 151 58.61 -13.07 6.85
N LYS C 152 58.45 -13.73 5.71
CA LYS C 152 57.49 -14.81 5.59
C LYS C 152 58.27 -16.00 6.11
N GLY C 153 59.32 -16.35 5.38
CA GLY C 153 60.16 -17.47 5.78
C GLY C 153 60.18 -17.76 7.27
N ILE C 154 60.30 -16.71 8.10
CA ILE C 154 60.33 -16.91 9.54
C ILE C 154 59.02 -17.47 10.03
N SER C 155 58.19 -17.90 9.09
CA SER C 155 56.92 -18.50 9.44
C SER C 155 57.21 -19.99 9.45
N LEU C 156 57.31 -20.55 8.26
CA LEU C 156 57.58 -21.96 8.12
C LEU C 156 58.94 -22.35 8.70
N ASP C 157 59.95 -21.53 8.47
CA ASP C 157 61.31 -21.82 8.94
C ASP C 157 61.41 -22.66 10.24
N ILE C 158 61.31 -22.00 11.39
CA ILE C 158 61.40 -22.64 12.70
C ILE C 158 60.59 -23.93 12.84
N ILE C 159 59.60 -24.12 11.98
CA ILE C 159 58.77 -25.32 12.03
C ILE C 159 58.93 -26.08 10.72
N SER C 160 59.88 -25.64 9.91
CA SER C 160 60.11 -26.30 8.64
C SER C 160 60.99 -27.50 8.89
N LYS C 161 61.50 -28.06 7.79
CA LYS C 161 62.38 -29.23 7.87
C LYS C 161 63.57 -28.92 8.76
N ASP C 162 63.72 -27.66 9.15
CA ASP C 162 64.84 -27.29 10.00
C ASP C 162 64.60 -27.48 11.50
N LYS C 163 63.44 -27.97 11.92
CA LYS C 163 63.23 -28.15 13.37
C LYS C 163 62.01 -28.97 13.85
N SER C 164 60.84 -28.80 13.24
CA SER C 164 59.63 -29.56 13.70
C SER C 164 59.98 -31.09 13.85
N LEU C 165 60.14 -31.83 12.77
CA LEU C 165 60.64 -33.25 12.85
C LEU C 165 62.00 -32.80 13.39
N ASP C 166 63.09 -33.53 13.69
CA ASP C 166 64.04 -32.52 14.17
C ASP C 166 64.97 -32.01 13.11
N PRO C 167 66.08 -31.34 13.52
CA PRO C 167 67.00 -30.83 12.53
C PRO C 167 67.50 -31.95 11.59
N GLU C 168 66.54 -32.80 11.22
CA GLU C 168 66.77 -33.93 10.35
C GLU C 168 68.06 -33.87 9.56
N PHE C 169 68.81 -34.97 9.61
CA PHE C 169 70.08 -35.09 8.91
C PHE C 169 70.07 -34.45 7.52
N LEU C 170 68.88 -34.34 6.91
CA LEU C 170 68.77 -33.74 5.60
C LEU C 170 69.31 -32.32 5.67
N ASN C 171 68.97 -31.61 6.75
CA ASN C 171 69.43 -30.25 6.94
C ASN C 171 70.66 -30.23 7.87
N LEU C 172 70.78 -31.26 8.69
CA LEU C 172 71.90 -31.38 9.63
C LEU C 172 73.17 -31.52 8.81
N ILE C 173 73.02 -32.07 7.59
CA ILE C 173 74.12 -32.29 6.65
C ILE C 173 74.16 -31.17 5.60
N LYS C 174 73.09 -30.39 5.53
CA LYS C 174 72.99 -29.27 4.60
C LYS C 174 73.62 -28.04 5.23
N SER C 175 73.74 -28.09 6.55
CA SER C 175 74.36 -27.01 7.31
C SER C 175 75.86 -27.24 7.35
N LEU C 176 76.27 -28.45 6.93
CA LEU C 176 77.68 -28.82 6.89
C LEU C 176 78.31 -28.36 5.58
N SER C 177 77.48 -27.89 4.66
CA SER C 177 77.97 -27.36 3.39
C SER C 177 78.60 -26.02 3.75
N ASP C 178 79.13 -25.98 4.96
CA ASP C 178 79.80 -24.83 5.52
C ASP C 178 81.18 -24.80 4.87
N ASP C 179 81.87 -25.93 4.95
CA ASP C 179 83.20 -26.04 4.38
C ASP C 179 83.75 -27.46 4.39
N SER C 180 82.94 -28.43 3.98
CA SER C 180 83.38 -29.83 3.95
C SER C 180 83.01 -30.63 2.67
N ASP C 181 81.78 -30.48 2.19
CA ASP C 181 81.32 -31.20 1.00
C ASP C 181 82.07 -30.83 -0.28
N SER C 182 81.65 -29.72 -0.92
CA SER C 182 82.26 -29.25 -2.16
C SER C 182 83.22 -28.07 -1.96
N SER C 183 84.05 -27.79 -2.98
CA SER C 183 85.01 -26.69 -2.93
C SER C 183 84.37 -25.32 -2.82
N ASP C 184 83.08 -25.30 -2.47
CA ASP C 184 82.34 -24.06 -2.31
C ASP C 184 82.12 -23.70 -0.85
N LEU C 185 83.20 -23.20 -0.23
CA LEU C 185 83.20 -22.77 1.17
C LEU C 185 82.72 -21.31 1.14
N LEU C 186 81.60 -21.11 0.44
CA LEU C 186 81.00 -19.80 0.29
C LEU C 186 79.60 -19.71 0.90
N PHE C 187 79.47 -18.82 1.87
CA PHE C 187 78.22 -18.57 2.57
C PHE C 187 78.29 -17.19 3.24
N SER C 188 78.93 -16.26 2.55
CA SER C 188 79.09 -14.87 3.01
C SER C 188 77.78 -14.12 2.72
N GLN C 189 76.66 -14.82 2.94
CA GLN C 189 75.33 -14.26 2.72
C GLN C 189 74.30 -14.77 3.75
N LYS C 190 74.78 -15.55 4.71
CA LYS C 190 73.91 -16.09 5.77
C LYS C 190 74.70 -16.44 7.02
N PHE C 191 76.01 -16.59 6.86
CA PHE C 191 76.88 -16.93 7.97
C PHE C 191 78.06 -15.98 8.13
N LYS C 192 77.77 -14.74 8.55
CA LYS C 192 78.82 -13.73 8.72
C LYS C 192 79.30 -13.61 10.16
N GLU C 193 78.36 -13.36 11.06
CA GLU C 193 78.69 -13.19 12.47
C GLU C 193 78.52 -14.47 13.29
N LYS C 194 77.33 -15.07 13.18
CA LYS C 194 77.00 -16.28 13.92
C LYS C 194 77.61 -17.55 13.32
N LEU C 195 78.40 -17.43 12.26
CA LEU C 195 79.06 -18.58 11.63
C LEU C 195 80.28 -18.26 10.77
N GLU C 196 81.11 -17.35 11.26
CA GLU C 196 82.36 -17.02 10.60
C GLU C 196 83.25 -18.01 11.35
N LEU C 197 82.55 -18.91 12.05
CA LEU C 197 83.13 -19.97 12.85
C LEU C 197 83.39 -21.16 11.93
N ASN C 198 84.37 -20.99 11.04
CA ASN C 198 84.76 -22.03 10.09
C ASN C 198 85.54 -23.11 10.86
N ASN C 199 86.27 -22.64 11.88
CA ASN C 199 87.08 -23.51 12.71
C ASN C 199 86.21 -24.19 13.78
N LYS C 200 85.16 -24.85 13.32
CA LYS C 200 84.24 -25.57 14.20
C LYS C 200 83.34 -26.48 13.34
N SER C 201 83.70 -27.76 13.29
CA SER C 201 82.96 -28.76 12.52
C SER C 201 81.51 -28.77 13.01
N ILE C 202 80.63 -28.21 12.17
CA ILE C 202 79.21 -28.08 12.51
C ILE C 202 78.32 -29.30 12.27
N ASP C 203 78.12 -30.08 13.33
CA ASP C 203 77.24 -31.26 13.27
C ASP C 203 76.34 -31.18 14.50
N ILE C 204 76.28 -32.25 15.30
CA ILE C 204 75.45 -32.26 16.51
C ILE C 204 76.31 -31.74 17.68
N ASN C 205 77.33 -30.96 17.34
CA ASN C 205 78.23 -30.42 18.35
C ASN C 205 78.03 -28.94 18.70
N PHE C 206 76.87 -28.37 18.36
CA PHE C 206 76.55 -26.97 18.68
C PHE C 206 75.37 -26.38 17.89
N ILE C 207 74.83 -27.13 16.92
CA ILE C 207 73.72 -26.65 16.07
C ILE C 207 72.44 -26.38 16.86
N LYS C 208 72.26 -27.13 17.94
CA LYS C 208 71.09 -26.98 18.81
C LYS C 208 71.10 -25.54 19.34
N GLU C 209 72.30 -25.05 19.66
CA GLU C 209 72.51 -23.71 20.20
C GLU C 209 71.75 -22.61 19.45
N ASN C 210 72.27 -22.19 18.29
CA ASN C 210 71.66 -21.12 17.52
C ASN C 210 70.69 -21.56 16.43
N LEU C 211 69.61 -22.21 16.84
CA LEU C 211 68.59 -22.68 15.92
C LEU C 211 68.10 -21.51 15.08
N THR C 212 67.88 -20.38 15.74
CA THR C 212 67.41 -19.17 15.06
C THR C 212 68.37 -18.72 13.99
N GLU C 213 69.66 -18.95 14.20
CA GLU C 213 70.65 -18.53 13.21
C GLU C 213 70.44 -19.31 11.91
N PHE C 214 70.23 -20.62 12.05
CA PHE C 214 70.02 -21.46 10.89
C PHE C 214 68.62 -21.23 10.35
N GLN C 215 67.94 -20.24 10.91
CA GLN C 215 66.60 -19.88 10.46
C GLN C 215 66.82 -18.71 9.50
N HIS C 216 67.59 -17.72 9.94
CA HIS C 216 67.91 -16.55 9.11
C HIS C 216 68.51 -17.14 7.86
N ALA C 217 68.86 -18.42 7.96
CA ALA C 217 69.45 -19.16 6.86
C ALA C 217 68.37 -19.81 6.01
N PHE C 218 67.35 -20.37 6.66
CA PHE C 218 66.28 -21.00 5.89
C PHE C 218 65.39 -19.93 5.30
N SER C 219 65.56 -18.72 5.80
CA SER C 219 64.75 -17.60 5.35
C SER C 219 65.38 -16.89 4.17
N LEU C 220 66.53 -16.28 4.38
CA LEU C 220 67.23 -15.56 3.34
C LEU C 220 67.63 -16.48 2.18
N ALA C 221 67.29 -17.76 2.34
CA ALA C 221 67.55 -18.77 1.32
C ALA C 221 66.23 -18.91 0.57
N PHE C 222 65.16 -18.94 1.35
CA PHE C 222 63.82 -19.04 0.81
C PHE C 222 63.60 -17.80 -0.05
N SER C 223 63.98 -16.65 0.52
CA SER C 223 63.83 -15.32 -0.10
C SER C 223 64.55 -15.13 -1.42
N TYR C 224 65.67 -15.83 -1.57
CA TYR C 224 66.43 -15.74 -2.80
C TYR C 224 65.85 -16.63 -3.88
N TYR C 225 65.66 -17.92 -3.57
CA TYR C 225 65.12 -18.84 -4.55
C TYR C 225 63.79 -18.32 -5.08
N PHE C 226 62.96 -17.80 -4.18
CA PHE C 226 61.65 -17.29 -4.57
C PHE C 226 61.60 -15.80 -4.86
N ALA C 227 62.70 -15.10 -4.57
CA ALA C 227 62.76 -13.67 -4.85
C ALA C 227 62.42 -13.52 -6.33
N PRO C 228 61.78 -12.40 -6.70
CA PRO C 228 61.39 -12.12 -8.09
C PRO C 228 62.53 -11.72 -9.01
N ASP C 229 63.74 -11.58 -8.47
CA ASP C 229 64.91 -11.20 -9.25
C ASP C 229 66.14 -12.09 -9.05
N HIS C 230 66.68 -12.11 -7.84
CA HIS C 230 67.87 -12.92 -7.56
C HIS C 230 67.59 -14.37 -7.20
N ARG C 231 67.38 -15.20 -8.21
CA ARG C 231 67.09 -16.62 -8.00
C ARG C 231 68.34 -17.49 -8.13
N THR C 232 69.28 -17.04 -8.96
CA THR C 232 70.53 -17.75 -9.20
C THR C 232 71.64 -17.37 -8.21
N VAL C 233 71.44 -16.29 -7.45
CA VAL C 233 72.42 -15.86 -6.46
C VAL C 233 72.41 -16.92 -5.35
N LEU C 234 71.38 -17.77 -5.36
CA LEU C 234 71.26 -18.87 -4.41
C LEU C 234 71.65 -20.15 -5.15
N GLU C 235 71.95 -20.02 -6.45
CA GLU C 235 72.36 -21.14 -7.28
C GLU C 235 73.86 -21.05 -7.60
N LEU C 236 74.44 -19.88 -7.29
CA LEU C 236 75.87 -19.60 -7.50
C LEU C 236 76.59 -19.48 -6.14
N TYR C 237 76.21 -18.46 -5.36
CA TYR C 237 76.80 -18.24 -4.03
C TYR C 237 76.40 -19.32 -3.02
N ALA C 238 75.59 -20.27 -3.48
CA ALA C 238 75.15 -21.39 -2.65
C ALA C 238 75.37 -22.64 -3.49
N PRO C 239 75.86 -23.72 -2.85
CA PRO C 239 76.09 -24.95 -3.61
C PRO C 239 74.91 -25.90 -3.61
N ASP C 240 74.33 -26.12 -2.44
CA ASP C 240 73.20 -27.03 -2.27
C ASP C 240 71.90 -26.33 -1.92
N MET C 241 71.92 -25.44 -0.93
CA MET C 241 70.69 -24.75 -0.53
C MET C 241 69.77 -24.41 -1.69
N PHE C 242 70.30 -24.30 -2.90
CA PHE C 242 69.47 -24.04 -4.08
C PHE C 242 68.76 -25.36 -4.31
N GLU C 243 69.58 -26.40 -4.49
CA GLU C 243 69.09 -27.75 -4.73
C GLU C 243 68.15 -28.16 -3.59
N TYR C 244 68.25 -27.46 -2.47
CA TYR C 244 67.42 -27.74 -1.31
C TYR C 244 66.08 -27.08 -1.52
N MET C 245 66.07 -25.75 -1.53
CA MET C 245 64.84 -25.01 -1.73
C MET C 245 64.15 -25.59 -2.97
N ASN C 246 64.95 -26.16 -3.86
CA ASN C 246 64.46 -26.75 -5.09
C ASN C 246 63.72 -28.03 -4.75
N LYS C 247 64.40 -28.96 -4.10
CA LYS C 247 63.74 -30.19 -3.71
C LYS C 247 62.49 -29.74 -2.95
N LEU C 248 62.63 -28.61 -2.25
CA LEU C 248 61.53 -28.05 -1.48
C LEU C 248 60.36 -27.85 -2.42
N GLU C 249 60.55 -27.05 -3.45
CA GLU C 249 59.47 -26.83 -4.40
C GLU C 249 59.20 -28.16 -5.11
N LYS C 250 60.24 -28.98 -5.27
CA LYS C 250 60.09 -30.27 -5.93
C LYS C 250 58.95 -31.04 -5.26
N GLY C 251 58.96 -30.98 -3.93
CA GLY C 251 57.95 -31.65 -3.12
C GLY C 251 58.03 -31.37 -1.62
N GLY C 252 59.18 -30.92 -1.15
CA GLY C 252 59.37 -30.63 0.26
C GLY C 252 58.21 -29.95 0.98
N PHE C 253 57.63 -28.97 0.30
CA PHE C 253 56.50 -28.21 0.82
C PHE C 253 55.19 -29.01 0.85
N GLU C 254 55.07 -29.98 -0.04
CA GLU C 254 53.86 -30.81 -0.07
C GLU C 254 53.99 -31.86 1.02
N LYS C 255 55.23 -32.04 1.50
CA LYS C 255 55.55 -33.01 2.54
C LYS C 255 54.90 -32.61 3.85
N ILE C 256 55.46 -31.57 4.45
CA ILE C 256 54.99 -31.03 5.71
C ILE C 256 53.55 -30.51 5.52
N SER C 257 53.12 -30.43 4.26
CA SER C 257 51.78 -29.99 3.96
C SER C 257 50.87 -31.19 4.12
N GLU C 258 51.47 -32.32 4.49
CA GLU C 258 50.73 -33.57 4.68
C GLU C 258 50.97 -34.19 6.06
N SER C 259 52.08 -33.84 6.70
CA SER C 259 52.36 -34.36 8.02
C SER C 259 51.71 -33.38 9.01
N LEU C 260 51.38 -32.20 8.49
CA LEU C 260 50.72 -31.18 9.29
C LEU C 260 49.23 -31.36 9.04
N LYS C 261 48.89 -31.80 7.83
CA LYS C 261 47.51 -32.06 7.45
C LYS C 261 47.02 -33.30 8.19
N LYS C 262 47.84 -34.36 8.16
CA LYS C 262 47.48 -35.60 8.85
C LYS C 262 47.40 -35.29 10.34
N GLU C 263 48.46 -34.69 10.90
CA GLU C 263 48.43 -34.35 12.31
C GLU C 263 47.26 -33.40 12.50
N GLY C 264 46.82 -32.79 11.39
CA GLY C 264 45.69 -31.89 11.46
C GLY C 264 44.51 -32.58 12.11
N VAL C 265 44.20 -33.79 11.65
CA VAL C 265 43.08 -34.54 12.22
C VAL C 265 43.49 -35.22 13.52
N GLU C 266 44.40 -36.18 13.41
CA GLU C 266 44.87 -36.93 14.57
C GLU C 266 45.14 -36.06 15.81
N LYS C 267 45.49 -34.79 15.61
CA LYS C 267 45.76 -33.90 16.73
C LYS C 267 44.47 -33.67 17.51
N ASP C 268 43.73 -32.64 17.13
CA ASP C 268 42.48 -32.31 17.77
C ASP C 268 41.45 -33.32 17.25
N ARG C 269 41.27 -34.39 18.01
CA ARG C 269 40.32 -35.44 17.70
C ARG C 269 39.56 -35.70 18.98
N ILE C 270 39.12 -36.93 19.17
CA ILE C 270 38.38 -37.29 20.37
C ILE C 270 39.09 -38.41 21.13
N ASP C 271 39.65 -38.07 22.28
CA ASP C 271 40.39 -39.01 23.12
C ASP C 271 39.68 -40.36 23.07
N VAL C 272 40.44 -41.45 22.96
CA VAL C 272 39.81 -42.77 22.87
C VAL C 272 40.64 -43.97 23.33
N LEU C 273 41.91 -43.77 23.63
CA LEU C 273 42.79 -44.87 24.05
C LEU C 273 42.51 -46.15 23.26
N LYS C 274 42.93 -46.16 22.00
CA LYS C 274 42.74 -47.33 21.12
C LYS C 274 43.71 -48.45 21.47
N GLY C 275 43.95 -49.38 20.54
CA GLY C 275 44.86 -50.50 20.81
C GLY C 275 44.51 -51.34 22.04
N GLU C 276 45.37 -52.29 22.42
CA GLU C 276 45.09 -53.11 23.60
C GLU C 276 45.07 -52.28 24.89
N LYS C 277 45.16 -50.96 24.78
CA LYS C 277 45.14 -50.13 25.97
C LYS C 277 43.73 -50.10 26.56
N ALA C 278 42.74 -50.18 25.68
CA ALA C 278 41.33 -50.16 26.07
C ALA C 278 40.80 -51.58 26.18
N LEU C 279 41.17 -52.40 25.21
CA LEU C 279 40.78 -53.80 25.18
C LEU C 279 41.03 -54.40 26.55
N LYS C 280 41.68 -53.62 27.42
CA LYS C 280 42.01 -54.05 28.78
C LYS C 280 40.90 -53.74 29.77
N ALA C 281 40.17 -52.66 29.56
CA ALA C 281 39.08 -52.31 30.45
C ALA C 281 37.78 -52.65 29.72
N SER C 282 37.93 -53.23 28.55
CA SER C 282 36.78 -53.63 27.75
C SER C 282 36.20 -54.91 28.35
N GLY C 283 37.01 -55.59 29.14
CA GLY C 283 36.54 -56.82 29.77
C GLY C 283 36.41 -57.94 28.77
N LEU C 284 36.11 -57.59 27.53
CA LEU C 284 35.98 -58.63 26.51
C LEU C 284 37.18 -59.55 26.60
N VAL C 285 37.13 -60.69 25.93
CA VAL C 285 38.24 -61.61 25.94
C VAL C 285 39.05 -61.37 24.68
N PRO C 286 40.32 -60.97 24.85
CA PRO C 286 41.26 -60.70 23.77
C PRO C 286 41.18 -61.66 22.59
N GLU C 287 41.32 -62.96 22.82
CA GLU C 287 41.22 -63.91 21.72
C GLU C 287 39.90 -63.75 20.96
N HIS C 288 38.88 -63.26 21.68
CA HIS C 288 37.53 -63.03 21.16
C HIS C 288 37.45 -61.71 20.42
N ALA C 289 37.72 -60.61 21.13
CA ALA C 289 37.66 -59.32 20.48
C ALA C 289 38.45 -59.43 19.20
N ASP C 290 39.67 -59.93 19.33
CA ASP C 290 40.53 -60.10 18.18
C ASP C 290 39.79 -60.94 17.14
N ALA C 291 38.93 -61.83 17.63
CA ALA C 291 38.16 -62.72 16.75
C ALA C 291 37.07 -61.92 16.05
N PHE C 292 36.47 -61.00 16.82
CA PHE C 292 35.40 -60.11 16.36
C PHE C 292 35.95 -59.15 15.31
N LYS C 293 37.23 -58.81 15.48
CA LYS C 293 37.96 -57.90 14.61
C LYS C 293 37.85 -58.31 13.15
N LYS C 294 37.53 -59.57 12.91
CA LYS C 294 37.42 -60.09 11.55
C LYS C 294 36.06 -59.86 10.90
N ILE C 295 34.98 -59.89 11.68
CA ILE C 295 33.65 -59.70 11.13
C ILE C 295 33.36 -58.25 10.74
N ALA C 296 33.66 -57.33 11.65
CA ALA C 296 33.44 -55.91 11.35
C ALA C 296 33.91 -55.70 9.93
N ARG C 297 35.20 -55.92 9.70
CA ARG C 297 35.82 -55.76 8.40
C ARG C 297 35.04 -56.46 7.29
N GLU C 298 34.65 -57.70 7.51
CA GLU C 298 33.92 -58.47 6.50
C GLU C 298 32.59 -57.87 6.05
N LEU C 299 31.74 -57.57 7.03
CA LEU C 299 30.42 -57.00 6.80
C LEU C 299 30.43 -55.46 6.82
N ASN C 300 31.51 -54.92 7.35
CA ASN C 300 31.69 -53.48 7.44
C ASN C 300 30.64 -52.85 8.31
N THR C 301 30.78 -53.00 9.63
CA THR C 301 29.82 -52.43 10.55
C THR C 301 30.41 -52.30 11.93
N TYR C 302 30.28 -51.13 12.52
CA TYR C 302 30.81 -50.93 13.87
C TYR C 302 30.16 -51.96 14.77
N ILE C 303 30.73 -52.14 15.95
CA ILE C 303 30.22 -53.12 16.91
C ILE C 303 30.51 -52.48 18.24
N LEU C 304 29.51 -52.17 19.02
CA LEU C 304 29.84 -51.55 20.29
C LEU C 304 29.31 -52.43 21.41
N PHE C 305 30.08 -52.58 22.48
CA PHE C 305 29.68 -53.42 23.61
C PHE C 305 29.72 -52.64 24.89
N ARG C 306 28.92 -53.04 25.86
CA ARG C 306 28.96 -52.36 27.15
C ARG C 306 30.18 -52.90 27.89
N PRO C 307 30.24 -52.75 29.22
CA PRO C 307 31.46 -53.29 29.81
C PRO C 307 31.27 -54.69 30.40
N VAL C 308 32.13 -55.60 29.97
CA VAL C 308 32.13 -57.00 30.40
C VAL C 308 32.94 -57.07 31.69
N ASN C 309 32.28 -57.26 32.83
CA ASN C 309 32.99 -57.30 34.10
C ASN C 309 34.29 -58.12 34.06
N LYS C 310 35.38 -57.54 34.57
CA LYS C 310 36.68 -58.21 34.58
C LYS C 310 36.60 -59.58 35.27
N LEU C 311 35.99 -59.62 36.45
CA LEU C 311 35.85 -60.87 37.18
C LEU C 311 34.99 -61.85 36.40
N ALA C 312 35.02 -61.76 35.07
CA ALA C 312 34.25 -62.66 34.23
C ALA C 312 35.00 -62.82 32.92
N THR C 313 35.95 -61.91 32.68
CA THR C 313 36.74 -61.93 31.46
C THR C 313 37.30 -63.30 31.19
N ASN C 314 38.03 -63.80 32.17
CA ASN C 314 38.68 -65.10 32.12
C ASN C 314 37.73 -66.29 32.27
N LEU C 315 36.62 -66.13 33.02
CA LEU C 315 35.63 -67.20 33.19
C LEU C 315 35.10 -67.50 31.81
N ILE C 316 35.02 -66.43 31.02
CA ILE C 316 34.55 -66.54 29.66
C ILE C 316 35.58 -67.33 28.86
N LYS C 317 36.85 -66.91 28.91
CA LYS C 317 37.90 -67.61 28.17
C LYS C 317 37.97 -69.06 28.65
N SER C 318 37.71 -69.25 29.94
CA SER C 318 37.70 -70.57 30.56
C SER C 318 36.80 -71.50 29.77
N GLY C 319 35.51 -71.19 29.74
CA GLY C 319 34.58 -72.04 29.03
C GLY C 319 33.21 -71.93 29.64
N VAL C 320 33.06 -70.96 30.55
CA VAL C 320 31.80 -70.71 31.24
C VAL C 320 30.76 -70.06 30.37
N ALA C 321 29.68 -70.75 30.12
CA ALA C 321 28.64 -70.19 29.31
C ALA C 321 28.15 -68.88 29.94
N THR C 322 27.54 -68.04 29.11
CA THR C 322 27.03 -66.70 29.45
C THR C 322 25.57 -66.59 29.90
N LYS C 323 25.27 -65.53 30.66
CA LYS C 323 23.92 -65.27 31.18
C LYS C 323 22.97 -64.67 30.16
N GLY C 324 22.12 -65.51 29.60
CA GLY C 324 21.16 -65.05 28.63
C GLY C 324 20.12 -64.14 29.23
N LEU C 325 18.89 -64.32 28.76
CA LEU C 325 17.76 -63.51 29.20
C LEU C 325 17.03 -64.20 30.32
N ASN C 326 16.94 -65.52 30.21
CA ASN C 326 16.25 -66.30 31.20
C ASN C 326 16.66 -66.00 32.65
N VAL C 327 17.90 -65.57 32.91
CA VAL C 327 18.30 -65.30 34.30
C VAL C 327 18.46 -63.83 34.67
N HIS C 328 17.74 -63.46 35.73
CA HIS C 328 17.75 -62.08 36.28
C HIS C 328 18.46 -62.14 37.65
N GLY C 329 19.59 -62.84 37.67
CA GLY C 329 20.36 -62.97 38.89
C GLY C 329 21.41 -61.90 38.95
N LYS C 330 21.88 -61.62 40.15
CA LYS C 330 22.88 -60.60 40.36
C LYS C 330 24.28 -61.19 40.43
N SER C 331 25.21 -60.60 39.68
CA SER C 331 26.58 -61.08 39.68
C SER C 331 27.11 -60.91 41.10
N SER C 332 28.42 -61.08 41.27
CA SER C 332 29.01 -60.90 42.58
C SER C 332 30.44 -60.48 42.37
N ASP C 333 31.03 -59.83 43.37
CA ASP C 333 32.40 -59.36 43.27
C ASP C 333 33.28 -59.54 44.51
N TRP C 334 33.31 -60.77 45.02
CA TRP C 334 34.11 -61.14 46.20
C TRP C 334 33.90 -62.62 46.57
N GLY C 335 34.98 -63.31 46.92
CA GLY C 335 34.88 -64.71 47.28
C GLY C 335 35.01 -65.61 46.08
N PRO C 336 34.97 -66.94 46.27
CA PRO C 336 35.09 -67.87 45.14
C PRO C 336 34.01 -67.59 44.10
N VAL C 337 32.80 -67.42 44.60
CA VAL C 337 31.64 -67.13 43.79
C VAL C 337 31.85 -66.03 42.73
N ALA C 338 32.67 -65.04 43.07
CA ALA C 338 32.94 -63.91 42.17
C ALA C 338 32.79 -64.22 40.69
N GLY C 339 32.06 -63.38 39.98
CA GLY C 339 31.88 -63.61 38.55
C GLY C 339 30.85 -64.65 38.21
N TYR C 340 30.31 -65.31 39.24
CA TYR C 340 29.28 -66.33 39.05
C TYR C 340 27.99 -65.75 39.61
N ILE C 341 26.84 -66.31 39.21
CA ILE C 341 25.56 -65.82 39.70
C ILE C 341 25.07 -66.73 40.79
N PRO C 342 25.64 -66.62 41.98
CA PRO C 342 25.26 -67.47 43.11
C PRO C 342 23.76 -67.70 43.18
N PHE C 343 23.34 -68.93 43.48
CA PHE C 343 21.91 -69.15 43.60
C PHE C 343 21.58 -68.45 44.90
N ASP C 344 22.61 -68.21 45.70
CA ASP C 344 22.41 -67.51 46.96
C ASP C 344 22.66 -66.05 46.57
N GLN C 345 21.67 -65.19 46.80
CA GLN C 345 21.81 -63.77 46.45
C GLN C 345 22.57 -62.94 47.47
N ASP C 346 22.60 -63.40 48.72
CA ASP C 346 23.36 -62.69 49.75
C ASP C 346 24.84 -63.08 49.59
N LEU C 347 25.20 -63.45 48.36
CA LEU C 347 26.55 -63.88 48.01
C LEU C 347 26.94 -63.19 46.69
N SER C 348 26.18 -62.14 46.37
CA SER C 348 26.38 -61.33 45.17
C SER C 348 26.36 -59.90 45.67
N LYS C 349 26.94 -58.99 44.89
CA LYS C 349 27.04 -57.56 45.27
C LYS C 349 26.12 -57.20 46.41
N LYS C 350 24.81 -57.26 46.16
CA LYS C 350 23.79 -56.92 47.15
C LYS C 350 23.91 -57.73 48.44
N HIS C 351 24.99 -57.53 49.19
CA HIS C 351 25.19 -58.24 50.45
C HIS C 351 24.61 -57.36 51.57
N GLY C 352 23.40 -57.69 52.00
CA GLY C 352 22.77 -56.92 53.06
C GLY C 352 21.34 -56.48 52.73
N GLN C 353 21.13 -56.01 51.51
CA GLN C 353 19.81 -55.56 51.08
C GLN C 353 18.76 -56.64 51.31
N GLN C 354 18.30 -56.72 52.55
CA GLN C 354 17.30 -57.71 52.98
C GLN C 354 16.11 -57.83 52.03
N LEU C 355 16.04 -56.98 51.03
CA LEU C 355 14.92 -57.06 50.09
C LEU C 355 15.33 -57.43 48.67
N ALA C 356 16.28 -56.70 48.09
CA ALA C 356 16.73 -57.02 46.73
C ALA C 356 17.39 -58.41 46.74
N VAL C 357 17.91 -58.76 47.90
CA VAL C 357 18.57 -60.04 48.10
C VAL C 357 17.45 -61.03 48.37
N GLU C 358 16.40 -60.55 49.03
CA GLU C 358 15.26 -61.39 49.31
C GLU C 358 14.60 -61.63 47.97
N LYS C 359 13.94 -60.59 47.45
CA LYS C 359 13.27 -60.68 46.15
C LYS C 359 14.29 -61.00 45.07
N GLY C 360 15.54 -61.17 45.48
CA GLY C 360 16.61 -61.52 44.55
C GLY C 360 16.64 -63.02 44.30
N ASN C 361 16.66 -63.80 45.38
CA ASN C 361 16.66 -65.24 45.26
C ASN C 361 15.40 -65.56 44.48
N LEU C 362 14.29 -65.04 44.98
CA LEU C 362 12.95 -65.23 44.39
C LEU C 362 12.97 -65.22 42.87
N GLU C 363 13.95 -64.52 42.31
CA GLU C 363 14.08 -64.41 40.85
C GLU C 363 14.72 -65.65 40.22
N ASN C 364 15.72 -66.21 40.87
CA ASN C 364 16.38 -67.41 40.36
C ASN C 364 15.40 -68.55 40.44
N LYS C 365 14.83 -68.74 41.63
CA LYS C 365 13.86 -69.81 41.83
C LYS C 365 12.92 -69.93 40.64
N LYS C 366 12.36 -68.81 40.19
CA LYS C 366 11.46 -68.81 39.04
C LYS C 366 12.29 -68.98 37.75
N SER C 367 13.46 -68.34 37.72
CA SER C 367 14.34 -68.44 36.57
C SER C 367 14.45 -69.93 36.25
N ILE C 368 14.25 -70.76 37.27
CA ILE C 368 14.33 -72.21 37.13
C ILE C 368 12.94 -72.82 37.00
N THR C 369 12.05 -72.51 37.93
CA THR C 369 10.71 -73.06 37.88
C THR C 369 10.06 -72.80 36.53
N GLU C 370 10.38 -71.66 35.91
CA GLU C 370 9.81 -71.34 34.60
C GLU C 370 10.56 -72.04 33.48
N HIS C 371 11.88 -71.82 33.42
CA HIS C 371 12.72 -72.42 32.39
C HIS C 371 13.59 -73.54 32.98
N GLU C 372 12.98 -74.69 33.25
CA GLU C 372 13.75 -75.82 33.79
C GLU C 372 14.28 -76.67 32.63
N GLY C 373 15.32 -77.45 32.90
CA GLY C 373 15.86 -78.26 31.84
C GLY C 373 16.89 -77.45 31.09
N GLU C 374 16.78 -76.12 31.22
CA GLU C 374 17.71 -75.19 30.57
C GLU C 374 18.40 -74.33 31.64
N ILE C 375 17.64 -73.90 32.65
CA ILE C 375 18.18 -73.08 33.73
C ILE C 375 18.12 -73.81 35.08
N GLY C 376 19.24 -73.83 35.79
CA GLY C 376 19.29 -74.50 37.07
C GLY C 376 20.53 -74.15 37.85
N LYS C 377 20.83 -74.94 38.88
CA LYS C 377 22.00 -74.71 39.73
C LYS C 377 22.97 -75.89 39.86
N ILE C 378 24.26 -75.61 39.68
CA ILE C 378 25.29 -76.63 39.79
C ILE C 378 26.38 -76.09 40.73
N PRO C 379 26.97 -76.95 41.55
CA PRO C 379 28.02 -76.57 42.51
C PRO C 379 29.29 -75.96 41.98
N LEU C 380 29.69 -74.91 42.67
CA LEU C 380 30.87 -74.13 42.35
C LEU C 380 32.17 -74.91 42.31
N LYS C 381 32.80 -74.95 41.16
CA LYS C 381 34.06 -75.66 41.00
C LYS C 381 35.14 -74.74 40.40
N LEU C 382 35.92 -74.07 41.24
CA LEU C 382 36.98 -73.19 40.77
C LEU C 382 38.19 -73.98 40.30
N ASP C 383 38.41 -74.04 38.98
CA ASP C 383 39.55 -74.79 38.49
C ASP C 383 40.90 -74.22 38.94
N HIS C 384 41.96 -74.59 38.24
CA HIS C 384 43.33 -74.16 38.57
C HIS C 384 43.59 -72.66 38.47
N LEU C 385 43.65 -72.15 37.24
CA LEU C 385 43.91 -70.74 37.02
C LEU C 385 43.06 -69.87 37.92
N ARG C 386 41.76 -69.90 37.66
CA ARG C 386 40.80 -69.13 38.43
C ARG C 386 41.29 -68.74 39.82
N ILE C 387 41.98 -69.65 40.50
CA ILE C 387 42.49 -69.36 41.83
C ILE C 387 43.66 -68.38 41.76
N GLU C 388 44.77 -68.78 41.13
CA GLU C 388 45.92 -67.89 41.03
C GLU C 388 45.49 -66.50 40.57
N GLU C 389 44.29 -66.40 40.01
CA GLU C 389 43.76 -65.12 39.54
C GLU C 389 43.01 -64.35 40.63
N LEU C 390 42.14 -65.03 41.37
CA LEU C 390 41.40 -64.37 42.43
C LEU C 390 42.39 -64.15 43.56
N LYS C 391 43.66 -64.38 43.23
CA LYS C 391 44.77 -64.26 44.17
C LYS C 391 45.39 -62.87 44.11
N GLU C 392 46.12 -62.58 43.03
CA GLU C 392 46.77 -61.28 42.87
C GLU C 392 45.77 -60.17 42.51
N ASN C 393 44.49 -60.54 42.43
CA ASN C 393 43.44 -59.58 42.12
C ASN C 393 42.96 -59.10 43.50
N GLY C 394 43.15 -59.96 44.50
CA GLY C 394 42.79 -59.63 45.87
C GLY C 394 41.47 -60.12 46.42
N ILE C 395 40.77 -60.98 45.67
CA ILE C 395 39.48 -61.48 46.14
C ILE C 395 39.57 -62.62 47.15
N ILE C 396 40.66 -63.41 47.08
CA ILE C 396 40.86 -64.54 47.99
C ILE C 396 42.32 -64.77 48.45
N LEU C 397 42.43 -65.33 49.65
CA LEU C 397 43.71 -65.64 50.29
C LEU C 397 43.74 -67.15 50.62
N LYS C 398 44.53 -67.90 49.86
CA LYS C 398 44.67 -69.35 50.02
C LYS C 398 45.79 -69.68 51.03
N GLY C 399 45.43 -70.21 52.20
CA GLY C 399 46.42 -70.54 53.22
C GLY C 399 46.23 -71.84 53.99
N LYS C 400 46.03 -71.74 55.30
CA LYS C 400 45.84 -72.90 56.18
C LYS C 400 45.05 -74.05 55.53
N LYS C 401 45.18 -75.25 56.09
CA LYS C 401 44.49 -76.45 55.57
C LYS C 401 43.72 -77.15 56.69
N GLU C 402 42.96 -78.18 56.34
CA GLU C 402 42.21 -78.91 57.37
C GLU C 402 41.52 -80.19 56.89
N ILE C 403 41.08 -81.01 57.84
CA ILE C 403 40.42 -82.29 57.59
C ILE C 403 39.00 -82.40 58.17
N ASP C 404 38.11 -83.04 57.39
CA ASP C 404 36.73 -83.28 57.78
C ASP C 404 36.20 -84.55 57.13
N ASN C 405 35.60 -85.40 57.95
CA ASN C 405 35.03 -86.67 57.49
C ASN C 405 35.99 -87.54 56.67
N GLY C 406 37.11 -86.98 56.22
CA GLY C 406 38.07 -87.77 55.46
C GLY C 406 38.75 -87.12 54.27
N LYS C 407 38.28 -85.96 53.83
CA LYS C 407 38.87 -85.30 52.69
C LYS C 407 39.70 -84.07 53.06
N LYS C 408 40.43 -83.53 52.09
CA LYS C 408 41.27 -82.36 52.29
C LYS C 408 40.57 -81.05 51.93
N TYR C 409 40.72 -80.05 52.80
CA TYR C 409 40.14 -78.75 52.58
C TYR C 409 41.18 -77.68 52.88
N TYR C 410 41.61 -76.98 51.82
CA TYR C 410 42.53 -75.86 52.00
C TYR C 410 41.50 -74.80 52.19
N LEU C 411 41.45 -74.16 53.32
CA LEU C 411 40.33 -73.32 53.38
C LEU C 411 40.50 -71.98 52.59
N LEU C 412 39.41 -71.32 52.16
CA LEU C 412 39.56 -70.03 51.44
C LEU C 412 39.20 -68.88 52.35
N GLU C 413 40.00 -67.83 52.28
CA GLU C 413 39.79 -66.66 53.13
C GLU C 413 39.24 -65.46 52.34
N SER C 414 38.48 -64.62 53.05
CA SER C 414 37.88 -63.41 52.50
C SER C 414 37.25 -62.64 53.64
N ASN C 415 37.68 -61.38 53.81
CA ASN C 415 37.18 -60.55 54.90
C ASN C 415 35.68 -60.39 55.00
N ASN C 416 34.92 -61.16 54.23
CA ASN C 416 33.46 -61.06 54.36
C ASN C 416 33.31 -61.46 55.81
N GLN C 417 32.46 -60.76 56.56
CA GLN C 417 32.31 -61.07 57.98
C GLN C 417 31.07 -61.80 58.47
N VAL C 418 30.55 -62.73 57.70
CA VAL C 418 29.38 -63.52 58.14
C VAL C 418 29.43 -64.84 57.40
N TYR C 419 30.37 -64.92 56.47
CA TYR C 419 30.53 -66.12 55.69
C TYR C 419 31.97 -66.59 55.68
N GLU C 420 32.13 -67.91 55.74
CA GLU C 420 33.44 -68.54 55.71
C GLU C 420 33.35 -69.49 54.52
N PHE C 421 34.45 -69.65 53.80
CA PHE C 421 34.44 -70.52 52.63
C PHE C 421 35.59 -71.50 52.64
N ARG C 422 35.39 -72.63 51.97
CA ARG C 422 36.42 -73.66 51.89
C ARG C 422 36.24 -74.48 50.62
N ILE C 423 37.35 -74.90 50.01
CA ILE C 423 37.30 -75.69 48.78
C ILE C 423 37.97 -77.05 48.89
N SER C 424 37.27 -78.08 48.38
CA SER C 424 37.75 -79.47 48.39
C SER C 424 38.99 -79.68 47.54
N ASP C 425 39.48 -80.92 47.54
CA ASP C 425 40.65 -81.30 46.78
C ASP C 425 40.31 -82.33 45.72
N GLU C 426 39.64 -83.40 46.14
CA GLU C 426 39.23 -84.46 45.23
C GLU C 426 38.69 -83.79 43.98
N ASN C 427 37.62 -83.03 44.19
CA ASN C 427 36.95 -82.26 43.16
C ASN C 427 36.82 -80.87 43.78
N ASN C 428 37.68 -79.97 43.33
CA ASN C 428 37.76 -78.59 43.83
C ASN C 428 36.47 -77.82 44.04
N GLU C 429 35.41 -78.49 44.47
CA GLU C 429 34.14 -77.83 44.74
C GLU C 429 34.40 -76.74 45.79
N VAL C 430 33.36 -76.06 46.23
CA VAL C 430 33.55 -75.02 47.22
C VAL C 430 32.37 -75.06 48.17
N GLN C 431 32.59 -74.59 49.39
CA GLN C 431 31.53 -74.61 50.39
C GLN C 431 31.68 -73.45 51.35
N TYR C 432 30.58 -73.13 52.04
CA TYR C 432 30.55 -72.05 53.02
C TYR C 432 29.51 -72.32 54.11
N LYS C 433 29.51 -71.47 55.12
CA LYS C 433 28.56 -71.60 56.22
C LYS C 433 28.52 -70.29 56.99
N THR C 434 27.52 -70.16 57.86
CA THR C 434 27.40 -68.94 58.65
C THR C 434 28.43 -69.00 59.75
N LYS C 435 29.39 -68.07 59.74
CA LYS C 435 30.44 -68.02 60.76
C LYS C 435 29.83 -68.35 62.13
N GLU C 436 30.58 -69.05 62.97
CA GLU C 436 30.07 -69.46 64.29
C GLU C 436 29.51 -68.37 65.21
N GLY C 437 29.65 -67.11 64.81
CA GLY C 437 29.12 -66.03 65.63
C GLY C 437 28.35 -64.99 64.84
N LYS C 438 27.37 -65.42 64.04
CA LYS C 438 26.56 -64.51 63.24
C LYS C 438 25.35 -65.21 62.56
N ILE C 439 24.55 -64.42 61.83
CA ILE C 439 23.38 -64.94 61.12
C ILE C 439 23.31 -64.41 59.67
N THR C 440 22.30 -64.87 58.92
CA THR C 440 22.10 -64.45 57.55
C THR C 440 21.11 -63.29 57.53
N VAL C 441 21.50 -62.20 56.86
CA VAL C 441 20.69 -60.99 56.76
C VAL C 441 19.19 -61.28 56.65
N LEU C 442 18.83 -62.32 55.89
CA LEU C 442 17.43 -62.68 55.75
C LEU C 442 16.96 -63.24 57.08
N GLY C 443 17.69 -64.24 57.56
CA GLY C 443 17.34 -64.84 58.84
C GLY C 443 17.71 -66.31 58.89
N GLU C 444 18.80 -66.68 58.22
CA GLU C 444 19.28 -68.07 58.16
C GLU C 444 20.64 -68.24 58.87
N LYS C 445 20.93 -69.48 59.28
CA LYS C 445 22.21 -69.81 59.91
C LYS C 445 22.56 -71.27 59.62
N PHE C 446 23.28 -71.50 58.53
CA PHE C 446 23.64 -72.85 58.12
C PHE C 446 25.13 -73.20 58.16
N ASN C 447 25.40 -74.51 58.22
CA ASN C 447 26.76 -75.00 58.28
C ASN C 447 27.15 -75.70 56.98
N TRP C 448 28.37 -75.42 56.54
CA TRP C 448 29.00 -75.94 55.32
C TRP C 448 28.12 -76.65 54.29
N ARG C 449 27.86 -75.95 53.19
CA ARG C 449 27.06 -76.50 52.12
C ARG C 449 27.80 -76.20 50.82
N ASN C 450 27.58 -77.04 49.81
CA ASN C 450 28.23 -76.83 48.51
C ASN C 450 27.58 -75.58 47.90
N ILE C 451 28.42 -74.66 47.41
CA ILE C 451 27.95 -73.41 46.80
C ILE C 451 27.45 -73.61 45.38
N GLU C 452 26.15 -73.38 45.18
CA GLU C 452 25.53 -73.53 43.86
C GLU C 452 25.45 -72.20 43.12
N VAL C 453 25.65 -72.26 41.82
CA VAL C 453 25.58 -71.09 40.98
C VAL C 453 24.49 -71.39 39.96
N MET C 454 24.12 -70.40 39.17
CA MET C 454 23.09 -70.60 38.16
C MET C 454 23.83 -71.06 36.93
N ALA C 455 23.20 -71.95 36.18
CA ALA C 455 23.83 -72.48 34.98
C ALA C 455 22.75 -72.82 33.98
N LYS C 456 22.99 -72.52 32.71
CA LYS C 456 21.98 -72.84 31.73
C LYS C 456 22.32 -74.15 31.09
N ASN C 457 21.56 -74.53 30.09
CA ASN C 457 21.76 -75.77 29.35
C ASN C 457 22.70 -75.49 28.16
N VAL C 458 23.60 -76.42 27.88
CA VAL C 458 24.55 -76.26 26.78
C VAL C 458 24.92 -77.62 26.22
N GLU C 459 24.10 -78.14 25.30
CA GLU C 459 24.37 -79.46 24.74
C GLU C 459 24.18 -80.49 25.84
N GLY C 460 23.01 -80.48 26.47
CA GLY C 460 22.72 -81.41 27.55
C GLY C 460 23.66 -81.35 28.74
N VAL C 461 24.10 -80.16 29.11
CA VAL C 461 24.98 -80.05 30.26
C VAL C 461 24.79 -78.69 30.96
N LEU C 462 24.54 -78.70 32.26
CA LEU C 462 24.34 -77.47 33.03
C LEU C 462 25.65 -76.78 33.36
N LYS C 463 26.11 -75.90 32.47
CA LYS C 463 27.35 -75.12 32.66
C LYS C 463 27.07 -73.82 33.44
N PRO C 464 27.94 -73.47 34.43
CA PRO C 464 27.80 -72.26 35.25
C PRO C 464 27.69 -70.99 34.43
N LEU C 465 26.90 -70.04 34.92
CA LEU C 465 26.67 -68.80 34.20
C LEU C 465 27.42 -67.56 34.64
N THR C 466 27.85 -66.79 33.65
CA THR C 466 28.56 -65.55 33.91
C THR C 466 28.17 -64.49 32.88
N ALA C 467 28.72 -63.30 33.07
CA ALA C 467 28.50 -62.15 32.22
C ALA C 467 28.52 -62.51 30.74
N ASP C 468 27.65 -61.87 29.95
CA ASP C 468 27.59 -62.10 28.52
C ASP C 468 28.09 -60.86 27.80
N TYR C 469 28.05 -60.88 26.48
CA TYR C 469 28.44 -59.70 25.73
C TYR C 469 27.13 -59.05 25.29
N ASP C 470 26.81 -57.91 25.89
CA ASP C 470 25.60 -57.19 25.55
C ASP C 470 26.06 -56.11 24.60
N LEU C 471 25.81 -56.32 23.31
CA LEU C 471 26.21 -55.35 22.32
C LEU C 471 25.51 -54.05 22.66
N PHE C 472 26.17 -52.91 22.53
CA PHE C 472 25.53 -51.62 22.79
C PHE C 472 24.84 -51.13 21.54
N ALA C 473 25.27 -51.66 20.39
CA ALA C 473 24.66 -51.28 19.12
C ALA C 473 25.48 -51.83 18.00
N LEU C 474 24.82 -52.16 16.90
CA LEU C 474 25.50 -52.66 15.71
C LEU C 474 25.32 -51.59 14.65
N ALA C 475 26.40 -51.13 14.06
CA ALA C 475 26.27 -50.10 13.04
C ALA C 475 26.66 -50.61 11.67
N PRO C 476 25.72 -51.22 10.96
CA PRO C 476 26.10 -51.70 9.64
C PRO C 476 26.30 -50.49 8.72
N SER C 477 27.00 -50.69 7.61
CA SER C 477 27.25 -49.62 6.65
C SER C 477 26.02 -49.53 5.77
N LEU C 478 25.50 -48.32 5.63
CA LEU C 478 24.32 -48.12 4.84
C LEU C 478 24.40 -49.00 3.61
N THR C 479 25.60 -49.06 3.04
CA THR C 479 25.83 -49.84 1.83
C THR C 479 25.57 -51.34 2.00
N GLU C 480 25.68 -51.81 3.23
CA GLU C 480 25.48 -53.22 3.54
C GLU C 480 24.03 -53.58 3.49
N ILE C 481 23.19 -52.76 4.10
CA ILE C 481 21.75 -52.99 4.14
C ILE C 481 21.20 -53.14 2.71
N LYS C 482 21.85 -52.47 1.76
CA LYS C 482 21.44 -52.57 0.38
C LYS C 482 21.47 -54.06 0.02
N LYS C 483 22.56 -54.72 0.43
CA LYS C 483 22.77 -56.13 0.18
C LYS C 483 21.70 -56.97 0.86
N GLN C 484 21.14 -56.43 1.93
CA GLN C 484 20.08 -57.11 2.67
C GLN C 484 18.82 -57.25 1.83
N ILE C 485 18.43 -56.16 1.17
CA ILE C 485 17.23 -56.17 0.35
C ILE C 485 17.36 -57.13 -0.82
N PRO C 486 16.24 -57.79 -1.20
CA PRO C 486 16.22 -58.75 -2.30
C PRO C 486 15.89 -58.04 -3.62
N GLN C 487 16.86 -58.04 -4.54
CA GLN C 487 16.74 -57.40 -5.84
C GLN C 487 15.33 -57.24 -6.38
N LYS C 488 14.55 -58.32 -6.32
CA LYS C 488 13.19 -58.30 -6.83
C LYS C 488 12.40 -57.08 -6.31
N GLU C 489 12.22 -57.01 -4.99
CA GLU C 489 11.48 -55.93 -4.38
C GLU C 489 12.12 -54.55 -4.60
N TRP C 490 13.45 -54.47 -4.58
CA TRP C 490 14.09 -53.17 -4.79
C TRP C 490 13.88 -52.68 -6.21
N ASP C 491 14.06 -53.57 -7.19
CA ASP C 491 13.87 -53.22 -8.59
C ASP C 491 12.44 -52.75 -8.85
N LYS C 492 11.47 -53.46 -8.27
CA LYS C 492 10.07 -53.11 -8.43
C LYS C 492 9.76 -51.72 -7.86
N VAL C 493 10.71 -51.14 -7.13
CA VAL C 493 10.48 -49.83 -6.55
C VAL C 493 11.17 -48.71 -7.30
N VAL C 494 12.29 -49.00 -7.94
CA VAL C 494 13.00 -47.97 -8.69
C VAL C 494 12.36 -47.81 -10.08
N ASN C 495 11.71 -48.87 -10.56
CA ASN C 495 11.04 -48.82 -11.85
C ASN C 495 9.69 -48.16 -11.63
N THR C 496 9.71 -46.95 -11.08
CA THR C 496 8.48 -46.21 -10.80
C THR C 496 8.52 -44.84 -11.45
N PRO C 497 7.33 -44.26 -11.70
CA PRO C 497 7.20 -42.94 -12.32
C PRO C 497 7.37 -41.86 -11.27
N ASN C 498 6.29 -41.60 -10.54
CA ASN C 498 6.27 -40.59 -9.49
C ASN C 498 7.61 -40.60 -8.75
N SER C 499 8.36 -39.52 -8.91
CA SER C 499 9.66 -39.41 -8.27
C SER C 499 9.51 -39.36 -6.75
N LEU C 500 8.49 -38.65 -6.27
CA LEU C 500 8.30 -38.55 -4.84
C LEU C 500 7.99 -39.91 -4.23
N GLU C 501 7.24 -40.74 -4.95
CA GLU C 501 6.91 -42.07 -4.46
C GLU C 501 8.17 -42.93 -4.52
N LYS C 502 9.06 -42.62 -5.47
CA LYS C 502 10.29 -43.39 -5.60
C LYS C 502 11.12 -43.23 -4.35
N GLN C 503 10.75 -42.27 -3.52
CA GLN C 503 11.47 -42.05 -2.26
C GLN C 503 10.72 -42.86 -1.22
N LYS C 504 9.43 -42.56 -1.07
CA LYS C 504 8.62 -43.28 -0.11
C LYS C 504 8.86 -44.76 -0.39
N GLY C 505 8.89 -45.13 -1.66
CA GLY C 505 9.11 -46.53 -1.99
C GLY C 505 10.44 -47.01 -1.46
N VAL C 506 11.45 -46.13 -1.47
CA VAL C 506 12.79 -46.47 -1.00
C VAL C 506 12.93 -46.50 0.52
N THR C 507 12.60 -45.38 1.18
CA THR C 507 12.71 -45.32 2.63
C THR C 507 11.97 -46.48 3.29
N ASN C 508 10.75 -46.79 2.83
CA ASN C 508 10.03 -47.92 3.42
C ASN C 508 10.92 -49.16 3.30
N LEU C 509 11.70 -49.23 2.23
CA LEU C 509 12.58 -50.37 2.04
C LEU C 509 13.68 -50.30 3.05
N LEU C 510 14.29 -49.14 3.17
CA LEU C 510 15.37 -48.88 4.11
C LEU C 510 14.90 -49.14 5.54
N ILE C 511 13.58 -49.09 5.74
CA ILE C 511 12.99 -49.33 7.05
C ILE C 511 12.72 -50.82 7.20
N LYS C 512 11.99 -51.34 6.21
CA LYS C 512 11.62 -52.74 6.12
C LYS C 512 12.79 -53.66 6.46
N TYR C 513 13.83 -53.58 5.62
CA TYR C 513 15.02 -54.41 5.72
C TYR C 513 16.16 -53.94 6.60
N GLY C 514 16.11 -52.71 7.08
CA GLY C 514 17.24 -52.27 7.87
C GLY C 514 17.03 -51.54 9.18
N ILE C 515 15.81 -51.11 9.45
CA ILE C 515 15.54 -50.40 10.70
C ILE C 515 14.55 -51.16 11.60
N GLU C 516 13.72 -51.98 10.97
CA GLU C 516 12.71 -52.68 11.74
C GLU C 516 13.23 -53.69 12.72
N ARG C 517 12.69 -53.56 13.93
CA ARG C 517 13.01 -54.41 15.05
C ARG C 517 11.79 -55.15 15.64
N LYS C 518 11.63 -56.42 15.22
CA LYS C 518 10.54 -57.29 15.68
C LYS C 518 11.00 -57.90 17.01
N PRO C 519 10.06 -58.42 17.80
CA PRO C 519 10.56 -59.01 19.05
C PRO C 519 10.81 -60.47 18.73
N ASP C 520 11.55 -61.14 19.61
CA ASP C 520 11.83 -62.55 19.40
C ASP C 520 11.64 -63.35 20.66
N SER C 521 11.31 -64.62 20.47
CA SER C 521 11.12 -65.54 21.57
C SER C 521 12.39 -65.61 22.43
N THR C 522 13.47 -66.01 21.77
CA THR C 522 14.74 -66.21 22.45
C THR C 522 15.75 -65.05 22.53
N LYS C 523 16.21 -64.54 21.40
CA LYS C 523 17.23 -63.49 21.38
C LYS C 523 16.83 -62.08 21.75
N GLY C 524 15.83 -61.92 22.61
CA GLY C 524 15.37 -60.59 22.99
C GLY C 524 14.65 -59.88 21.85
N THR C 525 14.68 -58.55 21.86
CA THR C 525 14.04 -57.79 20.77
C THR C 525 15.13 -57.28 19.84
N LEU C 526 15.08 -57.65 18.56
CA LEU C 526 16.11 -57.16 17.65
C LEU C 526 15.77 -57.18 16.19
N SER C 527 16.67 -56.60 15.40
CA SER C 527 16.49 -56.50 13.97
C SER C 527 16.57 -57.88 13.39
N ASN C 528 16.50 -57.95 12.06
CA ASN C 528 16.60 -59.21 11.35
C ASN C 528 18.03 -59.48 10.96
N TRP C 529 18.70 -58.48 10.40
CA TRP C 529 20.11 -58.66 10.05
C TRP C 529 20.81 -58.72 11.38
N GLN C 530 20.34 -57.92 12.33
CA GLN C 530 20.94 -57.89 13.66
C GLN C 530 21.12 -59.31 14.18
N LYS C 531 20.15 -60.16 13.89
CA LYS C 531 20.23 -61.54 14.31
C LYS C 531 21.40 -62.20 13.62
N GLN C 532 21.30 -62.35 12.30
CA GLN C 532 22.37 -62.99 11.55
C GLN C 532 23.70 -62.51 12.10
N MET C 533 23.89 -61.20 12.09
CA MET C 533 25.12 -60.62 12.60
C MET C 533 25.43 -61.24 13.95
N LEU C 534 24.38 -61.41 14.74
CA LEU C 534 24.51 -61.97 16.08
C LEU C 534 24.87 -63.44 16.12
N ASP C 535 24.63 -64.15 15.03
CA ASP C 535 24.99 -65.55 15.03
C ASP C 535 26.44 -65.61 14.59
N ARG C 536 26.79 -64.75 13.63
CA ARG C 536 28.15 -64.68 13.08
C ARG C 536 29.15 -64.10 14.07
N LEU C 537 28.67 -63.62 15.21
CA LEU C 537 29.58 -63.12 16.22
C LEU C 537 29.94 -64.31 17.09
N ASN C 538 29.00 -65.22 17.30
CA ASN C 538 29.24 -66.43 18.10
C ASN C 538 30.01 -67.47 17.28
N GLU C 539 29.44 -67.87 16.14
CA GLU C 539 30.09 -68.84 15.25
C GLU C 539 31.50 -68.33 14.95
N ALA C 540 31.74 -67.08 15.31
CA ALA C 540 33.04 -66.51 15.11
C ALA C 540 33.83 -66.88 16.35
N VAL C 541 33.31 -66.60 17.53
CA VAL C 541 34.05 -66.93 18.75
C VAL C 541 33.97 -68.37 19.17
N LYS C 542 33.46 -69.25 18.32
CA LYS C 542 33.39 -70.66 18.70
C LYS C 542 34.27 -71.50 17.77
N TYR C 543 34.59 -70.93 16.60
CA TYR C 543 35.47 -71.57 15.62
C TYR C 543 36.88 -71.12 15.99
N THR C 544 37.03 -70.71 17.25
CA THR C 544 38.30 -70.27 17.80
C THR C 544 38.64 -71.21 18.95
N GLY C 545 37.88 -71.13 20.03
CA GLY C 545 38.13 -71.99 21.19
C GLY C 545 37.16 -71.93 22.34
N TYR C 546 35.93 -71.48 22.10
CA TYR C 546 34.91 -71.39 23.16
C TYR C 546 34.06 -72.67 23.19
N THR C 547 33.65 -73.07 24.39
CA THR C 547 32.85 -74.28 24.57
C THR C 547 31.69 -74.06 25.54
N GLY C 548 31.06 -72.89 25.44
CA GLY C 548 29.93 -72.56 26.30
C GLY C 548 28.75 -72.06 25.51
N GLY C 549 28.62 -72.58 24.28
CA GLY C 549 27.53 -72.20 23.41
C GLY C 549 27.80 -70.92 22.63
N ASP C 550 27.01 -69.89 22.93
CA ASP C 550 27.13 -68.58 22.29
C ASP C 550 27.47 -67.60 23.42
N VAL C 551 28.02 -66.45 23.07
CA VAL C 551 28.40 -65.47 24.10
C VAL C 551 27.65 -64.14 23.98
N VAL C 552 26.95 -63.97 22.86
CA VAL C 552 26.14 -62.78 22.63
C VAL C 552 24.75 -63.38 22.58
N ASN C 553 23.96 -63.12 23.60
CA ASN C 553 22.64 -63.71 23.71
C ASN C 553 21.47 -62.91 23.20
N HIS C 554 21.32 -61.69 23.70
CA HIS C 554 20.19 -60.84 23.31
C HIS C 554 20.52 -59.74 22.30
N GLY C 555 19.61 -58.79 22.16
CA GLY C 555 19.78 -57.71 21.22
C GLY C 555 20.56 -56.52 21.73
N THR C 556 20.71 -55.55 20.82
CA THR C 556 21.45 -54.30 21.07
C THR C 556 20.80 -53.34 22.05
N GLU C 557 21.30 -53.31 23.29
CA GLU C 557 20.82 -52.45 24.35
C GLU C 557 20.06 -51.15 23.94
N GLN C 558 20.17 -50.79 22.65
CA GLN C 558 19.48 -49.62 22.09
C GLN C 558 18.03 -49.98 21.87
N ASP C 559 17.64 -51.14 22.41
CA ASP C 559 16.27 -51.61 22.32
C ASP C 559 15.76 -51.98 23.70
N ASN C 560 16.62 -51.77 24.69
CA ASN C 560 16.32 -51.99 26.10
C ASN C 560 15.51 -50.77 26.56
N GLU C 561 14.40 -50.57 25.86
CA GLU C 561 13.49 -49.47 26.12
C GLU C 561 13.02 -49.69 27.53
N GLU C 562 12.76 -50.94 27.85
CA GLU C 562 12.31 -51.30 29.18
C GLU C 562 13.17 -50.70 30.28
N PHE C 563 14.31 -51.32 30.54
CA PHE C 563 15.23 -50.88 31.60
C PHE C 563 16.55 -50.35 31.04
N PRO C 564 16.48 -49.31 30.21
CA PRO C 564 17.68 -48.72 29.61
C PRO C 564 18.66 -48.23 30.65
N GLU C 565 19.94 -48.37 30.34
CA GLU C 565 20.99 -47.95 31.25
C GLU C 565 22.10 -47.19 30.53
N LYS C 566 22.77 -46.32 31.29
CA LYS C 566 23.86 -45.45 30.81
C LYS C 566 25.26 -45.85 31.29
N ASP C 567 26.15 -46.16 30.37
CA ASP C 567 27.51 -46.54 30.75
C ASP C 567 28.53 -45.59 30.19
N ASN C 568 29.27 -44.94 31.08
CA ASN C 568 30.28 -43.99 30.68
C ASN C 568 31.16 -44.54 29.56
N GLU C 569 31.83 -45.65 29.85
CA GLU C 569 32.71 -46.30 28.90
C GLU C 569 32.00 -47.20 27.88
N ILE C 570 32.51 -47.22 26.66
CA ILE C 570 31.93 -48.03 25.61
C ILE C 570 33.02 -48.56 24.68
N PHE C 571 33.11 -49.89 24.56
CA PHE C 571 34.10 -50.51 23.70
C PHE C 571 33.56 -50.54 22.26
N ILE C 572 34.40 -50.13 21.31
CA ILE C 572 33.98 -50.10 19.91
C ILE C 572 34.97 -50.67 18.94
N ILE C 573 34.61 -51.75 18.31
CA ILE C 573 35.46 -52.40 17.35
C ILE C 573 35.15 -51.83 15.98
N ASN C 574 35.87 -50.78 15.62
CA ASN C 574 35.69 -50.11 14.33
C ASN C 574 35.48 -51.08 13.16
N PRO C 575 35.06 -50.56 11.99
CA PRO C 575 34.83 -51.41 10.82
C PRO C 575 36.13 -51.94 10.22
N GLU C 576 37.23 -51.70 10.93
CA GLU C 576 38.54 -52.13 10.46
C GLU C 576 39.52 -52.52 11.58
N GLY C 577 39.00 -53.15 12.63
CA GLY C 577 39.85 -53.58 13.73
C GLY C 577 40.06 -52.62 14.88
N GLU C 578 40.48 -51.41 14.55
CA GLU C 578 40.76 -50.41 15.56
C GLU C 578 39.92 -50.52 16.83
N PHE C 579 40.52 -50.95 17.93
CA PHE C 579 39.80 -51.05 19.21
C PHE C 579 39.66 -49.65 19.80
N ILE C 580 38.53 -49.36 20.43
CA ILE C 580 38.30 -48.05 21.01
C ILE C 580 37.33 -48.11 22.20
N LEU C 581 37.56 -47.24 23.18
CA LEU C 581 36.71 -47.19 24.35
C LEU C 581 36.44 -45.76 24.75
N THR C 582 35.23 -45.28 24.49
CA THR C 582 34.91 -43.92 24.87
C THR C 582 35.11 -43.73 26.37
N LYS C 583 34.77 -42.56 26.90
CA LYS C 583 34.93 -42.29 28.33
C LYS C 583 33.72 -41.58 28.92
N ASN C 584 33.03 -40.83 28.09
CA ASN C 584 31.86 -40.09 28.53
C ASN C 584 30.66 -40.58 27.78
N TRP C 585 29.50 -40.40 28.39
CA TRP C 585 28.24 -40.78 27.76
C TRP C 585 28.09 -39.85 26.56
N GLU C 586 29.00 -38.88 26.50
CA GLU C 586 29.02 -37.88 25.44
C GLU C 586 30.04 -38.34 24.42
N MET C 587 31.29 -38.43 24.86
CA MET C 587 32.37 -38.85 23.97
C MET C 587 31.81 -39.95 23.10
N THR C 588 31.04 -40.83 23.75
CA THR C 588 30.40 -41.93 23.05
C THR C 588 29.47 -41.31 22.03
N GLY C 589 28.50 -40.57 22.55
CA GLY C 589 27.55 -39.89 21.70
C GLY C 589 28.17 -38.96 20.67
N ARG C 590 29.37 -38.46 20.96
CA ARG C 590 30.07 -37.56 20.06
C ARG C 590 30.79 -38.40 19.01
N PHE C 591 31.44 -39.46 19.48
CA PHE C 591 32.16 -40.37 18.61
C PHE C 591 31.23 -40.93 17.55
N ILE C 592 30.01 -41.25 17.97
CA ILE C 592 29.03 -41.83 17.06
C ILE C 592 28.54 -40.81 16.05
N GLU C 593 28.48 -39.55 16.46
CA GLU C 593 28.01 -38.48 15.58
C GLU C 593 29.05 -38.24 14.50
N LYS C 594 30.32 -38.26 14.90
CA LYS C 594 31.43 -38.03 13.99
C LYS C 594 31.60 -39.10 12.91
N ASN C 595 32.17 -40.24 13.30
CA ASN C 595 32.44 -41.32 12.38
C ASN C 595 31.46 -42.50 12.35
N ILE C 596 30.18 -42.23 12.62
CA ILE C 596 29.12 -43.25 12.52
C ILE C 596 27.93 -42.56 11.83
N THR C 597 27.14 -41.84 12.60
CA THR C 597 25.99 -41.16 12.03
C THR C 597 26.39 -40.42 10.77
N GLY C 598 27.03 -39.26 10.94
CA GLY C 598 27.43 -38.45 9.81
C GLY C 598 28.54 -39.05 8.98
N LYS C 599 28.53 -40.39 8.82
CA LYS C 599 29.56 -41.04 8.02
C LYS C 599 29.10 -42.24 7.17
N ASP C 600 27.80 -42.35 6.92
CA ASP C 600 27.21 -43.41 6.08
C ASP C 600 26.88 -44.76 6.69
N TYR C 601 26.97 -44.86 8.00
CA TYR C 601 26.62 -46.09 8.67
C TYR C 601 25.22 -45.88 9.27
N LEU C 602 24.41 -46.92 9.24
CA LEU C 602 23.05 -46.79 9.74
C LEU C 602 22.92 -47.09 11.18
N TYR C 603 22.63 -46.06 11.98
CA TYR C 603 22.48 -46.25 13.41
C TYR C 603 21.19 -45.61 13.91
N TYR C 604 20.56 -46.28 14.87
CA TYR C 604 19.32 -45.80 15.47
C TYR C 604 19.51 -45.80 16.98
N PHE C 605 19.03 -44.76 17.66
CA PHE C 605 19.22 -44.70 19.11
C PHE C 605 17.98 -45.02 19.94
N ASN C 606 18.23 -45.56 21.14
CA ASN C 606 17.17 -46.02 22.04
C ASN C 606 15.92 -45.21 22.17
N ARG C 607 14.85 -45.84 21.74
CA ARG C 607 13.56 -45.22 21.78
C ARG C 607 13.32 -44.53 23.09
N SER C 608 13.58 -45.23 24.19
CA SER C 608 13.32 -44.63 25.48
C SER C 608 14.26 -43.49 25.86
N TYR C 609 15.17 -43.09 24.97
CA TYR C 609 16.07 -41.99 25.32
C TYR C 609 15.30 -40.68 25.27
N ASN C 610 15.55 -39.82 26.24
CA ASN C 610 14.86 -38.53 26.26
C ASN C 610 13.45 -38.62 26.82
N LYS C 611 12.93 -39.83 26.96
CA LYS C 611 11.62 -39.96 27.58
C LYS C 611 11.93 -40.62 28.92
N ILE C 612 10.92 -40.96 29.72
CA ILE C 612 11.19 -41.61 31.01
C ILE C 612 11.03 -43.10 30.83
N ALA C 613 12.09 -43.85 31.13
CA ALA C 613 12.03 -45.30 30.98
C ALA C 613 11.18 -45.91 32.08
N PRO C 614 10.07 -46.56 31.72
CA PRO C 614 9.17 -47.19 32.70
C PRO C 614 9.91 -48.13 33.64
N GLY C 615 10.34 -49.27 33.10
CA GLY C 615 11.05 -50.26 33.88
C GLY C 615 11.85 -49.72 35.05
N ASN C 616 12.75 -48.77 34.80
CA ASN C 616 13.58 -48.21 35.86
C ASN C 616 13.39 -46.73 36.11
N LYS C 617 12.38 -46.14 35.47
CA LYS C 617 12.09 -44.70 35.61
C LYS C 617 13.39 -43.89 35.56
N ALA C 618 14.10 -44.08 34.44
CA ALA C 618 15.37 -43.42 34.23
C ALA C 618 15.37 -42.49 33.04
N TYR C 619 15.95 -41.30 33.27
CA TYR C 619 16.06 -40.27 32.26
C TYR C 619 17.45 -40.32 31.62
N ILE C 620 17.51 -40.80 30.39
CA ILE C 620 18.78 -40.88 29.67
C ILE C 620 18.80 -39.96 28.45
N GLU C 621 19.62 -38.90 28.55
CA GLU C 621 19.79 -37.83 27.53
C GLU C 621 20.61 -38.19 26.27
N TRP C 622 20.08 -37.85 25.09
CA TRP C 622 20.77 -38.18 23.85
C TRP C 622 20.43 -37.28 22.67
N THR C 623 21.30 -36.32 22.39
CA THR C 623 21.09 -35.37 21.30
C THR C 623 20.22 -35.89 20.14
N ASP C 624 19.04 -35.31 19.98
CA ASP C 624 18.14 -35.72 18.92
C ASP C 624 17.96 -34.53 18.00
N PRO C 625 18.37 -34.67 16.75
CA PRO C 625 18.23 -33.56 15.82
C PRO C 625 16.80 -33.05 15.73
N ILE C 626 15.86 -33.93 15.44
CA ILE C 626 14.49 -33.47 15.30
C ILE C 626 14.07 -32.54 16.43
N THR C 627 14.47 -32.88 17.64
CA THR C 627 14.18 -32.08 18.82
C THR C 627 15.01 -30.77 18.85
N LYS C 628 16.19 -30.83 18.24
CA LYS C 628 17.12 -29.69 18.14
C LYS C 628 16.47 -28.54 17.37
N ALA C 629 15.69 -28.90 16.35
CA ALA C 629 15.01 -27.92 15.53
C ALA C 629 13.50 -27.96 15.69
N LYS C 630 13.07 -27.94 16.94
CA LYS C 630 11.66 -27.93 17.24
C LYS C 630 11.38 -26.44 17.44
N ILE C 631 12.22 -25.82 18.26
CA ILE C 631 12.15 -24.42 18.57
C ILE C 631 11.60 -23.60 17.42
N ASN C 632 11.96 -23.95 16.19
CA ASN C 632 11.53 -23.21 15.01
C ASN C 632 10.51 -23.92 14.14
N THR C 633 9.62 -24.70 14.71
CA THR C 633 8.68 -25.36 13.81
C THR C 633 7.23 -25.20 14.22
N ILE C 634 6.38 -24.78 13.30
CA ILE C 634 4.99 -24.66 13.67
C ILE C 634 4.54 -26.10 13.99
N PRO C 635 3.96 -26.33 15.18
CA PRO C 635 3.50 -27.66 15.56
C PRO C 635 2.33 -28.11 14.73
N THR C 636 2.09 -29.41 14.73
CA THR C 636 0.99 -30.03 13.98
C THR C 636 -0.39 -29.90 14.64
N SER C 637 -1.43 -30.26 13.90
CA SER C 637 -2.77 -30.22 14.44
C SER C 637 -2.73 -31.14 15.65
N ALA C 638 -2.36 -32.39 15.36
CA ALA C 638 -2.28 -33.45 16.35
C ALA C 638 -1.25 -33.25 17.46
N GLU C 639 -0.12 -32.64 17.14
CA GLU C 639 0.92 -32.41 18.14
C GLU C 639 0.41 -31.36 19.15
N PHE C 640 -0.60 -30.63 18.71
CA PHE C 640 -1.23 -29.60 19.53
C PHE C 640 -2.29 -30.29 20.34
N ILE C 641 -3.35 -30.75 19.68
CA ILE C 641 -4.39 -31.45 20.37
C ILE C 641 -3.73 -32.38 21.36
N LYS C 642 -2.67 -33.04 20.93
CA LYS C 642 -1.91 -33.95 21.79
C LYS C 642 -1.54 -33.25 23.10
N ASN C 643 -0.65 -32.26 23.02
CA ASN C 643 -0.21 -31.51 24.20
C ASN C 643 -1.32 -31.09 25.17
N LEU C 644 -2.50 -30.73 24.67
CA LEU C 644 -3.59 -30.35 25.57
C LEU C 644 -3.90 -31.65 26.30
N SER C 645 -4.32 -32.64 25.54
CA SER C 645 -4.64 -33.95 26.08
C SER C 645 -3.71 -34.27 27.26
N SER C 646 -2.44 -33.95 27.13
CA SER C 646 -1.48 -34.22 28.20
C SER C 646 -1.70 -33.41 29.47
N ILE C 647 -1.88 -32.09 29.34
CA ILE C 647 -2.08 -31.27 30.54
C ILE C 647 -3.47 -31.48 31.13
N ARG C 648 -4.38 -31.98 30.31
CA ARG C 648 -5.70 -32.26 30.83
C ARG C 648 -5.46 -33.31 31.90
N ARG C 649 -4.82 -34.42 31.55
CA ARG C 649 -4.64 -35.46 32.53
C ARG C 649 -3.79 -35.00 33.74
N SER C 650 -3.35 -33.75 33.88
CA SER C 650 -2.49 -33.43 35.07
C SER C 650 -3.16 -32.43 36.05
N SER C 651 -3.27 -31.15 35.68
CA SER C 651 -4.12 -30.26 36.50
C SER C 651 -5.43 -30.89 35.98
N ASN C 652 -6.39 -31.35 36.79
CA ASN C 652 -7.49 -32.00 36.05
C ASN C 652 -8.46 -31.00 35.38
N VAL C 653 -7.91 -30.02 34.67
CA VAL C 653 -8.70 -28.99 33.99
C VAL C 653 -8.27 -28.79 32.54
N GLY C 654 -9.21 -29.02 31.62
CA GLY C 654 -8.94 -28.88 30.20
C GLY C 654 -8.94 -27.43 29.74
N VAL C 655 -8.56 -27.20 28.49
CA VAL C 655 -8.53 -25.84 27.97
C VAL C 655 -9.95 -25.32 28.08
N TYR C 656 -10.90 -26.21 27.89
CA TYR C 656 -12.30 -25.82 27.97
C TYR C 656 -13.06 -26.82 28.80
N LYS C 657 -13.94 -26.33 29.68
CA LYS C 657 -14.72 -27.22 30.51
C LYS C 657 -16.07 -27.47 29.86
N ASP C 658 -16.73 -28.54 30.33
CA ASP C 658 -18.04 -28.94 29.85
C ASP C 658 -19.11 -28.17 30.62
N SER C 659 -19.52 -27.02 30.09
CA SER C 659 -20.52 -26.18 30.75
C SER C 659 -21.36 -25.39 29.76
N GLY C 660 -22.03 -24.37 30.27
CA GLY C 660 -22.86 -23.53 29.44
C GLY C 660 -22.28 -22.15 29.19
N ASP C 661 -21.29 -21.76 29.98
CA ASP C 661 -20.70 -20.43 29.81
C ASP C 661 -20.40 -20.19 28.33
N LYS C 662 -21.19 -19.36 27.66
CA LYS C 662 -20.91 -19.10 26.25
C LYS C 662 -19.54 -18.46 26.18
N ASP C 663 -18.89 -18.39 27.34
CA ASP C 663 -17.55 -17.84 27.45
C ASP C 663 -16.59 -19.01 27.24
N GLU C 664 -16.92 -20.15 27.84
CA GLU C 664 -16.14 -21.37 27.76
C GLU C 664 -16.19 -21.86 26.32
N PHE C 665 -17.37 -22.22 25.85
CA PHE C 665 -17.53 -22.68 24.49
C PHE C 665 -16.79 -21.73 23.57
N ALA C 666 -16.76 -20.45 23.92
CA ALA C 666 -16.03 -19.49 23.10
C ALA C 666 -14.59 -20.02 22.94
N LYS C 667 -13.97 -20.34 24.07
CA LYS C 667 -12.63 -20.89 24.09
C LYS C 667 -12.60 -22.21 23.35
N LYS C 668 -13.49 -23.13 23.67
CA LYS C 668 -13.47 -24.39 22.94
C LYS C 668 -13.44 -24.12 21.43
N GLU C 669 -14.49 -23.50 20.89
CA GLU C 669 -14.55 -23.22 19.46
C GLU C 669 -13.21 -22.65 19.00
N SER C 670 -12.63 -21.80 19.84
CA SER C 670 -11.37 -21.16 19.52
C SER C 670 -10.17 -22.08 19.24
N VAL C 671 -10.00 -23.14 20.02
CA VAL C 671 -8.90 -24.06 19.76
C VAL C 671 -9.23 -24.74 18.45
N LYS C 672 -10.47 -25.17 18.32
CA LYS C 672 -10.91 -25.82 17.08
C LYS C 672 -10.42 -25.02 15.86
N LYS C 673 -10.09 -23.76 16.11
CA LYS C 673 -9.60 -22.92 15.04
C LYS C 673 -8.08 -23.05 14.99
N ILE C 674 -7.40 -22.98 16.12
CA ILE C 674 -5.95 -23.10 16.09
C ILE C 674 -5.64 -24.51 15.59
N ALA C 675 -6.56 -25.44 15.84
CA ALA C 675 -6.40 -26.82 15.42
C ALA C 675 -6.71 -26.99 13.94
N GLY C 676 -6.91 -25.87 13.28
CA GLY C 676 -7.19 -25.87 11.87
C GLY C 676 -6.01 -25.15 11.27
N TYR C 677 -5.86 -23.88 11.64
CA TYR C 677 -4.76 -23.07 11.16
C TYR C 677 -3.50 -23.90 11.15
N LEU C 678 -3.24 -24.63 12.22
CA LEU C 678 -2.06 -25.45 12.23
C LEU C 678 -2.23 -26.55 11.18
N SER C 679 -3.33 -27.26 11.21
CA SER C 679 -3.53 -28.30 10.22
C SER C 679 -3.40 -27.73 8.84
N ASP C 680 -3.97 -26.55 8.65
CA ASP C 680 -3.98 -25.90 7.34
C ASP C 680 -2.59 -25.54 6.85
N TYR C 681 -1.65 -25.39 7.79
CA TYR C 681 -0.25 -25.06 7.47
C TYR C 681 0.35 -26.17 6.62
N TYR C 682 0.38 -27.36 7.20
CA TYR C 682 0.92 -28.54 6.56
C TYR C 682 -0.08 -29.12 5.61
N ASN C 683 -0.44 -28.40 4.54
CA ASN C 683 -1.39 -28.94 3.58
C ASN C 683 -0.62 -29.58 2.45
N SER C 684 -0.89 -30.87 2.25
CA SER C 684 -0.22 -31.65 1.23
C SER C 684 -0.34 -31.10 -0.20
N ALA C 685 -1.41 -30.33 -0.47
CA ALA C 685 -1.60 -29.77 -1.79
C ALA C 685 -0.83 -28.48 -1.95
N ASN C 686 0.06 -28.19 -1.01
CA ASN C 686 0.85 -26.97 -1.07
C ASN C 686 1.87 -27.02 -2.20
N HIS C 687 2.05 -28.19 -2.81
CA HIS C 687 3.05 -28.31 -3.87
C HIS C 687 2.72 -27.56 -5.16
N ILE C 688 1.45 -27.63 -5.59
CA ILE C 688 1.02 -26.96 -6.81
C ILE C 688 1.23 -25.46 -6.74
N PHE C 689 2.18 -25.06 -5.92
CA PHE C 689 2.53 -23.67 -5.76
C PHE C 689 4.01 -23.55 -6.04
N SER C 690 4.60 -22.40 -5.78
CA SER C 690 6.03 -22.22 -6.03
C SER C 690 6.81 -21.56 -4.89
N GLN C 691 7.86 -22.23 -4.42
CA GLN C 691 8.70 -21.75 -3.33
C GLN C 691 8.36 -20.39 -2.72
N GLU C 692 8.70 -19.29 -3.39
CA GLU C 692 8.41 -17.97 -2.83
C GLU C 692 6.99 -17.94 -2.30
N LYS C 693 6.08 -18.60 -3.02
CA LYS C 693 4.68 -18.69 -2.62
C LYS C 693 4.56 -19.49 -1.34
N LYS C 694 4.85 -20.78 -1.44
CA LYS C 694 4.79 -21.67 -0.29
C LYS C 694 5.14 -20.90 0.97
N ARG C 695 6.33 -20.32 1.03
CA ARG C 695 6.73 -19.59 2.22
C ARG C 695 5.64 -18.64 2.68
N LYS C 696 5.38 -17.64 1.85
CA LYS C 696 4.37 -16.63 2.17
C LYS C 696 3.08 -17.29 2.62
N ILE C 697 2.31 -17.79 1.66
CA ILE C 697 1.03 -18.46 1.94
C ILE C 697 0.97 -19.16 3.30
N SER C 698 2.13 -19.61 3.78
CA SER C 698 2.25 -20.29 5.07
C SER C 698 2.59 -19.28 6.14
N ILE C 699 3.51 -18.40 5.84
CA ILE C 699 3.89 -17.37 6.79
C ILE C 699 2.58 -16.78 7.31
N PHE C 700 1.54 -16.90 6.49
CA PHE C 700 0.23 -16.37 6.86
C PHE C 700 -0.50 -17.39 7.71
N ARG C 701 -0.75 -18.57 7.14
CA ARG C 701 -1.42 -19.63 7.87
C ARG C 701 -0.82 -19.60 9.26
N GLY C 702 0.49 -19.39 9.30
CA GLY C 702 1.21 -19.32 10.54
C GLY C 702 0.66 -18.20 11.38
N ILE C 703 0.79 -16.97 10.86
CA ILE C 703 0.30 -15.75 11.53
C ILE C 703 -1.13 -15.99 11.97
N GLN C 704 -1.96 -16.35 11.00
CA GLN C 704 -3.34 -16.65 11.26
C GLN C 704 -3.49 -17.40 12.57
N ALA C 705 -2.57 -18.31 12.83
CA ALA C 705 -2.63 -19.07 14.04
C ALA C 705 -2.07 -18.31 15.23
N TYR C 706 -0.90 -17.71 15.06
CA TYR C 706 -0.28 -16.97 16.14
C TYR C 706 -1.27 -15.99 16.70
N ASN C 707 -2.21 -15.60 15.85
CA ASN C 707 -3.25 -14.67 16.23
C ASN C 707 -4.22 -15.34 17.18
N GLU C 708 -5.06 -16.22 16.64
CA GLU C 708 -6.06 -16.94 17.42
C GLU C 708 -5.50 -17.43 18.74
N ILE C 709 -4.17 -17.56 18.81
CA ILE C 709 -3.57 -17.96 20.06
C ILE C 709 -3.62 -16.70 20.94
N GLU C 710 -2.88 -15.67 20.53
CA GLU C 710 -2.83 -14.40 21.24
C GLU C 710 -4.25 -14.06 21.67
N ASN C 711 -5.20 -14.52 20.86
CA ASN C 711 -6.62 -14.28 21.11
C ASN C 711 -7.06 -14.86 22.45
N VAL C 712 -6.94 -16.19 22.59
CA VAL C 712 -7.34 -16.87 23.83
C VAL C 712 -6.46 -16.50 25.01
N LEU C 713 -5.17 -16.30 24.76
CA LEU C 713 -4.23 -15.94 25.80
C LEU C 713 -4.67 -14.67 26.52
N LYS C 714 -5.68 -14.02 25.96
CA LYS C 714 -6.26 -12.79 26.51
C LYS C 714 -7.66 -13.01 27.09
N SER C 715 -8.35 -14.05 26.59
CA SER C 715 -9.71 -14.34 27.04
C SER C 715 -9.85 -14.62 28.54
N LYS C 716 -10.84 -15.45 28.88
CA LYS C 716 -11.15 -15.78 30.27
C LYS C 716 -10.01 -16.43 31.04
N GLN C 717 -10.40 -17.20 32.06
CA GLN C 717 -9.44 -17.87 32.92
C GLN C 717 -9.05 -19.29 32.53
N ILE C 718 -8.06 -19.38 31.65
CA ILE C 718 -7.53 -20.66 31.22
C ILE C 718 -6.38 -20.86 32.19
N ALA C 719 -6.45 -21.91 33.00
CA ALA C 719 -5.43 -22.18 34.01
C ALA C 719 -4.01 -21.84 33.55
N PRO C 720 -3.22 -21.19 34.43
CA PRO C 720 -1.83 -20.78 34.15
C PRO C 720 -0.91 -21.91 33.66
N GLU C 721 -1.46 -23.12 33.58
CA GLU C 721 -0.71 -24.27 33.08
C GLU C 721 -0.79 -24.19 31.56
N TYR C 722 -1.99 -23.89 31.04
CA TYR C 722 -2.19 -23.75 29.60
C TYR C 722 -1.71 -22.40 29.15
N LYS C 723 -1.73 -21.43 30.05
CA LYS C 723 -1.25 -20.11 29.72
C LYS C 723 0.10 -20.30 29.03
N ASN C 724 1.04 -20.90 29.77
CA ASN C 724 2.41 -21.14 29.33
C ASN C 724 2.54 -21.91 28.02
N TYR C 725 1.89 -23.08 27.94
CA TYR C 725 1.95 -23.87 26.71
C TYR C 725 1.77 -22.93 25.54
N PHE C 726 0.64 -22.22 25.55
CA PHE C 726 0.34 -21.26 24.51
C PHE C 726 1.48 -20.24 24.43
N GLN C 727 1.95 -19.81 25.59
CA GLN C 727 3.04 -18.86 25.62
C GLN C 727 4.20 -19.44 24.78
N TYR C 728 4.39 -20.74 24.91
CA TYR C 728 5.45 -21.45 24.21
C TYR C 728 5.10 -21.60 22.73
N LEU C 729 3.88 -22.05 22.44
CA LEU C 729 3.45 -22.21 21.06
C LEU C 729 3.66 -20.93 20.27
N LYS C 730 3.63 -19.79 20.94
CA LYS C 730 3.83 -18.54 20.25
C LYS C 730 5.25 -18.53 19.69
N GLU C 731 6.24 -18.48 20.59
CA GLU C 731 7.63 -18.45 20.20
C GLU C 731 7.86 -19.35 19.00
N ARG C 732 7.27 -20.55 19.01
CA ARG C 732 7.41 -21.45 17.88
C ARG C 732 6.98 -20.63 16.67
N ILE C 733 5.67 -20.56 16.44
CA ILE C 733 5.10 -19.81 15.32
C ILE C 733 6.03 -18.69 14.93
N THR C 734 6.37 -17.88 15.93
CA THR C 734 7.27 -16.77 15.69
C THR C 734 8.52 -17.27 15.00
N ASN C 735 9.42 -17.90 15.76
CA ASN C 735 10.65 -18.39 15.18
C ASN C 735 10.38 -18.99 13.82
N GLN C 736 9.34 -19.80 13.75
CA GLN C 736 8.95 -20.46 12.51
C GLN C 736 8.71 -19.50 11.37
N VAL C 737 8.14 -18.34 11.69
CA VAL C 737 7.88 -17.35 10.65
C VAL C 737 9.11 -16.51 10.38
N GLN C 738 9.82 -16.13 11.43
CA GLN C 738 11.01 -15.34 11.23
C GLN C 738 11.85 -16.07 10.19
N LEU C 739 11.75 -17.39 10.19
CA LEU C 739 12.50 -18.25 9.26
C LEU C 739 12.00 -18.14 7.84
N LEU C 740 10.80 -18.64 7.59
CA LEU C 740 10.25 -18.56 6.25
C LEU C 740 10.54 -17.20 5.63
N LEU C 741 10.64 -16.18 6.48
CA LEU C 741 10.93 -14.82 6.04
C LEU C 741 12.40 -14.66 5.70
N THR C 742 13.30 -14.93 6.64
CA THR C 742 14.73 -14.79 6.33
C THR C 742 15.16 -15.80 5.34
N HIS C 743 14.18 -16.30 4.62
CA HIS C 743 14.64 -17.07 3.60
C HIS C 743 14.53 -16.18 2.35
N GLN C 744 13.61 -15.21 2.34
CA GLN C 744 13.35 -14.48 1.07
C GLN C 744 13.74 -12.99 0.94
N LYS C 745 12.84 -12.10 1.38
CA LYS C 745 13.10 -10.66 1.42
C LYS C 745 13.13 -10.36 2.90
N SER C 746 14.33 -10.51 3.48
CA SER C 746 14.50 -10.34 4.93
C SER C 746 14.98 -8.98 5.44
N ASN C 747 14.17 -8.42 6.33
CA ASN C 747 14.42 -7.13 6.98
C ASN C 747 13.23 -6.95 7.92
N ILE C 748 12.06 -7.38 7.46
CA ILE C 748 10.85 -7.27 8.26
C ILE C 748 10.88 -8.28 9.39
N GLU C 749 10.67 -7.78 10.61
CA GLU C 749 10.66 -8.61 11.79
C GLU C 749 9.22 -9.00 12.07
N PHE C 750 9.02 -10.23 12.53
CA PHE C 750 7.69 -10.70 12.85
C PHE C 750 6.92 -9.62 13.60
N LYS C 751 7.26 -9.44 14.88
CA LYS C 751 6.65 -8.45 15.76
C LYS C 751 6.05 -7.26 15.00
N LEU C 752 6.89 -6.58 14.24
CA LEU C 752 6.46 -5.44 13.45
C LEU C 752 5.40 -5.86 12.44
N LEU C 753 5.80 -6.71 11.48
CA LEU C 753 4.86 -7.19 10.45
C LEU C 753 3.53 -7.45 11.10
N TYR C 754 3.56 -7.95 12.34
CA TYR C 754 2.31 -8.25 13.00
C TYR C 754 1.48 -6.99 13.10
N LYS C 755 1.81 -6.14 14.06
CA LYS C 755 1.09 -4.88 14.26
C LYS C 755 0.24 -4.50 13.02
N GLN C 756 0.93 -4.40 11.88
CA GLN C 756 0.35 -4.01 10.60
C GLN C 756 -0.84 -4.81 10.06
N LEU C 757 -1.39 -5.75 10.83
CA LEU C 757 -2.52 -6.53 10.33
C LEU C 757 -3.88 -6.17 10.94
N ASN C 758 -4.89 -6.17 10.07
CA ASN C 758 -6.27 -5.85 10.45
C ASN C 758 -7.02 -7.16 10.70
N PHE C 759 -6.86 -7.73 11.90
CA PHE C 759 -7.54 -8.99 12.23
C PHE C 759 -8.91 -8.73 12.86
N THR C 760 -9.52 -7.61 12.48
CA THR C 760 -10.83 -7.21 12.99
C THR C 760 -11.94 -8.09 12.40
N GLU C 761 -12.81 -7.54 11.56
CA GLU C 761 -13.89 -8.34 10.99
C GLU C 761 -13.60 -9.05 9.66
N ASN C 762 -12.98 -8.35 8.71
CA ASN C 762 -12.68 -8.95 7.42
C ASN C 762 -11.24 -9.47 7.38
N GLU C 763 -11.05 -10.58 6.67
CA GLU C 763 -9.76 -11.24 6.51
C GLU C 763 -9.33 -11.27 5.03
N THR C 764 -10.19 -10.74 4.16
CA THR C 764 -9.97 -10.71 2.72
C THR C 764 -8.78 -9.91 2.18
N ASP C 765 -8.85 -8.57 2.25
CA ASP C 765 -7.75 -7.76 1.76
C ASP C 765 -6.50 -7.91 2.62
N ASN C 766 -6.71 -8.34 3.87
CA ASN C 766 -5.62 -8.55 4.81
C ASN C 766 -4.42 -9.11 4.07
N PHE C 767 -4.58 -10.33 3.57
CA PHE C 767 -3.51 -11.02 2.85
C PHE C 767 -2.99 -10.16 1.71
N GLU C 768 -3.91 -9.59 0.93
CA GLU C 768 -3.52 -8.75 -0.18
C GLU C 768 -2.48 -7.75 0.34
N VAL C 769 -2.74 -7.21 1.53
CA VAL C 769 -1.84 -6.25 2.15
C VAL C 769 -0.51 -6.95 2.34
N PHE C 770 -0.53 -7.96 3.19
CA PHE C 770 0.63 -8.78 3.52
C PHE C 770 1.60 -8.84 2.35
N GLN C 771 1.09 -9.12 1.16
CA GLN C 771 1.93 -9.19 -0.03
C GLN C 771 2.90 -8.03 -0.03
N LYS C 772 2.41 -6.88 -0.46
CA LYS C 772 3.22 -5.66 -0.52
C LYS C 772 4.04 -5.44 0.74
N ILE C 773 3.50 -5.86 1.88
CA ILE C 773 4.20 -5.69 3.14
C ILE C 773 5.60 -6.32 3.07
N ILE C 774 5.82 -7.17 2.06
CA ILE C 774 7.10 -7.84 1.89
C ILE C 774 7.82 -7.55 0.56
N ASP C 775 7.57 -6.39 -0.02
CA ASP C 775 8.20 -6.03 -1.30
C ASP C 775 9.06 -4.76 -1.20
N ASN D 41 9.66 20.91 73.04
CA ASN D 41 11.11 21.01 73.40
C ASN D 41 11.64 22.45 73.36
N ASN D 42 11.25 23.28 74.34
CA ASN D 42 11.74 24.67 74.36
C ASN D 42 13.25 24.63 74.63
N LEU D 43 14.04 25.01 73.63
CA LEU D 43 15.49 24.95 73.72
C LEU D 43 16.18 25.98 74.60
N VAL D 44 15.62 27.16 74.71
CA VAL D 44 16.24 28.19 75.53
C VAL D 44 15.44 28.55 76.76
N LYS D 45 15.89 28.06 77.89
CA LYS D 45 15.22 28.35 79.12
C LYS D 45 15.90 29.53 79.79
N THR D 46 15.15 30.61 79.95
CA THR D 46 15.64 31.83 80.60
C THR D 46 15.27 31.72 82.08
N GLU D 47 16.28 31.55 82.91
CA GLU D 47 16.08 31.40 84.34
C GLU D 47 15.45 32.60 85.01
N PHE D 48 16.27 33.59 85.33
CA PHE D 48 15.80 34.77 86.01
C PHE D 48 15.52 35.90 85.01
N THR D 49 14.30 36.45 85.08
CA THR D 49 13.90 37.60 84.23
C THR D 49 14.10 38.87 85.09
N ASN D 50 14.87 38.68 86.16
CA ASN D 50 15.23 39.71 87.13
C ASN D 50 15.53 41.01 86.38
N GLU D 51 16.75 41.11 85.84
CA GLU D 51 17.14 42.29 85.10
C GLU D 51 16.10 42.55 84.04
N THR D 52 15.89 43.82 83.76
CA THR D 52 14.93 44.24 82.76
C THR D 52 15.47 43.76 81.41
N LEU D 53 15.44 44.65 80.43
CA LEU D 53 15.96 44.33 79.12
C LEU D 53 17.36 43.83 79.34
N ASP D 54 18.31 44.70 79.04
CA ASP D 54 19.74 44.45 79.18
C ASP D 54 20.16 43.00 79.42
N LYS D 55 19.60 42.34 80.43
CA LYS D 55 19.93 40.93 80.60
C LYS D 55 19.36 40.33 79.32
N ILE D 56 18.04 40.38 79.21
CA ILE D 56 17.35 39.87 78.04
C ILE D 56 18.01 40.43 76.78
N GLN D 57 17.88 41.74 76.57
CA GLN D 57 18.44 42.40 75.40
C GLN D 57 19.97 42.22 75.30
N GLN D 58 20.45 41.12 75.87
CA GLN D 58 21.87 40.76 75.83
C GLN D 58 21.94 39.26 75.52
N THR D 59 20.95 38.52 76.01
CA THR D 59 20.90 37.10 75.71
C THR D 59 20.43 37.00 74.28
N GLN D 60 19.31 37.65 73.95
CA GLN D 60 18.84 37.63 72.58
C GLN D 60 20.00 38.06 71.68
N ASP D 61 20.52 39.26 71.91
CA ASP D 61 21.65 39.75 71.13
C ASP D 61 22.70 38.67 70.91
N LEU D 62 22.67 37.64 71.75
CA LEU D 62 23.64 36.56 71.65
C LEU D 62 23.14 35.44 70.75
N LEU D 63 21.86 35.12 70.92
CA LEU D 63 21.22 34.05 70.17
C LEU D 63 20.91 34.38 68.71
N LYS D 64 20.67 35.65 68.40
CA LYS D 64 20.37 36.01 67.03
C LYS D 64 21.69 35.95 66.26
N LYS D 65 22.80 35.89 67.02
CA LYS D 65 24.13 35.82 66.46
C LYS D 65 24.43 34.40 66.02
N ILE D 66 24.15 33.42 66.89
CA ILE D 66 24.37 32.02 66.57
C ILE D 66 23.34 31.59 65.52
N PRO D 67 23.77 30.80 64.51
CA PRO D 67 22.91 30.32 63.42
C PRO D 67 21.65 29.54 63.81
N LYS D 68 20.50 30.05 63.39
CA LYS D 68 19.21 29.46 63.70
C LYS D 68 19.18 27.93 63.59
N ASP D 69 20.18 27.37 62.93
CA ASP D 69 20.21 25.93 62.78
C ASP D 69 21.29 25.27 63.58
N VAL D 70 22.27 26.04 64.05
CA VAL D 70 23.30 25.42 64.88
C VAL D 70 22.49 25.02 66.09
N LEU D 71 21.42 25.77 66.33
CA LEU D 71 20.53 25.50 67.45
C LEU D 71 19.78 24.21 67.15
N GLU D 72 19.09 24.18 66.01
CA GLU D 72 18.34 22.99 65.64
C GLU D 72 19.20 21.74 65.70
N ILE D 73 20.53 21.88 65.62
CA ILE D 73 21.44 20.73 65.71
C ILE D 73 21.51 20.43 67.18
N TYR D 74 21.34 21.49 67.96
CA TYR D 74 21.37 21.42 69.40
C TYR D 74 20.02 20.96 69.93
N SER D 75 18.96 21.70 69.62
CA SER D 75 17.64 21.33 70.09
C SER D 75 17.22 20.00 69.50
N GLU D 76 18.17 19.29 68.90
CA GLU D 76 17.89 18.00 68.30
C GLU D 76 18.63 16.94 69.09
N LEU D 77 19.87 17.24 69.45
CA LEU D 77 20.62 16.29 70.25
C LEU D 77 19.98 16.24 71.63
N GLY D 78 18.80 16.84 71.77
CA GLY D 78 18.12 16.83 73.05
C GLY D 78 18.60 17.91 74.01
N GLY D 79 19.50 18.76 73.53
CA GLY D 79 20.05 19.82 74.35
C GLY D 79 19.08 20.92 74.70
N GLU D 80 19.50 21.77 75.64
CA GLU D 80 18.71 22.89 76.12
C GLU D 80 19.77 23.89 76.54
N ILE D 81 19.49 25.19 76.45
CA ILE D 81 20.49 26.17 76.85
C ILE D 81 19.98 26.94 78.05
N TYR D 82 20.80 27.05 79.08
CA TYR D 82 20.35 27.74 80.27
C TYR D 82 20.98 29.10 80.51
N PHE D 83 20.12 30.10 80.54
CA PHE D 83 20.54 31.47 80.78
C PHE D 83 19.98 31.83 82.16
N THR D 84 20.87 31.94 83.13
CA THR D 84 20.45 32.24 84.50
C THR D 84 20.98 33.58 84.99
N ASP D 85 20.65 33.91 86.23
CA ASP D 85 21.08 35.15 86.85
C ASP D 85 22.56 35.03 87.21
N ILE D 86 22.88 35.18 88.49
CA ILE D 86 24.28 35.14 88.94
C ILE D 86 24.69 33.81 89.59
N ASP D 87 24.08 32.71 89.18
CA ASP D 87 24.40 31.42 89.75
C ASP D 87 25.87 31.08 89.55
N LEU D 88 26.50 31.76 88.60
CA LEU D 88 27.91 31.56 88.30
C LEU D 88 28.46 30.17 88.65
N VAL D 89 28.92 30.05 89.89
CA VAL D 89 29.53 28.83 90.41
C VAL D 89 28.61 27.62 90.39
N GLU D 90 28.99 26.58 91.14
CA GLU D 90 28.23 25.33 91.23
C GLU D 90 26.80 25.60 91.68
N HIS D 91 26.43 26.88 91.74
CA HIS D 91 25.12 27.28 92.19
C HIS D 91 23.95 26.93 91.28
N LYS D 92 24.22 26.57 90.02
CA LYS D 92 23.13 26.23 89.12
C LYS D 92 22.42 24.93 89.45
N GLU D 93 21.10 24.94 89.33
CA GLU D 93 20.28 23.78 89.61
C GLU D 93 20.55 22.64 88.65
N LEU D 94 21.77 22.60 88.11
CA LEU D 94 22.16 21.56 87.17
C LEU D 94 23.68 21.44 87.06
N GLN D 95 24.41 22.24 87.84
CA GLN D 95 25.88 22.22 87.83
C GLN D 95 26.52 21.31 88.86
N ASP D 96 25.70 20.53 89.56
CA ASP D 96 26.19 19.64 90.60
C ASP D 96 26.74 18.32 90.07
N LEU D 97 27.74 17.79 90.76
CA LEU D 97 28.42 16.54 90.43
C LEU D 97 27.51 15.59 89.62
N SER D 98 27.92 15.31 88.39
CA SER D 98 27.20 14.43 87.47
C SER D 98 28.21 13.79 86.50
N GLU D 99 28.90 14.66 85.76
CA GLU D 99 29.94 14.33 84.79
C GLU D 99 30.65 15.68 84.55
N GLU D 100 31.44 16.10 85.54
CA GLU D 100 32.12 17.40 85.49
C GLU D 100 33.50 17.52 84.84
N GLU D 101 34.56 17.47 85.64
CA GLU D 101 35.93 17.61 85.16
C GLU D 101 36.83 16.43 85.51
N LYS D 102 37.18 15.63 84.51
CA LYS D 102 38.04 14.47 84.70
C LYS D 102 39.46 14.74 84.19
N ASN D 103 39.57 15.21 82.95
CA ASN D 103 40.87 15.53 82.35
C ASN D 103 40.84 16.94 81.76
N SER D 104 41.69 17.82 82.29
CA SER D 104 41.74 19.21 81.83
C SER D 104 42.29 19.44 80.42
N MET D 105 41.59 20.30 79.69
CA MET D 105 41.90 20.67 78.31
C MET D 105 40.80 21.67 77.90
N ASN D 106 40.41 22.52 78.86
CA ASN D 106 39.35 23.51 78.73
C ASN D 106 39.50 24.68 77.75
N SER D 107 39.09 25.87 78.20
CA SER D 107 39.12 27.11 77.41
C SER D 107 40.11 27.10 76.26
N ARG D 108 39.65 27.54 75.08
CA ARG D 108 40.44 27.62 73.83
C ARG D 108 41.81 26.93 73.88
N GLY D 109 42.71 27.45 74.72
CA GLY D 109 44.04 26.86 74.88
C GLY D 109 44.15 26.10 76.19
N GLU D 110 43.89 26.79 77.30
CA GLU D 110 43.94 26.21 78.65
C GLU D 110 43.75 27.27 79.74
N LYS D 111 43.35 26.79 80.92
CA LYS D 111 43.12 27.63 82.10
C LYS D 111 42.71 26.69 83.24
N VAL D 112 41.42 26.41 83.33
CA VAL D 112 40.80 25.50 84.33
C VAL D 112 40.14 26.12 85.58
N PRO D 113 40.39 27.42 85.86
CA PRO D 113 39.77 28.02 87.06
C PRO D 113 38.24 28.11 86.98
N PHE D 114 37.58 27.02 87.36
CA PHE D 114 36.13 26.94 87.35
C PHE D 114 35.42 28.15 87.94
N ALA D 115 35.74 28.46 89.20
CA ALA D 115 35.12 29.58 89.90
C ALA D 115 35.13 30.87 89.11
N SER D 116 35.95 30.93 88.06
CA SER D 116 36.02 32.14 87.24
C SER D 116 35.34 31.96 85.87
N ARG D 117 34.28 31.16 85.81
CA ARG D 117 33.59 30.93 84.54
C ARG D 117 32.11 31.26 84.59
N PHE D 118 31.55 31.48 83.39
CA PHE D 118 30.13 31.82 83.19
C PHE D 118 29.46 30.89 82.17
N VAL D 119 30.25 30.33 81.27
CA VAL D 119 29.74 29.43 80.25
C VAL D 119 30.20 28.01 80.48
N PHE D 120 29.25 27.07 80.47
CA PHE D 120 29.62 25.66 80.62
C PHE D 120 28.63 24.70 79.98
N GLU D 121 29.21 23.64 79.42
CA GLU D 121 28.48 22.59 78.73
C GLU D 121 28.50 21.31 79.54
N LYS D 122 27.32 20.86 79.99
CA LYS D 122 27.23 19.63 80.75
C LYS D 122 27.47 18.51 79.72
N LYS D 123 28.74 18.41 79.33
CA LYS D 123 29.23 17.49 78.32
C LYS D 123 28.65 16.08 78.09
N ARG D 124 28.00 15.46 79.06
CA ARG D 124 27.77 14.00 78.87
C ARG D 124 26.70 13.20 78.02
N GLU D 125 25.40 13.52 78.09
CA GLU D 125 24.39 12.84 77.28
C GLU D 125 23.75 13.92 76.43
N THR D 126 22.71 14.51 77.00
CA THR D 126 21.96 15.63 76.41
C THR D 126 22.67 16.95 76.72
N PRO D 127 23.47 17.44 75.75
CA PRO D 127 24.22 18.68 75.92
C PRO D 127 23.43 19.81 76.57
N LYS D 128 23.89 20.19 77.76
CA LYS D 128 23.28 21.25 78.55
C LYS D 128 24.18 22.48 78.57
N LEU D 129 23.77 23.52 77.87
CA LEU D 129 24.56 24.74 77.84
C LEU D 129 23.99 25.68 78.88
N ILE D 130 24.81 26.04 79.87
CA ILE D 130 24.36 26.97 80.90
C ILE D 130 25.24 28.21 80.95
N ILE D 131 24.61 29.38 80.92
CA ILE D 131 25.32 30.66 80.92
C ILE D 131 24.61 31.73 81.73
N ASN D 132 25.33 32.80 82.03
CA ASN D 132 24.78 33.91 82.81
C ASN D 132 25.53 35.21 82.53
N ILE D 133 25.02 36.30 83.12
CA ILE D 133 25.62 37.62 82.97
C ILE D 133 25.36 38.49 84.20
N LYS D 134 26.24 39.45 84.44
CA LYS D 134 26.08 40.32 85.61
C LYS D 134 25.82 41.77 85.23
N ASP D 135 26.87 42.50 84.88
CA ASP D 135 26.75 43.90 84.55
C ASP D 135 27.13 44.44 83.13
N TYR D 136 26.19 44.37 82.17
CA TYR D 136 26.24 45.07 80.82
C TYR D 136 27.19 45.03 79.63
N ALA D 137 28.35 44.43 79.71
CA ALA D 137 29.19 44.51 78.52
C ALA D 137 29.42 43.11 77.98
N ILE D 138 30.03 43.00 76.81
CA ILE D 138 30.34 41.70 76.21
C ILE D 138 31.16 41.97 74.95
N ASN D 139 30.91 43.14 74.37
CA ASN D 139 31.59 43.56 73.15
C ASN D 139 33.05 43.96 73.39
N SER D 140 33.35 45.27 73.30
CA SER D 140 34.70 45.81 73.47
C SER D 140 35.78 44.76 73.16
N GLU D 141 36.03 43.87 74.12
CA GLU D 141 36.99 42.79 73.94
C GLU D 141 36.18 41.51 73.95
N GLN D 142 35.63 41.16 72.78
CA GLN D 142 34.82 39.98 72.61
C GLN D 142 35.59 38.71 72.93
N SER D 143 36.80 38.89 73.45
CA SER D 143 37.64 37.76 73.84
C SER D 143 36.91 36.97 74.93
N LYS D 144 35.69 37.41 75.24
CA LYS D 144 34.86 36.77 76.25
C LYS D 144 33.67 36.02 75.61
N GLU D 145 33.03 36.66 74.64
CA GLU D 145 31.90 36.04 73.97
C GLU D 145 32.36 34.92 73.02
N VAL D 146 33.67 34.78 72.84
CA VAL D 146 34.21 33.76 71.94
C VAL D 146 34.23 32.37 72.57
N TYR D 147 33.97 32.30 73.89
CA TYR D 147 33.94 31.01 74.56
C TYR D 147 32.52 30.49 74.61
N TYR D 148 31.56 31.41 74.63
CA TYR D 148 30.18 31.00 74.63
C TYR D 148 29.94 30.43 73.24
N GLU D 149 30.97 30.50 72.40
CA GLU D 149 30.92 29.99 71.04
C GLU D 149 31.51 28.60 70.98
N ILE D 150 32.78 28.48 71.38
CA ILE D 150 33.41 27.18 71.40
C ILE D 150 32.67 26.42 72.51
N GLY D 151 32.64 27.00 73.70
CA GLY D 151 31.95 26.38 74.83
C GLY D 151 30.68 25.75 74.32
N LYS D 152 30.14 26.34 73.26
CA LYS D 152 28.96 25.82 72.63
C LYS D 152 29.50 24.78 71.70
N GLY D 153 30.28 25.22 70.72
CA GLY D 153 30.87 24.32 69.76
C GLY D 153 31.11 22.90 70.27
N ILE D 154 31.63 22.79 71.49
CA ILE D 154 31.90 21.46 72.06
C ILE D 154 30.59 20.71 72.26
N SER D 155 29.52 21.25 71.70
CA SER D 155 28.23 20.58 71.77
C SER D 155 28.15 19.78 70.50
N LEU D 156 27.89 20.48 69.40
CA LEU D 156 27.77 19.84 68.11
C LEU D 156 29.08 19.18 67.68
N ASP D 157 30.20 19.85 67.91
CA ASP D 157 31.51 19.34 67.50
C ASP D 157 31.64 17.80 67.46
N ILE D 158 31.93 17.19 68.61
CA ILE D 158 32.11 15.74 68.72
C ILE D 158 31.05 14.89 68.00
N ILE D 159 29.91 15.50 67.70
CA ILE D 159 28.84 14.78 67.02
C ILE D 159 28.55 15.47 65.69
N SER D 160 29.40 16.42 65.35
CA SER D 160 29.23 17.14 64.10
C SER D 160 29.82 16.31 63.00
N LYS D 161 29.96 16.93 61.83
CA LYS D 161 30.52 16.27 60.66
C LYS D 161 31.91 15.71 60.99
N ASP D 162 32.43 16.07 62.16
CA ASP D 162 33.74 15.60 62.54
C ASP D 162 33.75 14.23 63.22
N LYS D 163 32.61 13.58 63.40
CA LYS D 163 32.64 12.24 64.03
C LYS D 163 31.38 11.36 64.01
N SER D 164 30.18 11.93 64.20
CA SER D 164 28.93 11.11 64.19
C SER D 164 28.93 10.18 62.93
N LEU D 165 28.69 10.74 61.74
CA LEU D 165 28.87 9.95 60.45
C LEU D 165 30.37 9.87 60.62
N ASP D 166 31.27 9.17 59.93
CA ASP D 166 32.51 9.39 60.73
C ASP D 166 33.36 10.56 60.28
N PRO D 167 34.64 10.65 60.80
CA PRO D 167 35.40 11.80 60.33
C PRO D 167 35.45 11.84 58.80
N GLU D 168 34.24 11.73 58.21
CA GLU D 168 34.04 11.77 56.77
C GLU D 168 35.13 12.52 56.03
N PHE D 169 35.59 11.91 54.95
CA PHE D 169 36.63 12.46 54.10
C PHE D 169 36.50 13.98 53.91
N LEU D 170 35.29 14.51 54.06
CA LEU D 170 35.09 15.94 53.91
C LEU D 170 35.96 16.66 54.93
N ASN D 171 36.01 16.13 56.15
CA ASN D 171 36.81 16.71 57.21
C ASN D 171 38.15 15.97 57.31
N LEU D 172 38.17 14.73 56.86
CA LEU D 172 39.38 13.92 56.90
C LEU D 172 40.41 14.57 55.97
N ILE D 173 39.91 15.28 54.96
CA ILE D 173 40.72 16.00 53.96
C ILE D 173 40.84 17.49 54.33
N LYS D 174 39.99 17.93 55.25
CA LYS D 174 39.98 19.32 55.72
C LYS D 174 41.02 19.47 56.83
N SER D 175 41.37 18.33 57.42
CA SER D 175 42.35 18.31 58.48
C SER D 175 43.74 18.19 57.85
N LEU D 176 43.75 17.90 56.55
CA LEU D 176 45.00 17.78 55.79
C LEU D 176 45.46 19.15 55.32
N SER D 177 44.61 20.15 55.47
CA SER D 177 44.96 21.51 55.12
C SER D 177 45.95 21.95 56.18
N ASP D 178 46.70 20.97 56.66
CA ASP D 178 47.73 21.15 57.67
C ASP D 178 48.92 21.74 56.94
N ASP D 179 49.31 21.08 55.85
CA ASP D 179 50.45 21.56 55.08
C ASP D 179 50.62 20.80 53.76
N SER D 180 49.54 20.60 53.02
CA SER D 180 49.62 19.87 51.74
C SER D 180 48.83 20.50 50.57
N ASP D 181 47.60 20.95 50.82
CA ASP D 181 46.76 21.55 49.77
C ASP D 181 47.33 22.85 49.20
N SER D 182 47.08 23.96 49.90
CA SER D 182 47.53 25.29 49.47
C SER D 182 48.77 25.79 50.23
N SER D 183 49.42 26.82 49.68
CA SER D 183 50.63 27.41 50.29
C SER D 183 50.37 28.03 51.65
N ASP D 184 49.22 27.71 52.24
CA ASP D 184 48.83 28.23 53.55
C ASP D 184 49.01 27.18 54.65
N LEU D 185 50.26 26.95 55.03
CA LEU D 185 50.63 26.02 56.08
C LEU D 185 50.52 26.82 57.39
N LEU D 186 49.37 27.48 57.54
CA LEU D 186 49.09 28.30 58.70
C LEU D 186 47.90 27.78 59.51
N PHE D 187 48.17 27.45 60.76
CA PHE D 187 47.19 26.95 61.71
C PHE D 187 47.71 27.14 63.13
N SER D 188 48.42 28.25 63.33
CA SER D 188 48.99 28.62 64.63
C SER D 188 47.87 29.22 65.50
N GLN D 189 46.68 28.63 65.39
CA GLN D 189 45.51 29.07 66.14
C GLN D 189 44.60 27.90 66.57
N LYS D 190 45.04 26.68 66.28
CA LYS D 190 44.29 25.48 66.65
C LYS D 190 45.20 24.26 66.76
N PHE D 191 46.38 24.35 66.15
CA PHE D 191 47.33 23.25 66.16
C PHE D 191 48.72 23.68 66.65
N LYS D 192 48.83 23.98 67.95
CA LYS D 192 50.09 24.42 68.54
C LYS D 192 50.85 23.28 69.21
N GLU D 193 50.19 22.63 70.16
CA GLU D 193 50.81 21.55 70.91
C GLU D 193 50.49 20.16 70.35
N LYS D 194 49.20 19.91 70.16
CA LYS D 194 48.73 18.62 69.67
C LYS D 194 48.88 18.44 68.15
N LEU D 195 49.47 19.44 67.48
CA LEU D 195 49.69 19.36 66.03
C LEU D 195 50.78 20.29 65.48
N GLU D 196 51.88 20.39 66.21
CA GLU D 196 53.02 21.17 65.74
C GLU D 196 53.77 20.02 65.06
N LEU D 197 53.03 18.93 64.91
CA LEU D 197 53.47 17.69 64.28
C LEU D 197 53.25 17.83 62.77
N ASN D 198 54.04 18.71 62.15
CA ASN D 198 53.98 18.96 60.71
C ASN D 198 54.61 17.76 60.00
N ASN D 199 55.61 17.17 60.66
CA ASN D 199 56.34 16.02 60.14
C ASN D 199 55.55 14.73 60.40
N LYS D 200 54.30 14.73 59.95
CA LYS D 200 53.41 13.58 60.10
C LYS D 200 52.18 13.78 59.21
N SER D 201 52.20 13.14 58.04
CA SER D 201 51.10 13.23 57.07
C SER D 201 49.81 12.77 57.77
N ILE D 202 48.95 13.75 58.05
CA ILE D 202 47.70 13.50 58.76
C ILE D 202 46.51 13.01 57.94
N ASP D 203 46.32 11.69 57.91
CA ASP D 203 45.20 11.08 57.19
C ASP D 203 44.59 10.05 58.16
N ILE D 204 44.42 8.81 57.72
CA ILE D 204 43.86 7.76 58.58
C ILE D 204 45.03 7.09 59.33
N ASN D 205 46.13 7.81 59.48
CA ASN D 205 47.31 7.29 60.14
C ASN D 205 47.55 7.78 61.57
N PHE D 206 46.51 8.34 62.21
CA PHE D 206 46.60 8.82 63.59
C PHE D 206 45.48 9.77 64.03
N ILE D 207 44.61 10.17 63.11
CA ILE D 207 43.51 11.10 63.41
C ILE D 207 42.50 10.55 64.42
N LYS D 208 42.35 9.23 64.41
CA LYS D 208 41.44 8.55 65.34
C LYS D 208 41.90 8.87 66.77
N GLU D 209 43.22 8.90 66.94
CA GLU D 209 43.86 9.19 68.24
C GLU D 209 43.25 10.38 68.99
N ASN D 210 43.62 11.59 68.58
CA ASN D 210 43.15 12.81 69.24
C ASN D 210 41.93 13.47 68.63
N LEU D 211 40.81 12.73 68.64
CA LEU D 211 39.54 13.22 68.11
C LEU D 211 39.21 14.54 68.78
N THR D 212 39.40 14.60 70.09
CA THR D 212 39.12 15.80 70.87
C THR D 212 39.94 16.98 70.38
N GLU D 213 41.16 16.72 69.91
CA GLU D 213 42.01 17.80 69.43
C GLU D 213 41.37 18.47 68.23
N PHE D 214 40.89 17.64 67.31
CA PHE D 214 40.26 18.15 66.10
C PHE D 214 38.87 18.69 66.44
N GLN D 215 38.58 18.73 67.73
CA GLN D 215 37.32 19.27 68.21
C GLN D 215 37.62 20.71 68.59
N HIS D 216 38.68 20.90 69.38
CA HIS D 216 39.11 22.24 69.80
C HIS D 216 39.30 22.99 68.51
N ALA D 217 39.34 22.22 67.42
CA ALA D 217 39.52 22.77 66.09
C ALA D 217 38.16 23.09 65.46
N PHE D 218 37.18 22.22 65.66
CA PHE D 218 35.87 22.49 65.09
C PHE D 218 35.16 23.55 65.92
N SER D 219 35.71 23.78 67.11
CA SER D 219 35.13 24.73 68.03
C SER D 219 35.67 26.15 67.82
N LEU D 220 36.96 26.32 68.06
CA LEU D 220 37.60 27.62 67.89
C LEU D 220 37.53 28.10 66.44
N ALA D 221 36.94 27.27 65.59
CA ALA D 221 36.75 27.59 64.17
C ALA D 221 35.31 28.10 64.10
N PHE D 222 34.44 27.39 64.80
CA PHE D 222 33.04 27.76 64.84
C PHE D 222 32.97 29.14 65.49
N SER D 223 33.71 29.30 66.58
CA SER D 223 33.77 30.52 67.39
C SER D 223 34.26 31.76 66.64
N TYR D 224 35.12 31.55 65.67
CA TYR D 224 35.64 32.65 64.88
C TYR D 224 34.65 33.05 63.80
N TYR D 225 34.23 32.10 62.98
CA TYR D 225 33.30 32.41 61.89
C TYR D 225 32.06 33.09 62.45
N PHE D 226 31.57 32.59 63.58
CA PHE D 226 30.37 33.16 64.20
C PHE D 226 30.64 34.22 65.27
N ALA D 227 31.91 34.38 65.64
CA ALA D 227 32.26 35.38 66.64
C ALA D 227 31.69 36.69 66.12
N PRO D 228 31.29 37.60 67.02
CA PRO D 228 30.71 38.91 66.68
C PRO D 228 31.72 39.94 66.17
N ASP D 229 33.01 39.58 66.20
CA ASP D 229 34.07 40.48 65.75
C ASP D 229 35.06 39.86 64.74
N HIS D 230 35.80 38.85 65.17
CA HIS D 230 36.78 38.22 64.30
C HIS D 230 36.23 37.13 63.40
N ARG D 231 35.64 37.53 62.29
CA ARG D 231 35.06 36.57 61.34
C ARG D 231 36.02 36.24 60.19
N THR D 232 36.86 37.21 59.84
CA THR D 232 37.84 37.07 58.76
C THR D 232 39.16 36.47 59.22
N VAL D 233 39.38 36.41 60.54
CA VAL D 233 40.61 35.84 61.10
C VAL D 233 40.55 34.34 60.81
N LEU D 234 39.36 33.87 60.43
CA LEU D 234 39.16 32.46 60.06
C LEU D 234 39.08 32.40 58.53
N GLU D 235 39.16 33.57 57.90
CA GLU D 235 39.12 33.69 56.44
C GLU D 235 40.51 34.05 55.90
N LEU D 236 41.41 34.43 56.82
CA LEU D 236 42.78 34.80 56.50
C LEU D 236 43.75 33.75 57.06
N TYR D 237 43.79 33.62 58.39
CA TYR D 237 44.66 32.65 59.06
C TYR D 237 44.21 31.21 58.81
N ALA D 238 43.12 31.05 58.07
CA ALA D 238 42.59 29.73 57.73
C ALA D 238 42.33 29.77 56.24
N PRO D 239 42.66 28.68 55.53
CA PRO D 239 42.44 28.64 54.08
C PRO D 239 41.07 28.11 53.68
N ASP D 240 40.70 26.98 54.27
CA ASP D 240 39.43 26.32 53.96
C ASP D 240 38.43 26.36 55.11
N MET D 241 38.86 26.01 56.33
CA MET D 241 37.94 26.00 57.46
C MET D 241 36.91 27.14 57.44
N PHE D 242 37.22 28.23 56.75
CA PHE D 242 36.27 29.33 56.62
C PHE D 242 35.24 28.79 55.65
N GLU D 243 35.71 28.41 54.48
CA GLU D 243 34.88 27.86 53.41
C GLU D 243 34.11 26.65 53.95
N TYR D 244 34.58 26.10 55.05
CA TYR D 244 33.95 24.95 55.67
C TYR D 244 32.78 25.44 56.50
N MET D 245 33.10 26.16 57.56
CA MET D 245 32.06 26.70 58.44
C MET D 245 31.04 27.40 57.55
N ASN D 246 31.51 27.87 56.40
CA ASN D 246 30.64 28.58 55.46
C ASN D 246 29.70 27.58 54.82
N LYS D 247 30.25 26.54 54.20
CA LYS D 247 29.39 25.53 53.59
C LYS D 247 28.46 25.09 54.73
N LEU D 248 29.00 25.11 55.95
CA LEU D 248 28.22 24.75 57.13
C LEU D 248 26.98 25.61 57.17
N GLU D 249 27.16 26.92 57.24
CA GLU D 249 26.01 27.79 57.27
C GLU D 249 25.29 27.68 55.92
N LYS D 250 26.05 27.39 54.86
CA LYS D 250 25.47 27.25 53.53
C LYS D 250 24.34 26.24 53.60
N GLY D 251 24.61 25.15 54.32
CA GLY D 251 23.64 24.08 54.51
C GLY D 251 24.07 22.97 55.48
N GLY D 252 25.38 22.86 55.71
CA GLY D 252 25.90 21.83 56.61
C GLY D 252 25.09 21.56 57.87
N PHE D 253 24.64 22.65 58.49
CA PHE D 253 23.85 22.58 59.71
C PHE D 253 22.41 22.09 59.48
N GLU D 254 21.89 22.29 58.28
CA GLU D 254 20.54 21.84 57.97
C GLU D 254 20.62 20.36 57.64
N LYS D 255 21.84 19.91 57.36
CA LYS D 255 22.10 18.51 57.01
C LYS D 255 21.82 17.60 58.20
N ILE D 256 22.72 17.68 59.16
CA ILE D 256 22.65 16.89 60.38
C ILE D 256 21.37 17.28 61.13
N SER D 257 20.75 18.37 60.70
CA SER D 257 19.53 18.83 61.32
C SER D 257 18.39 18.02 60.72
N GLU D 258 18.75 17.12 59.80
CA GLU D 258 17.79 16.26 59.12
C GLU D 258 18.13 14.78 59.25
N SER D 259 19.38 14.46 59.50
CA SER D 259 19.78 13.06 59.68
C SER D 259 19.58 12.75 61.16
N LEU D 260 19.46 13.81 61.96
CA LEU D 260 19.24 13.67 63.38
C LEU D 260 17.73 13.73 63.57
N LYS D 261 17.07 14.50 62.71
CA LYS D 261 15.61 14.65 62.73
C LYS D 261 14.99 13.35 62.25
N LYS D 262 15.50 12.82 61.13
CA LYS D 262 14.99 11.57 60.60
C LYS D 262 15.27 10.48 61.63
N GLU D 263 16.52 10.37 62.06
CA GLU D 263 16.86 9.36 63.06
C GLU D 263 16.01 9.68 64.29
N GLY D 264 15.52 10.91 64.35
CA GLY D 264 14.69 11.32 65.45
C GLY D 264 13.53 10.36 65.60
N VAL D 265 12.83 10.08 64.49
CA VAL D 265 11.69 9.17 64.51
C VAL D 265 12.17 7.72 64.50
N GLU D 266 12.78 7.32 63.39
CA GLU D 266 13.28 5.96 63.22
C GLU D 266 13.97 5.38 64.47
N LYS D 267 14.58 6.25 65.28
CA LYS D 267 15.26 5.80 66.49
C LYS D 267 14.24 5.23 67.45
N ASP D 268 13.73 6.10 68.33
CA ASP D 268 12.72 5.69 69.30
C ASP D 268 11.41 5.55 68.53
N ARG D 269 11.12 4.33 68.12
CA ARG D 269 9.90 4.00 67.40
C ARG D 269 9.37 2.76 68.08
N ILE D 270 8.68 1.91 67.32
CA ILE D 270 8.11 0.69 67.86
C ILE D 270 8.67 -0.53 67.13
N ASP D 271 9.51 -1.30 67.81
CA ASP D 271 10.15 -2.49 67.26
C ASP D 271 9.13 -3.21 66.35
N VAL D 272 9.56 -3.68 65.19
CA VAL D 272 8.63 -4.33 64.28
C VAL D 272 9.21 -5.35 63.30
N LEU D 273 10.53 -5.45 63.22
CA LEU D 273 11.17 -6.37 62.27
C LEU D 273 10.45 -6.41 60.93
N LYS D 274 10.60 -5.34 60.14
CA LYS D 274 9.97 -5.23 58.83
C LYS D 274 10.70 -6.12 57.80
N GLY D 275 10.51 -5.83 56.51
CA GLY D 275 11.15 -6.63 55.46
C GLY D 275 10.86 -8.13 55.52
N GLU D 276 11.53 -8.93 54.69
CA GLU D 276 11.28 -10.38 54.71
C GLU D 276 11.71 -11.02 56.03
N LYS D 277 12.09 -10.21 57.01
CA LYS D 277 12.51 -10.77 58.29
C LYS D 277 11.28 -11.30 59.05
N ALA D 278 10.15 -10.61 58.86
CA ALA D 278 8.89 -10.98 59.49
C ALA D 278 8.06 -11.85 58.55
N LEU D 279 8.03 -11.46 57.29
CA LEU D 279 7.31 -12.21 56.28
C LEU D 279 7.66 -13.69 56.41
N LYS D 280 8.64 -13.98 57.27
CA LYS D 280 9.11 -15.34 57.53
C LYS D 280 8.31 -16.04 58.61
N ALA D 281 7.84 -15.29 59.60
CA ALA D 281 7.05 -15.88 60.68
C ALA D 281 5.61 -15.49 60.43
N SER D 282 5.38 -14.81 59.31
CA SER D 282 4.04 -14.41 58.94
C SER D 282 3.29 -15.60 58.38
N GLY D 283 4.05 -16.63 58.00
CA GLY D 283 3.44 -17.82 57.47
C GLY D 283 2.85 -17.59 56.11
N LEU D 284 2.40 -16.37 55.84
CA LEU D 284 1.83 -16.09 54.54
C LEU D 284 2.77 -16.63 53.46
N VAL D 285 2.30 -16.68 52.23
CA VAL D 285 3.15 -17.15 51.15
C VAL D 285 3.73 -15.94 50.45
N PRO D 286 5.07 -15.84 50.47
CA PRO D 286 5.84 -14.75 49.85
C PRO D 286 5.29 -14.27 48.50
N GLU D 287 5.15 -15.17 47.54
CA GLU D 287 4.62 -14.77 46.24
C GLU D 287 3.25 -14.08 46.39
N HIS D 288 2.55 -14.45 47.47
CA HIS D 288 1.22 -13.93 47.80
C HIS D 288 1.33 -12.59 48.51
N ALA D 289 1.97 -12.59 49.67
CA ALA D 289 2.12 -11.35 50.41
C ALA D 289 2.59 -10.31 49.42
N ASP D 290 3.65 -10.65 48.71
CA ASP D 290 4.21 -9.74 47.73
C ASP D 290 3.11 -9.35 46.74
N ALA D 291 2.17 -10.27 46.55
CA ALA D 291 1.05 -10.03 45.63
C ALA D 291 0.06 -9.05 46.25
N PHE D 292 -0.13 -9.21 47.55
CA PHE D 292 -1.01 -8.38 48.37
C PHE D 292 -0.45 -6.96 48.44
N LYS D 293 0.89 -6.88 48.41
CA LYS D 293 1.62 -5.63 48.47
C LYS D 293 1.14 -4.62 47.44
N LYS D 294 0.48 -5.12 46.39
CA LYS D 294 -0.01 -4.27 45.33
C LYS D 294 -1.36 -3.62 45.59
N ILE D 295 -2.25 -4.33 46.30
CA ILE D 295 -3.59 -3.81 46.59
C ILE D 295 -3.57 -2.71 47.64
N ALA D 296 -2.89 -2.96 48.76
CA ALA D 296 -2.80 -1.96 49.81
C ALA D 296 -2.58 -0.63 49.11
N ARG D 297 -1.45 -0.52 48.43
CA ARG D 297 -1.08 0.68 47.69
C ARG D 297 -2.19 1.21 46.81
N GLU D 298 -2.83 0.34 46.04
CA GLU D 298 -3.90 0.75 45.13
C GLU D 298 -5.10 1.42 45.80
N LEU D 299 -5.65 0.73 46.80
CA LEU D 299 -6.83 1.18 47.55
C LEU D 299 -6.44 1.99 48.80
N ASN D 300 -5.17 1.87 49.18
CA ASN D 300 -4.63 2.59 50.32
C ASN D 300 -5.31 2.17 51.60
N THR D 301 -4.96 0.99 52.08
CA THR D 301 -5.56 0.49 53.30
C THR D 301 -4.69 -0.58 53.93
N TYR D 302 -4.43 -0.45 55.22
CA TYR D 302 -3.63 -1.46 55.90
C TYR D 302 -4.33 -2.79 55.72
N ILE D 303 -3.61 -3.86 56.00
CA ILE D 303 -4.14 -5.20 55.86
C ILE D 303 -3.44 -5.97 56.97
N LEU D 304 -4.17 -6.50 57.93
CA LEU D 304 -3.48 -7.21 58.98
C LEU D 304 -3.98 -8.64 58.99
N PHE D 305 -3.07 -9.60 59.17
CA PHE D 305 -3.46 -11.01 59.19
C PHE D 305 -2.98 -11.66 60.46
N ARG D 306 -3.66 -12.72 60.87
CA ARG D 306 -3.21 -13.45 62.05
C ARG D 306 -2.04 -14.33 61.62
N PRO D 307 -1.69 -15.37 62.40
CA PRO D 307 -0.56 -16.13 61.89
C PRO D 307 -0.97 -17.38 61.13
N VAL D 308 -0.45 -17.48 59.90
CA VAL D 308 -0.70 -18.59 59.00
C VAL D 308 0.31 -19.69 59.35
N ASN D 309 -0.16 -20.77 59.98
CA ASN D 309 0.76 -21.84 60.38
C ASN D 309 1.78 -22.22 59.29
N LYS D 310 3.05 -22.29 59.68
CA LYS D 310 4.13 -22.63 58.75
C LYS D 310 3.86 -23.94 58.02
N LEU D 311 3.49 -24.97 58.78
CA LEU D 311 3.19 -26.27 58.18
C LEU D 311 1.99 -26.17 57.25
N ALA D 312 1.78 -25.00 56.65
CA ALA D 312 0.69 -24.81 55.73
C ALA D 312 1.10 -23.78 54.70
N THR D 313 2.18 -23.06 55.03
CA THR D 313 2.70 -22.01 54.17
C THR D 313 2.85 -22.51 52.75
N ASN D 314 3.60 -23.60 52.63
CA ASN D 314 3.89 -24.22 51.34
C ASN D 314 2.73 -25.03 50.75
N LEU D 315 1.86 -25.60 51.60
CA LEU D 315 0.70 -26.35 51.13
C LEU D 315 -0.15 -25.38 50.36
N ILE D 316 -0.13 -24.14 50.83
CA ILE D 316 -0.86 -23.07 50.20
C ILE D 316 -0.22 -22.78 48.84
N LYS D 317 1.10 -22.56 48.82
CA LYS D 317 1.79 -22.28 47.56
C LYS D 317 1.61 -23.46 46.60
N SER D 318 1.54 -24.66 47.19
CA SER D 318 1.34 -25.89 46.45
C SER D 318 0.10 -25.78 45.57
N GLY D 319 -1.04 -25.63 46.20
CA GLY D 319 -2.27 -25.51 45.44
C GLY D 319 -3.44 -26.00 46.27
N VAL D 320 -3.17 -26.23 47.55
CA VAL D 320 -4.18 -26.72 48.49
C VAL D 320 -5.16 -25.67 48.89
N ALA D 321 -6.42 -25.87 48.53
CA ALA D 321 -7.43 -24.91 48.89
C ALA D 321 -7.46 -24.75 50.42
N THR D 322 -7.99 -23.61 50.85
CA THR D 322 -8.08 -23.19 52.27
C THR D 322 -9.36 -23.56 53.03
N LYS D 323 -9.24 -23.62 54.36
CA LYS D 323 -10.37 -23.97 55.25
C LYS D 323 -11.31 -22.82 55.52
N GLY D 324 -12.43 -22.83 54.81
CA GLY D 324 -13.42 -21.79 54.97
C GLY D 324 -14.08 -21.83 56.34
N LEU D 325 -15.38 -21.57 56.33
CA LEU D 325 -16.17 -21.54 57.55
C LEU D 325 -16.82 -22.88 57.79
N ASN D 326 -17.25 -23.50 56.70
CA ASN D 326 -17.91 -24.78 56.79
C ASN D 326 -17.16 -25.83 57.64
N VAL D 327 -15.83 -25.76 57.73
CA VAL D 327 -15.12 -26.77 58.53
C VAL D 327 -14.56 -26.29 59.86
N HIS D 328 -14.93 -27.00 60.92
CA HIS D 328 -14.49 -26.72 62.30
C HIS D 328 -13.57 -27.88 62.73
N GLY D 329 -12.67 -28.25 61.83
CA GLY D 329 -11.73 -29.31 62.12
C GLY D 329 -10.45 -28.74 62.69
N LYS D 330 -9.71 -29.60 63.38
CA LYS D 330 -8.47 -29.19 63.99
C LYS D 330 -7.27 -29.52 63.12
N SER D 331 -6.39 -28.55 62.92
CA SER D 331 -5.20 -28.77 62.13
C SER D 331 -4.37 -29.85 62.82
N SER D 332 -3.15 -30.04 62.38
CA SER D 332 -2.29 -31.03 63.01
C SER D 332 -0.87 -30.58 62.79
N ASP D 333 0.04 -31.06 63.65
CA ASP D 333 1.45 -30.67 63.55
C ASP D 333 2.47 -31.79 63.76
N TRP D 334 2.30 -32.89 63.02
CA TRP D 334 3.20 -34.04 63.08
C TRP D 334 2.70 -35.16 62.14
N GLY D 335 3.63 -35.79 61.43
CA GLY D 335 3.26 -36.86 60.51
C GLY D 335 2.94 -36.33 59.14
N PRO D 336 2.62 -37.21 58.17
CA PRO D 336 2.29 -36.77 56.81
C PRO D 336 1.14 -35.77 56.85
N VAL D 337 0.11 -36.13 57.61
CA VAL D 337 -1.08 -35.33 57.78
C VAL D 337 -0.80 -33.86 58.07
N ALA D 338 0.29 -33.57 58.78
CA ALA D 338 0.64 -32.20 59.16
C ALA D 338 0.15 -31.13 58.20
N GLY D 339 -0.49 -30.10 58.74
CA GLY D 339 -0.98 -29.03 57.89
C GLY D 339 -2.29 -29.34 57.20
N TYR D 340 -2.76 -30.57 57.35
CA TYR D 340 -4.03 -31.00 56.74
C TYR D 340 -5.01 -31.19 57.89
N ILE D 341 -6.31 -31.20 57.59
CA ILE D 341 -7.32 -31.38 58.63
C ILE D 341 -7.80 -32.81 58.59
N PRO D 342 -6.99 -33.73 59.11
CA PRO D 342 -7.36 -35.14 59.12
C PRO D 342 -8.82 -35.37 59.42
N PHE D 343 -9.46 -36.30 58.72
CA PHE D 343 -10.85 -36.58 59.04
C PHE D 343 -10.75 -37.29 60.37
N ASP D 344 -9.56 -37.80 60.66
CA ASP D 344 -9.33 -38.47 61.92
C ASP D 344 -8.82 -37.37 62.83
N GLN D 345 -9.51 -37.12 63.94
CA GLN D 345 -9.10 -36.06 64.86
C GLN D 345 -7.98 -36.45 65.80
N ASP D 346 -7.84 -37.74 66.07
CA ASP D 346 -6.75 -38.19 66.93
C ASP D 346 -5.46 -38.24 66.08
N LEU D 347 -5.43 -37.39 65.05
CA LEU D 347 -4.32 -37.28 64.11
C LEU D 347 -4.05 -35.79 63.88
N SER D 348 -4.57 -34.97 64.79
CA SER D 348 -4.41 -33.53 64.78
C SER D 348 -3.99 -33.17 66.18
N LYS D 349 -3.36 -32.00 66.35
CA LYS D 349 -2.84 -31.55 67.65
C LYS D 349 -3.42 -32.35 68.81
N LYS D 350 -4.72 -32.20 69.03
CA LYS D 350 -5.42 -32.87 70.11
C LYS D 350 -5.27 -34.40 70.08
N HIS D 351 -4.04 -34.88 70.30
CA HIS D 351 -3.78 -36.32 70.30
C HIS D 351 -3.91 -36.81 71.75
N GLY D 352 -5.06 -37.38 72.09
CA GLY D 352 -5.28 -37.88 73.44
C GLY D 352 -6.58 -37.40 74.05
N GLN D 353 -6.91 -36.13 73.88
CA GLN D 353 -8.13 -35.56 74.43
C GLN D 353 -9.34 -36.37 74.00
N GLN D 354 -9.57 -37.47 74.70
CA GLN D 354 -10.67 -38.40 74.44
C GLN D 354 -12.01 -37.71 74.23
N LEU D 355 -12.07 -36.40 74.42
CA LEU D 355 -13.33 -35.69 74.23
C LEU D 355 -13.30 -34.68 73.08
N ALA D 356 -12.34 -33.77 73.08
CA ALA D 356 -12.25 -32.79 71.99
C ALA D 356 -11.94 -33.52 70.68
N VAL D 357 -11.32 -34.69 70.82
CA VAL D 357 -10.97 -35.53 69.69
C VAL D 357 -12.23 -36.33 69.38
N GLU D 358 -12.98 -36.65 70.42
CA GLU D 358 -14.22 -37.38 70.24
C GLU D 358 -15.15 -36.38 69.57
N LYS D 359 -15.63 -35.41 70.33
CA LYS D 359 -16.54 -34.39 69.82
C LYS D 359 -15.85 -33.62 68.69
N GLY D 360 -14.62 -34.03 68.38
CA GLY D 360 -13.87 -33.40 67.31
C GLY D 360 -14.25 -33.99 65.96
N ASN D 361 -14.21 -35.33 65.88
CA ASN D 361 -14.59 -36.00 64.65
C ASN D 361 -16.01 -35.56 64.39
N LEU D 362 -16.85 -35.73 65.40
CA LEU D 362 -18.28 -35.38 65.35
C LEU D 362 -18.54 -34.10 64.58
N GLU D 363 -17.55 -33.20 64.57
CA GLU D 363 -17.67 -31.93 63.87
C GLU D 363 -17.49 -32.05 62.36
N ASN D 364 -16.55 -32.88 61.93
CA ASN D 364 -16.32 -33.06 60.52
C ASN D 364 -17.51 -33.78 59.93
N LYS D 365 -17.88 -34.89 60.55
CA LYS D 365 -19.01 -35.68 60.10
C LYS D 365 -20.16 -34.78 59.68
N LYS D 366 -20.51 -33.82 60.53
CA LYS D 366 -21.58 -32.87 60.22
C LYS D 366 -21.07 -31.85 59.17
N SER D 367 -19.81 -31.44 59.31
CA SER D 367 -19.21 -30.51 58.37
C SER D 367 -19.55 -31.03 56.97
N ILE D 368 -19.73 -32.34 56.89
CA ILE D 368 -20.05 -33.01 55.63
C ILE D 368 -21.53 -33.27 55.49
N THR D 369 -22.13 -33.91 56.50
CA THR D 369 -23.55 -34.22 56.43
C THR D 369 -24.35 -32.96 56.16
N GLU D 370 -23.89 -31.82 56.66
CA GLU D 370 -24.60 -30.55 56.44
C GLU D 370 -24.27 -29.97 55.06
N HIS D 371 -22.98 -29.76 54.82
CA HIS D 371 -22.51 -29.20 53.55
C HIS D 371 -21.86 -30.26 52.68
N GLU D 372 -22.65 -31.15 52.08
CA GLU D 372 -22.10 -32.18 51.21
C GLU D 372 -22.02 -31.65 49.78
N GLY D 373 -21.18 -32.26 48.96
CA GLY D 373 -21.05 -31.80 47.60
C GLY D 373 -20.02 -30.70 47.56
N GLU D 374 -19.78 -30.09 48.72
CA GLU D 374 -18.79 -29.01 48.86
C GLU D 374 -17.73 -29.42 49.89
N ILE D 375 -18.16 -30.06 50.98
CA ILE D 375 -17.24 -30.52 52.03
C ILE D 375 -17.22 -32.04 52.13
N GLY D 376 -16.02 -32.62 52.13
CA GLY D 376 -15.89 -34.06 52.22
C GLY D 376 -14.47 -34.47 52.53
N LYS D 377 -14.18 -35.76 52.32
CA LYS D 377 -12.85 -36.32 52.59
C LYS D 377 -12.19 -37.05 51.40
N ILE D 378 -10.94 -36.70 51.13
CA ILE D 378 -10.18 -37.30 50.05
C ILE D 378 -8.83 -37.77 50.62
N PRO D 379 -8.32 -38.92 50.17
CA PRO D 379 -7.05 -39.47 50.64
C PRO D 379 -5.80 -38.66 50.47
N LEU D 380 -5.03 -38.66 51.55
CA LEU D 380 -3.78 -37.93 51.66
C LEU D 380 -2.74 -38.28 50.62
N LYS D 381 -2.36 -37.31 49.80
CA LYS D 381 -1.36 -37.53 48.76
C LYS D 381 -0.23 -36.50 48.86
N LEU D 382 0.83 -36.83 49.59
CA LEU D 382 1.96 -35.92 49.74
C LEU D 382 2.83 -35.91 48.49
N ASP D 383 2.78 -34.84 47.71
CA ASP D 383 3.59 -34.80 46.50
C ASP D 383 5.10 -34.81 46.77
N HIS D 384 5.88 -34.40 45.79
CA HIS D 384 7.34 -34.40 45.89
C HIS D 384 7.93 -33.50 46.97
N LEU D 385 7.90 -32.19 46.73
CA LEU D 385 8.44 -31.23 47.68
C LEU D 385 8.02 -31.54 49.09
N ARG D 386 6.71 -31.38 49.34
CA ARG D 386 6.13 -31.64 50.65
C ARG D 386 6.96 -32.58 51.52
N ILE D 387 7.53 -33.63 50.92
CA ILE D 387 8.34 -34.58 51.67
C ILE D 387 9.67 -33.95 52.06
N GLU D 388 10.51 -33.60 51.08
CA GLU D 388 11.80 -33.01 51.39
C GLU D 388 11.64 -31.89 52.42
N GLU D 389 10.42 -31.39 52.57
CA GLU D 389 10.13 -30.32 53.53
C GLU D 389 9.82 -30.84 54.94
N LEU D 390 8.96 -31.85 55.03
CA LEU D 390 8.62 -32.41 56.33
C LEU D 390 9.83 -33.20 56.77
N LYS D 391 10.93 -33.02 56.03
CA LYS D 391 12.20 -33.71 56.27
C LYS D 391 13.10 -32.88 57.16
N GLU D 392 13.66 -31.80 56.62
CA GLU D 392 14.57 -30.94 57.39
C GLU D 392 13.82 -30.07 58.40
N ASN D 393 12.50 -30.24 58.47
CA ASN D 393 11.67 -29.50 59.41
C ASN D 393 11.59 -30.41 60.63
N GLY D 394 11.75 -31.71 60.39
CA GLY D 394 11.75 -32.69 61.46
C GLY D 394 10.47 -33.46 61.75
N ILE D 395 9.47 -33.32 60.90
CA ILE D 395 8.20 -34.02 61.13
C ILE D 395 8.20 -35.49 60.68
N ILE D 396 9.03 -35.82 59.68
CA ILE D 396 9.13 -37.19 59.17
C ILE D 396 10.55 -37.66 58.78
N LEU D 397 10.75 -38.96 58.90
CA LEU D 397 12.00 -39.63 58.58
C LEU D 397 11.72 -40.73 57.52
N LYS D 398 12.16 -40.48 56.29
CA LYS D 398 11.97 -41.39 55.17
C LYS D 398 13.15 -42.37 55.06
N GLY D 399 12.90 -43.66 55.34
CA GLY D 399 13.96 -44.67 55.30
C GLY D 399 13.61 -46.02 54.69
N LYS D 400 13.68 -47.08 55.50
CA LYS D 400 13.40 -48.45 55.06
C LYS D 400 12.24 -48.54 54.05
N LYS D 401 12.17 -49.67 53.33
CA LYS D 401 11.13 -49.90 52.32
C LYS D 401 10.44 -51.24 52.57
N GLU D 402 9.41 -51.53 51.78
CA GLU D 402 8.70 -52.80 51.95
C GLU D 402 7.66 -53.11 50.88
N ILE D 403 7.22 -54.38 50.85
CA ILE D 403 6.23 -54.88 49.89
C ILE D 403 4.96 -55.45 50.52
N ASP D 404 3.82 -55.18 49.88
CA ASP D 404 2.52 -55.68 50.32
C ASP D 404 1.58 -55.84 49.13
N ASN D 405 0.95 -57.01 49.04
CA ASN D 405 0.02 -57.32 47.96
C ASN D 405 0.57 -57.08 46.55
N GLY D 406 1.69 -56.36 46.44
CA GLY D 406 2.26 -56.13 45.12
C GLY D 406 2.84 -54.75 44.82
N LYS D 407 2.59 -53.77 45.69
CA LYS D 407 3.10 -52.43 45.46
C LYS D 407 4.24 -52.05 46.39
N LYS D 408 4.89 -50.92 46.09
CA LYS D 408 6.02 -50.44 46.89
C LYS D 408 5.59 -49.45 47.97
N TYR D 409 6.14 -49.64 49.17
CA TYR D 409 5.89 -48.77 50.30
C TYR D 409 7.18 -48.38 50.97
N TYR D 410 7.54 -47.10 50.83
CA TYR D 410 8.70 -46.54 51.53
C TYR D 410 8.01 -46.21 52.82
N LEU D 411 8.54 -46.66 53.93
CA LEU D 411 7.72 -46.42 55.08
C LEU D 411 7.91 -45.02 55.68
N LEU D 412 6.89 -44.40 56.34
CA LEU D 412 7.22 -43.10 56.91
C LEU D 412 7.33 -43.26 58.40
N GLU D 413 8.34 -42.60 58.97
CA GLU D 413 8.58 -42.68 60.40
C GLU D 413 8.21 -41.40 61.15
N SER D 414 7.82 -41.56 62.41
CA SER D 414 7.43 -40.46 63.29
C SER D 414 7.23 -41.02 64.68
N ASN D 415 7.98 -40.48 65.65
CA ASN D 415 7.91 -40.95 67.02
C ASN D 415 6.54 -41.00 67.67
N ASN D 416 5.47 -40.78 66.89
CA ASN D 416 4.15 -40.88 67.48
C ASN D 416 4.18 -42.34 67.94
N GLN D 417 3.69 -42.61 69.14
CA GLN D 417 3.74 -43.96 69.67
C GLN D 417 2.48 -44.82 69.70
N VAL D 418 1.60 -44.68 68.72
CA VAL D 418 0.39 -45.51 68.68
C VAL D 418 -0.02 -45.60 67.22
N TYR D 419 0.67 -44.84 66.39
CA TYR D 419 0.38 -44.83 64.98
C TYR D 419 1.63 -45.03 64.15
N GLU D 420 1.48 -45.79 63.07
CA GLU D 420 2.56 -46.07 62.15
C GLU D 420 2.02 -45.59 60.81
N PHE D 421 2.90 -45.02 59.97
CA PHE D 421 2.45 -44.51 58.69
C PHE D 421 3.31 -45.02 57.55
N ARG D 422 2.72 -45.08 56.35
CA ARG D 422 3.43 -45.54 55.18
C ARG D 422 2.82 -44.92 53.92
N ILE D 423 3.66 -44.61 52.93
CA ILE D 423 3.18 -44.00 51.68
C ILE D 423 3.50 -44.82 50.44
N SER D 424 2.50 -44.96 49.57
CA SER D 424 2.62 -45.70 48.31
C SER D 424 3.59 -45.07 47.33
N ASP D 425 3.75 -45.72 46.18
CA ASP D 425 4.63 -45.25 45.14
C ASP D 425 3.85 -44.92 43.86
N GLU D 426 3.04 -45.87 43.41
CA GLU D 426 2.22 -45.70 42.22
C GLU D 426 1.63 -44.29 42.30
N ASN D 427 0.83 -44.10 43.35
CA ASN D 427 0.18 -42.84 43.65
C ASN D 427 0.52 -42.60 45.13
N ASN D 428 1.47 -41.71 45.37
CA ASN D 428 1.98 -41.38 46.69
C ASN D 428 0.97 -41.19 47.83
N GLU D 429 -0.11 -41.96 47.82
CA GLU D 429 -1.10 -41.85 48.89
C GLU D 429 -0.39 -42.14 50.21
N VAL D 430 -1.13 -42.16 51.31
CA VAL D 430 -0.52 -42.45 52.59
C VAL D 430 -1.46 -43.29 53.41
N GLN D 431 -0.91 -44.06 54.33
CA GLN D 431 -1.74 -44.93 55.14
C GLN D 431 -1.14 -45.10 56.52
N TYR D 432 -1.96 -45.55 57.47
CA TYR D 432 -1.55 -45.79 58.85
C TYR D 432 -2.39 -46.88 59.50
N LYS D 433 -1.99 -47.28 60.70
CA LYS D 433 -2.71 -48.30 61.44
C LYS D 433 -2.30 -48.24 62.90
N THR D 434 -3.05 -48.91 63.76
CA THR D 434 -2.72 -48.94 65.17
C THR D 434 -1.54 -49.87 65.37
N LYS D 435 -0.40 -49.32 65.81
CA LYS D 435 0.79 -50.13 66.05
C LYS D 435 0.40 -51.47 66.67
N GLU D 436 1.10 -52.54 66.30
CA GLU D 436 0.77 -53.88 66.79
C GLU D 436 0.67 -54.07 68.31
N GLY D 437 1.04 -53.06 69.09
CA GLY D 437 0.97 -53.17 70.53
C GLY D 437 0.33 -51.97 71.20
N LYS D 438 -0.86 -51.57 70.75
CA LYS D 438 -1.57 -50.42 71.33
C LYS D 438 -3.01 -50.26 70.79
N ILE D 439 -3.72 -49.25 71.30
CA ILE D 439 -5.11 -48.96 70.88
C ILE D 439 -5.32 -47.47 70.59
N THR D 440 -6.52 -47.12 70.15
CA THR D 440 -6.88 -45.74 69.86
C THR D 440 -7.54 -45.13 71.09
N VAL D 441 -7.03 -43.97 71.51
CA VAL D 441 -7.53 -43.24 72.67
C VAL D 441 -9.05 -43.35 72.85
N LEU D 442 -9.78 -43.29 71.73
CA LEU D 442 -11.23 -43.41 71.80
C LEU D 442 -11.55 -44.85 72.17
N GLY D 443 -11.02 -45.77 71.39
CA GLY D 443 -11.25 -47.18 71.65
C GLY D 443 -11.26 -48.02 70.39
N GLU D 444 -10.43 -47.62 69.41
CA GLU D 444 -10.32 -48.30 68.12
C GLU D 444 -8.95 -48.94 67.92
N LYS D 445 -8.88 -49.95 67.04
CA LYS D 445 -7.63 -50.62 66.70
C LYS D 445 -7.71 -51.16 65.27
N PHE D 446 -7.27 -50.34 64.31
CA PHE D 446 -7.34 -50.71 62.90
C PHE D 446 -6.01 -50.90 62.19
N ASN D 447 -6.05 -51.65 61.09
CA ASN D 447 -4.87 -51.92 60.30
C ASN D 447 -4.92 -51.20 58.96
N TRP D 448 -3.76 -50.63 58.58
CA TRP D 448 -3.53 -49.87 57.34
C TRP D 448 -4.73 -49.42 56.54
N ARG D 449 -5.02 -48.12 56.62
CA ARG D 449 -6.12 -47.54 55.88
C ARG D 449 -5.60 -46.27 55.25
N ASN D 450 -6.19 -45.88 54.12
CA ASN D 450 -5.77 -44.67 53.42
C ASN D 450 -6.20 -43.49 54.31
N ILE D 451 -5.27 -42.56 54.55
CA ILE D 451 -5.53 -41.37 55.39
C ILE D 451 -6.32 -40.31 54.65
N GLU D 452 -7.55 -40.06 55.14
CA GLU D 452 -8.41 -39.05 54.53
C GLU D 452 -8.31 -37.72 55.26
N VAL D 453 -8.39 -36.64 54.48
CA VAL D 453 -8.33 -35.30 55.01
C VAL D 453 -9.63 -34.64 54.60
N MET D 454 -9.90 -33.45 55.12
CA MET D 454 -11.11 -32.74 54.76
C MET D 454 -10.76 -31.94 53.54
N ALA D 455 -11.71 -31.81 52.63
CA ALA D 455 -11.47 -31.07 51.41
C ALA D 455 -12.77 -30.45 50.96
N LYS D 456 -12.72 -29.21 50.47
CA LYS D 456 -13.94 -28.59 50.04
C LYS D 456 -14.06 -28.76 48.54
N ASN D 457 -15.07 -28.13 47.96
CA ASN D 457 -15.31 -28.18 46.53
C ASN D 457 -14.57 -27.01 45.87
N VAL D 458 -14.00 -27.25 44.69
CA VAL D 458 -13.27 -26.20 43.99
C VAL D 458 -13.36 -26.46 42.49
N GLU D 459 -14.43 -25.99 41.86
CA GLU D 459 -14.61 -26.21 40.42
C GLU D 459 -14.83 -27.71 40.21
N GLY D 460 -15.81 -28.27 40.90
CA GLY D 460 -16.11 -29.68 40.78
C GLY D 460 -14.97 -30.62 41.15
N VAL D 461 -14.20 -30.28 42.17
CA VAL D 461 -13.11 -31.16 42.56
C VAL D 461 -12.84 -31.02 44.06
N LEU D 462 -12.83 -32.13 44.80
CA LEU D 462 -12.58 -32.11 46.24
C LEU D 462 -11.11 -31.98 46.58
N LYS D 463 -10.61 -30.74 46.69
CA LYS D 463 -9.21 -30.44 47.03
C LYS D 463 -9.01 -30.41 48.55
N PRO D 464 -7.91 -31.01 49.07
CA PRO D 464 -7.60 -31.07 50.51
C PRO D 464 -7.55 -29.68 51.14
N LEU D 465 -7.98 -29.61 52.40
CA LEU D 465 -8.03 -28.33 53.10
C LEU D 465 -6.93 -28.00 54.09
N THR D 466 -6.52 -26.74 54.07
CA THR D 466 -5.50 -26.26 54.98
C THR D 466 -5.80 -24.85 55.44
N ALA D 467 -4.95 -24.35 56.33
CA ALA D 467 -5.06 -23.03 56.89
C ALA D 467 -5.41 -21.97 55.84
N ASP D 468 -6.23 -20.99 56.22
CA ASP D 468 -6.62 -19.91 55.33
C ASP D 468 -5.97 -18.62 55.82
N TYR D 469 -6.26 -17.52 55.14
CA TYR D 469 -5.75 -16.23 55.59
C TYR D 469 -6.93 -15.56 56.29
N ASP D 470 -6.84 -15.46 57.62
CA ASP D 470 -7.89 -14.83 58.40
C ASP D 470 -7.35 -13.42 58.65
N LEU D 471 -7.89 -12.46 57.91
CA LEU D 471 -7.47 -11.08 58.05
C LEU D 471 -7.75 -10.70 59.48
N PHE D 472 -6.87 -9.94 60.13
CA PHE D 472 -7.12 -9.49 61.50
C PHE D 472 -7.89 -8.18 61.46
N ALA D 473 -7.83 -7.48 60.34
CA ALA D 473 -8.56 -6.25 60.18
C ALA D 473 -8.12 -5.58 58.91
N LEU D 474 -9.05 -4.85 58.28
CA LEU D 474 -8.75 -4.10 57.07
C LEU D 474 -8.87 -2.63 57.45
N ALA D 475 -7.83 -1.85 57.19
CA ALA D 475 -7.91 -0.45 57.54
C ALA D 475 -7.92 0.44 56.32
N PRO D 476 -9.10 0.67 55.75
CA PRO D 476 -9.10 1.55 54.58
C PRO D 476 -8.79 2.97 55.03
N SER D 477 -8.39 3.82 54.09
CA SER D 477 -8.08 5.22 54.40
C SER D 477 -9.38 5.96 54.39
N LEU D 478 -9.60 6.74 55.45
CA LEU D 478 -10.84 7.47 55.57
C LEU D 478 -11.21 8.03 54.22
N THR D 479 -10.19 8.50 53.50
CA THR D 479 -10.39 9.10 52.20
C THR D 479 -10.97 8.15 51.16
N GLU D 480 -10.74 6.86 51.37
CA GLU D 480 -11.21 5.84 50.45
C GLU D 480 -12.70 5.63 50.57
N ILE D 481 -13.17 5.53 51.80
CA ILE D 481 -14.59 5.33 52.08
C ILE D 481 -15.42 6.43 51.41
N LYS D 482 -14.83 7.61 51.27
CA LYS D 482 -15.51 8.71 50.62
C LYS D 482 -15.91 8.21 49.22
N LYS D 483 -14.95 7.55 48.56
CA LYS D 483 -15.13 7.00 47.22
C LYS D 483 -16.23 5.94 47.24
N GLN D 484 -16.43 5.31 48.39
CA GLN D 484 -17.45 4.29 48.53
C GLN D 484 -18.85 4.89 48.39
N ILE D 485 -19.09 6.02 49.05
CA ILE D 485 -20.39 6.68 48.99
C ILE D 485 -20.74 7.13 47.59
N PRO D 486 -22.02 7.05 47.21
CA PRO D 486 -22.47 7.47 45.88
C PRO D 486 -22.86 8.95 45.89
N GLN D 487 -22.13 9.74 45.12
CA GLN D 487 -22.33 11.19 45.02
C GLN D 487 -23.74 11.68 45.29
N LYS D 488 -24.73 11.03 44.70
CA LYS D 488 -26.12 11.42 44.88
C LYS D 488 -26.48 11.62 46.37
N GLU D 489 -26.38 10.54 47.13
CA GLU D 489 -26.69 10.60 48.56
C GLU D 489 -25.80 11.54 49.34
N TRP D 490 -24.52 11.61 49.02
CA TRP D 490 -23.63 12.50 49.77
C TRP D 490 -23.98 13.96 49.51
N ASP D 491 -24.22 14.31 48.23
CA ASP D 491 -24.56 15.68 47.86
C ASP D 491 -25.87 16.09 48.54
N LYS D 492 -26.85 15.19 48.56
CA LYS D 492 -28.13 15.48 49.20
C LYS D 492 -27.98 15.74 50.70
N VAL D 493 -26.80 15.48 51.25
CA VAL D 493 -26.59 15.69 52.67
C VAL D 493 -25.80 16.95 52.98
N VAL D 494 -24.92 17.36 52.07
CA VAL D 494 -24.15 18.57 52.31
C VAL D 494 -24.97 19.81 51.94
N ASN D 495 -25.94 19.63 51.04
CA ASN D 495 -26.82 20.71 50.63
C ASN D 495 -27.90 20.83 51.68
N THR D 496 -27.49 21.03 52.92
CA THR D 496 -28.42 21.15 54.04
C THR D 496 -28.18 22.45 54.80
N PRO D 497 -29.21 22.93 55.51
CA PRO D 497 -29.14 24.16 56.30
C PRO D 497 -28.52 23.87 57.65
N ASN D 498 -29.34 23.37 58.56
CA ASN D 498 -28.91 23.03 59.91
C ASN D 498 -27.50 22.44 59.86
N SER D 499 -26.54 23.19 60.42
CA SER D 499 -25.16 22.74 60.44
C SER D 499 -25.01 21.49 61.31
N LEU D 500 -25.71 21.44 62.42
CA LEU D 500 -25.60 20.29 63.29
C LEU D 500 -26.11 19.04 62.60
N GLU D 501 -27.16 19.17 61.79
CA GLU D 501 -27.70 18.02 61.07
C GLU D 501 -26.72 17.65 59.96
N LYS D 502 -26.00 18.64 59.45
CA LYS D 502 -25.03 18.37 58.39
C LYS D 502 -23.96 17.43 58.90
N GLN D 503 -23.91 17.23 60.21
CA GLN D 503 -22.95 16.32 60.80
C GLN D 503 -23.65 14.99 60.91
N LYS D 504 -24.78 14.98 61.62
CA LYS D 504 -25.54 13.76 61.78
C LYS D 504 -25.73 13.19 60.38
N GLY D 505 -26.02 14.06 59.42
CA GLY D 505 -26.21 13.60 58.05
C GLY D 505 -24.96 12.93 57.53
N VAL D 506 -23.80 13.44 57.92
CA VAL D 506 -22.52 12.90 57.48
C VAL D 506 -22.11 11.62 58.18
N THR D 507 -22.03 11.67 59.51
CA THR D 507 -21.62 10.49 60.27
C THR D 507 -22.49 9.28 59.90
N ASN D 508 -23.80 9.46 59.80
CA ASN D 508 -24.65 8.34 59.41
C ASN D 508 -24.14 7.79 58.08
N LEU D 509 -23.61 8.67 57.23
CA LEU D 509 -23.08 8.24 55.95
C LEU D 509 -21.82 7.46 56.18
N LEU D 510 -20.94 8.01 56.99
CA LEU D 510 -19.67 7.39 57.34
C LEU D 510 -19.92 6.03 58.00
N ILE D 511 -21.12 5.86 58.53
CA ILE D 511 -21.49 4.61 59.19
C ILE D 511 -22.07 3.67 58.16
N LYS D 512 -23.08 4.19 57.47
CA LYS D 512 -23.79 3.49 56.41
C LYS D 512 -22.84 2.76 55.47
N TYR D 513 -21.99 3.53 54.80
CA TYR D 513 -21.04 3.03 53.81
C TYR D 513 -19.68 2.59 54.29
N GLY D 514 -19.33 2.83 55.53
CA GLY D 514 -18.00 2.45 55.94
C GLY D 514 -17.78 1.74 57.25
N ILE D 515 -18.78 1.70 58.11
CA ILE D 515 -18.63 1.03 59.41
C ILE D 515 -19.58 -0.16 59.55
N GLU D 516 -20.71 -0.11 58.85
CA GLU D 516 -21.67 -1.16 58.97
C GLU D 516 -21.23 -2.52 58.50
N ARG D 517 -21.48 -3.48 59.38
CA ARG D 517 -21.17 -4.86 59.15
C ARG D 517 -22.40 -5.79 59.23
N LYS D 518 -22.94 -6.14 58.05
CA LYS D 518 -24.10 -7.04 57.92
C LYS D 518 -23.56 -8.47 57.96
N PRO D 519 -24.43 -9.45 58.23
CA PRO D 519 -23.87 -10.79 58.25
C PRO D 519 -24.03 -11.30 56.83
N ASP D 520 -23.34 -12.38 56.50
CA ASP D 520 -23.46 -12.96 55.18
C ASP D 520 -23.58 -14.47 55.23
N SER D 521 -24.24 -15.00 54.22
CA SER D 521 -24.44 -16.43 54.09
C SER D 521 -23.09 -17.15 54.08
N THR D 522 -22.27 -16.79 53.09
CA THR D 522 -20.98 -17.41 52.89
C THR D 522 -19.72 -16.84 53.56
N LYS D 523 -19.38 -15.59 53.25
CA LYS D 523 -18.16 -14.98 53.77
C LYS D 523 -18.13 -14.52 55.22
N GLY D 524 -18.89 -15.19 56.09
CA GLY D 524 -18.92 -14.82 57.49
C GLY D 524 -19.65 -13.49 57.71
N THR D 525 -19.29 -12.77 58.77
CA THR D 525 -19.92 -11.48 59.03
C THR D 525 -18.94 -10.38 58.63
N LEU D 526 -19.33 -9.50 57.70
CA LEU D 526 -18.40 -8.45 57.31
C LEU D 526 -19.01 -7.23 56.66
N SER D 527 -18.15 -6.25 56.46
CA SER D 527 -18.56 -4.99 55.85
C SER D 527 -18.93 -5.24 54.42
N ASN D 528 -19.29 -4.16 53.72
CA ASN D 528 -19.64 -4.24 52.32
C ASN D 528 -18.42 -4.01 51.45
N TRP D 529 -17.63 -2.98 51.78
CA TRP D 529 -16.41 -2.74 51.02
C TRP D 529 -15.50 -3.89 51.43
N GLN D 530 -15.58 -4.26 52.71
CA GLN D 530 -14.75 -5.35 53.22
C GLN D 530 -14.82 -6.54 52.30
N LYS D 531 -16.01 -6.79 51.75
CA LYS D 531 -16.18 -7.89 50.84
C LYS D 531 -15.36 -7.63 49.59
N GLN D 532 -15.74 -6.61 48.83
CA GLN D 532 -15.02 -6.29 47.61
C GLN D 532 -13.54 -6.44 47.87
N MET D 533 -13.03 -5.72 48.85
CA MET D 533 -11.63 -5.80 49.21
C MET D 533 -11.24 -7.26 49.30
N LEU D 534 -12.12 -8.06 49.87
CA LEU D 534 -11.86 -9.48 50.07
C LEU D 534 -11.88 -10.29 48.80
N ASP D 535 -12.50 -9.78 47.76
CA ASP D 535 -12.50 -10.51 46.51
C ASP D 535 -11.21 -10.13 45.78
N ARG D 536 -10.85 -8.85 45.88
CA ARG D 536 -9.65 -8.32 45.26
C ARG D 536 -8.35 -8.80 45.91
N LEU D 537 -8.49 -9.51 47.03
CA LEU D 537 -7.31 -10.06 47.67
C LEU D 537 -7.08 -11.43 47.04
N ASN D 538 -8.16 -12.13 46.70
CA ASN D 538 -8.08 -13.44 46.05
C ASN D 538 -7.76 -13.29 44.56
N GLU D 539 -8.61 -12.57 43.84
CA GLU D 539 -8.39 -12.32 42.40
C GLU D 539 -6.98 -11.76 42.23
N ALA D 540 -6.39 -11.37 43.34
CA ALA D 540 -5.05 -10.85 43.31
C ALA D 540 -4.15 -12.08 43.39
N VAL D 541 -4.36 -12.94 44.38
CA VAL D 541 -3.50 -14.12 44.51
C VAL D 541 -3.84 -15.25 43.59
N LYS D 542 -4.69 -15.03 42.61
CA LYS D 542 -5.05 -16.11 41.68
C LYS D 542 -4.57 -15.76 40.26
N TYR D 543 -4.36 -14.45 40.03
CA TYR D 543 -3.86 -13.96 38.73
C TYR D 543 -2.35 -13.98 38.86
N THR D 544 -1.87 -14.82 39.79
CA THR D 544 -0.45 -14.99 40.03
C THR D 544 -0.13 -16.46 39.75
N GLY D 545 -0.63 -17.36 40.59
CA GLY D 545 -0.38 -18.77 40.41
C GLY D 545 -1.07 -19.75 41.35
N TYR D 546 -2.18 -19.34 41.97
CA TYR D 546 -2.92 -20.22 42.88
C TYR D 546 -4.03 -20.95 42.14
N THR D 547 -4.28 -22.19 42.54
CA THR D 547 -5.31 -23.02 41.91
C THR D 547 -6.17 -23.75 42.93
N GLY D 548 -6.51 -23.06 44.02
CA GLY D 548 -7.33 -23.63 45.07
C GLY D 548 -8.49 -22.73 45.43
N GLY D 549 -8.98 -21.98 44.42
CA GLY D 549 -10.09 -21.08 44.61
C GLY D 549 -9.68 -19.73 45.17
N ASP D 550 -10.12 -19.44 46.39
CA ASP D 550 -9.81 -18.20 47.09
C ASP D 550 -9.03 -18.60 48.34
N VAL D 551 -8.28 -17.66 48.93
CA VAL D 551 -7.50 -17.99 50.12
C VAL D 551 -7.92 -17.19 51.35
N VAL D 552 -8.75 -16.18 51.15
CA VAL D 552 -9.27 -15.37 52.25
C VAL D 552 -10.75 -15.69 52.15
N ASN D 553 -11.24 -16.45 53.13
CA ASN D 553 -12.63 -16.89 53.12
C ASN D 553 -13.65 -16.06 53.86
N HIS D 554 -13.39 -15.83 55.14
CA HIS D 554 -14.34 -15.07 55.96
C HIS D 554 -13.95 -13.62 56.24
N GLY D 555 -14.61 -13.01 57.22
CA GLY D 555 -14.37 -11.62 57.56
C GLY D 555 -13.23 -11.38 58.53
N THR D 556 -13.02 -10.10 58.81
CA THR D 556 -11.98 -9.61 59.71
C THR D 556 -12.19 -9.94 61.18
N GLU D 557 -11.47 -10.95 61.67
CA GLU D 557 -11.52 -11.39 63.07
C GLU D 557 -12.00 -10.36 64.13
N GLN D 558 -12.05 -9.08 63.74
CA GLN D 558 -12.52 -8.00 64.62
C GLN D 558 -14.03 -8.05 64.64
N ASP D 559 -14.58 -9.14 64.12
CA ASP D 559 -16.02 -9.35 64.11
C ASP D 559 -16.32 -10.72 64.68
N ASN D 560 -15.26 -11.42 65.07
CA ASN D 560 -15.32 -12.74 65.71
C ASN D 560 -15.72 -12.48 67.18
N GLU D 561 -16.87 -11.82 67.33
CA GLU D 561 -17.43 -11.47 68.62
C GLU D 561 -17.64 -12.80 69.30
N GLU D 562 -18.16 -13.76 68.54
CA GLU D 562 -18.40 -15.08 69.06
C GLU D 562 -17.23 -15.67 69.84
N PHE D 563 -16.24 -16.18 69.11
CA PHE D 563 -15.06 -16.80 69.72
C PHE D 563 -13.79 -16.01 69.47
N PRO D 564 -13.76 -14.74 69.90
CA PRO D 564 -12.59 -13.89 69.70
C PRO D 564 -11.33 -14.46 70.32
N GLU D 565 -10.21 -14.25 69.66
CA GLU D 565 -8.93 -14.76 70.13
C GLU D 565 -7.83 -13.71 70.04
N LYS D 566 -6.83 -13.85 70.92
CA LYS D 566 -5.69 -12.93 71.04
C LYS D 566 -4.37 -13.53 70.54
N ASP D 567 -3.75 -12.88 69.54
CA ASP D 567 -2.49 -13.37 69.02
C ASP D 567 -1.40 -12.35 69.18
N ASN D 568 -0.37 -12.72 69.93
CA ASN D 568 0.76 -11.83 70.18
C ASN D 568 1.24 -11.18 68.90
N GLU D 569 1.67 -12.00 67.95
CA GLU D 569 2.17 -11.51 66.68
C GLU D 569 1.08 -11.17 65.66
N ILE D 570 1.33 -10.15 64.86
CA ILE D 570 0.37 -9.72 63.85
C ILE D 570 1.10 -9.20 62.61
N PHE D 571 0.84 -9.82 61.46
CA PHE D 571 1.47 -9.38 60.21
C PHE D 571 0.68 -8.21 59.62
N ILE D 572 1.40 -7.17 59.21
CA ILE D 572 0.74 -5.99 58.66
C ILE D 572 1.36 -5.44 57.40
N ILE D 573 0.62 -5.52 56.32
CA ILE D 573 1.10 -5.04 55.05
C ILE D 573 0.68 -3.58 54.92
N ASN D 574 1.55 -2.69 55.36
CA ASN D 574 1.30 -1.26 55.30
C ASN D 574 0.65 -0.80 53.99
N PRO D 575 0.16 0.45 53.95
CA PRO D 575 -0.49 0.98 52.74
C PRO D 575 0.49 1.23 51.61
N GLU D 576 1.73 0.79 51.82
CA GLU D 576 2.79 1.00 50.83
C GLU D 576 3.83 -0.13 50.79
N GLY D 577 3.39 -1.36 50.98
CA GLY D 577 4.29 -2.50 50.92
C GLY D 577 4.96 -2.94 52.21
N GLU D 578 5.59 -2.00 52.90
CA GLU D 578 6.29 -2.29 54.14
C GLU D 578 5.70 -3.44 54.95
N PHE D 579 6.38 -4.59 54.97
CA PHE D 579 5.91 -5.73 55.76
C PHE D 579 6.23 -5.48 57.23
N ILE D 580 5.34 -5.89 58.12
CA ILE D 580 5.56 -5.68 59.56
C ILE D 580 4.85 -6.74 60.41
N LEU D 581 5.46 -7.08 61.53
CA LEU D 581 4.89 -8.07 62.42
C LEU D 581 5.05 -7.63 63.86
N THR D 582 3.98 -7.20 64.49
CA THR D 582 4.07 -6.77 65.87
C THR D 582 4.59 -7.93 66.73
N LYS D 583 4.65 -7.75 68.04
CA LYS D 583 5.13 -8.80 68.94
C LYS D 583 4.28 -8.96 70.17
N ASN D 584 3.64 -7.87 70.58
CA ASN D 584 2.79 -7.88 71.75
C ASN D 584 1.39 -7.54 71.35
N TRP D 585 0.44 -7.99 72.16
CA TRP D 585 -0.96 -7.72 71.92
C TRP D 585 -1.11 -6.21 72.09
N GLU D 586 -0.03 -5.60 72.58
CA GLU D 586 0.04 -4.18 72.83
C GLU D 586 0.71 -3.53 71.63
N MET D 587 1.96 -3.90 71.39
CA MET D 587 2.71 -3.35 70.27
C MET D 587 1.75 -3.23 69.13
N THR D 588 0.93 -4.28 68.97
CA THR D 588 -0.08 -4.31 67.92
C THR D 588 -1.02 -3.15 68.21
N GLY D 589 -1.64 -3.21 69.37
CA GLY D 589 -2.56 -2.16 69.78
C GLY D 589 -1.94 -0.77 69.81
N ARG D 590 -0.63 -0.71 69.99
CA ARG D 590 0.09 0.56 70.04
C ARG D 590 0.37 1.01 68.61
N PHE D 591 0.83 0.06 67.79
CA PHE D 591 1.13 0.32 66.39
C PHE D 591 -0.10 0.87 65.70
N ILE D 592 -1.26 0.31 66.02
CA ILE D 592 -2.50 0.73 65.39
C ILE D 592 -2.92 2.12 65.86
N GLU D 593 -2.59 2.45 67.11
CA GLU D 593 -2.94 3.76 67.65
C GLU D 593 -2.10 4.84 66.97
N LYS D 594 -0.83 4.52 66.79
CA LYS D 594 0.11 5.45 66.16
C LYS D 594 -0.19 5.78 64.70
N ASN D 595 0.15 4.86 63.81
CA ASN D 595 -0.04 5.04 62.38
C ASN D 595 -1.26 4.40 61.72
N ILE D 596 -2.35 4.28 62.47
CA ILE D 596 -3.63 3.78 61.92
C ILE D 596 -4.72 4.70 62.47
N THR D 597 -5.15 4.43 63.70
CA THR D 597 -6.18 5.24 64.33
C THR D 597 -5.86 6.71 64.15
N GLY D 598 -4.95 7.21 64.98
CA GLY D 598 -4.58 8.61 64.92
C GLY D 598 -3.84 9.02 63.67
N LYS D 599 -4.19 8.42 62.54
CA LYS D 599 -3.53 8.77 61.28
C LYS D 599 -4.43 8.83 60.02
N ASP D 600 -5.73 8.94 60.20
CA ASP D 600 -6.71 9.06 59.11
C ASP D 600 -7.24 7.80 58.44
N TYR D 601 -6.93 6.64 58.99
CA TYR D 601 -7.44 5.41 58.45
C TYR D 601 -8.60 4.98 59.34
N LEU D 602 -9.63 4.42 58.75
CA LEU D 602 -10.79 4.03 59.52
C LEU D 602 -10.72 2.65 60.06
N TYR D 603 -10.60 2.53 61.38
CA TYR D 603 -10.51 1.22 61.99
C TYR D 603 -11.49 1.10 63.15
N TYR D 604 -12.06 -0.10 63.30
CA TYR D 604 -13.01 -0.37 64.37
C TYR D 604 -12.55 -1.64 65.09
N PHE D 605 -12.62 -1.66 66.41
CA PHE D 605 -12.15 -2.84 67.14
C PHE D 605 -13.24 -3.75 67.69
N ASN D 606 -12.90 -5.04 67.79
CA ASN D 606 -13.85 -6.07 68.20
C ASN D 606 -14.83 -5.77 69.29
N ARG D 607 -16.08 -5.79 68.90
CA ARG D 607 -17.15 -5.52 69.81
C ARG D 607 -16.94 -6.27 71.11
N SER D 608 -16.67 -7.55 71.02
CA SER D 608 -16.50 -8.32 72.23
C SER D 608 -15.27 -8.01 73.05
N TYR D 609 -14.50 -7.02 72.65
CA TYR D 609 -13.30 -6.68 73.44
C TYR D 609 -13.74 -5.95 74.70
N ASN D 610 -13.10 -6.26 75.83
CA ASN D 610 -13.44 -5.60 77.10
C ASN D 610 -14.70 -6.16 77.75
N LYS D 611 -15.44 -6.97 77.00
CA LYS D 611 -16.61 -7.60 77.58
C LYS D 611 -16.22 -9.10 77.62
N ILE D 612 -17.10 -9.97 78.08
CA ILE D 612 -16.77 -11.41 78.12
C ILE D 612 -17.32 -12.08 76.88
N ALA D 613 -16.44 -12.69 76.10
CA ALA D 613 -16.86 -13.35 74.88
C ALA D 613 -17.62 -14.64 75.21
N PRO D 614 -18.91 -14.72 74.83
CA PRO D 614 -19.71 -15.91 75.11
C PRO D 614 -19.06 -17.19 74.60
N GLY D 615 -19.03 -17.33 73.28
CA GLY D 615 -18.44 -18.50 72.66
C GLY D 615 -17.33 -19.18 73.45
N ASN D 616 -16.30 -18.41 73.81
CA ASN D 616 -15.18 -18.99 74.55
C ASN D 616 -14.95 -18.40 75.92
N LYS D 617 -15.88 -17.58 76.38
CA LYS D 617 -15.79 -16.92 77.70
C LYS D 617 -14.37 -16.40 77.92
N ALA D 618 -13.95 -15.54 77.00
CA ALA D 618 -12.61 -14.97 77.02
C ALA D 618 -12.60 -13.47 77.17
N TYR D 619 -11.73 -13.01 78.06
CA TYR D 619 -11.58 -11.59 78.35
C TYR D 619 -10.38 -11.04 77.57
N ILE D 620 -10.67 -10.25 76.53
CA ILE D 620 -9.62 -9.66 75.71
C ILE D 620 -9.62 -8.15 75.83
N GLU D 621 -8.57 -7.62 76.48
CA GLU D 621 -8.32 -6.19 76.75
C GLU D 621 -7.87 -5.29 75.59
N TRP D 622 -8.52 -4.14 75.41
CA TRP D 622 -8.17 -3.25 74.30
C TRP D 622 -8.51 -1.78 74.55
N THR D 623 -7.50 -0.99 74.90
CA THR D 623 -7.69 0.43 75.19
C THR D 623 -8.85 1.09 74.45
N ASP D 624 -9.87 1.51 75.19
CA ASP D 624 -11.02 2.15 74.59
C ASP D 624 -11.08 3.56 75.14
N PRO D 625 -10.97 4.54 74.28
CA PRO D 625 -11.01 5.92 74.74
C PRO D 625 -12.25 6.23 75.54
N ILE D 626 -13.43 5.98 74.98
CA ILE D 626 -14.65 6.29 75.71
C ILE D 626 -14.60 5.84 77.16
N THR D 627 -14.07 4.64 77.37
CA THR D 627 -13.93 4.08 78.70
C THR D 627 -12.82 4.80 79.51
N LYS D 628 -11.84 5.31 78.79
CA LYS D 628 -10.69 6.03 79.37
C LYS D 628 -11.18 7.29 80.11
N ALA D 629 -12.20 7.92 79.54
CA ALA D 629 -12.76 9.13 80.11
C ALA D 629 -14.17 8.91 80.63
N LYS D 630 -14.35 7.87 81.41
CA LYS D 630 -15.63 7.58 82.01
C LYS D 630 -15.49 8.21 83.40
N ILE D 631 -14.39 7.87 84.06
CA ILE D 631 -14.05 8.38 85.37
C ILE D 631 -14.59 9.77 85.61
N ASN D 632 -14.57 10.63 84.59
CA ASN D 632 -15.03 12.01 84.73
C ASN D 632 -16.33 12.31 84.02
N THR D 633 -17.26 11.40 83.95
CA THR D 633 -18.49 11.77 83.26
C THR D 633 -19.75 11.46 84.03
N ILE D 634 -20.63 12.44 84.17
CA ILE D 634 -21.86 12.15 84.87
C ILE D 634 -22.57 11.08 84.02
N PRO D 635 -22.96 9.95 84.63
CA PRO D 635 -23.64 8.89 83.88
C PRO D 635 -25.02 9.30 83.45
N THR D 636 -25.57 8.59 82.48
CA THR D 636 -26.91 8.86 81.93
C THR D 636 -28.05 8.33 82.80
N SER D 637 -29.27 8.72 82.45
CA SER D 637 -30.45 8.25 83.17
C SER D 637 -30.39 6.75 83.03
N ALA D 638 -30.41 6.31 81.77
CA ALA D 638 -30.39 4.91 81.40
C ALA D 638 -29.15 4.11 81.81
N GLU D 639 -28.00 4.75 81.78
CA GLU D 639 -26.76 4.07 82.16
C GLU D 639 -26.80 3.77 83.65
N PHE D 640 -27.67 4.51 84.35
CA PHE D 640 -27.85 4.36 85.79
C PHE D 640 -28.88 3.27 85.96
N ILE D 641 -30.12 3.56 85.59
CA ILE D 641 -31.16 2.56 85.69
C ILE D 641 -30.55 1.24 85.25
N LYS D 642 -29.79 1.28 84.16
CA LYS D 642 -29.13 0.09 83.64
C LYS D 642 -28.35 -0.62 84.75
N ASN D 643 -27.28 0.01 85.23
CA ASN D 643 -26.45 -0.56 86.30
C ASN D 643 -27.23 -1.19 87.47
N LEU D 644 -28.36 -0.61 87.88
CA LEU D 644 -29.15 -1.20 88.97
C LEU D 644 -29.61 -2.52 88.40
N SER D 645 -30.40 -2.43 87.33
CA SER D 645 -30.90 -3.60 86.64
C SER D 645 -29.88 -4.74 86.70
N SER D 646 -28.60 -4.42 86.51
CA SER D 646 -27.57 -5.44 86.54
C SER D 646 -27.34 -6.06 87.90
N ILE D 647 -27.21 -5.25 88.96
CA ILE D 647 -26.97 -5.82 90.29
C ILE D 647 -28.24 -6.47 90.85
N ARG D 648 -29.38 -6.07 90.31
CA ARG D 648 -30.60 -6.70 90.75
C ARG D 648 -30.42 -8.16 90.37
N ARG D 649 -30.24 -8.45 89.09
CA ARG D 649 -30.16 -9.84 88.68
C ARG D 649 -29.10 -10.67 89.48
N SER D 650 -28.26 -9.99 90.26
CA SER D 650 -27.11 -10.59 91.00
C SER D 650 -27.28 -11.02 92.47
N SER D 651 -27.15 -10.07 93.40
CA SER D 651 -27.57 -10.42 94.77
C SER D 651 -29.03 -10.33 94.39
N ASN D 652 -29.94 -11.24 94.79
CA ASN D 652 -31.24 -10.99 94.18
C ASN D 652 -32.05 -9.92 94.92
N VAL D 653 -31.41 -8.79 95.20
CA VAL D 653 -32.03 -7.68 95.92
C VAL D 653 -31.88 -6.34 95.19
N GLY D 654 -33.01 -5.72 94.84
CA GLY D 654 -32.98 -4.45 94.14
C GLY D 654 -32.72 -3.27 95.06
N VAL D 655 -32.54 -2.08 94.51
CA VAL D 655 -32.28 -0.92 95.34
C VAL D 655 -33.49 -0.77 96.23
N TYR D 656 -34.64 -1.13 95.72
CA TYR D 656 -35.86 -1.02 96.50
C TYR D 656 -36.67 -2.28 96.37
N LYS D 657 -37.21 -2.78 97.47
CA LYS D 657 -38.02 -3.99 97.42
C LYS D 657 -39.49 -3.62 97.29
N ASP D 658 -40.28 -4.61 96.88
CA ASP D 658 -41.73 -4.46 96.71
C ASP D 658 -42.39 -4.72 98.05
N SER D 659 -42.62 -3.67 98.84
CA SER D 659 -43.24 -3.81 100.16
C SER D 659 -44.04 -2.58 100.54
N GLY D 660 -44.32 -2.46 101.84
CA GLY D 660 -45.07 -1.33 102.33
C GLY D 660 -44.23 -0.36 103.15
N ASP D 661 -43.04 -0.78 103.56
CA ASP D 661 -42.20 0.10 104.36
C ASP D 661 -42.13 1.48 103.72
N LYS D 662 -42.82 2.47 104.28
CA LYS D 662 -42.75 3.80 103.68
C LYS D 662 -41.31 4.25 103.75
N ASP D 663 -40.45 3.33 104.19
CA ASP D 663 -39.02 3.58 104.28
C ASP D 663 -38.43 3.15 102.94
N GLU D 664 -38.91 2.03 102.43
CA GLU D 664 -38.48 1.45 101.16
C GLU D 664 -38.91 2.40 100.05
N PHE D 665 -40.22 2.55 99.90
CA PHE D 665 -40.75 3.44 98.88
C PHE D 665 -39.98 4.75 98.94
N ALA D 666 -39.56 5.15 100.14
CA ALA D 666 -38.79 6.38 100.28
C ALA D 666 -37.60 6.27 99.33
N LYS D 667 -36.87 5.17 99.45
CA LYS D 667 -35.72 4.90 98.61
C LYS D 667 -36.15 4.81 97.17
N LYS D 668 -37.16 4.02 96.85
CA LYS D 668 -37.59 3.95 95.46
C LYS D 668 -37.77 5.36 94.90
N GLU D 669 -38.72 6.11 95.45
CA GLU D 669 -38.98 7.48 94.97
C GLU D 669 -37.67 8.21 94.79
N SER D 670 -36.75 7.98 95.72
CA SER D 670 -35.46 8.64 95.69
C SER D 670 -34.60 8.41 94.43
N VAL D 671 -34.56 7.18 93.92
CA VAL D 671 -33.77 6.93 92.72
C VAL D 671 -34.49 7.66 91.60
N LYS D 672 -35.80 7.51 91.58
CA LYS D 672 -36.61 8.17 90.56
C LYS D 672 -36.19 9.64 90.43
N LYS D 673 -35.51 10.13 91.47
CA LYS D 673 -35.05 11.50 91.45
C LYS D 673 -33.64 11.52 90.85
N ILE D 674 -32.76 10.63 91.27
CA ILE D 674 -31.42 10.62 90.72
C ILE D 674 -31.56 10.29 89.24
N ALA D 675 -32.62 9.56 88.91
CA ALA D 675 -32.89 9.16 87.53
C ALA D 675 -33.51 10.30 86.73
N GLY D 676 -33.54 11.46 87.36
CA GLY D 676 -34.08 12.64 86.72
C GLY D 676 -32.88 13.57 86.64
N TYR D 677 -32.37 13.96 87.80
CA TYR D 677 -31.22 14.83 87.87
C TYR D 677 -30.22 14.43 86.82
N LEU D 678 -29.96 13.14 86.70
CA LEU D 678 -29.02 12.73 85.67
C LEU D 678 -29.64 12.99 84.31
N SER D 679 -30.87 12.56 84.09
CA SER D 679 -31.49 12.81 82.82
C SER D 679 -31.51 14.29 82.53
N ASP D 680 -31.80 15.07 83.56
CA ASP D 680 -31.91 16.52 83.42
C ASP D 680 -30.58 17.18 83.03
N TYR D 681 -29.47 16.50 83.33
CA TYR D 681 -28.12 17.00 83.02
C TYR D 681 -27.97 17.12 81.52
N TYR D 682 -28.14 15.98 80.84
CA TYR D 682 -28.04 15.91 79.41
C TYR D 682 -29.31 16.35 78.75
N ASN D 683 -29.67 17.63 78.90
CA ASN D 683 -30.89 18.12 78.27
C ASN D 683 -30.53 18.73 76.95
N SER D 684 -31.13 18.20 75.89
CA SER D 684 -30.88 18.66 74.53
C SER D 684 -31.12 20.16 74.30
N ALA D 685 -32.00 20.76 75.10
CA ALA D 685 -32.31 22.18 74.95
C ALA D 685 -31.30 23.03 75.67
N ASN D 686 -30.20 22.43 76.09
CA ASN D 686 -29.16 23.17 76.80
C ASN D 686 -28.40 24.10 75.89
N HIS D 687 -28.64 24.00 74.58
CA HIS D 687 -27.92 24.86 73.63
C HIS D 687 -28.31 26.33 73.68
N ILE D 688 -29.60 26.62 73.80
CA ILE D 688 -30.10 27.99 73.85
C ILE D 688 -29.51 28.76 75.03
N PHE D 689 -28.35 28.30 75.49
CA PHE D 689 -27.66 28.94 76.58
C PHE D 689 -26.27 29.29 76.07
N SER D 690 -25.37 29.70 76.95
CA SER D 690 -24.02 30.06 76.53
C SER D 690 -22.90 29.49 77.40
N GLN D 691 -21.98 28.76 76.77
CA GLN D 691 -20.86 28.13 77.46
C GLN D 691 -20.73 28.33 78.97
N GLU D 692 -20.27 29.50 79.41
CA GLU D 692 -20.12 29.75 80.84
C GLU D 692 -21.36 29.26 81.57
N LYS D 693 -22.53 29.49 80.96
CA LYS D 693 -23.81 29.06 81.51
C LYS D 693 -23.86 27.54 81.56
N LYS D 694 -23.92 26.93 80.37
CA LYS D 694 -23.99 25.49 80.25
C LYS D 694 -23.24 24.86 81.41
N ARG D 695 -21.94 25.16 81.54
CA ARG D 695 -21.15 24.57 82.62
C ARG D 695 -21.87 24.66 83.95
N LYS D 696 -22.02 25.89 84.43
CA LYS D 696 -22.68 26.15 85.69
C LYS D 696 -23.99 25.37 85.79
N ILE D 697 -25.02 25.88 85.14
CA ILE D 697 -26.35 25.25 85.14
C ILE D 697 -26.32 23.73 85.28
N SER D 698 -25.24 23.11 84.81
CA SER D 698 -25.05 21.66 84.88
C SER D 698 -24.28 21.30 86.13
N ILE D 699 -23.23 22.07 86.40
CA ILE D 699 -22.45 21.84 87.60
C ILE D 699 -23.45 21.67 88.74
N PHE D 700 -24.62 22.27 88.55
CA PHE D 700 -25.67 22.22 89.55
C PHE D 700 -26.46 20.93 89.39
N ARG D 701 -27.08 20.75 88.23
CA ARG D 701 -27.84 19.56 87.94
C ARG D 701 -27.00 18.42 88.50
N GLY D 702 -25.69 18.54 88.29
CA GLY D 702 -24.75 17.54 88.75
C GLY D 702 -24.84 17.44 90.26
N ILE D 703 -24.52 18.54 90.93
CA ILE D 703 -24.56 18.62 92.40
C ILE D 703 -25.90 18.09 92.88
N GLN D 704 -26.96 18.68 92.35
CA GLN D 704 -28.30 18.26 92.66
C GLN D 704 -28.37 16.75 92.78
N ALA D 705 -27.68 16.06 91.89
CA ALA D 705 -27.68 14.62 91.90
C ALA D 705 -26.73 14.06 92.94
N TYR D 706 -25.50 14.55 92.98
CA TYR D 706 -24.52 14.07 93.95
C TYR D 706 -25.13 14.09 95.33
N ASN D 707 -26.09 14.99 95.49
CA ASN D 707 -26.78 15.16 96.76
C ASN D 707 -27.69 13.97 96.99
N GLU D 708 -28.81 13.92 96.27
CA GLU D 708 -29.78 12.84 96.40
C GLU D 708 -29.11 11.49 96.51
N ILE D 709 -27.87 11.40 96.03
CA ILE D 709 -27.16 10.15 96.15
C ILE D 709 -26.74 10.09 97.61
N GLU D 710 -25.85 11.01 98.01
CA GLU D 710 -25.36 11.09 99.38
C GLU D 710 -26.55 10.89 100.31
N ASN D 711 -27.72 11.27 99.82
CA ASN D 711 -28.97 11.16 100.57
C ASN D 711 -29.27 9.70 100.92
N VAL D 712 -29.47 8.87 99.90
CA VAL D 712 -29.76 7.46 100.09
C VAL D 712 -28.61 6.69 100.73
N LEU D 713 -27.38 7.04 100.36
CA LEU D 713 -26.19 6.39 100.89
C LEU D 713 -26.17 6.46 102.41
N LYS D 714 -27.09 7.26 102.96
CA LYS D 714 -27.23 7.44 104.40
C LYS D 714 -28.51 6.79 104.94
N SER D 715 -29.51 6.63 104.08
CA SER D 715 -30.79 6.05 104.48
C SER D 715 -30.71 4.63 105.06
N LYS D 716 -31.79 3.87 104.87
CA LYS D 716 -31.90 2.52 105.40
C LYS D 716 -30.84 1.55 104.92
N GLN D 717 -31.18 0.27 104.95
CA GLN D 717 -30.27 -0.79 104.55
C GLN D 717 -30.32 -1.22 103.09
N ILE D 718 -29.57 -0.50 102.25
CA ILE D 718 -29.46 -0.82 100.84
C ILE D 718 -28.22 -1.70 100.83
N ALA D 719 -28.39 -2.95 100.41
CA ALA D 719 -27.29 -3.91 100.39
C ALA D 719 -25.95 -3.30 100.01
N PRO D 720 -24.87 -3.67 100.73
CA PRO D 720 -23.51 -3.16 100.49
C PRO D 720 -23.00 -3.33 99.05
N GLU D 721 -23.83 -3.94 98.20
CA GLU D 721 -23.49 -4.13 96.79
C GLU D 721 -23.84 -2.81 96.10
N TYR D 722 -25.00 -2.25 96.45
CA TYR D 722 -25.44 -0.97 95.90
C TYR D 722 -24.74 0.17 96.61
N LYS D 723 -24.35 -0.07 97.85
CA LYS D 723 -23.63 0.94 98.60
C LYS D 723 -22.52 1.46 97.68
N ASN D 724 -21.63 0.54 97.30
CA ASN D 724 -20.46 0.82 96.44
C ASN D 724 -20.79 1.50 95.13
N TYR D 725 -21.69 0.92 94.35
CA TYR D 725 -22.07 1.52 93.07
C TYR D 725 -22.23 3.02 93.29
N PHE D 726 -23.13 3.36 94.20
CA PHE D 726 -23.38 4.75 94.54
C PHE D 726 -22.08 5.38 94.98
N GLN D 727 -21.30 4.66 95.77
CA GLN D 727 -20.02 5.18 96.21
C GLN D 727 -19.23 5.61 94.97
N TYR D 728 -19.35 4.81 93.92
CA TYR D 728 -18.64 5.04 92.66
C TYR D 728 -19.29 6.19 91.90
N LEU D 729 -20.61 6.16 91.77
CA LEU D 729 -21.33 7.23 91.08
C LEU D 729 -20.96 8.58 91.64
N LYS D 730 -20.59 8.62 92.91
CA LYS D 730 -20.21 9.89 93.50
C LYS D 730 -18.97 10.42 92.78
N GLU D 731 -17.86 9.72 92.99
CA GLU D 731 -16.59 10.10 92.38
C GLU D 731 -16.83 10.63 90.97
N ARG D 732 -17.67 9.95 90.22
CA ARG D 732 -17.98 10.41 88.87
C ARG D 732 -18.41 11.87 89.03
N ILE D 733 -19.68 12.07 89.37
CA ILE D 733 -20.26 13.40 89.58
C ILE D 733 -19.19 14.36 90.01
N THR D 734 -18.48 13.97 91.06
CA THR D 734 -17.39 14.79 91.57
C THR D 734 -16.45 15.14 90.43
N ASN D 735 -15.61 14.19 90.02
CA ASN D 735 -14.67 14.43 88.95
C ASN D 735 -15.33 15.25 87.87
N GLN D 736 -16.53 14.85 87.49
CA GLN D 736 -17.29 15.52 86.45
C GLN D 736 -17.50 16.98 86.73
N VAL D 737 -17.70 17.34 88.01
CA VAL D 737 -17.91 18.75 88.35
C VAL D 737 -16.59 19.45 88.51
N GLN D 738 -15.62 18.79 89.12
CA GLN D 738 -14.33 19.43 89.29
C GLN D 738 -13.91 19.92 87.93
N LEU D 739 -14.32 19.20 86.89
CA LEU D 739 -13.98 19.55 85.50
C LEU D 739 -14.72 20.79 85.02
N LEU D 740 -16.03 20.69 84.85
CA LEU D 740 -16.79 21.85 84.41
C LEU D 740 -16.29 23.11 85.10
N LEU D 741 -15.79 22.95 86.33
CA LEU D 741 -15.27 24.06 87.11
C LEU D 741 -13.89 24.49 86.61
N THR D 742 -12.92 23.57 86.60
CA THR D 742 -11.59 23.96 86.14
C THR D 742 -11.63 24.26 84.70
N HIS D 743 -12.83 24.51 84.23
CA HIS D 743 -12.76 25.00 82.96
C HIS D 743 -12.90 26.53 83.11
N GLN D 744 -13.53 27.06 84.17
CA GLN D 744 -13.83 28.51 84.19
C GLN D 744 -13.16 29.46 85.20
N LYS D 745 -13.74 29.52 86.40
CA LYS D 745 -13.09 30.30 87.44
C LYS D 745 -12.69 29.18 88.42
N SER D 746 -11.48 28.65 88.24
CA SER D 746 -11.01 27.53 89.07
C SER D 746 -10.14 27.85 90.27
N ASN D 747 -10.60 27.40 91.42
CA ASN D 747 -9.92 27.54 92.71
C ASN D 747 -10.81 26.81 93.70
N ILE D 748 -12.12 26.94 93.48
CA ILE D 748 -13.10 26.29 94.34
C ILE D 748 -13.10 24.79 94.09
N GLU D 749 -12.94 24.03 95.18
CA GLU D 749 -12.93 22.58 95.11
C GLU D 749 -14.34 22.10 95.38
N PHE D 750 -14.74 21.04 94.69
CA PHE D 750 -16.07 20.48 94.88
C PHE D 750 -16.39 20.40 96.36
N LYS D 751 -15.76 19.43 97.04
CA LYS D 751 -15.95 19.21 98.48
C LYS D 751 -16.37 20.48 99.24
N LEU D 752 -15.55 21.51 99.14
CA LEU D 752 -15.84 22.78 99.79
C LEU D 752 -17.14 23.36 99.27
N LEU D 753 -17.16 23.72 97.98
CA LEU D 753 -18.35 24.30 97.36
C LEU D 753 -19.56 23.58 97.88
N TYR D 754 -19.43 22.27 98.09
CA TYR D 754 -20.56 21.51 98.58
C TYR D 754 -21.02 22.08 99.89
N LYS D 755 -20.31 21.76 100.96
CA LYS D 755 -20.66 22.25 102.30
C LYS D 755 -21.60 23.45 102.23
N GLN D 756 -21.14 24.49 101.54
CA GLN D 756 -21.85 25.76 101.37
C GLN D 756 -23.27 25.74 100.82
N LEU D 757 -23.87 24.58 100.62
CA LEU D 757 -25.24 24.54 100.09
C LEU D 757 -26.32 24.18 101.10
N ASN D 758 -27.46 24.88 100.98
CA ASN D 758 -28.61 24.68 101.84
C ASN D 758 -29.60 23.75 101.15
N PHE D 759 -29.37 22.44 101.25
CA PHE D 759 -30.25 21.47 100.62
C PHE D 759 -31.37 21.02 101.57
N THR D 760 -31.74 21.93 102.46
CA THR D 760 -32.80 21.68 103.45
C THR D 760 -34.18 21.66 102.77
N GLU D 761 -35.03 22.65 103.05
CA GLU D 761 -36.38 22.66 102.45
C GLU D 761 -36.52 23.41 101.13
N ASN D 762 -35.94 24.59 101.01
CA ASN D 762 -36.04 25.36 99.78
C ASN D 762 -34.81 25.16 98.90
N GLU D 763 -35.04 25.17 97.58
CA GLU D 763 -33.99 24.97 96.58
C GLU D 763 -33.87 26.22 95.68
N THR D 764 -34.73 27.21 95.92
CA THR D 764 -34.80 28.45 95.15
C THR D 764 -33.57 29.37 95.16
N ASP D 765 -33.29 30.03 96.29
CA ASP D 765 -32.15 30.92 96.36
C ASP D 765 -30.83 30.15 96.28
N ASN D 766 -30.89 28.86 96.63
CA ASN D 766 -29.73 27.99 96.62
C ASN D 766 -28.87 28.35 95.42
N PHE D 767 -29.41 28.09 94.22
CA PHE D 767 -28.69 28.36 92.99
C PHE D 767 -28.21 29.81 92.94
N GLU D 768 -29.10 30.74 93.28
CA GLU D 768 -28.72 32.14 93.27
C GLU D 768 -27.40 32.27 94.02
N VAL D 769 -27.30 31.56 95.14
CA VAL D 769 -26.08 31.58 95.95
C VAL D 769 -24.94 31.09 95.08
N PHE D 770 -25.05 29.82 94.70
CA PHE D 770 -24.09 29.14 93.86
C PHE D 770 -23.40 30.12 92.91
N GLN D 771 -24.19 30.96 92.25
CA GLN D 771 -23.63 31.94 91.31
C GLN D 771 -22.42 32.59 91.96
N LYS D 772 -22.68 33.56 92.83
CA LYS D 772 -21.64 34.30 93.52
C LYS D 772 -20.56 33.38 94.08
N ILE D 773 -20.95 32.19 94.48
CA ILE D 773 -20.00 31.24 95.06
C ILE D 773 -18.85 30.99 94.08
N ILE D 774 -19.04 31.39 92.82
CA ILE D 774 -18.01 31.21 91.79
C ILE D 774 -17.51 32.51 91.14
N ASP D 775 -17.58 33.63 91.85
CA ASP D 775 -17.14 34.91 91.31
C ASP D 775 -15.98 35.53 92.10
N ASN E 41 68.65 46.56 12.95
CA ASN E 41 69.93 47.25 12.59
C ASN E 41 71.12 46.31 12.43
N ASN E 42 71.09 45.45 11.41
CA ASN E 42 72.22 44.53 11.17
C ASN E 42 73.34 45.40 10.58
N LEU E 43 74.46 45.48 11.30
CA LEU E 43 75.57 46.33 10.87
C LEU E 43 76.49 45.80 9.80
N VAL E 44 76.64 44.48 9.72
CA VAL E 44 77.53 43.92 8.72
C VAL E 44 76.79 43.09 7.69
N LYS E 45 76.62 43.66 6.51
CA LYS E 45 75.95 42.96 5.45
C LYS E 45 76.99 42.32 4.57
N THR E 46 76.95 40.98 4.51
CA THR E 46 77.85 40.19 3.67
C THR E 46 77.15 39.98 2.33
N GLU E 47 77.68 40.61 1.31
CA GLU E 47 77.10 40.55 -0.02
C GLU E 47 77.09 39.13 -0.61
N PHE E 48 78.22 38.75 -1.18
CA PHE E 48 78.33 37.46 -1.81
C PHE E 48 78.96 36.42 -0.87
N THR E 49 78.27 35.29 -0.69
CA THR E 49 78.77 34.18 0.14
C THR E 49 79.42 33.18 -0.82
N ASN E 50 79.68 33.67 -2.03
CA ASN E 50 80.32 32.94 -3.13
C ASN E 50 81.44 32.08 -2.58
N GLU E 51 82.59 32.69 -2.33
CA GLU E 51 83.73 31.98 -1.78
C GLU E 51 83.29 31.26 -0.53
N THR E 52 83.88 30.10 -0.31
CA THR E 52 83.57 29.30 0.86
C THR E 52 84.05 30.09 2.07
N LEU E 53 84.75 29.40 2.98
CA LEU E 53 85.29 30.05 4.15
C LEU E 53 86.09 31.22 3.64
N ASP E 54 87.41 31.04 3.65
CA ASP E 54 88.40 32.02 3.20
C ASP E 54 87.87 33.43 2.97
N LYS E 55 86.82 33.61 2.17
CA LYS E 55 86.28 34.95 2.03
C LYS E 55 85.79 35.23 3.45
N ILE E 56 84.78 34.46 3.86
CA ILE E 56 84.22 34.59 5.19
C ILE E 56 85.35 34.59 6.21
N GLN E 57 86.02 33.44 6.36
CA GLN E 57 87.11 33.28 7.32
C GLN E 57 88.25 34.26 7.08
N GLN E 58 87.91 35.42 6.50
CA GLN E 58 88.87 36.49 6.23
C GLN E 58 88.17 37.79 6.61
N THR E 59 86.86 37.85 6.42
CA THR E 59 86.10 39.02 6.81
C THR E 59 86.00 38.94 8.33
N GLN E 60 85.54 37.81 8.87
CA GLN E 60 85.47 37.66 10.31
C GLN E 60 86.84 38.02 10.86
N ASP E 61 87.86 37.29 10.45
CA ASP E 61 89.22 37.54 10.90
C ASP E 61 89.53 39.04 10.94
N LEU E 62 88.75 39.82 10.21
CA LEU E 62 88.96 41.25 10.16
C LEU E 62 88.14 41.96 11.22
N LEU E 63 86.91 41.51 11.39
CA LEU E 63 85.99 42.10 12.34
C LEU E 63 86.25 41.77 13.80
N LYS E 64 86.83 40.61 14.07
CA LYS E 64 87.11 40.24 15.45
C LYS E 64 88.31 41.08 15.90
N LYS E 65 88.99 41.67 14.90
CA LYS E 65 90.16 42.50 15.15
C LYS E 65 89.72 43.88 15.60
N ILE E 66 88.75 44.46 14.89
CA ILE E 66 88.23 45.79 15.25
C ILE E 66 87.42 45.66 16.54
N PRO E 67 87.56 46.62 17.47
CA PRO E 67 86.87 46.62 18.76
C PRO E 67 85.34 46.56 18.73
N LYS E 68 84.79 45.52 19.37
CA LYS E 68 83.35 45.30 19.42
C LYS E 68 82.53 46.56 19.65
N ASP E 69 83.17 47.63 20.09
CA ASP E 69 82.44 48.85 20.34
C ASP E 69 82.76 49.94 19.35
N VAL E 70 83.86 49.80 18.61
CA VAL E 70 84.15 50.82 17.62
C VAL E 70 83.01 50.64 16.66
N LEU E 71 82.51 49.40 16.62
CA LEU E 71 81.38 49.06 15.77
C LEU E 71 80.14 49.74 16.32
N GLU E 72 79.84 49.48 17.58
CA GLU E 72 78.68 50.08 18.20
C GLU E 72 78.66 51.59 18.04
N ILE E 73 79.82 52.20 17.80
CA ILE E 73 79.90 53.65 17.58
C ILE E 73 79.44 53.84 16.15
N TYR E 74 79.71 52.81 15.36
CA TYR E 74 79.37 52.79 13.96
C TYR E 74 77.91 52.40 13.79
N SER E 75 77.53 51.22 14.29
CA SER E 75 76.16 50.77 14.15
C SER E 75 75.23 51.69 14.93
N GLU E 76 75.75 52.84 15.34
CA GLU E 76 74.96 53.81 16.08
C GLU E 76 74.79 55.03 15.22
N LEU E 77 75.87 55.44 14.57
CA LEU E 77 75.75 56.59 13.69
C LEU E 77 74.89 56.18 12.49
N GLY E 78 74.24 55.04 12.59
CA GLY E 78 73.39 54.57 11.51
C GLY E 78 74.15 53.87 10.39
N GLY E 79 75.45 53.70 10.58
CA GLY E 79 76.28 53.06 9.57
C GLY E 79 76.01 51.57 9.39
N GLU E 80 76.60 51.03 8.33
CA GLU E 80 76.48 49.63 7.96
C GLU E 80 77.78 49.33 7.24
N ILE E 81 78.26 48.12 7.29
CA ILE E 81 79.51 47.82 6.60
C ILE E 81 79.25 46.82 5.50
N TYR E 82 79.73 47.11 4.30
CA TYR E 82 79.47 46.21 3.20
C TYR E 82 80.67 45.39 2.73
N PHE E 83 80.53 44.09 2.82
CA PHE E 83 81.56 43.17 2.38
C PHE E 83 80.97 42.48 1.17
N THR E 84 81.53 42.79 0.01
CA THR E 84 81.04 42.21 -1.24
C THR E 84 82.09 41.35 -1.93
N ASP E 85 81.71 40.81 -3.09
CA ASP E 85 82.60 39.98 -3.88
C ASP E 85 83.63 40.86 -4.57
N ILE E 86 83.66 40.82 -5.90
CA ILE E 86 84.66 41.59 -6.65
C ILE E 86 84.11 42.88 -7.29
N ASP E 87 83.12 43.48 -6.66
CA ASP E 87 82.53 44.70 -7.19
C ASP E 87 83.57 45.80 -7.33
N LEU E 88 84.68 45.64 -6.61
CA LEU E 88 85.77 46.61 -6.61
C LEU E 88 85.37 48.03 -6.98
N VAL E 89 85.38 48.31 -8.29
CA VAL E 89 85.08 49.62 -8.85
C VAL E 89 83.68 50.13 -8.53
N GLU E 90 83.25 51.15 -9.26
CA GLU E 90 81.94 51.77 -9.08
C GLU E 90 80.84 50.73 -9.21
N HIS E 91 81.22 49.46 -9.28
CA HIS E 91 80.28 48.37 -9.44
C HIS E 91 79.36 48.10 -8.25
N LYS E 92 79.68 48.63 -7.08
CA LYS E 92 78.82 48.38 -5.92
C LYS E 92 77.46 49.05 -5.99
N GLU E 93 76.44 48.32 -5.55
CA GLU E 93 75.08 48.82 -5.55
C GLU E 93 74.90 49.98 -4.61
N LEU E 94 75.97 50.72 -4.37
CA LEU E 94 75.94 51.87 -3.47
C LEU E 94 77.13 52.81 -3.70
N GLN E 95 77.96 52.50 -4.69
CA GLN E 95 79.13 53.31 -5.01
C GLN E 95 78.91 54.35 -6.11
N ASP E 96 77.66 54.50 -6.54
CA ASP E 96 77.33 55.44 -7.60
C ASP E 96 77.18 56.88 -7.11
N LEU E 97 77.53 57.82 -7.98
CA LEU E 97 77.47 59.26 -7.72
C LEU E 97 76.41 59.61 -6.65
N SER E 98 76.88 60.15 -5.54
CA SER E 98 76.02 60.56 -4.41
C SER E 98 76.70 61.71 -3.66
N GLU E 99 77.91 61.41 -3.17
CA GLU E 99 78.79 62.33 -2.44
C GLU E 99 80.15 61.61 -2.47
N GLU E 100 80.79 61.61 -3.65
CA GLU E 100 82.06 60.91 -3.86
C GLU E 100 83.40 61.62 -3.55
N GLU E 101 84.02 62.18 -4.58
CA GLU E 101 85.31 62.85 -4.43
C GLU E 101 85.30 64.30 -4.89
N LYS E 102 85.38 65.22 -3.95
CA LYS E 102 85.39 66.65 -4.25
C LYS E 102 86.80 67.24 -4.11
N ASN E 103 87.44 67.00 -2.97
CA ASN E 103 88.79 67.50 -2.71
C ASN E 103 89.68 66.33 -2.22
N SER E 104 90.73 66.02 -2.99
CA SER E 104 91.64 64.93 -2.66
C SER E 104 92.53 65.14 -1.44
N MET E 105 92.61 64.08 -0.63
CA MET E 105 93.38 64.04 0.61
C MET E 105 93.14 62.63 1.19
N ASN E 106 93.06 61.65 0.29
CA ASN E 106 92.78 60.24 0.59
C ASN E 106 93.78 59.42 1.42
N SER E 107 94.00 58.18 0.99
CA SER E 107 94.88 57.22 1.67
C SER E 107 95.94 57.85 2.56
N ARG E 108 96.09 57.31 3.77
CA ARG E 108 97.05 57.76 4.79
C ARG E 108 97.76 59.08 4.47
N GLY E 109 98.58 59.09 3.42
CA GLY E 109 99.28 60.29 3.00
C GLY E 109 98.65 60.90 1.75
N GLU E 110 98.57 60.09 0.69
CA GLU E 110 97.98 60.53 -0.59
C GLU E 110 98.15 59.46 -1.68
N LYS E 111 97.29 59.56 -2.70
CA LYS E 111 97.29 58.65 -3.86
C LYS E 111 96.19 59.14 -4.81
N VAL E 112 94.97 58.65 -4.57
CA VAL E 112 93.75 58.99 -5.32
C VAL E 112 93.26 58.03 -6.42
N PRO E 113 94.10 57.06 -6.85
CA PRO E 113 93.65 56.15 -7.91
C PRO E 113 92.50 55.24 -7.50
N PHE E 114 91.28 55.76 -7.62
CA PHE E 114 90.07 55.03 -7.27
C PHE E 114 90.02 53.59 -7.78
N ALA E 115 90.15 53.43 -9.08
CA ALA E 115 90.11 52.10 -9.70
C ALA E 115 91.01 51.08 -9.03
N SER E 116 91.94 51.55 -8.21
CA SER E 116 92.85 50.65 -7.51
C SER E 116 92.53 50.51 -6.03
N ARG E 117 91.25 50.61 -5.66
CA ARG E 117 90.86 50.50 -4.25
C ARG E 117 89.84 49.41 -3.97
N PHE E 118 89.80 49.01 -2.69
CA PHE E 118 88.90 47.96 -2.19
C PHE E 118 88.07 48.44 -0.99
N VAL E 119 88.62 49.40 -0.26
CA VAL E 119 87.95 49.94 0.92
C VAL E 119 87.48 51.37 0.69
N PHE E 120 86.21 51.64 0.99
CA PHE E 120 85.70 53.00 0.85
C PHE E 120 84.53 53.30 1.77
N GLU E 121 84.54 54.54 2.26
CA GLU E 121 83.55 55.05 3.18
C GLU E 121 82.66 56.07 2.48
N LYS E 122 81.38 55.77 2.35
CA LYS E 122 80.45 56.71 1.72
C LYS E 122 80.28 57.84 2.74
N LYS E 123 81.33 58.65 2.83
CA LYS E 123 81.45 59.76 3.77
C LYS E 123 80.26 60.62 4.22
N ARG E 124 79.18 60.72 3.48
CA ARG E 124 78.25 61.83 3.84
C ARG E 124 77.15 61.98 4.95
N GLU E 125 76.27 60.98 5.17
CA GLU E 125 75.27 61.05 6.23
C GLU E 125 75.53 59.86 7.13
N THR E 126 74.89 58.75 6.78
CA THR E 126 75.02 57.45 7.44
C THR E 126 76.27 56.72 6.88
N PRO E 127 77.40 56.83 7.60
CA PRO E 127 78.65 56.18 7.18
C PRO E 127 78.47 54.77 6.64
N LYS E 128 78.78 54.62 5.36
CA LYS E 128 78.68 53.35 4.66
C LYS E 128 80.07 52.81 4.33
N LEU E 129 80.48 51.76 5.03
CA LEU E 129 81.78 51.18 4.79
C LEU E 129 81.60 50.01 3.86
N ILE E 130 82.22 50.09 2.68
CA ILE E 130 82.12 48.99 1.71
C ILE E 130 83.50 48.45 1.37
N ILE E 131 83.64 47.12 1.47
CA ILE E 131 84.92 46.45 1.21
C ILE E 131 84.74 45.10 0.52
N ASN E 132 85.84 44.58 -0.03
CA ASN E 132 85.81 43.31 -0.73
C ASN E 132 87.19 42.66 -0.73
N ILE E 133 87.25 41.44 -1.26
CA ILE E 133 88.50 40.67 -1.35
C ILE E 133 88.47 39.72 -2.55
N LYS E 134 89.65 39.38 -3.06
CA LYS E 134 89.72 38.49 -4.22
C LYS E 134 90.37 37.15 -3.90
N ASP E 135 91.69 37.14 -3.86
CA ASP E 135 92.42 35.93 -3.56
C ASP E 135 93.37 35.89 -2.31
N TYR E 136 92.86 35.32 -1.21
CA TYR E 136 93.60 34.90 0.05
C TYR E 136 94.64 35.52 1.01
N ALA E 137 95.40 36.55 0.67
CA ALA E 137 96.40 37.06 1.64
C ALA E 137 95.99 38.49 2.07
N ILE E 138 96.37 38.92 3.27
CA ILE E 138 96.06 40.27 3.80
C ILE E 138 97.16 40.57 4.81
N ASN E 139 97.75 39.51 5.36
CA ASN E 139 98.81 39.63 6.36
C ASN E 139 100.14 40.09 5.76
N SER E 140 101.11 39.17 5.69
CA SER E 140 102.46 39.44 5.16
C SER E 140 102.82 40.92 5.29
N GLU E 141 102.31 41.74 4.36
CA GLU E 141 102.54 43.17 4.38
C GLU E 141 101.19 43.81 4.66
N GLN E 142 100.84 43.87 5.94
CA GLN E 142 99.57 44.43 6.39
C GLN E 142 99.42 45.89 5.98
N SER E 143 100.37 46.37 5.18
CA SER E 143 100.34 47.74 4.70
C SER E 143 99.07 47.93 3.86
N LYS E 144 98.26 46.87 3.82
CA LYS E 144 97.00 46.87 3.07
C LYS E 144 95.79 46.90 4.03
N GLU E 145 95.84 46.09 5.07
CA GLU E 145 94.75 46.04 6.03
C GLU E 145 94.74 47.28 6.92
N VAL E 146 95.75 48.13 6.80
CA VAL E 146 95.84 49.34 7.61
C VAL E 146 94.95 50.47 7.09
N TYR E 147 94.40 50.29 5.90
CA TYR E 147 93.51 51.31 5.33
C TYR E 147 92.08 50.96 5.66
N TYR E 148 91.80 49.67 5.79
CA TYR E 148 90.48 49.25 6.14
C TYR E 148 90.29 49.69 7.58
N GLU E 149 91.35 50.26 8.15
CA GLU E 149 91.35 50.74 9.53
C GLU E 149 91.07 52.25 9.53
N ILE E 150 91.94 52.99 8.87
CA ILE E 150 91.73 54.43 8.79
C ILE E 150 90.47 54.59 7.95
N GLY E 151 90.48 53.99 6.75
CA GLY E 151 89.33 54.07 5.86
C GLY E 151 88.07 53.94 6.69
N LYS E 152 88.21 53.23 7.81
CA LYS E 152 87.11 53.05 8.74
C LYS E 152 87.20 54.28 9.59
N GLY E 153 88.30 54.40 10.32
CA GLY E 153 88.50 55.55 11.18
C GLY E 153 87.81 56.82 10.73
N ILE E 154 87.88 57.13 9.43
CA ILE E 154 87.23 58.33 8.91
C ILE E 154 85.73 58.25 9.08
N SER E 155 85.29 57.25 9.83
CA SER E 155 83.88 57.09 10.12
C SER E 155 83.68 57.81 11.43
N LEU E 156 84.09 57.16 12.49
CA LEU E 156 83.96 57.71 13.81
C LEU E 156 84.75 59.01 13.99
N ASP E 157 85.97 59.05 13.46
CA ASP E 157 86.83 60.22 13.59
C ASP E 157 86.11 61.58 13.70
N ILE E 158 85.75 62.17 12.56
CA ILE E 158 85.07 63.47 12.51
C ILE E 158 83.93 63.63 13.52
N ILE E 159 83.40 62.53 14.03
CA ILE E 159 82.30 62.59 14.99
C ILE E 159 82.76 61.95 16.29
N SER E 160 84.04 61.64 16.36
CA SER E 160 84.59 61.04 17.55
C SER E 160 84.87 62.13 18.55
N LYS E 161 85.60 61.77 19.61
CA LYS E 161 85.96 62.70 20.66
C LYS E 161 86.69 63.90 20.06
N ASP E 162 87.03 63.81 18.77
CA ASP E 162 87.74 64.90 18.13
C ASP E 162 86.84 66.00 17.57
N LYS E 163 85.53 65.91 17.71
CA LYS E 163 84.68 66.99 17.18
C LYS E 163 83.18 67.04 17.56
N SER E 164 82.49 65.89 17.62
CA SER E 164 81.04 65.92 17.97
C SER E 164 80.83 66.76 19.25
N LEU E 165 81.28 66.25 20.40
CA LEU E 165 81.27 67.06 21.65
C LEU E 165 82.34 67.97 21.16
N ASP E 166 82.99 68.89 21.83
CA ASP E 166 83.75 69.49 20.73
C ASP E 166 85.21 69.05 20.82
N PRO E 167 86.14 69.65 19.98
CA PRO E 167 87.49 69.13 20.17
C PRO E 167 87.92 69.22 21.64
N GLU E 168 87.03 68.71 22.50
CA GLU E 168 87.24 68.65 23.94
C GLU E 168 88.69 68.68 24.35
N PHE E 169 88.98 69.52 25.33
CA PHE E 169 90.32 69.68 25.87
C PHE E 169 91.08 68.36 25.98
N LEU E 170 90.37 67.24 26.08
CA LEU E 170 91.02 65.94 26.17
C LEU E 170 91.87 65.75 24.92
N ASN E 171 91.34 66.14 23.77
CA ASN E 171 92.06 66.02 22.52
C ASN E 171 92.72 67.36 22.15
N LEU E 172 92.17 68.44 22.67
CA LEU E 172 92.69 69.78 22.42
C LEU E 172 94.09 69.87 23.02
N ILE E 173 94.31 69.06 24.07
CA ILE E 173 95.59 68.98 24.80
C ILE E 173 96.40 67.76 24.32
N LYS E 174 95.74 66.87 23.59
CA LYS E 174 96.39 65.67 23.04
C LYS E 174 97.05 66.04 21.71
N SER E 175 96.57 67.13 21.14
CA SER E 175 97.10 67.63 19.88
C SER E 175 98.30 68.52 20.17
N LEU E 176 98.45 68.86 21.45
CA LEU E 176 99.56 69.69 21.90
C LEU E 176 100.79 68.84 22.16
N SER E 177 100.62 67.52 22.12
CA SER E 177 101.73 66.60 22.30
C SER E 177 102.52 66.70 21.01
N ASP E 178 102.48 67.90 20.44
CA ASP E 178 103.16 68.24 19.21
C ASP E 178 104.62 68.45 19.61
N ASP E 179 104.83 69.29 20.61
CA ASP E 179 106.17 69.57 21.07
C ASP E 179 106.21 70.40 22.36
N SER E 180 105.40 70.01 23.34
CA SER E 180 105.37 70.75 24.62
C SER E 180 105.36 69.88 25.88
N ASP E 181 104.55 68.81 25.90
CA ASP E 181 104.45 67.93 27.06
C ASP E 181 105.75 67.19 27.40
N SER E 182 105.99 66.08 26.70
CA SER E 182 107.18 65.24 26.93
C SER E 182 108.27 65.46 25.86
N SER E 183 109.49 64.98 26.16
CA SER E 183 110.63 65.12 25.24
C SER E 183 110.44 64.36 23.94
N ASP E 184 109.21 63.96 23.67
CA ASP E 184 108.89 63.23 22.44
C ASP E 184 108.19 64.11 21.42
N LEU E 185 108.99 64.96 20.78
CA LEU E 185 108.53 65.87 19.73
C LEU E 185 108.57 65.05 18.43
N LEU E 186 107.97 63.87 18.50
CA LEU E 186 107.92 62.94 17.39
C LEU E 186 106.49 62.67 16.91
N PHE E 187 106.24 63.01 15.65
CA PHE E 187 104.95 62.81 15.01
C PHE E 187 105.14 62.85 13.49
N SER E 188 106.27 62.30 13.05
CA SER E 188 106.63 62.21 11.63
C SER E 188 105.86 61.04 11.00
N GLN E 189 104.60 60.89 11.42
CA GLN E 189 103.72 59.83 10.94
C GLN E 189 102.26 60.28 10.82
N LYS E 190 102.01 61.56 11.08
CA LYS E 190 100.67 62.12 10.98
C LYS E 190 100.71 63.63 10.76
N PHE E 191 101.84 64.24 11.07
CA PHE E 191 102.01 65.67 10.91
C PHE E 191 103.25 66.06 10.09
N LYS E 192 103.19 65.76 8.79
CA LYS E 192 104.31 66.05 7.89
C LYS E 192 104.15 67.36 7.14
N GLU E 193 103.04 67.48 6.42
CA GLU E 193 102.78 68.67 5.63
C GLU E 193 101.90 69.69 6.34
N LYS E 194 100.75 69.22 6.83
CA LYS E 194 99.79 70.08 7.52
C LYS E 194 100.18 70.40 8.97
N LEU E 195 101.34 69.95 9.42
CA LEU E 195 101.82 70.23 10.78
C LEU E 195 103.33 70.08 10.99
N GLU E 196 104.10 70.55 10.02
CA GLU E 196 105.55 70.55 10.14
C GLU E 196 105.69 71.97 10.72
N LEU E 197 104.52 72.48 11.13
CA LEU E 197 104.36 73.79 11.71
C LEU E 197 104.61 73.67 13.21
N ASN E 198 105.87 73.42 13.57
CA ASN E 198 106.30 73.28 14.95
C ASN E 198 106.32 74.67 15.59
N ASN E 199 106.64 75.65 14.76
CA ASN E 199 106.71 77.05 15.18
C ASN E 199 105.32 77.68 15.20
N LYS E 200 104.42 77.03 15.92
CA LYS E 200 103.04 77.50 16.06
C LYS E 200 102.36 76.72 17.20
N SER E 201 102.30 77.34 18.38
CA SER E 201 101.69 76.74 19.56
C SER E 201 100.25 76.36 19.22
N ILE E 202 100.02 75.06 19.08
CA ILE E 202 98.72 74.54 18.70
C ILE E 202 97.68 74.35 19.81
N ASP E 203 96.81 75.36 19.98
CA ASP E 203 95.75 75.31 20.98
C ASP E 203 94.47 75.76 20.25
N ILE E 204 93.76 76.74 20.81
CA ILE E 204 92.53 77.24 20.17
C ILE E 204 92.93 78.38 19.23
N ASN E 205 94.18 78.37 18.78
CA ASN E 205 94.68 79.42 17.89
C ASN E 205 94.81 79.02 16.41
N PHE E 206 94.13 77.96 16.00
CA PHE E 206 94.14 77.51 14.60
C PHE E 206 93.66 76.07 14.37
N ILE E 207 93.39 75.33 15.44
CA ILE E 207 92.94 73.92 15.34
C ILE E 207 91.59 73.77 14.63
N LYS E 208 90.75 74.79 14.77
CA LYS E 208 89.44 74.79 14.13
C LYS E 208 89.65 74.68 12.61
N GLU E 209 90.69 75.36 12.13
CA GLU E 209 91.05 75.38 10.72
C GLU E 209 91.05 73.99 10.05
N ASN E 210 92.11 73.23 10.27
CA ASN E 210 92.24 71.90 9.65
C ASN E 210 91.75 70.73 10.48
N LEU E 211 90.45 70.73 10.78
CA LEU E 211 89.82 69.67 11.56
C LEU E 211 90.12 68.34 10.89
N THR E 212 89.99 68.30 9.56
CA THR E 212 90.23 67.08 8.80
C THR E 212 91.66 66.59 8.98
N GLU E 213 92.60 67.50 9.18
CA GLU E 213 93.99 67.10 9.37
C GLU E 213 94.12 66.28 10.64
N PHE E 214 93.50 66.77 11.71
CA PHE E 214 93.55 66.08 12.98
C PHE E 214 92.65 64.85 12.94
N GLN E 215 92.13 64.56 11.75
CA GLN E 215 91.29 63.39 11.54
C GLN E 215 92.24 62.33 10.99
N HIS E 216 93.01 62.69 9.97
CA HIS E 216 93.99 61.79 9.37
C HIS E 216 94.86 61.35 10.53
N ALA E 217 94.73 62.08 11.63
CA ALA E 217 95.47 61.82 12.83
C ALA E 217 94.71 60.85 13.74
N PHE E 218 93.40 61.03 13.85
CA PHE E 218 92.62 60.13 14.69
C PHE E 218 92.43 58.81 13.96
N SER E 219 92.72 58.83 12.67
CA SER E 219 92.57 57.65 11.84
C SER E 219 93.83 56.79 11.82
N LEU E 220 94.90 57.33 11.27
CA LEU E 220 96.15 56.61 11.19
C LEU E 220 96.70 56.26 12.58
N ALA E 221 95.97 56.70 13.60
CA ALA E 221 96.33 56.42 14.99
C ALA E 221 95.47 55.22 15.37
N PHE E 222 94.21 55.27 14.95
CA PHE E 222 93.27 54.21 15.20
C PHE E 222 93.82 52.96 14.50
N SER E 223 94.26 53.17 13.25
CA SER E 223 94.79 52.12 12.37
C SER E 223 96.02 51.40 12.89
N TYR E 224 96.83 52.12 13.65
CA TYR E 224 98.04 51.54 14.21
C TYR E 224 97.71 50.74 15.46
N TYR E 225 97.04 51.35 16.43
CA TYR E 225 96.71 50.67 17.66
C TYR E 225 95.96 49.38 17.37
N PHE E 226 95.03 49.45 16.43
CA PHE E 226 94.23 48.28 16.06
C PHE E 226 94.77 47.48 14.89
N ALA E 227 95.79 48.00 14.21
CA ALA E 227 96.39 47.28 13.09
C ALA E 227 96.77 45.92 13.64
N PRO E 228 96.73 44.88 12.80
CA PRO E 228 97.06 43.51 13.17
C PRO E 228 98.56 43.22 13.36
N ASP E 229 99.39 44.22 13.05
CA ASP E 229 100.84 44.09 13.18
C ASP E 229 101.53 45.21 13.96
N HIS E 230 101.47 46.43 13.45
CA HIS E 230 102.13 47.55 14.11
C HIS E 230 101.30 48.22 15.19
N ARG E 231 101.30 47.64 16.38
CA ARG E 231 100.54 48.19 17.50
C ARG E 231 101.39 49.07 18.41
N THR E 232 102.68 48.74 18.49
CA THR E 232 103.63 49.47 19.31
C THR E 232 104.28 50.67 18.60
N VAL E 233 104.11 50.73 17.28
CA VAL E 233 104.65 51.84 16.50
C VAL E 233 103.85 53.09 16.90
N LEU E 234 102.73 52.87 17.58
CA LEU E 234 101.88 53.95 18.08
C LEU E 234 102.14 54.06 19.58
N GLU E 235 103.00 53.17 20.11
CA GLU E 235 103.36 53.16 21.52
C GLU E 235 104.80 53.66 21.69
N LEU E 236 105.52 53.76 20.57
CA LEU E 236 106.91 54.23 20.52
C LEU E 236 106.98 55.60 19.83
N TYR E 237 106.63 55.63 18.54
CA TYR E 237 106.65 56.86 17.75
C TYR E 237 105.55 57.83 18.20
N ALA E 238 104.76 57.43 19.19
CA ALA E 238 103.70 58.26 19.73
C ALA E 238 103.86 58.20 21.24
N PRO E 239 103.68 59.33 21.92
CA PRO E 239 103.83 59.35 23.38
C PRO E 239 102.54 59.07 24.14
N ASP E 240 101.48 59.77 23.73
CA ASP E 240 100.17 59.65 24.37
C ASP E 240 99.12 58.99 23.48
N MET E 241 99.00 59.43 22.23
CA MET E 241 97.98 58.86 21.34
C MET E 241 97.78 57.35 21.52
N PHE E 242 98.79 56.66 22.04
CA PHE E 242 98.66 55.23 22.31
C PHE E 242 97.75 55.17 23.53
N GLU E 243 98.20 55.83 24.59
CA GLU E 243 97.48 55.92 25.85
C GLU E 243 96.08 56.47 25.60
N TYR E 244 95.90 57.11 24.46
CA TYR E 244 94.62 57.68 24.09
C TYR E 244 93.75 56.58 23.53
N MET E 245 94.15 56.07 22.36
CA MET E 245 93.41 55.00 21.71
C MET E 245 93.18 53.91 22.75
N ASN E 246 94.07 53.85 23.74
CA ASN E 246 93.99 52.87 24.81
C ASN E 246 92.83 53.23 25.71
N LYS E 247 92.85 54.43 26.26
CA LYS E 247 91.75 54.85 27.12
C LYS E 247 90.50 54.63 26.27
N LEU E 248 90.65 54.83 24.95
CA LEU E 248 89.55 54.63 24.02
C LEU E 248 89.01 53.22 24.20
N GLU E 249 89.87 52.22 24.00
CA GLU E 249 89.40 50.86 24.18
C GLU E 249 89.08 50.66 25.66
N LYS E 250 89.79 51.38 26.53
CA LYS E 250 89.55 51.28 27.97
C LYS E 250 88.06 51.50 28.23
N GLY E 251 87.52 52.52 27.55
CA GLY E 251 86.11 52.86 27.68
C GLY E 251 85.62 53.95 26.72
N GLY E 252 86.55 54.76 26.20
CA GLY E 252 86.21 55.83 25.28
C GLY E 252 85.11 55.52 24.26
N PHE E 253 85.20 54.33 23.69
CA PHE E 253 84.25 53.87 22.69
C PHE E 253 82.88 53.51 23.27
N GLU E 254 82.84 53.14 24.55
CA GLU E 254 81.59 52.79 25.19
C GLU E 254 80.92 54.10 25.61
N LYS E 255 81.71 55.17 25.63
CA LYS E 255 81.25 56.51 26.00
C LYS E 255 80.27 57.03 24.98
N ILE E 256 80.81 57.39 23.82
CA ILE E 256 80.02 57.91 22.72
C ILE E 256 79.04 56.83 22.24
N SER E 257 79.23 55.62 22.74
CA SER E 257 78.34 54.52 22.40
C SER E 257 77.14 54.62 23.31
N GLU E 258 77.15 55.63 24.16
CA GLU E 258 76.07 55.87 25.11
C GLU E 258 75.50 57.29 25.02
N SER E 259 76.28 58.22 24.51
CA SER E 259 75.79 59.59 24.34
C SER E 259 75.12 59.65 22.98
N LEU E 260 75.41 58.63 22.15
CA LEU E 260 74.81 58.53 20.83
C LEU E 260 73.59 57.64 21.00
N LYS E 261 73.69 56.70 21.93
CA LYS E 261 72.58 55.78 22.23
C LYS E 261 71.48 56.56 22.95
N LYS E 262 71.87 57.35 23.94
CA LYS E 262 70.90 58.17 24.67
C LYS E 262 70.29 59.15 23.68
N GLU E 263 71.14 59.90 22.98
CA GLU E 263 70.63 60.85 22.01
C GLU E 263 69.83 60.04 21.00
N GLY E 264 70.11 58.73 20.96
CA GLY E 264 69.40 57.86 20.05
C GLY E 264 67.90 58.02 20.26
N VAL E 265 67.45 57.95 21.51
CA VAL E 265 66.03 58.10 21.82
C VAL E 265 65.62 59.56 21.83
N GLU E 266 66.16 60.31 22.79
CA GLU E 266 65.85 61.72 22.92
C GLU E 266 65.81 62.50 21.60
N LYS E 267 66.58 62.05 20.61
CA LYS E 267 66.60 62.72 19.30
C LYS E 267 65.25 62.57 18.64
N ASP E 268 65.09 61.51 17.86
CA ASP E 268 63.84 61.23 17.18
C ASP E 268 62.89 60.69 18.24
N ARG E 269 62.08 61.60 18.80
CA ARG E 269 61.08 61.28 19.80
C ARG E 269 59.81 61.98 19.36
N ILE E 270 58.97 62.38 20.32
CA ILE E 270 57.73 63.05 20.01
C ILE E 270 57.68 64.42 20.68
N ASP E 271 57.78 65.47 19.87
CA ASP E 271 57.76 66.85 20.35
C ASP E 271 56.77 66.95 21.50
N VAL E 272 57.14 67.66 22.57
CA VAL E 272 56.24 67.77 23.72
C VAL E 272 56.37 69.01 24.61
N LEU E 273 57.40 69.82 24.38
CA LEU E 273 57.64 71.01 25.21
C LEU E 273 57.35 70.73 26.69
N LYS E 274 58.24 69.97 27.34
CA LYS E 274 58.09 69.63 28.75
C LYS E 274 58.42 70.84 29.64
N GLY E 275 58.74 70.60 30.92
CA GLY E 275 59.06 71.69 31.84
C GLY E 275 57.99 72.78 31.96
N GLU E 276 58.28 73.87 32.66
CA GLU E 276 57.29 74.94 32.80
C GLU E 276 56.98 75.62 31.47
N LYS E 277 57.50 75.08 30.37
CA LYS E 277 57.23 75.68 29.06
C LYS E 277 55.78 75.39 28.66
N ALA E 278 55.29 74.23 29.07
CA ALA E 278 53.93 73.80 28.76
C ALA E 278 52.99 74.15 29.93
N LEU E 279 53.48 73.89 31.14
CA LEU E 279 52.74 74.19 32.34
C LEU E 279 52.18 75.62 32.23
N LYS E 280 52.61 76.31 31.19
CA LYS E 280 52.19 77.69 30.93
C LYS E 280 50.90 77.77 30.12
N ALA E 281 50.70 76.82 29.20
CA ALA E 281 49.50 76.80 28.39
C ALA E 281 48.60 75.71 28.93
N SER E 282 49.04 75.10 30.03
CA SER E 282 48.29 74.05 30.67
C SER E 282 47.16 74.68 31.46
N GLY E 283 47.30 75.97 31.73
CA GLY E 283 46.26 76.67 32.48
C GLY E 283 46.23 76.26 33.93
N LEU E 284 46.61 75.01 34.20
CA LEU E 284 46.61 74.56 35.57
C LEU E 284 47.32 75.60 36.43
N VAL E 285 47.21 75.47 37.74
CA VAL E 285 47.87 76.41 38.62
C VAL E 285 49.17 75.76 39.08
N PRO E 286 50.31 76.40 38.74
CA PRO E 286 51.66 75.95 39.08
C PRO E 286 51.79 75.36 40.49
N GLU E 287 51.41 76.10 41.52
CA GLU E 287 51.51 75.57 42.88
C GLU E 287 50.74 74.23 43.00
N HIS E 288 49.72 74.08 42.15
CA HIS E 288 48.87 72.89 42.09
C HIS E 288 49.52 71.79 41.29
N ALA E 289 49.77 72.06 40.02
CA ALA E 289 50.39 71.05 39.17
C ALA E 289 51.57 70.51 39.95
N ASP E 290 52.40 71.42 40.41
CA ASP E 290 53.57 71.04 41.17
C ASP E 290 53.12 70.18 42.35
N ALA E 291 51.92 70.44 42.84
CA ALA E 291 51.35 69.69 43.97
C ALA E 291 50.97 68.30 43.52
N PHE E 292 50.40 68.24 42.31
CA PHE E 292 49.96 67.00 41.67
C PHE E 292 51.17 66.12 41.38
N LYS E 293 52.29 66.79 41.09
CA LYS E 293 53.56 66.15 40.77
C LYS E 293 53.96 65.11 41.82
N LYS E 294 53.40 65.24 43.01
CA LYS E 294 53.72 64.33 44.11
C LYS E 294 52.91 63.03 44.11
N ILE E 295 51.66 63.10 43.68
CA ILE E 295 50.80 61.91 43.68
C ILE E 295 51.15 60.92 42.57
N ALA E 296 51.31 61.43 41.35
CA ALA E 296 51.68 60.56 40.23
C ALA E 296 52.75 59.63 40.78
N ARG E 297 53.88 60.20 41.16
CA ARG E 297 55.00 59.45 41.70
C ARG E 297 54.60 58.46 42.78
N GLU E 298 53.79 58.90 43.74
CA GLU E 298 53.37 58.03 44.83
C GLU E 298 52.62 56.77 44.43
N LEU E 299 51.57 56.98 43.63
CA LEU E 299 50.70 55.89 43.14
C LEU E 299 51.16 55.34 41.79
N ASN E 300 52.03 56.11 41.14
CA ASN E 300 52.58 55.73 39.85
C ASN E 300 51.51 55.63 38.81
N THR E 301 51.03 56.77 38.33
CA THR E 301 50.00 56.77 37.32
C THR E 301 49.96 58.08 36.58
N TYR E 302 49.94 58.03 35.26
CA TYR E 302 49.87 59.25 34.49
C TYR E 302 48.63 60.01 34.91
N ILE E 303 48.56 61.28 34.56
CA ILE E 303 47.43 62.12 34.89
C ILE E 303 47.32 63.06 33.73
N LEU E 304 46.23 63.04 33.00
CA LEU E 304 46.16 63.94 31.88
C LEU E 304 44.96 64.86 32.08
N PHE E 305 45.12 66.13 31.76
CA PHE E 305 44.04 67.12 31.93
C PHE E 305 43.77 67.83 30.63
N ARG E 306 42.55 68.32 30.46
CA ARG E 306 42.24 69.07 29.25
C ARG E 306 42.80 70.48 29.47
N PRO E 307 42.34 71.47 28.70
CA PRO E 307 42.95 72.77 28.99
C PRO E 307 42.13 73.64 29.93
N VAL E 308 42.78 74.10 30.99
CA VAL E 308 42.17 74.96 32.00
C VAL E 308 42.31 76.40 31.50
N ASN E 309 41.19 77.00 31.07
CA ASN E 309 41.25 78.36 30.55
C ASN E 309 42.13 79.31 31.40
N LYS E 310 43.02 80.04 30.74
CA LYS E 310 43.92 80.99 31.41
C LYS E 310 43.14 81.98 32.27
N LEU E 311 42.10 82.59 31.70
CA LEU E 311 41.30 83.55 32.43
C LEU E 311 40.60 82.88 33.61
N ALA E 312 41.21 81.83 34.15
CA ALA E 312 40.65 81.13 35.29
C ALA E 312 41.78 80.57 36.12
N THR E 313 42.96 80.52 35.51
CA THR E 313 44.16 80.00 36.15
C THR E 313 44.33 80.60 37.53
N ASN E 314 44.38 81.93 37.54
CA ASN E 314 44.57 82.70 38.76
C ASN E 314 43.33 82.78 39.66
N LEU E 315 42.13 82.72 39.08
CA LEU E 315 40.88 82.75 39.87
C LEU E 315 40.91 81.53 40.75
N ILE E 316 41.51 80.47 40.19
CA ILE E 316 41.64 79.22 40.90
C ILE E 316 42.63 79.43 42.04
N LYS E 317 43.82 79.98 41.74
CA LYS E 317 44.82 80.20 42.79
C LYS E 317 44.24 81.15 43.83
N SER E 318 43.41 82.08 43.37
CA SER E 318 42.74 83.06 44.23
C SER E 318 42.02 82.35 45.36
N GLY E 319 41.03 81.54 44.99
CA GLY E 319 40.28 80.82 46.01
C GLY E 319 38.88 80.54 45.52
N VAL E 320 38.67 80.80 44.23
CA VAL E 320 37.37 80.59 43.59
C VAL E 320 37.07 79.13 43.35
N ALA E 321 36.02 78.65 44.00
CA ALA E 321 35.66 77.27 43.82
C ALA E 321 35.37 77.02 42.33
N THR E 322 35.46 75.73 41.96
CA THR E 322 35.28 75.23 40.59
C THR E 322 33.87 74.80 40.16
N LYS E 323 33.62 74.82 38.84
CA LYS E 323 32.33 74.43 38.26
C LYS E 323 32.13 72.94 38.15
N GLY E 324 31.38 72.39 39.10
CA GLY E 324 31.12 70.97 39.10
C GLY E 324 30.25 70.55 37.93
N LEU E 325 29.34 69.61 38.22
CA LEU E 325 28.44 69.08 37.22
C LEU E 325 27.13 69.82 37.23
N ASN E 326 26.70 70.17 38.43
CA ASN E 326 25.46 70.88 38.59
C ASN E 326 25.28 72.11 37.67
N VAL E 327 26.36 72.77 37.26
CA VAL E 327 26.20 73.95 36.38
C VAL E 327 26.61 73.77 34.95
N HIS E 328 25.67 74.08 34.05
CA HIS E 328 25.86 73.99 32.59
C HIS E 328 25.87 75.42 32.03
N GLY E 329 26.61 76.29 32.71
CA GLY E 329 26.71 77.67 32.29
C GLY E 329 27.92 77.85 31.41
N LYS E 330 27.88 78.92 30.63
CA LYS E 330 28.97 79.22 29.72
C LYS E 330 29.95 80.21 30.30
N SER E 331 31.23 79.89 30.23
CA SER E 331 32.26 80.79 30.75
C SER E 331 32.17 82.08 29.95
N SER E 332 33.16 82.95 30.11
CA SER E 332 33.16 84.20 29.37
C SER E 332 34.61 84.61 29.21
N ASP E 333 34.88 85.44 28.21
CA ASP E 333 36.25 85.89 27.95
C ASP E 333 36.40 87.37 27.58
N TRP E 334 35.85 88.25 28.42
CA TRP E 334 35.92 89.70 28.24
C TRP E 334 35.13 90.42 29.34
N GLY E 335 35.70 91.51 29.86
CA GLY E 335 35.03 92.27 30.90
C GLY E 335 35.38 91.75 32.28
N PRO E 336 34.86 92.36 33.35
CA PRO E 336 35.16 91.92 34.71
C PRO E 336 34.77 90.46 34.88
N VAL E 337 33.57 90.15 34.41
CA VAL E 337 33.01 88.82 34.46
C VAL E 337 33.96 87.70 34.00
N ALA E 338 34.83 88.01 33.04
CA ALA E 338 35.78 87.03 32.50
C ALA E 338 36.19 85.95 33.47
N GLY E 339 36.11 84.70 33.02
CA GLY E 339 36.50 83.59 33.88
C GLY E 339 35.43 83.18 34.88
N TYR E 340 34.36 83.94 34.93
CA TYR E 340 33.25 83.65 35.84
C TYR E 340 32.08 83.20 34.97
N ILE E 341 31.10 82.52 35.56
CA ILE E 341 29.95 82.04 34.81
C ILE E 341 28.78 82.98 35.06
N PRO E 342 28.81 84.15 34.42
CA PRO E 342 27.74 85.13 34.61
C PRO E 342 26.36 84.51 34.67
N PHE E 343 25.51 84.99 35.56
CA PHE E 343 24.17 84.43 35.59
C PHE E 343 23.54 84.99 34.33
N ASP E 344 24.17 86.04 33.81
CA ASP E 344 23.69 86.64 32.58
C ASP E 344 24.50 85.94 31.49
N GLN E 345 23.81 85.27 30.56
CA GLN E 345 24.51 84.54 29.51
C GLN E 345 24.98 85.41 28.35
N ASP E 346 24.33 86.55 28.14
CA ASP E 346 24.76 87.46 27.09
C ASP E 346 25.96 88.26 27.63
N LEU E 347 26.69 87.64 28.56
CA LEU E 347 27.86 88.22 29.21
C LEU E 347 28.95 87.15 29.26
N SER E 348 28.76 86.11 28.44
CA SER E 348 29.68 84.99 28.33
C SER E 348 29.90 84.83 26.83
N LYS E 349 31.00 84.19 26.44
CA LYS E 349 31.36 84.00 25.02
C LYS E 349 30.19 84.26 24.10
N LYS E 350 29.17 83.41 24.17
CA LYS E 350 27.98 83.53 23.32
C LYS E 350 27.28 84.89 23.43
N HIS E 351 27.96 85.94 22.97
CA HIS E 351 27.37 87.28 23.00
C HIS E 351 26.68 87.52 21.66
N GLY E 352 25.36 87.36 21.64
CA GLY E 352 24.60 87.55 20.42
C GLY E 352 23.66 86.39 20.10
N GLN E 353 24.14 85.16 20.25
CA GLN E 353 23.33 83.98 19.96
C GLN E 353 22.02 84.03 20.71
N GLN E 354 21.07 84.77 20.17
CA GLN E 354 19.73 84.96 20.74
C GLN E 354 19.08 83.67 21.21
N LEU E 355 19.71 82.53 20.94
CA LEU E 355 19.12 81.27 21.37
C LEU E 355 19.97 80.52 22.41
N ALA E 356 21.23 80.28 22.12
CA ALA E 356 22.10 79.60 23.09
C ALA E 356 22.24 80.47 24.35
N VAL E 357 22.09 81.77 24.14
CA VAL E 357 22.17 82.74 25.22
C VAL E 357 20.80 82.74 25.86
N GLU E 358 19.77 82.54 25.05
CA GLU E 358 18.42 82.47 25.57
C GLU E 358 18.36 81.19 26.37
N LYS E 359 18.34 80.06 25.67
CA LYS E 359 18.28 78.75 26.31
C LYS E 359 19.51 78.56 27.19
N GLY E 360 20.35 79.59 27.23
CA GLY E 360 21.56 79.56 28.05
C GLY E 360 21.24 79.93 29.49
N ASN E 361 20.56 81.07 29.66
CA ASN E 361 20.17 81.52 30.98
C ASN E 361 19.33 80.39 31.54
N LEU E 362 18.33 80.00 30.76
CA LEU E 362 17.38 78.94 31.11
C LEU E 362 18.05 77.77 31.83
N GLU E 363 19.33 77.57 31.56
CA GLU E 363 20.09 76.48 32.16
C GLU E 363 20.53 76.79 33.60
N ASN E 364 20.93 78.03 33.85
CA ASN E 364 21.35 78.41 35.20
C ASN E 364 20.14 78.39 36.08
N LYS E 365 19.09 79.09 35.64
CA LYS E 365 17.85 79.16 36.41
C LYS E 365 17.51 77.80 37.02
N LYS E 366 17.55 76.75 36.21
CA LYS E 366 17.28 75.39 36.69
C LYS E 366 18.48 74.90 37.52
N SER E 367 19.69 75.23 37.05
CA SER E 367 20.89 74.85 37.75
C SER E 367 20.67 75.20 39.22
N ILE E 368 19.83 76.20 39.44
CA ILE E 368 19.50 76.67 40.78
C ILE E 368 18.19 76.09 41.28
N THR E 369 17.13 76.23 40.49
CA THR E 369 15.85 75.71 40.90
C THR E 369 15.94 74.24 41.27
N GLU E 370 16.82 73.51 40.59
CA GLU E 370 16.99 72.07 40.88
C GLU E 370 17.89 71.86 42.10
N HIS E 371 19.11 72.41 42.03
CA HIS E 371 20.09 72.29 43.11
C HIS E 371 20.23 73.60 43.88
N GLU E 372 19.25 73.94 44.71
CA GLU E 372 19.33 75.17 45.49
C GLU E 372 20.01 74.88 46.83
N GLY E 373 20.54 75.90 47.46
CA GLY E 373 21.22 75.67 48.73
C GLY E 373 22.67 75.32 48.44
N GLU E 374 22.92 74.86 47.21
CA GLU E 374 24.26 74.49 46.78
C GLU E 374 24.66 75.34 45.56
N ILE E 375 23.71 75.57 44.65
CA ILE E 375 23.96 76.37 43.46
C ILE E 375 23.12 77.65 43.45
N GLY E 376 23.76 78.79 43.22
CA GLY E 376 23.06 80.05 43.21
C GLY E 376 23.90 81.16 42.61
N LYS E 377 23.49 82.41 42.84
CA LYS E 377 24.20 83.58 42.31
C LYS E 377 24.61 84.62 43.34
N ILE E 378 25.87 85.04 43.29
CA ILE E 378 26.39 86.03 44.20
C ILE E 378 27.09 87.12 43.37
N PRO E 379 26.98 88.39 43.78
CA PRO E 379 27.59 89.51 43.05
C PRO E 379 29.09 89.53 42.87
N LEU E 380 29.46 89.89 41.66
CA LEU E 380 30.83 89.95 41.20
C LEU E 380 31.73 90.89 42.00
N LYS E 381 32.75 90.33 42.63
CA LYS E 381 33.68 91.14 43.43
C LYS E 381 35.12 90.89 43.00
N LEU E 382 35.63 91.68 42.07
CA LEU E 382 37.00 91.53 41.60
C LEU E 382 37.99 92.08 42.61
N ASP E 383 38.72 91.21 43.30
CA ASP E 383 39.69 91.70 44.28
C ASP E 383 40.81 92.52 43.66
N HIS E 384 41.91 92.67 44.41
CA HIS E 384 43.06 93.46 43.97
C HIS E 384 43.79 92.96 42.72
N LEU E 385 44.52 91.87 42.86
CA LEU E 385 45.27 91.30 41.75
C LEU E 385 44.42 91.22 40.50
N ARG E 386 43.40 90.36 40.55
CA ARG E 386 42.49 90.17 39.44
C ARG E 386 42.44 91.34 38.47
N ILE E 387 42.46 92.56 38.99
CA ILE E 387 42.43 93.75 38.15
C ILE E 387 43.75 93.93 37.41
N GLU E 388 44.84 94.16 38.15
CA GLU E 388 46.13 94.35 37.50
C GLU E 388 46.38 93.25 36.46
N GLU E 389 45.62 92.16 36.55
CA GLU E 389 45.76 91.04 35.63
C GLU E 389 44.90 91.21 34.37
N LEU E 390 43.63 91.58 34.55
CA LEU E 390 42.75 91.77 33.40
C LEU E 390 43.19 93.06 32.75
N LYS E 391 44.34 93.56 33.20
CA LYS E 391 44.93 94.81 32.72
C LYS E 391 45.91 94.55 31.59
N GLU E 392 47.08 93.99 31.91
CA GLU E 392 48.09 93.71 30.89
C GLU E 392 47.74 92.50 30.02
N ASN E 393 46.56 91.93 30.28
CA ASN E 393 46.07 90.79 29.50
C ASN E 393 45.24 91.41 28.41
N GLY E 394 44.71 92.61 28.69
CA GLY E 394 43.93 93.35 27.72
C GLY E 394 42.41 93.28 27.80
N ILE E 395 41.87 92.67 28.85
CA ILE E 395 40.42 92.55 28.97
C ILE E 395 39.72 93.81 29.49
N ILE E 396 40.44 94.61 30.30
CA ILE E 396 39.89 95.84 30.87
C ILE E 396 40.86 97.03 30.95
N LEU E 397 40.28 98.22 30.87
CA LEU E 397 41.01 99.49 30.95
C LEU E 397 40.44 100.33 32.10
N LYS E 398 41.21 100.43 33.19
CA LYS E 398 40.81 101.18 34.39
C LYS E 398 41.25 102.64 34.29
N GLY E 399 40.28 103.56 34.16
CA GLY E 399 40.59 104.99 34.03
C GLY E 399 39.72 105.97 34.80
N LYS E 400 39.01 106.83 34.07
CA LYS E 400 38.13 107.85 34.65
C LYS E 400 37.38 107.37 35.91
N LYS E 401 36.89 108.33 36.71
CA LYS E 401 36.15 108.02 37.94
C LYS E 401 34.81 108.74 37.96
N GLU E 402 34.00 108.49 38.98
CA GLU E 402 32.71 109.15 39.07
C GLU E 402 31.93 108.91 40.37
N ILE E 403 30.90 109.73 40.59
CA ILE E 403 30.05 109.67 41.78
C ILE E 403 28.57 109.41 41.51
N ASP E 404 27.96 108.61 42.38
CA ASP E 404 26.53 108.28 42.29
C ASP E 404 25.97 107.99 43.68
N ASN E 405 24.85 108.62 43.99
CA ASN E 405 24.17 108.46 45.27
C ASN E 405 25.08 108.65 46.50
N GLY E 406 26.39 108.67 46.30
CA GLY E 406 27.29 108.88 47.43
C GLY E 406 28.58 108.08 47.48
N LYS E 407 28.70 107.06 46.64
CA LYS E 407 29.90 106.23 46.65
C LYS E 407 30.82 106.49 45.45
N LYS E 408 32.02 105.91 45.51
CA LYS E 408 33.01 106.07 44.44
C LYS E 408 32.96 104.94 43.41
N TYR E 409 33.02 105.31 42.13
CA TYR E 409 33.02 104.37 41.05
C TYR E 409 34.10 104.72 40.06
N TYR E 410 35.15 103.91 40.05
CA TYR E 410 36.15 104.08 39.03
C TYR E 410 35.40 103.33 37.93
N LEU E 411 35.07 103.88 36.78
CA LEU E 411 34.32 102.92 36.00
C LEU E 411 35.27 101.97 35.19
N LEU E 412 34.80 100.81 34.70
CA LEU E 412 35.64 99.89 33.93
C LEU E 412 35.30 99.97 32.46
N GLU E 413 36.33 99.94 31.62
CA GLU E 413 36.16 100.04 30.19
C GLU E 413 36.39 98.71 29.46
N SER E 414 35.68 98.54 28.34
CA SER E 414 35.76 97.35 27.51
C SER E 414 34.98 97.61 26.23
N ASN E 415 35.66 97.49 25.09
CA ASN E 415 35.02 97.77 23.81
C ASN E 415 33.75 97.00 23.49
N ASN E 416 33.20 96.29 24.48
CA ASN E 416 31.94 95.62 24.22
C ASN E 416 31.06 96.81 23.88
N GLN E 417 30.24 96.69 22.84
CA GLN E 417 29.41 97.81 22.42
C GLN E 417 27.92 97.83 22.73
N VAL E 418 27.51 97.31 23.89
CA VAL E 418 26.09 97.35 24.27
C VAL E 418 26.05 97.30 25.78
N TYR E 419 27.22 97.10 26.37
CA TYR E 419 27.32 97.03 27.80
C TYR E 419 28.42 97.95 28.33
N GLU E 420 28.13 98.58 29.46
CA GLU E 420 29.06 99.46 30.14
C GLU E 420 29.20 98.86 31.52
N PHE E 421 30.40 98.92 32.08
CA PHE E 421 30.63 98.34 33.40
C PHE E 421 31.31 99.31 34.35
N ARG E 422 31.07 99.13 35.64
CA ARG E 422 31.67 99.99 36.66
C ARG E 422 31.81 99.22 37.97
N ILE E 423 32.89 99.48 38.72
CA ILE E 423 33.12 98.81 39.99
C ILE E 423 33.23 99.74 41.18
N SER E 424 32.56 99.38 42.27
CA SER E 424 32.54 100.15 43.51
C SER E 424 33.88 100.22 44.20
N ASP E 425 33.92 100.93 45.31
CA ASP E 425 35.14 101.09 46.09
C ASP E 425 34.98 100.49 47.48
N GLU E 426 33.91 100.87 48.17
CA GLU E 426 33.62 100.36 49.51
C GLU E 426 33.89 98.86 49.47
N ASN E 427 33.12 98.19 48.63
CA ASN E 427 33.22 96.76 48.40
C ASN E 427 33.26 96.65 46.87
N ASN E 428 34.46 96.40 46.36
CA ASN E 428 34.75 96.31 44.93
C ASN E 428 33.79 95.52 44.05
N GLU E 429 32.48 95.58 44.35
CA GLU E 429 31.50 94.88 43.55
C GLU E 429 31.61 95.40 42.12
N VAL E 430 30.74 94.95 41.23
CA VAL E 430 30.78 95.42 39.86
C VAL E 430 29.37 95.56 39.35
N GLN E 431 29.17 96.43 38.38
CA GLN E 431 27.84 96.66 37.85
C GLN E 431 27.92 97.04 36.37
N TYR E 432 26.79 96.89 35.68
CA TYR E 432 26.67 97.21 34.27
C TYR E 432 25.24 97.62 33.90
N LYS E 433 25.07 98.08 32.68
CA LYS E 433 23.76 98.49 32.20
C LYS E 433 23.79 98.57 30.68
N THR E 434 22.62 98.66 30.07
CA THR E 434 22.54 98.76 28.63
C THR E 434 22.94 100.17 28.22
N LYS E 435 24.05 100.30 27.50
CA LYS E 435 24.52 101.61 27.05
C LYS E 435 23.32 102.47 26.63
N GLU E 436 23.39 103.78 26.90
CA GLU E 436 22.28 104.68 26.59
C GLU E 436 21.74 104.67 25.16
N GLY E 437 22.41 103.98 24.25
CA GLY E 437 21.95 103.93 22.88
C GLY E 437 21.93 102.53 22.29
N LYS E 438 21.31 101.58 22.98
CA LYS E 438 21.23 100.19 22.50
C LYS E 438 20.29 99.30 23.33
N ILE E 439 20.14 98.04 22.94
CA ILE E 439 19.28 97.08 23.65
C ILE E 439 19.99 95.73 23.87
N THR E 440 19.31 94.82 24.55
CA THR E 440 19.84 93.49 24.82
C THR E 440 19.37 92.53 23.74
N VAL E 441 20.31 91.81 23.14
CA VAL E 441 20.03 90.84 22.07
C VAL E 441 18.71 90.10 22.27
N LEU E 442 18.41 89.72 23.51
CA LEU E 442 17.16 89.03 23.79
C LEU E 442 16.03 90.03 23.61
N GLY E 443 16.14 91.16 24.31
CA GLY E 443 15.13 92.19 24.19
C GLY E 443 14.96 92.97 25.49
N GLU E 444 16.07 93.15 26.21
CA GLU E 444 16.09 93.87 27.48
C GLU E 444 16.88 95.17 27.41
N LYS E 445 16.59 96.10 28.32
CA LYS E 445 17.31 97.38 28.41
C LYS E 445 17.29 97.88 29.84
N PHE E 446 18.31 97.50 30.62
CA PHE E 446 18.38 97.88 32.03
C PHE E 446 19.53 98.81 32.43
N ASN E 447 19.33 99.49 33.56
CA ASN E 447 20.31 100.42 34.07
C ASN E 447 20.99 99.87 35.32
N TRP E 448 22.30 100.07 35.38
CA TRP E 448 23.20 99.65 36.46
C TRP E 448 22.67 98.66 37.50
N ARG E 449 23.12 97.42 37.40
CA ARG E 449 22.72 96.39 38.33
C ARG E 449 23.99 95.65 38.74
N ASN E 450 23.99 95.09 39.94
CA ASN E 450 25.14 94.36 40.44
C ASN E 450 25.24 93.07 39.58
N ILE E 451 26.44 92.79 39.07
CA ILE E 451 26.69 91.60 38.24
C ILE E 451 26.79 90.32 39.06
N GLU E 452 25.84 89.42 38.86
CA GLU E 452 25.82 88.14 39.57
C GLU E 452 26.47 87.02 38.75
N VAL E 453 27.17 86.14 39.45
CA VAL E 453 27.83 85.03 38.83
C VAL E 453 27.24 83.79 39.48
N MET E 454 27.55 82.62 38.96
CA MET E 454 27.04 81.38 39.54
C MET E 454 28.05 80.99 40.58
N ALA E 455 27.56 80.43 41.68
CA ALA E 455 28.45 80.02 42.76
C ALA E 455 27.85 78.83 43.46
N LYS E 456 28.68 77.86 43.82
CA LYS E 456 28.14 76.71 44.48
C LYS E 456 28.29 76.89 45.96
N ASN E 457 27.95 75.86 46.72
CA ASN E 457 28.07 75.86 48.17
C ASN E 457 29.46 75.34 48.56
N VAL E 458 30.06 75.92 49.58
CA VAL E 458 31.38 75.51 50.02
C VAL E 458 31.53 75.78 51.51
N GLU E 459 31.06 74.84 52.35
CA GLU E 459 31.13 75.04 53.80
C GLU E 459 30.19 76.18 54.16
N GLY E 460 28.93 76.06 53.76
CA GLY E 460 27.94 77.08 54.05
C GLY E 460 28.25 78.46 53.49
N VAL E 461 28.84 78.52 52.30
CA VAL E 461 29.14 79.83 51.72
C VAL E 461 29.10 79.76 50.19
N LEU E 462 28.31 80.64 49.56
CA LEU E 462 28.19 80.65 48.09
C LEU E 462 29.37 81.32 47.43
N LYS E 463 30.42 80.55 47.12
CA LYS E 463 31.63 81.05 46.44
C LYS E 463 31.46 81.01 44.91
N PRO E 464 31.90 82.08 44.19
CA PRO E 464 31.78 82.20 42.74
C PRO E 464 32.42 81.03 42.00
N LEU E 465 31.83 80.65 40.88
CA LEU E 465 32.32 79.50 40.12
C LEU E 465 33.15 79.77 38.88
N THR E 466 34.18 78.94 38.71
CA THR E 466 35.06 79.03 37.56
C THR E 466 35.48 77.65 37.10
N ALA E 467 36.22 77.64 36.00
CA ALA E 467 36.73 76.42 35.38
C ALA E 467 37.27 75.43 36.41
N ASP E 468 37.06 74.14 36.15
CA ASP E 468 37.54 73.07 37.03
C ASP E 468 38.65 72.34 36.33
N TYR E 469 39.16 71.30 36.97
CA TYR E 469 40.17 70.47 36.33
C TYR E 469 39.43 69.21 35.87
N ASP E 470 39.25 69.09 34.56
CA ASP E 470 38.58 67.92 34.01
C ASP E 470 39.73 67.04 33.54
N LEU E 471 39.98 66.00 34.31
CA LEU E 471 41.04 65.06 33.97
C LEU E 471 40.69 64.48 32.62
N PHE E 472 41.68 64.28 31.74
CA PHE E 472 41.40 63.67 30.44
C PHE E 472 41.50 62.17 30.56
N ALA E 473 42.20 61.70 31.59
CA ALA E 473 42.31 60.27 31.83
C ALA E 473 43.32 60.04 32.90
N LEU E 474 43.12 58.97 33.67
CA LEU E 474 44.05 58.60 34.73
C LEU E 474 44.66 57.29 34.29
N ALA E 475 45.97 57.21 34.25
CA ALA E 475 46.61 55.98 33.83
C ALA E 475 47.36 55.31 34.94
N PRO E 476 46.68 54.51 35.75
CA PRO E 476 47.42 53.86 36.83
C PRO E 476 48.35 52.81 36.22
N SER E 477 49.35 52.39 36.97
CA SER E 477 50.29 51.38 36.50
C SER E 477 49.65 50.03 36.76
N LEU E 478 49.64 49.20 35.73
CA LEU E 478 49.02 47.91 35.86
C LEU E 478 49.34 47.34 37.22
N THR E 479 50.59 47.54 37.64
CA THR E 479 51.06 47.02 38.91
C THR E 479 50.31 47.57 40.12
N GLU E 480 49.74 48.76 39.95
CA GLU E 480 49.03 49.42 41.02
C GLU E 480 47.68 48.77 41.27
N ILE E 481 46.97 48.51 40.18
CA ILE E 481 45.65 47.88 40.26
C ILE E 481 45.73 46.55 41.03
N LYS E 482 46.89 45.90 40.95
CA LYS E 482 47.09 44.66 41.66
C LYS E 482 46.84 44.96 43.15
N LYS E 483 47.39 46.08 43.60
CA LYS E 483 47.25 46.54 44.98
C LYS E 483 45.79 46.83 45.29
N GLN E 484 45.01 47.15 44.27
CA GLN E 484 43.60 47.45 44.44
C GLN E 484 42.83 46.19 44.87
N ILE E 485 43.11 45.07 44.20
CA ILE E 485 42.42 43.81 44.51
C ILE E 485 42.73 43.35 45.92
N PRO E 486 41.75 42.74 46.59
CA PRO E 486 41.92 42.23 47.95
C PRO E 486 42.40 40.77 47.94
N GLN E 487 43.61 40.57 48.45
CA GLN E 487 44.26 39.26 48.50
C GLN E 487 43.33 38.07 48.53
N LYS E 488 42.31 38.12 49.38
CA LYS E 488 41.37 37.01 49.50
C LYS E 488 40.85 36.56 48.13
N GLU E 489 40.17 37.45 47.43
CA GLU E 489 39.60 37.13 46.13
C GLU E 489 40.65 36.76 45.09
N TRP E 490 41.80 37.44 45.10
CA TRP E 490 42.83 37.12 44.11
C TRP E 490 43.40 35.72 44.34
N ASP E 491 43.69 35.40 45.60
CA ASP E 491 44.25 34.09 45.94
C ASP E 491 43.27 32.98 45.55
N LYS E 492 41.98 33.21 45.82
CA LYS E 492 40.96 32.23 45.49
C LYS E 492 40.87 31.97 43.98
N VAL E 493 41.54 32.80 43.20
CA VAL E 493 41.51 32.65 41.76
C VAL E 493 42.75 32.01 41.18
N VAL E 494 43.90 32.20 41.83
CA VAL E 494 45.13 31.60 41.34
C VAL E 494 45.23 30.15 41.80
N ASN E 495 44.56 29.83 42.91
CA ASN E 495 44.54 28.47 43.44
C ASN E 495 43.49 27.70 42.66
N THR E 496 43.64 27.68 41.33
CA THR E 496 42.69 26.99 40.47
C THR E 496 43.41 25.98 39.59
N PRO E 497 42.69 24.97 39.10
CA PRO E 497 43.24 23.93 38.23
C PRO E 497 43.27 24.41 36.79
N ASN E 498 42.12 24.32 36.14
CA ASN E 498 41.97 24.74 34.75
C ASN E 498 42.80 26.00 34.52
N SER E 499 43.83 25.87 33.69
CA SER E 499 44.70 26.99 33.39
C SER E 499 43.94 28.06 32.61
N LEU E 500 43.08 27.64 31.68
CA LEU E 500 42.35 28.60 30.90
C LEU E 500 41.41 29.42 31.77
N GLU E 501 40.83 28.79 32.79
CA GLU E 501 39.93 29.50 33.69
C GLU E 501 40.77 30.43 34.58
N LYS E 502 42.03 30.03 34.82
CA LYS E 502 42.90 30.85 35.65
C LYS E 502 43.12 32.19 34.97
N GLN E 503 42.75 32.28 33.70
CA GLN E 503 42.90 33.53 32.97
C GLN E 503 41.57 34.25 33.12
N LYS E 504 40.51 33.59 32.70
CA LYS E 504 39.18 34.18 32.80
C LYS E 504 39.05 34.66 34.26
N GLY E 505 39.50 33.83 35.19
CA GLY E 505 39.41 34.21 36.59
C GLY E 505 40.19 35.49 36.86
N VAL E 506 41.31 35.67 36.17
CA VAL E 506 42.15 36.85 36.35
C VAL E 506 41.62 38.10 35.65
N THR E 507 41.39 38.02 34.34
CA THR E 507 40.89 39.17 33.58
C THR E 507 39.63 39.73 34.24
N ASN E 508 38.69 38.87 34.63
CA ASN E 508 37.48 39.37 35.28
C ASN E 508 37.91 40.20 36.50
N LEU E 509 39.01 39.81 37.14
CA LEU E 509 39.51 40.55 38.28
C LEU E 509 40.03 41.88 37.83
N LEU E 510 40.86 41.84 36.79
CA LEU E 510 41.45 43.03 36.20
C LEU E 510 40.36 43.98 35.71
N ILE E 511 39.18 43.43 35.48
CA ILE E 511 38.04 44.22 35.01
C ILE E 511 37.30 44.76 36.23
N LYS E 512 36.94 43.83 37.10
CA LYS E 512 36.24 44.10 38.34
C LYS E 512 36.81 45.29 39.08
N TYR E 513 38.07 45.16 39.48
CA TYR E 513 38.78 46.16 40.25
C TYR E 513 39.54 47.24 39.50
N GLY E 514 39.67 47.13 38.19
CA GLY E 514 40.44 48.16 37.52
C GLY E 514 39.93 48.78 36.24
N ILE E 515 38.88 48.21 35.64
CA ILE E 515 38.35 48.76 34.40
C ILE E 515 36.89 49.22 34.57
N GLU E 516 36.20 48.61 35.51
CA GLU E 516 34.81 48.95 35.67
C GLU E 516 34.54 50.36 36.13
N ARG E 517 33.60 50.96 35.40
CA ARG E 517 33.15 52.31 35.65
C ARG E 517 31.63 52.42 35.93
N LYS E 518 31.28 52.49 37.22
CA LYS E 518 29.89 52.62 37.69
C LYS E 518 29.54 54.10 37.62
N PRO E 519 28.24 54.42 37.62
CA PRO E 519 27.96 55.85 37.57
C PRO E 519 27.86 56.29 39.03
N ASP E 520 27.93 57.60 39.25
CA ASP E 520 27.82 58.10 40.60
C ASP E 520 26.88 59.29 40.68
N SER E 521 26.29 59.45 41.86
CA SER E 521 25.38 60.54 42.13
C SER E 521 26.08 61.88 41.89
N THR E 522 27.16 62.09 42.62
CA THR E 522 27.91 63.33 42.57
C THR E 522 29.08 63.49 41.59
N LYS E 523 30.10 62.65 41.72
CA LYS E 523 31.29 62.77 40.89
C LYS E 523 31.22 62.31 39.45
N GLY E 524 30.06 62.40 38.82
CA GLY E 524 29.90 61.96 37.45
C GLY E 524 29.99 60.44 37.31
N THR E 525 30.42 59.96 36.15
CA THR E 525 30.56 58.52 35.95
C THR E 525 32.04 58.16 36.02
N LEU E 526 32.43 57.30 36.96
CA LEU E 526 33.85 56.94 37.05
C LEU E 526 34.18 55.64 37.73
N SER E 527 35.44 55.29 37.67
CA SER E 527 35.93 54.06 38.26
C SER E 527 35.83 54.17 39.74
N ASN E 528 36.31 53.14 40.42
CA ASN E 528 36.30 53.11 41.88
C ASN E 528 37.62 53.65 42.41
N TRP E 529 38.74 53.19 41.85
CA TRP E 529 40.02 53.71 42.29
C TRP E 529 40.03 55.14 41.74
N GLN E 530 39.47 55.32 40.55
CA GLN E 530 39.42 56.63 39.95
C GLN E 530 38.92 57.66 40.95
N LYS E 531 37.97 57.25 41.76
CA LYS E 531 37.44 58.14 42.77
C LYS E 531 38.54 58.45 43.77
N GLN E 532 38.97 57.45 44.52
CA GLN E 532 40.00 57.67 45.52
C GLN E 532 41.05 58.58 44.94
N MET E 533 41.62 58.19 43.81
CA MET E 533 42.62 59.00 43.15
C MET E 533 42.13 60.43 43.07
N LEU E 534 40.84 60.57 42.77
CA LEU E 534 40.24 61.88 42.61
C LEU E 534 40.08 62.65 43.91
N ASP E 535 40.09 61.94 45.03
CA ASP E 535 39.98 62.65 46.30
C ASP E 535 41.40 63.08 46.68
N ARG E 536 42.36 62.20 46.40
CA ARG E 536 43.77 62.45 46.70
C ARG E 536 44.39 63.51 45.80
N LEU E 537 43.63 63.96 44.79
CA LEU E 537 44.13 65.02 43.93
C LEU E 537 43.72 66.33 44.58
N ASN E 538 42.55 66.34 45.22
CA ASN E 538 42.05 67.54 45.93
C ASN E 538 42.74 67.69 47.29
N GLU E 539 42.61 66.66 48.14
CA GLU E 539 43.25 66.69 49.45
C GLU E 539 44.73 66.99 49.25
N ALA E 540 45.16 66.93 48.00
CA ALA E 540 46.53 67.22 47.70
C ALA E 540 46.57 68.73 47.50
N VAL E 541 45.71 69.27 46.64
CA VAL E 541 45.73 70.71 46.40
C VAL E 541 45.04 71.54 47.45
N LYS E 542 44.70 70.95 48.58
CA LYS E 542 44.06 71.72 49.63
C LYS E 542 44.95 71.79 50.88
N TYR E 543 45.89 70.84 50.97
CA TYR E 543 46.86 70.78 52.08
C TYR E 543 48.04 71.62 51.60
N THR E 544 47.75 72.51 50.65
CA THR E 544 48.74 73.42 50.10
C THR E 544 48.27 74.83 50.41
N GLY E 545 47.19 75.25 49.75
CA GLY E 545 46.65 76.59 49.98
C GLY E 545 45.34 76.96 49.29
N TYR E 546 44.53 75.97 48.92
CA TYR E 546 43.25 76.22 48.26
C TYR E 546 42.12 76.29 49.30
N THR E 547 41.15 77.17 49.06
CA THR E 547 40.01 77.34 49.98
C THR E 547 38.67 77.41 49.23
N GLY E 548 38.54 76.56 48.22
CA GLY E 548 37.31 76.52 47.43
C GLY E 548 36.79 75.11 47.27
N GLY E 549 37.04 74.30 48.30
CA GLY E 549 36.59 72.91 48.31
C GLY E 549 37.54 71.97 47.58
N ASP E 550 37.04 71.41 46.48
CA ASP E 550 37.81 70.48 45.64
C ASP E 550 37.93 71.16 44.27
N VAL E 551 38.90 70.76 43.47
CA VAL E 551 39.08 71.37 42.16
C VAL E 551 38.90 70.39 40.99
N VAL E 552 38.83 69.11 41.32
CA VAL E 552 38.60 68.06 40.32
C VAL E 552 37.25 67.53 40.77
N ASN E 553 36.22 67.82 40.01
CA ASN E 553 34.86 67.44 40.38
C ASN E 553 34.33 66.14 39.83
N HIS E 554 34.35 65.98 38.51
CA HIS E 554 33.82 64.78 37.87
C HIS E 554 34.85 63.75 37.42
N GLY E 555 34.42 62.83 36.56
CA GLY E 555 35.29 61.78 36.08
C GLY E 555 36.12 62.13 34.87
N THR E 556 36.91 61.14 34.45
CA THR E 556 37.82 61.26 33.31
C THR E 556 37.14 61.32 31.94
N GLU E 557 37.05 62.50 31.37
CA GLU E 557 36.44 62.76 30.06
C GLU E 557 36.37 61.56 29.08
N GLN E 558 37.11 60.49 29.38
CA GLN E 558 37.12 59.27 28.56
C GLN E 558 35.89 58.48 28.89
N ASP E 559 34.96 59.12 29.60
CA ASP E 559 33.69 58.52 29.97
C ASP E 559 32.56 59.46 29.58
N ASN E 560 32.95 60.60 29.00
CA ASN E 560 32.02 61.61 28.49
C ASN E 560 31.51 61.09 27.13
N GLU E 561 30.92 59.89 27.21
CA GLU E 561 30.35 59.21 26.07
C GLU E 561 29.29 60.15 25.54
N GLU E 562 28.54 60.72 26.47
CA GLU E 562 27.49 61.66 26.12
C GLU E 562 27.94 62.72 25.13
N PHE E 563 28.62 63.75 25.64
CA PHE E 563 29.09 64.87 24.82
C PHE E 563 30.61 64.92 24.72
N PRO E 564 31.22 63.85 24.20
CA PRO E 564 32.68 63.79 24.07
C PRO E 564 33.23 64.91 23.21
N GLU E 565 34.40 65.39 23.58
CA GLU E 565 35.04 66.48 22.86
C GLU E 565 36.53 66.21 22.61
N LYS E 566 37.05 66.81 21.53
CA LYS E 566 38.44 66.66 21.09
C LYS E 566 39.30 67.91 21.30
N ASP E 567 40.36 67.78 22.09
CA ASP E 567 41.24 68.92 22.34
C ASP E 567 42.64 68.64 21.86
N ASN E 568 43.10 69.48 20.92
CA ASN E 568 44.43 69.33 20.34
C ASN E 568 45.47 69.13 21.44
N GLU E 569 45.59 70.12 22.31
CA GLU E 569 46.55 70.07 23.40
C GLU E 569 46.10 69.27 24.62
N ILE E 570 47.04 68.60 25.25
CA ILE E 570 46.74 67.79 26.42
C ILE E 570 47.90 67.84 27.42
N PHE E 571 47.62 68.30 28.63
CA PHE E 571 48.65 68.37 29.68
C PHE E 571 48.80 66.99 30.35
N ILE E 572 50.04 66.53 30.50
CA ILE E 572 50.28 65.24 31.11
C ILE E 572 51.37 65.21 32.14
N ILE E 573 50.99 64.96 33.37
CA ILE E 573 51.93 64.89 34.46
C ILE E 573 52.42 63.46 34.59
N ASN E 574 53.50 63.16 33.90
CA ASN E 574 54.10 61.83 33.91
C ASN E 574 54.13 61.18 35.29
N PRO E 575 54.43 59.87 35.37
CA PRO E 575 54.47 59.17 36.66
C PRO E 575 55.66 59.58 37.50
N GLU E 576 56.37 60.60 37.05
CA GLU E 576 57.57 61.08 37.74
C GLU E 576 57.81 62.59 37.62
N GLY E 577 56.72 63.37 37.63
CA GLY E 577 56.85 64.82 37.55
C GLY E 577 56.84 65.45 36.17
N GLU E 578 57.70 64.96 35.29
CA GLU E 578 57.81 65.50 33.96
C GLU E 578 56.52 66.08 33.39
N PHE E 579 56.45 67.41 33.29
CA PHE E 579 55.26 68.05 32.72
C PHE E 579 55.31 67.91 31.20
N ILE E 580 54.16 67.71 30.56
CA ILE E 580 54.11 67.55 29.11
C ILE E 580 52.78 67.98 28.52
N LEU E 581 52.81 68.52 27.31
CA LEU E 581 51.60 68.98 26.65
C LEU E 581 51.65 68.60 25.19
N THR E 582 50.88 67.60 24.80
CA THR E 582 50.86 67.21 23.40
C THR E 582 50.44 68.40 22.53
N LYS E 583 50.30 68.19 21.23
CA LYS E 583 49.90 69.28 20.32
C LYS E 583 48.83 68.85 19.33
N ASN E 584 48.82 67.57 19.02
CA ASN E 584 47.87 67.02 18.08
C ASN E 584 47.01 66.00 18.77
N TRP E 585 45.82 65.81 18.23
CA TRP E 585 44.89 64.82 18.77
C TRP E 585 45.55 63.47 18.51
N GLU E 586 46.64 63.53 17.77
CA GLU E 586 47.42 62.36 17.41
C GLU E 586 48.58 62.27 18.37
N MET E 587 49.43 63.28 18.34
CA MET E 587 50.59 63.32 19.21
C MET E 587 50.15 62.76 20.53
N THR E 588 48.97 63.19 20.94
CA THR E 588 48.38 62.74 22.20
C THR E 588 48.20 61.24 22.07
N GLY E 589 47.39 60.86 21.09
CA GLY E 589 47.13 59.46 20.83
C GLY E 589 48.37 58.63 20.55
N ARG E 590 49.43 59.29 20.07
CA ARG E 590 50.69 58.62 19.77
C ARG E 590 51.49 58.50 21.06
N PHE E 591 51.53 59.60 21.80
CA PHE E 591 52.24 59.64 23.08
C PHE E 591 51.72 58.55 24.00
N ILE E 592 50.41 58.36 23.99
CA ILE E 592 49.78 57.38 24.86
C ILE E 592 50.09 55.97 24.41
N GLU E 593 50.24 55.77 23.11
CA GLU E 593 50.55 54.46 22.56
C GLU E 593 51.96 54.07 22.95
N LYS E 594 52.87 55.04 22.85
CA LYS E 594 54.28 54.82 23.18
C LYS E 594 54.54 54.48 24.65
N ASN E 595 54.53 55.50 25.50
CA ASN E 595 54.82 55.35 26.91
C ASN E 595 53.64 55.25 27.87
N ILE E 596 52.51 54.71 27.42
CA ILE E 596 51.33 54.47 28.27
C ILE E 596 50.82 53.07 27.92
N THR E 597 50.05 52.97 26.86
CA THR E 597 49.52 51.69 26.43
C THR E 597 50.61 50.64 26.43
N GLY E 598 51.44 50.68 25.38
CA GLY E 598 52.51 49.72 25.25
C GLY E 598 53.62 49.86 26.26
N LYS E 599 53.28 50.24 27.49
CA LYS E 599 54.30 50.40 28.53
C LYS E 599 53.90 49.96 29.95
N ASP E 600 52.86 49.13 30.06
CA ASP E 600 52.39 48.58 31.35
C ASP E 600 51.43 49.38 32.22
N TYR E 601 50.94 50.49 31.68
CA TYR E 601 49.98 51.28 32.42
C TYR E 601 48.60 50.95 31.85
N LEU E 602 47.59 50.88 32.71
CA LEU E 602 46.27 50.53 32.25
C LEU E 602 45.45 51.68 31.82
N TYR E 603 45.18 51.75 30.53
CA TYR E 603 44.38 52.85 29.98
C TYR E 603 43.27 52.34 29.10
N TYR E 604 42.13 53.01 29.17
CA TYR E 604 40.96 52.64 28.38
C TYR E 604 40.47 53.90 27.66
N PHE E 605 40.09 53.78 26.39
CA PHE E 605 39.65 54.98 25.66
C PHE E 605 38.15 55.11 25.45
N ASN E 606 37.68 56.36 25.37
CA ASN E 606 36.27 56.68 25.27
C ASN E 606 35.40 55.83 24.41
N ARG E 607 34.47 55.17 25.08
CA ARG E 607 33.54 54.31 24.42
C ARG E 607 32.99 54.95 23.16
N SER E 608 32.52 56.17 23.28
CA SER E 608 31.96 56.82 22.12
C SER E 608 32.94 57.17 21.02
N TYR E 609 34.21 56.81 21.16
CA TYR E 609 35.17 57.13 20.11
C TYR E 609 34.92 56.19 18.91
N ASN E 610 35.04 56.72 17.69
CA ASN E 610 34.80 55.91 16.50
C ASN E 610 33.34 55.65 16.20
N LYS E 611 32.46 55.97 17.16
CA LYS E 611 31.04 55.82 16.91
C LYS E 611 30.53 57.26 16.89
N ILE E 612 29.22 57.46 16.70
CA ILE E 612 28.71 58.84 16.70
C ILE E 612 28.19 59.18 18.07
N ALA E 613 28.74 60.24 18.66
CA ALA E 613 28.31 60.65 20.00
C ALA E 613 26.94 61.29 19.94
N PRO E 614 25.94 60.67 20.59
CA PRO E 614 24.57 61.21 20.60
C PRO E 614 24.52 62.66 21.03
N GLY E 615 24.77 62.89 22.32
CA GLY E 615 24.76 64.24 22.87
C GLY E 615 25.10 65.35 21.90
N ASN E 616 26.26 65.25 21.26
CA ASN E 616 26.69 66.29 20.32
C ASN E 616 26.87 65.82 18.89
N LYS E 617 26.46 64.60 18.60
CA LYS E 617 26.58 64.02 17.26
C LYS E 617 27.97 64.34 16.68
N ALA E 618 28.99 63.93 17.42
CA ALA E 618 30.36 64.17 17.03
C ALA E 618 31.16 62.90 16.79
N TYR E 619 31.90 62.92 15.69
CA TYR E 619 32.73 61.80 15.28
C TYR E 619 34.19 62.05 15.71
N ILE E 620 34.62 61.32 16.74
CA ILE E 620 35.98 61.46 17.25
C ILE E 620 36.78 60.18 17.02
N GLU E 621 37.76 60.28 16.12
CA GLU E 621 38.67 59.19 15.67
C GLU E 621 39.80 58.78 16.65
N TRP E 622 39.95 57.47 16.88
CA TRP E 622 40.96 56.98 17.81
C TRP E 622 41.44 55.57 17.55
N THR E 623 42.60 55.43 16.91
CA THR E 623 43.17 54.12 16.58
C THR E 623 42.75 52.98 17.52
N ASP E 624 41.99 52.03 17.00
CA ASP E 624 41.56 50.91 17.82
C ASP E 624 42.14 49.66 17.20
N PRO E 625 42.99 48.96 17.94
CA PRO E 625 43.59 47.75 17.41
C PRO E 625 42.57 46.77 16.90
N ILE E 626 41.62 46.37 17.73
CA ILE E 626 40.65 45.39 17.29
C ILE E 626 40.09 45.70 15.91
N THR E 627 39.82 46.96 15.66
CA THR E 627 39.31 47.41 14.38
C THR E 627 40.40 47.37 13.29
N LYS E 628 41.65 47.53 13.71
CA LYS E 628 42.83 47.52 12.83
C LYS E 628 42.95 46.15 12.14
N ALA E 629 42.60 45.10 12.88
CA ALA E 629 42.68 43.75 12.36
C ALA E 629 41.31 43.12 12.22
N LYS E 630 40.42 43.85 11.57
CA LYS E 630 39.09 43.34 11.31
C LYS E 630 39.21 42.79 9.88
N ILE E 631 39.77 43.63 9.02
CA ILE E 631 40.00 43.30 7.63
C ILE E 631 40.28 41.82 7.43
N ASN E 632 41.00 41.19 8.35
CA ASN E 632 41.34 39.78 8.23
C ASN E 632 40.64 38.86 9.19
N THR E 633 39.40 39.12 9.54
CA THR E 633 38.78 38.20 10.48
C THR E 633 37.41 37.71 10.03
N ILE E 634 37.21 36.40 10.02
CA ILE E 634 35.90 35.92 9.65
C ILE E 634 34.94 36.49 10.73
N PRO E 635 33.87 37.18 10.31
CA PRO E 635 32.92 37.75 11.27
C PRO E 635 32.13 36.66 11.97
N THR E 636 31.52 37.03 13.09
CA THR E 636 30.72 36.13 13.92
C THR E 636 29.30 35.88 13.38
N SER E 637 28.62 34.91 13.97
CA SER E 637 27.25 34.62 13.58
C SER E 637 26.51 35.91 13.81
N ALA E 638 26.56 36.34 15.07
CA ALA E 638 25.89 37.55 15.52
C ALA E 638 26.35 38.86 14.90
N GLU E 639 27.64 38.96 14.61
CA GLU E 639 28.17 40.18 14.00
C GLU E 639 27.63 40.30 12.57
N PHE E 640 27.18 39.17 12.04
CA PHE E 640 26.62 39.09 10.71
C PHE E 640 25.16 39.42 10.86
N ILE E 641 24.39 38.53 11.49
CA ILE E 641 22.98 38.80 11.71
C ILE E 641 22.85 40.26 12.10
N LYS E 642 23.74 40.72 12.96
CA LYS E 642 23.75 42.11 13.41
C LYS E 642 23.73 43.05 12.19
N ASN E 643 24.81 43.07 11.42
CA ASN E 643 24.93 43.92 10.24
C ASN E 643 23.69 43.94 9.33
N LEU E 644 23.01 42.80 9.15
CA LEU E 644 21.81 42.80 8.32
C LEU E 644 20.83 43.70 9.08
N SER E 645 20.50 43.27 10.28
CA SER E 645 19.61 44.01 11.16
C SER E 645 19.80 45.52 10.93
N SER E 646 21.04 45.97 10.81
CA SER E 646 21.32 47.38 10.61
C SER E 646 20.84 47.93 9.28
N ILE E 647 21.14 47.25 8.17
CA ILE E 647 20.71 47.76 6.86
C ILE E 647 19.21 47.58 6.67
N ARG E 648 18.63 46.63 7.38
CA ARG E 648 17.21 46.48 7.30
C ARG E 648 16.63 47.82 7.74
N ARG E 649 16.90 48.24 8.98
CA ARG E 649 16.32 49.50 9.45
C ARG E 649 16.54 50.69 8.49
N SER E 650 17.43 50.55 7.50
CA SER E 650 17.87 51.61 6.54
C SER E 650 17.14 51.78 5.17
N SER E 651 17.53 51.00 4.16
CA SER E 651 16.68 50.96 2.96
C SER E 651 15.63 50.12 3.67
N ASN E 652 14.32 50.39 3.61
CA ASN E 652 13.52 49.49 4.43
C ASN E 652 13.28 48.11 3.78
N VAL E 653 14.37 47.43 3.39
CA VAL E 653 14.30 46.13 2.73
C VAL E 653 15.34 45.18 3.30
N GLY E 654 14.85 44.05 3.85
CA GLY E 654 15.73 43.06 4.43
C GLY E 654 16.36 42.16 3.39
N VAL E 655 17.30 41.33 3.80
CA VAL E 655 17.94 40.42 2.85
C VAL E 655 16.85 39.57 2.26
N TYR E 656 15.84 39.27 3.05
CA TYR E 656 14.74 38.46 2.56
C TYR E 656 13.41 39.08 2.98
N LYS E 657 12.45 39.12 2.07
CA LYS E 657 11.16 39.70 2.40
C LYS E 657 10.21 38.60 2.83
N ASP E 658 9.13 39.02 3.48
CA ASP E 658 8.08 38.12 3.97
C ASP E 658 7.08 37.88 2.84
N SER E 659 7.30 36.82 2.05
CA SER E 659 6.42 36.50 0.92
C SER E 659 6.36 35.02 0.65
N GLY E 660 5.89 34.68 -0.55
CA GLY E 660 5.79 33.29 -0.94
C GLY E 660 6.81 32.87 -1.99
N ASP E 661 7.44 33.85 -2.62
CA ASP E 661 8.42 33.52 -3.66
C ASP E 661 9.37 32.45 -3.15
N LYS E 662 9.22 31.20 -3.61
CA LYS E 662 10.14 30.17 -3.14
C LYS E 662 11.54 30.59 -3.58
N ASP E 663 11.62 31.78 -4.13
CA ASP E 663 12.89 32.35 -4.56
C ASP E 663 13.44 33.12 -3.37
N GLU E 664 12.55 33.84 -2.68
CA GLU E 664 12.88 34.64 -1.52
C GLU E 664 13.31 33.69 -0.42
N PHE E 665 12.38 32.85 0.04
CA PHE E 665 12.69 31.90 1.08
C PHE E 665 14.00 31.22 0.75
N ALA E 666 14.27 31.03 -0.54
CA ALA E 666 15.53 30.41 -0.94
C ALA E 666 16.66 31.22 -0.29
N LYS E 667 16.62 32.54 -0.51
CA LYS E 667 17.58 33.45 0.06
C LYS E 667 17.52 33.39 1.58
N LYS E 668 16.34 33.52 2.17
CA LYS E 668 16.29 33.43 3.62
C LYS E 668 17.04 32.20 4.11
N GLU E 669 16.56 31.01 3.74
CA GLU E 669 17.21 29.77 4.18
C GLU E 669 18.71 29.89 4.00
N SER E 670 19.11 30.52 2.90
CA SER E 670 20.53 30.68 2.58
C SER E 670 21.37 31.42 3.61
N VAL E 671 20.86 32.51 4.19
CA VAL E 671 21.65 33.23 5.19
C VAL E 671 21.71 32.31 6.38
N LYS E 672 20.58 31.71 6.73
CA LYS E 672 20.53 30.80 7.85
C LYS E 672 21.70 29.81 7.77
N LYS E 673 22.26 29.70 6.57
CA LYS E 673 23.39 28.81 6.40
C LYS E 673 24.67 29.60 6.65
N ILE E 674 24.80 30.79 6.09
CA ILE E 674 26.00 31.57 6.33
C ILE E 674 26.05 31.87 7.81
N ALA E 675 24.88 31.93 8.43
CA ALA E 675 24.77 32.21 9.86
C ALA E 675 25.08 30.97 10.69
N GLY E 676 25.54 29.94 10.00
CA GLY E 676 25.90 28.71 10.67
C GLY E 676 27.38 28.59 10.41
N TYR E 677 27.73 28.47 9.13
CA TYR E 677 29.13 28.37 8.73
C TYR E 677 29.96 29.32 9.55
N LEU E 678 29.49 30.55 9.70
CA LEU E 678 30.26 31.47 10.51
C LEU E 678 30.22 30.99 11.97
N SER E 679 29.04 30.72 12.48
CA SER E 679 28.98 30.25 13.85
C SER E 679 29.85 29.04 14.03
N ASP E 680 29.79 28.15 13.05
CA ASP E 680 30.53 26.89 13.09
C ASP E 680 32.05 27.11 13.12
N TYR E 681 32.50 28.25 12.62
CA TYR E 681 33.92 28.60 12.57
C TYR E 681 34.47 28.68 13.99
N TYR E 682 33.87 29.58 14.76
CA TYR E 682 34.25 29.80 16.14
C TYR E 682 33.62 28.77 17.04
N ASN E 683 33.99 27.51 16.88
CA ASN E 683 33.43 26.48 17.74
C ASN E 683 34.35 26.25 18.90
N SER E 684 33.83 26.44 20.10
CA SER E 684 34.59 26.28 21.32
C SER E 684 35.27 24.92 21.51
N ALA E 685 34.70 23.87 20.90
CA ALA E 685 35.26 22.53 21.02
C ALA E 685 36.37 22.33 20.02
N ASN E 686 36.83 23.41 19.39
CA ASN E 686 37.91 23.30 18.41
C ASN E 686 39.24 22.99 19.06
N HIS E 687 39.30 23.05 20.39
CA HIS E 687 40.56 22.79 21.08
C HIS E 687 41.04 21.35 21.01
N ILE E 688 40.12 20.39 21.19
CA ILE E 688 40.47 18.98 21.16
C ILE E 688 41.09 18.58 19.82
N PHE E 689 41.67 19.55 19.14
CA PHE E 689 42.31 19.32 17.87
C PHE E 689 43.74 19.82 18.03
N SER E 690 44.49 19.91 16.92
CA SER E 690 45.88 20.37 17.00
C SER E 690 46.26 21.40 15.93
N GLN E 691 46.74 22.56 16.38
CA GLN E 691 47.14 23.66 15.49
C GLN E 691 47.01 23.44 13.98
N GLU E 692 47.92 22.69 13.37
CA GLU E 692 47.83 22.47 11.93
C GLU E 692 46.40 22.14 11.54
N LYS E 693 45.73 21.36 12.39
CA LYS E 693 44.34 20.97 12.19
C LYS E 693 43.45 22.21 12.26
N LYS E 694 43.35 22.77 13.46
CA LYS E 694 42.54 23.94 13.70
C LYS E 694 42.54 24.80 12.44
N ARG E 695 43.71 25.25 11.99
CA ARG E 695 43.77 26.10 10.81
C ARG E 695 42.93 25.53 9.68
N LYS E 696 43.37 24.39 9.17
CA LYS E 696 42.68 23.73 8.08
C LYS E 696 41.19 23.65 8.34
N ILE E 697 40.78 22.71 9.18
CA ILE E 697 39.37 22.51 9.52
C ILE E 697 38.52 23.79 9.49
N SER E 698 39.18 24.93 9.75
CA SER E 698 38.52 26.24 9.74
C SER E 698 38.66 26.86 8.36
N ILE E 699 39.85 26.78 7.80
CA ILE E 699 40.09 27.32 6.48
C ILE E 699 38.93 26.82 5.61
N PHE E 700 38.35 25.70 6.03
CA PHE E 700 37.24 25.12 5.30
C PHE E 700 35.94 25.77 5.73
N ARG E 701 35.61 25.65 7.02
CA ARG E 701 34.40 26.26 7.55
C ARG E 701 34.34 27.63 6.90
N GLY E 702 35.51 28.25 6.80
CA GLY E 702 35.61 29.56 6.19
C GLY E 702 35.13 29.51 4.77
N ILE E 703 35.84 28.71 3.96
CA ILE E 703 35.50 28.51 2.54
C ILE E 703 34.02 28.19 2.41
N GLN E 704 33.61 27.16 3.14
CA GLN E 704 32.23 26.76 3.18
C GLN E 704 31.33 27.98 3.18
N ALA E 705 31.72 28.99 3.93
CA ALA E 705 30.93 30.18 4.02
C ALA E 705 31.14 31.10 2.82
N TYR E 706 32.39 31.35 2.48
CA TYR E 706 32.69 32.22 1.34
C TYR E 706 31.90 31.76 0.15
N ASN E 707 31.57 30.49 0.15
CA ASN E 707 30.82 29.90 -0.92
C ASN E 707 29.37 30.38 -0.86
N GLU E 708 28.62 29.87 0.10
CA GLU E 708 27.22 30.22 0.28
C GLU E 708 26.99 31.70 0.12
N ILE E 709 28.05 32.49 0.29
CA ILE E 709 27.91 33.90 0.10
C ILE E 709 27.88 34.09 -1.42
N GLU E 710 29.00 33.77 -2.08
CA GLU E 710 29.12 33.87 -3.53
C GLU E 710 27.84 33.33 -4.13
N ASN E 711 27.22 32.41 -3.41
CA ASN E 711 25.98 31.77 -3.84
C ASN E 711 24.86 32.80 -4.01
N VAL E 712 24.49 33.46 -2.91
CA VAL E 712 23.43 34.46 -2.93
C VAL E 712 23.79 35.69 -3.76
N LEU E 713 25.06 36.09 -3.71
CA LEU E 713 25.54 37.25 -4.45
C LEU E 713 25.24 37.09 -5.95
N LYS E 714 24.81 35.88 -6.32
CA LYS E 714 24.46 35.56 -7.70
C LYS E 714 22.94 35.34 -7.88
N SER E 715 22.26 35.01 -6.80
CA SER E 715 20.82 34.77 -6.86
C SER E 715 19.98 35.95 -7.34
N LYS E 716 18.74 36.01 -6.85
CA LYS E 716 17.79 37.04 -7.24
C LYS E 716 18.23 38.48 -6.96
N GLN E 717 17.24 39.35 -6.80
CA GLN E 717 17.49 40.76 -6.56
C GLN E 717 17.56 41.19 -5.09
N ILE E 718 18.75 41.05 -4.51
CA ILE E 718 18.99 41.48 -3.15
C ILE E 718 19.51 42.89 -3.36
N ALA E 719 18.78 43.88 -2.83
CA ALA E 719 19.15 45.28 -2.99
C ALA E 719 20.65 45.53 -2.97
N PRO E 720 21.15 46.37 -3.90
CA PRO E 720 22.58 46.71 -4.01
C PRO E 720 23.23 47.24 -2.73
N GLU E 721 22.43 47.35 -1.67
CA GLU E 721 22.93 47.79 -0.37
C GLU E 721 23.53 46.54 0.28
N TYR E 722 22.83 45.41 0.17
CA TYR E 722 23.29 44.15 0.72
C TYR E 722 24.31 43.54 -0.21
N LYS E 723 24.20 43.87 -1.49
CA LYS E 723 25.16 43.36 -2.45
C LYS E 723 26.54 43.59 -1.85
N ASN E 724 26.86 44.88 -1.62
CA ASN E 724 28.14 45.34 -1.09
C ASN E 724 28.56 44.68 0.21
N TYR E 725 27.70 44.73 1.23
CA TYR E 725 28.03 44.10 2.51
C TYR E 725 28.65 42.76 2.23
N PHE E 726 27.89 41.92 1.53
CA PHE E 726 28.37 40.59 1.16
C PHE E 726 29.68 40.75 0.38
N GLN E 727 29.72 41.71 -0.51
CA GLN E 727 30.94 41.94 -1.27
C GLN E 727 32.10 42.11 -0.29
N TYR E 728 31.81 42.79 0.82
CA TYR E 728 32.80 43.08 1.85
C TYR E 728 33.09 41.81 2.66
N LEU E 729 32.03 41.13 3.10
CA LEU E 729 32.20 39.90 3.86
C LEU E 729 33.10 38.91 3.14
N LYS E 730 33.13 39.00 1.82
CA LYS E 730 33.99 38.10 1.07
C LYS E 730 35.45 38.39 1.44
N GLU E 731 35.91 39.57 1.03
CA GLU E 731 37.27 39.98 1.30
C GLU E 731 37.69 39.50 2.68
N ARG E 732 36.83 39.68 3.68
CA ARG E 732 37.16 39.22 5.02
C ARG E 732 37.56 37.75 4.85
N ILE E 733 36.56 36.87 4.80
CA ILE E 733 36.76 35.43 4.63
C ILE E 733 38.05 35.18 3.90
N THR E 734 38.18 35.82 2.75
CA THR E 734 39.38 35.70 1.95
C THR E 734 40.60 36.00 2.81
N ASN E 735 40.85 37.27 3.06
CA ASN E 735 41.99 37.66 3.86
C ASN E 735 42.16 36.69 5.02
N GLN E 736 41.05 36.40 5.69
CA GLN E 736 41.05 35.50 6.82
C GLN E 736 41.60 34.13 6.51
N VAL E 737 41.35 33.64 5.30
CA VAL E 737 41.85 32.33 4.92
C VAL E 737 43.28 32.45 4.41
N GLN E 738 43.56 33.49 3.63
CA GLN E 738 44.90 33.65 3.12
C GLN E 738 45.83 33.56 4.30
N LEU E 739 45.34 34.01 5.46
CA LEU E 739 46.13 34.00 6.70
C LEU E 739 46.33 32.59 7.25
N LEU E 740 45.25 31.98 7.73
CA LEU E 740 45.38 30.63 8.26
C LEU E 740 46.31 29.79 7.38
N LEU E 741 46.34 30.12 6.08
CA LEU E 741 47.19 29.42 5.13
C LEU E 741 48.63 29.85 5.26
N THR E 742 48.92 31.14 5.11
CA THR E 742 50.31 31.58 5.25
C THR E 742 50.79 31.41 6.67
N HIS E 743 50.11 30.52 7.39
CA HIS E 743 50.60 30.16 8.63
C HIS E 743 51.14 28.72 8.47
N GLN E 744 50.70 27.93 7.48
CA GLN E 744 51.24 26.55 7.39
C GLN E 744 52.19 26.22 6.23
N LYS E 745 51.59 25.72 5.14
CA LYS E 745 52.25 25.40 3.87
C LYS E 745 51.74 26.47 2.89
N SER E 746 52.48 27.58 2.83
CA SER E 746 52.06 28.71 1.99
C SER E 746 52.66 28.84 0.60
N ASN E 747 51.77 28.90 -0.38
CA ASN E 747 52.10 29.04 -1.80
C ASN E 747 50.74 29.08 -2.50
N ILE E 748 49.80 28.29 -1.99
CA ILE E 748 48.46 28.23 -2.55
C ILE E 748 47.71 29.51 -2.21
N GLU E 749 47.17 30.15 -3.24
CA GLU E 749 46.40 31.37 -3.08
C GLU E 749 44.94 30.99 -2.99
N PHE E 750 44.20 31.70 -2.14
CA PHE E 750 42.78 31.43 -1.97
C PHE E 750 42.14 31.22 -3.34
N LYS E 751 41.94 32.32 -4.07
CA LYS E 751 41.35 32.30 -5.41
C LYS E 751 41.52 30.96 -6.13
N LEU E 752 42.77 30.55 -6.29
CA LEU E 752 43.08 29.29 -6.95
C LEU E 752 42.47 28.12 -6.18
N LEU E 753 42.95 27.91 -4.95
CA LEU E 753 42.45 26.82 -4.12
C LEU E 753 40.95 26.73 -4.29
N TYR E 754 40.30 27.88 -4.43
CA TYR E 754 38.87 27.86 -4.59
C TYR E 754 38.50 27.03 -5.80
N LYS E 755 38.64 27.62 -6.99
CA LYS E 755 38.32 26.93 -8.23
C LYS E 755 38.24 25.40 -8.04
N GLN E 756 39.34 24.84 -7.54
CA GLN E 756 39.50 23.41 -7.31
C GLN E 756 38.46 22.68 -6.43
N LEU E 757 37.39 23.35 -6.02
CA LEU E 757 36.40 22.67 -5.18
C LEU E 757 35.10 22.30 -5.89
N ASN E 758 34.60 21.11 -5.56
CA ASN E 758 33.36 20.58 -6.11
C ASN E 758 32.20 20.87 -5.14
N PHE E 759 31.67 22.09 -5.20
CA PHE E 759 30.57 22.46 -4.32
C PHE E 759 29.20 22.15 -4.94
N THR E 760 29.18 21.12 -5.79
CA THR E 760 27.97 20.68 -6.48
C THR E 760 27.01 20.00 -5.51
N GLU E 761 26.79 18.69 -5.64
CA GLU E 761 25.86 18.00 -4.75
C GLU E 761 26.45 17.38 -3.49
N ASN E 762 27.60 16.72 -3.60
CA ASN E 762 28.23 16.11 -2.43
C ASN E 762 29.30 17.00 -1.84
N GLU E 763 29.43 16.97 -0.52
CA GLU E 763 30.40 17.77 0.23
C GLU E 763 31.40 16.86 0.98
N THR E 764 31.18 15.55 0.87
CA THR E 764 32.00 14.53 1.55
C THR E 764 33.47 14.43 1.19
N ASP E 765 33.79 13.95 -0.01
CA ASP E 765 35.20 13.83 -0.41
C ASP E 765 35.84 15.20 -0.59
N ASN E 766 35.01 16.21 -0.83
CA ASN E 766 35.48 17.57 -1.02
C ASN E 766 36.65 17.84 -0.08
N PHE E 767 36.35 17.83 1.22
CA PHE E 767 37.37 18.09 2.24
C PHE E 767 38.55 17.15 2.07
N GLU E 768 38.26 15.87 1.88
CA GLU E 768 39.33 14.89 1.70
C GLU E 768 40.29 15.45 0.66
N VAL E 769 39.73 16.03 -0.40
CA VAL E 769 40.53 16.62 -1.47
C VAL E 769 41.38 17.71 -0.86
N PHE E 770 40.69 18.73 -0.37
CA PHE E 770 41.29 19.89 0.27
C PHE E 770 42.60 19.51 0.95
N GLN E 771 42.58 18.44 1.74
CA GLN E 771 43.77 17.98 2.43
C GLN E 771 44.95 18.05 1.48
N LYS E 772 45.07 17.03 0.63
CA LYS E 772 46.15 16.94 -0.33
C LYS E 772 46.39 18.26 -1.07
N ILE E 773 45.33 19.01 -1.29
CA ILE E 773 45.44 20.28 -1.99
C ILE E 773 46.46 21.18 -1.29
N ILE E 774 46.82 20.83 -0.06
CA ILE E 774 47.78 21.63 0.71
C ILE E 774 49.05 20.86 1.14
N ASP E 775 49.44 19.84 0.38
CA ASP E 775 50.62 19.05 0.72
C ASP E 775 51.71 19.09 -0.35
N ASN F 41 28.79 66.64 -58.21
CA ASN F 41 29.78 67.72 -58.44
C ASN F 41 30.66 67.48 -59.68
N ASN F 42 30.14 67.76 -60.88
CA ASN F 42 30.94 67.56 -62.09
C ASN F 42 32.10 68.55 -62.03
N LEU F 43 33.32 68.03 -61.87
CA LEU F 43 34.51 68.88 -61.73
C LEU F 43 35.04 69.52 -62.99
N VAL F 44 34.86 68.87 -64.13
CA VAL F 44 35.36 69.44 -65.37
C VAL F 44 34.29 69.84 -66.33
N LYS F 45 34.03 71.13 -66.41
CA LYS F 45 33.03 71.62 -67.31
C LYS F 45 33.69 72.03 -68.60
N THR F 46 33.32 71.36 -69.69
CA THR F 46 33.81 71.65 -71.03
C THR F 46 32.84 72.65 -71.67
N GLU F 47 33.31 73.88 -71.85
CA GLU F 47 32.49 74.93 -72.40
C GLU F 47 32.03 74.67 -73.82
N PHE F 48 32.89 74.98 -74.76
CA PHE F 48 32.57 74.80 -76.17
C PHE F 48 33.09 73.47 -76.70
N THR F 49 32.20 72.69 -77.32
CA THR F 49 32.56 71.40 -77.94
C THR F 49 32.75 71.69 -79.45
N ASN F 50 32.90 72.98 -79.74
CA ASN F 50 33.11 73.53 -81.07
C ASN F 50 34.08 72.62 -81.84
N GLU F 51 35.37 72.78 -81.57
CA GLU F 51 36.38 71.96 -82.22
C GLU F 51 36.02 70.52 -82.03
N THR F 52 36.35 69.72 -83.03
CA THR F 52 36.08 68.29 -82.97
C THR F 52 36.97 67.71 -81.88
N LEU F 53 37.62 66.61 -82.18
CA LEU F 53 38.52 65.99 -81.24
C LEU F 53 39.48 67.08 -80.80
N ASP F 54 40.68 67.00 -81.35
CA ASP F 54 41.77 67.94 -81.08
C ASP F 54 41.57 68.89 -79.91
N LYS F 55 40.47 69.63 -79.84
CA LYS F 55 40.25 70.46 -78.67
C LYS F 55 40.13 69.40 -77.58
N ILE F 56 39.06 68.61 -77.67
CA ILE F 56 38.81 67.55 -76.72
C ILE F 56 40.08 66.72 -76.56
N GLN F 57 40.45 65.99 -77.60
CA GLN F 57 41.64 65.13 -77.59
C GLN F 57 42.91 65.91 -77.26
N GLN F 58 42.76 67.00 -76.53
CA GLN F 58 43.87 67.83 -76.09
C GLN F 58 43.61 68.19 -74.63
N THR F 59 42.33 68.34 -74.28
CA THR F 59 41.97 68.63 -72.91
C THR F 59 42.16 67.31 -72.16
N GLN F 60 41.55 66.25 -72.67
CA GLN F 60 41.70 64.95 -72.04
C GLN F 60 43.21 64.70 -71.89
N ASP F 61 43.92 64.69 -73.01
CA ASP F 61 45.36 64.49 -72.98
C ASP F 61 46.03 65.28 -71.85
N LEU F 62 45.33 66.29 -71.35
CA LEU F 62 45.87 67.12 -70.29
C LEU F 62 45.47 66.59 -68.93
N LEU F 63 44.22 66.17 -68.83
CA LEU F 63 43.66 65.66 -67.58
C LEU F 63 44.11 64.26 -67.20
N LYS F 64 44.44 63.43 -68.17
CA LYS F 64 44.87 62.08 -67.85
C LYS F 64 46.31 62.19 -67.31
N LYS F 65 46.90 63.36 -67.55
CA LYS F 65 48.26 63.64 -67.11
C LYS F 65 48.26 64.00 -65.64
N ILE F 66 47.35 64.88 -65.23
CA ILE F 66 47.25 65.28 -63.83
C ILE F 66 46.69 64.09 -63.03
N PRO F 67 47.24 63.84 -61.83
CA PRO F 67 46.82 62.74 -60.95
C PRO F 67 45.35 62.69 -60.55
N LYS F 68 44.71 61.58 -60.89
CA LYS F 68 43.28 61.37 -60.61
C LYS F 68 42.84 61.84 -59.23
N ASP F 69 43.81 62.06 -58.34
CA ASP F 69 43.46 62.49 -57.01
C ASP F 69 43.84 63.93 -56.73
N VAL F 70 44.71 64.51 -57.55
CA VAL F 70 45.05 65.90 -57.32
C VAL F 70 43.72 66.57 -57.62
N LEU F 71 42.95 65.93 -58.48
CA LEU F 71 41.62 66.43 -58.84
C LEU F 71 40.71 66.29 -57.62
N GLU F 72 40.60 65.08 -57.10
CA GLU F 72 39.75 64.85 -55.95
C GLU F 72 40.09 65.80 -54.80
N ILE F 73 41.30 66.37 -54.80
CA ILE F 73 41.68 67.34 -53.76
C ILE F 73 41.02 68.63 -54.20
N TYR F 74 40.88 68.74 -55.51
CA TYR F 74 40.28 69.89 -56.13
C TYR F 74 38.76 69.79 -56.08
N SER F 75 38.21 68.71 -56.66
CA SER F 75 36.77 68.54 -56.66
C SER F 75 36.26 68.36 -55.25
N GLU F 76 37.10 68.66 -54.28
CA GLU F 76 36.73 68.54 -52.88
C GLU F 76 36.70 69.92 -52.28
N LEU F 77 37.70 70.73 -52.60
CA LEU F 77 37.71 72.09 -52.09
C LEU F 77 36.56 72.84 -52.76
N GLY F 78 35.68 72.13 -53.44
CA GLY F 78 34.55 72.76 -54.12
C GLY F 78 34.89 73.34 -55.47
N GLY F 79 36.12 73.12 -55.92
CA GLY F 79 36.57 73.64 -57.20
C GLY F 79 35.92 72.99 -58.40
N GLU F 80 36.15 73.60 -59.56
CA GLU F 80 35.62 73.14 -60.83
C GLU F 80 36.64 73.63 -61.83
N ILE F 81 36.83 72.94 -62.95
CA ILE F 81 37.81 73.39 -63.92
C ILE F 81 37.10 73.77 -65.19
N TYR F 82 37.41 74.95 -65.72
CA TYR F 82 36.73 75.38 -66.93
C TYR F 82 37.57 75.36 -68.18
N PHE F 83 37.14 74.57 -69.14
CA PHE F 83 37.81 74.47 -70.43
C PHE F 83 36.86 75.10 -71.43
N THR F 84 37.25 76.27 -71.94
CA THR F 84 36.41 76.99 -72.89
C THR F 84 37.06 77.13 -74.26
N ASP F 85 36.35 77.81 -75.15
CA ASP F 85 36.84 78.03 -76.50
C ASP F 85 37.91 79.12 -76.47
N ILE F 86 37.68 80.21 -77.17
CA ILE F 86 38.67 81.29 -77.25
C ILE F 86 38.35 82.51 -76.37
N ASP F 87 37.66 82.28 -75.26
CA ASP F 87 37.30 83.37 -74.37
C ASP F 87 38.53 84.10 -73.87
N LEU F 88 39.69 83.45 -73.97
CA LEU F 88 40.95 84.01 -73.53
C LEU F 88 40.85 85.09 -72.45
N VAL F 89 40.68 86.33 -72.90
CA VAL F 89 40.60 87.51 -72.04
C VAL F 89 39.46 87.47 -71.04
N GLU F 90 39.15 88.63 -70.45
CA GLU F 90 38.09 88.77 -69.46
C GLU F 90 36.76 88.29 -70.02
N HIS F 91 36.82 87.67 -71.19
CA HIS F 91 35.62 87.18 -71.86
C HIS F 91 34.90 86.01 -71.19
N LYS F 92 35.56 85.32 -70.27
CA LYS F 92 34.90 84.18 -69.63
C LYS F 92 33.77 84.56 -68.69
N GLU F 93 32.69 83.78 -68.75
CA GLU F 93 31.51 84.01 -67.94
C GLU F 93 31.81 83.84 -66.45
N LEU F 94 33.06 84.08 -66.07
CA LEU F 94 33.48 83.93 -64.67
C LEU F 94 34.79 84.68 -64.40
N GLN F 95 35.32 85.36 -65.41
CA GLN F 95 36.57 86.10 -65.28
C GLN F 95 36.40 87.58 -64.93
N ASP F 96 35.17 87.99 -64.66
CA ASP F 96 34.87 89.37 -64.34
C ASP F 96 35.18 89.75 -62.88
N LEU F 97 35.58 91.00 -62.68
CA LEU F 97 35.92 91.56 -61.37
C LEU F 97 35.21 90.82 -60.22
N SER F 98 36.00 90.19 -59.35
CA SER F 98 35.49 89.44 -58.20
C SER F 98 36.56 89.46 -57.10
N GLU F 99 37.73 88.92 -57.46
CA GLU F 99 38.93 88.83 -56.63
C GLU F 99 40.04 88.51 -57.63
N GLU F 100 40.42 89.51 -58.42
CA GLU F 100 41.42 89.34 -59.47
C GLU F 100 42.92 89.50 -59.17
N GLU F 101 43.46 90.70 -59.42
CA GLU F 101 44.88 90.97 -59.21
C GLU F 101 45.14 92.15 -58.28
N LYS F 102 45.62 91.85 -57.08
CA LYS F 102 45.92 92.88 -56.09
C LYS F 102 47.43 93.13 -55.98
N ASN F 103 48.20 92.06 -55.78
CA ASN F 103 49.65 92.14 -55.67
C ASN F 103 50.30 91.13 -56.63
N SER F 104 51.08 91.65 -57.59
CA SER F 104 51.74 90.79 -58.59
C SER F 104 52.88 89.91 -58.08
N MET F 105 52.85 88.66 -58.53
CA MET F 105 53.80 87.62 -58.18
C MET F 105 53.33 86.36 -58.93
N ASN F 106 52.86 86.58 -60.16
CA ASN F 106 52.31 85.56 -61.05
C ASN F 106 53.20 84.44 -61.60
N SER F 107 53.03 84.14 -62.88
CA SER F 107 53.77 83.09 -63.58
C SER F 107 55.10 82.70 -62.95
N ARG F 108 55.35 81.39 -62.82
CA ARG F 108 56.57 80.81 -62.22
C ARG F 108 57.50 81.82 -61.54
N GLY F 109 58.08 82.73 -62.33
CA GLY F 109 58.96 83.75 -61.80
C GLY F 109 58.27 85.12 -61.74
N GLU F 110 57.79 85.57 -62.90
CA GLU F 110 57.09 86.85 -63.02
C GLU F 110 56.78 87.20 -64.48
N LYS F 111 55.80 88.08 -64.67
CA LYS F 111 55.36 88.56 -65.98
C LYS F 111 54.25 89.59 -65.74
N VAL F 112 53.02 89.09 -65.62
CA VAL F 112 51.79 89.87 -65.36
C VAL F 112 50.90 90.27 -66.55
N PRO F 113 51.38 90.12 -67.80
CA PRO F 113 50.53 90.51 -68.93
C PRO F 113 49.28 89.63 -69.10
N PHE F 114 48.23 89.99 -68.38
CA PHE F 114 46.96 89.26 -68.41
C PHE F 114 46.48 88.90 -69.82
N ALA F 115 46.31 89.92 -70.66
CA ALA F 115 45.83 89.72 -72.01
C ALA F 115 46.57 88.62 -72.77
N SER F 116 47.73 88.22 -72.26
CA SER F 116 48.50 87.17 -72.92
C SER F 116 48.44 85.83 -72.17
N ARG F 117 47.32 85.54 -71.51
CA ARG F 117 47.19 84.29 -70.77
C ARG F 117 46.00 83.42 -71.18
N PHE F 118 46.11 82.14 -70.85
CA PHE F 118 45.09 81.13 -71.15
C PHE F 118 44.67 80.35 -69.90
N VAL F 119 45.55 80.28 -68.93
CA VAL F 119 45.26 79.57 -67.69
C VAL F 119 45.13 80.52 -66.51
N PHE F 120 44.04 80.38 -65.76
CA PHE F 120 43.86 81.21 -64.57
C PHE F 120 42.99 80.57 -63.50
N GLU F 121 43.40 80.82 -62.26
CA GLU F 121 42.75 80.30 -61.08
C GLU F 121 42.03 81.42 -60.33
N LYS F 122 40.71 81.33 -60.25
CA LYS F 122 39.93 82.33 -59.53
C LYS F 122 40.23 82.09 -58.05
N LYS F 123 41.45 82.47 -57.67
CA LYS F 123 42.01 82.30 -56.35
C LYS F 123 41.19 82.33 -55.05
N ARG F 124 40.03 82.98 -55.01
CA ARG F 124 39.51 83.24 -53.65
C ARG F 124 38.72 82.37 -52.63
N GLU F 125 37.74 81.54 -53.06
CA GLU F 125 36.98 80.70 -52.12
C GLU F 125 37.05 79.30 -52.74
N THR F 126 36.08 79.02 -53.63
CA THR F 126 36.04 77.78 -54.36
C THR F 126 36.93 77.88 -55.61
N PRO F 127 38.18 77.37 -55.52
CA PRO F 127 39.13 77.41 -56.64
C PRO F 127 38.51 77.09 -57.99
N LYS F 128 38.52 78.10 -58.86
CA LYS F 128 37.99 77.99 -60.20
C LYS F 128 39.12 78.01 -61.22
N LEU F 129 39.38 76.87 -61.83
CA LEU F 129 40.43 76.80 -62.83
C LEU F 129 39.81 76.95 -64.19
N ILE F 130 40.19 77.99 -64.92
CA ILE F 130 39.65 78.21 -66.26
C ILE F 130 40.77 78.24 -67.29
N ILE F 131 40.59 77.46 -68.36
CA ILE F 131 41.59 77.34 -69.42
C ILE F 131 40.96 77.18 -70.80
N ASN F 132 41.77 77.40 -71.83
CA ASN F 132 41.31 77.29 -73.21
C ASN F 132 42.46 76.97 -74.16
N ILE F 133 42.12 76.76 -75.43
CA ILE F 133 43.10 76.45 -76.47
C ILE F 133 42.62 76.95 -77.84
N LYS F 134 43.56 77.22 -78.74
CA LYS F 134 43.21 77.71 -80.06
C LYS F 134 43.55 76.73 -81.18
N ASP F 135 44.82 76.74 -81.59
CA ASP F 135 45.27 75.87 -82.65
C ASP F 135 46.40 74.81 -82.35
N TYR F 136 45.97 73.62 -81.91
CA TYR F 136 46.81 72.35 -81.87
C TYR F 136 48.09 71.87 -81.28
N ALA F 137 48.90 72.71 -80.67
CA ALA F 137 50.14 72.18 -80.16
C ALA F 137 50.10 72.48 -78.67
N ILE F 138 51.07 71.94 -77.92
CA ILE F 138 51.20 72.15 -76.48
C ILE F 138 52.51 71.50 -76.06
N ASN F 139 52.91 70.47 -76.81
CA ASN F 139 54.13 69.72 -76.56
C ASN F 139 55.39 70.51 -76.90
N SER F 140 56.08 70.11 -77.98
CA SER F 140 57.34 70.73 -78.45
C SER F 140 58.07 71.44 -77.30
N GLU F 141 57.60 72.64 -76.97
CA GLU F 141 58.17 73.40 -75.86
C GLU F 141 57.08 73.48 -74.79
N GLN F 142 57.01 72.43 -73.98
CA GLN F 142 56.04 72.31 -72.92
C GLN F 142 56.17 73.43 -71.91
N SER F 143 57.04 74.40 -72.22
CA SER F 143 57.25 75.55 -71.35
C SER F 143 55.93 76.31 -71.24
N LYS F 144 54.89 75.76 -71.86
CA LYS F 144 53.55 76.35 -71.85
C LYS F 144 52.59 75.53 -70.97
N GLU F 145 52.64 74.21 -71.11
CA GLU F 145 51.77 73.34 -70.33
C GLU F 145 52.22 73.28 -68.88
N VAL F 146 53.38 73.87 -68.57
CA VAL F 146 53.90 73.84 -67.19
C VAL F 146 53.24 74.86 -66.29
N TYR F 147 52.45 75.76 -66.87
CA TYR F 147 51.73 76.76 -66.06
C TYR F 147 50.35 76.25 -65.74
N TYR F 148 49.80 75.43 -66.63
CA TYR F 148 48.51 74.87 -66.37
C TYR F 148 48.71 73.89 -65.22
N GLU F 149 49.96 73.75 -64.80
CA GLU F 149 50.33 72.86 -63.71
C GLU F 149 50.44 73.66 -62.43
N ILE F 150 51.32 74.65 -62.43
CA ILE F 150 51.45 75.49 -61.25
C ILE F 150 50.14 76.25 -61.16
N GLY F 151 49.77 76.93 -62.25
CA GLY F 151 48.53 77.68 -62.29
C GLY F 151 47.46 76.86 -61.59
N LYS F 152 47.62 75.56 -61.63
CA LYS F 152 46.72 74.65 -60.97
C LYS F 152 47.26 74.59 -59.57
N GLY F 153 48.47 74.08 -59.43
CA GLY F 153 49.11 73.99 -58.13
C GLY F 153 48.67 75.04 -57.13
N ILE F 154 48.58 76.30 -57.56
CA ILE F 154 48.16 77.37 -56.66
C ILE F 154 46.73 77.14 -56.19
N SER F 155 46.21 75.95 -56.47
CA SER F 155 44.88 75.59 -56.04
C SER F 155 45.11 74.87 -54.72
N LEU F 156 45.56 73.63 -54.83
CA LEU F 156 45.82 72.82 -53.66
C LEU F 156 46.90 73.40 -52.78
N ASP F 157 47.98 73.90 -53.39
CA ASP F 157 49.12 74.45 -52.65
C ASP F 157 48.78 75.07 -51.27
N ILE F 158 48.36 76.33 -51.27
CA ILE F 158 48.02 77.06 -50.04
C ILE F 158 47.17 76.28 -49.04
N ILE F 159 46.49 75.23 -49.50
CA ILE F 159 45.64 74.43 -48.64
C ILE F 159 46.17 73.00 -48.63
N SER F 160 47.34 72.82 -49.23
CA SER F 160 47.93 71.50 -49.28
C SER F 160 48.65 71.25 -47.98
N LYS F 161 49.45 70.20 -47.96
CA LYS F 161 50.23 69.84 -46.77
C LYS F 161 51.10 71.02 -46.34
N ASP F 162 51.15 72.05 -47.18
CA ASP F 162 51.97 73.19 -46.84
C ASP F 162 51.27 74.24 -45.98
N LYS F 163 50.03 74.03 -45.58
CA LYS F 163 49.38 75.04 -44.71
C LYS F 163 48.05 74.70 -44.02
N SER F 164 47.13 74.00 -44.70
CA SER F 164 45.83 73.67 -44.06
C SER F 164 46.06 73.05 -42.63
N LEU F 165 46.57 71.82 -42.57
CA LEU F 165 46.98 71.19 -41.26
C LEU F 165 48.12 72.12 -41.10
N ASP F 166 49.21 72.02 -40.33
CA ASP F 166 49.75 73.37 -40.67
C ASP F 166 51.06 73.12 -41.45
N PRO F 167 51.96 74.17 -41.53
CA PRO F 167 53.17 73.82 -42.30
C PRO F 167 53.88 72.60 -41.61
N GLU F 168 53.05 71.57 -41.35
CA GLU F 168 53.51 70.34 -40.72
C GLU F 168 54.97 70.05 -40.94
N PHE F 169 55.64 69.69 -39.85
CA PHE F 169 57.06 69.36 -39.85
C PHE F 169 57.49 68.58 -41.11
N LEU F 170 56.55 67.87 -41.73
CA LEU F 170 56.88 67.11 -42.93
C LEU F 170 57.41 68.07 -43.98
N ASN F 171 56.78 69.24 -44.08
CA ASN F 171 57.19 70.25 -45.04
C ASN F 171 58.07 71.30 -44.35
N LEU F 172 57.90 71.43 -43.05
CA LEU F 172 58.68 72.39 -42.26
C LEU F 172 60.14 71.96 -42.31
N ILE F 173 60.35 70.65 -42.50
CA ILE F 173 61.68 70.02 -42.59
C ILE F 173 62.07 69.81 -44.05
N LYS F 174 61.10 69.91 -44.95
CA LYS F 174 61.32 69.74 -46.39
C LYS F 174 61.77 71.07 -46.96
N SER F 175 61.48 72.14 -46.23
CA SER F 175 61.86 73.48 -46.64
C SER F 175 63.28 73.75 -46.14
N LEU F 176 63.76 72.87 -45.26
CA LEU F 176 65.10 72.97 -44.70
C LEU F 176 66.11 72.32 -45.63
N SER F 177 65.62 71.63 -46.65
CA SER F 177 66.49 71.02 -47.64
C SER F 177 67.02 72.19 -48.47
N ASP F 178 67.16 73.31 -47.77
CA ASP F 178 67.66 74.55 -48.33
C ASP F 178 69.16 74.37 -48.42
N ASP F 179 69.77 73.99 -47.30
CA ASP F 179 71.20 73.79 -47.26
C ASP F 179 71.68 73.16 -45.95
N SER F 180 71.01 72.10 -45.50
CA SER F 180 71.40 71.43 -44.25
C SER F 180 71.42 69.89 -44.30
N ASP F 181 70.39 69.28 -44.90
CA ASP F 181 70.30 67.82 -44.99
C ASP F 181 71.43 67.17 -45.82
N SER F 182 71.25 67.16 -47.14
CA SER F 182 72.22 66.56 -48.06
C SER F 182 73.11 67.60 -48.77
N SER F 183 74.20 67.12 -49.37
CA SER F 183 75.15 68.00 -50.08
C SER F 183 74.55 68.68 -51.30
N ASP F 184 73.22 68.65 -51.38
CA ASP F 184 72.50 69.28 -52.48
C ASP F 184 71.86 70.60 -52.08
N LEU F 185 72.70 71.63 -51.98
CA LEU F 185 72.29 72.99 -51.63
C LEU F 185 71.88 73.64 -52.96
N LEU F 186 71.05 72.91 -53.70
CA LEU F 186 70.56 73.35 -54.99
C LEU F 186 69.04 73.56 -55.01
N PHE F 187 68.65 74.79 -55.30
CA PHE F 187 67.26 75.20 -55.39
C PHE F 187 67.15 76.50 -56.20
N SER F 188 68.01 76.59 -57.21
CA SER F 188 68.06 77.75 -58.11
C SER F 188 66.93 77.61 -59.14
N GLN F 189 65.77 77.14 -58.66
CA GLN F 189 64.59 76.94 -59.49
C GLN F 189 63.28 77.25 -58.73
N LYS F 190 63.41 77.72 -57.50
CA LYS F 190 62.25 78.07 -56.68
C LYS F 190 62.60 79.07 -55.60
N PHE F 191 63.90 79.17 -55.30
CA PHE F 191 64.37 80.09 -54.28
C PHE F 191 65.49 81.02 -54.78
N LYS F 192 65.12 81.97 -55.65
CA LYS F 192 66.08 82.91 -56.22
C LYS F 192 66.10 84.24 -55.49
N GLU F 193 64.93 84.87 -55.43
CA GLU F 193 64.82 86.18 -54.78
C GLU F 193 64.37 86.10 -53.33
N LYS F 194 63.26 85.40 -53.11
CA LYS F 194 62.69 85.25 -51.78
C LYS F 194 63.40 84.23 -50.90
N LEU F 195 64.49 83.64 -51.40
CA LEU F 195 65.27 82.67 -50.62
C LEU F 195 66.71 82.45 -51.09
N GLU F 196 67.37 83.55 -51.45
CA GLU F 196 68.78 83.49 -51.82
C GLU F 196 69.36 83.78 -50.44
N LEU F 197 68.45 83.68 -49.46
CA LEU F 197 68.72 83.89 -48.05
C LEU F 197 69.22 82.57 -47.47
N ASN F 198 70.43 82.18 -47.88
CA ASN F 198 71.05 80.94 -47.41
C ASN F 198 71.54 81.17 -45.97
N ASN F 199 71.92 82.41 -45.70
CA ASN F 199 72.42 82.82 -44.40
C ASN F 199 71.25 83.09 -43.45
N LYS F 200 70.36 82.11 -43.33
CA LYS F 200 69.19 82.20 -42.45
C LYS F 200 68.58 80.80 -42.30
N SER F 201 68.89 80.15 -41.18
CA SER F 201 68.39 78.81 -40.88
C SER F 201 66.87 78.85 -40.91
N ILE F 202 66.30 78.26 -41.96
CA ILE F 202 64.86 78.26 -42.18
C ILE F 202 64.04 77.19 -41.43
N ASP F 203 63.50 77.57 -40.28
CA ASP F 203 62.66 76.69 -39.49
C ASP F 203 61.42 77.50 -39.09
N ILE F 204 61.08 77.54 -37.81
CA ILE F 204 59.92 78.31 -37.35
C ILE F 204 60.40 79.73 -37.02
N ASN F 205 61.49 80.13 -37.66
CA ASN F 205 62.06 81.46 -37.42
C ASN F 205 61.81 82.50 -38.53
N PHE F 206 60.82 82.24 -39.39
CA PHE F 206 60.46 83.18 -40.46
C PHE F 206 59.61 82.58 -41.59
N ILE F 207 59.37 81.26 -41.56
CA ILE F 207 58.59 80.59 -42.61
C ILE F 207 57.13 81.06 -42.67
N LYS F 208 56.60 81.47 -41.53
CA LYS F 208 55.24 81.97 -41.44
C LYS F 208 55.12 83.17 -42.37
N GLU F 209 56.19 83.99 -42.39
CA GLU F 209 56.26 85.21 -43.21
C GLU F 209 55.79 85.01 -44.65
N ASN F 210 56.66 84.43 -45.49
CA ASN F 210 56.35 84.25 -46.90
C ASN F 210 55.75 82.90 -47.27
N LEU F 211 54.57 82.61 -46.73
CA LEU F 211 53.86 81.37 -47.00
C LEU F 211 53.70 81.21 -48.50
N THR F 212 53.32 82.30 -49.16
CA THR F 212 53.10 82.30 -50.60
C THR F 212 54.38 81.90 -51.35
N GLU F 213 55.53 82.26 -50.80
CA GLU F 213 56.80 81.93 -51.46
C GLU F 213 56.96 80.42 -51.51
N PHE F 214 56.69 79.77 -50.38
CA PHE F 214 56.82 78.32 -50.30
C PHE F 214 55.65 77.67 -51.04
N GLN F 215 54.87 78.50 -51.72
CA GLN F 215 53.74 78.01 -52.51
C GLN F 215 54.28 77.92 -53.93
N HIS F 216 54.90 79.01 -54.39
CA HIS F 216 55.50 79.05 -55.73
C HIS F 216 56.44 77.86 -55.76
N ALA F 217 56.70 77.34 -54.57
CA ALA F 217 57.57 76.20 -54.39
C ALA F 217 56.79 74.90 -54.48
N PHE F 218 55.60 74.86 -53.88
CA PHE F 218 54.81 73.65 -53.93
C PHE F 218 54.16 73.53 -55.31
N SER F 219 54.20 74.64 -56.05
CA SER F 219 53.62 74.69 -57.37
C SER F 219 54.60 74.28 -58.45
N LEU F 220 55.64 75.07 -58.63
CA LEU F 220 56.66 74.78 -59.63
C LEU F 220 57.35 73.44 -59.37
N ALA F 221 56.96 72.80 -58.28
CA ALA F 221 57.49 71.49 -57.90
C ALA F 221 56.46 70.50 -58.41
N PHE F 222 55.19 70.84 -58.20
CA PHE F 222 54.08 70.02 -58.65
C PHE F 222 54.18 69.96 -60.18
N SER F 223 54.40 71.14 -60.78
CA SER F 223 54.49 71.31 -62.23
C SER F 223 55.58 70.53 -62.91
N TYR F 224 56.67 70.30 -62.19
CA TYR F 224 57.77 69.56 -62.75
C TYR F 224 57.52 68.06 -62.67
N TYR F 225 57.21 67.56 -61.46
CA TYR F 225 56.96 66.14 -61.29
C TYR F 225 55.88 65.67 -62.24
N PHE F 226 54.83 66.48 -62.38
CA PHE F 226 53.72 66.13 -63.26
C PHE F 226 53.81 66.68 -64.67
N ALA F 227 54.79 67.58 -64.91
CA ALA F 227 54.97 68.13 -66.24
C ALA F 227 55.11 66.94 -67.17
N PRO F 228 54.65 67.10 -68.43
CA PRO F 228 54.71 66.05 -69.45
C PRO F 228 56.10 65.78 -70.04
N ASP F 229 57.07 66.60 -69.65
CA ASP F 229 58.44 66.46 -70.14
C ASP F 229 59.53 66.43 -69.05
N HIS F 230 59.67 67.52 -68.31
CA HIS F 230 60.69 67.60 -67.27
C HIS F 230 60.26 67.03 -65.92
N ARG F 231 60.36 65.71 -65.78
CA ARG F 231 59.97 65.04 -64.54
C ARG F 231 61.17 64.77 -63.62
N THR F 232 62.33 64.58 -64.25
CA THR F 232 63.57 64.31 -63.54
C THR F 232 64.34 65.57 -63.13
N VAL F 233 63.94 66.71 -63.70
CA VAL F 233 64.58 67.98 -63.37
C VAL F 233 64.19 68.30 -61.92
N LEU F 234 63.21 67.58 -61.41
CA LEU F 234 62.75 67.72 -60.02
C LEU F 234 63.33 66.52 -59.25
N GLU F 235 64.01 65.63 -59.96
CA GLU F 235 64.63 64.45 -59.37
C GLU F 235 66.15 64.62 -59.32
N LEU F 236 66.64 65.64 -60.03
CA LEU F 236 68.07 65.96 -60.10
C LEU F 236 68.33 67.29 -59.38
N TYR F 237 67.77 68.38 -59.90
CA TYR F 237 67.94 69.70 -59.31
C TYR F 237 67.22 69.83 -57.96
N ALA F 238 66.56 68.75 -57.55
CA ALA F 238 65.85 68.71 -56.28
C ALA F 238 66.28 67.42 -55.61
N PRO F 239 66.52 67.46 -54.29
CA PRO F 239 66.94 66.24 -53.59
C PRO F 239 65.78 65.43 -53.02
N ASP F 240 64.86 66.12 -52.35
CA ASP F 240 63.71 65.48 -51.71
C ASP F 240 62.38 65.83 -52.38
N MET F 241 62.13 67.12 -52.63
CA MET F 241 60.86 67.52 -53.22
C MET F 241 60.33 66.55 -54.28
N PHE F 242 61.23 65.77 -54.88
CA PHE F 242 60.80 64.76 -55.85
C PHE F 242 60.16 63.68 -54.99
N GLU F 243 60.95 63.16 -54.07
CA GLU F 243 60.52 62.13 -53.14
C GLU F 243 59.27 62.58 -52.40
N TYR F 244 59.04 63.90 -52.40
CA TYR F 244 57.88 64.48 -51.74
C TYR F 244 56.70 64.33 -52.64
N MET F 245 56.73 65.04 -53.76
CA MET F 245 55.64 64.98 -54.73
C MET F 245 55.34 63.52 -55.00
N ASN F 246 56.38 62.68 -54.83
CA ASN F 246 56.26 61.25 -55.05
C ASN F 246 55.41 60.66 -53.94
N LYS F 247 55.84 60.84 -52.70
CA LYS F 247 55.06 60.32 -51.59
C LYS F 247 53.65 60.88 -51.82
N LEU F 248 53.60 62.08 -52.38
CA LEU F 248 52.32 62.74 -52.69
C LEU F 248 51.50 61.81 -53.56
N GLU F 249 52.03 61.47 -54.73
CA GLU F 249 51.29 60.56 -55.58
C GLU F 249 51.21 59.21 -54.89
N LYS F 250 52.22 58.89 -54.07
CA LYS F 250 52.25 57.61 -53.35
C LYS F 250 50.94 57.47 -52.59
N GLY F 251 50.54 58.57 -51.95
CA GLY F 251 49.31 58.61 -51.18
C GLY F 251 48.93 59.99 -50.64
N GLY F 252 49.91 60.89 -50.55
CA GLY F 252 49.68 62.24 -50.05
C GLY F 252 48.37 62.89 -50.48
N PHE F 253 48.05 62.73 -51.76
CA PHE F 253 46.84 63.29 -52.34
C PHE F 253 45.56 62.57 -51.90
N GLU F 254 45.67 61.29 -51.55
CA GLU F 254 44.52 60.53 -51.11
C GLU F 254 44.28 60.87 -49.65
N LYS F 255 45.30 61.45 -49.03
CA LYS F 255 45.25 61.85 -47.61
C LYS F 255 44.25 62.96 -47.41
N ILE F 256 44.63 64.14 -47.88
CA ILE F 256 43.80 65.34 -47.78
C ILE F 256 42.52 65.12 -48.58
N SER F 257 42.50 64.04 -49.37
CA SER F 257 41.33 63.72 -50.15
C SER F 257 40.37 62.98 -49.24
N GLU F 258 40.79 62.80 -47.99
CA GLU F 258 39.99 62.11 -46.98
C GLU F 258 39.78 62.93 -45.72
N SER F 259 40.66 63.89 -45.47
CA SER F 259 40.49 64.75 -44.30
C SER F 259 39.60 65.91 -44.75
N LEU F 260 39.48 66.07 -46.07
CA LEU F 260 38.64 67.10 -46.64
C LEU F 260 37.29 66.45 -46.90
N LYS F 261 37.34 65.15 -47.21
CA LYS F 261 36.13 64.36 -47.45
C LYS F 261 35.40 64.16 -46.13
N LYS F 262 36.14 63.77 -45.10
CA LYS F 262 35.56 63.57 -43.78
C LYS F 262 35.03 64.91 -43.30
N GLU F 263 35.89 65.93 -43.31
CA GLU F 263 35.45 67.25 -42.89
C GLU F 263 34.30 67.64 -43.82
N GLY F 264 34.23 66.97 -44.96
CA GLY F 264 33.17 67.25 -45.91
C GLY F 264 31.83 67.12 -45.22
N VAL F 265 31.63 66.01 -44.50
CA VAL F 265 30.36 65.79 -43.80
C VAL F 265 30.34 66.56 -42.49
N GLU F 266 31.21 66.18 -41.56
CA GLU F 266 31.29 66.82 -40.26
C GLU F 266 31.18 68.35 -40.30
N LYS F 267 31.62 68.96 -41.39
CA LYS F 267 31.55 70.41 -41.52
C LYS F 267 30.10 70.85 -41.56
N ASP F 268 29.55 70.94 -42.77
CA ASP F 268 28.16 71.33 -42.96
C ASP F 268 27.32 70.10 -42.56
N ARG F 269 26.89 70.10 -41.31
CA ARG F 269 26.05 69.05 -40.74
C ARG F 269 24.92 69.76 -40.01
N ILE F 270 24.41 69.14 -38.95
CA ILE F 270 23.33 69.73 -38.18
C ILE F 270 23.74 69.90 -36.72
N ASP F 271 23.93 71.16 -36.32
CA ASP F 271 24.34 71.50 -34.96
C ASP F 271 23.65 70.55 -33.99
N VAL F 272 24.37 70.05 -32.98
CA VAL F 272 23.76 69.11 -32.04
C VAL F 272 24.36 69.05 -30.64
N LEU F 273 25.49 69.71 -30.42
CA LEU F 273 26.16 69.66 -29.12
C LEU F 273 26.11 68.25 -28.50
N LYS F 274 26.88 67.33 -29.05
CA LYS F 274 26.94 65.95 -28.56
C LYS F 274 27.72 65.86 -27.23
N GLY F 275 28.20 64.67 -26.88
CA GLY F 275 28.95 64.50 -25.63
C GLY F 275 28.22 64.95 -24.37
N GLU F 276 28.89 64.95 -23.22
CA GLU F 276 28.23 65.39 -21.99
C GLU F 276 27.85 66.86 -22.02
N LYS F 277 27.99 67.52 -23.17
CA LYS F 277 27.64 68.92 -23.27
C LYS F 277 26.12 69.07 -23.26
N ALA F 278 25.44 68.09 -23.84
CA ALA F 278 23.98 68.07 -23.92
C ALA F 278 23.41 67.25 -22.77
N LEU F 279 24.03 66.11 -22.50
CA LEU F 279 23.62 65.24 -21.42
C LEU F 279 23.43 66.08 -20.17
N LYS F 280 23.81 67.36 -20.25
CA LYS F 280 23.69 68.30 -19.15
C LYS F 280 22.33 68.99 -19.11
N ALA F 281 21.74 69.24 -20.27
CA ALA F 281 20.43 69.87 -20.33
C ALA F 281 19.42 68.79 -20.66
N SER F 282 19.89 67.57 -20.74
CA SER F 282 19.04 66.43 -21.02
C SER F 282 18.28 66.08 -19.75
N GLY F 283 18.77 66.55 -18.62
CA GLY F 283 18.11 66.27 -17.37
C GLY F 283 18.25 64.83 -16.95
N LEU F 284 18.35 63.94 -17.93
CA LEU F 284 18.50 62.54 -17.61
C LEU F 284 19.60 62.40 -16.55
N VAL F 285 19.71 61.23 -15.96
CA VAL F 285 20.74 61.01 -14.96
C VAL F 285 21.90 60.32 -15.64
N PRO F 286 23.08 60.98 -15.65
CA PRO F 286 24.32 60.49 -16.25
C PRO F 286 24.56 58.99 -16.07
N GLU F 287 24.58 58.52 -14.82
CA GLU F 287 24.80 57.09 -14.60
C GLU F 287 23.78 56.25 -15.37
N HIS F 288 22.61 56.85 -15.61
CA HIS F 288 21.50 56.22 -16.33
C HIS F 288 21.69 56.32 -17.83
N ALA F 289 21.75 57.55 -18.34
CA ALA F 289 21.93 57.72 -19.77
C ALA F 289 23.07 56.82 -20.17
N ASP F 290 24.18 56.95 -19.45
CA ASP F 290 25.35 56.13 -19.73
C ASP F 290 24.93 54.67 -19.69
N ALA F 291 23.94 54.37 -18.86
CA ALA F 291 23.44 52.99 -18.71
C ALA F 291 22.64 52.60 -19.95
N PHE F 292 21.86 53.57 -20.43
CA PHE F 292 21.03 53.42 -21.63
C PHE F 292 21.91 53.24 -22.86
N LYS F 293 23.08 53.87 -22.81
CA LYS F 293 24.07 53.82 -23.87
C LYS F 293 24.40 52.40 -24.30
N LYS F 294 24.13 51.44 -23.42
CA LYS F 294 24.42 50.05 -23.70
C LYS F 294 23.34 49.31 -24.49
N ILE F 295 22.08 49.68 -24.27
CA ILE F 295 20.98 49.00 -24.96
C ILE F 295 20.88 49.41 -26.42
N ALA F 296 20.90 50.71 -26.69
CA ALA F 296 20.83 51.19 -28.07
C ALA F 296 21.72 50.27 -28.88
N ARG F 297 23.01 50.29 -28.57
CA ARG F 297 24.00 49.46 -29.24
C ARG F 297 23.58 48.01 -29.37
N GLU F 298 23.10 47.42 -28.27
CA GLU F 298 22.70 46.01 -28.29
C GLU F 298 21.58 45.65 -29.26
N LEU F 299 20.49 46.40 -29.19
CA LEU F 299 19.31 46.20 -30.03
C LEU F 299 19.36 47.06 -31.31
N ASN F 300 20.25 48.04 -31.29
CA ASN F 300 20.43 48.94 -32.43
C ASN F 300 19.20 49.73 -32.72
N THR F 301 18.92 50.72 -31.88
CA THR F 301 17.74 51.55 -32.08
C THR F 301 17.88 52.87 -31.37
N TYR F 302 17.60 53.96 -32.09
CA TYR F 302 17.69 55.27 -31.48
C TYR F 302 16.77 55.28 -30.28
N ILE F 303 16.94 56.26 -29.42
CA ILE F 303 16.14 56.39 -28.22
C ILE F 303 16.03 57.89 -28.01
N LEU F 304 14.85 58.45 -28.07
CA LEU F 304 14.79 59.88 -27.89
C LEU F 304 13.91 60.17 -26.68
N PHE F 305 14.32 61.14 -25.87
CA PHE F 305 13.57 61.50 -24.66
C PHE F 305 13.23 62.96 -24.65
N ARG F 306 12.17 63.33 -23.98
CA ARG F 306 11.83 64.74 -23.88
C ARG F 306 12.74 65.34 -22.82
N PRO F 307 12.39 66.52 -22.26
CA PRO F 307 13.35 66.99 -21.27
C PRO F 307 12.94 66.66 -19.83
N VAL F 308 13.87 66.02 -19.12
CA VAL F 308 13.70 65.62 -17.73
C VAL F 308 14.09 66.82 -16.87
N ASN F 309 13.10 67.48 -16.26
CA ASN F 309 13.39 68.64 -15.44
C ASN F 309 14.60 68.47 -14.52
N LYS F 310 15.50 69.47 -14.54
CA LYS F 310 16.71 69.43 -13.72
C LYS F 310 16.38 69.22 -12.24
N LEU F 311 15.43 70.00 -11.73
CA LEU F 311 15.05 69.88 -10.33
C LEU F 311 14.44 68.51 -10.06
N ALA F 312 14.87 67.50 -10.82
CA ALA F 312 14.38 66.15 -10.62
C ALA F 312 15.49 65.20 -11.01
N THR F 313 16.48 65.71 -11.71
CA THR F 313 17.62 64.92 -12.17
C THR F 313 18.19 64.10 -11.04
N ASN F 314 18.56 64.80 -9.99
CA ASN F 314 19.15 64.20 -8.81
C ASN F 314 18.17 63.46 -7.91
N LEU F 315 16.89 63.87 -7.87
CA LEU F 315 15.86 63.19 -7.08
C LEU F 315 15.76 61.79 -7.63
N ILE F 316 15.97 61.70 -8.93
CA ILE F 316 15.94 60.43 -9.62
C ILE F 316 17.15 59.62 -9.18
N LYS F 317 18.34 60.20 -9.26
CA LYS F 317 19.56 59.49 -8.85
C LYS F 317 19.42 59.09 -7.38
N SER F 318 18.77 59.97 -6.62
CA SER F 318 18.54 59.75 -5.19
C SER F 318 17.88 58.38 -4.97
N GLY F 319 16.68 58.23 -5.50
CA GLY F 319 15.99 56.96 -5.33
C GLY F 319 14.50 57.18 -5.37
N VAL F 320 14.11 58.40 -5.76
CA VAL F 320 12.71 58.78 -5.85
C VAL F 320 12.02 58.18 -7.04
N ALA F 321 11.03 57.36 -6.79
CA ALA F 321 10.32 56.75 -7.88
C ALA F 321 9.69 57.85 -8.75
N THR F 322 9.39 57.48 -10.00
CA THR F 322 8.84 58.36 -11.04
C THR F 322 7.32 58.42 -11.18
N LYS F 323 6.84 59.53 -11.75
CA LYS F 323 5.41 59.77 -11.96
C LYS F 323 4.82 59.05 -13.16
N GLY F 324 4.18 57.93 -12.89
CA GLY F 324 3.58 57.16 -13.96
C GLY F 324 2.43 57.89 -14.62
N LEU F 325 1.39 57.12 -14.94
CA LEU F 325 0.20 57.63 -15.60
C LEU F 325 -0.85 57.98 -14.60
N ASN F 326 -0.94 57.16 -13.57
CA ASN F 326 -1.93 57.37 -12.54
C ASN F 326 -1.97 58.80 -11.97
N VAL F 327 -0.86 59.54 -11.98
CA VAL F 327 -0.89 60.91 -11.43
C VAL F 327 -0.83 62.03 -12.44
N HIS F 328 -1.83 62.93 -12.35
CA HIS F 328 -1.95 64.11 -13.21
C HIS F 328 -1.68 65.36 -12.34
N GLY F 329 -0.65 65.26 -11.52
CA GLY F 329 -0.29 66.37 -10.66
C GLY F 329 0.74 67.25 -11.33
N LYS F 330 0.82 68.48 -10.85
CA LYS F 330 1.75 69.44 -11.41
C LYS F 330 3.03 69.51 -10.62
N SER F 331 4.16 69.45 -11.31
CA SER F 331 5.45 69.54 -10.64
C SER F 331 5.54 70.90 -9.97
N SER F 332 6.71 71.26 -9.49
CA SER F 332 6.87 72.56 -8.87
C SER F 332 8.31 72.96 -9.06
N ASP F 333 8.59 74.26 -8.98
CA ASP F 333 9.94 74.77 -9.17
C ASP F 333 10.39 75.88 -8.22
N TRP F 334 10.22 75.63 -6.92
CA TRP F 334 10.61 76.57 -5.86
C TRP F 334 10.24 76.02 -4.47
N GLY F 335 11.15 76.19 -3.51
CA GLY F 335 10.90 75.70 -2.16
C GLY F 335 11.37 74.27 -2.00
N PRO F 336 11.23 73.69 -0.79
CA PRO F 336 11.67 72.31 -0.55
C PRO F 336 10.97 71.37 -1.53
N VAL F 337 9.66 71.56 -1.64
CA VAL F 337 8.82 70.77 -2.51
C VAL F 337 9.38 70.58 -3.93
N ALA F 338 10.09 71.58 -4.44
CA ALA F 338 10.65 71.55 -5.80
C ALA F 338 10.96 70.15 -6.31
N GLY F 339 10.50 69.85 -7.52
CA GLY F 339 10.75 68.54 -8.09
C GLY F 339 9.84 67.45 -7.58
N TYR F 340 9.01 67.78 -6.62
CA TYR F 340 8.05 66.83 -6.05
C TYR F 340 6.67 67.28 -6.49
N ILE F 341 5.68 66.38 -6.44
CA ILE F 341 4.33 66.73 -6.86
C ILE F 341 3.50 66.99 -5.63
N PRO F 342 3.68 68.15 -5.00
CA PRO F 342 2.94 68.51 -3.79
C PRO F 342 1.50 68.07 -3.84
N PHE F 343 0.96 67.56 -2.74
CA PHE F 343 -0.43 67.18 -2.76
C PHE F 343 -1.13 68.52 -2.77
N ASP F 344 -0.39 69.56 -2.36
CA ASP F 344 -0.94 70.90 -2.36
C ASP F 344 -0.54 71.45 -3.73
N GLN F 345 -1.54 71.85 -4.53
CA GLN F 345 -1.26 72.37 -5.86
C GLN F 345 -0.81 73.82 -5.89
N ASP F 346 -1.19 74.58 -4.87
CA ASP F 346 -0.76 75.98 -4.81
C ASP F 346 0.68 76.00 -4.27
N LEU F 347 1.39 74.90 -4.51
CA LEU F 347 2.77 74.71 -4.08
C LEU F 347 3.56 74.12 -5.25
N SER F 348 2.98 74.24 -6.44
CA SER F 348 3.55 73.77 -7.68
C SER F 348 3.43 74.94 -8.64
N LYS F 349 4.26 74.95 -9.69
CA LYS F 349 4.29 76.05 -10.67
C LYS F 349 3.06 76.94 -10.58
N LYS F 350 1.90 76.39 -10.91
CA LYS F 350 0.64 77.12 -10.89
C LYS F 350 0.31 77.75 -9.51
N HIS F 351 1.12 78.72 -9.10
CA HIS F 351 0.90 79.40 -7.83
C HIS F 351 0.04 80.64 -8.11
N GLY F 352 -1.26 80.51 -7.85
CA GLY F 352 -2.17 81.63 -8.09
C GLY F 352 -3.40 81.26 -8.88
N GLN F 353 -3.21 80.48 -9.94
CA GLN F 353 -4.32 80.05 -10.79
C GLN F 353 -5.42 79.41 -9.98
N GLN F 354 -6.25 80.24 -9.37
CA GLN F 354 -7.36 79.82 -8.51
C GLN F 354 -8.21 78.70 -9.11
N LEU F 355 -7.94 78.32 -10.35
CA LEU F 355 -8.71 77.26 -10.97
C LEU F 355 -7.89 76.02 -11.30
N ALA F 356 -6.80 76.17 -12.03
CA ALA F 356 -5.96 75.02 -12.36
C ALA F 356 -5.37 74.43 -11.07
N VAL F 357 -5.24 75.30 -10.07
CA VAL F 357 -4.72 74.94 -8.77
C VAL F 357 -5.91 74.34 -8.02
N GLU F 358 -7.09 74.88 -8.29
CA GLU F 358 -8.30 74.38 -7.66
C GLU F 358 -8.51 72.99 -8.27
N LYS F 359 -8.95 72.98 -9.53
CA LYS F 359 -9.19 71.73 -10.23
C LYS F 359 -7.90 70.92 -10.33
N GLY F 360 -6.83 71.47 -9.73
CA GLY F 360 -5.54 70.80 -9.71
C GLY F 360 -5.48 69.80 -8.58
N ASN F 361 -5.82 70.25 -7.38
CA ASN F 361 -5.82 69.36 -6.22
C ASN F 361 -6.80 68.26 -6.59
N LEU F 362 -8.00 68.67 -6.99
CA LEU F 362 -9.09 67.78 -7.37
C LEU F 362 -8.60 66.55 -8.15
N GLU F 363 -7.48 66.72 -8.85
CA GLU F 363 -6.90 65.64 -9.65
C GLU F 363 -6.13 64.62 -8.81
N ASN F 364 -5.40 65.09 -7.80
CA ASN F 364 -4.65 64.18 -6.94
C ASN F 364 -5.65 63.39 -6.13
N LYS F 365 -6.56 64.10 -5.47
CA LYS F 365 -7.58 63.45 -4.66
C LYS F 365 -8.12 62.20 -5.33
N LYS F 366 -8.49 62.31 -6.61
CA LYS F 366 -8.97 61.16 -7.37
C LYS F 366 -7.79 60.24 -7.72
N SER F 367 -6.65 60.84 -8.05
CA SER F 367 -5.46 60.08 -8.37
C SER F 367 -5.31 59.03 -7.28
N ILE F 368 -5.82 59.37 -6.10
CA ILE F 368 -5.77 58.49 -4.94
C ILE F 368 -7.06 57.71 -4.75
N THR F 369 -8.18 58.42 -4.72
CA THR F 369 -9.46 57.75 -4.53
C THR F 369 -9.66 56.64 -5.55
N GLU F 370 -9.13 56.84 -6.76
CA GLU F 370 -9.26 55.83 -7.82
C GLU F 370 -8.22 54.72 -7.64
N HIS F 371 -6.94 55.11 -7.63
CA HIS F 371 -5.84 54.17 -7.46
C HIS F 371 -5.24 54.24 -6.06
N GLU F 372 -5.92 53.70 -5.08
CA GLU F 372 -5.40 53.70 -3.72
C GLU F 372 -4.58 52.43 -3.48
N GLY F 373 -3.69 52.47 -2.49
CA GLY F 373 -2.87 51.31 -2.24
C GLY F 373 -1.63 51.40 -3.12
N GLU F 374 -1.73 52.19 -4.18
CA GLU F 374 -0.63 52.40 -5.11
C GLU F 374 -0.28 53.90 -5.17
N ILE F 375 -1.30 54.76 -5.15
CA ILE F 375 -1.10 56.20 -5.18
C ILE F 375 -1.59 56.87 -3.90
N GLY F 376 -0.73 57.71 -3.31
CA GLY F 376 -1.10 58.39 -2.09
C GLY F 376 -0.14 59.51 -1.75
N LYS F 377 -0.18 59.98 -0.51
CA LYS F 377 0.67 61.08 -0.05
C LYS F 377 1.50 60.78 1.20
N ILE F 378 2.80 61.09 1.12
CA ILE F 378 3.71 60.88 2.22
C ILE F 378 4.47 62.20 2.45
N PRO F 379 4.76 62.53 3.71
CA PRO F 379 5.47 63.77 4.07
C PRO F 379 6.87 63.98 3.54
N LEU F 380 7.07 65.20 3.08
CA LEU F 380 8.31 65.66 2.49
C LEU F 380 9.54 65.52 3.37
N LYS F 381 10.50 64.72 2.93
CA LYS F 381 11.72 64.52 3.70
C LYS F 381 12.95 64.78 2.83
N LEU F 382 13.45 66.02 2.85
CA LEU F 382 14.64 66.37 2.06
C LEU F 382 15.91 65.85 2.71
N ASP F 383 16.52 64.81 2.14
CA ASP F 383 17.73 64.28 2.74
C ASP F 383 18.89 65.29 2.74
N HIS F 384 20.11 64.77 2.90
CA HIS F 384 21.32 65.60 2.96
C HIS F 384 21.65 66.41 1.70
N LEU F 385 22.11 65.71 0.67
CA LEU F 385 22.46 66.37 -0.59
C LEU F 385 21.41 67.35 -1.01
N ARG F 386 20.24 66.81 -1.36
CA ARG F 386 19.11 67.61 -1.81
C ARG F 386 19.15 69.07 -1.34
N ILE F 387 19.58 69.29 -0.10
CA ILE F 387 19.67 70.65 0.44
C ILE F 387 20.84 71.38 -0.21
N GLU F 388 22.07 70.93 0.03
CA GLU F 388 23.22 71.62 -0.55
C GLU F 388 22.99 71.90 -2.04
N GLU F 389 22.03 71.21 -2.63
CA GLU F 389 21.71 71.39 -4.04
C GLU F 389 20.70 72.50 -4.28
N LEU F 390 19.61 72.52 -3.52
CA LEU F 390 18.60 73.55 -3.67
C LEU F 390 19.20 74.82 -3.09
N LYS F 391 20.50 74.74 -2.82
CA LYS F 391 21.28 75.84 -2.24
C LYS F 391 21.93 76.68 -3.32
N GLU F 392 22.96 76.14 -3.97
CA GLU F 392 23.67 76.88 -5.02
C GLU F 392 22.87 76.94 -6.32
N ASN F 393 21.67 76.37 -6.29
CA ASN F 393 20.79 76.40 -7.45
C ASN F 393 19.93 77.65 -7.25
N GLY F 394 19.76 78.03 -5.99
CA GLY F 394 19.01 79.23 -5.64
C GLY F 394 17.57 79.08 -5.19
N ILE F 395 17.11 77.85 -4.99
CA ILE F 395 15.73 77.64 -4.58
C ILE F 395 15.47 77.85 -3.08
N ILE F 396 16.49 77.64 -2.25
CA ILE F 396 16.38 77.81 -0.79
C ILE F 396 17.61 78.41 -0.10
N LEU F 397 17.33 79.10 1.01
CA LEU F 397 18.35 79.75 1.84
C LEU F 397 18.23 79.20 3.27
N LYS F 398 19.20 78.38 3.67
CA LYS F 398 19.22 77.76 5.00
C LYS F 398 19.97 78.66 6.00
N GLY F 399 19.25 79.23 6.97
CA GLY F 399 19.87 80.12 7.95
C GLY F 399 19.42 79.98 9.40
N LYS F 400 18.82 81.04 9.95
CA LYS F 400 18.34 81.07 11.33
C LYS F 400 17.75 79.74 11.81
N LYS F 401 17.67 79.56 13.13
CA LYS F 401 17.13 78.35 13.75
C LYS F 401 16.03 78.68 14.76
N GLU F 402 15.39 77.65 15.31
CA GLU F 402 14.34 77.90 16.28
C GLU F 402 13.80 76.66 16.99
N ILE F 403 13.06 76.88 18.07
CA ILE F 403 12.46 75.81 18.90
C ILE F 403 10.94 75.87 19.01
N ASP F 404 10.31 74.68 18.99
CA ASP F 404 8.87 74.55 19.12
C ASP F 404 8.52 73.20 19.76
N ASN F 405 7.67 73.24 20.77
CA ASN F 405 7.25 72.04 21.50
C ASN F 405 8.38 71.15 22.00
N GLY F 406 9.60 71.38 21.52
CA GLY F 406 10.71 70.56 21.97
C GLY F 406 11.76 70.13 20.96
N LYS F 407 11.47 70.29 19.68
CA LYS F 407 12.41 69.87 18.64
C LYS F 407 13.11 71.04 17.95
N LYS F 408 14.13 70.72 17.15
CA LYS F 408 14.90 71.73 16.43
C LYS F 408 14.38 71.97 15.02
N TYR F 409 14.29 73.25 14.64
CA TYR F 409 13.84 73.65 13.31
C TYR F 409 14.82 74.71 12.76
N TYR F 410 15.54 74.39 11.69
CA TYR F 410 16.45 75.36 11.03
C TYR F 410 15.46 76.03 10.14
N LEU F 411 15.47 77.30 9.77
CA LEU F 411 14.23 77.31 9.05
C LEU F 411 14.50 77.42 7.57
N LEU F 412 13.51 77.18 6.70
CA LEU F 412 13.89 77.29 5.31
C LEU F 412 13.33 78.56 4.75
N GLU F 413 14.14 79.28 3.97
CA GLU F 413 13.72 80.53 3.39
C GLU F 413 13.47 80.43 1.88
N SER F 414 12.55 81.26 1.39
CA SER F 414 12.19 81.33 -0.03
C SER F 414 11.27 82.51 -0.22
N ASN F 415 11.65 83.43 -1.10
CA ASN F 415 10.88 84.64 -1.34
C ASN F 415 9.41 84.45 -1.72
N ASN F 416 8.90 83.22 -1.62
CA ASN F 416 7.49 83.03 -1.90
C ASN F 416 6.89 83.94 -0.85
N GLN F 417 5.87 84.72 -1.22
CA GLN F 417 5.28 85.66 -0.28
C GLN F 417 3.93 85.36 0.35
N VAL F 418 3.64 84.09 0.64
CA VAL F 418 2.37 83.76 1.31
C VAL F 418 2.61 82.46 2.05
N TYR F 419 3.78 81.89 1.83
CA TYR F 419 4.14 80.64 2.47
C TYR F 419 5.49 80.72 3.14
N GLU F 420 5.59 80.11 4.30
CA GLU F 420 6.82 80.06 5.06
C GLU F 420 7.07 78.57 5.24
N PHE F 421 8.34 78.16 5.21
CA PHE F 421 8.66 76.75 5.34
C PHE F 421 9.73 76.51 6.41
N ARG F 422 9.70 75.30 6.98
CA ARG F 422 10.67 74.93 8.00
C ARG F 422 10.88 73.42 8.02
N ILE F 423 12.10 72.97 8.27
CA ILE F 423 12.41 71.54 8.30
C ILE F 423 12.96 71.05 9.63
N SER F 424 12.44 69.92 10.09
CA SER F 424 12.84 69.30 11.36
C SER F 424 14.27 68.79 11.34
N ASP F 425 14.70 68.24 12.48
CA ASP F 425 16.04 67.71 12.62
C ASP F 425 16.00 66.21 12.88
N GLU F 426 15.20 65.81 13.87
CA GLU F 426 15.06 64.40 14.23
C GLU F 426 14.95 63.62 12.92
N ASN F 427 13.89 63.95 12.19
CA ASN F 427 13.60 63.37 10.89
C ASN F 427 13.32 64.60 10.01
N ASN F 428 14.31 64.93 9.19
CA ASN F 428 14.28 66.10 8.30
C ASN F 428 13.01 66.37 7.52
N GLU F 429 11.84 66.10 8.10
CA GLU F 429 10.58 66.37 7.43
C GLU F 429 10.54 67.86 7.09
N VAL F 430 9.43 68.33 6.55
CA VAL F 430 9.33 69.75 6.23
C VAL F 430 7.92 70.20 6.50
N GLN F 431 7.77 71.49 6.78
CA GLN F 431 6.46 72.02 7.09
C GLN F 431 6.34 73.46 6.62
N TYR F 432 5.09 73.92 6.51
CA TYR F 432 4.79 75.29 6.09
C TYR F 432 3.47 75.78 6.68
N LYS F 433 3.17 77.05 6.47
CA LYS F 433 1.93 77.63 6.97
C LYS F 433 1.69 78.95 6.24
N THR F 434 0.48 79.47 6.38
CA THR F 434 0.16 80.73 5.74
C THR F 434 0.81 81.86 6.55
N LYS F 435 1.76 82.57 5.94
CA LYS F 435 2.44 83.68 6.63
C LYS F 435 1.43 84.45 7.48
N GLU F 436 1.85 84.94 8.64
CA GLU F 436 0.97 85.65 9.55
C GLU F 436 0.17 86.84 8.99
N GLY F 437 0.47 87.24 7.76
CA GLY F 437 -0.23 88.36 7.17
C GLY F 437 -0.70 88.10 5.74
N LYS F 438 -1.40 86.98 5.51
CA LYS F 438 -1.91 86.62 4.18
C LYS F 438 -2.87 85.41 4.19
N ILE F 439 -3.38 85.06 3.01
CA ILE F 439 -4.29 83.92 2.86
C ILE F 439 -3.90 83.03 1.67
N THR F 440 -4.65 81.94 1.48
CA THR F 440 -4.41 81.01 0.39
C THR F 440 -5.31 81.39 -0.78
N VAL F 441 -4.69 81.53 -1.96
CA VAL F 441 -5.39 81.90 -3.18
C VAL F 441 -6.79 81.29 -3.28
N LEU F 442 -6.94 80.03 -2.87
CA LEU F 442 -8.24 79.38 -2.89
C LEU F 442 -9.11 80.04 -1.84
N GLY F 443 -8.59 80.07 -0.61
CA GLY F 443 -9.33 80.68 0.48
C GLY F 443 -9.04 80.02 1.81
N GLU F 444 -7.81 79.53 1.98
CA GLU F 444 -7.39 78.86 3.21
C GLU F 444 -6.32 79.65 3.98
N LYS F 445 -6.19 79.38 5.28
CA LYS F 445 -5.19 80.03 6.12
C LYS F 445 -4.82 79.09 7.26
N PHE F 446 -3.79 78.27 7.04
CA PHE F 446 -3.36 77.29 8.03
C PHE F 446 -1.97 77.49 8.64
N ASN F 447 -1.77 76.90 9.81
CA ASN F 447 -0.52 77.01 10.52
C ASN F 447 0.23 75.67 10.52
N TRP F 448 1.53 75.77 10.29
CA TRP F 448 2.50 74.65 10.23
C TRP F 448 1.96 73.23 10.13
N ARG F 449 2.06 72.66 8.94
CA ARG F 449 1.61 71.30 8.71
C ARG F 449 2.72 70.61 7.94
N ASN F 450 2.80 69.29 8.09
CA ASN F 450 3.82 68.51 7.38
C ASN F 450 3.44 68.53 5.90
N ILE F 451 4.41 68.84 5.04
CA ILE F 451 4.20 68.91 3.58
C ILE F 451 4.15 67.53 2.94
N GLU F 452 2.98 67.19 2.40
CA GLU F 452 2.79 65.89 1.73
C GLU F 452 2.98 66.01 0.22
N VAL F 453 3.56 64.96 -0.34
CA VAL F 453 3.81 64.90 -1.77
C VAL F 453 3.07 63.67 -2.24
N MET F 454 2.99 63.48 -3.56
CA MET F 454 2.31 62.31 -4.10
C MET F 454 3.38 61.25 -4.19
N ALA F 455 2.99 60.00 -3.94
CA ALA F 455 3.92 58.91 -3.99
C ALA F 455 3.20 57.66 -4.41
N LYS F 456 3.82 56.85 -5.25
CA LYS F 456 3.16 55.64 -5.68
C LYS F 456 3.63 54.50 -4.84
N ASN F 457 3.20 53.30 -5.19
CA ASN F 457 3.59 52.09 -4.48
C ASN F 457 4.86 51.52 -5.13
N VAL F 458 5.77 51.00 -4.31
CA VAL F 458 7.01 50.44 -4.84
C VAL F 458 7.48 49.34 -3.91
N GLU F 459 6.98 48.12 -4.10
CA GLU F 459 7.36 47.00 -3.23
C GLU F 459 6.82 47.30 -1.83
N GLY F 460 5.51 47.53 -1.75
CA GLY F 460 4.88 47.81 -0.48
C GLY F 460 5.40 49.05 0.26
N VAL F 461 5.76 50.10 -0.48
CA VAL F 461 6.24 51.29 0.19
C VAL F 461 5.90 52.53 -0.63
N LEU F 462 5.25 53.52 -0.01
CA LEU F 462 4.86 54.76 -0.69
C LEU F 462 6.01 55.71 -0.86
N LYS F 463 6.76 55.59 -1.95
CA LYS F 463 7.91 56.46 -2.27
C LYS F 463 7.44 57.73 -3.02
N PRO F 464 7.98 58.92 -2.65
CA PRO F 464 7.62 60.21 -3.27
C PRO F 464 7.81 60.21 -4.78
N LEU F 465 6.94 60.94 -5.48
CA LEU F 465 6.99 60.96 -6.93
C LEU F 465 7.60 62.17 -7.60
N THR F 466 8.33 61.89 -8.67
CA THR F 466 8.98 62.93 -9.45
C THR F 466 8.95 62.60 -10.93
N ALA F 467 9.45 63.53 -11.73
CA ALA F 467 9.53 63.41 -13.17
C ALA F 467 9.99 62.02 -13.61
N ASP F 468 9.43 61.54 -14.72
CA ASP F 468 9.81 60.23 -15.27
C ASP F 468 10.54 60.45 -16.57
N TYR F 469 10.91 59.37 -17.24
CA TYR F 469 11.54 59.49 -18.54
C TYR F 469 10.45 59.17 -19.56
N ASP F 470 9.99 60.21 -20.27
CA ASP F 470 8.97 60.02 -21.28
C ASP F 470 9.74 59.97 -22.58
N LEU F 471 9.88 58.76 -23.11
CA LEU F 471 10.60 58.58 -24.35
C LEU F 471 9.87 59.37 -25.40
N PHE F 472 10.59 60.05 -26.31
CA PHE F 472 9.93 60.80 -27.38
C PHE F 472 9.67 59.89 -28.55
N ALA F 473 10.41 58.78 -28.62
CA ALA F 473 10.22 57.82 -29.68
C ALA F 473 11.34 56.82 -29.63
N LEU F 474 11.03 55.58 -30.03
CA LEU F 474 12.03 54.53 -30.09
C LEU F 474 12.21 54.21 -31.57
N ALA F 475 13.45 54.24 -32.06
CA ALA F 475 13.66 53.95 -33.46
C ALA F 475 14.44 52.67 -33.66
N PRO F 476 13.74 51.53 -33.68
CA PRO F 476 14.50 50.31 -33.87
C PRO F 476 15.01 50.27 -35.31
N SER F 477 16.01 49.44 -35.58
CA SER F 477 16.57 49.31 -36.92
C SER F 477 15.68 48.35 -37.68
N LEU F 478 15.27 48.77 -38.87
CA LEU F 478 14.39 47.94 -39.66
C LEU F 478 14.82 46.50 -39.53
N THR F 479 16.12 46.30 -39.54
CA THR F 479 16.69 44.97 -39.46
C THR F 479 16.34 44.22 -38.17
N GLU F 480 16.06 44.99 -37.12
CA GLU F 480 15.74 44.42 -35.82
C GLU F 480 14.35 43.83 -35.81
N ILE F 481 13.40 44.57 -36.36
CA ILE F 481 12.02 44.13 -36.42
C ILE F 481 11.92 42.77 -37.11
N LYS F 482 12.85 42.52 -38.03
CA LYS F 482 12.88 41.26 -38.73
C LYS F 482 12.98 40.17 -37.67
N LYS F 483 13.87 40.40 -36.70
CA LYS F 483 14.11 39.49 -35.59
C LYS F 483 12.85 39.33 -34.75
N GLN F 484 12.00 40.35 -34.76
CA GLN F 484 10.76 40.33 -34.01
C GLN F 484 9.80 39.26 -34.56
N ILE F 485 9.67 39.21 -35.89
CA ILE F 485 8.78 38.26 -36.54
C ILE F 485 9.22 36.83 -36.29
N PRO F 486 8.27 35.91 -36.14
CA PRO F 486 8.56 34.49 -35.91
C PRO F 486 8.67 33.73 -37.23
N GLN F 487 9.86 33.23 -37.51
CA GLN F 487 10.17 32.50 -38.74
C GLN F 487 9.00 31.80 -39.41
N LYS F 488 8.21 31.08 -38.62
CA LYS F 488 7.06 30.35 -39.16
C LYS F 488 6.20 31.24 -40.07
N GLU F 489 5.63 32.30 -39.48
CA GLU F 489 4.77 33.19 -40.23
C GLU F 489 5.48 33.90 -41.38
N TRP F 490 6.74 34.30 -41.19
CA TRP F 490 7.46 34.99 -42.26
C TRP F 490 7.71 34.06 -43.43
N ASP F 491 8.15 32.83 -43.14
CA ASP F 491 8.42 31.85 -44.19
C ASP F 491 7.14 31.55 -44.97
N LYS F 492 6.03 31.40 -44.27
CA LYS F 492 4.75 31.12 -44.92
C LYS F 492 4.32 32.25 -45.86
N VAL F 493 5.02 33.38 -45.80
CA VAL F 493 4.66 34.50 -46.64
C VAL F 493 5.58 34.68 -47.84
N VAL F 494 6.85 34.27 -47.70
CA VAL F 494 7.78 34.40 -48.82
C VAL F 494 7.61 33.22 -49.79
N ASN F 495 7.10 32.10 -49.27
CA ASN F 495 6.85 30.92 -50.09
C ASN F 495 5.52 31.14 -50.77
N THR F 496 5.40 32.24 -51.51
CA THR F 496 4.17 32.56 -52.22
C THR F 496 4.45 32.79 -53.70
N PRO F 497 3.41 32.62 -54.54
CA PRO F 497 3.53 32.81 -55.98
C PRO F 497 3.39 34.27 -56.33
N ASN F 498 2.14 34.74 -56.39
CA ASN F 498 1.84 36.13 -56.70
C ASN F 498 2.89 37.03 -56.06
N SER F 499 3.69 37.69 -56.90
CA SER F 499 4.74 38.57 -56.43
C SER F 499 4.12 39.79 -55.73
N LEU F 500 3.03 40.30 -56.29
CA LEU F 500 2.41 41.47 -55.68
C LEU F 500 1.89 41.14 -54.29
N GLU F 501 1.37 39.93 -54.10
CA GLU F 501 0.87 39.53 -52.78
C GLU F 501 2.06 39.31 -51.85
N LYS F 502 3.20 38.93 -52.42
CA LYS F 502 4.39 38.71 -51.62
C LYS F 502 4.81 40.01 -50.95
N GLN F 503 4.23 41.12 -51.41
CA GLN F 503 4.53 42.41 -50.82
C GLN F 503 3.47 42.63 -49.76
N LYS F 504 2.21 42.60 -50.18
CA LYS F 504 1.12 42.79 -49.23
C LYS F 504 1.38 41.82 -48.08
N GLY F 505 1.80 40.60 -48.41
CA GLY F 505 2.07 39.63 -47.37
C GLY F 505 3.15 40.13 -46.44
N VAL F 506 4.14 40.83 -46.99
CA VAL F 506 5.26 41.35 -46.21
C VAL F 506 4.93 42.60 -45.40
N THR F 507 4.45 43.65 -46.05
CA THR F 507 4.11 44.88 -45.36
C THR F 507 3.16 44.60 -44.18
N ASN F 508 2.14 43.78 -44.38
CA ASN F 508 1.23 43.47 -43.28
C ASN F 508 2.08 42.91 -42.13
N LEU F 509 3.15 42.19 -42.46
CA LEU F 509 4.02 41.64 -41.43
C LEU F 509 4.75 42.75 -40.76
N LEU F 510 5.32 43.63 -41.57
CA LEU F 510 6.08 44.79 -41.10
C LEU F 510 5.18 45.68 -40.25
N ILE F 511 3.88 45.55 -40.43
CA ILE F 511 2.90 46.32 -39.69
C ILE F 511 2.55 45.58 -38.40
N LYS F 512 2.14 44.33 -38.61
CA LYS F 512 1.77 43.41 -37.55
C LYS F 512 2.75 43.45 -36.39
N TYR F 513 3.99 43.08 -36.67
CA TYR F 513 5.07 43.00 -35.70
C TYR F 513 5.90 44.23 -35.44
N GLY F 514 5.74 45.29 -36.22
CA GLY F 514 6.60 46.43 -35.98
C GLY F 514 6.02 47.82 -35.97
N ILE F 515 4.79 47.98 -36.42
CA ILE F 515 4.16 49.30 -36.44
C ILE F 515 2.93 49.37 -35.53
N GLU F 516 2.29 48.23 -35.33
CA GLU F 516 1.09 48.23 -34.54
C GLU F 516 1.25 48.60 -33.10
N ARG F 517 0.37 49.51 -32.69
CA ARG F 517 0.32 50.02 -31.34
C ARG F 517 -1.05 49.80 -30.66
N LYS F 518 -1.13 48.75 -29.84
CA LYS F 518 -2.33 48.38 -29.08
C LYS F 518 -2.31 49.23 -27.80
N PRO F 519 -3.47 49.35 -27.14
CA PRO F 519 -3.40 50.16 -25.93
C PRO F 519 -3.10 49.18 -24.81
N ASP F 520 -2.68 49.70 -23.66
CA ASP F 520 -2.40 48.84 -22.53
C ASP F 520 -2.99 49.38 -21.25
N SER F 521 -3.29 48.46 -20.35
CA SER F 521 -3.84 48.79 -19.04
C SER F 521 -2.90 49.74 -18.30
N THR F 522 -1.67 49.27 -18.09
CA THR F 522 -0.68 50.02 -17.36
C THR F 522 0.28 50.96 -18.08
N LYS F 523 1.08 50.43 -19.00
CA LYS F 523 2.08 51.23 -19.70
C LYS F 523 1.64 52.19 -20.79
N GLY F 524 0.43 52.72 -20.67
CA GLY F 524 -0.09 53.65 -21.67
C GLY F 524 -0.40 52.94 -22.99
N THR F 525 -0.33 53.67 -24.10
CA THR F 525 -0.57 53.06 -25.41
C THR F 525 0.76 52.84 -26.10
N LEU F 526 1.10 51.60 -26.45
CA LEU F 526 2.38 51.38 -27.12
C LEU F 526 2.50 50.11 -27.93
N SER F 527 3.62 50.02 -28.63
CA SER F 527 3.90 48.87 -29.47
C SER F 527 4.10 47.67 -28.60
N ASN F 528 4.43 46.55 -29.22
CA ASN F 528 4.70 45.31 -28.52
C ASN F 528 6.18 45.21 -28.21
N TRP F 529 7.03 45.46 -29.20
CA TRP F 529 8.45 45.41 -28.97
C TRP F 529 8.71 46.63 -28.09
N GLN F 530 8.00 47.72 -28.38
CA GLN F 530 8.16 48.94 -27.61
C GLN F 530 8.13 48.63 -26.13
N LYS F 531 7.27 47.70 -25.74
CA LYS F 531 7.17 47.32 -24.36
C LYS F 531 8.48 46.69 -23.93
N GLN F 532 8.79 45.52 -24.50
CA GLN F 532 10.03 44.84 -24.13
C GLN F 532 11.14 45.85 -24.01
N MET F 533 11.37 46.60 -25.07
CA MET F 533 12.39 47.63 -25.07
C MET F 533 12.25 48.46 -23.79
N LEU F 534 11.00 48.75 -23.45
CA LEU F 534 10.71 49.57 -22.29
C LEU F 534 10.99 48.89 -20.96
N ASP F 535 11.06 47.57 -20.96
CA ASP F 535 11.37 46.88 -19.72
C ASP F 535 12.88 46.84 -19.61
N ARG F 536 13.53 46.62 -20.75
CA ARG F 536 14.99 46.55 -20.84
C ARG F 536 15.67 47.91 -20.62
N LEU F 537 14.87 48.97 -20.54
CA LEU F 537 15.44 50.27 -20.29
C LEU F 537 15.48 50.43 -18.77
N ASN F 538 14.49 49.86 -18.07
CA ASN F 538 14.44 49.90 -16.60
C ASN F 538 15.39 48.85 -15.99
N GLU F 539 15.18 47.59 -16.35
CA GLU F 539 16.05 46.51 -15.87
C GLU F 539 17.48 46.89 -16.18
N ALA F 540 17.65 47.91 -17.00
CA ALA F 540 18.97 48.38 -17.34
C ALA F 540 19.33 49.36 -16.24
N VAL F 541 18.48 50.34 -15.97
CA VAL F 541 18.80 51.33 -14.93
C VAL F 541 18.56 50.88 -13.53
N LYS F 542 18.30 49.59 -13.33
CA LYS F 542 18.07 49.11 -11.96
C LYS F 542 19.17 48.13 -11.56
N TYR F 543 19.85 47.56 -12.56
CA TYR F 543 20.97 46.64 -12.36
C TYR F 543 22.21 47.52 -12.29
N THR F 544 21.98 48.79 -11.95
CA THR F 544 23.04 49.78 -11.80
C THR F 544 22.98 50.27 -10.37
N GLY F 545 21.92 51.01 -10.03
CA GLY F 545 21.78 51.52 -8.68
C GLY F 545 20.50 52.27 -8.32
N TYR F 546 19.42 52.01 -9.05
CA TYR F 546 18.13 52.66 -8.79
C TYR F 546 17.27 51.79 -7.86
N THR F 547 16.50 52.45 -6.98
CA THR F 547 15.65 51.74 -6.03
C THR F 547 14.26 52.37 -5.95
N GLY F 548 13.72 52.76 -7.10
CA GLY F 548 12.40 53.36 -7.16
C GLY F 548 11.53 52.71 -8.22
N GLY F 549 11.77 51.41 -8.42
CA GLY F 549 11.00 50.64 -9.39
C GLY F 549 11.54 50.77 -10.81
N ASP F 550 10.73 51.38 -11.67
CA ASP F 550 11.08 51.60 -13.08
C ASP F 550 11.09 53.12 -13.26
N VAL F 551 11.77 53.61 -14.30
CA VAL F 551 11.83 55.05 -14.52
C VAL F 551 11.20 55.49 -15.84
N VAL F 552 10.88 54.52 -16.69
CA VAL F 552 10.21 54.79 -17.96
C VAL F 552 8.89 54.08 -17.75
N ASN F 553 7.83 54.85 -17.59
CA ASN F 553 6.52 54.30 -17.30
C ASN F 553 5.59 54.03 -18.45
N HIS F 554 5.32 55.06 -19.25
CA HIS F 554 4.40 54.93 -20.38
C HIS F 554 5.06 54.79 -21.76
N GLY F 555 4.26 54.99 -22.80
CA GLY F 555 4.75 54.85 -24.16
C GLY F 555 5.37 56.09 -24.75
N THR F 556 5.82 55.93 -26.00
CA THR F 556 6.49 56.98 -26.78
C THR F 556 5.60 58.12 -27.21
N GLU F 557 5.70 59.25 -26.51
CA GLU F 557 4.93 60.47 -26.78
C GLU F 557 4.39 60.66 -28.24
N GLN F 558 4.90 59.85 -29.17
CA GLN F 558 4.45 59.86 -30.56
C GLN F 558 3.13 59.13 -30.65
N ASP F 559 2.55 58.84 -29.49
CA ASP F 559 1.26 58.18 -29.39
C ASP F 559 0.34 58.98 -28.49
N ASN F 560 0.88 60.10 -27.99
CA ASN F 560 0.14 61.04 -27.15
C ASN F 560 -0.74 61.88 -28.10
N GLU F 561 -1.57 61.14 -28.84
CA GLU F 561 -2.49 61.73 -29.80
C GLU F 561 -3.38 62.64 -28.97
N GLU F 562 -3.77 62.15 -27.82
CA GLU F 562 -4.61 62.92 -26.92
C GLU F 562 -4.11 64.34 -26.70
N PHE F 563 -3.12 64.48 -25.83
CA PHE F 563 -2.55 65.79 -25.49
C PHE F 563 -1.12 65.95 -25.96
N PRO F 564 -0.89 65.82 -27.27
CA PRO F 564 0.45 65.96 -27.84
C PRO F 564 1.09 67.30 -27.53
N GLU F 565 2.39 67.28 -27.33
CA GLU F 565 3.12 68.49 -27.02
C GLU F 565 4.42 68.60 -27.81
N LYS F 566 4.85 69.84 -28.03
CA LYS F 566 6.06 70.19 -28.80
C LYS F 566 7.23 70.72 -27.95
N ASP F 567 8.35 70.01 -27.99
CA ASP F 567 9.51 70.44 -27.21
C ASP F 567 10.68 70.75 -28.11
N ASN F 568 11.14 72.00 -28.06
CA ASN F 568 12.26 72.44 -28.88
C ASN F 568 13.41 71.45 -28.81
N GLU F 569 13.93 71.25 -27.60
CA GLU F 569 15.05 70.34 -27.37
C GLU F 569 14.65 68.86 -27.26
N ILE F 570 15.51 67.99 -27.77
CA ILE F 570 15.25 66.56 -27.73
C ILE F 570 16.55 65.79 -27.54
N PHE F 571 16.63 65.01 -26.47
CA PHE F 571 17.82 64.21 -26.21
C PHE F 571 17.76 62.90 -27.02
N ILE F 572 18.86 62.56 -27.69
CA ILE F 572 18.89 61.35 -28.49
C ILE F 572 20.11 60.51 -28.33
N ILE F 573 19.93 59.33 -27.80
CA ILE F 573 21.01 58.41 -27.58
C ILE F 573 21.17 57.54 -28.82
N ASN F 574 21.99 57.99 -29.75
CA ASN F 574 22.23 57.27 -31.00
C ASN F 574 22.36 55.76 -30.82
N PRO F 575 22.34 54.99 -31.93
CA PRO F 575 22.45 53.54 -31.86
C PRO F 575 23.85 53.08 -31.45
N GLU F 576 24.69 54.04 -31.09
CA GLU F 576 26.07 53.75 -30.72
C GLU F 576 26.65 54.68 -29.64
N GLY F 577 25.81 55.06 -28.68
CA GLY F 577 26.26 55.91 -27.59
C GLY F 577 26.15 57.41 -27.77
N GLU F 578 26.68 57.91 -28.88
CA GLU F 578 26.66 59.34 -29.16
C GLU F 578 25.47 60.09 -28.59
N PHE F 579 25.69 60.89 -27.54
CA PHE F 579 24.61 61.68 -26.96
C PHE F 579 24.34 62.88 -27.86
N ILE F 580 23.08 63.27 -27.99
CA ILE F 580 22.71 64.40 -28.84
C ILE F 580 21.44 65.09 -28.37
N LEU F 581 21.37 66.40 -28.56
CA LEU F 581 20.21 67.17 -28.16
C LEU F 581 19.88 68.19 -29.23
N THR F 582 18.82 67.96 -29.98
CA THR F 582 18.44 68.92 -31.00
C THR F 582 18.17 70.27 -30.35
N LYS F 583 17.73 71.26 -31.14
CA LYS F 583 17.44 72.60 -30.61
C LYS F 583 16.14 73.17 -31.13
N ASN F 584 15.76 72.74 -32.32
CA ASN F 584 14.53 73.19 -32.94
C ASN F 584 13.61 72.04 -33.14
N TRP F 585 12.33 72.35 -33.22
CA TRP F 585 11.31 71.33 -33.45
C TRP F 585 11.57 70.83 -34.86
N GLU F 586 12.47 71.53 -35.53
CA GLU F 586 12.85 71.22 -36.90
C GLU F 586 14.12 70.40 -36.84
N MET F 587 15.17 71.00 -36.31
CA MET F 587 16.45 70.32 -36.19
C MET F 587 16.16 68.89 -35.82
N THR F 588 15.20 68.74 -34.91
CA THR F 588 14.77 67.43 -34.45
C THR F 588 14.22 66.73 -35.67
N GLY F 589 13.17 67.32 -36.23
CA GLY F 589 12.53 66.77 -37.40
C GLY F 589 13.46 66.59 -38.59
N ARG F 590 14.53 67.38 -38.63
CA ARG F 590 15.51 67.31 -39.72
C ARG F 590 16.49 66.20 -39.40
N PHE F 591 16.93 66.15 -38.15
CA PHE F 591 17.86 65.14 -37.69
C PHE F 591 17.28 63.75 -37.93
N ILE F 592 15.98 63.62 -37.68
CA ILE F 592 15.31 62.33 -37.84
C ILE F 592 15.19 61.95 -39.31
N GLU F 593 15.03 62.96 -40.17
CA GLU F 593 14.89 62.71 -41.60
C GLU F 593 16.22 62.23 -42.15
N LYS F 594 17.30 62.85 -41.69
CA LYS F 594 18.65 62.51 -42.14
C LYS F 594 19.11 61.10 -41.75
N ASN F 595 19.50 60.94 -40.50
CA ASN F 595 20.01 59.67 -39.99
C ASN F 595 19.05 58.77 -39.20
N ILE F 596 17.76 58.82 -39.54
CA ILE F 596 16.74 57.94 -38.94
C ILE F 596 15.85 57.46 -40.09
N THR F 597 14.88 58.29 -40.46
CA THR F 597 13.99 57.93 -41.55
C THR F 597 14.77 57.41 -42.73
N GLY F 598 15.36 58.33 -43.49
CA GLY F 598 16.12 57.94 -44.67
C GLY F 598 17.41 57.21 -44.37
N LYS F 599 17.42 56.37 -43.34
CA LYS F 599 18.62 55.61 -42.99
C LYS F 599 18.41 54.16 -42.50
N ASP F 600 17.23 53.60 -42.79
CA ASP F 600 16.90 52.20 -42.44
C ASP F 600 16.34 51.88 -41.07
N TYR F 601 16.04 52.91 -40.29
CA TYR F 601 15.46 52.69 -38.98
C TYR F 601 13.96 52.95 -39.12
N LEU F 602 13.16 52.16 -38.42
CA LEU F 602 11.72 52.31 -38.53
C LEU F 602 11.14 53.27 -37.57
N TYR F 603 10.64 54.39 -38.09
CA TYR F 603 10.06 55.42 -37.24
C TYR F 603 8.70 55.85 -37.75
N TYR F 604 7.79 56.12 -36.82
CA TYR F 604 6.45 56.56 -37.16
C TYR F 604 6.14 57.82 -36.36
N PHE F 605 5.52 58.82 -36.98
CA PHE F 605 5.26 60.06 -36.26
C PHE F 605 3.81 60.26 -35.80
N ASN F 606 3.66 60.99 -34.70
CA ASN F 606 2.37 61.21 -34.06
C ASN F 606 1.17 61.43 -34.91
N ARG F 607 0.26 60.49 -34.81
CA ARG F 607 -0.96 60.55 -35.56
C ARG F 607 -1.56 61.94 -35.50
N SER F 608 -1.67 62.49 -34.32
CA SER F 608 -2.28 63.79 -34.22
C SER F 608 -1.48 64.94 -34.79
N TYR F 609 -0.34 64.66 -35.40
CA TYR F 609 0.45 65.76 -35.98
C TYR F 609 -0.22 66.24 -37.25
N ASN F 610 -0.23 67.55 -37.46
CA ASN F 610 -0.87 68.11 -38.65
C ASN F 610 -2.39 68.17 -38.53
N LYS F 611 -2.96 67.49 -37.53
CA LYS F 611 -4.39 67.60 -37.36
C LYS F 611 -4.54 68.40 -36.07
N ILE F 612 -5.77 68.63 -35.61
CA ILE F 612 -5.92 69.36 -34.35
C ILE F 612 -6.08 68.37 -33.21
N ALA F 613 -5.18 68.46 -32.24
CA ALA F 613 -5.23 67.55 -31.11
C ALA F 613 -6.40 67.90 -30.19
N PRO F 614 -7.38 66.98 -30.04
CA PRO F 614 -8.54 67.23 -29.19
C PRO F 614 -8.16 67.64 -27.78
N GLY F 615 -7.62 66.70 -27.03
CA GLY F 615 -7.20 66.96 -25.66
C GLY F 615 -6.79 68.39 -25.36
N ASN F 616 -5.83 68.91 -26.11
CA ASN F 616 -5.35 70.27 -25.89
C ASN F 616 -5.57 71.24 -27.04
N LYS F 617 -6.30 70.79 -28.06
CA LYS F 617 -6.59 71.61 -29.24
C LYS F 617 -5.31 72.32 -29.69
N ALA F 618 -4.29 71.50 -29.97
CA ALA F 618 -2.99 71.99 -30.40
C ALA F 618 -2.60 71.54 -31.78
N TYR F 619 -2.09 72.50 -32.55
CA TYR F 619 -1.65 72.27 -33.92
C TYR F 619 -0.14 72.08 -33.93
N ILE F 620 0.30 70.83 -34.14
CA ILE F 620 1.73 70.51 -34.19
C ILE F 620 2.15 70.04 -35.58
N GLU F 621 2.93 70.89 -36.26
CA GLU F 621 3.44 70.69 -37.63
C GLU F 621 4.59 69.69 -37.82
N TRP F 622 4.46 68.80 -38.80
CA TRP F 622 5.49 67.78 -39.03
C TRP F 622 5.54 67.24 -40.46
N THR F 623 6.49 67.73 -41.24
CA THR F 623 6.66 67.32 -42.65
C THR F 623 6.17 65.91 -42.96
N ASP F 624 5.12 65.81 -43.75
CA ASP F 624 4.58 64.50 -44.11
C ASP F 624 4.72 64.37 -45.60
N PRO F 625 5.49 63.39 -46.05
CA PRO F 625 5.67 63.20 -47.48
C PRO F 625 4.36 63.06 -48.23
N ILE F 626 3.52 62.12 -47.83
CA ILE F 626 2.27 61.93 -48.53
C ILE F 626 1.57 63.24 -48.82
N THR F 627 1.57 64.13 -47.84
CA THR F 627 0.95 65.43 -47.97
C THR F 627 1.77 66.37 -48.90
N LYS F 628 3.07 66.13 -48.94
CA LYS F 628 4.03 66.90 -49.76
C LYS F 628 3.67 66.74 -51.25
N ALA F 629 3.23 65.55 -51.61
CA ALA F 629 2.88 65.25 -52.99
C ALA F 629 1.38 64.98 -53.14
N LYS F 630 0.59 65.90 -52.61
CA LYS F 630 -0.85 65.80 -52.74
C LYS F 630 -1.13 66.71 -53.94
N ILE F 631 -0.57 67.90 -53.88
CA ILE F 631 -0.68 68.89 -54.92
C ILE F 631 -0.82 68.28 -56.31
N ASN F 632 -0.12 67.19 -56.56
CA ASN F 632 -0.15 66.54 -57.88
C ASN F 632 -0.86 65.21 -57.90
N THR F 633 -1.91 65.02 -57.14
CA THR F 633 -2.54 63.71 -57.21
C THR F 633 -4.05 63.77 -57.41
N ILE F 634 -4.55 63.06 -58.41
CA ILE F 634 -5.99 63.08 -58.58
C ILE F 634 -6.56 62.45 -57.28
N PRO F 635 -7.49 63.15 -56.61
CA PRO F 635 -8.08 62.62 -55.38
C PRO F 635 -8.95 61.42 -55.64
N THR F 636 -9.24 60.66 -54.59
CA THR F 636 -10.06 59.45 -54.67
C THR F 636 -11.57 59.73 -54.70
N SER F 637 -12.34 58.68 -54.98
CA SER F 637 -13.78 58.81 -54.98
C SER F 637 -14.14 59.30 -53.60
N ALA F 638 -13.75 58.48 -52.62
CA ALA F 638 -13.99 58.72 -51.20
C ALA F 638 -13.36 59.98 -50.62
N GLU F 639 -12.16 60.31 -51.08
CA GLU F 639 -11.48 61.50 -50.57
C GLU F 639 -12.24 62.75 -51.03
N PHE F 640 -13.05 62.57 -52.07
CA PHE F 640 -13.85 63.63 -52.64
C PHE F 640 -15.14 63.65 -51.85
N ILE F 641 -15.95 62.61 -52.01
CA ILE F 641 -17.18 62.52 -51.26
C ILE F 641 -16.89 62.99 -49.85
N LYS F 642 -15.76 62.54 -49.31
CA LYS F 642 -15.33 62.92 -47.96
C LYS F 642 -15.36 64.44 -47.82
N ASN F 643 -14.46 65.13 -48.52
CA ASN F 643 -14.37 66.59 -48.47
C ASN F 643 -15.73 67.32 -48.54
N LEU F 644 -16.67 66.84 -49.33
CA LEU F 644 -17.98 67.49 -49.39
C LEU F 644 -18.55 67.31 -47.99
N SER F 645 -18.74 66.06 -47.62
CA SER F 645 -19.23 65.71 -46.30
C SER F 645 -18.73 66.71 -45.26
N SER F 646 -17.47 67.10 -45.35
CA SER F 646 -16.89 68.04 -44.40
C SER F 646 -17.46 69.43 -44.48
N ILE F 647 -17.56 70.02 -45.68
CA ILE F 647 -18.09 71.37 -45.80
C ILE F 647 -19.61 71.40 -45.59
N ARG F 648 -20.25 70.26 -45.80
CA ARG F 648 -21.67 70.20 -45.54
C ARG F 648 -21.80 70.56 -44.07
N ARG F 649 -21.19 69.76 -43.20
CA ARG F 649 -21.40 70.06 -41.83
C ARG F 649 -21.01 71.50 -41.46
N SER F 650 -20.39 72.29 -42.35
CA SER F 650 -19.94 73.62 -41.88
C SER F 650 -20.89 74.74 -42.25
N SER F 651 -20.77 75.19 -43.48
CA SER F 651 -21.86 76.04 -43.91
C SER F 651 -22.84 74.88 -43.92
N ASN F 652 -24.05 75.07 -43.41
CA ASN F 652 -24.92 73.93 -43.45
C ASN F 652 -25.61 73.84 -44.81
N VAL F 653 -24.83 73.87 -45.89
CA VAL F 653 -25.37 73.80 -47.25
C VAL F 653 -24.53 72.81 -48.06
N GLY F 654 -25.15 71.73 -48.51
CA GLY F 654 -24.44 70.72 -49.29
C GLY F 654 -24.26 71.14 -50.74
N VAL F 655 -23.51 70.34 -51.50
CA VAL F 655 -23.29 70.68 -52.90
C VAL F 655 -24.64 70.71 -53.56
N TYR F 656 -25.53 69.83 -53.08
CA TYR F 656 -26.86 69.78 -53.65
C TYR F 656 -27.88 69.71 -52.52
N LYS F 657 -28.96 70.48 -52.65
CA LYS F 657 -29.99 70.48 -51.63
C LYS F 657 -31.08 69.50 -52.00
N ASP F 658 -31.88 69.14 -51.00
CA ASP F 658 -33.00 68.22 -51.15
C ASP F 658 -34.22 69.00 -51.62
N SER F 659 -34.42 69.09 -52.93
CA SER F 659 -35.55 69.84 -53.49
C SER F 659 -36.02 69.26 -54.81
N GLY F 660 -36.77 70.07 -55.55
CA GLY F 660 -37.28 69.64 -56.83
C GLY F 660 -36.62 70.33 -58.01
N ASP F 661 -35.90 71.41 -57.74
CA ASP F 661 -35.25 72.13 -58.83
C ASP F 661 -34.51 71.15 -59.73
N LYS F 662 -35.04 70.86 -60.92
CA LYS F 662 -34.32 69.94 -61.79
C LYS F 662 -32.98 70.57 -62.11
N ASP F 663 -32.70 71.69 -61.46
CA ASP F 663 -31.46 72.40 -61.61
C ASP F 663 -30.51 71.83 -60.55
N GLU F 664 -31.05 71.61 -59.36
CA GLU F 664 -30.32 71.08 -58.22
C GLU F 664 -29.93 69.65 -58.55
N PHE F 665 -30.94 68.79 -58.71
CA PHE F 665 -30.69 67.41 -59.04
C PHE F 665 -29.66 67.36 -60.16
N ALA F 666 -29.69 68.34 -61.05
CA ALA F 666 -28.72 68.39 -62.14
C ALA F 666 -27.32 68.32 -61.51
N LYS F 667 -27.10 69.20 -60.54
CA LYS F 667 -25.84 69.25 -59.82
C LYS F 667 -25.62 67.95 -59.08
N LYS F 668 -26.59 67.48 -58.30
CA LYS F 668 -26.39 66.21 -57.62
C LYS F 668 -25.89 65.15 -58.61
N GLU F 669 -26.70 64.80 -59.60
CA GLU F 669 -26.30 63.78 -60.57
C GLU F 669 -24.88 64.05 -61.03
N SER F 670 -24.57 65.32 -61.21
CA SER F 670 -23.24 65.73 -61.67
C SER F 670 -22.05 65.28 -60.81
N VAL F 671 -22.16 65.39 -59.48
CA VAL F 671 -21.06 64.95 -58.63
C VAL F 671 -20.98 63.45 -58.79
N LYS F 672 -22.14 62.81 -58.75
CA LYS F 672 -22.21 61.36 -58.90
C LYS F 672 -21.35 60.93 -60.11
N LYS F 673 -21.06 61.88 -60.97
CA LYS F 673 -20.23 61.60 -62.13
C LYS F 673 -18.77 61.85 -61.75
N ILE F 674 -18.47 62.97 -61.11
CA ILE F 674 -17.09 63.22 -60.75
C ILE F 674 -16.69 62.13 -59.75
N ALA F 675 -17.67 61.61 -59.05
CA ALA F 675 -17.43 60.56 -58.06
C ALA F 675 -17.28 59.21 -58.72
N GLY F 676 -17.23 59.23 -60.04
CA GLY F 676 -17.06 58.02 -60.80
C GLY F 676 -15.73 58.21 -61.48
N TYR F 677 -15.67 59.23 -62.34
CA TYR F 677 -14.44 59.56 -63.05
C TYR F 677 -13.26 59.42 -62.12
N LEU F 678 -13.37 59.94 -60.91
CA LEU F 678 -12.27 59.79 -59.99
C LEU F 678 -12.15 58.31 -59.63
N SER F 679 -13.23 57.69 -59.24
CA SER F 679 -13.15 56.28 -58.89
C SER F 679 -12.59 55.50 -60.05
N ASP F 680 -13.04 55.85 -61.25
CA ASP F 680 -12.63 55.15 -62.46
C ASP F 680 -11.14 55.29 -62.75
N TYR F 681 -10.52 56.34 -62.20
CA TYR F 681 -9.09 56.61 -62.38
C TYR F 681 -8.29 55.47 -61.77
N TYR F 682 -8.48 55.30 -60.47
CA TYR F 682 -7.81 54.26 -59.71
C TYR F 682 -8.49 52.94 -59.89
N ASN F 683 -8.47 52.40 -61.11
CA ASN F 683 -9.10 51.10 -61.32
C ASN F 683 -8.04 50.03 -61.20
N SER F 684 -8.27 49.11 -60.28
CA SER F 684 -7.34 48.02 -60.01
C SER F 684 -7.00 47.15 -61.23
N ALA F 685 -7.91 47.08 -62.21
CA ALA F 685 -7.67 46.27 -63.39
C ALA F 685 -6.87 47.04 -64.41
N ASN F 686 -6.29 48.16 -64.00
CA ASN F 686 -5.47 48.96 -64.90
C ASN F 686 -4.15 48.28 -65.24
N HIS F 687 -3.82 47.19 -64.54
CA HIS F 687 -2.55 46.51 -64.78
C HIS F 687 -2.46 45.81 -66.13
N ILE F 688 -3.54 45.12 -66.54
CA ILE F 688 -3.55 44.38 -67.80
C ILE F 688 -3.32 45.31 -68.99
N PHE F 689 -2.67 46.42 -68.72
CA PHE F 689 -2.35 47.38 -69.75
C PHE F 689 -0.84 47.57 -69.70
N SER F 690 -0.32 48.56 -70.42
CA SER F 690 1.12 48.80 -70.43
C SER F 690 1.53 50.27 -70.26
N GLN F 691 2.36 50.53 -69.26
CA GLN F 691 2.84 51.88 -68.95
C GLN F 691 2.37 53.02 -69.83
N GLU F 692 2.95 53.15 -71.04
CA GLU F 692 2.53 54.25 -71.92
C GLU F 692 1.02 54.36 -71.94
N LYS F 693 0.35 53.21 -71.93
CA LYS F 693 -1.11 53.12 -71.92
C LYS F 693 -1.64 53.70 -70.62
N LYS F 694 -1.38 52.99 -69.53
CA LYS F 694 -1.81 53.41 -68.21
C LYS F 694 -1.84 54.93 -68.15
N ARG F 695 -0.71 55.58 -68.39
CA ARG F 695 -0.67 57.03 -68.32
C ARG F 695 -1.82 57.65 -69.08
N LYS F 696 -1.78 57.47 -70.40
CA LYS F 696 -2.81 58.01 -71.27
C LYS F 696 -4.19 57.71 -70.74
N ILE F 697 -4.65 56.47 -70.96
CA ILE F 697 -5.97 56.03 -70.51
C ILE F 697 -6.47 56.73 -69.23
N SER F 698 -5.53 57.16 -68.40
CA SER F 698 -5.84 57.85 -67.14
C SER F 698 -5.81 59.35 -67.37
N ILE F 699 -4.80 59.82 -68.09
CA ILE F 699 -4.70 61.23 -68.39
C ILE F 699 -6.09 61.64 -68.88
N PHE F 700 -6.84 60.67 -69.40
CA PHE F 700 -8.17 60.93 -69.91
C PHE F 700 -9.16 60.88 -68.76
N ARG F 701 -9.26 59.73 -68.10
CA ARG F 701 -10.16 59.57 -66.97
C ARG F 701 -10.01 60.86 -66.17
N GLY F 702 -8.77 61.33 -66.08
CA GLY F 702 -8.47 62.55 -65.36
C GLY F 702 -9.21 63.70 -66.00
N ILE F 703 -8.88 63.97 -67.26
CA ILE F 703 -9.52 65.05 -68.04
C ILE F 703 -11.04 64.93 -67.91
N GLN F 704 -11.53 63.75 -68.24
CA GLN F 704 -12.95 63.46 -68.12
C GLN F 704 -13.51 64.09 -66.85
N ALA F 705 -12.74 64.02 -65.78
CA ALA F 705 -13.18 64.56 -64.53
C ALA F 705 -13.00 66.06 -64.47
N TYR F 706 -11.81 66.53 -64.83
CA TYR F 706 -11.52 67.97 -64.79
C TYR F 706 -12.62 68.71 -65.52
N ASN F 707 -13.24 68.00 -66.45
CA ASN F 707 -14.30 68.56 -67.24
C ASN F 707 -15.55 68.73 -66.38
N GLU F 708 -16.20 67.62 -66.08
CA GLU F 708 -17.42 67.61 -65.27
C GLU F 708 -17.30 68.55 -64.08
N ILE F 709 -16.08 68.85 -63.68
CA ILE F 709 -15.89 69.78 -62.60
C ILE F 709 -16.18 71.15 -63.21
N GLU F 710 -15.32 71.56 -64.15
CA GLU F 710 -15.45 72.84 -64.84
C GLU F 710 -16.90 73.02 -65.19
N ASN F 711 -17.59 71.89 -65.38
CA ASN F 711 -19.00 71.87 -65.73
C ASN F 711 -19.85 72.53 -64.64
N VAL F 712 -19.83 71.96 -63.43
CA VAL F 712 -20.61 72.49 -62.32
C VAL F 712 -20.12 73.86 -61.86
N LEU F 713 -18.81 74.08 -61.91
CA LEU F 713 -18.21 75.34 -61.50
C LEU F 713 -18.81 76.50 -62.29
N LYS F 714 -19.60 76.14 -63.31
CA LYS F 714 -20.27 77.12 -64.17
C LYS F 714 -21.80 77.12 -63.97
N SER F 715 -22.32 76.00 -63.48
CA SER F 715 -23.76 75.88 -63.27
C SER F 715 -24.37 76.90 -62.29
N LYS F 716 -25.44 76.48 -61.62
CA LYS F 716 -26.17 77.34 -60.69
C LYS F 716 -25.35 77.88 -59.53
N GLN F 717 -26.05 78.20 -58.45
CA GLN F 717 -25.43 78.76 -57.26
C GLN F 717 -24.97 77.78 -56.19
N ILE F 718 -23.76 77.25 -56.37
CA ILE F 718 -23.16 76.34 -55.41
C ILE F 718 -22.37 77.30 -54.54
N ALA F 719 -22.72 77.37 -53.26
CA ALA F 719 -22.07 78.27 -52.32
C ALA F 719 -20.57 78.44 -52.58
N PRO F 720 -20.07 79.69 -52.52
CA PRO F 720 -18.65 80.02 -52.74
C PRO F 720 -17.66 79.23 -51.87
N GLU F 721 -18.19 78.38 -50.99
CA GLU F 721 -17.36 77.54 -50.13
C GLU F 721 -16.96 76.34 -50.99
N TYR F 722 -17.94 75.80 -51.74
CA TYR F 722 -17.69 74.67 -52.63
C TYR F 722 -17.05 75.15 -53.89
N LYS F 723 -17.31 76.39 -54.25
CA LYS F 723 -16.71 76.95 -55.43
C LYS F 723 -15.23 76.61 -55.37
N ASN F 724 -14.58 77.12 -54.31
CA ASN F 724 -13.14 76.97 -54.07
C ASN F 724 -12.65 75.53 -54.07
N TYR F 725 -13.25 74.67 -53.25
CA TYR F 725 -12.86 73.27 -53.21
C TYR F 725 -12.64 72.79 -54.62
N PHE F 726 -13.70 72.91 -55.43
CA PHE F 726 -13.63 72.51 -56.82
C PHE F 726 -12.50 73.29 -57.49
N GLN F 727 -12.39 74.57 -57.17
CA GLN F 727 -11.33 75.37 -57.75
C GLN F 727 -10.01 74.67 -57.47
N TYR F 728 -9.90 74.09 -56.28
CA TYR F 728 -8.69 73.40 -55.83
C TYR F 728 -8.57 72.06 -56.53
N LEU F 729 -9.65 71.28 -56.52
CA LEU F 729 -9.65 69.99 -57.18
C LEU F 729 -9.17 70.09 -58.61
N LYS F 730 -9.37 71.25 -59.23
CA LYS F 730 -8.92 71.41 -60.60
C LYS F 730 -7.40 71.31 -60.62
N GLU F 731 -6.74 72.30 -60.03
CA GLU F 731 -5.29 72.34 -59.98
C GLU F 731 -4.74 70.94 -59.79
N ARG F 732 -5.34 70.17 -58.88
CA ARG F 732 -4.88 68.81 -58.68
C ARG F 732 -4.89 68.16 -60.06
N ILE F 733 -6.06 67.70 -60.49
CA ILE F 733 -6.25 67.06 -61.80
C ILE F 733 -5.22 67.59 -62.75
N THR F 734 -5.17 68.90 -62.86
CA THR F 734 -4.21 69.53 -63.74
C THR F 734 -2.81 69.02 -63.44
N ASN F 735 -2.22 69.50 -62.35
CA ASN F 735 -0.87 69.08 -61.98
C ASN F 735 -0.74 67.58 -62.24
N GLN F 736 -1.74 66.84 -61.79
CA GLN F 736 -1.73 65.39 -61.94
C GLN F 736 -1.60 64.93 -63.37
N VAL F 737 -2.19 65.68 -64.30
CA VAL F 737 -2.10 65.31 -65.71
C VAL F 737 -0.81 65.84 -66.30
N GLN F 738 -0.45 67.07 -65.94
CA GLN F 738 0.78 67.62 -66.48
C GLN F 738 1.86 66.60 -66.25
N LEU F 739 1.73 65.86 -65.14
CA LEU F 739 2.70 64.83 -64.76
C LEU F 739 2.67 63.62 -65.68
N LEU F 740 1.59 62.84 -65.60
CA LEU F 740 1.48 61.68 -66.47
C LEU F 740 1.99 62.00 -67.87
N LEU F 741 1.85 63.26 -68.27
CA LEU F 741 2.30 63.71 -69.58
C LEU F 741 3.81 63.88 -69.62
N THR F 742 4.37 64.71 -68.73
CA THR F 742 5.81 64.89 -68.74
C THR F 742 6.50 63.65 -68.32
N HIS F 743 5.76 62.56 -68.43
CA HIS F 743 6.40 61.33 -68.22
C HIS F 743 6.50 60.68 -69.59
N GLN F 744 5.67 61.08 -70.55
CA GLN F 744 5.75 60.40 -71.85
C GLN F 744 6.32 61.15 -73.07
N LYS F 745 5.46 61.87 -73.79
CA LYS F 745 5.85 62.72 -74.95
C LYS F 745 5.50 64.15 -74.49
N SER F 746 6.44 64.80 -73.82
CA SER F 746 6.18 66.11 -73.23
C SER F 746 6.50 67.37 -74.02
N ASN F 747 5.47 68.18 -74.22
CA ASN F 747 5.56 69.47 -74.91
C ASN F 747 4.16 70.05 -74.81
N ILE F 748 3.16 69.16 -74.90
CA ILE F 748 1.77 69.56 -74.82
C ILE F 748 1.42 69.93 -73.38
N GLU F 749 0.86 71.14 -73.23
CA GLU F 749 0.47 71.63 -71.92
C GLU F 749 -1.00 71.31 -71.74
N PHE F 750 -1.37 70.97 -70.51
CA PHE F 750 -2.75 70.63 -70.21
C PHE F 750 -3.67 71.64 -70.87
N LYS F 751 -3.72 72.85 -70.31
CA LYS F 751 -4.56 73.95 -70.81
C LYS F 751 -4.86 73.84 -72.31
N LEU F 752 -3.80 73.78 -73.11
CA LEU F 752 -3.94 73.67 -74.56
C LEU F 752 -4.65 72.36 -74.91
N LEU F 753 -4.00 71.24 -74.62
CA LEU F 753 -4.59 69.93 -74.91
C LEU F 753 -6.07 69.98 -74.61
N TYR F 754 -6.44 70.70 -73.56
CA TYR F 754 -7.84 70.78 -73.21
C TYR F 754 -8.61 71.34 -74.38
N LYS F 755 -8.57 72.65 -74.55
CA LYS F 755 -9.27 73.32 -75.65
C LYS F 755 -9.69 72.33 -76.74
N GLN F 756 -8.69 71.64 -77.29
CA GLN F 756 -8.84 70.66 -78.36
C GLN F 756 -9.83 69.51 -78.20
N LEU F 757 -10.60 69.48 -77.12
CA LEU F 757 -11.55 68.39 -76.94
C LEU F 757 -13.02 68.75 -77.19
N ASN F 758 -13.73 67.81 -77.83
CA ASN F 758 -15.14 67.95 -78.16
C ASN F 758 -15.98 67.26 -77.07
N PHE F 759 -16.20 67.96 -75.96
CA PHE F 759 -16.99 67.38 -74.87
C PHE F 759 -18.48 67.69 -75.01
N THR F 760 -18.91 67.84 -76.27
CA THR F 760 -20.30 68.16 -76.61
C THR F 760 -21.20 66.94 -76.36
N GLU F 761 -21.75 66.34 -77.43
CA GLU F 761 -22.64 65.19 -77.25
C GLU F 761 -21.97 63.81 -77.27
N ASN F 762 -21.06 63.58 -78.23
CA ASN F 762 -20.40 62.28 -78.31
C ASN F 762 -19.05 62.31 -77.62
N GLU F 763 -18.68 61.17 -77.02
CA GLU F 763 -17.42 61.02 -76.29
C GLU F 763 -16.56 59.92 -76.94
N THR F 764 -17.09 59.29 -77.99
CA THR F 764 -16.43 58.20 -78.71
C THR F 764 -15.12 58.49 -79.43
N ASP F 765 -15.17 59.25 -80.52
CA ASP F 765 -13.94 59.55 -81.26
C ASP F 765 -13.02 60.48 -80.44
N ASN F 766 -13.61 61.19 -79.50
CA ASN F 766 -12.87 62.10 -78.64
C ASN F 766 -11.52 61.50 -78.30
N PHE F 767 -11.55 60.39 -77.56
CA PHE F 767 -10.34 59.71 -77.15
C PHE F 767 -9.47 59.38 -78.36
N GLU F 768 -10.09 58.82 -79.39
CA GLU F 768 -9.34 58.48 -80.60
C GLU F 768 -8.49 59.69 -80.98
N VAL F 769 -9.08 60.88 -80.87
CA VAL F 769 -8.40 62.12 -81.19
C VAL F 769 -7.21 62.22 -80.26
N PHE F 770 -7.52 62.35 -78.97
CA PHE F 770 -6.55 62.46 -77.91
C PHE F 770 -5.25 61.71 -78.26
N GLN F 771 -5.39 60.48 -78.73
CA GLN F 771 -4.23 59.69 -79.11
C GLN F 771 -3.27 60.55 -79.89
N LYS F 772 -3.57 60.71 -81.18
CA LYS F 772 -2.75 61.52 -82.08
C LYS F 772 -2.34 62.85 -81.47
N ILE F 773 -3.21 63.41 -80.64
CA ILE F 773 -2.93 64.69 -80.01
C ILE F 773 -1.61 64.63 -79.24
N ILE F 774 -1.11 63.41 -79.01
CA ILE F 774 0.14 63.22 -78.28
C ILE F 774 1.25 62.48 -79.06
N ASP F 775 1.22 62.58 -80.39
CA ASP F 775 2.22 61.91 -81.22
C ASP F 775 3.06 62.87 -82.07
N ALA G 1 -75.09 -15.23 -43.09
CA ALA G 1 -74.76 -16.64 -43.46
C ALA G 1 -73.49 -17.16 -42.76
N ALA G 2 -73.47 -17.02 -41.42
CA ALA G 2 -72.32 -17.44 -40.61
C ALA G 2 -71.68 -18.76 -41.05
N THR G 3 -70.36 -18.76 -41.24
CA THR G 3 -69.65 -19.98 -41.66
C THR G 3 -69.78 -21.00 -40.55
N GLU G 4 -69.59 -22.27 -40.87
CA GLU G 4 -69.70 -23.29 -39.85
C GLU G 4 -68.77 -22.91 -38.69
N GLU G 5 -67.54 -22.53 -39.00
CA GLU G 5 -66.59 -22.14 -37.96
C GLU G 5 -67.28 -21.11 -37.07
N GLN G 6 -68.11 -20.28 -37.72
CA GLN G 6 -68.84 -19.23 -37.05
C GLN G 6 -70.01 -19.80 -36.27
N ILE G 7 -70.06 -21.12 -36.20
CA ILE G 7 -71.12 -21.81 -35.48
C ILE G 7 -70.52 -22.62 -34.33
N ALA G 8 -69.56 -23.49 -34.66
CA ALA G 8 -68.91 -24.30 -33.64
C ALA G 8 -68.57 -23.43 -32.45
N GLU G 9 -68.00 -22.26 -32.70
CA GLU G 9 -67.67 -21.33 -31.63
C GLU G 9 -68.97 -20.92 -30.96
N PHE G 10 -69.82 -20.26 -31.73
CA PHE G 10 -71.11 -19.78 -31.26
C PHE G 10 -71.91 -20.78 -30.44
N LYS G 11 -71.57 -22.06 -30.55
CA LYS G 11 -72.27 -23.07 -29.78
C LYS G 11 -71.33 -23.57 -28.69
N GLU G 12 -70.09 -23.83 -29.08
CA GLU G 12 -69.09 -24.30 -28.13
C GLU G 12 -69.10 -23.34 -26.95
N ALA G 13 -69.57 -22.12 -27.20
CA ALA G 13 -69.64 -21.09 -26.17
C ALA G 13 -71.07 -20.88 -25.67
N PHE G 14 -72.02 -21.30 -26.46
CA PHE G 14 -73.41 -21.16 -26.06
C PHE G 14 -73.81 -22.19 -25.01
N SER G 15 -73.07 -23.30 -25.02
CA SER G 15 -73.30 -24.39 -24.11
C SER G 15 -72.45 -24.22 -22.88
N LEU G 16 -71.15 -24.06 -23.08
CA LEU G 16 -70.26 -23.91 -21.94
C LEU G 16 -70.89 -23.07 -20.84
N PHE G 17 -71.80 -22.17 -21.20
CA PHE G 17 -72.40 -21.36 -20.19
C PHE G 17 -73.86 -21.71 -19.94
N ASP G 18 -74.17 -22.98 -20.13
CA ASP G 18 -75.52 -23.50 -19.96
C ASP G 18 -75.51 -24.52 -18.82
N LYS G 19 -75.66 -24.03 -17.60
CA LYS G 19 -75.64 -24.85 -16.40
C LYS G 19 -76.64 -26.00 -16.47
N ASP G 20 -77.93 -25.70 -16.30
CA ASP G 20 -78.99 -26.71 -16.35
C ASP G 20 -79.09 -27.33 -17.75
N GLY G 21 -77.91 -27.60 -18.30
CA GLY G 21 -77.75 -28.17 -19.62
C GLY G 21 -78.90 -28.62 -20.48
N ASP G 22 -79.87 -27.77 -20.80
CA ASP G 22 -80.95 -28.21 -21.68
C ASP G 22 -80.67 -27.81 -23.13
N GLY G 23 -80.89 -26.55 -23.43
CA GLY G 23 -80.65 -26.08 -24.78
C GLY G 23 -81.19 -24.69 -24.93
N THR G 24 -81.34 -24.03 -23.80
CA THR G 24 -81.85 -22.66 -23.75
C THR G 24 -81.11 -21.98 -22.61
N ILE G 25 -80.93 -20.67 -22.72
CA ILE G 25 -80.24 -19.92 -21.67
C ILE G 25 -81.04 -18.77 -21.09
N THR G 26 -80.78 -18.50 -19.82
CA THR G 26 -81.47 -17.44 -19.11
C THR G 26 -81.03 -16.12 -19.69
N THR G 27 -81.66 -15.03 -19.25
CA THR G 27 -81.28 -13.71 -19.72
C THR G 27 -79.84 -13.49 -19.26
N LYS G 28 -79.67 -13.29 -17.96
CA LYS G 28 -78.36 -13.08 -17.34
C LYS G 28 -77.31 -13.88 -18.06
N GLU G 29 -77.65 -15.13 -18.38
CA GLU G 29 -76.72 -16.02 -19.06
C GLU G 29 -76.34 -15.61 -20.47
N LEU G 30 -77.32 -15.26 -21.29
CA LEU G 30 -77.01 -14.85 -22.66
C LEU G 30 -75.96 -13.76 -22.61
N GLY G 31 -76.12 -12.82 -21.69
CA GLY G 31 -75.16 -11.76 -21.53
C GLY G 31 -73.77 -12.38 -21.48
N THR G 32 -73.59 -13.27 -20.52
CA THR G 32 -72.32 -13.93 -20.37
C THR G 32 -71.84 -14.67 -21.59
N VAL G 33 -72.77 -15.28 -22.31
CA VAL G 33 -72.38 -16.04 -23.49
C VAL G 33 -71.70 -15.11 -24.47
N MET G 34 -72.23 -13.90 -24.60
CA MET G 34 -71.69 -12.91 -25.54
C MET G 34 -70.36 -12.24 -25.14
N ARG G 35 -70.22 -11.91 -23.86
CA ARG G 35 -69.00 -11.31 -23.40
C ARG G 35 -67.87 -12.23 -23.84
N SER G 36 -67.74 -13.34 -23.12
CA SER G 36 -66.72 -14.36 -23.39
C SER G 36 -66.30 -14.35 -24.85
N LEU G 37 -67.30 -14.40 -25.72
CA LEU G 37 -67.08 -14.39 -27.15
C LEU G 37 -66.63 -13.01 -27.61
N GLY G 38 -65.82 -12.35 -26.79
CA GLY G 38 -65.32 -11.03 -27.14
C GLY G 38 -66.35 -9.94 -26.90
N GLN G 39 -67.47 -10.03 -27.62
CA GLN G 39 -68.55 -9.06 -27.51
C GLN G 39 -68.94 -8.74 -26.08
N ASN G 40 -69.75 -7.69 -25.90
CA ASN G 40 -70.20 -7.30 -24.57
C ASN G 40 -71.32 -6.27 -24.54
N PRO G 41 -72.42 -6.55 -25.26
CA PRO G 41 -73.60 -5.68 -25.35
C PRO G 41 -73.98 -4.95 -24.07
N THR G 42 -74.85 -3.95 -24.22
CA THR G 42 -75.29 -3.15 -23.10
C THR G 42 -76.38 -3.83 -22.28
N GLU G 43 -76.58 -3.30 -21.07
CA GLU G 43 -77.56 -3.79 -20.11
C GLU G 43 -79.01 -3.81 -20.63
N ALA G 44 -79.33 -2.99 -21.63
CA ALA G 44 -80.69 -2.96 -22.16
C ALA G 44 -80.84 -3.27 -23.64
N GLU G 45 -79.72 -3.43 -24.35
CA GLU G 45 -79.76 -3.77 -25.76
C GLU G 45 -79.70 -5.31 -25.82
N LEU G 46 -79.62 -5.90 -24.63
CA LEU G 46 -79.56 -7.35 -24.46
C LEU G 46 -80.98 -7.90 -24.54
N GLN G 47 -81.94 -7.00 -24.60
CA GLN G 47 -83.36 -7.37 -24.66
C GLN G 47 -83.89 -7.40 -26.08
N ASP G 48 -83.84 -6.27 -26.78
CA ASP G 48 -84.31 -6.14 -28.16
C ASP G 48 -84.06 -7.39 -29.02
N MET G 49 -83.02 -8.15 -28.70
CA MET G 49 -82.65 -9.36 -29.44
C MET G 49 -83.49 -10.56 -29.02
N ILE G 50 -83.58 -10.74 -27.71
CA ILE G 50 -84.33 -11.84 -27.08
C ILE G 50 -85.78 -11.40 -26.91
N ASN G 51 -85.95 -10.20 -26.37
CA ASN G 51 -87.25 -9.61 -26.14
C ASN G 51 -88.13 -9.63 -27.40
N GLU G 52 -87.48 -9.69 -28.56
CA GLU G 52 -88.21 -9.69 -29.84
C GLU G 52 -88.79 -11.04 -30.27
N VAL G 53 -88.37 -12.11 -29.61
CA VAL G 53 -88.86 -13.45 -29.94
C VAL G 53 -89.08 -14.33 -28.71
N ASP G 54 -90.21 -14.13 -28.02
CA ASP G 54 -90.54 -14.90 -26.82
C ASP G 54 -91.58 -16.00 -27.07
N ALA G 55 -91.11 -17.13 -27.61
CA ALA G 55 -91.96 -18.28 -27.90
C ALA G 55 -91.56 -19.37 -26.93
N ASP G 56 -90.73 -18.98 -25.98
CA ASP G 56 -90.24 -19.88 -24.95
C ASP G 56 -90.83 -19.43 -23.60
N GLY G 57 -90.22 -19.87 -22.50
CA GLY G 57 -90.71 -19.52 -21.17
C GLY G 57 -90.73 -18.02 -20.92
N ASN G 58 -90.94 -17.26 -21.99
CA ASN G 58 -90.99 -15.80 -21.96
C ASN G 58 -89.79 -15.31 -21.17
N GLY G 59 -88.61 -15.43 -21.78
CA GLY G 59 -87.40 -15.02 -21.12
C GLY G 59 -86.32 -16.08 -21.24
N THR G 60 -86.38 -16.87 -22.30
CA THR G 60 -85.40 -17.91 -22.53
C THR G 60 -85.25 -18.13 -24.03
N ILE G 61 -84.00 -18.06 -24.50
CA ILE G 61 -83.66 -18.20 -25.91
C ILE G 61 -82.82 -19.44 -26.20
N ASP G 62 -83.38 -20.35 -26.98
CA ASP G 62 -82.68 -21.59 -27.34
C ASP G 62 -81.44 -21.33 -28.19
N PHE G 63 -80.98 -22.37 -28.90
CA PHE G 63 -79.82 -22.24 -29.77
C PHE G 63 -80.24 -21.76 -31.16
N PRO G 64 -81.28 -22.37 -31.76
CA PRO G 64 -81.69 -21.89 -33.09
C PRO G 64 -82.23 -20.49 -32.97
N GLU G 65 -82.42 -20.03 -31.73
CA GLU G 65 -82.92 -18.69 -31.48
C GLU G 65 -81.72 -17.78 -31.42
N PHE G 66 -80.64 -18.31 -30.84
CA PHE G 66 -79.38 -17.60 -30.67
C PHE G 66 -78.59 -17.52 -31.96
N LEU G 67 -78.39 -18.65 -32.61
CA LEU G 67 -77.63 -18.64 -33.83
C LEU G 67 -78.30 -17.83 -34.91
N THR G 68 -79.63 -17.74 -34.90
CA THR G 68 -80.33 -16.96 -35.93
C THR G 68 -80.53 -15.52 -35.45
N MET G 69 -79.91 -15.17 -34.35
CA MET G 69 -79.99 -13.83 -33.80
C MET G 69 -78.59 -13.21 -33.84
N MET G 70 -77.68 -13.91 -34.52
CA MET G 70 -76.30 -13.44 -34.67
C MET G 70 -76.13 -13.10 -36.13
N ALA G 71 -76.67 -11.93 -36.45
CA ALA G 71 -76.67 -11.36 -37.76
C ALA G 71 -76.97 -9.90 -37.48
N ARG G 72 -77.87 -9.67 -36.53
CA ARG G 72 -78.27 -8.30 -36.14
C ARG G 72 -76.99 -7.49 -35.96
N LYS G 73 -75.91 -8.21 -35.67
CA LYS G 73 -74.59 -7.64 -35.51
C LYS G 73 -73.60 -8.77 -35.76
N MET G 74 -73.24 -8.97 -37.02
CA MET G 74 -72.30 -10.01 -37.41
C MET G 74 -72.06 -10.07 -38.92
N LYS G 75 -73.09 -10.41 -39.69
CA LYS G 75 -72.95 -10.47 -41.16
C LYS G 75 -72.68 -9.06 -41.65
N ASP G 76 -72.92 -8.08 -40.77
CA ASP G 76 -72.71 -6.65 -41.02
C ASP G 76 -71.26 -6.32 -40.62
N THR G 77 -70.95 -6.49 -39.33
CA THR G 77 -69.63 -6.23 -38.79
C THR G 77 -68.56 -7.17 -39.37
N ASP G 78 -67.62 -6.60 -40.12
CA ASP G 78 -66.53 -7.36 -40.75
C ASP G 78 -65.27 -6.54 -40.51
N SER G 79 -65.30 -5.76 -39.43
CA SER G 79 -64.23 -4.87 -39.05
C SER G 79 -63.05 -5.41 -38.24
N GLU G 80 -63.16 -6.60 -37.68
CA GLU G 80 -62.03 -7.11 -36.89
C GLU G 80 -60.70 -6.78 -37.56
N GLU G 81 -60.54 -7.18 -38.82
CA GLU G 81 -59.31 -6.95 -39.59
C GLU G 81 -58.84 -5.51 -39.77
N GLU G 82 -59.75 -4.63 -40.18
CA GLU G 82 -59.42 -3.23 -40.34
C GLU G 82 -58.53 -2.87 -39.15
N ILE G 83 -59.05 -3.21 -37.97
CA ILE G 83 -58.42 -2.98 -36.67
C ILE G 83 -57.11 -3.68 -36.39
N ARG G 84 -56.93 -4.89 -36.90
CA ARG G 84 -55.70 -5.63 -36.71
C ARG G 84 -54.63 -5.13 -37.64
N GLU G 85 -55.01 -4.32 -38.62
CA GLU G 85 -54.05 -3.77 -39.57
C GLU G 85 -53.64 -2.41 -39.06
N ALA G 86 -54.59 -1.74 -38.44
CA ALA G 86 -54.36 -0.44 -37.83
C ALA G 86 -53.49 -0.69 -36.61
N PHE G 87 -53.02 -1.91 -36.46
CA PHE G 87 -52.18 -2.21 -35.33
C PHE G 87 -50.79 -2.26 -35.86
N ARG G 88 -50.53 -3.25 -36.67
CA ARG G 88 -49.20 -3.38 -37.23
C ARG G 88 -48.74 -2.01 -37.72
N VAL G 89 -49.70 -1.12 -37.99
CA VAL G 89 -49.39 0.24 -38.44
C VAL G 89 -48.66 0.99 -37.33
N PHE G 90 -49.27 1.05 -36.15
CA PHE G 90 -48.65 1.72 -35.04
C PHE G 90 -47.45 0.94 -34.63
N ASP G 91 -47.61 -0.36 -34.44
CA ASP G 91 -46.48 -1.19 -34.08
C ASP G 91 -45.39 -0.94 -35.12
N LYS G 92 -44.74 0.22 -35.00
CA LYS G 92 -43.72 0.70 -35.93
C LYS G 92 -42.37 -0.01 -36.00
N ASP G 93 -42.07 -0.89 -35.05
CA ASP G 93 -40.76 -1.56 -35.02
C ASP G 93 -40.72 -3.04 -35.28
N GLY G 94 -41.88 -3.70 -35.13
CA GLY G 94 -41.96 -5.13 -35.35
C GLY G 94 -41.91 -5.94 -34.06
N ASN G 95 -42.19 -5.29 -32.94
CA ASN G 95 -42.17 -5.91 -31.61
C ASN G 95 -43.55 -6.44 -31.19
N GLY G 96 -44.52 -6.31 -32.07
CA GLY G 96 -45.85 -6.79 -31.75
C GLY G 96 -46.46 -6.06 -30.57
N TYR G 97 -45.74 -5.07 -30.07
CA TYR G 97 -46.24 -4.30 -28.96
C TYR G 97 -46.20 -2.84 -29.36
N ILE G 98 -47.16 -2.05 -28.90
CA ILE G 98 -47.15 -0.62 -29.22
C ILE G 98 -46.43 0.06 -28.06
N SER G 99 -46.12 1.35 -28.18
CA SER G 99 -45.45 2.08 -27.10
C SER G 99 -45.60 3.58 -27.28
N ALA G 100 -45.84 4.30 -26.19
CA ALA G 100 -46.03 5.76 -26.23
C ALA G 100 -45.11 6.40 -27.23
N ALA G 101 -43.95 5.80 -27.36
CA ALA G 101 -42.95 6.26 -28.31
C ALA G 101 -43.53 6.31 -29.72
N GLU G 102 -44.01 5.16 -30.18
CA GLU G 102 -44.58 5.02 -31.51
C GLU G 102 -45.98 5.61 -31.62
N LEU G 103 -46.75 5.56 -30.53
CA LEU G 103 -48.08 6.14 -30.59
C LEU G 103 -47.87 7.58 -31.01
N ARG G 104 -47.29 8.37 -30.11
CA ARG G 104 -47.04 9.79 -30.37
C ARG G 104 -46.44 10.01 -31.77
N HIS G 105 -45.51 9.15 -32.13
CA HIS G 105 -44.86 9.24 -33.42
C HIS G 105 -45.90 9.22 -34.49
N VAL G 106 -46.37 8.03 -34.80
CA VAL G 106 -47.37 7.89 -35.84
C VAL G 106 -48.52 8.88 -35.64
N MET G 107 -48.77 9.30 -34.40
CA MET G 107 -49.84 10.25 -34.14
C MET G 107 -49.56 11.50 -34.92
N THR G 108 -48.33 11.99 -34.83
CA THR G 108 -47.93 13.21 -35.54
C THR G 108 -47.97 13.10 -37.06
N ASN G 109 -47.42 12.03 -37.60
CA ASN G 109 -47.40 11.80 -39.05
C ASN G 109 -48.76 11.95 -39.70
N LEU G 110 -49.78 11.42 -39.03
CA LEU G 110 -51.13 11.54 -39.55
C LEU G 110 -51.59 12.98 -39.29
N GLY G 111 -50.61 13.84 -39.00
CA GLY G 111 -50.84 15.24 -38.74
C GLY G 111 -51.52 15.60 -37.42
N GLU G 112 -50.92 15.24 -36.31
CA GLU G 112 -51.53 15.58 -35.03
C GLU G 112 -50.52 15.71 -33.92
N LYS G 113 -50.55 16.84 -33.24
CA LYS G 113 -49.62 17.10 -32.16
C LYS G 113 -50.07 16.61 -30.80
N LEU G 114 -49.36 15.61 -30.30
CA LEU G 114 -49.66 15.04 -29.00
C LEU G 114 -48.61 15.51 -28.02
N THR G 115 -49.04 15.80 -26.81
CA THR G 115 -48.12 16.23 -25.77
C THR G 115 -47.45 15.04 -25.10
N ASP G 116 -46.13 15.05 -25.00
CA ASP G 116 -45.41 13.96 -24.37
C ASP G 116 -46.06 13.53 -23.05
N GLU G 117 -47.06 14.28 -22.58
CA GLU G 117 -47.76 13.96 -21.33
C GLU G 117 -48.97 13.10 -21.63
N GLU G 118 -49.77 13.60 -22.57
CA GLU G 118 -51.00 12.93 -23.01
C GLU G 118 -50.71 11.80 -23.98
N VAL G 119 -49.63 11.08 -23.73
CA VAL G 119 -49.25 9.93 -24.55
C VAL G 119 -48.82 8.89 -23.56
N ASP G 120 -47.93 9.29 -22.65
CA ASP G 120 -47.49 8.37 -21.60
C ASP G 120 -48.76 8.27 -20.77
N GLU G 121 -49.80 8.93 -21.30
CA GLU G 121 -51.15 9.00 -20.72
C GLU G 121 -52.11 8.06 -21.48
N MET G 122 -52.18 8.18 -22.80
CA MET G 122 -53.06 7.30 -23.55
C MET G 122 -52.56 5.92 -23.20
N ILE G 123 -51.40 5.55 -23.73
CA ILE G 123 -50.83 4.25 -23.46
C ILE G 123 -51.35 3.67 -22.15
N ARG G 124 -51.19 4.42 -21.06
CA ARG G 124 -51.62 3.93 -19.76
C ARG G 124 -53.05 3.43 -19.75
N GLU G 125 -54.00 4.36 -19.84
CA GLU G 125 -55.41 4.03 -19.82
C GLU G 125 -55.82 2.99 -20.89
N ALA G 126 -54.85 2.56 -21.70
CA ALA G 126 -55.09 1.57 -22.75
C ALA G 126 -54.57 0.24 -22.26
N ASP G 127 -53.54 0.32 -21.43
CA ASP G 127 -52.88 -0.84 -20.86
C ASP G 127 -53.68 -1.42 -19.70
N ILE G 128 -53.90 -2.73 -19.76
CA ILE G 128 -54.68 -3.39 -18.74
C ILE G 128 -53.85 -4.23 -17.81
N ASP G 129 -52.78 -4.82 -18.32
CA ASP G 129 -51.89 -5.65 -17.53
C ASP G 129 -50.67 -4.91 -16.98
N GLY G 130 -50.76 -3.58 -16.96
CA GLY G 130 -49.67 -2.76 -16.42
C GLY G 130 -48.26 -2.90 -16.98
N ASP G 131 -48.07 -3.61 -18.09
CA ASP G 131 -46.72 -3.74 -18.63
C ASP G 131 -46.25 -2.53 -19.43
N GLY G 132 -46.78 -1.36 -19.11
CA GLY G 132 -46.37 -0.15 -19.81
C GLY G 132 -46.66 -0.04 -21.30
N GLN G 133 -46.84 -1.18 -21.97
CA GLN G 133 -47.13 -1.18 -23.41
C GLN G 133 -48.43 -1.90 -23.78
N VAL G 134 -49.07 -1.42 -24.86
CA VAL G 134 -50.34 -1.98 -25.36
C VAL G 134 -50.09 -3.02 -26.44
N ASN G 135 -50.54 -4.24 -26.20
CA ASN G 135 -50.38 -5.34 -27.17
C ASN G 135 -51.65 -5.38 -28.00
N TYR G 136 -51.66 -6.21 -29.03
CA TYR G 136 -52.84 -6.28 -29.88
C TYR G 136 -54.10 -6.42 -29.04
N GLU G 137 -54.13 -7.45 -28.20
CA GLU G 137 -55.29 -7.73 -27.36
C GLU G 137 -55.94 -6.49 -26.77
N GLU G 138 -55.21 -5.70 -26.01
CA GLU G 138 -55.84 -4.53 -25.42
C GLU G 138 -56.11 -3.47 -26.47
N PHE G 139 -55.26 -3.40 -27.48
CA PHE G 139 -55.45 -2.43 -28.55
C PHE G 139 -56.85 -2.67 -29.06
N VAL G 140 -57.14 -3.95 -29.30
CA VAL G 140 -58.44 -4.37 -29.80
C VAL G 140 -59.51 -3.78 -28.93
N GLN G 141 -59.53 -4.18 -27.67
CA GLN G 141 -60.51 -3.66 -26.74
C GLN G 141 -60.70 -2.14 -26.86
N MET G 142 -59.69 -1.38 -26.43
CA MET G 142 -59.75 0.07 -26.50
C MET G 142 -60.57 0.58 -27.69
N MET G 143 -60.27 0.02 -28.87
CA MET G 143 -60.91 0.39 -30.11
C MET G 143 -62.36 -0.05 -30.17
N THR G 144 -62.61 -1.36 -30.15
CA THR G 144 -63.97 -1.91 -30.23
C THR G 144 -64.83 -1.59 -29.02
N ALA G 145 -64.34 -1.88 -27.82
CA ALA G 145 -65.09 -1.59 -26.62
C ALA G 145 -65.64 -0.19 -26.85
N LYS G 146 -66.91 0.01 -26.49
CA LYS G 146 -67.57 1.29 -26.67
C LYS G 146 -67.72 2.08 -25.35
N ALA H 1 -76.78 -82.11 -20.34
CA ALA H 1 -76.88 -82.55 -21.76
C ALA H 1 -75.67 -83.39 -22.22
N ALA H 2 -75.35 -84.44 -21.44
CA ALA H 2 -74.22 -85.31 -21.71
C ALA H 2 -74.01 -85.63 -23.21
N THR H 3 -72.78 -85.42 -23.70
CA THR H 3 -72.47 -85.71 -25.11
C THR H 3 -72.64 -87.20 -25.33
N GLU H 4 -72.84 -87.61 -26.58
CA GLU H 4 -73.00 -89.03 -26.85
C GLU H 4 -71.81 -89.77 -26.24
N GLU H 5 -70.59 -89.27 -26.48
CA GLU H 5 -69.40 -89.91 -25.93
C GLU H 5 -69.64 -90.11 -24.43
N GLN H 6 -70.34 -89.16 -23.84
CA GLN H 6 -70.65 -89.17 -22.43
C GLN H 6 -71.76 -90.17 -22.13
N ILE H 7 -72.12 -90.94 -23.15
CA ILE H 7 -73.16 -91.95 -23.02
C ILE H 7 -72.57 -93.33 -23.25
N ALA H 8 -71.94 -93.51 -24.42
CA ALA H 8 -71.32 -94.77 -24.76
C ALA H 8 -70.56 -95.31 -23.56
N GLU H 9 -69.77 -94.44 -22.91
CA GLU H 9 -69.02 -94.84 -21.73
C GLU H 9 -70.03 -95.21 -20.67
N PHE H 10 -70.83 -94.22 -20.26
CA PHE H 10 -71.85 -94.40 -19.25
C PHE H 10 -72.71 -95.64 -19.38
N LYS H 11 -72.72 -96.25 -20.56
CA LYS H 11 -73.48 -97.45 -20.78
C LYS H 11 -72.49 -98.60 -20.93
N GLU H 12 -71.46 -98.39 -21.72
CA GLU H 12 -70.44 -99.41 -21.91
C GLU H 12 -69.99 -99.89 -20.54
N ALA H 13 -70.19 -99.04 -19.53
CA ALA H 13 -69.81 -99.35 -18.17
C ALA H 13 -71.01 -99.69 -17.30
N PHE H 14 -72.18 -99.29 -17.75
CA PHE H 14 -73.39 -99.58 -17.01
C PHE H 14 -73.82 -101.04 -17.19
N SER H 15 -73.39 -101.61 -18.31
CA SER H 15 -73.71 -102.97 -18.66
C SER H 15 -72.62 -103.88 -18.16
N LEU H 16 -71.38 -103.59 -18.53
CA LEU H 16 -70.28 -104.44 -18.10
C LEU H 16 -70.47 -104.93 -16.67
N PHE H 17 -71.18 -104.17 -15.86
CA PHE H 17 -71.37 -104.60 -14.50
C PHE H 17 -72.79 -105.04 -14.22
N ASP H 18 -73.43 -105.57 -15.24
CA ASP H 18 -74.81 -106.05 -15.15
C ASP H 18 -74.84 -107.55 -15.41
N LYS H 19 -74.62 -108.31 -14.34
CA LYS H 19 -74.58 -109.77 -14.40
C LYS H 19 -75.82 -110.36 -15.06
N ASP H 20 -76.94 -110.38 -14.33
CA ASP H 20 -78.21 -110.91 -14.85
C ASP H 20 -78.71 -110.08 -16.02
N GLY H 21 -77.76 -109.73 -16.89
CA GLY H 21 -78.00 -108.93 -18.06
C GLY H 21 -79.38 -108.46 -18.51
N ASP H 22 -80.14 -107.77 -17.68
CA ASP H 22 -81.44 -107.30 -18.15
C ASP H 22 -81.36 -105.86 -18.66
N GLY H 23 -81.32 -104.92 -17.73
CA GLY H 23 -81.23 -103.53 -18.10
C GLY H 23 -81.44 -102.66 -16.89
N THR H 24 -81.20 -103.27 -15.73
CA THR H 24 -81.35 -102.59 -14.45
C THR H 24 -80.27 -103.16 -13.55
N ILE H 25 -79.79 -102.36 -12.61
CA ILE H 25 -78.76 -102.81 -11.70
C ILE H 25 -79.14 -102.71 -10.22
N THR H 26 -78.57 -103.61 -9.44
CA THR H 26 -78.84 -103.66 -8.02
C THR H 26 -78.22 -102.44 -7.37
N THR H 27 -78.47 -102.25 -6.09
CA THR H 27 -77.86 -101.12 -5.37
C THR H 27 -76.35 -101.34 -5.41
N LYS H 28 -75.89 -102.34 -4.65
CA LYS H 28 -74.48 -102.71 -4.56
C LYS H 28 -73.81 -102.50 -5.89
N GLU H 29 -74.49 -102.92 -6.96
CA GLU H 29 -73.96 -102.80 -8.31
C GLU H 29 -73.78 -101.37 -8.80
N LEU H 30 -74.78 -100.52 -8.64
CA LEU H 30 -74.65 -99.14 -9.09
C LEU H 30 -73.36 -98.56 -8.52
N GLY H 31 -73.12 -98.84 -7.24
CA GLY H 31 -71.91 -98.36 -6.61
C GLY H 31 -70.73 -98.70 -7.50
N THR H 32 -70.59 -99.98 -7.79
CA THR H 32 -69.52 -100.44 -8.63
C THR H 32 -69.48 -99.80 -10.00
N VAL H 33 -70.64 -99.54 -10.57
CA VAL H 33 -70.68 -98.95 -11.90
C VAL H 33 -69.99 -97.61 -11.86
N MET H 34 -70.22 -96.85 -10.79
CA MET H 34 -69.64 -95.51 -10.63
C MET H 34 -68.15 -95.45 -10.29
N ARG H 35 -67.70 -96.33 -9.43
CA ARG H 35 -66.29 -96.37 -9.08
C ARG H 35 -65.53 -96.46 -10.38
N SER H 36 -65.54 -97.66 -10.97
CA SER H 36 -64.86 -97.96 -12.23
C SER H 36 -64.74 -96.72 -13.09
N LEU H 37 -65.86 -96.04 -13.26
CA LEU H 37 -65.93 -94.82 -14.04
C LEU H 37 -65.25 -93.68 -13.31
N GLY H 38 -64.16 -93.99 -12.61
CA GLY H 38 -63.44 -92.97 -11.87
C GLY H 38 -64.10 -92.62 -10.56
N GLN H 39 -65.33 -92.09 -10.66
CA GLN H 39 -66.09 -91.69 -9.48
C GLN H 39 -66.12 -92.73 -8.38
N ASN H 40 -66.60 -92.33 -7.20
CA ASN H 40 -66.67 -93.26 -6.07
C ASN H 40 -67.50 -92.76 -4.88
N PRO H 41 -68.74 -92.33 -5.14
CA PRO H 41 -69.67 -91.83 -4.12
C PRO H 41 -69.61 -92.52 -2.77
N THR H 42 -70.22 -91.87 -1.77
CA THR H 42 -70.23 -92.39 -0.42
C THR H 42 -71.28 -93.50 -0.21
N GLU H 43 -71.11 -94.22 0.88
CA GLU H 43 -71.98 -95.33 1.27
C GLU H 43 -73.46 -94.95 1.44
N ALA H 44 -73.75 -93.67 1.69
CA ALA H 44 -75.15 -93.26 1.88
C ALA H 44 -75.64 -92.18 0.91
N GLU H 45 -74.74 -91.64 0.09
CA GLU H 45 -75.15 -90.63 -0.90
C GLU H 45 -75.47 -91.40 -2.18
N LEU H 46 -75.31 -92.72 -2.09
CA LEU H 46 -75.57 -93.65 -3.18
C LEU H 46 -77.07 -93.94 -3.23
N GLN H 47 -77.79 -93.42 -2.24
CA GLN H 47 -79.23 -93.61 -2.14
C GLN H 47 -80.01 -92.44 -2.72
N ASP H 48 -79.81 -91.25 -2.16
CA ASP H 48 -80.49 -90.04 -2.62
C ASP H 48 -80.74 -89.97 -4.15
N MET H 49 -79.86 -90.63 -4.92
CA MET H 49 -79.95 -90.63 -6.38
C MET H 49 -80.96 -91.66 -6.87
N ILE H 50 -80.83 -92.87 -6.33
CA ILE H 50 -81.70 -94.00 -6.66
C ILE H 50 -82.95 -93.96 -5.78
N ASN H 51 -82.71 -93.77 -4.49
CA ASN H 51 -83.76 -93.68 -3.48
C ASN H 51 -84.84 -92.67 -3.88
N GLU H 52 -84.46 -91.69 -4.71
CA GLU H 52 -85.39 -90.64 -5.13
C GLU H 52 -86.35 -91.03 -6.26
N VAL H 53 -86.09 -92.16 -6.93
CA VAL H 53 -86.94 -92.61 -8.02
C VAL H 53 -87.12 -94.13 -8.03
N ASP H 54 -88.03 -94.63 -7.19
CA ASP H 54 -88.30 -96.07 -7.09
C ASP H 54 -89.61 -96.48 -7.78
N ALA H 55 -89.54 -96.64 -9.10
CA ALA H 55 -90.68 -97.03 -9.93
C ALA H 55 -90.39 -98.42 -10.43
N ASP H 56 -89.32 -98.99 -9.90
CA ASP H 56 -88.87 -100.33 -10.24
C ASP H 56 -89.08 -101.23 -9.02
N GLY H 57 -88.39 -102.38 -9.00
CA GLY H 57 -88.51 -103.33 -7.90
C GLY H 57 -88.12 -102.72 -6.56
N ASN H 58 -88.34 -101.42 -6.43
CA ASN H 58 -88.03 -100.65 -5.22
C ASN H 58 -86.62 -101.03 -4.79
N GLY H 59 -85.65 -100.54 -5.57
CA GLY H 59 -84.26 -100.84 -5.26
C GLY H 59 -83.52 -101.28 -6.50
N THR H 60 -83.97 -100.81 -7.66
CA THR H 60 -83.33 -101.16 -8.92
C THR H 60 -83.52 -99.99 -9.89
N ILE H 61 -82.41 -99.53 -10.46
CA ILE H 61 -82.39 -98.41 -11.40
C ILE H 61 -81.94 -98.80 -12.80
N ASP H 62 -82.84 -98.67 -13.76
CA ASP H 62 -82.56 -99.01 -15.15
C ASP H 62 -81.48 -98.12 -15.75
N PHE H 63 -81.42 -98.08 -17.09
CA PHE H 63 -80.45 -97.24 -17.79
C PHE H 63 -81.00 -95.82 -17.97
N PRO H 64 -82.24 -95.67 -18.46
CA PRO H 64 -82.77 -94.32 -18.62
C PRO H 64 -82.93 -93.68 -17.26
N GLU H 65 -82.77 -94.47 -16.21
CA GLU H 65 -82.87 -93.97 -14.85
C GLU H 65 -81.48 -93.49 -14.45
N PHE H 66 -80.49 -94.23 -14.93
CA PHE H 66 -79.08 -93.96 -14.65
C PHE H 66 -78.54 -92.81 -15.48
N LEU H 67 -78.75 -92.87 -16.78
CA LEU H 67 -78.26 -91.81 -17.63
C LEU H 67 -78.90 -90.49 -17.31
N THR H 68 -80.16 -90.50 -16.82
CA THR H 68 -80.82 -89.22 -16.49
C THR H 68 -80.58 -88.85 -15.04
N MET H 69 -79.69 -89.59 -14.39
CA MET H 69 -79.33 -89.31 -13.00
C MET H 69 -77.85 -88.91 -12.96
N MET H 70 -77.28 -88.68 -14.15
CA MET H 70 -75.90 -88.25 -14.26
C MET H 70 -75.94 -86.84 -14.78
N ALA H 71 -76.23 -85.97 -13.84
CA ALA H 71 -76.31 -84.54 -14.05
C ALA H 71 -76.20 -84.00 -12.63
N ARG H 72 -76.82 -84.70 -11.68
CA ARG H 72 -76.79 -84.31 -10.26
C ARG H 72 -75.35 -83.99 -9.90
N LYS H 73 -74.45 -84.58 -10.67
CA LYS H 73 -73.01 -84.37 -10.54
C LYS H 73 -72.40 -84.74 -11.88
N MET H 74 -72.35 -83.76 -12.79
CA MET H 74 -71.78 -83.99 -14.12
C MET H 74 -71.85 -82.73 -15.00
N LYS H 75 -73.05 -82.31 -15.36
CA LYS H 75 -73.22 -81.10 -16.18
C LYS H 75 -72.71 -79.90 -15.38
N ASP H 76 -72.53 -80.13 -14.07
CA ASP H 76 -72.03 -79.14 -13.11
C ASP H 76 -70.50 -79.26 -13.10
N THR H 77 -70.00 -80.42 -12.68
CA THR H 77 -68.57 -80.70 -12.59
C THR H 77 -67.90 -80.69 -13.98
N ASP H 78 -67.01 -79.73 -14.18
CA ASP H 78 -66.27 -79.57 -15.44
C ASP H 78 -64.82 -79.30 -15.05
N SER H 79 -64.47 -79.78 -13.86
CA SER H 79 -63.16 -79.59 -13.28
C SER H 79 -62.02 -80.52 -13.67
N GLU H 80 -62.30 -81.65 -14.31
CA GLU H 80 -61.21 -82.55 -14.67
C GLU H 80 -59.99 -81.78 -15.14
N GLU H 81 -60.17 -80.92 -16.16
CA GLU H 81 -59.08 -80.12 -16.75
C GLU H 81 -58.33 -79.17 -15.82
N GLU H 82 -59.05 -78.38 -15.04
CA GLU H 82 -58.42 -77.47 -14.10
C GLU H 82 -57.26 -78.25 -13.48
N ILE H 83 -57.61 -79.43 -12.98
CA ILE H 83 -56.72 -80.40 -12.34
C ILE H 83 -55.57 -80.97 -13.16
N ARG H 84 -55.81 -81.19 -14.44
CA ARG H 84 -54.78 -81.73 -15.32
C ARG H 84 -53.82 -80.64 -15.72
N GLU H 85 -54.17 -79.39 -15.44
CA GLU H 85 -53.30 -78.28 -15.79
C GLU H 85 -52.48 -77.95 -14.56
N ALA H 86 -53.11 -78.13 -13.41
CA ALA H 86 -52.46 -77.92 -12.13
C ALA H 86 -51.46 -79.07 -11.97
N PHE H 87 -51.27 -79.83 -13.03
CA PHE H 87 -50.34 -80.92 -12.96
C PHE H 87 -49.14 -80.47 -13.68
N ARG H 88 -49.27 -80.31 -14.99
CA ARG H 88 -48.15 -79.88 -15.78
C ARG H 88 -47.47 -78.71 -15.06
N VAL H 89 -48.22 -78.03 -14.18
CA VAL H 89 -47.68 -76.91 -13.41
C VAL H 89 -46.59 -77.40 -12.47
N PHE H 90 -46.93 -78.39 -11.65
CA PHE H 90 -45.96 -78.94 -10.72
C PHE H 90 -44.93 -79.68 -11.51
N ASP H 91 -45.37 -80.53 -12.42
CA ASP H 91 -44.43 -81.26 -13.25
C ASP H 91 -43.54 -80.22 -13.90
N LYS H 92 -42.61 -79.68 -13.11
CA LYS H 92 -41.69 -78.61 -13.52
C LYS H 92 -40.59 -78.89 -14.54
N ASP H 93 -40.34 -80.15 -14.85
CA ASP H 93 -39.26 -80.49 -15.78
C ASP H 93 -39.64 -81.08 -17.12
N GLY H 94 -40.86 -81.58 -17.23
CA GLY H 94 -41.32 -82.19 -18.46
C GLY H 94 -41.24 -83.71 -18.47
N ASN H 95 -41.13 -84.30 -17.27
CA ASN H 95 -41.02 -85.76 -17.13
C ASN H 95 -42.37 -86.43 -16.92
N GLY H 96 -43.44 -85.64 -16.95
CA GLY H 96 -44.76 -86.22 -16.78
C GLY H 96 -44.93 -86.84 -15.41
N TYR H 97 -43.91 -86.71 -14.57
CA TYR H 97 -43.99 -87.25 -13.23
C TYR H 97 -43.67 -86.11 -12.27
N ILE H 98 -44.30 -86.10 -11.10
CA ILE H 98 -44.00 -85.07 -10.12
C ILE H 98 -42.94 -85.65 -9.21
N SER H 99 -42.35 -84.84 -8.32
CA SER H 99 -41.33 -85.33 -7.39
C SER H 99 -41.15 -84.36 -6.24
N ALA H 100 -41.00 -84.90 -5.02
CA ALA H 100 -40.83 -84.09 -3.81
C ALA H 100 -40.00 -82.87 -4.09
N ALA H 101 -39.06 -83.05 -4.99
CA ALA H 101 -38.17 -81.98 -5.41
C ALA H 101 -38.99 -80.78 -5.91
N GLU H 102 -39.80 -81.03 -6.93
CA GLU H 102 -40.63 -80.01 -7.53
C GLU H 102 -41.83 -79.64 -6.68
N LEU H 103 -42.37 -80.61 -5.94
CA LEU H 103 -43.51 -80.28 -5.09
C LEU H 103 -43.04 -79.15 -4.20
N ARG H 104 -42.13 -79.45 -3.29
CA ARG H 104 -41.59 -78.46 -2.35
C ARG H 104 -41.24 -77.15 -3.06
N HIS H 105 -40.62 -77.28 -4.22
CA HIS H 105 -40.22 -76.12 -5.00
C HIS H 105 -41.42 -75.28 -5.25
N VAL H 106 -42.23 -75.67 -6.22
CA VAL H 106 -43.40 -74.92 -6.54
C VAL H 106 -44.22 -74.58 -5.31
N MET H 107 -44.12 -75.40 -4.26
CA MET H 107 -44.87 -75.13 -3.03
C MET H 107 -44.45 -73.78 -2.50
N THR H 108 -43.14 -73.56 -2.44
CA THR H 108 -42.58 -72.30 -1.94
C THR H 108 -42.94 -71.07 -2.79
N ASN H 109 -42.77 -71.18 -4.11
CA ASN H 109 -43.08 -70.08 -5.02
C ASN H 109 -44.46 -69.51 -4.81
N LEU H 110 -45.44 -70.37 -4.59
CA LEU H 110 -46.80 -69.92 -4.33
C LEU H 110 -46.83 -69.38 -2.90
N GLY H 111 -45.64 -69.14 -2.37
CA GLY H 111 -45.48 -68.59 -1.03
C GLY H 111 -45.77 -69.52 0.13
N GLU H 112 -45.08 -70.64 0.22
CA GLU H 112 -45.34 -71.55 1.32
C GLU H 112 -44.13 -72.39 1.69
N LYS H 113 -43.77 -72.35 2.96
CA LYS H 113 -42.61 -73.09 3.43
C LYS H 113 -42.90 -74.51 3.86
N LEU H 114 -42.37 -75.45 3.09
CA LEU H 114 -42.55 -76.86 3.38
C LEU H 114 -41.25 -77.39 3.92
N THR H 115 -41.36 -78.27 4.90
CA THR H 115 -40.18 -78.89 5.50
C THR H 115 -39.71 -80.08 4.67
N ASP H 116 -38.43 -80.11 4.32
CA ASP H 116 -37.89 -81.22 3.55
C ASP H 116 -38.36 -82.59 4.07
N GLU H 117 -39.04 -82.60 5.21
CA GLU H 117 -39.54 -83.84 5.80
C GLU H 117 -40.97 -84.09 5.33
N GLU H 118 -41.79 -83.05 5.50
CA GLU H 118 -43.20 -83.08 5.13
C GLU H 118 -43.38 -82.87 3.63
N VAL H 119 -42.48 -83.43 2.84
CA VAL H 119 -42.56 -83.35 1.40
C VAL H 119 -42.21 -84.74 0.92
N ASP H 120 -41.10 -85.27 1.43
CA ASP H 120 -40.70 -86.62 1.08
C ASP H 120 -41.78 -87.40 1.81
N GLU H 121 -42.70 -86.64 2.40
CA GLU H 121 -43.86 -87.13 3.16
C GLU H 121 -45.14 -87.03 2.32
N MET H 122 -45.44 -85.85 1.76
CA MET H 122 -46.64 -85.73 0.93
C MET H 122 -46.44 -86.76 -0.15
N ILE H 123 -45.52 -86.48 -1.06
CA ILE H 123 -45.23 -87.39 -2.15
C ILE H 123 -45.62 -88.81 -1.80
N ARG H 124 -45.08 -89.32 -0.69
CA ARG H 124 -45.36 -90.69 -0.29
C ARG H 124 -46.84 -91.01 -0.25
N GLU H 125 -47.53 -90.47 0.74
CA GLU H 125 -48.95 -90.69 0.92
C GLU H 125 -49.80 -90.38 -0.34
N ALA H 126 -49.13 -89.90 -1.39
CA ALA H 126 -49.81 -89.56 -2.64
C ALA H 126 -49.54 -90.66 -3.63
N ASP H 127 -48.38 -91.29 -3.45
CA ASP H 127 -47.93 -92.39 -4.30
C ASP H 127 -48.62 -93.70 -3.94
N ILE H 128 -49.16 -94.36 -4.95
CA ILE H 128 -49.86 -95.59 -4.74
C ILE H 128 -49.11 -96.80 -5.19
N ASP H 129 -48.33 -96.64 -6.25
CA ASP H 129 -47.53 -97.74 -6.80
C ASP H 129 -46.09 -97.77 -6.29
N GLY H 130 -45.83 -97.08 -5.19
CA GLY H 130 -44.51 -97.05 -4.59
C GLY H 130 -43.30 -96.63 -5.41
N ASP H 131 -43.50 -96.06 -6.60
CA ASP H 131 -42.36 -95.65 -7.40
C ASP H 131 -41.76 -94.30 -6.98
N GLY H 132 -41.93 -93.95 -5.72
CA GLY H 132 -41.37 -92.69 -5.22
C GLY H 132 -41.92 -91.40 -5.80
N GLN H 133 -42.48 -91.45 -7.00
CA GLN H 133 -43.03 -90.26 -7.64
C GLN H 133 -44.51 -90.36 -8.01
N VAL H 134 -45.21 -89.23 -7.96
CA VAL H 134 -46.64 -89.14 -8.28
C VAL H 134 -46.86 -88.77 -9.73
N ASN H 135 -47.55 -89.66 -10.48
CA ASN H 135 -47.85 -89.43 -11.90
C ASN H 135 -49.21 -88.78 -11.96
N TYR H 136 -49.62 -88.35 -13.15
CA TYR H 136 -50.94 -87.72 -13.27
C TYR H 136 -52.01 -88.54 -12.56
N GLU H 137 -52.13 -89.80 -12.97
CA GLU H 137 -53.12 -90.69 -12.41
C GLU H 137 -53.34 -90.56 -10.91
N GLU H 138 -52.31 -90.74 -10.11
CA GLU H 138 -52.51 -90.62 -8.68
C GLU H 138 -52.72 -89.19 -8.28
N PHE H 139 -52.08 -88.27 -8.99
CA PHE H 139 -52.22 -86.84 -8.70
C PHE H 139 -53.72 -86.58 -8.73
N VAL H 140 -54.34 -87.07 -9.78
CA VAL H 140 -55.79 -86.92 -9.98
C VAL H 140 -56.48 -87.37 -8.72
N GLN H 141 -56.34 -88.64 -8.39
CA GLN H 141 -56.99 -89.17 -7.21
C GLN H 141 -56.82 -88.26 -6.00
N MET H 142 -55.60 -88.17 -5.49
CA MET H 142 -55.31 -87.34 -4.32
C MET H 142 -56.18 -86.09 -4.27
N MET H 143 -56.26 -85.39 -5.40
CA MET H 143 -57.02 -84.17 -5.53
C MET H 143 -58.52 -84.40 -5.46
N THR H 144 -59.07 -85.13 -6.44
CA THR H 144 -60.51 -85.41 -6.51
C THR H 144 -61.03 -86.27 -5.37
N ALA H 145 -60.40 -87.42 -5.17
CA ALA H 145 -60.82 -88.29 -4.08
C ALA H 145 -61.04 -87.36 -2.90
N LYS H 146 -62.13 -87.60 -2.18
CA LYS H 146 -62.49 -86.76 -1.02
C LYS H 146 -62.19 -87.46 0.32
N ALA I 1 -5.55 -52.55 22.58
CA ALA I 1 -5.56 -52.14 24.01
C ALA I 1 -4.92 -50.74 24.22
N ALA I 2 -5.42 -49.76 23.47
CA ALA I 2 -4.92 -48.38 23.54
C ALA I 2 -4.58 -47.90 24.96
N THR I 3 -3.37 -47.36 25.14
CA THR I 3 -2.95 -46.85 26.46
C THR I 3 -3.85 -45.69 26.81
N GLU I 4 -3.94 -45.36 28.09
CA GLU I 4 -4.78 -44.25 28.49
C GLU I 4 -4.36 -43.02 27.68
N GLU I 5 -3.06 -42.76 27.58
CA GLU I 5 -2.58 -41.62 26.81
C GLU I 5 -3.23 -41.68 25.44
N GLN I 6 -3.40 -42.91 24.96
CA GLN I 6 -3.99 -43.16 23.66
C GLN I 6 -5.50 -42.95 23.71
N ILE I 7 -5.98 -42.44 24.83
CA ILE I 7 -7.39 -42.17 25.01
C ILE I 7 -7.61 -40.68 25.19
N ALA I 8 -6.93 -40.10 26.19
CA ALA I 8 -7.05 -38.68 26.47
C ALA I 8 -7.00 -37.91 25.16
N GLU I 9 -6.05 -38.26 24.29
CA GLU I 9 -5.93 -37.59 22.99
C GLU I 9 -7.19 -37.92 22.23
N PHE I 10 -7.39 -39.20 21.96
CA PHE I 10 -8.56 -39.68 21.22
C PHE I 10 -9.90 -39.09 21.63
N LYS I 11 -9.95 -38.51 22.82
CA LYS I 11 -11.18 -37.90 23.29
C LYS I 11 -10.98 -36.40 23.29
N GLU I 12 -9.84 -35.95 23.79
CA GLU I 12 -9.53 -34.53 23.83
C GLU I 12 -9.75 -33.98 22.42
N ALA I 13 -9.69 -34.87 21.43
CA ALA I 13 -9.87 -34.51 20.05
C ALA I 13 -11.23 -34.94 19.51
N PHE I 14 -11.83 -35.87 20.19
CA PHE I 14 -13.14 -36.35 19.77
C PHE I 14 -14.24 -35.35 20.15
N SER I 15 -13.95 -34.57 21.17
CA SER I 15 -14.87 -33.57 21.68
C SER I 15 -14.60 -32.25 21.00
N LEU I 16 -13.36 -31.80 21.05
CA LEU I 16 -13.03 -30.52 20.45
C LEU I 16 -13.79 -30.31 19.14
N PHE I 17 -14.13 -31.39 18.46
CA PHE I 17 -14.83 -31.23 17.21
C PHE I 17 -16.28 -31.66 17.29
N ASP I 18 -16.85 -31.51 18.49
CA ASP I 18 -18.25 -31.86 18.74
C ASP I 18 -19.03 -30.60 19.10
N LYS I 19 -19.52 -29.92 18.07
CA LYS I 19 -20.27 -28.67 18.21
C LYS I 19 -21.44 -28.81 19.18
N ASP I 20 -22.51 -29.46 18.74
CA ASP I 20 -23.71 -29.67 19.57
C ASP I 20 -23.38 -30.56 20.78
N GLY I 21 -22.23 -30.28 21.37
CA GLY I 21 -21.70 -30.99 22.51
C GLY I 21 -22.45 -32.09 23.23
N ASP I 22 -22.89 -33.15 22.56
CA ASP I 22 -23.57 -34.21 23.29
C ASP I 22 -22.60 -35.34 23.65
N GLY I 23 -22.27 -36.16 22.68
CA GLY I 23 -21.36 -37.25 22.92
C GLY I 23 -21.33 -38.17 21.73
N THR I 24 -21.74 -37.62 20.60
CA THR I 24 -21.78 -38.36 19.35
C THR I 24 -21.43 -37.36 18.27
N ILE I 25 -20.83 -37.84 17.19
CA ILE I 25 -20.46 -36.98 16.08
C ILE I 25 -21.05 -37.36 14.73
N THR I 26 -21.28 -36.35 13.91
CA THR I 26 -21.85 -36.56 12.59
C THR I 26 -20.82 -37.28 11.74
N THR I 27 -21.21 -37.67 10.53
CA THR I 27 -20.28 -38.33 9.63
C THR I 27 -19.18 -37.32 9.33
N LYS I 28 -19.52 -36.29 8.55
CA LYS I 28 -18.61 -35.23 8.15
C LYS I 28 -17.66 -34.94 9.29
N GLU I 29 -18.19 -34.90 10.50
CA GLU I 29 -17.38 -34.60 11.68
C GLU I 29 -16.33 -35.66 12.01
N LEU I 30 -16.72 -36.92 12.03
CA LEU I 30 -15.75 -37.97 12.35
C LEU I 30 -14.53 -37.80 11.45
N GLY I 31 -14.79 -37.52 10.18
CA GLY I 31 -13.69 -37.30 9.24
C GLY I 31 -12.73 -36.31 9.87
N THR I 32 -13.25 -35.15 10.19
CA THR I 32 -12.44 -34.12 10.80
C THR I 32 -11.74 -34.54 12.07
N VAL I 33 -12.40 -35.34 12.88
CA VAL I 33 -11.80 -35.75 14.13
C VAL I 33 -10.53 -36.52 13.85
N MET I 34 -10.55 -37.35 12.80
CA MET I 34 -9.38 -38.16 12.43
C MET I 34 -8.22 -37.42 11.75
N ARG I 35 -8.55 -36.50 10.87
CA ARG I 35 -7.52 -35.74 10.20
C ARG I 35 -6.65 -35.14 11.30
N SER I 36 -7.18 -34.11 11.95
CA SER I 36 -6.49 -33.41 13.03
C SER I 36 -5.52 -34.31 13.75
N LEU I 37 -6.02 -35.48 14.13
CA LEU I 37 -5.22 -36.47 14.83
C LEU I 37 -4.22 -37.11 13.86
N GLY I 38 -3.69 -36.30 12.96
CA GLY I 38 -2.72 -36.82 12.01
C GLY I 38 -3.36 -37.57 10.87
N GLN I 39 -4.03 -38.66 11.20
CA GLN I 39 -4.70 -39.51 10.22
C GLN I 39 -5.55 -38.73 9.23
N ASN I 40 -6.01 -39.42 8.17
CA ASN I 40 -6.82 -38.75 7.16
C ASN I 40 -7.48 -39.70 6.16
N PRO I 41 -8.19 -40.72 6.67
CA PRO I 41 -8.90 -41.72 5.86
C PRO I 41 -9.55 -41.21 4.58
N THR I 42 -9.92 -42.15 3.71
CA THR I 42 -10.54 -41.82 2.44
C THR I 42 -12.03 -41.49 2.56
N GLU I 43 -12.54 -40.87 1.51
CA GLU I 43 -13.94 -40.44 1.41
C GLU I 43 -14.96 -41.58 1.56
N ALA I 44 -14.55 -42.83 1.30
CA ALA I 44 -15.48 -43.95 1.42
C ALA I 44 -15.07 -45.04 2.40
N GLU I 45 -13.87 -44.95 2.95
CA GLU I 45 -13.41 -45.94 3.94
C GLU I 45 -13.80 -45.37 5.30
N LEU I 46 -14.41 -44.19 5.27
CA LEU I 46 -14.87 -43.48 6.46
C LEU I 46 -16.22 -44.06 6.87
N GLN I 47 -16.75 -44.95 6.04
CA GLN I 47 -18.03 -45.59 6.29
C GLN I 47 -17.90 -46.95 6.95
N ASP I 48 -17.21 -47.87 6.29
CA ASP I 48 -17.00 -49.23 6.82
C ASP I 48 -16.79 -49.30 8.34
N MET I 49 -16.27 -48.22 8.92
CA MET I 49 -16.00 -48.16 10.37
C MET I 49 -17.26 -47.81 11.15
N ILE I 50 -17.95 -46.77 10.68
CA ILE I 50 -19.19 -46.28 11.28
C ILE I 50 -20.38 -47.06 10.71
N ASN I 51 -20.38 -47.18 9.39
CA ASN I 51 -21.41 -47.90 8.66
C ASN I 51 -21.63 -49.31 9.23
N GLU I 52 -20.61 -49.86 9.87
CA GLU I 52 -20.68 -51.21 10.43
C GLU I 52 -21.41 -51.33 11.78
N VAL I 53 -21.66 -50.20 12.43
CA VAL I 53 -22.33 -50.21 13.72
C VAL I 53 -23.31 -49.04 13.89
N ASP I 54 -24.51 -49.17 13.31
CA ASP I 54 -25.53 -48.13 13.38
C ASP I 54 -26.64 -48.45 14.38
N ALA I 55 -26.37 -48.19 15.65
CA ALA I 55 -27.31 -48.42 16.75
C ALA I 55 -27.72 -47.06 17.28
N ASP I 56 -27.29 -46.04 16.54
CA ASP I 56 -27.58 -44.66 16.87
C ASP I 56 -28.52 -44.10 15.79
N GLY I 57 -28.60 -42.77 15.69
CA GLY I 57 -29.48 -42.14 14.71
C GLY I 57 -29.15 -42.52 13.29
N ASN I 58 -28.64 -43.74 13.12
CA ASN I 58 -28.25 -44.28 11.82
C ASN I 58 -27.42 -43.22 11.09
N GLY I 59 -26.20 -43.05 11.58
CA GLY I 59 -25.32 -42.06 10.99
C GLY I 59 -24.67 -41.20 12.06
N THR I 60 -24.50 -41.77 13.25
CA THR I 60 -23.88 -41.04 14.34
C THR I 60 -23.18 -42.04 15.27
N ILE I 61 -21.90 -41.78 15.52
CA ILE I 61 -21.05 -42.63 16.34
C ILE I 61 -20.59 -41.96 17.63
N ASP I 62 -21.01 -42.51 18.75
CA ASP I 62 -20.64 -41.96 20.07
C ASP I 62 -19.14 -42.07 20.34
N PHE I 63 -18.76 -41.98 21.62
CA PHE I 63 -17.36 -42.10 22.01
C PHE I 63 -16.98 -43.56 22.21
N PRO I 64 -17.80 -44.34 22.96
CA PRO I 64 -17.44 -45.75 23.15
C PRO I 64 -17.54 -46.47 21.82
N GLU I 65 -18.09 -45.79 20.83
CA GLU I 65 -18.22 -46.36 19.49
C GLU I 65 -16.92 -46.03 18.76
N PHE I 66 -16.42 -44.83 19.02
CA PHE I 66 -15.19 -44.32 18.41
C PHE I 66 -13.95 -44.92 19.02
N LEU I 67 -13.85 -44.89 20.33
CA LEU I 67 -12.68 -45.45 20.96
C LEU I 67 -12.55 -46.93 20.71
N THR I 68 -13.66 -47.65 20.53
CA THR I 68 -13.58 -49.09 20.28
C THR I 68 -13.53 -49.38 18.78
N MET I 69 -13.35 -48.32 18.00
CA MET I 69 -13.25 -48.45 16.55
C MET I 69 -11.86 -47.99 16.15
N MET I 70 -10.99 -47.78 17.14
CA MET I 70 -9.61 -47.37 16.90
C MET I 70 -8.74 -48.54 17.32
N ALA I 71 -8.73 -49.49 16.41
CA ALA I 71 -7.98 -50.72 16.53
C ALA I 71 -7.92 -51.21 15.09
N ARG I 72 -9.03 -51.03 14.36
CA ARG I 72 -9.11 -51.44 12.95
C ARG I 72 -7.85 -50.95 12.25
N LYS I 73 -7.27 -49.91 12.83
CA LYS I 73 -6.03 -49.31 12.35
C LYS I 73 -5.43 -48.57 13.54
N MET I 74 -4.65 -49.29 14.34
CA MET I 74 -3.99 -48.71 15.51
C MET I 74 -3.17 -49.73 16.29
N LYS I 75 -3.83 -50.71 16.89
CA LYS I 75 -3.10 -51.75 17.65
C LYS I 75 -2.23 -52.53 16.66
N ASP I 76 -2.52 -52.33 15.37
CA ASP I 76 -1.80 -52.95 14.26
C ASP I 76 -0.62 -52.03 13.89
N THR I 77 -0.97 -50.82 13.45
CA THR I 77 0.01 -49.81 13.05
C THR I 77 0.88 -49.35 14.24
N ASP I 78 2.18 -49.66 14.16
CA ASP I 78 3.15 -49.30 15.20
C ASP I 78 4.37 -48.76 14.47
N SER I 79 4.11 -48.24 13.27
CA SER I 79 5.14 -47.73 12.38
C SER I 79 5.63 -46.30 12.56
N GLU I 80 4.95 -45.47 13.33
CA GLU I 80 5.42 -44.09 13.49
C GLU I 80 6.94 -44.04 13.60
N GLU I 81 7.49 -44.78 14.57
CA GLU I 81 8.94 -44.83 14.83
C GLU I 81 9.85 -45.27 13.69
N GLU I 82 9.52 -46.38 13.04
CA GLU I 82 10.31 -46.86 11.91
C GLU I 82 10.67 -45.62 11.10
N ILE I 83 9.63 -44.85 10.79
CA ILE I 83 9.66 -43.61 10.02
C ILE I 83 10.46 -42.46 10.59
N ARG I 84 10.45 -42.31 11.90
CA ARG I 84 11.19 -41.24 12.56
C ARG I 84 12.66 -41.59 12.65
N GLU I 85 12.99 -42.85 12.38
CA GLU I 85 14.39 -43.28 12.43
C GLU I 85 14.94 -43.18 11.02
N ALA I 86 14.06 -43.45 10.06
CA ALA I 86 14.40 -43.37 8.66
C ALA I 86 14.54 -41.87 8.35
N PHE I 87 14.53 -41.06 9.39
CA PHE I 87 14.66 -39.65 9.16
C PHE I 87 16.04 -39.32 9.56
N ARG I 88 16.32 -39.43 10.85
CA ARG I 88 17.64 -39.13 11.33
C ARG I 88 18.66 -39.79 10.39
N VAL I 89 18.22 -40.82 9.67
CA VAL I 89 19.09 -41.52 8.71
C VAL I 89 19.47 -40.59 7.58
N PHE I 90 18.48 -40.01 6.92
CA PHE I 90 18.74 -39.08 5.85
C PHE I 90 19.35 -37.85 6.43
N ASP I 91 18.74 -37.30 7.47
CA ASP I 91 19.30 -36.13 8.10
C ASP I 91 20.74 -36.47 8.45
N LYS I 92 21.60 -36.47 7.44
CA LYS I 92 23.01 -36.83 7.54
C LYS I 92 23.99 -35.93 8.29
N ASP I 93 23.56 -34.71 8.64
CA ASP I 93 24.46 -33.77 9.29
C ASP I 93 24.15 -33.38 10.73
N GLY I 94 22.92 -33.62 11.15
CA GLY I 94 22.51 -33.29 12.49
C GLY I 94 21.75 -31.97 12.59
N ASN I 95 21.23 -31.50 11.46
CA ASN I 95 20.49 -30.23 11.38
C ASN I 95 18.98 -30.43 11.55
N GLY I 96 18.56 -31.65 11.78
CA GLY I 96 17.15 -31.90 11.95
C GLY I 96 16.35 -31.58 10.70
N TYR I 97 17.05 -31.20 9.64
CA TYR I 97 16.39 -30.89 8.40
C TYR I 97 17.04 -31.73 7.31
N ILE I 98 16.26 -32.16 6.33
CA ILE I 98 16.82 -32.94 5.23
C ILE I 98 17.16 -31.93 4.13
N SER I 99 17.87 -32.36 3.09
CA SER I 99 18.21 -31.46 1.98
C SER I 99 18.62 -32.25 0.75
N ALA I 100 18.16 -31.80 -0.42
CA ALA I 100 18.45 -32.47 -1.70
C ALA I 100 19.86 -33.01 -1.70
N ALA I 101 20.74 -32.29 -1.04
CA ALA I 101 22.12 -32.67 -0.91
C ALA I 101 22.23 -34.08 -0.33
N GLU I 102 21.68 -34.24 0.87
CA GLU I 102 21.71 -35.51 1.58
C GLU I 102 20.74 -36.53 1.01
N LEU I 103 19.60 -36.07 0.49
CA LEU I 103 18.67 -37.02 -0.09
C LEU I 103 19.47 -37.78 -1.14
N ARG I 104 19.81 -37.09 -2.23
CA ARG I 104 20.58 -37.69 -3.32
C ARG I 104 21.75 -38.54 -2.81
N HIS I 105 22.44 -38.02 -1.80
CA HIS I 105 23.57 -38.71 -1.23
C HIS I 105 23.13 -40.06 -0.77
N VAL I 106 22.50 -40.09 0.39
CA VAL I 106 22.04 -41.35 0.92
C VAL I 106 21.27 -42.17 -0.12
N MET I 107 20.66 -41.50 -1.10
CA MET I 107 19.92 -42.21 -2.13
C MET I 107 20.87 -43.14 -2.83
N THR I 108 22.04 -42.63 -3.21
CA THR I 108 23.06 -43.41 -3.91
C THR I 108 23.63 -44.57 -3.10
N ASN I 109 24.00 -44.29 -1.84
CA ASN I 109 24.57 -45.31 -0.96
C ASN I 109 23.72 -46.57 -0.89
N LEU I 110 22.41 -46.39 -0.82
CA LEU I 110 21.51 -47.53 -0.79
C LEU I 110 21.44 -48.09 -2.20
N GLY I 111 22.42 -47.69 -3.01
CA GLY I 111 22.54 -48.14 -4.38
C GLY I 111 21.52 -47.62 -5.37
N GLU I 112 21.45 -46.31 -5.54
CA GLU I 112 20.49 -45.77 -6.49
C GLU I 112 20.92 -44.45 -7.08
N LYS I 113 20.94 -44.37 -8.39
CA LYS I 113 21.36 -43.15 -9.06
C LYS I 113 20.24 -42.15 -9.31
N LEU I 114 20.34 -41.02 -8.63
CA LEU I 114 19.36 -39.96 -8.78
C LEU I 114 19.98 -38.85 -9.56
N THR I 115 19.19 -38.24 -10.43
CA THR I 115 19.66 -37.13 -11.24
C THR I 115 19.58 -35.83 -10.46
N ASP I 116 20.67 -35.07 -10.43
CA ASP I 116 20.70 -33.80 -9.72
C ASP I 116 19.44 -32.95 -10.02
N GLU I 117 18.62 -33.40 -10.96
CA GLU I 117 17.40 -32.68 -11.34
C GLU I 117 16.22 -33.21 -10.53
N GLU I 118 16.09 -34.53 -10.57
CA GLU I 118 15.03 -35.26 -9.88
C GLU I 118 15.35 -35.42 -8.40
N VAL I 119 15.95 -34.40 -7.81
CA VAL I 119 16.27 -34.41 -6.39
C VAL I 119 15.90 -33.02 -5.93
N ASP I 120 16.39 -32.02 -6.63
CA ASP I 120 16.04 -30.64 -6.29
C ASP I 120 14.58 -30.63 -6.70
N GLU I 121 14.12 -31.81 -7.10
CA GLU I 121 12.75 -32.08 -7.54
C GLU I 121 11.96 -32.82 -6.44
N MET I 122 12.49 -33.91 -5.90
CA MET I 122 11.78 -34.62 -4.83
C MET I 122 11.65 -33.57 -3.76
N ILE I 123 12.75 -33.24 -3.11
CA ILE I 123 12.73 -32.24 -2.06
C ILE I 123 11.56 -31.29 -2.21
N ARG I 124 11.46 -30.66 -3.36
CA ARG I 124 10.39 -29.68 -3.59
C ARG I 124 9.01 -30.23 -3.27
N GLU I 125 8.52 -31.13 -4.11
CA GLU I 125 7.21 -31.73 -3.94
C GLU I 125 7.00 -32.36 -2.54
N ALA I 126 8.03 -32.33 -1.70
CA ALA I 126 7.98 -32.90 -0.36
C ALA I 126 7.83 -31.75 0.61
N ASP I 127 8.38 -30.61 0.21
CA ASP I 127 8.33 -29.39 1.01
C ASP I 127 6.98 -28.69 0.91
N ILE I 128 6.41 -28.36 2.06
CA ILE I 128 5.13 -27.73 2.10
C ILE I 128 5.19 -26.28 2.45
N ASP I 129 6.14 -25.90 3.29
CA ASP I 129 6.31 -24.51 3.70
C ASP I 129 7.33 -23.73 2.87
N GLY I 130 7.67 -24.26 1.70
CA GLY I 130 8.61 -23.60 0.81
C GLY I 130 10.00 -23.24 1.30
N ASP I 131 10.42 -23.74 2.47
CA ASP I 131 11.76 -23.40 2.95
C ASP I 131 12.87 -24.23 2.30
N GLY I 132 12.64 -24.71 1.08
CA GLY I 132 13.66 -25.48 0.39
C GLY I 132 14.06 -26.83 0.99
N GLN I 133 13.86 -27.00 2.29
CA GLN I 133 14.22 -28.26 2.95
C GLN I 133 13.05 -28.95 3.67
N VAL I 134 13.10 -30.28 3.71
CA VAL I 134 12.07 -31.11 4.35
C VAL I 134 12.43 -31.43 5.78
N ASN I 135 11.57 -31.02 6.71
CA ASN I 135 11.77 -31.27 8.15
C ASN I 135 11.04 -32.55 8.48
N TYR I 136 11.21 -33.03 9.71
CA TYR I 136 10.55 -34.27 10.08
C TYR I 136 9.07 -34.23 9.71
N GLU I 137 8.38 -33.21 10.21
CA GLU I 137 6.95 -33.05 9.97
C GLU I 137 6.51 -33.40 8.56
N GLU I 138 7.05 -32.73 7.54
CA GLU I 138 6.61 -33.04 6.20
C GLU I 138 7.14 -34.39 5.75
N PHE I 139 8.32 -34.75 6.23
CA PHE I 139 8.92 -36.04 5.88
C PHE I 139 7.87 -37.06 6.24
N VAL I 140 7.33 -36.93 7.46
CA VAL I 140 6.31 -37.82 7.97
C VAL I 140 5.22 -37.92 6.94
N GLN I 141 4.54 -36.81 6.69
CA GLN I 141 3.47 -36.80 5.72
C GLN I 141 3.82 -37.56 4.44
N MET I 142 4.73 -36.99 3.66
CA MET I 142 5.15 -37.61 2.40
C MET I 142 5.11 -39.15 2.46
N MET I 143 5.69 -39.68 3.54
CA MET I 143 5.78 -41.11 3.76
C MET I 143 4.43 -41.76 4.06
N THR I 144 3.82 -41.37 5.18
CA THR I 144 2.53 -41.92 5.60
C THR I 144 1.37 -41.56 4.67
N ALA I 145 1.19 -40.27 4.41
CA ALA I 145 0.14 -39.85 3.52
C ALA I 145 0.18 -40.83 2.36
N LYS I 146 -0.98 -41.29 1.92
CA LYS I 146 -1.08 -42.25 0.84
C LYS I 146 -1.53 -41.61 -0.49
N ALA J 1 -36.97 -10.74 70.19
CA ALA J 1 -36.59 -11.72 71.26
C ALA J 1 -35.62 -11.12 72.29
N ALA J 2 -36.00 -9.97 72.85
CA ALA J 2 -35.17 -9.26 73.84
C ALA J 2 -34.47 -10.18 74.85
N THR J 3 -33.15 -10.02 74.99
CA THR J 3 -32.38 -10.84 75.95
C THR J 3 -32.89 -10.52 77.35
N GLU J 4 -32.65 -11.42 78.29
CA GLU J 4 -33.11 -11.17 79.65
C GLU J 4 -32.56 -9.82 80.10
N GLU J 5 -31.28 -9.57 79.86
CA GLU J 5 -30.68 -8.29 80.24
C GLU J 5 -31.59 -7.18 79.68
N GLN J 6 -32.14 -7.45 78.51
CA GLN J 6 -33.01 -6.52 77.82
C GLN J 6 -34.38 -6.48 78.47
N ILE J 7 -34.50 -7.16 79.61
CA ILE J 7 -35.74 -7.21 80.35
C ILE J 7 -35.55 -6.56 81.71
N ALA J 8 -34.58 -7.08 82.47
CA ALA J 8 -34.29 -6.55 83.79
C ALA J 8 -34.31 -5.01 83.74
N GLU J 9 -33.64 -4.44 82.73
CA GLU J 9 -33.63 -2.99 82.56
C GLU J 9 -35.06 -2.55 82.31
N PHE J 10 -35.61 -3.03 81.19
CA PHE J 10 -36.97 -2.71 80.78
C PHE J 10 -38.01 -2.79 81.88
N LYS J 11 -37.70 -3.47 82.96
CA LYS J 11 -38.63 -3.57 84.07
C LYS J 11 -38.08 -2.74 85.22
N GLU J 12 -36.79 -2.89 85.49
CA GLU J 12 -36.15 -2.13 86.54
C GLU J 12 -36.49 -0.67 86.34
N ALA J 13 -36.85 -0.33 85.10
CA ALA J 13 -37.18 1.04 84.75
C ALA J 13 -38.68 1.22 84.55
N PHE J 14 -39.36 0.11 84.32
CA PHE J 14 -40.80 0.18 84.13
C PHE J 14 -41.53 0.37 85.45
N SER J 15 -40.86 -0.06 86.52
CA SER J 15 -41.40 0.03 87.86
C SER J 15 -40.96 1.32 88.49
N LEU J 16 -39.65 1.56 88.51
CA LEU J 16 -39.15 2.77 89.13
C LEU J 16 -40.08 3.95 88.86
N PHE J 17 -40.78 3.93 87.75
CA PHE J 17 -41.65 5.04 87.46
C PHE J 17 -43.12 4.70 87.61
N ASP J 18 -43.39 3.77 88.51
CA ASP J 18 -44.76 3.32 88.78
C ASP J 18 -45.14 3.69 90.22
N LYS J 19 -45.63 4.91 90.39
CA LYS J 19 -46.01 5.43 91.70
C LYS J 19 -46.97 4.51 92.43
N ASP J 20 -48.24 4.51 92.01
CA ASP J 20 -49.27 3.65 92.64
C ASP J 20 -48.95 2.17 92.44
N GLY J 21 -47.66 1.85 92.62
CA GLY J 21 -47.12 0.53 92.46
C GLY J 21 -47.97 -0.69 92.17
N ASP J 22 -48.76 -0.72 91.11
CA ASP J 22 -49.54 -1.94 90.84
C ASP J 22 -48.80 -2.81 89.82
N GLY J 23 -48.88 -2.43 88.55
CA GLY J 23 -48.23 -3.21 87.53
C GLY J 23 -48.66 -2.71 86.17
N THR J 24 -49.13 -1.47 86.16
CA THR J 24 -49.58 -0.81 84.94
C THR J 24 -49.22 0.65 85.09
N ILE J 25 -48.96 1.32 83.97
CA ILE J 25 -48.61 2.72 84.00
C ILE J 25 -49.51 3.63 83.18
N THR J 26 -49.64 4.86 83.65
CA THR J 26 -50.48 5.84 82.98
C THR J 26 -49.84 6.19 81.65
N THR J 27 -50.55 6.99 80.85
CA THR J 27 -50.00 7.41 79.57
C THR J 27 -48.75 8.25 79.89
N LYS J 28 -48.99 9.44 80.42
CA LYS J 28 -47.93 10.38 80.81
C LYS J 28 -46.74 9.61 81.32
N GLU J 29 -47.00 8.60 82.14
CA GLU J 29 -45.94 7.79 82.72
C GLU J 29 -45.13 6.97 81.73
N LEU J 30 -45.80 6.27 80.83
CA LEU J 30 -45.08 5.46 79.85
C LEU J 30 -44.04 6.34 79.17
N GLY J 31 -44.46 7.55 78.82
CA GLY J 31 -43.55 8.49 78.19
C GLY J 31 -42.28 8.53 79.00
N THR J 32 -42.42 8.87 80.26
CA THR J 32 -41.29 8.94 81.15
C THR J 32 -40.48 7.67 81.26
N VAL J 33 -41.16 6.53 81.22
CA VAL J 33 -40.45 5.27 81.33
C VAL J 33 -39.47 5.15 80.18
N MET J 34 -39.90 5.57 78.99
CA MET J 34 -39.06 5.48 77.78
C MET J 34 -37.91 6.48 77.68
N ARG J 35 -38.16 7.73 78.07
CA ARG J 35 -37.10 8.71 78.03
C ARG J 35 -35.94 8.15 78.81
N SER J 36 -36.06 8.14 80.13
CA SER J 36 -35.03 7.64 81.04
C SER J 36 -34.18 6.57 80.38
N LEU J 37 -34.87 5.59 79.79
CA LEU J 37 -34.23 4.50 79.10
C LEU J 37 -33.60 4.98 77.79
N GLY J 38 -33.07 6.19 77.81
CA GLY J 38 -32.46 6.75 76.62
C GLY J 38 -33.47 7.28 75.63
N GLN J 39 -34.31 6.39 75.13
CA GLN J 39 -35.34 6.74 74.16
C GLN J 39 -36.15 7.97 74.52
N ASN J 40 -36.94 8.48 73.58
CA ASN J 40 -37.76 9.66 73.84
C ASN J 40 -38.81 9.96 72.79
N PRO J 41 -39.64 8.96 72.44
CA PRO J 41 -40.71 9.08 71.45
C PRO J 41 -41.44 10.41 71.41
N THR J 42 -42.19 10.61 70.32
CA THR J 42 -42.93 11.84 70.12
C THR J 42 -44.24 11.88 70.91
N GLU J 43 -44.78 13.09 71.04
CA GLU J 43 -46.02 13.36 71.75
C GLU J 43 -47.25 12.58 71.23
N ALA J 44 -47.21 12.13 69.96
CA ALA J 44 -48.36 11.40 69.41
C ALA J 44 -48.04 10.00 68.90
N GLU J 45 -46.76 9.63 68.88
CA GLU J 45 -46.38 8.28 68.45
C GLU J 45 -46.34 7.43 69.71
N LEU J 46 -46.66 8.07 70.84
CA LEU J 46 -46.70 7.45 72.15
C LEU J 46 -48.04 6.74 72.31
N GLN J 47 -48.92 6.94 71.34
CA GLN J 47 -50.25 6.35 71.34
C GLN J 47 -50.32 5.06 70.54
N ASP J 48 -50.02 5.14 69.25
CA ASP J 48 -50.04 3.97 68.36
C ASP J 48 -49.58 2.65 69.02
N MET J 49 -48.71 2.76 70.02
CA MET J 49 -48.18 1.60 70.72
C MET J 49 -49.14 1.09 71.78
N ILE J 50 -49.63 2.02 72.59
CA ILE J 50 -50.57 1.76 73.68
C ILE J 50 -51.99 1.77 73.12
N ASN J 51 -52.28 2.82 72.36
CA ASN J 51 -53.57 3.02 71.72
C ASN J 51 -54.02 1.77 70.94
N GLU J 52 -53.05 0.95 70.52
CA GLU J 52 -53.35 -0.24 69.74
C GLU J 52 -53.81 -1.47 70.54
N VAL J 53 -53.65 -1.41 71.86
CA VAL J 53 -54.05 -2.52 72.72
C VAL J 53 -54.67 -2.05 74.04
N ASP J 54 -55.94 -1.67 74.01
CA ASP J 54 -56.66 -1.20 75.20
C ASP J 54 -57.60 -2.25 75.79
N ALA J 55 -57.03 -3.17 76.56
CA ALA J 55 -57.78 -4.25 77.22
C ALA J 55 -57.74 -3.95 78.71
N ASP J 56 -57.22 -2.77 79.03
CA ASP J 56 -57.11 -2.31 80.39
C ASP J 56 -58.07 -1.13 80.59
N GLY J 57 -57.84 -0.33 81.63
CA GLY J 57 -58.71 0.81 81.92
C GLY J 57 -58.76 1.82 80.78
N ASN J 58 -58.61 1.31 79.55
CA ASN J 58 -58.61 2.12 78.33
C ASN J 58 -57.69 3.32 78.56
N GLY J 59 -56.39 3.04 78.57
CA GLY J 59 -55.42 4.10 78.79
C GLY J 59 -54.40 3.69 79.83
N THR J 60 -54.15 2.38 79.94
CA THR J 60 -53.18 1.88 80.89
C THR J 60 -52.58 0.59 80.33
N ILE J 61 -51.25 0.55 80.29
CA ILE J 61 -50.50 -0.59 79.75
C ILE J 61 -49.65 -1.29 80.81
N ASP J 62 -49.97 -2.53 81.08
CA ASP J 62 -49.23 -3.33 82.06
C ASP J 62 -47.78 -3.57 81.66
N PHE J 63 -47.16 -4.59 82.26
CA PHE J 63 -45.78 -4.94 81.94
C PHE J 63 -45.74 -5.91 80.73
N PRO J 64 -46.57 -6.97 80.75
CA PRO J 64 -46.53 -7.88 79.61
C PRO J 64 -47.04 -7.16 78.38
N GLU J 65 -47.59 -5.97 78.59
CA GLU J 65 -48.10 -5.17 77.49
C GLU J 65 -46.93 -4.33 76.98
N PHE J 66 -46.12 -3.88 77.92
CA PHE J 66 -44.94 -3.06 77.65
C PHE J 66 -43.79 -3.86 77.09
N LEU J 67 -43.43 -4.95 77.76
CA LEU J 67 -42.33 -5.74 77.27
C LEU J 67 -42.64 -6.33 75.91
N THR J 68 -43.89 -6.59 75.58
CA THR J 68 -44.22 -7.16 74.27
C THR J 68 -44.51 -6.07 73.26
N MET J 69 -44.24 -4.82 73.66
CA MET J 69 -44.45 -3.68 72.79
C MET J 69 -43.08 -3.04 72.52
N MET J 70 -42.02 -3.74 72.95
CA MET J 70 -40.65 -3.28 72.72
C MET J 70 -40.04 -4.23 71.73
N ALA J 71 -40.42 -3.99 70.48
CA ALA J 71 -39.99 -4.74 69.34
C ALA J 71 -40.32 -3.79 68.19
N ARG J 72 -41.46 -3.12 68.30
CA ARG J 72 -41.91 -2.16 67.28
C ARG J 72 -40.73 -1.27 66.94
N LYS J 73 -39.81 -1.17 67.89
CA LYS J 73 -38.59 -0.40 67.75
C LYS J 73 -37.61 -0.98 68.77
N MET J 74 -36.88 -2.02 68.35
CA MET J 74 -35.90 -2.67 69.22
C MET J 74 -35.21 -3.85 68.54
N LYS J 75 -35.96 -4.92 68.26
CA LYS J 75 -35.38 -6.08 67.58
C LYS J 75 -34.92 -5.66 66.18
N ASP J 76 -35.40 -4.48 65.78
CA ASP J 76 -35.08 -3.85 64.49
C ASP J 76 -33.80 -3.01 64.69
N THR J 77 -33.92 -1.98 65.54
CA THR J 77 -32.82 -1.07 65.85
C THR J 77 -31.65 -1.81 66.55
N ASP J 78 -30.51 -1.87 65.87
CA ASP J 78 -29.31 -2.52 66.40
C ASP J 78 -28.15 -1.57 66.08
N SER J 79 -28.50 -0.30 65.97
CA SER J 79 -27.57 0.75 65.62
C SER J 79 -26.70 1.39 66.71
N GLU J 80 -27.01 1.17 67.98
CA GLU J 80 -26.20 1.80 69.01
C GLU J 80 -24.73 1.77 68.65
N GLU J 81 -24.20 0.58 68.38
CA GLU J 81 -22.78 0.38 68.03
C GLU J 81 -22.24 1.13 66.82
N GLU J 82 -22.94 1.06 65.70
CA GLU J 82 -22.52 1.77 64.50
C GLU J 82 -22.03 3.13 64.98
N ILE J 83 -22.89 3.79 65.76
CA ILE J 83 -22.70 5.10 66.34
C ILE J 83 -21.56 5.27 67.32
N ARG J 84 -21.28 4.25 68.10
CA ARG J 84 -20.20 4.30 69.07
C ARG J 84 -18.87 4.07 68.38
N GLU J 85 -18.91 3.64 67.13
CA GLU J 85 -17.68 3.41 66.38
C GLU J 85 -17.39 4.64 65.57
N ALA J 86 -18.47 5.29 65.14
CA ALA J 86 -18.40 6.53 64.39
C ALA J 86 -17.97 7.58 65.39
N PHE J 87 -17.60 7.15 66.59
CA PHE J 87 -17.17 8.10 67.57
C PHE J 87 -15.69 8.00 67.61
N ARG J 88 -15.21 6.86 68.08
CA ARG J 88 -13.78 6.66 68.16
C ARG J 88 -13.15 7.12 66.85
N VAL J 89 -13.94 7.15 65.78
CA VAL J 89 -13.47 7.60 64.47
C VAL J 89 -13.09 9.07 64.54
N PHE J 90 -14.03 9.91 64.97
CA PHE J 90 -13.76 11.33 65.09
C PHE J 90 -12.78 11.53 66.18
N ASP J 91 -13.02 10.94 67.33
CA ASP J 91 -12.09 11.05 68.43
C ASP J 91 -10.73 10.60 67.90
N LYS J 92 -10.11 11.49 67.12
CA LYS J 92 -8.84 11.25 66.44
C LYS J 92 -7.55 11.14 67.25
N ASP J 93 -7.59 11.50 68.53
CA ASP J 93 -6.37 11.49 69.36
C ASP J 93 -6.31 10.47 70.49
N GLY J 94 -7.47 9.95 70.89
CA GLY J 94 -7.52 8.98 71.97
C GLY J 94 -7.91 9.60 73.30
N ASN J 95 -8.49 10.80 73.27
CA ASN J 95 -8.91 11.53 74.48
C ASN J 95 -10.35 11.25 74.87
N GLY J 96 -11.01 10.37 74.12
CA GLY J 96 -12.39 10.04 74.44
C GLY J 96 -13.29 11.24 74.31
N TYR J 97 -12.74 12.36 73.87
CA TYR J 97 -13.53 13.56 73.69
C TYR J 97 -13.33 14.03 72.27
N ILE J 98 -14.36 14.60 71.66
CA ILE J 98 -14.20 15.11 70.30
C ILE J 98 -13.85 16.59 70.45
N SER J 99 -13.48 17.26 69.36
CA SER J 99 -13.15 18.69 69.42
C SER J 99 -13.19 19.31 68.02
N ALA J 100 -13.73 20.52 67.94
CA ALA J 100 -13.86 21.24 66.66
C ALA J 100 -12.66 21.00 65.79
N ALA J 101 -11.52 20.85 66.45
CA ALA J 101 -10.27 20.58 65.77
C ALA J 101 -10.38 19.33 64.90
N GLU J 102 -10.74 18.21 65.54
CA GLU J 102 -10.89 16.93 64.87
C GLU J 102 -12.16 16.83 64.07
N LEU J 103 -13.22 17.48 64.51
CA LEU J 103 -14.45 17.43 63.74
C LEU J 103 -14.08 17.92 62.36
N ARG J 104 -13.79 19.22 62.26
CA ARG J 104 -13.41 19.84 60.99
C ARG J 104 -12.41 18.99 60.19
N HIS J 105 -11.44 18.43 60.91
CA HIS J 105 -10.42 17.62 60.30
C HIS J 105 -11.08 16.49 59.59
N VAL J 106 -11.47 15.48 60.34
CA VAL J 106 -12.12 14.33 59.74
C VAL J 106 -13.24 14.74 58.79
N MET J 107 -13.84 15.90 59.02
CA MET J 107 -14.92 16.37 58.14
C MET J 107 -14.37 16.47 56.75
N THR J 108 -13.21 17.11 56.62
CA THR J 108 -12.57 17.31 55.32
C THR J 108 -12.14 16.01 54.62
N ASN J 109 -11.48 15.11 55.36
CA ASN J 109 -11.01 13.84 54.82
C ASN J 109 -12.11 13.08 54.10
N LEU J 110 -13.30 13.08 54.69
CA LEU J 110 -14.43 12.41 54.07
C LEU J 110 -14.90 13.28 52.91
N GLY J 111 -14.03 14.21 52.53
CA GLY J 111 -14.29 15.12 51.43
C GLY J 111 -15.32 16.21 51.66
N GLU J 112 -15.11 17.06 52.64
CA GLU J 112 -16.06 18.12 52.89
C GLU J 112 -15.44 19.33 53.54
N LYS J 113 -15.66 20.49 52.92
CA LYS J 113 -15.09 21.72 53.42
C LYS J 113 -15.95 22.45 54.44
N LEU J 114 -15.46 22.47 55.68
CA LEU J 114 -16.16 23.15 56.75
C LEU J 114 -15.45 24.43 57.05
N THR J 115 -16.22 25.47 57.35
CA THR J 115 -15.66 26.76 57.69
C THR J 115 -15.27 26.83 59.16
N ASP J 116 -14.04 27.23 59.45
CA ASP J 116 -13.57 27.32 60.82
C ASP J 116 -14.62 28.00 61.74
N GLU J 117 -15.68 28.53 61.16
CA GLU J 117 -16.75 29.20 61.92
C GLU J 117 -17.84 28.20 62.25
N GLU J 118 -18.30 27.51 61.21
CA GLU J 118 -19.35 26.51 61.31
C GLU J 118 -18.82 25.18 61.83
N VAL J 119 -17.88 25.25 62.77
CA VAL J 119 -17.31 24.07 63.39
C VAL J 119 -17.23 24.40 64.85
N ASP J 120 -16.66 25.57 65.15
CA ASP J 120 -16.59 26.02 66.54
C ASP J 120 -18.06 26.31 66.78
N GLU J 121 -18.85 26.01 65.77
CA GLU J 121 -20.30 26.19 65.75
C GLU J 121 -21.02 24.84 65.96
N MET J 122 -20.68 23.82 65.18
CA MET J 122 -21.32 22.52 65.38
C MET J 122 -21.00 22.18 66.81
N ILE J 123 -19.74 21.85 67.07
CA ILE J 123 -19.33 21.50 68.42
C ILE J 123 -20.23 22.11 69.46
N ARG J 124 -20.40 23.43 69.42
CA ARG J 124 -21.23 24.11 70.41
C ARG J 124 -22.60 23.50 70.56
N GLU J 125 -23.44 23.70 69.55
CA GLU J 125 -24.80 23.19 69.56
C GLU J 125 -24.89 21.68 69.83
N ALA J 126 -23.74 21.02 69.95
CA ALA J 126 -23.68 19.58 70.21
C ALA J 126 -23.37 19.38 71.67
N ASP J 127 -22.66 20.35 72.22
CA ASP J 127 -22.24 20.33 73.62
C ASP J 127 -23.38 20.75 74.53
N ILE J 128 -23.61 19.95 75.56
CA ILE J 128 -24.68 20.22 76.49
C ILE J 128 -24.20 20.72 77.82
N ASP J 129 -23.04 20.25 78.26
CA ASP J 129 -22.47 20.65 79.53
C ASP J 129 -21.45 21.80 79.42
N GLY J 130 -21.49 22.52 78.31
CA GLY J 130 -20.60 23.65 78.10
C GLY J 130 -19.10 23.48 78.20
N ASP J 131 -18.60 22.24 78.26
CA ASP J 131 -17.15 22.06 78.37
C ASP J 131 -16.41 22.18 77.03
N GLY J 132 -16.98 22.94 76.10
CA GLY J 132 -16.33 23.13 74.81
C GLY J 132 -16.16 21.91 73.91
N GLN J 133 -16.15 20.72 74.50
CA GLN J 133 -15.99 19.48 73.72
C GLN J 133 -17.13 18.49 73.87
N VAL J 134 -17.41 17.73 72.80
CA VAL J 134 -18.46 16.71 72.78
C VAL J 134 -17.93 15.34 73.15
N ASN J 135 -18.47 14.76 74.21
CA ASN J 135 -18.06 13.42 74.68
C ASN J 135 -19.01 12.42 74.04
N TYR J 136 -18.73 11.14 74.22
CA TYR J 136 -19.60 10.14 73.62
C TYR J 136 -21.05 10.45 73.92
N GLU J 137 -21.37 10.55 75.20
CA GLU J 137 -22.73 10.79 75.64
C GLU J 137 -23.51 11.77 74.78
N GLU J 138 -23.02 13.00 74.65
CA GLU J 138 -23.76 13.94 73.84
C GLU J 138 -23.67 13.60 72.37
N PHE J 139 -22.54 13.03 71.96
CA PHE J 139 -22.36 12.65 70.56
C PHE J 139 -23.54 11.77 70.24
N VAL J 140 -23.78 10.81 71.14
CA VAL J 140 -24.88 9.88 70.99
C VAL J 140 -26.15 10.65 70.72
N GLN J 141 -26.56 11.45 71.69
CA GLN J 141 -27.77 12.23 71.54
C GLN J 141 -27.86 12.90 70.17
N MET J 142 -27.01 13.89 69.95
CA MET J 142 -27.00 14.61 68.68
C MET J 142 -27.39 13.73 67.49
N MET J 143 -26.77 12.56 67.42
CA MET J 143 -26.99 11.60 66.35
C MET J 143 -28.36 10.96 66.41
N THR J 144 -28.64 10.21 67.48
CA THR J 144 -29.93 9.52 67.65
C THR J 144 -31.12 10.46 67.82
N ALA J 145 -31.02 11.38 68.77
CA ALA J 145 -32.10 12.32 68.99
C ALA J 145 -32.51 12.77 67.59
N LYS J 146 -33.81 12.85 67.36
CA LYS J 146 -34.35 13.24 66.06
C LYS J 146 -34.87 14.69 66.04
N ALA K 1 14.66 47.83 29.04
CA ALA K 1 14.19 48.78 27.98
C ALA K 1 15.06 48.73 26.72
N ALA K 2 15.25 47.53 26.18
CA ALA K 2 16.06 47.32 24.98
C ALA K 2 15.90 48.41 23.90
N THR K 3 17.01 48.98 23.44
CA THR K 3 16.97 50.01 22.40
C THR K 3 16.39 49.38 21.13
N GLU K 4 15.88 50.20 20.23
CA GLU K 4 15.33 49.66 19.01
C GLU K 4 16.41 48.78 18.35
N GLU K 5 17.63 49.29 18.27
CA GLU K 5 18.72 48.52 17.66
C GLU K 5 18.72 47.14 18.33
N GLN K 6 18.40 47.15 19.61
CA GLN K 6 18.37 45.94 20.41
C GLN K 6 17.13 45.11 20.10
N ILE K 7 16.42 45.54 19.07
CA ILE K 7 15.21 44.84 18.65
C ILE K 7 15.39 44.32 17.23
N ALA K 8 15.73 45.22 16.31
CA ALA K 8 15.94 44.86 14.92
C ALA K 8 16.77 43.58 14.88
N GLU K 9 17.85 43.52 15.65
CA GLU K 9 18.69 42.34 15.70
C GLU K 9 17.84 41.21 16.26
N PHE K 10 17.39 41.38 17.50
CA PHE K 10 16.58 40.39 18.18
C PHE K 10 15.44 39.81 17.37
N LYS K 11 15.06 40.48 16.29
CA LYS K 11 14.00 39.98 15.44
C LYS K 11 14.63 39.51 14.14
N GLU K 12 15.52 40.33 13.60
CA GLU K 12 16.21 39.97 12.36
C GLU K 12 16.78 38.57 12.54
N ALA K 13 16.98 38.18 13.79
CA ALA K 13 17.53 36.87 14.12
C ALA K 13 16.46 35.93 14.64
N PHE K 14 15.36 36.49 15.11
CA PHE K 14 14.28 35.68 15.62
C PHE K 14 13.48 35.03 14.49
N SER K 15 13.55 35.67 13.33
CA SER K 15 12.84 35.21 12.16
C SER K 15 13.75 34.33 11.33
N LEU K 16 14.93 34.84 11.00
CA LEU K 16 15.85 34.06 10.20
C LEU K 16 15.82 32.59 10.59
N PHE K 17 15.49 32.29 11.83
CA PHE K 17 15.47 30.91 12.24
C PHE K 17 14.07 30.39 12.46
N ASP K 18 13.13 30.94 11.71
CA ASP K 18 11.72 30.56 11.80
C ASP K 18 11.29 29.96 10.46
N LYS K 19 11.51 28.66 10.33
CA LYS K 19 11.18 27.92 9.10
C LYS K 19 9.74 28.12 8.68
N ASP K 20 8.81 27.46 9.37
CA ASP K 20 7.37 27.56 9.07
C ASP K 20 6.87 29.00 9.29
N GLY K 21 7.69 29.93 8.86
CA GLY K 21 7.43 31.35 8.98
C GLY K 21 6.15 31.93 9.54
N ASP K 22 5.74 31.60 10.76
CA ASP K 22 4.53 32.21 11.30
C ASP K 22 4.87 33.41 12.18
N GLY K 23 5.31 33.14 13.39
CA GLY K 23 5.66 34.21 14.29
C GLY K 23 5.91 33.65 15.67
N THR K 24 6.20 32.36 15.70
CA THR K 24 6.48 31.65 16.93
C THR K 24 7.54 30.62 16.61
N ILE K 25 8.36 30.27 17.59
CA ILE K 25 9.40 29.29 17.37
C ILE K 25 9.36 28.09 18.30
N THR K 26 9.81 26.97 17.80
CA THR K 26 9.83 25.74 18.58
C THR K 26 10.84 25.87 19.69
N THR K 27 10.90 24.88 20.57
CA THR K 27 11.88 24.92 21.65
C THR K 27 13.26 24.87 20.99
N LYS K 28 13.59 23.71 20.45
CA LYS K 28 14.86 23.48 19.76
C LYS K 28 15.29 24.73 19.04
N GLU K 29 14.33 25.39 18.38
CA GLU K 29 14.62 26.60 17.63
C GLU K 29 15.05 27.79 18.46
N LEU K 30 14.33 28.08 19.54
CA LEU K 30 14.71 29.21 20.38
C LEU K 30 16.17 29.08 20.75
N GLY K 31 16.59 27.87 21.10
CA GLY K 31 17.97 27.63 21.43
C GLY K 31 18.84 28.24 20.34
N THR K 32 18.61 27.79 19.12
CA THR K 32 19.35 28.29 17.99
C THR K 32 19.29 29.78 17.80
N VAL K 33 18.14 30.36 18.07
CA VAL K 33 17.99 31.80 17.89
C VAL K 33 18.97 32.51 18.79
N MET K 34 19.14 32.01 20.01
CA MET K 34 20.05 32.63 21.00
C MET K 34 21.55 32.42 20.75
N ARG K 35 21.92 31.23 20.34
CA ARG K 35 23.31 30.97 20.06
C ARG K 35 23.77 32.02 19.09
N SER K 36 23.36 31.88 17.83
CA SER K 36 23.70 32.80 16.74
C SER K 36 23.96 34.19 17.27
N LEU K 37 23.01 34.67 18.07
CA LEU K 37 23.09 35.98 18.67
C LEU K 37 24.16 36.00 19.76
N GLY K 38 25.24 35.28 19.53
CA GLY K 38 26.32 35.24 20.50
C GLY K 38 26.03 34.30 21.66
N GLN K 39 24.98 34.63 22.40
CA GLN K 39 24.57 33.84 23.56
C GLN K 39 24.50 32.35 23.30
N ASN K 40 24.36 31.55 24.36
CA ASN K 40 24.29 30.10 24.21
C ASN K 40 23.86 29.35 25.46
N PRO K 41 22.72 29.75 26.05
CA PRO K 41 22.15 29.14 27.27
C PRO K 41 22.30 27.63 27.38
N THR K 42 22.06 27.13 28.59
CA THR K 42 22.19 25.71 28.87
C THR K 42 20.97 24.92 28.40
N GLU K 43 21.15 23.61 28.32
CA GLU K 43 20.14 22.65 27.90
C GLU K 43 18.85 22.67 28.75
N ALA K 44 18.93 23.14 29.99
CA ALA K 44 17.73 23.18 30.84
C ALA K 44 17.34 24.55 31.37
N GLU K 45 18.17 25.57 31.11
CA GLU K 45 17.85 26.93 31.54
C GLU K 45 17.11 27.57 30.37
N LEU K 46 16.96 26.79 29.31
CA LEU K 46 16.28 27.20 28.08
C LEU K 46 14.77 27.04 28.29
N GLN K 47 14.40 26.46 29.43
CA GLN K 47 13.00 26.22 29.77
C GLN K 47 12.44 27.32 30.66
N ASP K 48 13.03 27.51 31.84
CA ASP K 48 12.56 28.53 32.79
C ASP K 48 12.07 29.84 32.14
N MET K 49 12.61 30.16 30.96
CA MET K 49 12.24 31.38 30.24
C MET K 49 10.93 31.20 29.46
N ILE K 50 10.86 30.10 28.72
CA ILE K 50 9.70 29.73 27.91
C ILE K 50 8.69 28.99 28.78
N ASN K 51 9.21 28.00 29.51
CA ASN K 51 8.43 27.18 30.41
C ASN K 51 7.56 28.03 31.36
N GLU K 52 8.00 29.27 31.61
CA GLU K 52 7.29 30.16 32.53
C GLU K 52 6.06 30.87 31.94
N VAL K 53 5.92 30.82 30.62
CA VAL K 53 4.79 31.47 29.94
C VAL K 53 4.25 30.66 28.78
N ASP K 54 3.42 29.64 29.08
CA ASP K 54 2.84 28.78 28.06
C ASP K 54 1.36 29.10 27.78
N ALA K 55 1.14 30.13 26.96
CA ALA K 55 -0.20 30.58 26.57
C ALA K 55 -0.36 30.25 25.10
N ASP K 56 0.63 29.52 24.60
CA ASP K 56 0.66 29.10 23.20
C ASP K 56 0.48 27.58 23.15
N GLY K 57 0.85 26.96 22.02
CA GLY K 57 0.72 25.52 21.87
C GLY K 57 1.48 24.73 22.91
N ASN K 58 1.63 25.32 24.10
CA ASN K 58 2.34 24.73 25.23
C ASN K 58 3.68 24.22 24.71
N GLY K 59 4.57 25.16 24.41
CA GLY K 59 5.87 24.79 23.90
C GLY K 59 6.23 25.61 22.69
N THR K 60 5.70 26.82 22.62
CA THR K 60 5.99 27.72 21.50
C THR K 60 5.89 29.16 21.99
N ILE K 61 6.95 29.91 21.74
CA ILE K 61 7.07 31.31 22.17
C ILE K 61 7.13 32.28 21.00
N ASP K 62 6.12 33.14 20.90
CA ASP K 62 6.05 34.14 19.83
C ASP K 62 7.18 35.16 19.91
N PHE K 63 6.99 36.31 19.26
CA PHE K 63 7.99 37.38 19.27
C PHE K 63 7.78 38.28 20.50
N PRO K 64 6.53 38.73 20.75
CA PRO K 64 6.32 39.59 21.92
C PRO K 64 6.59 38.78 23.17
N GLU K 65 6.76 37.47 23.01
CA GLU K 65 7.03 36.59 24.14
C GLU K 65 8.54 36.58 24.30
N PHE K 66 9.22 36.59 23.16
CA PHE K 66 10.68 36.56 23.09
C PHE K 66 11.31 37.88 23.43
N LEU K 67 10.85 38.94 22.78
CA LEU K 67 11.41 40.24 23.06
C LEU K 67 11.17 40.67 24.49
N THR K 68 10.09 40.22 25.11
CA THR K 68 9.82 40.62 26.50
C THR K 68 10.42 39.60 27.47
N MET K 69 11.22 38.69 26.93
CA MET K 69 11.88 37.68 27.75
C MET K 69 13.39 37.91 27.64
N MET K 70 13.76 39.04 27.04
CA MET K 70 15.17 39.41 26.90
C MET K 70 15.38 40.62 27.80
N ALA K 71 15.49 40.29 29.06
CA ALA K 71 15.71 41.23 30.14
C ALA K 71 16.21 40.34 31.26
N ARG K 72 15.64 39.14 31.37
CA ARG K 72 16.03 38.16 32.39
C ARG K 72 17.55 38.09 32.39
N LYS K 73 18.12 38.44 31.24
CA LYS K 73 19.55 38.48 31.04
C LYS K 73 19.80 39.42 29.87
N MET K 74 19.90 40.71 30.18
CA MET K 74 20.14 41.73 29.16
C MET K 74 20.21 43.15 29.74
N LYS K 75 19.09 43.64 30.27
CA LYS K 75 19.08 44.98 30.87
C LYS K 75 20.01 44.97 32.08
N ASP K 76 20.36 43.75 32.50
CA ASP K 76 21.26 43.50 33.65
C ASP K 76 22.70 43.47 33.09
N THR K 77 22.97 42.50 32.21
CA THR K 77 24.28 42.31 31.59
C THR K 77 24.65 43.51 30.70
N ASP K 78 25.70 44.24 31.09
CA ASP K 78 26.19 45.40 30.35
C ASP K 78 27.71 45.26 30.32
N SER K 79 28.15 44.02 30.42
CA SER K 79 29.56 43.67 30.48
C SER K 79 30.34 43.53 29.17
N GLU K 80 29.68 43.44 28.03
CA GLU K 80 30.44 43.30 26.79
C GLU K 80 31.70 44.15 26.79
N GLU K 81 31.53 45.46 27.03
CA GLU K 81 32.65 46.43 27.04
C GLU K 81 33.77 46.18 28.05
N GLU K 82 33.42 45.93 29.30
CA GLU K 82 34.43 45.64 30.32
C GLU K 82 35.47 44.74 29.64
N ILE K 83 34.94 43.67 29.04
CA ILE K 83 35.68 42.64 28.33
C ILE K 83 36.46 43.05 27.10
N ARG K 84 35.95 44.00 26.35
CA ARG K 84 36.63 44.49 25.15
C ARG K 84 37.74 45.44 25.54
N GLU K 85 37.76 45.87 26.79
CA GLU K 85 38.79 46.79 27.24
C GLU K 85 39.89 45.96 27.88
N ALA K 86 39.46 44.87 28.51
CA ALA K 86 40.37 43.93 29.12
C ALA K 86 41.07 43.21 27.97
N PHE K 87 40.86 43.70 26.76
CA PHE K 87 41.49 43.07 25.65
C PHE K 87 42.61 43.96 25.27
N ARG K 88 42.27 45.13 24.78
CA ARG K 88 43.29 46.06 24.38
C ARG K 88 44.36 46.12 25.48
N VAL K 89 43.98 45.72 26.70
CA VAL K 89 44.91 45.70 27.83
C VAL K 89 46.01 44.68 27.58
N PHE K 90 45.60 43.44 27.31
CA PHE K 90 46.57 42.40 27.03
C PHE K 90 47.21 42.70 25.73
N ASP K 91 46.42 42.99 24.71
CA ASP K 91 46.98 43.31 23.41
C ASP K 91 47.95 44.46 23.65
N LYS K 92 49.12 44.12 24.21
CA LYS K 92 50.18 45.06 24.58
C LYS K 92 50.96 45.81 23.50
N ASP K 93 50.83 45.40 22.23
CA ASP K 93 51.61 46.01 21.16
C ASP K 93 50.85 46.81 20.12
N GLY K 94 49.55 46.58 20.04
CA GLY K 94 48.71 47.28 19.08
C GLY K 94 48.43 46.46 17.82
N ASN K 95 48.62 45.15 17.90
CA ASN K 95 48.40 44.24 16.77
C ASN K 95 46.99 43.67 16.75
N GLY K 96 46.15 44.09 17.68
CA GLY K 96 44.80 43.58 17.72
C GLY K 96 44.74 42.09 17.97
N TYR K 97 45.90 41.49 18.19
CA TYR K 97 45.96 40.07 18.47
C TYR K 97 46.72 39.88 19.77
N ILE K 98 46.34 38.89 20.56
CA ILE K 98 47.06 38.64 21.80
C ILE K 98 48.11 37.58 21.47
N SER K 99 49.03 37.30 22.38
CA SER K 99 50.06 36.28 22.16
C SER K 99 50.69 35.84 23.46
N ALA K 100 50.95 34.53 23.59
CA ALA K 100 51.52 33.95 24.81
C ALA K 100 52.56 34.87 25.40
N ALA K 101 53.24 35.57 24.50
CA ALA K 101 54.26 36.53 24.89
C ALA K 101 53.68 37.57 25.86
N GLU K 102 52.65 38.26 25.39
CA GLU K 102 51.99 39.30 26.16
C GLU K 102 51.10 38.74 27.25
N LEU K 103 50.50 37.58 27.02
CA LEU K 103 49.64 37.01 28.06
C LEU K 103 50.54 36.91 29.27
N ARG K 104 51.51 35.99 29.20
CA ARG K 104 52.44 35.76 30.32
C ARG K 104 52.96 37.08 30.91
N HIS K 105 53.28 38.00 30.02
CA HIS K 105 53.80 39.29 30.43
C HIS K 105 52.81 39.92 31.37
N VAL K 106 51.77 40.50 30.80
CA VAL K 106 50.78 41.15 31.61
C VAL K 106 50.31 40.26 32.76
N MET K 107 50.42 38.94 32.60
CA MET K 107 50.01 38.03 33.67
C MET K 107 50.83 38.33 34.89
N THR K 108 52.14 38.44 34.70
CA THR K 108 53.06 38.72 35.80
C THR K 108 52.86 40.09 36.47
N ASN K 109 52.73 41.14 35.66
CA ASN K 109 52.54 42.49 36.17
C ASN K 109 51.40 42.58 37.17
N LEU K 110 50.30 41.89 36.87
CA LEU K 110 49.17 41.88 37.79
C LEU K 110 49.55 40.97 38.96
N GLY K 111 50.84 40.71 39.07
CA GLY K 111 51.39 39.87 40.14
C GLY K 111 51.09 38.38 40.07
N GLU K 112 51.50 37.72 38.99
CA GLU K 112 51.25 36.30 38.91
C GLU K 112 52.27 35.57 38.04
N LYS K 113 52.87 34.54 38.61
CA LYS K 113 53.88 33.79 37.90
C LYS K 113 53.34 32.65 37.05
N LEU K 114 53.47 32.80 35.75
CA LEU K 114 53.01 31.79 34.82
C LEU K 114 54.22 31.08 34.26
N THR K 115 54.10 29.78 34.08
CA THR K 115 55.17 28.98 33.53
C THR K 115 55.18 29.04 32.01
N ASP K 116 56.32 29.35 31.42
CA ASP K 116 56.42 29.43 29.97
C ASP K 116 55.74 28.23 29.27
N GLU K 117 55.30 27.24 30.05
CA GLU K 117 54.64 26.06 29.52
C GLU K 117 53.13 26.28 29.51
N GLU K 118 52.64 26.67 30.68
CA GLU K 118 51.22 26.92 30.90
C GLU K 118 50.81 28.30 30.36
N VAL K 119 51.38 28.68 29.23
CA VAL K 119 51.05 29.94 28.58
C VAL K 119 50.96 29.60 27.12
N ASP K 120 51.98 28.91 26.62
CA ASP K 120 51.96 28.49 25.23
C ASP K 120 50.89 27.42 25.30
N GLU K 121 50.31 27.31 26.50
CA GLU K 121 49.23 26.37 26.84
C GLU K 121 47.86 27.09 26.89
N MET K 122 47.77 28.18 27.65
CA MET K 122 46.50 28.91 27.69
C MET K 122 46.24 29.27 26.25
N ILE K 123 47.00 30.22 25.73
CA ILE K 123 46.84 30.64 24.36
C ILE K 123 46.21 29.57 23.51
N ARG K 124 46.79 28.39 23.50
CA ARG K 124 46.28 27.29 22.67
C ARG K 124 44.81 27.04 22.90
N GLU K 125 44.47 26.48 24.05
CA GLU K 125 43.10 26.16 24.39
C GLU K 125 42.13 27.35 24.26
N ALA K 126 42.67 28.52 23.93
CA ALA K 126 41.88 29.74 23.76
C ALA K 126 41.68 29.98 22.29
N ASP K 127 42.66 29.53 21.52
CA ASP K 127 42.66 29.66 20.07
C ASP K 127 41.76 28.64 19.41
N ILE K 128 40.90 29.11 18.52
CA ILE K 128 39.97 28.24 17.85
C ILE K 128 40.32 27.98 16.42
N ASP K 129 40.89 28.98 15.77
CA ASP K 129 41.28 28.87 14.37
C ASP K 129 42.74 28.47 14.15
N GLY K 130 43.37 27.93 15.19
CA GLY K 130 44.74 27.48 15.11
C GLY K 130 45.84 28.45 14.68
N ASP K 131 45.56 29.74 14.58
CA ASP K 131 46.59 30.68 14.16
C ASP K 131 47.56 31.06 15.27
N GLY K 132 47.73 30.18 16.26
CA GLY K 132 48.65 30.47 17.34
C GLY K 132 48.34 31.64 18.26
N GLN K 133 47.57 32.61 17.78
CA GLN K 133 47.21 33.78 18.59
C GLN K 133 45.70 33.98 18.77
N VAL K 134 45.33 34.53 19.93
CA VAL K 134 43.92 34.81 20.27
C VAL K 134 43.51 36.22 19.88
N ASN K 135 42.51 36.34 19.02
CA ASN K 135 42.01 37.64 18.57
C ASN K 135 40.86 38.00 19.47
N TYR K 136 40.34 39.23 19.33
CA TYR K 136 39.24 39.63 20.19
C TYR K 136 38.14 38.56 20.22
N GLU K 137 37.65 38.22 19.04
CA GLU K 137 36.59 37.23 18.91
C GLU K 137 36.70 36.04 19.85
N GLU K 138 37.79 35.30 19.78
CA GLU K 138 37.90 34.16 20.67
C GLU K 138 38.13 34.59 22.10
N PHE K 139 38.82 35.71 22.27
CA PHE K 139 39.08 36.23 23.61
C PHE K 139 37.72 36.35 24.25
N VAL K 140 36.80 36.95 23.52
CA VAL K 140 35.43 37.15 23.98
C VAL K 140 34.91 35.83 24.48
N GLN K 141 34.77 34.87 23.58
CA GLN K 141 34.27 33.56 23.96
C GLN K 141 34.88 33.05 25.26
N MET K 142 36.16 32.70 25.21
CA MET K 142 36.87 32.18 26.38
C MET K 142 36.34 32.79 27.68
N MET K 143 36.22 34.12 27.68
CA MET K 143 35.76 34.87 28.84
C MET K 143 34.29 34.65 29.15
N THR K 144 33.42 35.06 28.24
CA THR K 144 31.96 34.92 28.42
C THR K 144 31.48 33.47 28.47
N ALA K 145 31.83 32.69 27.46
CA ALA K 145 31.43 31.30 27.42
C ALA K 145 31.65 30.80 28.84
N LYS K 146 30.71 30.03 29.35
CA LYS K 146 30.79 29.51 30.72
C LYS K 146 31.17 28.01 30.75
N ALA L 1 -19.62 52.59 -32.65
CA ALA L 1 -20.05 53.97 -32.26
C ALA L 1 -19.47 55.04 -33.21
N ALA L 2 -19.68 54.85 -34.52
CA ALA L 2 -19.19 55.77 -35.54
C ALA L 2 -19.29 57.25 -35.16
N THR L 3 -18.18 57.98 -35.28
CA THR L 3 -18.17 59.42 -34.95
C THR L 3 -19.09 60.13 -35.94
N GLU L 4 -19.56 61.31 -35.57
CA GLU L 4 -20.44 62.03 -36.47
C GLU L 4 -19.77 62.15 -37.84
N GLU L 5 -18.50 62.53 -37.85
CA GLU L 5 -17.76 62.65 -39.11
C GLU L 5 -17.97 61.34 -39.87
N GLN L 6 -18.03 60.26 -39.11
CA GLN L 6 -18.19 58.93 -39.68
C GLN L 6 -19.62 58.71 -40.12
N ILE L 7 -20.40 59.78 -40.07
CA ILE L 7 -21.81 59.72 -40.47
C ILE L 7 -22.03 60.63 -41.67
N ALA L 8 -21.67 61.90 -41.53
CA ALA L 8 -21.82 62.88 -42.59
C ALA L 8 -21.34 62.25 -43.90
N GLU L 9 -20.19 61.61 -43.87
CA GLU L 9 -19.66 60.95 -45.07
C GLU L 9 -20.64 59.84 -45.43
N PHE L 10 -20.78 58.87 -44.53
CA PHE L 10 -21.67 57.74 -44.72
C PHE L 10 -23.04 58.07 -45.26
N LYS L 11 -23.45 59.33 -45.14
CA LYS L 11 -24.75 59.74 -45.66
C LYS L 11 -24.51 60.60 -46.88
N GLU L 12 -23.57 61.52 -46.78
CA GLU L 12 -23.24 62.40 -47.90
C GLU L 12 -22.99 61.51 -49.12
N ALA L 13 -22.67 60.25 -48.86
CA ALA L 13 -22.39 59.29 -49.92
C ALA L 13 -23.53 58.29 -50.08
N PHE L 14 -24.36 58.18 -49.06
CA PHE L 14 -25.48 57.27 -49.12
C PHE L 14 -26.61 57.84 -49.97
N SER L 15 -26.62 59.16 -50.06
CA SER L 15 -27.62 59.88 -50.82
C SER L 15 -27.13 60.12 -52.22
N LEU L 16 -25.95 60.72 -52.35
CA LEU L 16 -25.41 61.00 -53.66
C LEU L 16 -25.72 59.87 -54.64
N PHE L 17 -25.86 58.66 -54.14
CA PHE L 17 -26.14 57.57 -55.03
C PHE L 17 -27.57 57.06 -54.91
N ASP L 18 -28.47 57.96 -54.56
CA ASP L 18 -29.88 57.64 -54.39
C ASP L 18 -30.70 58.42 -55.42
N LYS L 19 -30.83 57.84 -56.61
CA LYS L 19 -31.55 58.46 -57.72
C LYS L 19 -32.96 58.87 -57.34
N ASP L 20 -33.87 57.91 -57.22
CA ASP L 20 -35.26 58.18 -56.86
C ASP L 20 -35.36 58.74 -55.43
N GLY L 21 -34.44 59.64 -55.15
CA GLY L 21 -34.30 60.30 -53.87
C GLY L 21 -35.27 60.11 -52.72
N ASP L 22 -35.52 58.88 -52.26
CA ASP L 22 -36.42 58.73 -51.12
C ASP L 22 -35.65 58.64 -49.81
N GLY L 23 -35.05 57.49 -49.55
CA GLY L 23 -34.30 57.32 -48.33
C GLY L 23 -33.93 55.87 -48.16
N THR L 24 -33.95 55.16 -49.27
CA THR L 24 -33.62 53.75 -49.30
C THR L 24 -32.94 53.49 -50.63
N ILE L 25 -32.05 52.51 -50.66
CA ILE L 25 -31.33 52.19 -51.88
C ILE L 25 -31.49 50.76 -52.35
N THR L 26 -31.42 50.59 -53.66
CA THR L 26 -31.56 49.27 -54.26
C THR L 26 -30.35 48.44 -53.89
N THR L 27 -30.36 47.16 -54.25
CA THR L 27 -29.23 46.30 -53.98
C THR L 27 -28.04 46.89 -54.77
N LYS L 28 -28.11 46.72 -56.09
CA LYS L 28 -27.09 47.21 -57.02
C LYS L 28 -26.51 48.51 -56.50
N GLU L 29 -27.39 49.38 -56.02
CA GLU L 29 -26.98 50.68 -55.51
C GLU L 29 -26.11 50.64 -54.26
N LEU L 30 -26.52 49.87 -53.26
CA LEU L 30 -25.73 49.79 -52.04
C LEU L 30 -24.29 49.46 -52.41
N GLY L 31 -24.14 48.53 -53.34
CA GLY L 31 -22.82 48.15 -53.79
C GLY L 31 -22.05 49.42 -54.12
N THR L 32 -22.61 50.19 -55.02
CA THR L 32 -21.99 51.44 -55.42
C THR L 32 -21.73 52.41 -54.29
N VAL L 33 -22.64 52.46 -53.33
CA VAL L 33 -22.46 53.38 -52.23
C VAL L 33 -21.18 53.04 -51.50
N MET L 34 -20.91 51.75 -51.33
CA MET L 34 -19.71 51.28 -50.62
C MET L 34 -18.37 51.42 -51.36
N ARG L 35 -18.38 51.13 -52.65
CA ARG L 35 -17.17 51.27 -53.43
C ARG L 35 -16.67 52.68 -53.22
N SER L 36 -17.33 53.63 -53.85
CA SER L 36 -16.99 55.06 -53.76
C SER L 36 -16.32 55.38 -52.44
N LEU L 37 -16.94 54.94 -51.36
CA LEU L 37 -16.44 55.15 -50.03
C LEU L 37 -15.21 54.28 -49.79
N GLY L 38 -14.39 54.12 -50.82
CA GLY L 38 -13.20 53.31 -50.69
C GLY L 38 -13.48 51.82 -50.76
N GLN L 39 -14.26 51.34 -49.80
CA GLN L 39 -14.61 49.93 -49.72
C GLN L 39 -15.09 49.34 -51.03
N ASN L 40 -15.22 48.01 -51.09
CA ASN L 40 -15.67 47.35 -52.32
C ASN L 40 -16.03 45.87 -52.15
N PRO L 41 -16.89 45.56 -51.17
CA PRO L 41 -17.35 44.20 -50.87
C PRO L 41 -17.55 43.29 -52.08
N THR L 42 -17.67 41.99 -51.80
CA THR L 42 -17.85 40.99 -52.85
C THR L 42 -19.29 40.91 -53.34
N GLU L 43 -19.44 40.28 -54.50
CA GLU L 43 -20.72 40.08 -55.17
C GLU L 43 -21.78 39.34 -54.33
N ALA L 44 -21.36 38.56 -53.34
CA ALA L 44 -22.31 37.82 -52.51
C ALA L 44 -22.25 38.11 -51.02
N GLU L 45 -21.27 38.90 -50.59
CA GLU L 45 -21.17 39.26 -49.18
C GLU L 45 -21.94 40.58 -49.02
N LEU L 46 -22.48 41.04 -50.15
CA LEU L 46 -23.26 42.27 -50.23
C LEU L 46 -24.69 41.96 -49.79
N GLN L 47 -24.97 40.68 -49.57
CA GLN L 47 -26.28 40.22 -49.16
C GLN L 47 -26.39 40.05 -47.64
N ASP L 48 -25.56 39.19 -47.07
CA ASP L 48 -25.56 38.93 -45.62
C ASP L 48 -25.84 40.17 -44.76
N MET L 49 -25.49 41.35 -45.27
CA MET L 49 -25.68 42.61 -44.53
C MET L 49 -27.11 43.12 -44.66
N ILE L 50 -27.58 43.14 -45.91
CA ILE L 50 -28.93 43.59 -46.26
C ILE L 50 -29.91 42.42 -46.11
N ASN L 51 -29.52 41.29 -46.69
CA ASN L 51 -30.29 40.07 -46.65
C ASN L 51 -30.71 39.70 -45.23
N GLU L 52 -29.96 40.18 -44.24
CA GLU L 52 -30.24 39.87 -42.84
C GLU L 52 -31.34 40.72 -42.19
N VAL L 53 -31.75 41.79 -42.85
CA VAL L 53 -32.79 42.66 -42.32
C VAL L 53 -33.73 43.19 -43.40
N ASP L 54 -34.70 42.36 -43.82
CA ASP L 54 -35.67 42.74 -44.85
C ASP L 54 -37.05 43.10 -44.29
N ALA L 55 -37.17 44.33 -43.80
CA ALA L 55 -38.40 44.86 -43.23
C ALA L 55 -38.92 45.91 -44.18
N ASP L 56 -38.25 45.98 -45.32
CA ASP L 56 -38.58 46.93 -46.39
C ASP L 56 -39.13 46.14 -47.58
N GLY L 57 -39.13 46.76 -48.76
CA GLY L 57 -39.65 46.11 -49.96
C GLY L 57 -38.91 44.82 -50.30
N ASN L 58 -38.41 44.15 -49.26
CA ASN L 58 -37.66 42.90 -49.39
C ASN L 58 -36.61 43.10 -50.48
N GLY L 59 -35.58 43.88 -50.15
CA GLY L 59 -34.53 44.15 -51.10
C GLY L 59 -34.22 45.63 -51.17
N THR L 60 -34.46 46.33 -50.06
CA THR L 60 -34.17 47.76 -50.00
C THR L 60 -33.83 48.12 -48.56
N ILE L 61 -32.68 48.78 -48.40
CA ILE L 61 -32.15 49.18 -47.10
C ILE L 61 -32.08 50.70 -46.93
N ASP L 62 -32.85 51.21 -45.98
CA ASP L 62 -32.89 52.65 -45.70
C ASP L 62 -31.54 53.17 -45.19
N PHE L 63 -31.58 54.34 -44.53
CA PHE L 63 -30.37 54.93 -43.97
C PHE L 63 -30.11 54.38 -42.55
N PRO L 64 -31.15 54.37 -41.68
CA PRO L 64 -30.91 53.85 -40.34
C PRO L 64 -30.61 52.37 -40.43
N GLU L 65 -30.80 51.80 -41.61
CA GLU L 65 -30.53 50.39 -41.84
C GLU L 65 -29.06 50.28 -42.23
N PHE L 66 -28.63 51.28 -43.00
CA PHE L 66 -27.27 51.37 -43.51
C PHE L 66 -26.29 51.82 -42.46
N LEU L 67 -26.59 52.92 -41.80
CA LEU L 67 -25.69 53.41 -40.78
C LEU L 67 -25.54 52.43 -39.64
N THR L 68 -26.57 51.64 -39.35
CA THR L 68 -26.45 50.67 -38.25
C THR L 68 -25.95 49.32 -38.75
N MET L 69 -25.50 49.31 -40.01
CA MET L 69 -24.97 48.10 -40.62
C MET L 69 -23.49 48.36 -40.94
N MET L 70 -22.98 49.49 -40.45
CA MET L 70 -21.58 49.85 -40.66
C MET L 70 -20.92 49.75 -39.30
N ALA L 71 -20.65 48.51 -38.95
CA ALA L 71 -20.03 48.12 -37.71
C ALA L 71 -19.54 46.72 -38.02
N ARG L 72 -20.36 45.96 -38.76
CA ARG L 72 -20.02 44.59 -39.15
C ARG L 72 -18.60 44.59 -39.68
N LYS L 73 -18.18 45.76 -40.15
CA LYS L 73 -16.85 46.00 -40.66
C LYS L 73 -16.60 47.50 -40.56
N MET L 74 -16.14 47.94 -39.40
CA MET L 74 -15.85 49.36 -39.17
C MET L 74 -15.33 49.64 -37.76
N LYS L 75 -16.18 49.42 -36.74
CA LYS L 75 -15.75 49.65 -35.36
C LYS L 75 -14.65 48.64 -35.04
N ASP L 76 -14.51 47.65 -35.91
CA ASP L 76 -13.50 46.58 -35.81
C ASP L 76 -12.25 47.08 -36.57
N THR L 77 -12.40 47.29 -37.87
CA THR L 77 -11.32 47.76 -38.73
C THR L 77 -10.84 49.17 -38.33
N ASP L 78 -9.59 49.26 -37.88
CA ASP L 78 -8.98 50.53 -37.46
C ASP L 78 -7.58 50.52 -38.06
N SER L 79 -7.44 49.77 -39.14
CA SER L 79 -6.17 49.59 -39.83
C SER L 79 -5.70 50.63 -40.85
N GLU L 80 -6.57 51.54 -41.29
CA GLU L 80 -6.13 52.52 -42.26
C GLU L 80 -4.73 53.02 -41.96
N GLU L 81 -4.52 53.52 -40.75
CA GLU L 81 -3.23 54.05 -40.31
C GLU L 81 -2.02 53.12 -40.34
N GLU L 82 -2.18 51.92 -39.79
CA GLU L 82 -1.10 50.94 -39.81
C GLU L 82 -0.46 51.05 -41.19
N ILE L 83 -1.33 50.96 -42.20
CA ILE L 83 -1.01 51.03 -43.62
C ILE L 83 -0.40 52.30 -44.15
N ARG L 84 -0.81 53.44 -43.61
CA ARG L 84 -0.28 54.72 -44.03
C ARG L 84 1.08 54.96 -43.42
N GLU L 85 1.45 54.14 -42.44
CA GLU L 85 2.74 54.28 -41.79
C GLU L 85 3.70 53.34 -42.47
N ALA L 86 3.16 52.21 -42.90
CA ALA L 86 3.91 51.20 -43.62
C ALA L 86 4.18 51.80 -44.99
N PHE L 87 3.87 53.07 -45.15
CA PHE L 87 4.10 53.69 -46.43
C PHE L 87 5.32 54.53 -46.25
N ARG L 88 5.19 55.57 -45.44
CA ARG L 88 6.32 56.44 -45.20
C ARG L 88 7.55 55.58 -44.92
N VAL L 89 7.32 54.33 -44.52
CA VAL L 89 8.41 53.39 -44.25
C VAL L 89 9.16 53.09 -45.53
N PHE L 90 8.42 52.63 -46.54
CA PHE L 90 9.03 52.33 -47.81
C PHE L 90 9.48 53.60 -48.43
N ASP L 91 8.60 54.59 -48.48
CA ASP L 91 8.96 55.87 -49.04
C ASP L 91 10.21 56.32 -48.30
N LYS L 92 11.35 55.70 -48.66
CA LYS L 92 12.64 55.94 -48.02
C LYS L 92 13.36 57.27 -48.22
N ASP L 93 12.89 58.10 -49.15
CA ASP L 93 13.59 59.36 -49.44
C ASP L 93 12.86 60.65 -49.08
N GLY L 94 11.55 60.56 -48.90
CA GLY L 94 10.75 61.72 -48.58
C GLY L 94 10.04 62.34 -49.79
N ASN L 95 9.91 61.55 -50.86
CA ASN L 95 9.27 61.99 -52.10
C ASN L 95 7.78 61.67 -52.15
N GLY L 96 7.27 61.08 -51.08
CA GLY L 96 5.86 60.73 -51.05
C GLY L 96 5.50 59.71 -52.11
N TYR L 97 6.50 59.23 -52.83
CA TYR L 97 6.27 58.24 -53.85
C TYR L 97 7.19 57.07 -53.57
N ILE L 98 6.75 55.85 -53.85
CA ILE L 98 7.60 54.69 -53.64
C ILE L 98 8.28 54.43 -54.98
N SER L 99 9.26 53.54 -55.03
CA SER L 99 9.96 53.21 -56.28
C SER L 99 10.70 51.90 -56.17
N ALA L 100 10.64 51.08 -57.23
CA ALA L 100 11.28 49.77 -57.26
C ALA L 100 12.61 49.80 -56.53
N ALA L 101 13.25 50.95 -56.63
CA ALA L 101 14.53 51.17 -55.99
C ALA L 101 14.41 50.91 -54.48
N GLU L 102 13.51 51.65 -53.84
CA GLU L 102 13.29 51.54 -52.41
C GLU L 102 12.50 50.29 -52.04
N LEU L 103 11.60 49.85 -52.90
CA LEU L 103 10.86 48.64 -52.57
C LEU L 103 11.92 47.58 -52.33
N ARG L 104 12.60 47.17 -53.38
CA ARG L 104 13.64 46.15 -53.29
C ARG L 104 14.57 46.38 -52.09
N HIS L 105 14.93 47.63 -51.89
CA HIS L 105 15.81 48.00 -50.80
C HIS L 105 15.21 47.53 -49.51
N VAL L 106 14.25 48.28 -49.02
CA VAL L 106 13.61 47.92 -47.78
C VAL L 106 13.17 46.46 -47.77
N MET L 107 12.92 45.89 -48.95
CA MET L 107 12.51 44.49 -49.01
C MET L 107 13.60 43.65 -48.41
N THR L 108 14.84 43.91 -48.81
CA THR L 108 16.01 43.16 -48.32
C THR L 108 16.27 43.33 -46.81
N ASN L 109 16.26 44.58 -46.34
CA ASN L 109 16.49 44.88 -44.93
C ASN L 109 15.62 44.05 -44.00
N LEU L 110 14.35 43.89 -44.37
CA LEU L 110 13.44 43.08 -43.56
C LEU L 110 13.80 41.62 -43.81
N GLY L 111 15.00 41.43 -44.38
CA GLY L 111 15.51 40.10 -44.67
C GLY L 111 14.86 39.34 -45.82
N GLU L 112 14.88 39.90 -47.01
CA GLU L 112 14.28 39.19 -48.13
C GLU L 112 14.91 39.55 -49.46
N LYS L 113 15.33 38.54 -50.19
CA LYS L 113 15.99 38.75 -51.48
C LYS L 113 15.03 38.82 -52.66
N LEU L 114 14.94 40.00 -53.24
CA LEU L 114 14.09 40.23 -54.38
C LEU L 114 14.96 40.35 -55.59
N THR L 115 14.49 39.79 -56.70
CA THR L 115 15.22 39.86 -57.96
C THR L 115 14.95 41.16 -58.68
N ASP L 116 16.00 41.87 -59.08
CA ASP L 116 15.84 43.13 -59.79
C ASP L 116 14.77 43.06 -60.90
N GLU L 117 14.26 41.85 -61.16
CA GLU L 117 13.24 41.64 -62.19
C GLU L 117 11.85 41.71 -61.55
N GLU L 118 11.70 40.93 -60.49
CA GLU L 118 10.47 40.84 -59.73
C GLU L 118 10.30 42.02 -58.77
N VAL L 119 10.73 43.20 -59.22
CA VAL L 119 10.59 44.41 -58.43
C VAL L 119 10.13 45.44 -59.43
N ASP L 120 10.85 45.54 -60.54
CA ASP L 120 10.46 46.48 -61.59
C ASP L 120 9.18 45.80 -62.08
N GLU L 121 8.84 44.72 -61.39
CA GLU L 121 7.65 43.90 -61.64
C GLU L 121 6.55 44.20 -60.61
N MET L 122 6.87 44.15 -59.33
CA MET L 122 5.84 44.45 -58.33
C MET L 122 5.40 45.86 -58.68
N ILE L 123 6.27 46.83 -58.42
CA ILE L 123 5.96 48.21 -58.72
C ILE L 123 4.92 48.33 -59.83
N ARG L 124 5.20 47.71 -60.97
CA ARG L 124 4.28 47.79 -62.10
C ARG L 124 2.85 47.43 -61.74
N GLU L 125 2.62 46.14 -61.50
CA GLU L 125 1.30 45.64 -61.16
C GLU L 125 0.65 46.37 -59.97
N ALA L 126 1.39 47.30 -59.37
CA ALA L 126 0.89 48.07 -58.22
C ALA L 126 0.48 49.44 -58.72
N ASP L 127 1.16 49.86 -59.79
CA ASP L 127 0.91 51.15 -60.40
C ASP L 127 -0.32 51.12 -61.30
N ILE L 128 -1.20 52.10 -61.09
CA ILE L 128 -2.42 52.16 -61.85
C ILE L 128 -2.43 53.24 -62.89
N ASP L 129 -1.76 54.35 -62.59
CA ASP L 129 -1.69 55.48 -63.52
C ASP L 129 -0.43 55.48 -64.39
N GLY L 130 0.22 54.34 -64.49
CA GLY L 130 1.42 54.21 -65.31
C GLY L 130 2.61 55.14 -65.10
N ASP L 131 2.63 55.89 -64.01
CA ASP L 131 3.76 56.79 -63.79
C ASP L 131 5.00 56.10 -63.20
N GLY L 132 5.13 54.80 -63.46
CA GLY L 132 6.29 54.07 -62.97
C GLY L 132 6.45 53.93 -61.47
N GLN L 133 5.86 54.83 -60.70
CA GLN L 133 5.96 54.77 -59.25
C GLN L 133 4.60 54.68 -58.52
N VAL L 134 4.59 54.00 -57.36
CA VAL L 134 3.39 53.81 -56.55
C VAL L 134 3.29 54.89 -55.49
N ASN L 135 2.20 55.66 -55.51
CA ASN L 135 1.94 56.72 -54.53
C ASN L 135 1.10 56.12 -53.43
N TYR L 136 0.88 56.88 -52.37
CA TYR L 136 0.08 56.35 -51.27
C TYR L 136 -1.20 55.71 -51.79
N GLU L 137 -1.98 56.50 -52.51
CA GLU L 137 -3.26 56.05 -53.04
C GLU L 137 -3.25 54.61 -53.55
N GLU L 138 -2.42 54.30 -54.51
CA GLU L 138 -2.42 52.93 -55.02
C GLU L 138 -1.82 51.98 -54.02
N PHE L 139 -0.86 52.47 -53.23
CA PHE L 139 -0.22 51.63 -52.23
C PHE L 139 -1.36 51.10 -51.39
N VAL L 140 -2.24 52.02 -51.00
CA VAL L 140 -3.40 51.70 -50.18
C VAL L 140 -4.14 50.55 -50.82
N GLN L 141 -4.65 50.79 -52.01
CA GLN L 141 -5.39 49.75 -52.71
C GLN L 141 -4.68 48.40 -52.66
N MET L 142 -3.55 48.28 -53.36
CA MET L 142 -2.80 47.05 -53.39
C MET L 142 -2.89 46.26 -52.08
N MET L 143 -2.68 46.97 -50.98
CA MET L 143 -2.71 46.39 -49.64
C MET L 143 -4.11 45.96 -49.22
N THR L 144 -5.02 46.93 -49.09
CA THR L 144 -6.40 46.65 -48.66
C THR L 144 -7.21 45.82 -49.65
N ALA L 145 -7.25 46.27 -50.90
CA ALA L 145 -7.98 45.53 -51.91
C ALA L 145 -7.61 44.08 -51.66
N LYS L 146 -8.59 43.19 -51.73
CA LYS L 146 -8.38 41.77 -51.49
C LYS L 146 -8.38 40.93 -52.79
#